data_8OVC
#
_entry.id   8OVC
#
_cell.length_a   1.00
_cell.length_b   1.00
_cell.length_c   1.00
_cell.angle_alpha   90.00
_cell.angle_beta   90.00
_cell.angle_gamma   90.00
#
_symmetry.space_group_name_H-M   'P 1'
#
loop_
_entity.id
_entity.type
_entity.pdbx_description
1 polymer 'Cytochrome bc1 complex cytochrome c subunit'
2 polymer 'Cytochrome bc1 complex cytochrome c subunit'
3 polymer 'Cytochrome bc1 complex cytochrome b subunit'
4 polymer 'Transmembrane protein'
5 polymer 'Probable cytochrome c oxidase subunit 3'
6 polymer 'Cytochrome c oxidase polypeptide 4'
7 polymer 'Cytochrome c oxidase subunit 1'
8 polymer 'cytochrome-c oxidase'
9 polymer 'Cytochrome c oxidase subunit'
10 polymer 'Uncharacterized protein MSMEG_4692/MSMEI_4575'
11 polymer 'LpqE protein'
12 polymer 'Superoxide dismutase [Cu-Zn]'
13 polymer 'Co-purified unknown peptide'
14 polymer 'Co-purified unknown peptide'
15 non-polymer 'HEME C'
16 non-polymer MENAQUINONE-9
17 non-polymer 'acyl-phosphatidyl-myo-inositol dimannoside (AcPIM2)'
18 non-polymer 'FE2/S2 (INORGANIC) CLUSTER'
19 non-polymer '(2R)-2-(hexadecanoyloxy)-3-{[(S)-hydroxy{[(1R,2R,3R,4R,5R,6S)-2,3,4,5,6-pentahydroxycyclohexyl]oxy}phosphoryl]oxy}propyl (9S)-9-methyloctadecanoate'
20 non-polymer 'PROTOPORPHYRIN IX CONTAINING FE'
21 non-polymer CARDIOLIPIN
22 non-polymer '(1R)-2-(dodecanoyloxy)-1-[(phosphonooxy)methyl]ethyl tetradecanoate'
23 non-polymer HEME-A
24 non-polymer 'COPPER (II) ION'
25 non-polymer 'MAGNESIUM ION'
26 non-polymer 'CALCIUM ION'
27 non-polymer '(2S)-1-(hexadecanoyloxy)propan-2-yl (10S)-10-methyloctadecanoate'
28 non-polymer 'PALMITIC ACID'
29 water water
#
loop_
_entity_poly.entity_id
_entity_poly.type
_entity_poly.pdbx_seq_one_letter_code
_entity_poly.pdbx_strand_id
1 'polypeptide(L)'
;MHHHHHHMGSMTSKSRRRLRRRLSAGLLLLIGLAVAGGVAATLTPQPQVAVADESQSALLRTGKQLFETSCVSCHGANLQ
GVPDRGPSLIGTGEAAVYFQVSTGRMPAMRGEAQAPSKPPHFDESQIDALGAYVQANGGGPTVPRDDHGAVAQESLIGGD
VARGGDLFRLNCASCHNFTGKGGALSSGKYAPDLGDANPAQIYTAMLTGPQNMPKFSDRQLTPDEKRDIVAYVRESAETP
SYGGYGLGGFGPAPEGMAMWIIGMVAAIGVAMWIGSRA
;
O,C
2 'polypeptide(L)'
;MDRIASMSQDSPDIKGTDAPGQTGVPGQPTDAELAEMSREELVKLGGKIDGVETIFKEPRWPVPGTKAEKRTERLVAYWL
MLGGLSGLALLLVFLFWPWEYQPFGSEGEFLYSLATPLYGLTFGLSILSIGIGAVLFQKKFIPEEISVQDRHDGRSPEVH
RKTVAANLTDALEGSTLKRRKVIGLSLGIGLGAFGAGTLVAFIGGLIKNPWKPVVPTAEGKKAVLWTSGWTPRFKGETIY
LARATGRPGESPFVKMRPEDIDAGGMETVFPWRESDGDGTTVESEHKLTEIAMGVRNPVMLIRIKPADMHRVIKRKGQES
FNFGELFAYTKVCSHLGCPSSLYEQQTYRILCPCHQSQFDALEFAKPIFGPAARALAQLPITIDEDGYLVANGDFVEPVG
PAFWERKS
;
M,G
3 'polypeptide(L)'
;MSPDFAKLAAAQGDAIDSRYHPSAAVRRQLNKVFPTHWSFLLGEIALYSFIILLLTGVWLTLFFDPSMAHVTYDGVYQPL
RGVQMSRAYETALDISFEVRGGLFVRQVHHWAALMFAASIMVHLARIFFTGAFRRPREANWVIGSLLLILAMFEGFFGYS
LPDDLLSGTGIRAALSGITMGIPVIGTWMHWALFGGDFPGEILIPRLYALHILLIPGIILALIGAHLALVWFQKHTQFPG
PGRTETNVVGVRVMPVFAVKSGAFFAMITGVLGLMGGLLTINPIWNLGPYKPSQVSAGSQPDFYMMWTDGLIRLWPAWEF
YPFGHTIPQGVWVAVGMGLVFALLIAYPFIEKKVTGDDAHHNLLQRPRDVPVRTAIGSMAIALYLLLTFACMNDIIALKF
HISLNATTWIGRIGMVVLPAIVYFVAYRWAISLQRSDREVLEHGVETGIIKRLPHGAYVELHQPLGPVDEHGHPIPLEYA
GAPLPKRMNKLGSGGAPGTGSFLFPDPAVEHEALTEAAHASEHKSLTALKEHQDRIHGNGETNGHHKLDYKDDDDK
;
N,H
4 'polypeptide(L)'
;MSSTQDRSQLDPEEQPVANTEVERHTGVDVEDVPSAEWGWSHMPIGVMHIGGLLSAAFLLVMMRGNHVGHVEDWFLIGFA
AVIVALVGRNWWLRRRGWIR
;
P,I
5 'polypeptide(L)'
;MTSAVGTSGTAITSRVHSLNRPNMVSVGTIVWLSSELMFFAGLFAMYFTARAQAGGAWPPEPTELNLALAVPVTLVLIAS
SFTCQMGVFAAERGDVFGLRRWYVITFLMGLFFVLGQGYEYIHLVEHGTTIPGSAYGSVFYLATGFHGLHVIGGLVAFVL
LLARTKMSKFTPAQATAAIVVSYYWHFVDIVWIALFATIYFVR
;
S,J
6 'polypeptide(L)'
;MHIEARLFEILTAFFALAAVVYAVLTAMFATGGVEWAGTTALVLTTGLTLITGTFFRFVARRLDTRPEDYEDAEISDGAG
ELGFFAPHSWWPILISLSFSTAAVGAALWLPWLIAAGVAFVITSVCGLVFEYYWGPEKH
;
T,K
7 'polypeptide(L)'
;MVAEAPPIGELEARRPFPERMGPKGNLIYKLITTTDHKLIGIMYCVVCFAFFLVGGLMALFMRTELAMPGLQFLSNEQFN
QLFTMHGTVMLLFYATPIVFGFANLVLPLQIGAPDVAFPRLNALSFWLFLFGALIAIAGFITPGGAADFGWTAYSPLTDA
IHSPGAGGDLWIMGLAVGGLGTILGGVNMITTVVCMRAPGMTMFRMPIFTWNILVTSILVLIAFPILTAALFGLAADRHL
GAHIYDPANGGVLLWQHLFWFFGHPEVYIIALPFFGIVSEIFPVFSRKPIFGYTTLIYATLAIAALSVAVWAHHMYATGA
VLLPFFSFMTFLIAVPTGIKFFNWIGTMWKGQLTFETPMLFSVGFLITFLLGGLSGVLLASPPLDFHVTDSYFVIAHFHY
VLFGTIVFATYAGIYFWFPKMTGRLLDERLGKLHFWLTFIGFHTTFLVQHWLGDEGMPRRYADYLPTDGFTTLNVISTVG
AFILGVSMLPFVWNVFKSWRYGEPVTVDDPWGYGNSLEWATSCPPPRHNFTELPRIRSERPAFELHYPHMVERMRAEAHV
GRAHHPELETADKSS
;
R,L
8 'polypeptide(L)'
;MTPRGFRVVALSIVLGGSALLLSGCSWSDALALGWPTGITPEAKLNRELWIGSVIASFAVGAIVWGLIFWTSAFHRKKAT
DTELPRQFGYNMPLELTLTVIPFLIISVLFYFTVVVQERMMHKDPNPEVVIDVTAFQWNWKFGYQKIAFADGSFDYDGAD
PERKEAMTSRPEGKDEHGIEKVGPIRGMTPEDRTYLNFDKIETLGTSSEIPVLVLPAGKRIEFVLNSADVIHGFWVPEFL
FKRDVLPEPKANNSDNVFQVSEIQQTGAFVGRCTEMCGTFHAMMNFEVRVVEPNDFKAYIDQRNAGKTNAEALAAINQPP
LAITTEPFESRRGELVPQASK
;
Q,X
9 'polypeptide(L)' MSTALTHGLIGGVPLVLFAVLALIFLTRKGPHPDTYKMSDPWTHAPILWAAEEPREHGHGGHGHDSHGVVIGGGASGKW U,Z
10 'polypeptide(L)'
;MASGDIATVANAELDLPYGSALTSSGRISAVTEPGELSVHYPFPTMDLVVLDDALKYGSRAAKARFAVYIGPLGADTAAT
AREILANVPTPENAVLLAVSPDQRAIEVVYGADVKGRGIESAAPLGVSAAAASFKEGNLIDGLISAVRVMSAGVSPA
;
V,a
11 'polypeptide(L)'
;MNRFSSRAGLAVCGLATAVALTACSAGQISQTTTQEPAVNGVNAQAGQVSLRNVHLRAPQQTDYVEPGTTVELLFVAAND
STEGSNKLKSITSDVGEVTLTGDSTVPADGVLIVGEPDGQIQAVENAEAADAVTAEVELTKPITNGLLYDFTFTFEDGET
TVAVPISAGEQPRRPVPPAGPGSSEH
;
W,b
12 'polypeptide(L)'
;MLKPVSVAVLFATPVLALSACSPPGETASSEPGTTPAIWTGSPSPAAPSGEDHGGGHGAGAAGAGETLTAELKTADGTSV
ATADFQFADGFATVTIETTTPGRLTPGFHGVHIHSVGKCEANSVAPTGGAPGDFNSAGGHFQVSGHSGHPASGDLSSLQV
RADGSGKLVTTTDAFTAEDLLDGAKTAIIIHEKADNFANIPPERYQQVNGAPGPDQTTMATGDAGSRVACGVISAG
;
Y,c
13 'polypeptide(L)' (UNK)(UNK)(UNK)(UNK)(UNK)(UNK)(UNK)(UNK)(UNK)(UNK) E,f
14 'polypeptide(L)'
;(UNK)(UNK)(UNK)(UNK)(UNK)(UNK)(UNK)(UNK)(UNK)(UNK)(UNK)(UNK)(UNK)(UNK)(UNK)(UNK)
(UNK)(UNK)(UNK)(UNK)(UNK)(UNK)(UNK)(UNK)(UNK)
;
F,e
#
# COMPACT_ATOMS: atom_id res chain seq x y z
N GLN A 56 -20.35 -44.04 -56.55
CA GLN A 56 -19.55 -44.87 -57.48
C GLN A 56 -19.67 -46.34 -57.09
N SER A 57 -19.93 -47.19 -58.09
CA SER A 57 -20.05 -48.63 -57.87
C SER A 57 -18.68 -49.26 -57.73
N ALA A 58 -17.71 -48.78 -58.53
CA ALA A 58 -16.37 -49.34 -58.56
C ALA A 58 -15.60 -48.98 -57.28
N LEU A 59 -16.03 -47.92 -56.60
CA LEU A 59 -15.35 -47.47 -55.37
C LEU A 59 -15.92 -48.20 -54.14
N LEU A 60 -17.16 -48.69 -54.23
CA LEU A 60 -17.76 -49.42 -53.12
C LEU A 60 -17.18 -50.82 -52.98
N ARG A 61 -16.75 -51.42 -54.09
CA ARG A 61 -16.28 -52.79 -54.05
C ARG A 61 -14.81 -52.88 -53.66
N THR A 62 -14.04 -51.84 -53.97
CA THR A 62 -12.64 -51.75 -53.56
C THR A 62 -12.53 -51.42 -52.08
N GLY A 63 -13.56 -50.81 -51.50
CA GLY A 63 -13.60 -50.51 -50.07
C GLY A 63 -14.05 -51.70 -49.23
N LYS A 64 -14.68 -52.69 -49.89
CA LYS A 64 -15.16 -53.88 -49.22
C LYS A 64 -14.04 -54.93 -49.12
N GLN A 65 -13.19 -55.01 -50.14
CA GLN A 65 -12.06 -55.94 -50.12
C GLN A 65 -10.98 -55.50 -49.14
N LEU A 66 -10.92 -54.19 -48.85
CA LEU A 66 -10.01 -53.67 -47.83
C LEU A 66 -10.51 -54.00 -46.42
N PHE A 67 -11.83 -54.20 -46.28
CA PHE A 67 -12.47 -54.35 -44.98
C PHE A 67 -12.36 -55.80 -44.49
N GLU A 68 -12.59 -56.76 -45.40
CA GLU A 68 -12.57 -58.18 -45.06
C GLU A 68 -11.17 -58.70 -44.75
N THR A 69 -10.14 -57.90 -45.02
CA THR A 69 -8.75 -58.26 -44.79
C THR A 69 -8.19 -57.59 -43.53
N SER A 70 -8.89 -56.56 -43.00
CA SER A 70 -8.33 -55.80 -41.90
C SER A 70 -9.31 -55.68 -40.73
N CYS A 71 -10.62 -55.60 -41.03
CA CYS A 71 -11.58 -55.11 -40.05
C CYS A 71 -12.55 -56.21 -39.60
N VAL A 72 -12.68 -57.29 -40.37
CA VAL A 72 -13.75 -58.27 -40.16
C VAL A 72 -13.58 -59.03 -38.84
N SER A 73 -12.36 -59.06 -38.32
CA SER A 73 -12.03 -59.84 -37.13
C SER A 73 -12.68 -59.26 -35.87
N CYS A 74 -12.81 -57.93 -35.80
CA CYS A 74 -13.24 -57.25 -34.59
C CYS A 74 -14.56 -56.50 -34.78
N HIS A 75 -15.08 -56.42 -36.02
CA HIS A 75 -16.28 -55.64 -36.29
C HIS A 75 -17.38 -56.46 -36.97
N GLY A 76 -17.08 -57.69 -37.36
CA GLY A 76 -18.08 -58.56 -37.99
C GLY A 76 -18.07 -58.46 -39.50
N ALA A 77 -18.62 -59.50 -40.15
CA ALA A 77 -18.74 -59.57 -41.59
C ALA A 77 -19.86 -58.67 -42.11
N ASN A 78 -20.87 -58.42 -41.26
CA ASN A 78 -22.00 -57.59 -41.62
C ASN A 78 -21.98 -56.26 -40.87
N LEU A 79 -20.79 -55.87 -40.35
CA LEU A 79 -20.61 -54.65 -39.57
C LEU A 79 -21.47 -54.65 -38.31
N GLN A 80 -21.86 -55.84 -37.82
CA GLN A 80 -22.79 -55.96 -36.71
C GLN A 80 -22.06 -56.08 -35.36
N GLY A 81 -20.73 -56.25 -35.39
CA GLY A 81 -19.93 -56.26 -34.16
C GLY A 81 -19.69 -57.66 -33.63
N VAL A 82 -18.44 -57.92 -33.24
CA VAL A 82 -18.07 -59.17 -32.61
C VAL A 82 -18.10 -58.96 -31.10
N PRO A 83 -18.94 -59.71 -30.35
CA PRO A 83 -19.10 -59.49 -28.91
C PRO A 83 -17.78 -59.55 -28.16
N ASP A 84 -17.57 -58.54 -27.31
CA ASP A 84 -16.44 -58.42 -26.41
C ASP A 84 -15.12 -58.30 -27.17
N ARG A 85 -15.18 -57.93 -28.46
CA ARG A 85 -13.99 -57.56 -29.20
C ARG A 85 -14.12 -56.19 -29.88
N GLY A 86 -15.36 -55.84 -30.27
CA GLY A 86 -15.60 -54.58 -30.94
C GLY A 86 -17.10 -54.31 -31.11
N PRO A 87 -17.51 -53.03 -31.24
CA PRO A 87 -18.91 -52.68 -31.43
C PRO A 87 -19.36 -52.75 -32.89
N SER A 88 -20.68 -52.59 -33.08
CA SER A 88 -21.27 -52.53 -34.40
C SER A 88 -20.90 -51.21 -35.08
N LEU A 89 -20.85 -51.25 -36.43
CA LEU A 89 -20.51 -50.09 -37.23
C LEU A 89 -21.68 -49.60 -38.07
N ILE A 90 -22.92 -49.87 -37.63
CA ILE A 90 -24.11 -49.42 -38.33
C ILE A 90 -24.50 -48.05 -37.80
N GLY A 91 -24.52 -47.07 -38.70
CA GLY A 91 -24.99 -45.73 -38.37
C GLY A 91 -23.87 -44.78 -37.94
N THR A 92 -22.62 -45.14 -38.16
CA THR A 92 -21.49 -44.32 -37.71
C THR A 92 -21.08 -43.32 -38.79
N GLY A 93 -21.26 -43.69 -40.07
CA GLY A 93 -20.92 -42.81 -41.18
C GLY A 93 -19.43 -42.84 -41.53
N GLU A 94 -19.06 -41.94 -42.45
CA GLU A 94 -17.70 -41.87 -42.96
C GLU A 94 -16.86 -40.86 -42.18
N ALA A 95 -17.50 -39.99 -41.37
CA ALA A 95 -16.74 -39.08 -40.53
C ALA A 95 -15.97 -39.86 -39.46
N ALA A 96 -16.64 -40.85 -38.85
CA ALA A 96 -16.02 -41.71 -37.86
C ALA A 96 -14.87 -42.50 -38.49
N VAL A 97 -15.10 -43.03 -39.70
CA VAL A 97 -14.09 -43.80 -40.40
C VAL A 97 -12.88 -42.92 -40.70
N TYR A 98 -13.14 -41.71 -41.19
CA TYR A 98 -12.07 -40.77 -41.52
C TYR A 98 -11.23 -40.47 -40.28
N PHE A 99 -11.89 -40.14 -39.16
CA PHE A 99 -11.17 -39.80 -37.95
C PHE A 99 -10.34 -40.97 -37.45
N GLN A 100 -10.94 -42.17 -37.40
CA GLN A 100 -10.29 -43.38 -36.82
C GLN A 100 -9.16 -43.94 -37.70
N VAL A 101 -9.23 -43.74 -39.02
CA VAL A 101 -8.24 -44.34 -39.89
C VAL A 101 -7.14 -43.34 -40.24
N SER A 102 -7.51 -42.08 -40.45
CA SER A 102 -6.53 -41.04 -40.79
C SER A 102 -5.55 -40.81 -39.65
N THR A 103 -6.03 -40.88 -38.41
CA THR A 103 -5.18 -40.64 -37.25
C THR A 103 -4.47 -41.91 -36.80
N GLY A 104 -4.86 -43.07 -37.35
CA GLY A 104 -4.14 -44.32 -37.13
C GLY A 104 -4.69 -45.19 -36.00
N ARG A 105 -5.73 -44.72 -35.32
CA ARG A 105 -6.35 -45.45 -34.23
C ARG A 105 -6.89 -46.80 -34.69
N MET A 106 -7.36 -46.86 -35.94
CA MET A 106 -7.88 -48.13 -36.53
C MET A 106 -6.92 -48.58 -37.64
N PRO A 107 -6.53 -49.87 -37.71
CA PRO A 107 -7.09 -50.91 -36.83
C PRO A 107 -6.35 -50.98 -35.48
N ALA A 108 -7.09 -51.35 -34.42
CA ALA A 108 -6.55 -51.50 -33.08
C ALA A 108 -5.84 -52.84 -32.93
N MET A 109 -4.98 -52.99 -31.91
CA MET A 109 -4.06 -54.13 -31.86
C MET A 109 -4.24 -54.98 -30.59
N ARG A 110 -4.90 -54.43 -29.57
CA ARG A 110 -5.20 -55.14 -28.32
C ARG A 110 -6.26 -54.34 -27.54
N GLY A 111 -6.76 -54.95 -26.47
CA GLY A 111 -7.75 -54.30 -25.62
C GLY A 111 -7.14 -53.82 -24.30
N GLU A 112 -6.96 -52.50 -24.19
CA GLU A 112 -6.52 -51.88 -22.94
C GLU A 112 -7.46 -50.74 -22.58
N ALA A 113 -7.06 -49.93 -21.58
CA ALA A 113 -7.83 -48.80 -21.09
C ALA A 113 -8.23 -47.84 -22.21
N GLN A 114 -7.30 -47.60 -23.16
CA GLN A 114 -7.55 -46.68 -24.26
C GLN A 114 -6.63 -47.04 -25.42
N ALA A 115 -7.19 -47.10 -26.63
CA ALA A 115 -6.43 -47.33 -27.84
C ALA A 115 -5.66 -46.06 -28.22
N PRO A 116 -4.31 -46.14 -28.37
CA PRO A 116 -3.52 -44.95 -28.73
C PRO A 116 -3.55 -44.63 -30.22
N SER A 117 -3.01 -43.47 -30.58
CA SER A 117 -2.80 -43.08 -31.97
C SER A 117 -1.42 -43.54 -32.44
N LYS A 118 -1.31 -43.75 -33.75
CA LYS A 118 -0.11 -44.31 -34.36
C LYS A 118 -0.11 -43.96 -35.85
N PRO A 119 0.99 -44.23 -36.61
CA PRO A 119 1.02 -43.97 -38.04
C PRO A 119 -0.13 -44.64 -38.78
N PRO A 120 -0.75 -43.95 -39.77
CA PRO A 120 -1.85 -44.52 -40.54
C PRO A 120 -1.43 -45.74 -41.36
N HIS A 121 -2.40 -46.63 -41.59
CA HIS A 121 -2.18 -47.86 -42.33
C HIS A 121 -2.54 -47.71 -43.81
N PHE A 122 -3.48 -46.80 -44.11
CA PHE A 122 -3.98 -46.58 -45.47
C PHE A 122 -3.70 -45.14 -45.89
N ASP A 123 -3.92 -44.85 -47.18
CA ASP A 123 -3.75 -43.52 -47.74
C ASP A 123 -5.13 -42.97 -48.12
N GLU A 124 -5.13 -41.79 -48.77
CA GLU A 124 -6.35 -41.00 -48.96
C GLU A 124 -7.41 -41.75 -49.76
N SER A 125 -6.98 -42.38 -50.86
CA SER A 125 -7.88 -43.11 -51.75
C SER A 125 -8.54 -44.26 -51.00
N GLN A 126 -7.73 -45.03 -50.28
CA GLN A 126 -8.19 -46.17 -49.52
C GLN A 126 -9.10 -45.72 -48.37
N ILE A 127 -8.75 -44.58 -47.76
CA ILE A 127 -9.56 -44.01 -46.68
C ILE A 127 -10.95 -43.67 -47.20
N ASP A 128 -11.00 -43.02 -48.38
CA ASP A 128 -12.26 -42.64 -48.99
C ASP A 128 -13.08 -43.87 -49.34
N ALA A 129 -12.43 -44.92 -49.87
CA ALA A 129 -13.10 -46.16 -50.23
C ALA A 129 -13.76 -46.79 -49.00
N LEU A 130 -12.99 -46.88 -47.90
CA LEU A 130 -13.49 -47.48 -46.67
C LEU A 130 -14.66 -46.66 -46.12
N GLY A 131 -14.51 -45.33 -46.14
CA GLY A 131 -15.55 -44.42 -45.66
C GLY A 131 -16.84 -44.57 -46.43
N ALA A 132 -16.73 -44.68 -47.76
CA ALA A 132 -17.91 -44.83 -48.61
C ALA A 132 -18.57 -46.18 -48.40
N TYR A 133 -17.76 -47.22 -48.18
CA TYR A 133 -18.31 -48.54 -47.92
C TYR A 133 -19.10 -48.54 -46.62
N VAL A 134 -18.58 -47.86 -45.60
CA VAL A 134 -19.24 -47.81 -44.30
C VAL A 134 -20.51 -46.96 -44.38
N GLN A 135 -20.45 -45.85 -45.13
CA GLN A 135 -21.55 -44.91 -45.24
C GLN A 135 -22.77 -45.56 -45.91
N ALA A 136 -22.53 -46.54 -46.79
CA ALA A 136 -23.58 -47.22 -47.53
C ALA A 136 -24.31 -48.26 -46.68
N ASN A 137 -23.96 -48.38 -45.40
CA ASN A 137 -24.51 -49.40 -44.52
C ASN A 137 -25.11 -48.76 -43.27
N GLY A 138 -25.91 -47.71 -43.46
CA GLY A 138 -26.68 -47.15 -42.36
C GLY A 138 -26.70 -45.62 -42.31
N GLY A 139 -25.84 -44.98 -43.11
CA GLY A 139 -25.79 -43.52 -43.13
C GLY A 139 -25.03 -42.96 -41.93
N GLY A 140 -25.28 -41.68 -41.67
CA GLY A 140 -24.64 -40.96 -40.58
C GLY A 140 -23.90 -39.72 -41.06
N PRO A 141 -22.96 -39.19 -40.24
CA PRO A 141 -22.22 -37.99 -40.62
C PRO A 141 -21.26 -38.22 -41.78
N THR A 142 -20.94 -37.13 -42.48
CA THR A 142 -20.04 -37.14 -43.61
C THR A 142 -18.99 -36.05 -43.43
N VAL A 143 -17.78 -36.31 -43.96
CA VAL A 143 -16.69 -35.35 -43.89
C VAL A 143 -16.99 -34.20 -44.84
N PRO A 144 -16.80 -32.92 -44.44
CA PRO A 144 -16.97 -31.80 -45.36
C PRO A 144 -15.91 -31.79 -46.46
N ARG A 145 -16.36 -31.49 -47.69
CA ARG A 145 -15.50 -31.43 -48.85
C ARG A 145 -15.35 -29.99 -49.32
N ASP A 146 -14.54 -29.80 -50.36
CA ASP A 146 -14.32 -28.49 -50.96
C ASP A 146 -14.84 -28.51 -52.39
N ASP A 147 -14.58 -27.41 -53.11
CA ASP A 147 -15.12 -27.20 -54.45
C ASP A 147 -14.52 -28.18 -55.47
N HIS A 148 -13.39 -28.79 -55.13
CA HIS A 148 -12.69 -29.70 -56.04
C HIS A 148 -12.92 -31.17 -55.66
N GLY A 149 -13.78 -31.43 -54.68
CA GLY A 149 -14.12 -32.78 -54.27
C GLY A 149 -13.13 -33.38 -53.26
N ALA A 150 -12.09 -32.63 -52.89
CA ALA A 150 -11.13 -33.07 -51.90
C ALA A 150 -11.62 -32.74 -50.49
N VAL A 151 -10.91 -33.27 -49.49
CA VAL A 151 -11.20 -32.95 -48.10
C VAL A 151 -10.88 -31.49 -47.84
N ALA A 152 -11.83 -30.77 -47.24
CA ALA A 152 -11.67 -29.35 -46.97
C ALA A 152 -10.75 -29.16 -45.76
N GLN A 153 -9.69 -28.36 -45.96
CA GLN A 153 -8.76 -28.03 -44.89
C GLN A 153 -8.75 -26.52 -44.62
N GLU A 154 -8.57 -25.71 -45.66
CA GLU A 154 -8.42 -24.26 -45.52
C GLU A 154 -9.77 -23.60 -45.23
N SER A 155 -10.85 -24.21 -45.75
CA SER A 155 -12.18 -23.60 -45.66
C SER A 155 -12.80 -23.80 -44.28
N LEU A 156 -12.20 -24.65 -43.44
CA LEU A 156 -12.72 -24.95 -42.11
C LEU A 156 -12.27 -23.94 -41.06
N ILE A 157 -11.30 -23.08 -41.41
CA ILE A 157 -10.79 -22.08 -40.47
C ILE A 157 -11.77 -20.92 -40.41
N GLY A 158 -12.26 -20.62 -39.20
CA GLY A 158 -13.22 -19.56 -38.98
C GLY A 158 -12.57 -18.17 -38.91
N GLY A 159 -13.40 -17.15 -38.71
CA GLY A 159 -12.94 -15.77 -38.65
C GLY A 159 -12.68 -15.31 -37.22
N ASP A 160 -13.69 -15.53 -36.37
CA ASP A 160 -13.67 -15.06 -34.99
C ASP A 160 -12.91 -16.06 -34.12
N VAL A 161 -11.73 -15.64 -33.66
CA VAL A 161 -10.91 -16.47 -32.78
C VAL A 161 -11.29 -16.27 -31.31
N ALA A 162 -11.89 -15.12 -30.96
CA ALA A 162 -12.23 -14.84 -29.57
C ALA A 162 -13.43 -15.67 -29.12
N ARG A 163 -14.43 -15.79 -30.02
CA ARG A 163 -15.62 -16.57 -29.73
C ARG A 163 -15.26 -18.06 -29.71
N GLY A 164 -14.41 -18.48 -30.63
CA GLY A 164 -13.87 -19.83 -30.61
C GLY A 164 -13.11 -20.13 -29.33
N GLY A 165 -12.34 -19.14 -28.86
CA GLY A 165 -11.53 -19.29 -27.66
C GLY A 165 -12.39 -19.53 -26.43
N ASP A 166 -13.44 -18.72 -26.27
CA ASP A 166 -14.27 -18.84 -25.09
C ASP A 166 -15.26 -20.01 -25.18
N LEU A 167 -15.53 -20.50 -26.40
CA LEU A 167 -16.26 -21.75 -26.55
C LEU A 167 -15.36 -22.92 -26.15
N PHE A 168 -14.08 -22.87 -26.55
CA PHE A 168 -13.12 -23.90 -26.20
C PHE A 168 -12.91 -23.95 -24.68
N ARG A 169 -12.81 -22.79 -24.05
CA ARG A 169 -12.57 -22.69 -22.62
C ARG A 169 -13.73 -23.27 -21.80
N LEU A 170 -14.95 -23.26 -22.35
CA LEU A 170 -16.13 -23.75 -21.64
C LEU A 170 -16.40 -25.22 -21.96
N ASN A 171 -16.20 -25.62 -23.21
CA ASN A 171 -16.57 -26.96 -23.68
C ASN A 171 -15.40 -27.95 -23.70
N CYS A 172 -14.18 -27.46 -23.89
CA CYS A 172 -13.07 -28.32 -24.25
C CYS A 172 -11.86 -28.17 -23.32
N ALA A 173 -11.79 -27.13 -22.48
CA ALA A 173 -10.58 -26.91 -21.71
C ALA A 173 -10.54 -27.77 -20.44
N SER A 174 -11.63 -28.48 -20.14
CA SER A 174 -11.71 -29.30 -18.94
C SER A 174 -10.86 -30.54 -19.10
N CYS A 175 -10.99 -31.20 -20.25
CA CYS A 175 -10.30 -32.46 -20.52
C CYS A 175 -8.91 -32.18 -21.09
N HIS A 176 -8.88 -31.31 -22.10
CA HIS A 176 -7.68 -30.76 -22.69
C HIS A 176 -7.25 -29.58 -21.84
N ASN A 177 -6.12 -28.96 -22.18
CA ASN A 177 -5.57 -27.91 -21.36
C ASN A 177 -6.13 -26.55 -21.79
N PHE A 178 -5.62 -25.47 -21.19
CA PHE A 178 -5.96 -24.11 -21.56
C PHE A 178 -5.72 -23.90 -23.06
N THR A 179 -4.45 -24.00 -23.45
CA THR A 179 -4.09 -24.21 -24.83
C THR A 179 -3.91 -25.71 -24.96
N GLY A 180 -4.29 -26.29 -26.10
CA GLY A 180 -4.58 -27.73 -26.21
C GLY A 180 -3.47 -28.76 -25.93
N LYS A 181 -3.05 -28.86 -24.66
CA LYS A 181 -2.18 -29.90 -24.17
C LYS A 181 -2.97 -31.10 -23.63
N GLY A 182 -2.24 -32.05 -23.02
CA GLY A 182 -2.84 -33.26 -22.52
C GLY A 182 -3.63 -33.05 -21.22
N GLY A 183 -4.36 -34.09 -20.83
CA GLY A 183 -5.05 -34.13 -19.55
C GLY A 183 -5.38 -35.56 -19.15
N ALA A 184 -5.28 -35.85 -17.85
CA ALA A 184 -5.48 -37.19 -17.33
C ALA A 184 -6.96 -37.45 -17.08
N LEU A 185 -7.38 -38.70 -17.33
CA LEU A 185 -8.72 -39.17 -17.03
C LEU A 185 -8.67 -40.27 -15.97
N SER A 186 -9.82 -40.95 -15.78
CA SER A 186 -10.09 -41.77 -14.61
C SER A 186 -8.99 -42.79 -14.32
N SER A 187 -8.89 -43.83 -15.16
CA SER A 187 -8.00 -44.94 -14.85
C SER A 187 -7.34 -45.46 -16.13
N GLY A 188 -6.15 -44.93 -16.42
CA GLY A 188 -5.38 -45.33 -17.59
C GLY A 188 -5.74 -44.55 -18.85
N LYS A 189 -6.71 -43.62 -18.75
CA LYS A 189 -7.21 -42.89 -19.90
C LYS A 189 -6.77 -41.43 -19.81
N TYR A 190 -6.79 -40.74 -20.95
CA TYR A 190 -6.28 -39.38 -21.03
C TYR A 190 -6.82 -38.70 -22.30
N ALA A 191 -6.74 -37.36 -22.30
CA ALA A 191 -7.04 -36.56 -23.47
C ALA A 191 -5.73 -36.11 -24.10
N PRO A 192 -5.49 -36.42 -25.40
CA PRO A 192 -4.20 -36.18 -26.04
C PRO A 192 -3.89 -34.70 -26.29
N ASP A 193 -2.78 -34.45 -26.98
CA ASP A 193 -2.44 -33.13 -27.46
C ASP A 193 -3.13 -32.86 -28.80
N LEU A 194 -3.50 -31.59 -28.99
CA LEU A 194 -4.22 -31.16 -30.19
C LEU A 194 -3.29 -30.50 -31.20
N GLY A 195 -1.97 -30.61 -31.00
CA GLY A 195 -1.01 -29.86 -31.80
C GLY A 195 -0.60 -30.56 -33.09
N ASP A 196 -1.23 -31.70 -33.41
CA ASP A 196 -0.84 -32.51 -34.56
C ASP A 196 -1.96 -32.67 -35.58
N ALA A 197 -3.19 -32.32 -35.20
CA ALA A 197 -4.35 -32.59 -36.03
C ALA A 197 -4.61 -31.45 -37.01
N ASN A 198 -4.88 -31.82 -38.26
CA ASN A 198 -5.28 -30.87 -39.29
C ASN A 198 -6.74 -30.50 -39.11
N PRO A 199 -7.21 -29.37 -39.69
CA PRO A 199 -8.59 -28.91 -39.47
C PRO A 199 -9.70 -29.94 -39.65
N ALA A 200 -9.58 -30.81 -40.66
CA ALA A 200 -10.59 -31.84 -40.89
C ALA A 200 -10.66 -32.80 -39.71
N GLN A 201 -9.49 -33.15 -39.15
CA GLN A 201 -9.44 -34.07 -38.01
C GLN A 201 -10.06 -33.43 -36.77
N ILE A 202 -9.79 -32.14 -36.54
CA ILE A 202 -10.36 -31.44 -35.41
C ILE A 202 -11.87 -31.36 -35.54
N TYR A 203 -12.34 -31.12 -36.78
CA TYR A 203 -13.77 -31.00 -37.05
C TYR A 203 -14.47 -32.34 -36.81
N THR A 204 -13.87 -33.43 -37.29
CA THR A 204 -14.50 -34.73 -37.22
C THR A 204 -14.36 -35.38 -35.85
N ALA A 205 -13.44 -34.88 -35.01
CA ALA A 205 -13.28 -35.41 -33.67
C ALA A 205 -14.52 -35.16 -32.82
N MET A 206 -15.03 -33.93 -32.87
CA MET A 206 -16.15 -33.51 -32.03
C MET A 206 -17.50 -33.72 -32.74
N LEU A 207 -17.50 -34.22 -33.98
CA LEU A 207 -18.73 -34.52 -34.70
C LEU A 207 -19.23 -35.92 -34.35
N THR A 208 -18.33 -36.83 -33.97
CA THR A 208 -18.68 -38.24 -33.86
C THR A 208 -18.61 -38.73 -32.41
N GLY A 209 -17.49 -38.40 -31.76
CA GLY A 209 -17.27 -38.82 -30.39
C GLY A 209 -16.50 -40.12 -30.37
N PRO A 210 -15.16 -40.06 -30.39
CA PRO A 210 -14.31 -41.25 -30.53
C PRO A 210 -14.41 -42.25 -29.38
N GLN A 211 -14.28 -41.75 -28.15
CA GLN A 211 -14.21 -42.58 -26.96
C GLN A 211 -14.92 -41.84 -25.83
N ASN A 212 -14.37 -41.88 -24.61
CA ASN A 212 -14.95 -41.18 -23.47
C ASN A 212 -15.06 -39.68 -23.69
N MET A 213 -14.58 -39.21 -24.85
CA MET A 213 -14.90 -37.86 -25.28
C MET A 213 -16.35 -37.81 -25.75
N PRO A 214 -17.18 -36.86 -25.28
CA PRO A 214 -18.56 -36.71 -25.76
C PRO A 214 -18.62 -36.33 -27.24
N LYS A 215 -19.84 -36.46 -27.79
CA LYS A 215 -20.13 -36.04 -29.15
C LYS A 215 -20.95 -34.76 -29.13
N PHE A 216 -20.58 -33.83 -30.02
CA PHE A 216 -21.28 -32.57 -30.19
C PHE A 216 -21.97 -32.59 -31.56
N SER A 217 -23.28 -32.77 -31.54
CA SER A 217 -24.06 -32.82 -32.78
C SER A 217 -24.07 -31.45 -33.44
N ASP A 218 -24.54 -31.42 -34.69
CA ASP A 218 -24.60 -30.19 -35.46
C ASP A 218 -25.70 -29.24 -34.96
N ARG A 219 -26.55 -29.73 -34.06
CA ARG A 219 -27.58 -28.90 -33.43
C ARG A 219 -27.08 -28.29 -32.12
N GLN A 220 -26.19 -29.01 -31.41
CA GLN A 220 -25.64 -28.52 -30.16
C GLN A 220 -24.56 -27.48 -30.43
N LEU A 221 -23.62 -27.83 -31.31
CA LEU A 221 -22.63 -26.89 -31.83
C LEU A 221 -22.80 -26.82 -33.34
N THR A 222 -23.37 -25.71 -33.82
CA THR A 222 -23.64 -25.55 -35.23
C THR A 222 -22.35 -25.55 -36.04
N PRO A 223 -22.38 -25.98 -37.32
CA PRO A 223 -21.16 -25.98 -38.15
C PRO A 223 -20.70 -24.59 -38.60
N ASP A 224 -20.70 -23.66 -37.63
CA ASP A 224 -20.11 -22.34 -37.75
C ASP A 224 -19.28 -22.03 -36.50
N GLU A 225 -19.77 -22.48 -35.33
CA GLU A 225 -19.02 -22.39 -34.09
C GLU A 225 -17.84 -23.36 -34.12
N LYS A 226 -18.03 -24.51 -34.78
CA LYS A 226 -16.99 -25.52 -34.92
C LYS A 226 -15.79 -24.95 -35.67
N ARG A 227 -16.04 -24.12 -36.68
CA ARG A 227 -14.97 -23.50 -37.46
C ARG A 227 -14.14 -22.56 -36.58
N ASP A 228 -14.81 -21.80 -35.70
CA ASP A 228 -14.11 -20.92 -34.78
C ASP A 228 -13.29 -21.72 -33.78
N ILE A 229 -13.84 -22.86 -33.32
CA ILE A 229 -13.14 -23.70 -32.37
C ILE A 229 -11.86 -24.26 -33.01
N VAL A 230 -11.98 -24.73 -34.26
CA VAL A 230 -10.82 -25.30 -34.95
C VAL A 230 -9.80 -24.21 -35.23
N ALA A 231 -10.26 -22.99 -35.53
CA ALA A 231 -9.36 -21.86 -35.76
C ALA A 231 -8.56 -21.56 -34.50
N TYR A 232 -9.24 -21.56 -33.34
CA TYR A 232 -8.56 -21.32 -32.08
C TYR A 232 -7.53 -22.42 -31.78
N VAL A 233 -7.92 -23.67 -32.03
CA VAL A 233 -7.04 -24.80 -31.75
C VAL A 233 -5.80 -24.73 -32.64
N ARG A 234 -6.00 -24.39 -33.93
CA ARG A 234 -4.89 -24.32 -34.87
C ARG A 234 -3.97 -23.14 -34.57
N GLU A 235 -4.54 -22.02 -34.07
CA GLU A 235 -3.74 -20.82 -33.82
C GLU A 235 -2.94 -20.95 -32.53
N SER A 236 -3.58 -21.51 -31.48
CA SER A 236 -2.93 -21.62 -30.18
C SER A 236 -1.78 -22.63 -30.18
N ALA A 237 -1.58 -23.33 -31.31
CA ALA A 237 -0.53 -24.33 -31.45
C ALA A 237 0.67 -23.82 -32.26
N GLU A 238 0.51 -22.72 -33.00
CA GLU A 238 1.57 -22.22 -33.87
C GLU A 238 1.97 -20.78 -33.49
N THR A 239 1.54 -20.32 -32.30
CA THR A 239 1.95 -19.01 -31.84
C THR A 239 3.16 -19.15 -30.93
N PRO A 240 4.25 -18.40 -31.18
CA PRO A 240 5.44 -18.47 -30.34
C PRO A 240 5.20 -17.92 -28.94
N SER A 241 5.98 -18.41 -27.98
CA SER A 241 5.97 -17.92 -26.62
C SER A 241 6.56 -16.52 -26.55
N TYR A 242 5.95 -15.67 -25.71
CA TYR A 242 6.49 -14.35 -25.44
C TYR A 242 7.07 -14.35 -24.03
N GLY A 243 8.34 -13.93 -23.93
CA GLY A 243 9.02 -13.82 -22.65
C GLY A 243 10.00 -14.96 -22.37
N GLY A 244 10.22 -15.82 -23.37
CA GLY A 244 11.22 -16.87 -23.29
C GLY A 244 10.64 -18.26 -23.57
N TYR A 245 11.43 -19.29 -23.24
CA TYR A 245 11.09 -20.67 -23.50
C TYR A 245 9.81 -21.05 -22.74
N GLY A 246 8.94 -21.78 -23.44
CA GLY A 246 7.59 -22.10 -22.99
C GLY A 246 7.54 -23.00 -21.76
N LEU A 247 8.57 -23.84 -21.59
CA LEU A 247 8.63 -24.81 -20.50
C LEU A 247 7.41 -25.73 -20.50
N GLY A 248 6.95 -26.12 -21.69
CA GLY A 248 5.93 -27.14 -21.83
C GLY A 248 4.51 -26.59 -21.89
N GLY A 249 4.24 -25.51 -21.13
CA GLY A 249 2.94 -24.87 -21.13
C GLY A 249 1.97 -25.47 -20.12
N PHE A 250 2.51 -25.99 -19.01
CA PHE A 250 1.68 -26.57 -17.95
C PHE A 250 1.54 -25.63 -16.75
N GLY A 251 2.62 -24.92 -16.39
CA GLY A 251 2.55 -23.87 -15.41
C GLY A 251 3.43 -24.13 -14.20
N PRO A 252 2.86 -24.13 -12.97
CA PRO A 252 3.66 -24.15 -11.74
C PRO A 252 4.66 -25.29 -11.58
N ALA A 253 4.35 -26.47 -12.12
CA ALA A 253 5.19 -27.65 -11.91
C ALA A 253 6.51 -27.55 -12.68
N PRO A 254 6.50 -27.34 -14.02
CA PRO A 254 7.75 -27.11 -14.76
C PRO A 254 8.51 -25.89 -14.25
N GLU A 255 7.79 -24.85 -13.82
CA GLU A 255 8.42 -23.63 -13.32
C GLU A 255 9.21 -23.94 -12.03
N GLY A 256 8.58 -24.68 -11.12
CA GLY A 256 9.21 -25.07 -9.86
C GLY A 256 10.44 -25.93 -10.08
N MET A 257 10.31 -26.90 -11.00
CA MET A 257 11.41 -27.79 -11.29
C MET A 257 12.58 -27.04 -11.94
N ALA A 258 12.26 -26.12 -12.85
CA ALA A 258 13.28 -25.30 -13.49
C ALA A 258 14.01 -24.45 -12.46
N MET A 259 13.25 -23.86 -11.53
CA MET A 259 13.83 -23.09 -10.44
C MET A 259 14.84 -23.94 -9.68
N TRP A 260 14.39 -25.08 -9.15
CA TRP A 260 15.22 -25.94 -8.31
C TRP A 260 16.46 -26.44 -9.05
N ILE A 261 16.33 -26.75 -10.35
CA ILE A 261 17.40 -27.43 -11.06
C ILE A 261 18.35 -26.43 -11.73
N ILE A 262 17.97 -25.16 -11.84
CA ILE A 262 18.82 -24.18 -12.50
C ILE A 262 19.27 -23.11 -11.51
N GLY A 263 18.31 -22.33 -11.00
CA GLY A 263 18.60 -21.16 -10.18
C GLY A 263 19.34 -21.53 -8.89
N MET A 264 18.81 -22.52 -8.17
CA MET A 264 19.37 -22.89 -6.88
C MET A 264 20.71 -23.58 -7.06
N VAL A 265 20.84 -24.38 -8.12
CA VAL A 265 22.11 -25.05 -8.42
C VAL A 265 23.19 -24.01 -8.69
N ALA A 266 22.86 -23.00 -9.51
CA ALA A 266 23.79 -21.95 -9.85
C ALA A 266 24.19 -21.15 -8.60
N ALA A 267 23.20 -20.82 -7.75
CA ALA A 267 23.45 -20.05 -6.55
C ALA A 267 24.36 -20.81 -5.59
N ILE A 268 24.09 -22.11 -5.39
CA ILE A 268 24.88 -22.92 -4.48
C ILE A 268 26.30 -23.11 -5.01
N GLY A 269 26.42 -23.27 -6.33
CA GLY A 269 27.74 -23.39 -6.97
C GLY A 269 28.57 -22.13 -6.77
N VAL A 270 27.93 -20.97 -6.94
CA VAL A 270 28.62 -19.69 -6.77
C VAL A 270 29.03 -19.51 -5.30
N ALA A 271 28.14 -19.89 -4.37
CA ALA A 271 28.43 -19.81 -2.95
C ALA A 271 29.61 -20.69 -2.58
N MET A 272 29.67 -21.91 -3.16
CA MET A 272 30.75 -22.84 -2.89
C MET A 272 32.06 -22.33 -3.47
N TRP A 273 31.99 -21.60 -4.59
CA TRP A 273 33.18 -21.02 -5.20
C TRP A 273 33.73 -19.89 -4.35
N ILE A 274 32.85 -19.02 -3.85
CA ILE A 274 33.26 -17.85 -3.08
C ILE A 274 33.77 -18.28 -1.70
N GLY A 275 33.02 -19.19 -1.05
CA GLY A 275 33.30 -19.60 0.31
C GLY A 275 34.43 -20.62 0.40
N SER A 276 34.63 -21.16 1.61
CA SER A 276 35.66 -22.15 1.87
C SER A 276 35.05 -23.41 2.47
N ARG A 277 35.88 -24.45 2.64
CA ARG A 277 35.44 -25.76 3.05
C ARG A 277 35.81 -26.02 4.52
N ALA A 278 35.52 -27.25 4.96
CA ALA A 278 35.80 -27.76 6.31
C ALA A 278 35.17 -26.86 7.38
N GLN B 28 47.80 3.08 27.78
CA GLN B 28 47.20 4.42 27.55
C GLN B 28 48.26 5.35 26.96
N PRO B 29 48.57 5.22 25.65
CA PRO B 29 49.59 6.06 25.03
C PRO B 29 49.19 7.53 25.02
N THR B 30 50.22 8.38 25.10
CA THR B 30 50.06 9.83 25.08
C THR B 30 50.02 10.33 23.63
N ASP B 31 49.62 11.59 23.47
CA ASP B 31 49.53 12.25 22.17
C ASP B 31 50.89 12.28 21.48
N ALA B 32 51.98 12.28 22.28
CA ALA B 32 53.32 12.32 21.73
C ALA B 32 53.70 10.98 21.07
N GLU B 33 53.28 9.88 21.69
CA GLU B 33 53.66 8.56 21.20
C GLU B 33 52.82 8.18 19.98
N LEU B 34 51.57 8.66 19.92
CA LEU B 34 50.67 8.28 18.83
C LEU B 34 51.15 8.85 17.50
N ALA B 35 51.96 9.92 17.54
CA ALA B 35 52.55 10.50 16.34
C ALA B 35 53.87 9.81 15.98
N GLU B 36 54.37 8.92 16.85
CA GLU B 36 55.63 8.22 16.65
C GLU B 36 55.42 6.78 16.20
N MET B 37 54.15 6.41 15.91
CA MET B 37 53.82 5.07 15.48
C MET B 37 53.52 5.09 13.98
N SER B 38 53.90 4.02 13.29
CA SER B 38 53.58 3.86 11.88
C SER B 38 52.18 3.27 11.74
N ARG B 39 51.74 3.13 10.48
CA ARG B 39 50.44 2.57 10.16
C ARG B 39 50.32 1.11 10.57
N GLU B 40 51.46 0.42 10.70
CA GLU B 40 51.51 -1.01 10.97
C GLU B 40 51.03 -1.32 12.39
N GLU B 41 51.56 -0.59 13.38
CA GLU B 41 51.30 -0.91 14.78
C GLU B 41 50.07 -0.17 15.31
N LEU B 42 49.51 0.76 14.54
CA LEU B 42 48.25 1.39 14.94
C LEU B 42 47.07 0.44 14.71
N VAL B 43 47.16 -0.39 13.67
CA VAL B 43 46.12 -1.37 13.38
C VAL B 43 46.15 -2.48 14.43
N LYS B 44 47.36 -2.82 14.88
CA LYS B 44 47.54 -3.80 15.95
C LYS B 44 46.90 -3.28 17.23
N LEU B 45 47.13 -2.00 17.56
CA LEU B 45 46.56 -1.40 18.74
C LEU B 45 45.03 -1.34 18.66
N GLY B 46 44.48 -0.96 17.50
CA GLY B 46 43.04 -0.90 17.34
C GLY B 46 42.38 -2.28 17.54
N GLY B 47 42.97 -3.28 16.88
CA GLY B 47 42.49 -4.65 16.99
C GLY B 47 42.56 -5.15 18.42
N LYS B 48 43.65 -4.81 19.12
CA LYS B 48 43.84 -5.25 20.50
C LYS B 48 42.81 -4.59 21.42
N ILE B 49 42.46 -3.33 21.13
CA ILE B 49 41.41 -2.63 21.86
C ILE B 49 40.06 -3.32 21.64
N ASP B 50 39.77 -3.67 20.39
CA ASP B 50 38.51 -4.33 20.05
C ASP B 50 38.47 -5.77 20.54
N GLY B 51 39.64 -6.37 20.76
CA GLY B 51 39.77 -7.77 21.14
C GLY B 51 40.06 -8.70 19.97
N VAL B 52 40.48 -8.12 18.82
CA VAL B 52 40.79 -8.91 17.63
C VAL B 52 42.31 -9.01 17.51
N GLU B 53 42.79 -10.09 16.89
CA GLU B 53 44.21 -10.27 16.62
C GLU B 53 44.36 -10.95 15.26
N THR B 54 45.13 -10.31 14.37
CA THR B 54 45.41 -10.85 13.05
C THR B 54 46.71 -11.63 13.12
N ILE B 55 46.61 -12.96 13.02
CA ILE B 55 47.77 -13.83 13.21
C ILE B 55 48.46 -14.08 11.88
N PHE B 56 47.89 -13.65 10.76
CA PHE B 56 48.49 -13.89 9.45
C PHE B 56 48.04 -12.82 8.48
N LYS B 57 48.99 -12.30 7.69
CA LYS B 57 48.71 -11.40 6.58
C LYS B 57 49.98 -11.32 5.73
N GLU B 58 49.81 -11.39 4.41
CA GLU B 58 50.93 -11.44 3.49
C GLU B 58 50.50 -10.94 2.12
N PRO B 59 51.34 -10.14 1.41
CA PRO B 59 51.00 -9.65 0.08
C PRO B 59 51.00 -10.78 -0.96
N ARG B 60 50.12 -10.66 -1.94
CA ARG B 60 49.86 -11.73 -2.90
C ARG B 60 50.91 -11.82 -4.01
N TRP B 61 51.69 -10.73 -4.17
CA TRP B 61 52.77 -10.71 -5.13
C TRP B 61 54.07 -10.26 -4.45
N PRO B 62 54.80 -11.20 -3.80
CA PRO B 62 56.07 -10.87 -3.16
C PRO B 62 57.15 -10.43 -4.15
N VAL B 63 57.33 -11.20 -5.22
CA VAL B 63 58.26 -10.89 -6.28
C VAL B 63 57.75 -9.67 -7.06
N PRO B 64 58.52 -8.57 -7.09
CA PRO B 64 57.99 -7.29 -7.57
C PRO B 64 57.63 -7.24 -9.04
N GLY B 65 58.55 -7.67 -9.92
CA GLY B 65 58.35 -7.59 -11.36
C GLY B 65 58.30 -8.97 -11.99
N THR B 66 57.12 -9.37 -12.49
CA THR B 66 56.94 -10.68 -13.10
C THR B 66 55.87 -10.59 -14.17
N LYS B 67 55.84 -11.63 -15.01
CA LYS B 67 54.97 -11.69 -16.17
C LYS B 67 53.61 -12.33 -15.83
N ALA B 68 53.50 -12.92 -14.64
CA ALA B 68 52.29 -13.62 -14.21
C ALA B 68 51.26 -12.68 -13.58
N GLU B 69 51.70 -11.47 -13.19
CA GLU B 69 50.84 -10.52 -12.50
C GLU B 69 50.05 -9.68 -13.51
N LYS B 70 50.73 -9.28 -14.59
CA LYS B 70 50.14 -8.54 -15.69
C LYS B 70 49.00 -9.34 -16.32
N ARG B 71 49.18 -10.67 -16.44
CA ARG B 71 48.19 -11.54 -17.03
C ARG B 71 46.90 -11.53 -16.20
N THR B 72 47.05 -11.61 -14.87
CA THR B 72 45.91 -11.62 -13.97
C THR B 72 45.20 -10.26 -13.99
N GLU B 73 46.00 -9.19 -14.07
CA GLU B 73 45.44 -7.84 -14.13
C GLU B 73 44.60 -7.66 -15.41
N ARG B 74 45.11 -8.23 -16.51
CA ARG B 74 44.42 -8.16 -17.79
C ARG B 74 43.13 -8.99 -17.76
N LEU B 75 43.15 -10.12 -17.04
CA LEU B 75 41.96 -10.94 -16.91
C LEU B 75 40.86 -10.19 -16.17
N VAL B 76 41.23 -9.50 -15.08
CA VAL B 76 40.26 -8.72 -14.32
C VAL B 76 39.72 -7.57 -15.18
N ALA B 77 40.59 -6.97 -15.99
CA ALA B 77 40.19 -5.88 -16.88
C ALA B 77 39.20 -6.36 -17.94
N TYR B 78 39.42 -7.56 -18.48
CA TYR B 78 38.53 -8.11 -19.49
C TYR B 78 37.14 -8.37 -18.89
N TRP B 79 37.12 -8.94 -17.68
CA TRP B 79 35.87 -9.22 -17.01
C TRP B 79 35.08 -7.95 -16.70
N LEU B 80 35.79 -6.87 -16.36
CA LEU B 80 35.12 -5.60 -16.10
C LEU B 80 34.61 -4.96 -17.40
N MET B 81 35.38 -5.08 -18.49
CA MET B 81 35.02 -4.48 -19.76
C MET B 81 33.76 -5.13 -20.34
N LEU B 82 33.60 -6.44 -20.15
CA LEU B 82 32.45 -7.16 -20.67
C LEU B 82 31.14 -6.61 -20.10
N GLY B 83 31.14 -6.30 -18.80
CA GLY B 83 29.98 -5.74 -18.12
C GLY B 83 29.57 -4.38 -18.70
N GLY B 84 30.56 -3.53 -18.95
CA GLY B 84 30.33 -2.22 -19.55
C GLY B 84 29.74 -2.35 -20.95
N LEU B 85 30.30 -3.25 -21.76
CA LEU B 85 29.80 -3.47 -23.11
C LEU B 85 28.35 -3.97 -23.07
N SER B 86 28.04 -4.88 -22.13
CA SER B 86 26.71 -5.42 -22.01
C SER B 86 25.71 -4.36 -21.53
N GLY B 87 26.15 -3.46 -20.66
CA GLY B 87 25.33 -2.35 -20.20
C GLY B 87 24.98 -1.40 -21.35
N LEU B 88 25.97 -1.09 -22.18
CA LEU B 88 25.74 -0.27 -23.35
C LEU B 88 24.77 -0.95 -24.32
N ALA B 89 24.92 -2.28 -24.47
CA ALA B 89 24.03 -3.06 -25.32
C ALA B 89 22.59 -2.99 -24.79
N LEU B 90 22.43 -3.07 -23.45
CA LEU B 90 21.12 -2.97 -22.84
C LEU B 90 20.48 -1.61 -23.17
N LEU B 91 21.26 -0.54 -23.01
CA LEU B 91 20.79 0.81 -23.27
C LEU B 91 20.33 0.93 -24.73
N LEU B 92 21.11 0.39 -25.67
CA LEU B 92 20.79 0.52 -27.08
C LEU B 92 19.58 -0.32 -27.47
N VAL B 93 19.46 -1.54 -26.92
CA VAL B 93 18.37 -2.42 -27.30
C VAL B 93 17.05 -1.97 -26.69
N PHE B 94 17.10 -1.31 -25.52
CA PHE B 94 15.88 -0.80 -24.93
C PHE B 94 15.29 0.36 -25.73
N LEU B 95 16.13 1.08 -26.48
CA LEU B 95 15.70 2.26 -27.23
C LEU B 95 15.34 1.90 -28.67
N PHE B 96 16.14 1.02 -29.31
CA PHE B 96 15.94 0.67 -30.70
C PHE B 96 15.68 -0.82 -30.85
N TRP B 97 14.40 -1.19 -30.77
CA TRP B 97 13.91 -2.53 -31.03
C TRP B 97 12.40 -2.46 -31.20
N PRO B 98 11.79 -3.27 -32.11
CA PRO B 98 10.34 -3.25 -32.33
C PRO B 98 9.44 -3.24 -31.09
N TRP B 99 9.61 -4.25 -30.22
CA TRP B 99 8.98 -4.35 -28.91
C TRP B 99 7.45 -4.33 -28.93
N GLU B 100 6.85 -4.13 -30.11
CA GLU B 100 5.41 -3.97 -30.22
C GLU B 100 4.74 -5.29 -30.57
N TYR B 101 3.59 -5.55 -29.94
CA TYR B 101 2.84 -6.78 -30.16
C TYR B 101 2.44 -6.89 -31.64
N GLN B 102 2.67 -8.08 -32.21
CA GLN B 102 2.30 -8.40 -33.58
C GLN B 102 1.29 -9.55 -33.54
N PRO B 103 0.11 -9.40 -34.21
CA PRO B 103 -1.05 -10.23 -33.92
C PRO B 103 -0.84 -11.75 -34.05
N PHE B 104 -0.63 -12.21 -35.29
CA PHE B 104 -0.45 -13.63 -35.57
C PHE B 104 -0.12 -13.84 -37.05
N GLY B 105 0.90 -14.67 -37.31
CA GLY B 105 1.31 -15.03 -38.65
C GLY B 105 1.54 -13.82 -39.55
N SER B 106 2.16 -12.78 -38.98
CA SER B 106 2.45 -11.55 -39.70
C SER B 106 3.96 -11.31 -39.70
N GLU B 107 4.42 -10.60 -40.73
CA GLU B 107 5.81 -10.18 -40.80
C GLU B 107 6.10 -9.24 -39.63
N GLY B 108 7.20 -9.52 -38.92
CA GLY B 108 7.58 -8.73 -37.76
C GLY B 108 7.17 -9.38 -36.43
N GLU B 109 6.53 -10.55 -36.50
CA GLU B 109 6.17 -11.28 -35.29
C GLU B 109 7.40 -11.94 -34.67
N PHE B 110 8.35 -12.38 -35.51
CA PHE B 110 9.53 -13.07 -35.04
C PHE B 110 10.41 -12.12 -34.23
N LEU B 111 10.60 -10.90 -34.74
CA LEU B 111 11.43 -9.89 -34.09
C LEU B 111 10.82 -9.42 -32.77
N TYR B 112 9.48 -9.48 -32.66
CA TYR B 112 8.80 -9.09 -31.43
C TYR B 112 9.02 -10.13 -30.33
N SER B 113 9.05 -11.41 -30.71
CA SER B 113 9.19 -12.50 -29.75
C SER B 113 10.56 -12.53 -29.10
N LEU B 114 11.50 -11.70 -29.57
CA LEU B 114 12.86 -11.68 -29.05
C LEU B 114 13.15 -10.43 -28.21
N ALA B 115 12.12 -9.64 -27.89
CA ALA B 115 12.31 -8.38 -27.16
C ALA B 115 12.67 -8.64 -25.70
N THR B 116 11.77 -9.30 -24.98
CA THR B 116 11.97 -9.63 -23.58
C THR B 116 13.21 -10.49 -23.39
N PRO B 117 13.45 -11.56 -24.19
CA PRO B 117 14.72 -12.28 -24.12
C PRO B 117 15.98 -11.43 -24.23
N LEU B 118 15.98 -10.43 -25.13
CA LEU B 118 17.13 -9.57 -25.27
C LEU B 118 17.31 -8.66 -24.05
N TYR B 119 16.20 -8.17 -23.50
CA TYR B 119 16.26 -7.40 -22.27
C TYR B 119 16.90 -8.22 -21.16
N GLY B 120 16.43 -9.46 -21.01
CA GLY B 120 16.90 -10.37 -19.97
C GLY B 120 18.38 -10.73 -20.15
N LEU B 121 18.81 -10.89 -21.40
CA LEU B 121 20.20 -11.24 -21.68
C LEU B 121 21.10 -10.06 -21.34
N THR B 122 20.74 -8.87 -21.82
CA THR B 122 21.58 -7.69 -21.68
C THR B 122 21.68 -7.25 -20.23
N PHE B 123 20.53 -7.22 -19.52
CA PHE B 123 20.54 -7.00 -18.09
C PHE B 123 20.68 -8.36 -17.42
N GLY B 124 21.89 -8.67 -16.96
CA GLY B 124 22.15 -10.00 -16.44
C GLY B 124 23.46 -10.56 -16.95
N LEU B 125 23.82 -10.23 -18.20
CA LEU B 125 25.15 -10.55 -18.69
C LEU B 125 26.16 -9.48 -18.23
N SER B 126 25.66 -8.32 -17.77
CA SER B 126 26.51 -7.21 -17.37
C SER B 126 26.83 -7.25 -15.87
N ILE B 127 25.77 -7.33 -15.05
CA ILE B 127 25.95 -7.26 -13.61
C ILE B 127 26.64 -8.53 -13.09
N LEU B 128 26.33 -9.67 -13.70
CA LEU B 128 26.97 -10.94 -13.36
C LEU B 128 28.47 -10.88 -13.71
N SER B 129 28.79 -10.27 -14.85
CA SER B 129 30.17 -10.13 -15.29
C SER B 129 30.95 -9.22 -14.33
N ILE B 130 30.30 -8.14 -13.89
CA ILE B 130 30.90 -7.21 -12.94
C ILE B 130 31.16 -7.91 -11.61
N GLY B 131 30.20 -8.74 -11.18
CA GLY B 131 30.35 -9.54 -9.97
C GLY B 131 31.55 -10.49 -10.07
N ILE B 132 31.68 -11.14 -11.23
CA ILE B 132 32.78 -12.07 -11.48
C ILE B 132 34.11 -11.32 -11.41
N GLY B 133 34.17 -10.15 -12.05
CA GLY B 133 35.35 -9.31 -12.03
C GLY B 133 35.74 -8.87 -10.62
N ALA B 134 34.72 -8.56 -9.79
CA ALA B 134 34.94 -8.06 -8.45
C ALA B 134 35.36 -9.17 -7.49
N VAL B 135 34.92 -10.41 -7.72
CA VAL B 135 35.32 -11.52 -6.88
C VAL B 135 36.70 -12.02 -7.30
N LEU B 136 37.03 -11.93 -8.59
CA LEU B 136 38.37 -12.30 -9.05
C LEU B 136 39.43 -11.37 -8.45
N PHE B 137 39.06 -10.11 -8.20
CA PHE B 137 39.98 -9.15 -7.62
C PHE B 137 40.24 -9.44 -6.15
N GLN B 138 39.24 -9.98 -5.44
CA GLN B 138 39.35 -10.25 -4.02
C GLN B 138 40.39 -11.35 -3.75
N LYS B 139 40.43 -12.36 -4.61
CA LYS B 139 41.26 -13.54 -4.36
C LYS B 139 42.52 -13.56 -5.22
N LYS B 140 42.86 -12.42 -5.83
CA LYS B 140 44.08 -12.32 -6.62
C LYS B 140 44.97 -11.17 -6.18
N PHE B 141 44.38 -10.12 -5.59
CA PHE B 141 45.15 -8.92 -5.27
C PHE B 141 45.02 -8.52 -3.81
N ILE B 142 43.83 -8.69 -3.22
CA ILE B 142 43.65 -8.42 -1.80
C ILE B 142 44.51 -9.41 -1.01
N PRO B 143 45.27 -8.94 0.02
CA PRO B 143 45.98 -9.87 0.90
C PRO B 143 45.05 -10.81 1.65
N GLU B 144 45.54 -12.03 1.92
CA GLU B 144 44.79 -13.00 2.70
C GLU B 144 45.19 -12.89 4.16
N GLU B 145 44.22 -13.12 5.04
CA GLU B 145 44.39 -12.94 6.47
C GLU B 145 43.68 -14.04 7.26
N ILE B 146 44.17 -14.25 8.49
CA ILE B 146 43.50 -15.09 9.47
C ILE B 146 43.41 -14.28 10.77
N SER B 147 42.17 -13.88 11.11
CA SER B 147 41.93 -13.08 12.31
C SER B 147 41.15 -13.90 13.32
N VAL B 148 41.45 -13.67 14.60
CA VAL B 148 40.78 -14.34 15.70
C VAL B 148 40.26 -13.29 16.67
N GLN B 149 38.99 -13.41 17.07
CA GLN B 149 38.35 -12.51 18.01
C GLN B 149 37.64 -13.34 19.07
N ASP B 150 37.72 -12.88 20.33
CA ASP B 150 37.09 -13.59 21.43
C ASP B 150 35.67 -13.09 21.67
N ARG B 151 34.73 -14.02 21.80
CA ARG B 151 33.35 -13.70 22.09
C ARG B 151 33.17 -13.65 23.61
N HIS B 152 32.77 -12.47 24.11
CA HIS B 152 32.55 -12.28 25.53
C HIS B 152 31.08 -12.51 25.87
N ASP B 153 30.66 -13.75 25.71
CA ASP B 153 29.28 -14.17 25.85
C ASP B 153 29.06 -14.75 27.24
N GLY B 154 27.83 -15.25 27.46
CA GLY B 154 27.42 -15.77 28.75
C GLY B 154 26.78 -14.68 29.61
N ARG B 155 26.88 -14.84 30.93
CA ARG B 155 26.36 -13.88 31.87
C ARG B 155 27.17 -12.58 31.79
N SER B 156 26.49 -11.45 31.98
CA SER B 156 27.16 -10.16 32.11
C SER B 156 27.97 -10.15 33.41
N PRO B 157 29.09 -9.39 33.49
CA PRO B 157 29.83 -9.25 34.75
C PRO B 157 28.94 -8.82 35.92
N GLU B 158 29.36 -9.22 37.12
CA GLU B 158 28.52 -9.16 38.31
C GLU B 158 28.10 -7.72 38.65
N VAL B 159 28.99 -6.76 38.37
CA VAL B 159 28.74 -5.37 38.72
C VAL B 159 27.54 -4.82 37.92
N HIS B 160 27.53 -5.10 36.62
CA HIS B 160 26.45 -4.66 35.75
C HIS B 160 25.14 -5.35 36.14
N ARG B 161 25.23 -6.65 36.40
CA ARG B 161 24.10 -7.50 36.73
C ARG B 161 23.46 -7.06 38.04
N LYS B 162 24.25 -6.54 38.99
CA LYS B 162 23.74 -6.06 40.26
C LYS B 162 23.16 -4.65 40.14
N THR B 163 23.88 -3.76 39.44
CA THR B 163 23.47 -2.38 39.32
C THR B 163 22.15 -2.24 38.56
N VAL B 164 22.01 -3.00 37.47
CA VAL B 164 20.81 -2.92 36.65
C VAL B 164 19.58 -3.39 37.43
N ALA B 165 19.75 -4.45 38.23
CA ALA B 165 18.66 -4.96 39.05
C ALA B 165 18.31 -3.96 40.16
N ALA B 166 19.34 -3.35 40.76
CA ALA B 166 19.14 -2.40 41.84
C ALA B 166 18.37 -1.17 41.34
N ASN B 167 18.68 -0.71 40.12
CA ASN B 167 18.01 0.46 39.56
C ASN B 167 16.50 0.20 39.43
N LEU B 168 16.15 -0.93 38.81
CA LEU B 168 14.75 -1.27 38.58
C LEU B 168 14.01 -1.49 39.89
N THR B 169 14.64 -2.20 40.84
CA THR B 169 14.05 -2.48 42.13
C THR B 169 13.79 -1.17 42.89
N ASP B 170 14.76 -0.24 42.83
CA ASP B 170 14.65 1.05 43.49
C ASP B 170 13.51 1.86 42.87
N ALA B 171 13.38 1.82 41.54
CA ALA B 171 12.30 2.53 40.87
C ALA B 171 10.94 2.03 41.35
N LEU B 172 10.78 0.71 41.39
CA LEU B 172 9.50 0.10 41.74
C LEU B 172 9.18 0.30 43.22
N GLU B 173 10.21 0.25 44.09
CA GLU B 173 10.00 0.42 45.51
C GLU B 173 9.68 1.88 45.85
N GLY B 174 10.37 2.81 45.17
CA GLY B 174 10.22 4.23 45.41
C GLY B 174 8.90 4.78 44.89
N SER B 175 8.34 4.15 43.86
CA SER B 175 7.04 4.53 43.33
C SER B 175 5.93 4.38 44.38
N THR B 176 6.13 3.47 45.35
CA THR B 176 5.18 3.18 46.40
C THR B 176 3.84 2.71 45.85
N LEU B 177 3.86 2.11 44.65
CA LEU B 177 2.64 1.66 43.99
C LEU B 177 2.05 0.41 44.66
N LYS B 178 2.91 -0.38 45.31
CA LYS B 178 2.52 -1.65 45.90
C LYS B 178 1.64 -1.45 47.13
N ARG B 179 1.87 -0.35 47.86
CA ARG B 179 1.16 -0.11 49.10
C ARG B 179 -0.23 0.45 48.83
N ARG B 180 -0.40 1.13 47.70
CA ARG B 180 -1.67 1.74 47.35
C ARG B 180 -2.47 0.73 46.53
N LYS B 181 -3.27 -0.07 47.24
CA LYS B 181 -4.03 -1.16 46.62
C LYS B 181 -5.14 -0.61 45.73
N VAL B 182 -5.79 0.48 46.16
CA VAL B 182 -6.94 1.02 45.46
C VAL B 182 -6.50 1.59 44.11
N ILE B 183 -5.35 2.27 44.10
CA ILE B 183 -4.83 2.90 42.88
C ILE B 183 -4.49 1.84 41.84
N GLY B 184 -3.81 0.77 42.27
CA GLY B 184 -3.42 -0.31 41.36
C GLY B 184 -4.63 -1.07 40.80
N LEU B 185 -5.60 -1.32 41.67
CA LEU B 185 -6.81 -2.04 41.28
C LEU B 185 -7.59 -1.21 40.26
N SER B 186 -7.75 0.10 40.53
CA SER B 186 -8.47 0.98 39.63
C SER B 186 -7.76 1.09 38.29
N LEU B 187 -6.41 1.15 38.33
CA LEU B 187 -5.63 1.27 37.10
C LEU B 187 -5.86 0.04 36.22
N GLY B 188 -5.77 -1.15 36.83
CA GLY B 188 -6.00 -2.41 36.14
C GLY B 188 -7.39 -2.48 35.51
N ILE B 189 -8.41 -2.14 36.30
CA ILE B 189 -9.80 -2.22 35.87
C ILE B 189 -10.04 -1.27 34.71
N GLY B 190 -9.55 -0.01 34.85
CA GLY B 190 -9.72 1.00 33.82
C GLY B 190 -9.05 0.62 32.51
N LEU B 191 -7.80 0.12 32.60
CA LEU B 191 -7.07 -0.28 31.42
C LEU B 191 -7.77 -1.44 30.71
N GLY B 192 -8.27 -2.41 31.49
CA GLY B 192 -8.99 -3.55 30.95
C GLY B 192 -10.25 -3.12 30.22
N ALA B 193 -11.02 -2.21 30.85
CA ALA B 193 -12.28 -1.75 30.28
C ALA B 193 -12.02 -0.99 28.98
N PHE B 194 -11.02 -0.10 28.98
CA PHE B 194 -10.70 0.67 27.80
C PHE B 194 -10.26 -0.25 26.66
N GLY B 195 -9.40 -1.22 26.98
CA GLY B 195 -8.90 -2.18 25.99
C GLY B 195 -10.04 -2.97 25.35
N ALA B 196 -10.96 -3.47 26.20
CA ALA B 196 -12.07 -4.27 25.74
C ALA B 196 -12.97 -3.44 24.81
N GLY B 197 -13.31 -2.22 25.25
CA GLY B 197 -14.15 -1.33 24.46
C GLY B 197 -13.52 -1.01 23.10
N THR B 198 -12.23 -0.68 23.11
CA THR B 198 -11.52 -0.31 21.90
C THR B 198 -11.45 -1.48 20.93
N LEU B 199 -11.19 -2.69 21.46
CA LEU B 199 -11.06 -3.86 20.61
C LEU B 199 -12.40 -4.23 19.98
N VAL B 200 -13.49 -4.11 20.76
CA VAL B 200 -14.81 -4.43 20.25
C VAL B 200 -15.27 -3.37 19.25
N ALA B 201 -14.82 -2.12 19.40
CA ALA B 201 -15.15 -1.09 18.43
C ALA B 201 -14.37 -1.31 17.14
N PHE B 202 -13.10 -1.72 17.25
CA PHE B 202 -12.23 -1.87 16.09
C PHE B 202 -12.68 -3.05 15.23
N ILE B 203 -12.94 -4.19 15.88
CA ILE B 203 -13.43 -5.38 15.20
C ILE B 203 -14.93 -5.47 15.47
N GLY B 204 -15.72 -5.52 14.40
CA GLY B 204 -17.17 -5.50 14.57
C GLY B 204 -17.90 -4.74 13.47
N GLY B 205 -17.14 -3.93 12.70
CA GLY B 205 -17.61 -3.38 11.44
C GLY B 205 -17.59 -4.41 10.32
N LEU B 206 -16.75 -5.45 10.46
CA LEU B 206 -16.61 -6.52 9.50
C LEU B 206 -17.22 -7.83 10.02
N ILE B 207 -18.11 -7.74 11.02
CA ILE B 207 -18.84 -8.89 11.52
C ILE B 207 -20.25 -8.84 10.97
N LYS B 208 -20.64 -9.90 10.24
CA LYS B 208 -21.95 -9.96 9.60
C LYS B 208 -22.62 -11.28 9.97
N ASN B 209 -23.95 -11.24 10.06
CA ASN B 209 -24.74 -12.43 10.31
C ASN B 209 -25.02 -13.11 8.97
N PRO B 210 -24.51 -14.35 8.75
CA PRO B 210 -24.75 -15.02 7.47
C PRO B 210 -26.15 -15.60 7.29
N TRP B 211 -26.85 -15.87 8.39
CA TRP B 211 -28.16 -16.50 8.35
C TRP B 211 -29.25 -15.44 8.46
N LYS B 212 -29.11 -14.41 7.63
CA LYS B 212 -30.05 -13.30 7.62
C LYS B 212 -30.85 -13.35 6.33
N PRO B 213 -32.20 -13.26 6.40
CA PRO B 213 -33.04 -13.32 5.21
C PRO B 213 -32.89 -12.08 4.32
N VAL B 214 -32.33 -12.29 3.12
CA VAL B 214 -32.04 -11.18 2.22
C VAL B 214 -32.53 -11.50 0.81
N VAL B 215 -32.79 -12.79 0.54
CA VAL B 215 -33.13 -13.23 -0.82
C VAL B 215 -34.64 -13.39 -0.90
N PRO B 216 -35.34 -12.66 -1.79
CA PRO B 216 -36.78 -12.83 -1.96
C PRO B 216 -37.12 -14.05 -2.82
N THR B 217 -37.96 -14.93 -2.29
CA THR B 217 -38.41 -16.12 -3.01
C THR B 217 -39.93 -16.18 -3.02
N ALA B 218 -40.49 -17.34 -3.43
CA ALA B 218 -41.92 -17.59 -3.41
C ALA B 218 -42.46 -17.95 -2.02
N GLU B 219 -41.59 -17.84 -0.99
CA GLU B 219 -42.00 -18.19 0.37
C GLU B 219 -41.55 -17.14 1.38
N GLY B 220 -41.13 -15.96 0.90
CA GLY B 220 -40.66 -14.88 1.75
C GLY B 220 -39.15 -14.66 1.60
N LYS B 221 -38.55 -14.05 2.62
CA LYS B 221 -37.12 -13.77 2.56
C LYS B 221 -36.35 -14.93 3.18
N LYS B 222 -35.25 -15.31 2.52
CA LYS B 222 -34.46 -16.46 2.93
C LYS B 222 -32.97 -16.13 2.89
N ALA B 223 -32.19 -16.95 3.60
CA ALA B 223 -30.73 -16.80 3.66
C ALA B 223 -30.11 -17.13 2.29
N VAL B 224 -28.88 -16.64 2.09
CA VAL B 224 -28.17 -16.78 0.83
C VAL B 224 -27.90 -18.25 0.52
N LEU B 225 -27.41 -19.00 1.52
CA LEU B 225 -26.91 -20.34 1.26
C LEU B 225 -28.02 -21.35 0.93
N TRP B 226 -29.28 -20.98 1.23
CA TRP B 226 -30.41 -21.87 0.95
C TRP B 226 -30.95 -21.68 -0.46
N THR B 227 -30.45 -20.65 -1.17
CA THR B 227 -31.01 -20.28 -2.47
C THR B 227 -29.94 -20.35 -3.55
N SER B 228 -30.42 -20.34 -4.80
CA SER B 228 -29.60 -20.22 -5.98
C SER B 228 -30.41 -19.54 -7.07
N GLY B 229 -29.93 -19.64 -8.33
CA GLY B 229 -30.63 -19.05 -9.46
C GLY B 229 -31.85 -19.85 -9.90
N TRP B 230 -31.98 -21.09 -9.42
CA TRP B 230 -33.06 -21.97 -9.81
C TRP B 230 -34.25 -21.90 -8.84
N THR B 231 -34.10 -21.12 -7.76
CA THR B 231 -35.17 -20.99 -6.78
C THR B 231 -36.29 -20.13 -7.37
N PRO B 232 -37.55 -20.62 -7.38
CA PRO B 232 -38.67 -19.84 -7.91
C PRO B 232 -38.89 -18.56 -7.11
N ARG B 233 -39.18 -17.47 -7.83
CA ARG B 233 -39.39 -16.17 -7.22
C ARG B 233 -40.88 -15.93 -6.94
N PHE B 234 -41.76 -16.58 -7.70
CA PHE B 234 -43.18 -16.67 -7.38
C PHE B 234 -43.69 -18.02 -7.87
N LYS B 235 -44.85 -18.44 -7.33
CA LYS B 235 -45.43 -19.74 -7.68
C LYS B 235 -45.75 -19.78 -9.16
N GLY B 236 -45.32 -20.88 -9.81
CA GLY B 236 -45.61 -21.15 -11.21
C GLY B 236 -44.67 -20.45 -12.19
N GLU B 237 -43.57 -19.88 -11.69
CA GLU B 237 -42.59 -19.21 -12.54
C GLU B 237 -41.89 -20.23 -13.45
N THR B 238 -41.67 -19.82 -14.71
CA THR B 238 -41.00 -20.66 -15.69
C THR B 238 -39.52 -20.28 -15.77
N ILE B 239 -38.65 -21.23 -15.40
CA ILE B 239 -37.22 -21.06 -15.56
C ILE B 239 -36.75 -21.96 -16.69
N TYR B 240 -36.16 -21.35 -17.72
CA TYR B 240 -35.66 -22.07 -18.88
C TYR B 240 -34.22 -22.49 -18.68
N LEU B 241 -33.86 -23.64 -19.29
CA LEU B 241 -32.49 -24.10 -19.35
C LEU B 241 -31.85 -23.51 -20.61
N ALA B 242 -30.99 -22.50 -20.42
CA ALA B 242 -30.36 -21.79 -21.53
C ALA B 242 -28.91 -22.24 -21.68
N ARG B 243 -28.35 -21.97 -22.87
CA ARG B 243 -26.96 -22.29 -23.15
C ARG B 243 -26.22 -21.05 -23.62
N ALA B 244 -24.90 -21.03 -23.33
CA ALA B 244 -24.05 -19.93 -23.74
C ALA B 244 -23.52 -20.17 -25.14
N THR B 245 -23.93 -19.30 -26.08
CA THR B 245 -23.67 -19.50 -27.49
C THR B 245 -22.77 -18.40 -28.05
N GLY B 246 -23.22 -17.15 -27.91
CA GLY B 246 -22.63 -16.05 -28.67
C GLY B 246 -21.82 -15.10 -27.79
N ARG B 247 -21.64 -13.89 -28.32
CA ARG B 247 -20.91 -12.81 -27.69
C ARG B 247 -21.82 -12.09 -26.69
N PRO B 248 -21.27 -11.33 -25.71
CA PRO B 248 -22.12 -10.57 -24.77
C PRO B 248 -23.10 -9.60 -25.41
N GLY B 249 -22.78 -9.14 -26.63
CA GLY B 249 -23.64 -8.20 -27.36
C GLY B 249 -24.55 -8.89 -28.38
N GLU B 250 -24.68 -10.21 -28.27
CA GLU B 250 -25.43 -11.00 -29.23
C GLU B 250 -26.29 -12.05 -28.53
N SER B 251 -27.04 -11.65 -27.50
CA SER B 251 -27.98 -12.49 -26.79
C SER B 251 -27.28 -13.76 -26.27
N PRO B 252 -26.44 -13.65 -25.22
CA PRO B 252 -25.57 -14.75 -24.81
C PRO B 252 -26.29 -16.03 -24.36
N PHE B 253 -27.59 -15.93 -24.04
CA PHE B 253 -28.35 -17.08 -23.61
C PHE B 253 -29.59 -17.25 -24.50
N VAL B 254 -29.78 -18.48 -24.99
CA VAL B 254 -30.90 -18.82 -25.85
C VAL B 254 -31.52 -20.13 -25.38
N LYS B 255 -32.77 -20.35 -25.80
CA LYS B 255 -33.54 -21.53 -25.43
C LYS B 255 -32.99 -22.78 -26.12
N MET B 256 -33.48 -23.94 -25.69
CA MET B 256 -32.96 -25.21 -26.13
C MET B 256 -34.08 -26.25 -26.11
N ARG B 257 -33.94 -27.26 -26.97
CA ARG B 257 -34.92 -28.32 -27.17
C ARG B 257 -34.28 -29.67 -26.84
N PRO B 258 -35.08 -30.69 -26.46
CA PRO B 258 -34.56 -32.04 -26.25
C PRO B 258 -33.90 -32.67 -27.47
N GLU B 259 -34.20 -32.18 -28.67
CA GLU B 259 -33.70 -32.78 -29.90
C GLU B 259 -32.26 -32.34 -30.19
N ASP B 260 -31.75 -31.33 -29.46
CA ASP B 260 -30.47 -30.72 -29.82
C ASP B 260 -29.29 -31.60 -29.37
N ILE B 261 -29.45 -32.23 -28.20
CA ILE B 261 -28.40 -33.05 -27.62
C ILE B 261 -28.74 -34.51 -27.90
N ASP B 262 -27.74 -35.25 -28.38
CA ASP B 262 -27.91 -36.66 -28.73
C ASP B 262 -27.28 -37.55 -27.66
N ALA B 263 -27.41 -38.88 -27.87
CA ALA B 263 -26.94 -39.87 -26.93
C ALA B 263 -25.43 -39.80 -26.80
N GLY B 264 -24.97 -39.68 -25.54
CA GLY B 264 -23.56 -39.59 -25.21
C GLY B 264 -23.01 -38.16 -25.32
N GLY B 265 -23.90 -37.17 -25.25
CA GLY B 265 -23.50 -35.77 -25.20
C GLY B 265 -23.74 -35.16 -23.82
N MET B 266 -23.17 -33.96 -23.63
CA MET B 266 -23.33 -33.22 -22.40
C MET B 266 -23.25 -31.74 -22.73
N GLU B 267 -24.09 -30.94 -22.05
CA GLU B 267 -24.12 -29.50 -22.25
C GLU B 267 -24.20 -28.80 -20.90
N THR B 268 -23.67 -27.57 -20.87
CA THR B 268 -23.78 -26.70 -19.70
C THR B 268 -24.95 -25.74 -19.91
N VAL B 269 -25.82 -25.67 -18.91
CA VAL B 269 -27.02 -24.85 -18.97
C VAL B 269 -27.09 -23.94 -17.74
N PHE B 270 -27.80 -22.83 -17.94
CA PHE B 270 -27.96 -21.77 -16.95
C PHE B 270 -29.45 -21.45 -16.81
N PRO B 271 -29.89 -20.92 -15.66
CA PRO B 271 -31.28 -20.53 -15.48
C PRO B 271 -31.57 -19.18 -16.13
N TRP B 272 -32.49 -19.19 -17.10
CA TRP B 272 -32.84 -17.95 -17.85
C TRP B 272 -34.36 -17.73 -17.83
N ARG B 273 -34.78 -16.52 -17.46
CA ARG B 273 -36.18 -16.14 -17.41
C ARG B 273 -36.52 -15.24 -18.61
N GLU B 274 -37.80 -15.12 -18.93
CA GLU B 274 -38.23 -14.29 -20.06
C GLU B 274 -37.99 -12.82 -19.71
N SER B 275 -37.94 -12.49 -18.41
CA SER B 275 -37.78 -11.12 -17.85
C SER B 275 -36.39 -10.52 -18.10
N ASP B 276 -35.39 -11.32 -18.50
CA ASP B 276 -34.06 -10.83 -18.92
C ASP B 276 -34.05 -10.93 -20.45
N GLY B 277 -32.96 -11.29 -21.09
CA GLY B 277 -33.09 -11.50 -22.55
C GLY B 277 -32.37 -10.46 -23.37
N ASP B 278 -31.56 -10.92 -24.32
CA ASP B 278 -30.73 -10.10 -25.25
C ASP B 278 -29.56 -9.43 -24.53
N GLY B 279 -29.81 -8.50 -23.62
CA GLY B 279 -28.67 -7.82 -22.99
C GLY B 279 -28.26 -6.62 -23.81
N THR B 280 -29.16 -6.19 -24.71
CA THR B 280 -28.93 -5.04 -25.62
C THR B 280 -28.86 -3.74 -24.81
N THR B 281 -29.80 -3.56 -23.87
CA THR B 281 -29.89 -2.37 -22.99
C THR B 281 -28.95 -2.50 -21.79
N VAL B 282 -28.98 -1.54 -20.88
CA VAL B 282 -28.07 -1.58 -19.71
C VAL B 282 -28.78 -2.27 -18.55
N GLU B 283 -30.11 -2.34 -18.63
CA GLU B 283 -30.95 -2.97 -17.57
C GLU B 283 -30.78 -4.49 -17.63
N SER B 284 -30.75 -5.06 -18.84
CA SER B 284 -30.60 -6.52 -19.02
C SER B 284 -29.12 -6.89 -19.18
N GLU B 285 -28.23 -5.89 -19.12
CA GLU B 285 -26.76 -6.12 -19.26
C GLU B 285 -26.20 -6.55 -17.90
N HIS B 286 -26.82 -6.10 -16.81
CA HIS B 286 -26.36 -6.44 -15.44
C HIS B 286 -27.15 -7.65 -14.92
N LYS B 287 -28.21 -8.05 -15.65
CA LYS B 287 -29.05 -9.21 -15.25
C LYS B 287 -28.48 -10.48 -15.88
N LEU B 288 -27.81 -10.35 -17.03
CA LEU B 288 -27.22 -11.51 -17.74
C LEU B 288 -25.84 -11.80 -17.16
N THR B 289 -25.28 -10.86 -16.38
CA THR B 289 -23.98 -11.03 -15.77
C THR B 289 -24.11 -11.78 -14.44
N GLU B 290 -25.17 -11.50 -13.68
CA GLU B 290 -25.43 -12.19 -12.43
C GLU B 290 -25.70 -13.67 -12.67
N ILE B 291 -26.31 -14.02 -13.80
CA ILE B 291 -26.59 -15.41 -14.14
C ILE B 291 -25.28 -16.17 -14.38
N ALA B 292 -24.33 -15.55 -15.08
CA ALA B 292 -23.10 -16.21 -15.49
C ALA B 292 -22.05 -16.25 -14.38
N MET B 293 -22.25 -15.42 -13.33
CA MET B 293 -21.28 -15.32 -12.24
C MET B 293 -21.83 -15.97 -10.96
N GLY B 294 -23.03 -16.56 -11.04
CA GLY B 294 -23.62 -17.23 -9.89
C GLY B 294 -22.79 -18.44 -9.50
N VAL B 295 -22.61 -18.60 -8.19
CA VAL B 295 -21.75 -19.63 -7.62
C VAL B 295 -22.36 -21.02 -7.83
N ARG B 296 -23.69 -21.08 -7.77
CA ARG B 296 -24.40 -22.35 -7.75
C ARG B 296 -25.36 -22.47 -8.95
N ASN B 297 -25.08 -21.70 -10.02
CA ASN B 297 -25.95 -21.59 -11.18
C ASN B 297 -25.75 -22.73 -12.18
N PRO B 298 -24.51 -23.07 -12.62
CA PRO B 298 -24.34 -23.96 -13.78
C PRO B 298 -24.85 -25.37 -13.51
N VAL B 299 -25.41 -25.99 -14.56
CA VAL B 299 -25.94 -27.34 -14.50
C VAL B 299 -25.44 -28.11 -15.71
N MET B 300 -25.10 -29.39 -15.51
CA MET B 300 -24.75 -30.26 -16.61
C MET B 300 -25.93 -31.14 -16.99
N LEU B 301 -26.30 -31.09 -18.28
CA LEU B 301 -27.36 -31.92 -18.82
C LEU B 301 -26.75 -32.99 -19.71
N ILE B 302 -27.05 -34.25 -19.39
CA ILE B 302 -26.53 -35.40 -20.12
C ILE B 302 -27.70 -36.20 -20.70
N ARG B 303 -27.44 -36.84 -21.84
CA ARG B 303 -28.37 -37.77 -22.45
C ARG B 303 -27.76 -39.17 -22.39
N ILE B 304 -28.52 -40.12 -21.85
CA ILE B 304 -28.06 -41.48 -21.66
C ILE B 304 -28.54 -42.33 -22.84
N LYS B 305 -27.65 -43.22 -23.31
CA LYS B 305 -27.99 -44.15 -24.38
C LYS B 305 -29.17 -45.02 -23.95
N PRO B 306 -30.14 -45.29 -24.85
CA PRO B 306 -31.31 -46.12 -24.52
C PRO B 306 -30.96 -47.54 -24.07
N ALA B 307 -29.80 -48.04 -24.51
CA ALA B 307 -29.32 -49.38 -24.19
C ALA B 307 -28.98 -49.51 -22.70
N ASP B 308 -28.61 -48.40 -22.07
CA ASP B 308 -28.10 -48.39 -20.71
C ASP B 308 -29.16 -47.93 -19.70
N MET B 309 -30.42 -47.83 -20.14
CA MET B 309 -31.49 -47.26 -19.31
C MET B 309 -31.99 -48.24 -18.25
N HIS B 310 -31.59 -49.52 -18.34
CA HIS B 310 -32.09 -50.55 -17.44
C HIS B 310 -31.24 -50.68 -16.18
N ARG B 311 -30.15 -49.90 -16.10
CA ARG B 311 -29.19 -49.99 -15.00
C ARG B 311 -29.11 -48.68 -14.22
N VAL B 312 -30.18 -47.89 -14.28
CA VAL B 312 -30.27 -46.63 -13.55
C VAL B 312 -30.90 -46.89 -12.18
N ILE B 313 -30.30 -46.30 -11.13
CA ILE B 313 -30.82 -46.36 -9.78
C ILE B 313 -31.19 -44.96 -9.32
N LYS B 314 -32.39 -44.83 -8.75
CA LYS B 314 -32.91 -43.54 -8.31
C LYS B 314 -32.51 -43.26 -6.87
N ARG B 315 -32.99 -42.15 -6.31
CA ARG B 315 -32.57 -41.70 -4.99
C ARG B 315 -33.78 -41.36 -4.10
N LYS B 316 -34.74 -42.27 -4.00
CA LYS B 316 -35.74 -42.24 -2.94
C LYS B 316 -36.30 -40.83 -2.71
N GLY B 317 -37.07 -40.34 -3.68
CA GLY B 317 -37.59 -38.99 -3.67
C GLY B 317 -37.23 -38.24 -4.95
N GLN B 318 -36.29 -38.79 -5.73
CA GLN B 318 -35.94 -38.26 -7.03
C GLN B 318 -36.20 -39.30 -8.12
N GLU B 319 -37.32 -40.02 -8.00
CA GLU B 319 -37.66 -41.08 -8.93
C GLU B 319 -38.29 -40.52 -10.21
N SER B 320 -38.66 -39.24 -10.21
CA SER B 320 -39.32 -38.60 -11.33
C SER B 320 -38.61 -37.31 -11.73
N PHE B 321 -37.28 -37.26 -11.54
CA PHE B 321 -36.52 -36.05 -11.79
C PHE B 321 -35.93 -36.00 -13.20
N ASN B 322 -36.21 -37.03 -14.01
CA ASN B 322 -35.65 -37.12 -15.36
C ASN B 322 -36.79 -37.10 -16.38
N PHE B 323 -36.48 -36.58 -17.58
CA PHE B 323 -37.38 -36.60 -18.70
C PHE B 323 -36.89 -37.64 -19.70
N GLY B 324 -37.36 -38.88 -19.52
CA GLY B 324 -36.93 -40.00 -20.35
C GLY B 324 -35.46 -40.33 -20.14
N GLU B 325 -34.63 -40.06 -21.15
CA GLU B 325 -33.22 -40.40 -21.11
C GLU B 325 -32.36 -39.14 -20.97
N LEU B 326 -32.93 -38.06 -20.44
CA LEU B 326 -32.18 -36.85 -20.13
C LEU B 326 -32.10 -36.69 -18.61
N PHE B 327 -30.88 -36.46 -18.10
CA PHE B 327 -30.65 -36.18 -16.70
C PHE B 327 -29.92 -34.85 -16.55
N ALA B 328 -30.17 -34.17 -15.43
CA ALA B 328 -29.51 -32.90 -15.13
C ALA B 328 -28.97 -32.94 -13.71
N TYR B 329 -27.69 -32.60 -13.56
CA TYR B 329 -27.04 -32.57 -12.26
C TYR B 329 -26.34 -31.23 -12.07
N THR B 330 -26.06 -30.90 -10.81
CA THR B 330 -25.25 -29.73 -10.49
C THR B 330 -23.83 -29.92 -11.03
N LYS B 331 -23.23 -28.83 -11.50
CA LYS B 331 -21.89 -28.85 -12.03
C LYS B 331 -20.86 -28.49 -10.94
N VAL B 332 -21.33 -28.23 -9.73
CA VAL B 332 -20.46 -27.82 -8.63
C VAL B 332 -20.12 -29.04 -7.80
N CYS B 333 -18.81 -29.30 -7.64
CA CYS B 333 -18.35 -30.42 -6.84
C CYS B 333 -18.78 -30.24 -5.39
N SER B 334 -19.21 -31.33 -4.76
CA SER B 334 -19.71 -31.31 -3.40
C SER B 334 -18.57 -31.40 -2.37
N HIS B 335 -17.32 -31.41 -2.83
CA HIS B 335 -16.16 -31.46 -1.94
C HIS B 335 -15.73 -30.05 -1.54
N LEU B 336 -15.29 -29.26 -2.53
CA LEU B 336 -14.79 -27.92 -2.27
C LEU B 336 -15.31 -26.88 -3.27
N GLY B 337 -16.08 -27.30 -4.28
CA GLY B 337 -16.79 -26.37 -5.14
C GLY B 337 -16.20 -26.19 -6.54
N CYS B 338 -15.18 -27.00 -6.90
CA CYS B 338 -14.63 -26.94 -8.24
C CYS B 338 -15.68 -27.40 -9.25
N PRO B 339 -15.64 -26.90 -10.52
CA PRO B 339 -16.53 -27.42 -11.56
C PRO B 339 -16.18 -28.84 -12.01
N SER B 340 -16.76 -29.84 -11.34
CA SER B 340 -16.56 -31.24 -11.68
C SER B 340 -17.29 -31.56 -12.99
N SER B 341 -16.59 -31.45 -14.11
CA SER B 341 -17.24 -31.45 -15.41
C SER B 341 -16.48 -32.28 -16.45
N LEU B 342 -15.61 -33.21 -16.02
CA LEU B 342 -14.96 -34.10 -16.97
C LEU B 342 -15.84 -35.34 -17.14
N TYR B 343 -16.67 -35.34 -18.19
CA TYR B 343 -17.68 -36.36 -18.36
C TYR B 343 -17.19 -37.44 -19.34
N GLU B 344 -17.02 -38.66 -18.83
CA GLU B 344 -16.68 -39.81 -19.64
C GLU B 344 -17.97 -40.57 -19.96
N GLN B 345 -18.29 -40.59 -21.26
CA GLN B 345 -19.62 -40.96 -21.75
C GLN B 345 -19.75 -42.45 -22.06
N GLN B 346 -18.63 -43.20 -22.01
CA GLN B 346 -18.67 -44.65 -22.15
C GLN B 346 -18.70 -45.33 -20.78
N THR B 347 -17.84 -44.86 -19.87
CA THR B 347 -17.82 -45.35 -18.50
C THR B 347 -18.88 -44.65 -17.64
N TYR B 348 -19.43 -43.54 -18.13
CA TYR B 348 -20.44 -42.75 -17.43
C TYR B 348 -19.90 -42.28 -16.08
N ARG B 349 -18.78 -41.57 -16.12
CA ARG B 349 -18.17 -41.07 -14.89
C ARG B 349 -17.93 -39.56 -14.99
N ILE B 350 -18.22 -38.86 -13.90
CA ILE B 350 -18.01 -37.42 -13.83
C ILE B 350 -16.79 -37.16 -12.94
N LEU B 351 -15.76 -36.54 -13.51
CA LEU B 351 -14.48 -36.38 -12.84
C LEU B 351 -14.24 -34.89 -12.56
N CYS B 352 -13.76 -34.63 -11.33
CA CYS B 352 -13.38 -33.29 -10.91
C CYS B 352 -11.87 -33.14 -11.07
N PRO B 353 -11.38 -32.11 -11.79
CA PRO B 353 -9.94 -31.98 -12.03
C PRO B 353 -9.18 -31.29 -10.90
N CYS B 354 -9.83 -31.11 -9.75
CA CYS B 354 -9.19 -30.43 -8.63
C CYS B 354 -8.57 -31.45 -7.66
N HIS B 355 -9.37 -32.40 -7.17
CA HIS B 355 -8.88 -33.37 -6.20
C HIS B 355 -9.24 -34.80 -6.57
N GLN B 356 -9.58 -35.05 -7.85
CA GLN B 356 -9.66 -36.38 -8.44
C GLN B 356 -10.74 -37.26 -7.82
N SER B 357 -11.92 -36.68 -7.56
CA SER B 357 -13.07 -37.45 -7.13
C SER B 357 -14.01 -37.63 -8.31
N GLN B 358 -14.45 -38.88 -8.55
CA GLN B 358 -15.38 -39.14 -9.63
C GLN B 358 -16.69 -39.73 -9.13
N PHE B 359 -17.76 -39.40 -9.86
CA PHE B 359 -19.14 -39.68 -9.49
C PHE B 359 -19.78 -40.55 -10.57
N ASP B 360 -20.72 -41.41 -10.14
CA ASP B 360 -21.36 -42.38 -11.00
C ASP B 360 -22.67 -41.83 -11.53
N ALA B 361 -22.78 -41.69 -12.86
CA ALA B 361 -23.95 -41.10 -13.49
C ALA B 361 -25.13 -42.06 -13.49
N LEU B 362 -24.89 -43.38 -13.54
CA LEU B 362 -25.98 -44.35 -13.61
C LEU B 362 -26.74 -44.40 -12.29
N GLU B 363 -25.99 -44.30 -11.19
CA GLU B 363 -26.59 -44.10 -9.88
C GLU B 363 -26.83 -42.60 -9.68
N PHE B 364 -27.27 -42.23 -8.49
CA PHE B 364 -27.67 -40.85 -8.25
C PHE B 364 -26.45 -39.96 -7.98
N ALA B 365 -25.47 -40.01 -8.89
CA ALA B 365 -24.25 -39.20 -8.83
C ALA B 365 -23.54 -39.40 -7.49
N LYS B 366 -23.49 -40.65 -7.02
CA LYS B 366 -22.81 -40.93 -5.76
C LYS B 366 -21.32 -41.10 -6.02
N PRO B 367 -20.44 -40.67 -5.08
CA PRO B 367 -18.99 -40.75 -5.30
C PRO B 367 -18.51 -42.20 -5.28
N ILE B 368 -17.52 -42.49 -6.11
CA ILE B 368 -16.91 -43.81 -6.16
C ILE B 368 -15.40 -43.75 -5.90
N PHE B 369 -14.80 -42.56 -6.01
CA PHE B 369 -13.38 -42.38 -5.79
C PHE B 369 -13.11 -40.91 -5.47
N GLY B 370 -12.07 -40.68 -4.67
CA GLY B 370 -11.64 -39.34 -4.30
C GLY B 370 -12.08 -38.97 -2.88
N PRO B 371 -11.83 -37.71 -2.46
CA PRO B 371 -12.22 -37.24 -1.13
C PRO B 371 -13.66 -36.76 -0.95
N ALA B 372 -14.54 -37.05 -1.92
CA ALA B 372 -15.93 -36.67 -1.83
C ALA B 372 -16.72 -37.73 -1.06
N ALA B 373 -17.66 -37.26 -0.21
CA ALA B 373 -18.45 -38.14 0.63
C ALA B 373 -19.95 -38.05 0.33
N ARG B 374 -20.38 -37.00 -0.39
CA ARG B 374 -21.79 -36.81 -0.69
C ARG B 374 -22.04 -36.83 -2.20
N ALA B 375 -23.28 -37.14 -2.57
CA ALA B 375 -23.70 -37.22 -3.97
C ALA B 375 -24.04 -35.82 -4.50
N LEU B 376 -23.90 -35.66 -5.82
CA LEU B 376 -24.28 -34.43 -6.49
C LEU B 376 -25.80 -34.28 -6.48
N ALA B 377 -26.26 -33.01 -6.45
CA ALA B 377 -27.68 -32.70 -6.45
C ALA B 377 -28.26 -32.80 -7.85
N GLN B 378 -29.54 -33.20 -7.90
CA GLN B 378 -30.28 -33.36 -9.15
C GLN B 378 -31.32 -32.25 -9.27
N LEU B 379 -31.54 -31.78 -10.50
CA LEU B 379 -32.58 -30.81 -10.80
C LEU B 379 -33.70 -31.48 -11.60
N PRO B 380 -34.97 -31.40 -11.16
CA PRO B 380 -36.08 -31.92 -11.94
C PRO B 380 -36.34 -31.09 -13.19
N ILE B 381 -36.58 -31.79 -14.30
CA ILE B 381 -36.78 -31.14 -15.59
C ILE B 381 -38.02 -31.73 -16.28
N THR B 382 -38.56 -30.95 -17.24
CA THR B 382 -39.67 -31.33 -18.09
C THR B 382 -39.64 -30.45 -19.33
N ILE B 383 -40.70 -30.52 -20.15
CA ILE B 383 -40.80 -29.70 -21.34
C ILE B 383 -41.97 -28.73 -21.22
N ASP B 384 -41.86 -27.63 -21.97
CA ASP B 384 -42.88 -26.60 -22.05
C ASP B 384 -43.79 -26.93 -23.23
N GLU B 385 -44.96 -26.28 -23.27
CA GLU B 385 -45.96 -26.50 -24.30
C GLU B 385 -45.42 -26.21 -25.70
N ASP B 386 -44.37 -25.38 -25.80
CA ASP B 386 -43.76 -25.10 -27.10
C ASP B 386 -42.76 -26.18 -27.49
N GLY B 387 -42.17 -26.85 -26.49
CA GLY B 387 -41.19 -27.91 -26.74
C GLY B 387 -39.79 -27.56 -26.23
N TYR B 388 -39.71 -26.56 -25.35
CA TYR B 388 -38.45 -26.20 -24.71
C TYR B 388 -38.33 -26.86 -23.33
N LEU B 389 -37.08 -27.02 -22.88
CA LEU B 389 -36.79 -27.63 -21.59
C LEU B 389 -36.93 -26.59 -20.48
N VAL B 390 -37.66 -26.99 -19.43
CA VAL B 390 -37.87 -26.15 -18.25
C VAL B 390 -37.69 -27.02 -17.00
N ALA B 391 -37.77 -26.40 -15.82
CA ALA B 391 -37.59 -27.07 -14.54
C ALA B 391 -38.94 -27.28 -13.85
N ASN B 392 -39.01 -28.32 -13.00
CA ASN B 392 -40.16 -28.57 -12.15
C ASN B 392 -39.91 -28.08 -10.71
N GLY B 393 -39.20 -26.96 -10.58
CA GLY B 393 -38.77 -26.47 -9.28
C GLY B 393 -37.25 -26.64 -9.09
N ASP B 394 -36.77 -26.17 -7.94
CA ASP B 394 -35.34 -26.20 -7.65
C ASP B 394 -34.99 -27.53 -6.99
N PHE B 395 -33.74 -27.62 -6.55
CA PHE B 395 -33.21 -28.78 -5.86
C PHE B 395 -33.92 -28.94 -4.52
N VAL B 396 -33.88 -30.16 -3.99
CA VAL B 396 -34.52 -30.47 -2.72
C VAL B 396 -33.45 -30.60 -1.63
N GLU B 397 -32.26 -30.06 -1.91
CA GLU B 397 -31.18 -30.00 -0.95
C GLU B 397 -30.23 -28.87 -1.33
N PRO B 398 -29.44 -28.34 -0.38
CA PRO B 398 -28.40 -27.35 -0.70
C PRO B 398 -27.34 -27.91 -1.64
N VAL B 399 -26.84 -27.03 -2.52
CA VAL B 399 -25.83 -27.41 -3.49
C VAL B 399 -24.52 -26.71 -3.16
N GLY B 400 -23.42 -27.35 -3.55
CA GLY B 400 -22.09 -26.83 -3.31
C GLY B 400 -21.42 -27.49 -2.11
N PRO B 401 -20.32 -26.90 -1.57
CA PRO B 401 -19.65 -27.45 -0.40
C PRO B 401 -20.55 -27.40 0.83
N ALA B 402 -20.16 -28.17 1.85
CA ALA B 402 -20.92 -28.27 3.08
C ALA B 402 -20.45 -27.25 4.11
N PHE B 403 -21.19 -27.17 5.20
CA PHE B 403 -20.92 -26.28 6.32
C PHE B 403 -21.52 -26.89 7.56
N TRP B 404 -21.28 -26.25 8.72
CA TRP B 404 -21.55 -26.83 10.02
C TRP B 404 -23.03 -27.16 10.21
N GLU B 405 -23.92 -26.24 9.82
CA GLU B 405 -25.34 -26.36 10.08
C GLU B 405 -26.07 -26.88 8.85
N ARG B 406 -25.43 -27.77 8.08
CA ARG B 406 -26.05 -28.41 6.94
C ARG B 406 -26.65 -29.75 7.40
N LYS B 407 -27.73 -30.15 6.71
CA LYS B 407 -28.48 -31.39 6.89
C LYS B 407 -29.49 -31.28 8.04
N SER B 408 -30.40 -32.26 8.12
CA SER B 408 -31.40 -32.36 9.17
C SER B 408 -31.03 -33.50 10.13
N ASP C 4 43.95 15.47 -5.56
CA ASP C 4 44.05 16.12 -4.22
C ASP C 4 42.94 15.62 -3.30
N PHE C 5 42.74 14.29 -3.31
CA PHE C 5 41.69 13.68 -2.51
C PHE C 5 42.16 13.40 -1.09
N ALA C 6 43.47 13.51 -0.83
CA ALA C 6 43.99 13.31 0.51
C ALA C 6 43.54 14.44 1.43
N LYS C 7 43.54 15.66 0.88
CA LYS C 7 43.07 16.85 1.59
C LYS C 7 41.54 16.90 1.62
N LEU C 8 40.90 16.29 0.63
CA LEU C 8 39.45 16.29 0.53
C LEU C 8 38.84 15.34 1.56
N ALA C 9 39.46 14.17 1.75
CA ALA C 9 38.95 13.16 2.67
C ALA C 9 39.32 13.45 4.12
N ALA C 10 40.41 14.19 4.33
CA ALA C 10 40.87 14.56 5.66
C ALA C 10 40.02 15.68 6.26
N ALA C 11 39.30 16.44 5.43
CA ALA C 11 38.48 17.56 5.89
C ALA C 11 37.05 17.09 6.19
N GLN C 12 36.52 16.20 5.34
CA GLN C 12 35.18 15.66 5.51
C GLN C 12 35.13 14.57 6.57
N GLY C 13 36.28 14.06 7.02
CA GLY C 13 36.37 13.10 8.09
C GLY C 13 36.35 13.78 9.45
N ASP C 14 36.97 14.96 9.52
CA ASP C 14 37.03 15.75 10.75
C ASP C 14 35.67 16.37 11.05
N ALA C 15 34.95 16.76 9.98
CA ALA C 15 33.62 17.35 10.09
C ALA C 15 32.61 16.37 10.70
N ILE C 16 32.84 15.06 10.52
CA ILE C 16 31.92 14.05 11.00
C ILE C 16 32.26 13.71 12.45
N ASP C 17 33.54 13.63 12.79
CA ASP C 17 33.97 13.27 14.14
C ASP C 17 33.68 14.38 15.14
N SER C 18 33.69 15.64 14.70
CA SER C 18 33.48 16.77 15.60
C SER C 18 31.99 16.96 15.93
N ARG C 19 31.10 16.26 15.22
CA ARG C 19 29.66 16.45 15.36
C ARG C 19 28.97 15.24 15.99
N TYR C 20 29.43 14.03 15.66
CA TYR C 20 28.79 12.80 16.13
C TYR C 20 29.75 11.90 16.90
N HIS C 21 31.07 12.17 16.78
CA HIS C 21 32.16 11.42 17.37
C HIS C 21 31.93 9.91 17.29
N PRO C 22 31.74 9.30 16.08
CA PRO C 22 31.54 7.85 15.98
C PRO C 22 32.82 7.11 15.62
N SER C 23 33.91 7.41 16.35
CA SER C 23 35.20 6.82 16.02
C SER C 23 35.29 5.38 16.53
N ALA C 24 35.16 5.22 17.85
CA ALA C 24 35.24 3.91 18.49
C ALA C 24 34.11 3.00 18.01
N ALA C 25 32.92 3.59 17.78
CA ALA C 25 31.74 2.82 17.43
C ALA C 25 31.87 2.19 16.05
N VAL C 26 32.47 2.93 15.09
CA VAL C 26 32.63 2.37 13.76
C VAL C 26 33.91 1.54 13.66
N ARG C 27 34.92 1.86 14.49
CA ARG C 27 36.15 1.12 14.52
C ARG C 27 35.88 -0.30 15.03
N ARG C 28 34.92 -0.43 15.95
CA ARG C 28 34.50 -1.74 16.44
C ARG C 28 33.85 -2.56 15.33
N GLN C 29 33.03 -1.90 14.50
CA GLN C 29 32.28 -2.58 13.46
C GLN C 29 33.18 -2.96 12.28
N LEU C 30 34.31 -2.24 12.09
CA LEU C 30 35.24 -2.58 11.02
C LEU C 30 36.10 -3.80 11.37
N ASN C 31 36.12 -4.18 12.66
CA ASN C 31 37.01 -5.24 13.14
C ASN C 31 36.25 -6.52 13.49
N LYS C 32 34.94 -6.57 13.21
CA LYS C 32 34.16 -7.77 13.48
C LYS C 32 34.64 -8.91 12.57
N VAL C 33 34.80 -10.08 13.17
CA VAL C 33 35.33 -11.24 12.45
C VAL C 33 34.17 -12.17 12.12
N PHE C 34 34.15 -12.66 10.87
CA PHE C 34 33.12 -13.57 10.40
C PHE C 34 33.75 -14.85 9.85
N PRO C 35 33.22 -16.04 10.22
CA PRO C 35 33.72 -17.30 9.66
C PRO C 35 33.48 -17.38 8.17
N THR C 36 34.44 -17.98 7.46
CA THR C 36 34.39 -18.11 6.02
C THR C 36 34.08 -19.55 5.65
N HIS C 37 32.79 -19.88 5.61
CA HIS C 37 32.33 -21.18 5.16
C HIS C 37 31.23 -20.98 4.12
N TRP C 38 31.26 -21.78 3.06
CA TRP C 38 30.29 -21.65 1.98
C TRP C 38 28.86 -21.75 2.52
N SER C 39 28.66 -22.67 3.46
CA SER C 39 27.34 -22.99 3.99
C SER C 39 26.70 -21.81 4.70
N PHE C 40 27.51 -20.84 5.15
CA PHE C 40 26.99 -19.67 5.84
C PHE C 40 26.56 -18.57 4.88
N LEU C 41 26.70 -18.80 3.57
CA LEU C 41 26.23 -17.84 2.57
C LEU C 41 24.80 -18.15 2.13
N LEU C 42 24.18 -19.21 2.68
CA LEU C 42 22.85 -19.61 2.26
C LEU C 42 21.79 -18.60 2.73
N GLY C 43 22.06 -17.93 3.84
CA GLY C 43 21.06 -17.10 4.49
C GLY C 43 20.83 -15.78 3.77
N GLU C 44 21.89 -15.25 3.16
CA GLU C 44 21.85 -13.94 2.54
C GLU C 44 21.18 -13.99 1.18
N ILE C 45 21.20 -15.13 0.50
CA ILE C 45 20.52 -15.26 -0.79
C ILE C 45 19.07 -14.83 -0.64
N ALA C 46 18.37 -15.43 0.33
CA ALA C 46 17.02 -15.03 0.68
C ALA C 46 16.93 -13.52 0.86
N LEU C 47 17.86 -12.94 1.63
CA LEU C 47 17.88 -11.49 1.84
C LEU C 47 18.00 -10.77 0.50
N TYR C 48 18.93 -11.21 -0.35
CA TYR C 48 19.11 -10.58 -1.65
C TYR C 48 17.90 -10.79 -2.54
N SER C 49 17.13 -11.85 -2.28
CA SER C 49 15.90 -12.11 -3.02
C SER C 49 14.79 -11.18 -2.56
N PHE C 50 14.83 -10.77 -1.30
CA PHE C 50 13.79 -9.91 -0.73
C PHE C 50 13.89 -8.50 -1.30
N ILE C 51 15.11 -7.97 -1.39
CA ILE C 51 15.36 -6.62 -1.88
C ILE C 51 14.83 -6.48 -3.30
N ILE C 52 15.15 -7.46 -4.16
CA ILE C 52 14.70 -7.45 -5.54
C ILE C 52 13.17 -7.55 -5.59
N LEU C 53 12.57 -8.20 -4.59
CA LEU C 53 11.11 -8.29 -4.52
C LEU C 53 10.49 -6.94 -4.17
N LEU C 54 11.27 -6.08 -3.51
CA LEU C 54 10.78 -4.72 -3.11
C LEU C 54 10.87 -3.76 -4.31
N LEU C 55 12.04 -3.76 -4.98
CA LEU C 55 12.25 -2.87 -6.16
C LEU C 55 11.24 -3.21 -7.25
N THR C 56 11.00 -4.52 -7.47
CA THR C 56 10.03 -4.97 -8.51
C THR C 56 8.61 -4.70 -8.04
N GLY C 57 8.39 -4.72 -6.73
CA GLY C 57 7.05 -4.48 -6.15
C GLY C 57 6.65 -3.01 -6.25
N VAL C 58 7.65 -2.12 -6.32
CA VAL C 58 7.38 -0.65 -6.42
C VAL C 58 7.15 -0.28 -7.89
N TRP C 59 7.74 -1.05 -8.81
CA TRP C 59 7.59 -0.79 -10.27
C TRP C 59 6.24 -1.34 -10.75
N LEU C 60 5.67 -2.30 -10.01
CA LEU C 60 4.36 -2.90 -10.38
C LEU C 60 3.25 -2.24 -9.58
N THR C 61 3.55 -1.12 -8.92
CA THR C 61 2.54 -0.37 -8.11
C THR C 61 2.15 0.91 -8.84
N LEU C 62 2.77 1.17 -9.99
CA LEU C 62 2.49 2.36 -10.79
C LEU C 62 1.48 2.08 -11.90
N PHE C 63 1.08 0.80 -12.10
CA PHE C 63 0.26 0.45 -13.25
C PHE C 63 -0.93 -0.44 -12.91
N PHE C 64 -0.97 -0.99 -11.69
CA PHE C 64 -2.00 -1.96 -11.33
C PHE C 64 -3.24 -1.29 -10.74
N ASP C 65 -4.41 -1.83 -11.06
CA ASP C 65 -5.68 -1.36 -10.54
C ASP C 65 -6.47 -2.53 -9.98
N PRO C 66 -6.54 -2.67 -8.63
CA PRO C 66 -7.27 -3.77 -8.00
C PRO C 66 -8.76 -3.47 -7.89
N SER C 67 -9.55 -4.02 -8.82
CA SER C 67 -10.99 -3.83 -8.80
C SER C 67 -11.66 -4.98 -9.52
N MET C 68 -12.88 -5.32 -9.07
CA MET C 68 -13.67 -6.38 -9.66
C MET C 68 -14.73 -5.81 -10.62
N ALA C 69 -14.69 -4.50 -10.88
CA ALA C 69 -15.64 -3.89 -11.80
C ALA C 69 -15.46 -4.50 -13.20
N HIS C 70 -16.55 -5.05 -13.73
CA HIS C 70 -16.50 -5.79 -14.98
C HIS C 70 -16.53 -4.84 -16.17
N VAL C 71 -15.65 -5.11 -17.14
CA VAL C 71 -15.47 -4.28 -18.32
C VAL C 71 -15.33 -5.18 -19.55
N THR C 72 -15.27 -4.55 -20.72
CA THR C 72 -14.99 -5.22 -21.98
C THR C 72 -13.61 -4.76 -22.47
N TYR C 73 -12.83 -5.71 -22.97
CA TYR C 73 -11.40 -5.53 -23.16
C TYR C 73 -11.09 -4.43 -24.18
N ASP C 74 -11.36 -4.70 -25.45
CA ASP C 74 -11.10 -3.78 -26.55
C ASP C 74 -9.69 -3.21 -26.46
N GLY C 75 -8.68 -4.09 -26.55
CA GLY C 75 -7.30 -3.69 -26.40
C GLY C 75 -6.45 -4.09 -27.61
N VAL C 76 -5.16 -4.37 -27.39
CA VAL C 76 -4.26 -4.68 -28.48
C VAL C 76 -4.19 -6.19 -28.72
N TYR C 77 -4.40 -6.99 -27.66
CA TYR C 77 -4.31 -8.44 -27.78
C TYR C 77 -5.60 -8.96 -28.39
N GLN C 78 -5.48 -9.50 -29.62
CA GLN C 78 -6.62 -9.80 -30.46
C GLN C 78 -7.41 -11.02 -29.99
N PRO C 79 -6.78 -12.14 -29.55
CA PRO C 79 -7.56 -13.30 -29.10
C PRO C 79 -8.54 -13.10 -27.94
N LEU C 80 -8.44 -11.97 -27.23
CA LEU C 80 -9.36 -11.68 -26.14
C LEU C 80 -10.16 -10.41 -26.42
N ARG C 81 -10.44 -10.16 -27.70
CA ARG C 81 -11.11 -8.94 -28.11
C ARG C 81 -12.61 -9.10 -27.88
N GLY C 82 -13.18 -8.31 -26.97
CA GLY C 82 -14.62 -8.35 -26.75
C GLY C 82 -15.06 -9.19 -25.55
N VAL C 83 -14.09 -9.85 -24.90
CA VAL C 83 -14.38 -10.71 -23.76
C VAL C 83 -14.61 -9.85 -22.52
N GLN C 84 -15.58 -10.26 -21.69
CA GLN C 84 -15.91 -9.53 -20.47
C GLN C 84 -15.00 -9.99 -19.34
N MET C 85 -14.21 -9.06 -18.79
CA MET C 85 -13.30 -9.38 -17.71
C MET C 85 -13.43 -8.36 -16.58
N SER C 86 -12.51 -8.43 -15.60
CA SER C 86 -12.46 -7.47 -14.51
C SER C 86 -11.37 -6.42 -14.76
N ARG C 87 -11.34 -5.39 -13.91
CA ARG C 87 -10.37 -4.31 -14.06
C ARG C 87 -8.96 -4.80 -13.72
N ALA C 88 -8.85 -5.72 -12.74
CA ALA C 88 -7.56 -6.25 -12.34
C ALA C 88 -6.90 -7.03 -13.48
N TYR C 89 -7.69 -7.89 -14.13
CA TYR C 89 -7.19 -8.70 -15.24
C TYR C 89 -6.79 -7.82 -16.42
N GLU C 90 -7.60 -6.81 -16.72
CA GLU C 90 -7.31 -5.89 -17.82
C GLU C 90 -6.01 -5.14 -17.56
N THR C 91 -5.82 -4.68 -16.33
CA THR C 91 -4.60 -3.95 -16.01
C THR C 91 -3.37 -4.87 -16.03
N ALA C 92 -3.56 -6.14 -15.63
CA ALA C 92 -2.48 -7.12 -15.70
C ALA C 92 -2.08 -7.39 -17.16
N LEU C 93 -3.07 -7.40 -18.07
CA LEU C 93 -2.79 -7.53 -19.49
C LEU C 93 -2.08 -6.28 -20.01
N ASP C 94 -2.50 -5.10 -19.53
CA ASP C 94 -1.90 -3.84 -19.94
C ASP C 94 -0.43 -3.76 -19.56
N ILE C 95 -0.10 -4.25 -18.35
CA ILE C 95 1.28 -4.22 -17.89
C ILE C 95 2.17 -5.01 -18.85
N SER C 96 1.67 -6.16 -19.30
CA SER C 96 2.46 -7.09 -20.10
C SER C 96 2.48 -6.72 -21.59
N PHE C 97 1.47 -5.99 -22.09
CA PHE C 97 1.38 -5.75 -23.52
C PHE C 97 1.54 -4.28 -23.92
N GLU C 98 1.29 -3.34 -23.00
CA GLU C 98 1.21 -1.93 -23.36
C GLU C 98 2.37 -1.11 -22.79
N VAL C 99 3.07 -1.63 -21.77
CA VAL C 99 4.16 -0.89 -21.15
C VAL C 99 5.48 -1.54 -21.57
N ARG C 100 6.43 -0.71 -22.02
CA ARG C 100 7.71 -1.19 -22.48
C ARG C 100 8.51 -1.77 -21.31
N GLY C 101 8.72 -3.08 -21.36
CA GLY C 101 9.49 -3.81 -20.38
C GLY C 101 8.69 -4.23 -19.14
N GLY C 102 7.35 -4.23 -19.22
CA GLY C 102 6.52 -4.65 -18.10
C GLY C 102 6.51 -6.16 -17.89
N LEU C 103 6.47 -6.91 -19.00
CA LEU C 103 6.48 -8.37 -18.96
C LEU C 103 7.77 -8.87 -18.28
N PHE C 104 8.90 -8.26 -18.65
CA PHE C 104 10.20 -8.60 -18.08
C PHE C 104 10.19 -8.36 -16.57
N VAL C 105 9.63 -7.22 -16.15
CA VAL C 105 9.63 -6.85 -14.74
C VAL C 105 8.79 -7.83 -13.93
N ARG C 106 7.59 -8.17 -14.43
CA ARG C 106 6.72 -9.07 -13.67
C ARG C 106 7.24 -10.50 -13.67
N GLN C 107 7.99 -10.86 -14.73
CA GLN C 107 8.63 -12.18 -14.77
C GLN C 107 9.75 -12.26 -13.73
N VAL C 108 10.53 -11.19 -13.60
CA VAL C 108 11.58 -11.13 -12.60
C VAL C 108 10.97 -11.17 -11.19
N HIS C 109 9.83 -10.50 -11.01
CA HIS C 109 9.12 -10.50 -9.74
C HIS C 109 8.76 -11.93 -9.33
N HIS C 110 8.17 -12.70 -10.26
CA HIS C 110 7.74 -14.06 -9.97
C HIS C 110 8.92 -14.99 -9.71
N TRP C 111 9.98 -14.85 -10.51
CA TRP C 111 11.17 -15.68 -10.35
C TRP C 111 11.83 -15.43 -9.00
N ALA C 112 11.92 -14.15 -8.60
CA ALA C 112 12.47 -13.79 -7.31
C ALA C 112 11.60 -14.34 -6.18
N ALA C 113 10.27 -14.35 -6.39
CA ALA C 113 9.35 -14.92 -5.42
C ALA C 113 9.64 -16.41 -5.19
N LEU C 114 9.95 -17.13 -6.27
CA LEU C 114 10.27 -18.55 -6.15
C LEU C 114 11.62 -18.74 -5.43
N MET C 115 12.62 -17.94 -5.81
CA MET C 115 13.95 -18.07 -5.23
C MET C 115 13.92 -17.79 -3.73
N PHE C 116 13.07 -16.84 -3.31
CA PHE C 116 12.94 -16.51 -1.91
C PHE C 116 12.60 -17.74 -1.07
N ALA C 117 11.54 -18.44 -1.48
CA ALA C 117 11.07 -19.62 -0.74
C ALA C 117 12.09 -20.76 -0.80
N ALA C 118 12.71 -20.98 -1.97
CA ALA C 118 13.68 -22.06 -2.11
C ALA C 118 14.86 -21.83 -1.17
N SER C 119 15.37 -20.59 -1.14
CA SER C 119 16.49 -20.22 -0.30
C SER C 119 16.14 -20.37 1.18
N ILE C 120 14.91 -19.99 1.56
CA ILE C 120 14.48 -20.13 2.94
C ILE C 120 14.49 -21.60 3.34
N MET C 121 14.03 -22.48 2.45
CA MET C 121 13.97 -23.90 2.74
C MET C 121 15.38 -24.47 2.95
N VAL C 122 16.32 -24.09 2.08
CA VAL C 122 17.68 -24.61 2.16
C VAL C 122 18.36 -24.11 3.43
N HIS C 123 18.15 -22.82 3.76
CA HIS C 123 18.71 -22.22 4.95
C HIS C 123 18.19 -22.92 6.20
N LEU C 124 16.87 -23.21 6.24
CA LEU C 124 16.26 -23.93 7.35
C LEU C 124 16.91 -25.30 7.51
N ALA C 125 17.14 -25.99 6.38
CA ALA C 125 17.77 -27.31 6.42
C ALA C 125 19.16 -27.21 7.05
N ARG C 126 19.93 -26.20 6.65
CA ARG C 126 21.27 -26.00 7.19
C ARG C 126 21.21 -25.78 8.70
N ILE C 127 20.32 -24.88 9.14
CA ILE C 127 20.22 -24.54 10.55
C ILE C 127 19.84 -25.78 11.36
N PHE C 128 18.89 -26.58 10.86
CA PHE C 128 18.43 -27.75 11.59
C PHE C 128 19.54 -28.79 11.71
N PHE C 129 20.24 -29.09 10.61
CA PHE C 129 21.12 -30.25 10.59
C PHE C 129 22.40 -30.06 11.40
N THR C 130 22.87 -28.82 11.53
CA THR C 130 24.12 -28.52 12.21
C THR C 130 23.92 -28.16 13.68
N GLY C 131 22.67 -28.09 14.14
CA GLY C 131 22.39 -27.80 15.54
C GLY C 131 22.67 -26.35 15.95
N ALA C 132 22.40 -25.41 15.03
CA ALA C 132 22.62 -23.99 15.28
C ALA C 132 21.46 -23.35 16.04
N PHE C 133 20.56 -24.17 16.60
CA PHE C 133 19.35 -23.69 17.24
C PHE C 133 19.34 -23.96 18.75
N ARG C 134 20.42 -24.52 19.28
CA ARG C 134 20.40 -25.11 20.61
C ARG C 134 20.29 -24.08 21.72
N ARG C 135 21.37 -23.30 21.93
CA ARG C 135 21.41 -22.28 22.97
C ARG C 135 22.66 -21.43 22.77
N PRO C 136 22.59 -20.08 22.89
CA PRO C 136 21.37 -19.34 23.21
C PRO C 136 20.57 -18.80 22.02
N ARG C 137 20.30 -19.67 21.05
CA ARG C 137 19.74 -19.26 19.76
C ARG C 137 18.41 -19.94 19.46
N GLU C 138 17.49 -19.89 20.42
CA GLU C 138 16.17 -20.52 20.20
C GLU C 138 15.19 -19.50 19.62
N ALA C 139 15.22 -18.28 20.18
CA ALA C 139 14.32 -17.22 19.76
C ALA C 139 14.49 -16.89 18.28
N ASN C 140 15.73 -17.03 17.79
CA ASN C 140 16.07 -16.79 16.41
C ASN C 140 15.40 -17.83 15.51
N TRP C 141 15.42 -19.09 15.97
CA TRP C 141 14.74 -20.17 15.28
C TRP C 141 13.24 -19.86 15.16
N VAL C 142 12.64 -19.46 16.29
CA VAL C 142 11.21 -19.16 16.33
C VAL C 142 10.89 -18.06 15.31
N ILE C 143 11.70 -16.99 15.33
CA ILE C 143 11.48 -15.86 14.44
C ILE C 143 11.56 -16.32 12.99
N GLY C 144 12.57 -17.15 12.68
CA GLY C 144 12.70 -17.69 11.33
C GLY C 144 11.49 -18.51 10.92
N SER C 145 10.96 -19.31 11.85
CA SER C 145 9.77 -20.11 11.56
C SER C 145 8.59 -19.22 11.15
N LEU C 146 8.38 -18.14 11.90
CA LEU C 146 7.31 -17.20 11.61
C LEU C 146 7.54 -16.53 10.25
N LEU C 147 8.81 -16.25 9.95
CA LEU C 147 9.16 -15.66 8.67
C LEU C 147 8.75 -16.59 7.53
N LEU C 148 9.05 -17.89 7.69
CA LEU C 148 8.72 -18.88 6.66
C LEU C 148 7.21 -18.89 6.41
N ILE C 149 6.42 -18.93 7.49
CA ILE C 149 4.97 -18.97 7.36
C ILE C 149 4.47 -17.72 6.64
N LEU C 150 4.99 -16.55 7.05
CA LEU C 150 4.58 -15.28 6.45
C LEU C 150 4.98 -15.25 4.98
N ALA C 151 6.14 -15.83 4.63
CA ALA C 151 6.58 -15.84 3.23
C ALA C 151 5.63 -16.69 2.37
N MET C 152 5.15 -17.79 2.96
CA MET C 152 4.26 -18.68 2.24
C MET C 152 2.96 -17.96 1.91
N PHE C 153 2.38 -17.29 2.92
CA PHE C 153 1.12 -16.60 2.75
C PHE C 153 1.25 -15.34 1.89
N GLU C 154 2.42 -14.70 1.96
CA GLU C 154 2.69 -13.54 1.13
C GLU C 154 2.70 -13.94 -0.34
N GLY C 155 3.35 -15.08 -0.63
CA GLY C 155 3.45 -15.60 -1.99
C GLY C 155 2.09 -16.02 -2.53
N PHE C 156 1.24 -16.59 -1.65
CA PHE C 156 -0.06 -17.09 -2.05
C PHE C 156 -0.99 -15.94 -2.44
N PHE C 157 -0.93 -14.83 -1.70
CA PHE C 157 -1.76 -13.67 -1.97
C PHE C 157 -1.30 -12.90 -3.20
N GLY C 158 -0.11 -13.20 -3.72
CA GLY C 158 0.49 -12.42 -4.80
C GLY C 158 -0.03 -12.78 -6.20
N TYR C 159 -0.07 -14.08 -6.50
CA TYR C 159 -0.49 -14.54 -7.80
C TYR C 159 -2.01 -14.67 -7.91
N SER C 160 -2.72 -14.35 -6.83
CA SER C 160 -4.18 -14.29 -6.81
C SER C 160 -4.73 -12.93 -7.25
N LEU C 161 -3.83 -11.96 -7.49
CA LEU C 161 -4.21 -10.59 -7.82
C LEU C 161 -4.66 -10.44 -9.27
N PRO C 162 -3.99 -11.04 -10.29
CA PRO C 162 -4.45 -10.90 -11.67
C PRO C 162 -5.86 -11.39 -11.97
N ASP C 163 -6.41 -12.25 -11.10
CA ASP C 163 -7.78 -12.73 -11.20
C ASP C 163 -8.01 -13.46 -12.52
N ASP C 164 -7.18 -14.47 -12.77
CA ASP C 164 -7.29 -15.35 -13.92
C ASP C 164 -7.99 -16.64 -13.51
N LEU C 165 -8.00 -17.63 -14.40
CA LEU C 165 -8.75 -18.85 -14.18
C LEU C 165 -8.09 -19.73 -13.12
N LEU C 166 -6.75 -19.88 -13.21
CA LEU C 166 -5.98 -20.68 -12.28
C LEU C 166 -6.11 -20.15 -10.86
N SER C 167 -5.80 -18.85 -10.67
CA SER C 167 -5.82 -18.26 -9.34
C SER C 167 -7.23 -18.27 -8.76
N GLY C 168 -8.23 -18.02 -9.62
CA GLY C 168 -9.60 -18.00 -9.16
C GLY C 168 -10.05 -19.38 -8.69
N THR C 169 -9.72 -20.42 -9.46
CA THR C 169 -10.07 -21.78 -9.09
C THR C 169 -9.36 -22.19 -7.80
N GLY C 170 -8.11 -21.77 -7.65
CA GLY C 170 -7.33 -22.06 -6.46
C GLY C 170 -7.92 -21.40 -5.21
N ILE C 171 -8.32 -20.13 -5.35
CA ILE C 171 -8.81 -19.36 -4.21
C ILE C 171 -10.23 -19.77 -3.84
N ARG C 172 -11.01 -20.27 -4.80
CA ARG C 172 -12.35 -20.76 -4.50
C ARG C 172 -12.27 -22.03 -3.65
N ALA C 173 -11.31 -22.91 -3.96
CA ALA C 173 -11.19 -24.20 -3.32
C ALA C 173 -10.45 -24.11 -1.98
N ALA C 174 -9.38 -23.30 -1.91
CA ALA C 174 -8.57 -23.21 -0.70
C ALA C 174 -9.12 -22.21 0.33
N LEU C 175 -9.33 -20.96 -0.08
CA LEU C 175 -9.65 -19.89 0.86
C LEU C 175 -11.14 -19.85 1.19
N SER C 176 -11.99 -20.47 0.36
CA SER C 176 -13.44 -20.41 0.54
C SER C 176 -14.00 -21.76 0.99
N GLY C 177 -13.60 -22.83 0.32
CA GLY C 177 -14.10 -24.17 0.61
C GLY C 177 -13.64 -24.66 1.99
N ILE C 178 -12.36 -24.46 2.29
CA ILE C 178 -11.78 -24.92 3.54
C ILE C 178 -12.31 -24.07 4.69
N THR C 179 -12.52 -22.77 4.44
CA THR C 179 -12.89 -21.82 5.48
C THR C 179 -14.22 -22.21 6.13
N MET C 180 -15.21 -22.58 5.29
CA MET C 180 -16.54 -22.88 5.80
C MET C 180 -16.69 -24.37 6.12
N GLY C 181 -15.65 -24.92 6.78
CA GLY C 181 -15.67 -26.30 7.26
C GLY C 181 -15.35 -26.39 8.75
N ILE C 182 -14.76 -25.32 9.31
CA ILE C 182 -14.40 -25.29 10.72
C ILE C 182 -15.66 -25.44 11.58
N PRO C 183 -15.66 -26.35 12.57
CA PRO C 183 -16.89 -26.76 13.25
C PRO C 183 -17.83 -25.66 13.77
N VAL C 184 -17.38 -24.79 14.66
CA VAL C 184 -18.32 -23.82 15.22
C VAL C 184 -18.35 -22.58 14.34
N ILE C 185 -17.20 -21.91 14.21
CA ILE C 185 -17.08 -20.71 13.40
C ILE C 185 -16.64 -21.12 12.00
N GLY C 186 -17.63 -21.53 11.19
CA GLY C 186 -17.39 -21.93 9.82
C GLY C 186 -17.90 -20.90 8.82
N THR C 187 -19.13 -20.41 9.04
CA THR C 187 -19.81 -19.53 8.11
C THR C 187 -19.67 -18.08 8.52
N TRP C 188 -19.55 -17.82 9.83
CA TRP C 188 -19.31 -16.49 10.36
C TRP C 188 -17.97 -15.93 9.88
N MET C 189 -16.93 -16.77 9.92
CA MET C 189 -15.59 -16.37 9.52
C MET C 189 -15.53 -16.14 8.01
N HIS C 190 -16.23 -16.99 7.25
CA HIS C 190 -16.31 -16.86 5.81
C HIS C 190 -16.93 -15.52 5.40
N TRP C 191 -18.04 -15.18 6.04
CA TRP C 191 -18.75 -13.94 5.75
C TRP C 191 -18.02 -12.72 6.27
N ALA C 192 -17.17 -12.89 7.30
CA ALA C 192 -16.35 -11.80 7.78
C ALA C 192 -15.20 -11.52 6.81
N LEU C 193 -14.61 -12.59 6.24
CA LEU C 193 -13.49 -12.44 5.33
C LEU C 193 -13.97 -11.89 3.99
N PHE C 194 -15.04 -12.46 3.43
CA PHE C 194 -15.47 -12.10 2.08
C PHE C 194 -16.49 -10.98 2.06
N GLY C 195 -17.05 -10.63 3.22
CA GLY C 195 -18.09 -9.61 3.30
C GLY C 195 -19.39 -10.04 2.61
N GLY C 196 -19.67 -11.35 2.67
CA GLY C 196 -20.82 -11.94 2.02
C GLY C 196 -20.48 -13.33 1.48
N ASP C 197 -21.06 -13.67 0.32
CA ASP C 197 -20.79 -14.94 -0.33
C ASP C 197 -19.41 -14.92 -0.96
N PHE C 198 -19.05 -15.99 -1.69
CA PHE C 198 -17.69 -16.21 -2.15
C PHE C 198 -17.18 -15.05 -3.01
N PRO C 199 -17.77 -14.73 -4.19
CA PRO C 199 -17.11 -13.81 -5.12
C PRO C 199 -16.94 -12.44 -4.49
N GLY C 200 -18.07 -11.86 -4.07
CA GLY C 200 -18.12 -10.55 -3.44
C GLY C 200 -17.63 -9.44 -4.37
N GLU C 201 -17.22 -8.33 -3.75
CA GLU C 201 -16.79 -7.16 -4.50
C GLU C 201 -15.63 -6.43 -3.81
N ILE C 202 -15.09 -7.02 -2.74
CA ILE C 202 -14.11 -6.34 -1.91
C ILE C 202 -12.88 -7.20 -1.70
N LEU C 203 -12.84 -8.39 -2.31
CA LEU C 203 -11.79 -9.36 -2.02
C LEU C 203 -10.45 -8.94 -2.63
N ILE C 204 -10.45 -8.52 -3.90
CA ILE C 204 -9.21 -8.14 -4.57
C ILE C 204 -8.61 -6.89 -3.95
N PRO C 205 -9.35 -5.78 -3.69
CA PRO C 205 -8.79 -4.65 -2.96
C PRO C 205 -8.21 -5.00 -1.59
N ARG C 206 -8.89 -5.87 -0.85
CA ARG C 206 -8.44 -6.28 0.47
C ARG C 206 -7.13 -7.06 0.36
N LEU C 207 -7.06 -7.99 -0.60
CA LEU C 207 -5.85 -8.77 -0.81
C LEU C 207 -4.70 -7.88 -1.29
N TYR C 208 -5.01 -6.85 -2.09
CA TYR C 208 -3.99 -5.93 -2.56
C TYR C 208 -3.38 -5.16 -1.39
N ALA C 209 -4.24 -4.62 -0.53
CA ALA C 209 -3.80 -3.87 0.64
C ALA C 209 -3.01 -4.77 1.60
N LEU C 210 -3.40 -6.05 1.68
CA LEU C 210 -2.73 -7.00 2.55
C LEU C 210 -1.38 -7.42 1.98
N HIS C 211 -1.25 -7.44 0.64
CA HIS C 211 -0.06 -7.94 -0.04
C HIS C 211 1.03 -6.88 -0.17
N ILE C 212 0.65 -5.61 -0.34
CA ILE C 212 1.64 -4.58 -0.62
C ILE C 212 2.08 -3.82 0.62
N LEU C 213 1.29 -3.89 1.71
CA LEU C 213 1.53 -3.03 2.87
C LEU C 213 1.85 -3.81 4.14
N LEU C 214 0.95 -4.72 4.55
CA LEU C 214 0.97 -5.24 5.92
C LEU C 214 1.99 -6.36 6.07
N ILE C 215 1.84 -7.42 5.27
CA ILE C 215 2.69 -8.59 5.39
C ILE C 215 4.15 -8.22 5.08
N PRO C 216 4.46 -7.44 4.02
CA PRO C 216 5.85 -7.00 3.83
C PRO C 216 6.41 -6.18 4.98
N GLY C 217 5.57 -5.37 5.63
CA GLY C 217 5.99 -4.61 6.81
C GLY C 217 6.40 -5.50 7.97
N ILE C 218 5.56 -6.51 8.26
CA ILE C 218 5.85 -7.46 9.32
C ILE C 218 7.12 -8.25 8.97
N ILE C 219 7.26 -8.64 7.70
CA ILE C 219 8.42 -9.39 7.24
C ILE C 219 9.68 -8.55 7.43
N LEU C 220 9.62 -7.26 7.09
CA LEU C 220 10.75 -6.36 7.20
C LEU C 220 11.18 -6.23 8.67
N ALA C 221 10.21 -6.03 9.56
CA ALA C 221 10.50 -5.89 10.99
C ALA C 221 11.16 -7.17 11.53
N LEU C 222 10.61 -8.32 11.16
CA LEU C 222 11.10 -9.60 11.66
C LEU C 222 12.50 -9.89 11.12
N ILE C 223 12.76 -9.52 9.86
CA ILE C 223 14.07 -9.68 9.25
C ILE C 223 15.10 -8.80 9.98
N GLY C 224 14.70 -7.56 10.28
CA GLY C 224 15.56 -6.65 11.04
C GLY C 224 15.96 -7.23 12.39
N ALA C 225 14.97 -7.78 13.11
CA ALA C 225 15.21 -8.40 14.40
C ALA C 225 16.15 -9.59 14.27
N HIS C 226 15.91 -10.42 13.24
CA HIS C 226 16.72 -11.57 12.93
C HIS C 226 18.19 -11.18 12.76
N LEU C 227 18.42 -10.17 11.91
CA LEU C 227 19.79 -9.76 11.59
C LEU C 227 20.47 -9.12 12.80
N ALA C 228 19.72 -8.36 13.60
CA ALA C 228 20.27 -7.75 14.80
C ALA C 228 20.73 -8.82 15.79
N LEU C 229 19.90 -9.86 15.97
CA LEU C 229 20.25 -10.95 16.87
C LEU C 229 21.49 -11.70 16.37
N VAL C 230 21.58 -11.91 15.06
CA VAL C 230 22.72 -12.59 14.49
C VAL C 230 23.99 -11.76 14.70
N TRP C 231 23.87 -10.44 14.49
CA TRP C 231 25.01 -9.55 14.62
C TRP C 231 25.54 -9.51 16.05
N PHE C 232 24.64 -9.38 17.02
CA PHE C 232 25.05 -9.20 18.41
C PHE C 232 25.23 -10.50 19.17
N GLN C 233 25.02 -11.65 18.52
CA GLN C 233 25.18 -12.95 19.16
C GLN C 233 26.38 -13.72 18.59
N LYS C 234 27.15 -13.10 17.68
CA LYS C 234 28.46 -13.59 17.26
C LYS C 234 28.35 -14.99 16.65
N HIS C 235 28.02 -15.02 15.36
CA HIS C 235 27.82 -16.20 14.54
C HIS C 235 28.68 -17.41 14.91
N THR C 236 28.02 -18.55 15.11
CA THR C 236 28.68 -19.81 15.42
C THR C 236 29.74 -20.17 14.38
N GLN C 237 30.59 -21.12 14.76
CA GLN C 237 31.59 -21.64 13.85
C GLN C 237 31.61 -23.16 13.90
N PHE C 238 32.57 -23.77 13.19
CA PHE C 238 32.66 -25.25 13.12
C PHE C 238 33.97 -25.73 13.75
N PRO C 239 34.00 -26.98 14.30
CA PRO C 239 35.21 -27.52 14.92
C PRO C 239 36.34 -27.60 13.89
N GLY C 240 37.56 -27.19 14.29
CA GLY C 240 38.71 -27.21 13.41
C GLY C 240 39.97 -26.77 14.14
N PRO C 241 41.12 -26.64 13.43
CA PRO C 241 42.36 -26.21 14.06
C PRO C 241 42.31 -24.74 14.46
N GLY C 242 42.42 -24.50 15.78
CA GLY C 242 42.45 -23.16 16.34
C GLY C 242 41.07 -22.64 16.75
N ARG C 243 40.05 -23.50 16.72
CA ARG C 243 38.69 -23.10 17.06
C ARG C 243 38.34 -23.61 18.45
N THR C 244 37.80 -22.72 19.29
CA THR C 244 37.40 -23.06 20.64
C THR C 244 35.94 -22.65 20.87
N GLU C 245 35.46 -22.79 22.10
CA GLU C 245 34.10 -22.42 22.46
C GLU C 245 33.97 -20.92 22.71
N THR C 246 35.09 -20.19 22.73
CA THR C 246 35.07 -18.81 23.20
C THR C 246 35.79 -17.85 22.25
N ASN C 247 35.89 -18.21 20.97
CA ASN C 247 36.53 -17.35 20.00
C ASN C 247 35.86 -17.51 18.63
N VAL C 248 36.22 -16.62 17.69
CA VAL C 248 35.75 -16.68 16.32
C VAL C 248 36.98 -16.61 15.42
N VAL C 249 37.01 -17.46 14.40
CA VAL C 249 38.11 -17.49 13.43
C VAL C 249 37.53 -17.22 12.05
N GLY C 250 38.12 -16.25 11.36
CA GLY C 250 37.69 -15.86 10.03
C GLY C 250 38.43 -14.63 9.52
N VAL C 251 37.67 -13.66 8.98
CA VAL C 251 38.24 -12.45 8.45
C VAL C 251 37.45 -11.25 8.97
N ARG C 252 38.09 -10.08 8.96
CA ARG C 252 37.46 -8.84 9.37
C ARG C 252 36.51 -8.34 8.29
N VAL C 253 35.55 -7.51 8.69
CA VAL C 253 34.54 -6.97 7.80
C VAL C 253 35.20 -6.12 6.72
N MET C 254 36.14 -5.26 7.13
CA MET C 254 36.83 -4.38 6.20
C MET C 254 38.22 -4.93 5.91
N PRO C 255 38.60 -5.15 4.63
CA PRO C 255 37.69 -5.02 3.48
C PRO C 255 37.22 -6.30 2.81
N VAL C 256 37.57 -7.46 3.36
CA VAL C 256 37.43 -8.73 2.66
C VAL C 256 35.96 -9.17 2.62
N PHE C 257 35.28 -9.06 3.76
CA PHE C 257 33.92 -9.57 3.87
C PHE C 257 32.95 -8.74 3.02
N ALA C 258 33.13 -7.41 3.01
CA ALA C 258 32.21 -6.52 2.32
C ALA C 258 32.26 -6.71 0.81
N VAL C 259 33.47 -6.91 0.26
CA VAL C 259 33.65 -7.11 -1.16
C VAL C 259 32.97 -8.41 -1.59
N LYS C 260 33.15 -9.47 -0.79
CA LYS C 260 32.55 -10.76 -1.07
C LYS C 260 31.02 -10.66 -1.05
N SER C 261 30.47 -9.95 -0.05
CA SER C 261 29.03 -9.77 0.06
C SER C 261 28.47 -9.04 -1.16
N GLY C 262 29.15 -7.96 -1.56
CA GLY C 262 28.74 -7.16 -2.70
C GLY C 262 28.76 -7.97 -4.01
N ALA C 263 29.83 -8.75 -4.20
CA ALA C 263 29.97 -9.57 -5.39
C ALA C 263 28.89 -10.64 -5.44
N PHE C 264 28.58 -11.25 -4.29
CA PHE C 264 27.55 -12.27 -4.23
C PHE C 264 26.17 -11.68 -4.55
N PHE C 265 25.90 -10.48 -4.04
CA PHE C 265 24.66 -9.79 -4.34
C PHE C 265 24.55 -9.51 -5.84
N ALA C 266 25.65 -9.05 -6.44
CA ALA C 266 25.69 -8.74 -7.86
C ALA C 266 25.39 -10.00 -8.69
N MET C 267 25.99 -11.13 -8.30
CA MET C 267 25.82 -12.36 -9.06
C MET C 267 24.40 -12.92 -8.91
N ILE C 268 23.82 -12.78 -7.72
CA ILE C 268 22.43 -13.22 -7.51
C ILE C 268 21.49 -12.39 -8.39
N THR C 269 21.73 -11.07 -8.42
CA THR C 269 20.94 -10.19 -9.28
C THR C 269 21.09 -10.57 -10.74
N GLY C 270 22.32 -10.87 -11.16
CA GLY C 270 22.62 -11.29 -12.52
C GLY C 270 21.86 -12.55 -12.92
N VAL C 271 21.87 -13.55 -12.03
CA VAL C 271 21.21 -14.81 -12.28
C VAL C 271 19.70 -14.59 -12.40
N LEU C 272 19.13 -13.81 -11.48
CA LEU C 272 17.69 -13.57 -11.48
C LEU C 272 17.26 -12.83 -12.75
N GLY C 273 18.05 -11.82 -13.15
CA GLY C 273 17.76 -11.05 -14.34
C GLY C 273 17.88 -11.87 -15.63
N LEU C 274 18.90 -12.73 -15.67
CA LEU C 274 19.13 -13.60 -16.82
C LEU C 274 18.04 -14.65 -16.96
N MET C 275 17.51 -15.11 -15.83
CA MET C 275 16.51 -16.15 -15.78
C MET C 275 15.13 -15.60 -16.12
N GLY C 276 14.92 -14.31 -15.86
CA GLY C 276 13.62 -13.66 -16.07
C GLY C 276 13.40 -13.21 -17.51
N GLY C 277 14.39 -13.44 -18.39
CA GLY C 277 14.28 -13.05 -19.79
C GLY C 277 14.19 -14.25 -20.73
N LEU C 278 14.77 -15.37 -20.30
CA LEU C 278 14.92 -16.53 -21.17
C LEU C 278 13.87 -17.61 -20.88
N LEU C 279 13.15 -17.48 -19.76
CA LEU C 279 12.15 -18.48 -19.37
C LEU C 279 10.82 -17.80 -19.09
N THR C 280 9.75 -18.42 -19.58
CA THR C 280 8.40 -17.88 -19.44
C THR C 280 7.79 -18.37 -18.14
N ILE C 281 7.19 -17.45 -17.37
CA ILE C 281 6.47 -17.77 -16.16
C ILE C 281 5.15 -17.00 -16.15
N ASN C 282 4.07 -17.69 -15.75
CA ASN C 282 2.77 -17.12 -15.49
C ASN C 282 2.23 -16.37 -16.71
N PRO C 283 2.01 -17.02 -17.88
CA PRO C 283 1.38 -16.36 -19.02
C PRO C 283 -0.14 -16.28 -18.83
N ILE C 284 -0.62 -15.08 -18.46
CA ILE C 284 -2.01 -14.90 -18.08
C ILE C 284 -2.92 -14.75 -19.30
N TRP C 285 -2.35 -14.49 -20.48
CA TRP C 285 -3.18 -14.31 -21.66
C TRP C 285 -3.62 -15.64 -22.27
N ASN C 286 -2.83 -16.70 -22.04
CA ASN C 286 -3.20 -18.03 -22.49
C ASN C 286 -4.37 -18.60 -21.69
N LEU C 287 -4.54 -18.08 -20.46
CA LEU C 287 -5.69 -18.37 -19.62
C LEU C 287 -6.80 -17.38 -20.02
N GLY C 288 -7.86 -17.31 -19.23
CA GLY C 288 -8.87 -16.28 -19.42
C GLY C 288 -9.27 -15.67 -18.08
N PRO C 289 -10.23 -14.72 -18.09
CA PRO C 289 -10.82 -14.22 -16.85
C PRO C 289 -11.55 -15.33 -16.10
N TYR C 290 -11.59 -15.19 -14.78
CA TYR C 290 -12.19 -16.21 -13.92
C TYR C 290 -13.70 -16.23 -14.13
N LYS C 291 -14.22 -17.44 -14.36
CA LYS C 291 -15.65 -17.70 -14.50
C LYS C 291 -15.99 -18.90 -13.62
N PRO C 292 -17.08 -18.86 -12.84
CA PRO C 292 -17.49 -19.99 -12.00
C PRO C 292 -17.73 -21.29 -12.76
N SER C 293 -18.18 -21.18 -14.01
CA SER C 293 -18.54 -22.35 -14.82
C SER C 293 -17.44 -22.63 -15.86
N GLN C 294 -16.18 -22.51 -15.45
CA GLN C 294 -15.06 -22.85 -16.31
C GLN C 294 -13.91 -23.38 -15.46
N VAL C 295 -13.15 -24.30 -16.04
CA VAL C 295 -12.04 -24.96 -15.36
C VAL C 295 -11.10 -25.53 -16.41
N SER C 296 -9.85 -25.80 -15.99
CA SER C 296 -8.87 -26.47 -16.81
C SER C 296 -8.35 -27.72 -16.10
N ALA C 297 -7.29 -28.32 -16.64
CA ALA C 297 -6.83 -29.65 -16.23
C ALA C 297 -5.79 -29.58 -15.11
N GLY C 298 -4.88 -28.60 -15.18
CA GLY C 298 -3.73 -28.51 -14.30
C GLY C 298 -4.12 -28.25 -12.85
N SER C 299 -4.54 -27.01 -12.56
CA SER C 299 -4.95 -26.57 -11.23
C SER C 299 -3.85 -26.85 -10.21
N GLN C 300 -2.69 -26.20 -10.39
CA GLN C 300 -1.58 -26.36 -9.47
C GLN C 300 -1.28 -25.02 -8.81
N PRO C 301 -1.09 -24.99 -7.47
CA PRO C 301 -0.48 -23.83 -6.82
C PRO C 301 1.04 -23.81 -6.99
N ASP C 302 1.66 -22.76 -6.46
CA ASP C 302 3.11 -22.63 -6.50
C ASP C 302 3.74 -23.68 -5.58
N PHE C 303 5.01 -24.01 -5.84
CA PHE C 303 5.63 -25.19 -5.26
C PHE C 303 5.67 -25.12 -3.73
N TYR C 304 5.68 -23.92 -3.15
CA TYR C 304 5.72 -23.78 -1.71
C TYR C 304 4.35 -24.03 -1.07
N MET C 305 3.31 -24.16 -1.89
CA MET C 305 1.96 -24.44 -1.40
C MET C 305 1.48 -25.83 -1.81
N MET C 306 2.36 -26.62 -2.45
CA MET C 306 1.95 -27.85 -3.10
C MET C 306 1.67 -28.96 -2.09
N TRP C 307 2.36 -28.95 -0.95
CA TRP C 307 2.20 -30.02 0.03
C TRP C 307 0.82 -29.93 0.69
N THR C 308 0.34 -28.71 0.91
CA THR C 308 -0.99 -28.48 1.46
C THR C 308 -2.07 -29.01 0.52
N ASP C 309 -1.87 -28.82 -0.80
CA ASP C 309 -2.84 -29.25 -1.79
C ASP C 309 -2.79 -30.77 -1.97
N GLY C 310 -1.59 -31.34 -1.84
CA GLY C 310 -1.40 -32.79 -1.95
C GLY C 310 -1.95 -33.54 -0.74
N LEU C 311 -1.98 -32.89 0.44
CA LEU C 311 -2.56 -33.49 1.63
C LEU C 311 -4.07 -33.67 1.45
N ILE C 312 -4.71 -32.74 0.73
CA ILE C 312 -6.14 -32.79 0.50
C ILE C 312 -6.47 -33.97 -0.42
N ARG C 313 -5.62 -34.20 -1.42
CA ARG C 313 -5.88 -35.20 -2.46
C ARG C 313 -5.76 -36.63 -1.90
N LEU C 314 -5.00 -36.82 -0.82
CA LEU C 314 -4.64 -38.15 -0.36
C LEU C 314 -5.43 -38.60 0.86
N TRP C 315 -5.92 -37.66 1.68
CA TRP C 315 -6.67 -38.04 2.88
C TRP C 315 -8.01 -38.65 2.47
N PRO C 316 -8.47 -39.73 3.14
CA PRO C 316 -9.76 -40.34 2.78
C PRO C 316 -10.98 -39.46 3.09
N ALA C 317 -12.13 -39.87 2.54
CA ALA C 317 -13.37 -39.15 2.69
C ALA C 317 -14.07 -39.60 3.98
N TRP C 318 -13.60 -39.05 5.11
CA TRP C 318 -14.15 -39.36 6.41
C TRP C 318 -14.90 -38.15 6.95
N GLU C 319 -16.21 -38.32 7.18
CA GLU C 319 -17.05 -37.24 7.67
C GLU C 319 -17.91 -37.74 8.83
N PHE C 320 -18.42 -36.78 9.61
CA PHE C 320 -19.28 -37.07 10.75
C PHE C 320 -20.52 -36.17 10.72
N TYR C 321 -21.64 -36.73 11.19
CA TYR C 321 -22.93 -36.07 11.10
C TYR C 321 -23.64 -36.11 12.45
N PRO C 322 -23.16 -35.37 13.48
CA PRO C 322 -23.83 -35.38 14.79
C PRO C 322 -24.96 -34.37 14.93
N PHE C 323 -26.15 -34.86 15.31
CA PHE C 323 -27.30 -34.05 15.67
C PHE C 323 -27.63 -33.03 14.58
N GLY C 324 -27.73 -33.52 13.33
CA GLY C 324 -28.10 -32.70 12.19
C GLY C 324 -27.06 -31.62 11.86
N HIS C 325 -25.78 -31.98 11.99
CA HIS C 325 -24.67 -31.13 11.61
C HIS C 325 -23.75 -31.89 10.67
N THR C 326 -22.68 -31.23 10.21
CA THR C 326 -21.75 -31.84 9.26
C THR C 326 -20.33 -31.43 9.61
N ILE C 327 -19.43 -32.42 9.62
CA ILE C 327 -17.99 -32.19 9.74
C ILE C 327 -17.33 -32.71 8.47
N PRO C 328 -17.03 -31.84 7.49
CA PRO C 328 -16.50 -32.28 6.20
C PRO C 328 -15.08 -32.84 6.25
N GLN C 329 -14.59 -33.30 5.11
CA GLN C 329 -13.24 -33.85 4.98
C GLN C 329 -12.20 -32.75 5.22
N GLY C 330 -12.49 -31.54 4.72
CA GLY C 330 -11.58 -30.41 4.77
C GLY C 330 -11.12 -30.01 6.18
N VAL C 331 -11.81 -30.52 7.20
CA VAL C 331 -11.43 -30.26 8.58
C VAL C 331 -10.09 -30.93 8.87
N TRP C 332 -9.93 -32.17 8.42
CA TRP C 332 -8.77 -32.98 8.73
C TRP C 332 -7.48 -32.27 8.32
N VAL C 333 -7.49 -31.55 7.19
CA VAL C 333 -6.29 -30.87 6.75
C VAL C 333 -6.06 -29.62 7.59
N ALA C 334 -7.12 -28.88 7.92
CA ALA C 334 -7.00 -27.65 8.68
C ALA C 334 -6.35 -27.89 10.04
N VAL C 335 -6.73 -29.00 10.69
CA VAL C 335 -6.09 -29.43 11.92
C VAL C 335 -4.67 -29.89 11.61
N GLY C 336 -4.49 -30.65 10.53
CA GLY C 336 -3.19 -31.19 10.15
C GLY C 336 -2.18 -30.10 9.83
N MET C 337 -2.62 -29.10 9.07
CA MET C 337 -1.75 -28.05 8.57
C MET C 337 -1.19 -27.21 9.72
N GLY C 338 -2.03 -26.93 10.72
CA GLY C 338 -1.59 -26.21 11.90
C GLY C 338 -0.84 -27.08 12.89
N LEU C 339 -0.76 -28.40 12.68
CA LEU C 339 -0.05 -29.30 13.58
C LEU C 339 1.42 -29.43 13.17
N VAL C 340 1.72 -29.34 11.88
CA VAL C 340 3.11 -29.33 11.43
C VAL C 340 3.78 -28.02 11.83
N PHE C 341 3.02 -26.91 11.79
CA PHE C 341 3.56 -25.62 12.20
C PHE C 341 3.93 -25.64 13.67
N ALA C 342 3.01 -26.11 14.52
CA ALA C 342 3.21 -26.11 15.97
C ALA C 342 4.43 -26.97 16.33
N LEU C 343 4.59 -28.10 15.64
CA LEU C 343 5.73 -28.98 15.87
C LEU C 343 7.03 -28.37 15.33
N LEU C 344 6.93 -27.40 14.41
CA LEU C 344 8.13 -26.80 13.84
C LEU C 344 8.66 -25.68 14.73
N ILE C 345 7.78 -24.81 15.24
CA ILE C 345 8.23 -23.67 16.02
C ILE C 345 8.85 -24.16 17.34
N ALA C 346 8.17 -25.09 18.00
CA ALA C 346 8.61 -25.55 19.31
C ALA C 346 9.35 -26.89 19.19
N TYR C 347 10.35 -26.93 18.31
CA TYR C 347 11.21 -28.11 18.22
C TYR C 347 12.37 -28.05 19.23
N PRO C 348 13.11 -26.93 19.34
CA PRO C 348 14.27 -26.88 20.25
C PRO C 348 13.93 -27.26 21.69
N PHE C 349 12.75 -26.85 22.16
CA PHE C 349 12.29 -27.16 23.50
C PHE C 349 12.00 -28.65 23.63
N ILE C 350 11.42 -29.26 22.59
CA ILE C 350 11.15 -30.69 22.58
C ILE C 350 12.46 -31.47 22.72
N GLU C 351 13.46 -31.10 21.92
CA GLU C 351 14.73 -31.81 21.94
C GLU C 351 15.48 -31.57 23.25
N LYS C 352 15.36 -30.35 23.79
CA LYS C 352 15.98 -30.01 25.06
C LYS C 352 15.37 -30.85 26.19
N LYS C 353 14.05 -31.08 26.12
CA LYS C 353 13.37 -31.89 27.12
C LYS C 353 13.72 -33.36 26.97
N VAL C 354 13.91 -33.82 25.72
CA VAL C 354 14.16 -35.23 25.47
C VAL C 354 15.58 -35.61 25.91
N THR C 355 16.58 -34.91 25.37
CA THR C 355 17.97 -35.25 25.62
C THR C 355 18.46 -34.71 26.96
N GLY C 356 17.73 -33.75 27.54
CA GLY C 356 18.07 -33.16 28.83
C GLY C 356 19.38 -32.39 28.80
N ASP C 357 19.63 -31.71 27.67
CA ASP C 357 20.86 -30.98 27.45
C ASP C 357 20.54 -29.52 27.14
N ASP C 358 21.17 -28.61 27.90
CA ASP C 358 21.20 -27.19 27.60
C ASP C 358 22.49 -26.61 28.19
N ALA C 359 23.53 -26.47 27.36
CA ALA C 359 24.86 -26.15 27.86
C ALA C 359 25.56 -25.07 27.04
N HIS C 360 24.79 -24.16 26.43
CA HIS C 360 25.31 -22.95 25.79
C HIS C 360 26.38 -23.29 24.74
N HIS C 361 25.95 -23.93 23.66
CA HIS C 361 26.86 -24.42 22.64
C HIS C 361 27.14 -23.31 21.63
N ASN C 362 28.42 -23.18 21.27
CA ASN C 362 28.87 -22.26 20.22
C ASN C 362 29.48 -22.99 19.03
N LEU C 363 29.86 -24.26 19.21
CA LEU C 363 30.47 -25.05 18.14
C LEU C 363 29.41 -25.94 17.50
N LEU C 364 29.42 -25.99 16.16
CA LEU C 364 28.43 -26.76 15.42
C LEU C 364 28.68 -28.26 15.52
N GLN C 365 27.73 -29.02 14.98
CA GLN C 365 27.84 -30.46 14.86
C GLN C 365 27.82 -30.87 13.39
N ARG C 366 28.64 -31.86 13.05
CA ARG C 366 28.48 -32.50 11.75
C ARG C 366 27.27 -33.42 11.81
N PRO C 367 26.39 -33.42 10.78
CA PRO C 367 25.23 -34.30 10.77
C PRO C 367 25.51 -35.78 10.97
N ARG C 368 26.72 -36.25 10.62
CA ARG C 368 27.05 -37.66 10.80
C ARG C 368 27.22 -38.01 12.28
N ASP C 369 27.48 -37.00 13.12
CA ASP C 369 27.74 -37.24 14.54
C ASP C 369 26.45 -37.33 15.36
N VAL C 370 25.33 -36.89 14.78
CA VAL C 370 24.04 -36.96 15.44
C VAL C 370 23.10 -37.79 14.58
N PRO C 371 23.05 -39.13 14.77
CA PRO C 371 22.27 -40.00 13.90
C PRO C 371 20.75 -39.85 13.99
N VAL C 372 20.24 -39.66 15.21
CA VAL C 372 18.80 -39.63 15.43
C VAL C 372 18.18 -38.38 14.81
N ARG C 373 18.81 -37.23 15.05
CA ARG C 373 18.32 -35.97 14.51
C ARG C 373 18.41 -35.98 12.97
N THR C 374 19.49 -36.53 12.44
CA THR C 374 19.67 -36.63 11.00
C THR C 374 18.57 -37.51 10.39
N ALA C 375 18.28 -38.63 11.04
CA ALA C 375 17.25 -39.54 10.56
C ALA C 375 15.87 -38.87 10.58
N ILE C 376 15.58 -38.11 11.65
CA ILE C 376 14.32 -37.41 11.78
C ILE C 376 14.16 -36.37 10.67
N GLY C 377 15.23 -35.61 10.42
CA GLY C 377 15.23 -34.61 9.36
C GLY C 377 15.02 -35.23 7.98
N SER C 378 15.69 -36.36 7.73
CA SER C 378 15.56 -37.08 6.47
C SER C 378 14.12 -37.57 6.27
N MET C 379 13.52 -38.08 7.35
CA MET C 379 12.15 -38.58 7.33
C MET C 379 11.18 -37.45 7.00
N ALA C 380 11.39 -36.28 7.61
CA ALA C 380 10.55 -35.12 7.37
C ALA C 380 10.67 -34.65 5.92
N ILE C 381 11.91 -34.64 5.40
CA ILE C 381 12.15 -34.22 4.02
C ILE C 381 11.47 -35.19 3.06
N ALA C 382 11.52 -36.49 3.37
CA ALA C 382 10.89 -37.50 2.53
C ALA C 382 9.38 -37.30 2.49
N LEU C 383 8.77 -37.03 3.65
CA LEU C 383 7.33 -36.80 3.71
C LEU C 383 6.96 -35.55 2.91
N TYR C 384 7.77 -34.49 3.03
CA TYR C 384 7.53 -33.26 2.29
C TYR C 384 7.59 -33.51 0.78
N LEU C 385 8.61 -34.24 0.33
CA LEU C 385 8.78 -34.51 -1.09
C LEU C 385 7.61 -35.32 -1.63
N LEU C 386 7.17 -36.32 -0.84
CA LEU C 386 6.06 -37.15 -1.30
C LEU C 386 4.77 -36.34 -1.39
N LEU C 387 4.51 -35.47 -0.40
CA LEU C 387 3.33 -34.63 -0.44
C LEU C 387 3.39 -33.65 -1.61
N THR C 388 4.59 -33.17 -1.94
CA THR C 388 4.76 -32.22 -3.03
C THR C 388 4.50 -32.90 -4.38
N PHE C 389 5.01 -34.12 -4.55
CA PHE C 389 4.84 -34.86 -5.79
C PHE C 389 3.42 -35.43 -5.94
N ALA C 390 2.66 -35.51 -4.85
CA ALA C 390 1.29 -35.99 -4.91
C ALA C 390 0.35 -34.94 -5.49
N CYS C 391 0.70 -33.66 -5.33
CA CYS C 391 -0.12 -32.54 -5.85
C CYS C 391 -0.10 -32.57 -7.39
N MET C 392 1.04 -32.96 -7.97
CA MET C 392 1.19 -33.03 -9.45
C MET C 392 1.12 -34.48 -9.89
N ASN C 393 0.09 -35.21 -9.44
CA ASN C 393 -0.08 -36.65 -9.79
C ASN C 393 -0.84 -36.75 -11.13
N ASP C 394 -1.52 -35.68 -11.52
CA ASP C 394 -2.30 -35.66 -12.80
C ASP C 394 -1.34 -35.34 -13.96
N ILE C 395 -0.27 -34.58 -13.68
CA ILE C 395 0.73 -34.21 -14.72
C ILE C 395 1.68 -35.39 -14.94
N ILE C 396 1.99 -36.13 -13.87
CA ILE C 396 2.92 -37.30 -13.94
C ILE C 396 2.18 -38.45 -14.63
N ALA C 397 0.88 -38.60 -14.37
CA ALA C 397 0.08 -39.65 -14.98
C ALA C 397 -0.11 -39.42 -16.48
N LEU C 398 -0.04 -38.16 -16.93
CA LEU C 398 -0.15 -37.86 -18.34
C LEU C 398 1.18 -38.07 -19.07
N LYS C 399 2.25 -37.43 -18.58
CA LYS C 399 3.55 -37.49 -19.23
C LYS C 399 4.19 -38.87 -19.11
N PHE C 400 4.12 -39.46 -17.93
CA PHE C 400 4.54 -40.83 -17.72
C PHE C 400 3.28 -41.70 -17.68
N HIS C 401 3.35 -42.85 -18.34
CA HIS C 401 2.18 -43.68 -18.57
C HIS C 401 1.88 -44.47 -17.31
N ILE C 402 1.04 -43.90 -16.43
CA ILE C 402 0.62 -44.55 -15.20
C ILE C 402 -0.81 -44.10 -14.92
N SER C 403 -1.61 -45.01 -14.34
CA SER C 403 -3.00 -44.74 -14.02
C SER C 403 -3.11 -43.60 -13.00
N LEU C 404 -4.13 -42.76 -13.20
CA LEU C 404 -4.42 -41.68 -12.26
C LEU C 404 -4.96 -42.24 -10.95
N ASN C 405 -5.69 -43.37 -11.01
CA ASN C 405 -6.16 -44.04 -9.82
C ASN C 405 -5.00 -44.65 -9.03
N ALA C 406 -3.97 -45.11 -9.74
CA ALA C 406 -2.84 -45.80 -9.12
C ALA C 406 -1.97 -44.82 -8.33
N THR C 407 -1.85 -43.58 -8.82
CA THR C 407 -1.00 -42.58 -8.19
C THR C 407 -1.52 -42.21 -6.80
N THR C 408 -2.84 -42.12 -6.66
CA THR C 408 -3.47 -41.77 -5.40
C THR C 408 -3.15 -42.83 -4.34
N TRP C 409 -3.27 -44.11 -4.72
CA TRP C 409 -3.01 -45.20 -3.80
C TRP C 409 -1.52 -45.30 -3.49
N ILE C 410 -0.67 -45.03 -4.49
CA ILE C 410 0.78 -45.02 -4.29
C ILE C 410 1.13 -43.99 -3.21
N GLY C 411 0.60 -42.77 -3.37
CA GLY C 411 0.87 -41.71 -2.41
C GLY C 411 0.31 -42.03 -1.02
N ARG C 412 -0.91 -42.57 -1.00
CA ARG C 412 -1.62 -42.87 0.24
C ARG C 412 -0.85 -43.90 1.06
N ILE C 413 -0.37 -44.95 0.40
CA ILE C 413 0.38 -46.00 1.10
C ILE C 413 1.78 -45.49 1.44
N GLY C 414 2.38 -44.72 0.53
CA GLY C 414 3.73 -44.20 0.67
C GLY C 414 3.89 -43.28 1.88
N MET C 415 2.86 -42.48 2.18
CA MET C 415 2.94 -41.47 3.22
C MET C 415 3.01 -42.07 4.63
N VAL C 416 3.09 -43.41 4.72
CA VAL C 416 3.25 -44.06 6.00
C VAL C 416 4.43 -45.03 5.97
N VAL C 417 4.85 -45.41 4.75
CA VAL C 417 5.86 -46.43 4.56
C VAL C 417 7.22 -45.81 4.26
N LEU C 418 7.26 -44.87 3.30
CA LEU C 418 8.52 -44.30 2.84
C LEU C 418 9.30 -43.60 3.95
N PRO C 419 8.69 -42.75 4.82
CA PRO C 419 9.42 -42.16 5.95
C PRO C 419 10.15 -43.14 6.86
N ALA C 420 9.54 -44.31 7.12
CA ALA C 420 10.18 -45.30 8.00
C ALA C 420 11.46 -45.85 7.36
N ILE C 421 11.39 -46.13 6.05
CA ILE C 421 12.52 -46.63 5.30
C ILE C 421 13.63 -45.58 5.30
N VAL C 422 13.24 -44.31 5.10
CA VAL C 422 14.22 -43.24 5.05
C VAL C 422 14.92 -43.08 6.41
N TYR C 423 14.14 -43.20 7.50
CA TYR C 423 14.69 -43.11 8.84
C TYR C 423 15.77 -44.16 9.05
N PHE C 424 15.43 -45.42 8.75
CA PHE C 424 16.33 -46.53 8.95
C PHE C 424 17.62 -46.35 8.15
N VAL C 425 17.47 -46.01 6.87
CA VAL C 425 18.61 -45.88 5.97
C VAL C 425 19.51 -44.73 6.43
N ALA C 426 18.90 -43.60 6.84
CA ALA C 426 19.66 -42.44 7.28
C ALA C 426 20.46 -42.76 8.54
N TYR C 427 19.84 -43.47 9.50
CA TYR C 427 20.51 -43.85 10.73
C TYR C 427 21.75 -44.69 10.44
N ARG C 428 21.56 -45.73 9.63
CA ARG C 428 22.65 -46.65 9.30
C ARG C 428 23.76 -45.93 8.53
N TRP C 429 23.37 -45.06 7.61
CA TRP C 429 24.31 -44.33 6.77
C TRP C 429 25.18 -43.40 7.61
N ALA C 430 24.57 -42.72 8.59
CA ALA C 430 25.29 -41.83 9.48
C ALA C 430 26.31 -42.60 10.32
N ILE C 431 25.91 -43.76 10.86
CA ILE C 431 26.82 -44.56 11.67
C ILE C 431 27.98 -45.07 10.80
N SER C 432 27.68 -45.42 9.55
CA SER C 432 28.71 -45.90 8.65
C SER C 432 29.71 -44.80 8.29
N LEU C 433 29.22 -43.57 8.10
CA LEU C 433 30.11 -42.44 7.87
C LEU C 433 30.97 -42.15 9.09
N GLN C 434 30.43 -42.39 10.30
CA GLN C 434 31.24 -42.29 11.51
C GLN C 434 32.38 -43.31 11.47
N ARG C 435 32.04 -44.57 11.15
CA ARG C 435 33.01 -45.65 11.12
C ARG C 435 34.07 -45.42 10.04
N SER C 436 33.72 -44.66 8.99
CA SER C 436 34.66 -44.29 7.94
C SER C 436 35.79 -43.39 8.45
N ASP C 437 35.51 -42.61 9.49
CA ASP C 437 36.49 -41.67 10.03
C ASP C 437 37.46 -42.34 10.98
N ARG C 438 37.01 -43.41 11.64
CA ARG C 438 37.85 -44.13 12.60
C ARG C 438 38.91 -44.99 11.91
N GLU C 439 38.73 -45.25 10.61
CA GLU C 439 39.64 -46.08 9.85
C GLU C 439 40.88 -45.30 9.43
N VAL C 440 40.75 -43.98 9.25
CA VAL C 440 41.85 -43.15 8.77
C VAL C 440 42.67 -42.61 9.94
N LEU C 441 42.05 -42.38 11.10
CA LEU C 441 42.77 -41.95 12.30
C LEU C 441 43.64 -43.08 12.87
N GLU C 442 43.41 -44.32 12.43
CA GLU C 442 44.06 -45.50 12.99
C GLU C 442 45.13 -46.06 12.06
N HIS C 443 44.87 -46.03 10.74
CA HIS C 443 45.79 -46.62 9.77
C HIS C 443 46.43 -45.57 8.86
N GLY C 444 45.71 -44.50 8.56
CA GLY C 444 46.21 -43.46 7.66
C GLY C 444 45.47 -43.44 6.33
N VAL C 445 45.86 -42.49 5.48
CA VAL C 445 45.24 -42.31 4.18
C VAL C 445 45.78 -43.38 3.23
N GLU C 446 44.86 -44.07 2.55
CA GLU C 446 45.23 -45.08 1.57
C GLU C 446 45.65 -44.38 0.29
N THR C 447 46.91 -44.56 -0.11
CA THR C 447 47.46 -43.83 -1.25
C THR C 447 47.03 -44.44 -2.58
N GLY C 448 46.56 -45.69 -2.57
CA GLY C 448 46.12 -46.36 -3.78
C GLY C 448 47.28 -47.00 -4.56
N ILE C 449 48.33 -47.38 -3.82
CA ILE C 449 49.54 -47.93 -4.40
C ILE C 449 49.80 -49.28 -3.75
N ILE C 450 50.06 -50.30 -4.59
CA ILE C 450 50.32 -51.66 -4.14
C ILE C 450 51.81 -51.95 -4.26
N LYS C 451 52.33 -52.76 -3.32
CA LYS C 451 53.77 -52.87 -3.12
C LYS C 451 54.41 -54.16 -3.64
N ARG C 452 53.79 -55.33 -3.39
CA ARG C 452 54.27 -56.60 -3.90
C ARG C 452 55.66 -56.92 -3.35
N LEU C 453 55.70 -57.29 -2.07
CA LEU C 453 56.90 -57.59 -1.31
C LEU C 453 57.65 -58.78 -1.90
N PRO C 454 58.96 -58.97 -1.57
CA PRO C 454 59.75 -60.07 -2.12
C PRO C 454 59.17 -61.47 -1.97
N HIS C 455 58.49 -61.74 -0.85
CA HIS C 455 57.94 -63.05 -0.58
C HIS C 455 56.57 -63.25 -1.21
N GLY C 456 56.07 -62.24 -1.93
CA GLY C 456 54.86 -62.35 -2.72
C GLY C 456 53.61 -61.90 -1.98
N ALA C 457 53.79 -60.89 -1.10
CA ALA C 457 52.68 -60.30 -0.37
C ALA C 457 52.28 -58.97 -1.00
N TYR C 458 50.96 -58.72 -1.03
CA TYR C 458 50.43 -57.47 -1.54
C TYR C 458 49.96 -56.61 -0.36
N VAL C 459 50.50 -55.41 -0.28
CA VAL C 459 50.11 -54.43 0.72
C VAL C 459 49.87 -53.10 0.01
N GLU C 460 49.20 -52.18 0.71
CA GLU C 460 48.97 -50.82 0.24
C GLU C 460 49.74 -49.84 1.12
N LEU C 461 50.34 -48.83 0.47
CA LEU C 461 51.08 -47.82 1.20
C LEU C 461 50.11 -46.82 1.82
N HIS C 462 50.30 -46.58 3.12
CA HIS C 462 49.48 -45.63 3.87
C HIS C 462 50.32 -44.41 4.25
N GLN C 463 49.65 -43.25 4.30
CA GLN C 463 50.29 -42.01 4.70
C GLN C 463 49.80 -41.58 6.06
N PRO C 464 50.62 -41.75 7.13
CA PRO C 464 50.18 -41.38 8.48
C PRO C 464 49.93 -39.88 8.61
N LEU C 465 48.92 -39.54 9.43
CA LEU C 465 48.53 -38.15 9.65
C LEU C 465 49.19 -37.59 10.91
N GLY C 466 50.05 -38.36 11.56
CA GLY C 466 50.70 -37.90 12.78
C GLY C 466 52.03 -38.62 13.03
N PRO C 467 52.49 -38.68 14.29
CA PRO C 467 53.74 -39.36 14.63
C PRO C 467 53.66 -40.87 14.38
N VAL C 468 54.84 -41.45 14.14
CA VAL C 468 54.96 -42.86 13.80
C VAL C 468 55.64 -43.61 14.94
N ASP C 469 55.33 -44.90 15.04
CA ASP C 469 55.89 -45.78 16.05
C ASP C 469 57.22 -46.34 15.52
N GLU C 470 57.99 -46.98 16.41
CA GLU C 470 59.29 -47.52 16.06
C GLU C 470 59.19 -48.65 15.02
N HIS C 471 58.01 -49.26 14.90
CA HIS C 471 57.80 -50.34 13.96
C HIS C 471 57.25 -49.82 12.63
N GLY C 472 56.91 -48.53 12.58
CA GLY C 472 56.41 -47.92 11.36
C GLY C 472 54.90 -47.79 11.31
N HIS C 473 54.18 -48.48 12.22
CA HIS C 473 52.74 -48.35 12.31
C HIS C 473 52.41 -47.01 12.98
N PRO C 474 51.46 -46.23 12.44
CA PRO C 474 51.19 -44.90 13.00
C PRO C 474 50.56 -44.95 14.39
N ILE C 475 50.85 -43.91 15.18
CA ILE C 475 50.22 -43.73 16.47
C ILE C 475 48.76 -43.34 16.26
N PRO C 476 47.79 -44.02 16.90
CA PRO C 476 46.39 -43.65 16.77
C PRO C 476 46.12 -42.22 17.23
N LEU C 477 45.24 -41.54 16.48
CA LEU C 477 44.83 -40.17 16.82
C LEU C 477 43.41 -40.19 17.38
N GLU C 478 43.04 -39.09 18.05
CA GLU C 478 41.72 -38.93 18.62
C GLU C 478 40.85 -38.09 17.69
N TYR C 479 39.54 -38.38 17.72
CA TYR C 479 38.58 -37.62 16.94
C TYR C 479 38.31 -36.28 17.61
N ALA C 480 38.28 -35.21 16.81
CA ALA C 480 38.09 -33.86 17.32
C ALA C 480 36.94 -33.14 16.63
N GLY C 481 36.03 -33.89 16.00
CA GLY C 481 34.85 -33.32 15.37
C GLY C 481 35.14 -32.56 14.08
N ALA C 482 36.30 -32.84 13.46
CA ALA C 482 36.76 -32.11 12.28
C ALA C 482 36.89 -33.06 11.11
N PRO C 483 36.73 -32.58 9.85
CA PRO C 483 36.92 -33.43 8.68
C PRO C 483 38.36 -33.96 8.54
N LEU C 484 38.48 -35.06 7.80
CA LEU C 484 39.74 -35.73 7.59
C LEU C 484 40.00 -35.93 6.09
N PRO C 485 41.26 -35.84 5.63
CA PRO C 485 41.57 -36.09 4.22
C PRO C 485 41.46 -37.57 3.86
N LYS C 486 41.10 -37.85 2.59
CA LYS C 486 40.93 -39.21 2.10
C LYS C 486 41.55 -39.41 0.73
N ARG C 487 42.11 -38.34 0.15
CA ARG C 487 42.82 -38.43 -1.12
C ARG C 487 44.18 -37.76 -0.97
N MET C 488 45.19 -38.32 -1.63
CA MET C 488 46.55 -37.82 -1.50
C MET C 488 46.76 -36.55 -2.33
N ASN C 489 45.91 -36.30 -3.32
CA ASN C 489 46.02 -35.13 -4.17
C ASN C 489 45.58 -33.88 -3.41
N LYS C 490 44.74 -34.03 -2.39
CA LYS C 490 44.29 -32.92 -1.57
C LYS C 490 45.32 -32.53 -0.51
N LEU C 491 46.39 -33.32 -0.38
CA LEU C 491 47.45 -33.06 0.58
C LEU C 491 48.68 -32.45 -0.09
N GLY C 492 48.62 -32.23 -1.41
CA GLY C 492 49.68 -31.55 -2.14
C GLY C 492 50.58 -32.51 -2.91
N SER C 493 50.08 -33.74 -3.16
CA SER C 493 50.82 -34.67 -4.01
C SER C 493 50.62 -34.31 -5.48
N GLY C 494 51.13 -33.14 -5.87
CA GLY C 494 51.01 -32.64 -7.22
C GLY C 494 51.28 -31.14 -7.29
N GLY C 495 52.32 -30.77 -8.06
CA GLY C 495 52.72 -29.39 -8.21
C GLY C 495 51.99 -28.69 -9.35
N ALA C 496 52.31 -27.40 -9.51
CA ALA C 496 51.85 -26.61 -10.64
C ALA C 496 52.51 -27.11 -11.91
N PRO C 497 51.79 -27.18 -13.04
CA PRO C 497 52.37 -27.62 -14.31
C PRO C 497 53.53 -26.73 -14.76
N GLY C 498 53.54 -25.48 -14.32
CA GLY C 498 54.55 -24.53 -14.74
C GLY C 498 53.94 -23.15 -14.96
N THR C 499 54.64 -22.12 -14.45
CA THR C 499 54.21 -20.74 -14.61
C THR C 499 54.27 -20.36 -16.08
N GLY C 500 53.22 -19.67 -16.55
CA GLY C 500 53.13 -19.27 -17.94
C GLY C 500 51.69 -19.12 -18.37
N SER C 501 51.51 -18.80 -19.66
CA SER C 501 50.19 -18.72 -20.27
C SER C 501 49.68 -20.13 -20.56
N PHE C 502 48.58 -20.22 -21.29
CA PHE C 502 48.04 -21.53 -21.64
C PHE C 502 48.81 -22.15 -22.81
N LEU C 503 49.55 -21.33 -23.56
CA LEU C 503 50.21 -21.79 -24.78
C LEU C 503 51.73 -21.58 -24.75
N PHE C 504 52.21 -20.63 -23.92
CA PHE C 504 53.64 -20.33 -23.91
C PHE C 504 54.14 -20.23 -22.47
N PRO C 505 55.34 -20.78 -22.17
CA PRO C 505 55.91 -20.68 -20.83
C PRO C 505 56.62 -19.36 -20.56
N ASP C 506 56.91 -19.15 -19.28
CA ASP C 506 57.66 -18.00 -18.79
C ASP C 506 59.10 -18.41 -18.50
N PRO C 507 60.06 -17.47 -18.40
CA PRO C 507 61.42 -17.78 -17.95
C PRO C 507 61.43 -18.54 -16.62
N ALA C 508 62.39 -19.47 -16.48
CA ALA C 508 62.43 -20.43 -15.39
C ALA C 508 62.54 -19.73 -14.04
N VAL C 509 63.35 -18.67 -13.99
CA VAL C 509 63.66 -17.96 -12.75
C VAL C 509 62.37 -17.45 -12.08
N GLU C 510 61.45 -16.93 -12.89
CA GLU C 510 60.17 -16.44 -12.38
C GLU C 510 59.38 -17.57 -11.74
N HIS C 511 59.36 -18.73 -12.40
CA HIS C 511 58.62 -19.89 -11.90
C HIS C 511 59.21 -20.35 -10.56
N GLU C 512 60.54 -20.42 -10.47
CA GLU C 512 61.22 -20.86 -9.27
C GLU C 512 60.91 -19.91 -8.12
N ALA C 513 61.02 -18.60 -8.38
CA ALA C 513 60.78 -17.59 -7.35
C ALA C 513 59.33 -17.63 -6.87
N LEU C 514 58.38 -17.82 -7.79
CA LEU C 514 56.97 -17.83 -7.42
C LEU C 514 56.62 -19.08 -6.60
N THR C 515 57.23 -20.22 -6.97
CA THR C 515 57.00 -21.46 -6.24
C THR C 515 57.57 -21.36 -4.83
N GLU C 516 58.77 -20.77 -4.70
CA GLU C 516 59.40 -20.58 -3.41
C GLU C 516 58.54 -19.71 -2.50
N ALA C 517 58.02 -18.60 -3.04
CA ALA C 517 57.21 -17.66 -2.26
C ALA C 517 55.93 -18.32 -1.77
N ALA C 518 55.28 -19.08 -2.66
CA ALA C 518 54.01 -19.72 -2.34
C ALA C 518 54.21 -20.75 -1.23
N HIS C 519 55.27 -21.55 -1.35
CA HIS C 519 55.57 -22.59 -0.38
C HIS C 519 55.86 -21.99 0.98
N ALA C 520 56.65 -20.91 1.01
CA ALA C 520 57.00 -20.24 2.24
C ALA C 520 55.76 -19.63 2.92
N SER C 521 54.85 -19.08 2.09
CA SER C 521 53.61 -18.52 2.61
C SER C 521 52.72 -19.58 3.25
N GLU C 522 52.71 -20.79 2.64
CA GLU C 522 51.95 -21.89 3.22
C GLU C 522 52.53 -22.33 4.57
N HIS C 523 53.87 -22.38 4.65
CA HIS C 523 54.54 -22.67 5.91
C HIS C 523 54.15 -21.66 6.97
N LYS C 524 54.17 -20.36 6.62
CA LYS C 524 53.92 -19.32 7.61
C LYS C 524 52.50 -19.42 8.16
N SER C 525 51.52 -19.65 7.28
CA SER C 525 50.13 -19.72 7.69
C SER C 525 49.90 -20.91 8.64
N LEU C 526 50.44 -22.08 8.26
CA LEU C 526 50.28 -23.26 9.08
C LEU C 526 50.95 -23.08 10.44
N THR C 527 52.14 -22.47 10.44
CA THR C 527 52.90 -22.25 11.67
C THR C 527 52.14 -21.31 12.59
N ALA C 528 51.55 -20.25 12.03
CA ALA C 528 50.79 -19.29 12.82
C ALA C 528 49.60 -19.98 13.51
N LEU C 529 48.86 -20.79 12.74
CA LEU C 529 47.71 -21.51 13.29
C LEU C 529 48.16 -22.47 14.41
N LYS C 530 49.28 -23.17 14.17
CA LYS C 530 49.77 -24.14 15.14
C LYS C 530 50.21 -23.45 16.43
N GLU C 531 50.90 -22.32 16.30
CA GLU C 531 51.37 -21.56 17.46
C GLU C 531 50.20 -21.05 18.28
N HIS C 532 49.17 -20.53 17.60
CA HIS C 532 48.00 -20.02 18.31
C HIS C 532 47.27 -21.13 19.05
N GLN C 533 47.14 -22.29 18.38
CA GLN C 533 46.47 -23.45 18.97
C GLN C 533 47.26 -23.98 20.18
N ASP C 534 48.60 -23.90 20.11
CA ASP C 534 49.44 -24.37 21.20
C ASP C 534 49.38 -23.41 22.39
N ARG C 535 49.25 -22.11 22.14
CA ARG C 535 49.22 -21.14 23.23
C ARG C 535 47.86 -21.15 23.93
N ILE C 536 46.80 -21.53 23.20
CA ILE C 536 45.46 -21.50 23.76
C ILE C 536 45.37 -22.55 24.87
N HIS C 537 45.80 -23.78 24.56
CA HIS C 537 45.69 -24.90 25.49
C HIS C 537 47.02 -25.08 26.23
N GLY C 538 47.23 -24.23 27.25
CA GLY C 538 48.42 -24.28 28.09
C GLY C 538 48.09 -24.80 29.49
N MET D 1 56.60 -32.93 10.44
CA MET D 1 55.97 -33.66 9.31
C MET D 1 56.04 -32.81 8.04
N SER D 2 56.22 -33.47 6.89
CA SER D 2 56.30 -32.82 5.59
C SER D 2 54.93 -32.65 4.94
N SER D 3 53.86 -33.06 5.65
CA SER D 3 52.50 -32.91 5.19
C SER D 3 51.93 -31.53 5.53
N THR D 4 50.81 -31.21 4.89
CA THR D 4 50.15 -29.92 5.06
C THR D 4 49.10 -30.00 6.17
N GLN D 5 48.63 -31.21 6.48
CA GLN D 5 47.52 -31.44 7.41
C GLN D 5 47.84 -30.91 8.79
N ASP D 6 46.85 -30.24 9.39
CA ASP D 6 46.98 -29.71 10.75
C ASP D 6 45.99 -30.45 11.63
N ARG D 7 46.52 -31.10 12.68
CA ARG D 7 45.70 -31.83 13.64
C ARG D 7 44.92 -30.86 14.53
N SER D 8 43.65 -31.20 14.78
CA SER D 8 42.75 -30.36 15.57
C SER D 8 42.55 -30.96 16.95
N GLN D 9 42.50 -30.06 17.94
CA GLN D 9 42.20 -30.43 19.32
C GLN D 9 40.95 -29.66 19.75
N LEU D 10 39.99 -30.37 20.33
CA LEU D 10 38.69 -29.78 20.63
C LEU D 10 38.20 -30.19 22.01
N ASP D 11 37.40 -29.31 22.62
CA ASP D 11 36.73 -29.58 23.89
C ASP D 11 35.45 -28.75 24.00
N PRO D 12 34.30 -29.27 23.52
CA PRO D 12 33.01 -28.60 23.72
C PRO D 12 32.45 -28.79 25.13
N GLU D 13 31.25 -28.24 25.37
CA GLU D 13 30.63 -28.26 26.68
C GLU D 13 29.39 -29.16 26.66
N VAL D 28 23.30 -46.77 24.75
CA VAL D 28 24.28 -47.01 23.65
C VAL D 28 25.67 -46.64 24.13
N ASP D 29 26.68 -47.38 23.65
CA ASP D 29 28.07 -47.14 24.01
C ASP D 29 28.90 -46.87 22.75
N VAL D 30 30.16 -46.50 22.94
CA VAL D 30 31.04 -46.05 21.87
C VAL D 30 31.48 -47.21 20.96
N GLU D 31 31.11 -48.43 21.32
CA GLU D 31 31.45 -49.58 20.48
C GLU D 31 30.43 -49.77 19.36
N ASP D 32 29.19 -49.32 19.57
CA ASP D 32 28.14 -49.39 18.56
C ASP D 32 28.08 -48.10 17.75
N VAL D 33 28.10 -46.96 18.45
CA VAL D 33 28.15 -45.65 17.82
C VAL D 33 29.45 -44.99 18.23
N PRO D 34 30.48 -44.95 17.34
CA PRO D 34 31.78 -44.37 17.69
C PRO D 34 31.74 -42.98 18.33
N SER D 35 30.94 -42.07 17.74
CA SER D 35 30.80 -40.73 18.27
C SER D 35 29.49 -40.63 19.06
N ALA D 36 29.40 -41.42 20.13
CA ALA D 36 28.16 -41.50 20.91
C ALA D 36 28.01 -40.33 21.89
N GLU D 37 29.12 -39.64 22.20
CA GLU D 37 29.13 -38.57 23.19
C GLU D 37 29.20 -37.20 22.54
N TRP D 38 29.00 -37.15 21.21
CA TRP D 38 29.01 -35.90 20.46
C TRP D 38 27.61 -35.40 20.12
N GLY D 39 26.59 -36.24 20.31
CA GLY D 39 25.22 -35.84 20.05
C GLY D 39 24.23 -36.94 20.38
N TRP D 40 22.94 -36.64 20.15
CA TRP D 40 21.85 -37.55 20.42
C TRP D 40 21.93 -38.76 19.48
N SER D 41 22.13 -39.95 20.07
CA SER D 41 22.43 -41.13 19.27
C SER D 41 21.70 -42.37 19.79
N HIS D 42 20.54 -42.19 20.43
CA HIS D 42 19.76 -43.32 20.90
C HIS D 42 18.28 -42.97 20.92
N MET D 43 17.48 -43.75 20.17
CA MET D 43 16.03 -43.68 20.27
C MET D 43 15.54 -44.92 20.99
N PRO D 44 14.76 -44.80 22.09
CA PRO D 44 14.36 -45.97 22.88
C PRO D 44 13.47 -46.91 22.08
N ILE D 45 13.75 -48.21 22.20
CA ILE D 45 12.90 -49.23 21.61
C ILE D 45 11.56 -49.23 22.35
N GLY D 46 10.49 -49.54 21.62
CA GLY D 46 9.15 -49.41 22.16
C GLY D 46 8.40 -48.26 21.50
N VAL D 47 9.12 -47.18 21.22
CA VAL D 47 8.60 -46.11 20.38
C VAL D 47 8.43 -46.66 18.96
N MET D 48 9.43 -47.42 18.50
CA MET D 48 9.48 -47.90 17.14
C MET D 48 8.51 -49.07 16.94
N HIS D 49 8.41 -49.96 17.95
CA HIS D 49 7.48 -51.08 17.91
C HIS D 49 6.04 -50.59 17.85
N ILE D 50 5.70 -49.67 18.76
CA ILE D 50 4.34 -49.13 18.85
C ILE D 50 4.04 -48.32 17.60
N GLY D 51 5.04 -47.58 17.08
CA GLY D 51 4.89 -46.84 15.83
C GLY D 51 4.55 -47.76 14.67
N GLY D 52 5.25 -48.90 14.58
CA GLY D 52 5.00 -49.89 13.55
C GLY D 52 3.59 -50.47 13.63
N LEU D 53 3.18 -50.83 14.85
CA LEU D 53 1.85 -51.40 15.06
C LEU D 53 0.77 -50.39 14.69
N LEU D 54 0.99 -49.12 15.07
CA LEU D 54 0.02 -48.07 14.82
C LEU D 54 -0.09 -47.78 13.33
N SER D 55 1.06 -47.81 12.62
CA SER D 55 1.08 -47.62 11.18
C SER D 55 0.33 -48.75 10.47
N ALA D 56 0.51 -49.99 10.97
CA ALA D 56 -0.21 -51.13 10.43
C ALA D 56 -1.71 -50.95 10.62
N ALA D 57 -2.11 -50.45 11.81
CA ALA D 57 -3.51 -50.20 12.10
C ALA D 57 -4.09 -49.16 11.14
N PHE D 58 -3.31 -48.12 10.84
CA PHE D 58 -3.75 -47.07 9.93
C PHE D 58 -3.93 -47.61 8.51
N LEU D 59 -2.95 -48.41 8.06
CA LEU D 59 -3.03 -49.06 6.76
C LEU D 59 -4.29 -49.92 6.67
N LEU D 60 -4.62 -50.64 7.77
CA LEU D 60 -5.78 -51.51 7.78
C LEU D 60 -7.07 -50.71 7.77
N VAL D 61 -7.08 -49.56 8.46
CA VAL D 61 -8.31 -48.79 8.62
C VAL D 61 -8.63 -48.01 7.35
N MET D 62 -7.64 -47.76 6.49
CA MET D 62 -7.95 -47.02 5.28
C MET D 62 -8.77 -47.84 4.28
N MET D 63 -9.21 -49.04 4.66
CA MET D 63 -10.03 -49.83 3.74
C MET D 63 -11.50 -49.40 3.78
N ARG D 64 -11.85 -48.51 4.70
CA ARG D 64 -13.20 -47.96 4.76
C ARG D 64 -13.22 -46.63 4.00
N GLY D 65 -13.93 -46.64 2.87
CA GLY D 65 -14.02 -45.49 2.00
C GLY D 65 -15.13 -45.65 0.97
N ASN D 66 -14.97 -44.97 -0.17
CA ASN D 66 -15.98 -44.93 -1.21
C ASN D 66 -15.54 -45.71 -2.45
N HIS D 67 -14.31 -46.24 -2.45
CA HIS D 67 -13.77 -46.97 -3.60
C HIS D 67 -14.53 -48.28 -3.80
N VAL D 68 -14.56 -48.74 -5.05
CA VAL D 68 -15.32 -49.92 -5.42
C VAL D 68 -14.41 -51.06 -5.89
N GLY D 69 -13.10 -50.79 -6.01
CA GLY D 69 -12.12 -51.82 -6.35
C GLY D 69 -11.66 -52.60 -5.13
N HIS D 70 -10.81 -53.60 -5.38
CA HIS D 70 -10.31 -54.47 -4.32
C HIS D 70 -8.82 -54.78 -4.45
N VAL D 71 -8.16 -54.32 -5.52
CA VAL D 71 -6.72 -54.50 -5.65
C VAL D 71 -6.00 -53.73 -4.54
N GLU D 72 -6.45 -52.49 -4.30
CA GLU D 72 -5.88 -51.64 -3.27
C GLU D 72 -6.01 -52.26 -1.89
N ASP D 73 -7.15 -52.93 -1.63
CA ASP D 73 -7.39 -53.58 -0.35
C ASP D 73 -6.34 -54.66 -0.10
N TRP D 74 -6.05 -55.46 -1.14
CA TRP D 74 -5.08 -56.54 -1.02
C TRP D 74 -3.67 -55.99 -0.84
N PHE D 75 -3.35 -54.89 -1.52
CA PHE D 75 -2.08 -54.22 -1.33
C PHE D 75 -1.91 -53.76 0.12
N LEU D 76 -2.96 -53.15 0.68
CA LEU D 76 -2.94 -52.65 2.04
C LEU D 76 -2.73 -53.81 3.02
N ILE D 77 -3.45 -54.92 2.80
CA ILE D 77 -3.37 -56.09 3.66
C ILE D 77 -1.95 -56.65 3.65
N GLY D 78 -1.37 -56.76 2.45
CA GLY D 78 -0.02 -57.30 2.31
C GLY D 78 1.02 -56.45 3.04
N PHE D 79 0.92 -55.12 2.86
CA PHE D 79 1.88 -54.21 3.48
C PHE D 79 1.77 -54.26 5.00
N ALA D 80 0.53 -54.29 5.50
CA ALA D 80 0.29 -54.36 6.94
C ALA D 80 0.86 -55.66 7.51
N ALA D 81 0.67 -56.77 6.78
CA ALA D 81 1.16 -58.06 7.22
C ALA D 81 2.69 -58.06 7.30
N VAL D 82 3.35 -57.45 6.31
CA VAL D 82 4.81 -57.36 6.29
C VAL D 82 5.30 -56.58 7.51
N ILE D 83 4.65 -55.44 7.79
CA ILE D 83 5.05 -54.59 8.91
C ILE D 83 4.91 -55.35 10.22
N VAL D 84 3.77 -56.03 10.40
CA VAL D 84 3.49 -56.76 11.62
C VAL D 84 4.50 -57.88 11.81
N ALA D 85 4.85 -58.58 10.72
CA ALA D 85 5.80 -59.66 10.77
C ALA D 85 7.18 -59.16 11.21
N LEU D 86 7.61 -58.02 10.66
CA LEU D 86 8.91 -57.45 11.03
C LEU D 86 8.94 -57.09 12.51
N VAL D 87 7.87 -56.44 12.99
CA VAL D 87 7.80 -56.00 14.38
C VAL D 87 7.83 -57.22 15.30
N GLY D 88 7.04 -58.24 14.96
CA GLY D 88 6.96 -59.46 15.75
C GLY D 88 8.31 -60.18 15.85
N ARG D 89 9.01 -60.27 14.72
CA ARG D 89 10.31 -60.92 14.67
C ARG D 89 11.29 -60.18 15.58
N ASN D 90 11.32 -58.85 15.47
CA ASN D 90 12.25 -58.05 16.26
C ASN D 90 11.96 -58.24 17.76
N TRP D 91 10.68 -58.19 18.13
CA TRP D 91 10.28 -58.34 19.52
C TRP D 91 10.70 -59.71 20.06
N TRP D 92 10.45 -60.76 19.28
CA TRP D 92 10.75 -62.12 19.69
C TRP D 92 12.26 -62.29 19.91
N LEU D 93 13.07 -61.81 18.96
CA LEU D 93 14.52 -61.97 19.06
C LEU D 93 15.09 -61.14 20.20
N ARG D 94 14.52 -59.95 20.44
CA ARG D 94 14.97 -59.11 21.54
C ARG D 94 14.66 -59.80 22.87
N ARG D 95 13.47 -60.41 22.97
CA ARG D 95 13.04 -61.05 24.21
C ARG D 95 13.88 -62.29 24.51
N ARG D 96 14.13 -63.11 23.48
CA ARG D 96 14.76 -64.41 23.66
C ARG D 96 16.26 -64.27 24.00
N GLY D 97 16.85 -63.13 23.62
CA GLY D 97 18.18 -62.77 24.10
C GLY D 97 19.27 -62.81 23.03
N TRP D 98 18.87 -63.00 21.77
CA TRP D 98 19.83 -63.11 20.67
C TRP D 98 20.33 -61.75 20.19
N ILE D 99 19.57 -60.68 20.48
CA ILE D 99 20.02 -59.33 20.13
C ILE D 99 19.83 -58.41 21.33
N ARG D 100 20.58 -57.30 21.34
CA ARG D 100 20.57 -56.36 22.45
C ARG D 100 20.18 -54.97 21.93
N ASN E 20 59.65 -51.76 -19.65
CA ASN E 20 59.86 -53.21 -19.88
C ASN E 20 58.55 -53.98 -19.68
N ARG E 21 57.42 -53.25 -19.67
CA ARG E 21 56.11 -53.84 -19.45
C ARG E 21 55.13 -53.22 -20.45
N PRO E 22 54.01 -53.92 -20.80
CA PRO E 22 52.95 -53.30 -21.61
C PRO E 22 52.16 -52.24 -20.82
N ASN E 23 51.70 -51.21 -21.54
CA ASN E 23 50.85 -50.19 -20.99
C ASN E 23 49.41 -50.70 -20.99
N MET E 24 48.84 -50.91 -19.81
CA MET E 24 47.51 -51.49 -19.72
C MET E 24 46.42 -50.46 -20.02
N VAL E 25 46.67 -49.17 -19.77
CA VAL E 25 45.70 -48.16 -20.15
C VAL E 25 45.66 -48.05 -21.68
N SER E 26 46.77 -48.39 -22.33
CA SER E 26 46.87 -48.38 -23.78
C SER E 26 46.19 -49.61 -24.38
N VAL E 27 46.30 -50.76 -23.71
CA VAL E 27 45.68 -51.97 -24.24
C VAL E 27 44.16 -51.93 -24.01
N GLY E 28 43.74 -51.26 -22.93
CA GLY E 28 42.32 -51.11 -22.60
C GLY E 28 41.56 -50.36 -23.68
N THR E 29 42.17 -49.28 -24.18
CA THR E 29 41.55 -48.43 -25.18
C THR E 29 41.48 -49.13 -26.54
N ILE E 30 42.51 -49.93 -26.85
CA ILE E 30 42.58 -50.63 -28.12
C ILE E 30 41.52 -51.72 -28.15
N VAL E 31 41.36 -52.45 -27.04
CA VAL E 31 40.38 -53.53 -26.97
C VAL E 31 38.96 -52.95 -27.08
N TRP E 32 38.72 -51.79 -26.45
CA TRP E 32 37.42 -51.16 -26.54
C TRP E 32 37.14 -50.68 -27.97
N LEU E 33 38.16 -50.11 -28.62
CA LEU E 33 38.01 -49.60 -29.97
C LEU E 33 37.69 -50.71 -30.96
N SER E 34 38.09 -51.95 -30.67
CA SER E 34 37.74 -53.07 -31.53
C SER E 34 36.24 -53.35 -31.51
N SER E 35 35.63 -53.22 -30.32
CA SER E 35 34.21 -53.48 -30.15
C SER E 35 33.37 -52.38 -30.80
N GLU E 36 33.85 -51.13 -30.73
CA GLU E 36 33.15 -49.99 -31.31
C GLU E 36 33.12 -50.05 -32.84
N LEU E 37 34.02 -50.84 -33.44
CA LEU E 37 34.02 -51.03 -34.88
C LEU E 37 32.86 -51.93 -35.31
N MET E 38 32.46 -52.86 -34.44
CA MET E 38 31.34 -53.74 -34.73
C MET E 38 29.99 -53.05 -34.56
N PHE E 39 29.97 -51.87 -33.91
CA PHE E 39 28.76 -51.08 -33.82
C PHE E 39 28.35 -50.57 -35.19
N PHE E 40 29.33 -50.10 -35.96
CA PHE E 40 29.11 -49.57 -37.30
C PHE E 40 28.78 -50.68 -38.29
N ALA E 41 29.00 -51.96 -37.92
CA ALA E 41 28.65 -53.08 -38.77
C ALA E 41 27.16 -53.10 -39.08
N GLY E 42 26.34 -52.82 -38.06
CA GLY E 42 24.90 -52.73 -38.20
C GLY E 42 24.50 -51.68 -39.24
N LEU E 43 25.09 -50.49 -39.13
CA LEU E 43 24.76 -49.38 -40.02
C LEU E 43 25.18 -49.70 -41.46
N PHE E 44 26.36 -50.30 -41.62
CA PHE E 44 26.82 -50.71 -42.95
C PHE E 44 25.89 -51.76 -43.54
N ALA E 45 25.41 -52.69 -42.70
CA ALA E 45 24.49 -53.72 -43.14
C ALA E 45 23.17 -53.12 -43.63
N MET E 46 22.65 -52.13 -42.88
CA MET E 46 21.41 -51.46 -43.26
C MET E 46 21.61 -50.75 -44.61
N TYR E 47 22.75 -50.07 -44.78
CA TYR E 47 23.01 -49.33 -46.00
C TYR E 47 23.06 -50.28 -47.20
N PHE E 48 23.79 -51.39 -47.06
CA PHE E 48 23.96 -52.32 -48.17
C PHE E 48 22.67 -53.07 -48.47
N THR E 49 21.81 -53.27 -47.46
CA THR E 49 20.54 -53.95 -47.65
C THR E 49 19.55 -53.04 -48.38
N ALA E 50 19.51 -51.77 -47.98
CA ALA E 50 18.63 -50.80 -48.63
C ALA E 50 19.11 -50.48 -50.05
N ARG E 51 20.43 -50.57 -50.29
CA ARG E 51 20.99 -50.31 -51.60
C ARG E 51 20.58 -51.41 -52.59
N ALA E 52 20.44 -52.65 -52.10
CA ALA E 52 20.15 -53.79 -52.97
C ALA E 52 18.77 -53.63 -53.62
N GLN E 53 17.79 -53.18 -52.85
CA GLN E 53 16.43 -52.96 -53.34
C GLN E 53 16.30 -51.55 -53.88
N ALA E 54 17.25 -51.14 -54.73
CA ALA E 54 17.28 -49.80 -55.29
C ALA E 54 16.12 -49.58 -56.26
N GLY E 55 15.86 -50.59 -57.09
CA GLY E 55 14.87 -50.50 -58.17
C GLY E 55 15.23 -49.43 -59.20
N GLY E 56 16.50 -49.45 -59.62
CA GLY E 56 16.98 -48.52 -60.65
C GLY E 56 18.14 -47.68 -60.12
N ALA E 57 17.93 -46.35 -60.08
CA ALA E 57 18.96 -45.44 -59.61
C ALA E 57 18.96 -45.43 -58.08
N TRP E 58 20.10 -45.78 -57.50
CA TRP E 58 20.23 -45.92 -56.06
C TRP E 58 20.07 -44.56 -55.36
N PRO E 59 20.79 -43.48 -55.76
CA PRO E 59 20.39 -42.13 -55.34
C PRO E 59 19.16 -41.71 -56.12
N PRO E 60 17.97 -41.58 -55.46
CA PRO E 60 16.73 -41.26 -56.17
C PRO E 60 16.74 -39.84 -56.75
N GLU E 61 15.65 -39.50 -57.45
CA GLU E 61 15.54 -38.27 -58.21
C GLU E 61 15.76 -37.03 -57.34
N PRO E 62 15.07 -36.84 -56.19
CA PRO E 62 15.16 -35.57 -55.47
C PRO E 62 16.54 -35.25 -54.91
N THR E 63 17.29 -36.30 -54.55
CA THR E 63 18.57 -36.12 -53.86
C THR E 63 19.67 -35.85 -54.89
N GLU E 64 20.68 -35.09 -54.43
CA GLU E 64 21.84 -34.74 -55.22
C GLU E 64 23.00 -34.44 -54.29
N LEU E 65 24.05 -35.25 -54.39
CA LEU E 65 25.24 -35.10 -53.54
C LEU E 65 26.18 -34.10 -54.19
N ASN E 66 26.66 -33.13 -53.39
CA ASN E 66 27.54 -32.09 -53.85
C ASN E 66 28.94 -32.38 -53.32
N LEU E 67 29.84 -32.75 -54.24
CA LEU E 67 31.21 -33.11 -53.90
C LEU E 67 32.06 -31.88 -53.62
N ALA E 68 31.55 -30.68 -53.91
CA ALA E 68 32.28 -29.43 -53.76
C ALA E 68 32.33 -28.97 -52.31
N LEU E 69 31.61 -29.65 -51.41
CA LEU E 69 31.60 -29.31 -49.99
C LEU E 69 32.02 -30.50 -49.12
N ALA E 70 31.84 -31.74 -49.60
CA ALA E 70 32.23 -32.91 -48.83
C ALA E 70 33.72 -33.20 -48.92
N VAL E 71 34.39 -32.67 -49.94
CA VAL E 71 35.82 -32.91 -50.15
C VAL E 71 36.65 -32.06 -49.20
N PRO E 72 36.48 -30.70 -49.13
CA PRO E 72 37.31 -29.89 -48.24
C PRO E 72 37.20 -30.30 -46.77
N VAL E 73 35.99 -30.68 -46.35
CA VAL E 73 35.75 -31.06 -44.98
C VAL E 73 36.48 -32.37 -44.66
N THR E 74 36.47 -33.30 -45.62
CA THR E 74 37.19 -34.55 -45.47
C THR E 74 38.70 -34.29 -45.38
N LEU E 75 39.19 -33.33 -46.17
CA LEU E 75 40.61 -32.98 -46.15
C LEU E 75 41.00 -32.38 -44.81
N VAL E 76 40.11 -31.56 -44.21
CA VAL E 76 40.36 -30.98 -42.90
C VAL E 76 40.42 -32.09 -41.85
N LEU E 77 39.49 -33.05 -41.93
CA LEU E 77 39.49 -34.15 -40.98
C LEU E 77 40.74 -35.01 -41.11
N ILE E 78 41.23 -35.19 -42.35
CA ILE E 78 42.46 -35.93 -42.58
C ILE E 78 43.63 -35.18 -41.96
N ALA E 79 43.67 -33.85 -42.16
CA ALA E 79 44.78 -33.04 -41.67
C ALA E 79 44.81 -33.00 -40.14
N SER E 80 43.67 -33.22 -39.49
CA SER E 80 43.58 -33.20 -38.04
C SER E 80 44.49 -34.26 -37.40
N SER E 81 44.63 -35.41 -38.07
CA SER E 81 45.42 -36.52 -37.55
C SER E 81 46.90 -36.15 -37.42
N PHE E 82 47.42 -35.36 -38.38
CA PHE E 82 48.80 -34.92 -38.35
C PHE E 82 49.07 -34.06 -37.11
N THR E 83 48.16 -33.13 -36.82
CA THR E 83 48.28 -32.26 -35.66
C THR E 83 48.18 -33.08 -34.39
N CYS E 84 47.27 -34.06 -34.36
CA CYS E 84 47.11 -34.93 -33.20
C CYS E 84 48.40 -35.70 -32.92
N GLN E 85 49.02 -36.24 -33.98
CA GLN E 85 50.25 -37.00 -33.84
C GLN E 85 51.41 -36.11 -33.41
N MET E 86 51.43 -34.87 -33.89
CA MET E 86 52.43 -33.90 -33.46
C MET E 86 52.29 -33.62 -31.97
N GLY E 87 51.05 -33.46 -31.50
CA GLY E 87 50.78 -33.28 -30.07
C GLY E 87 51.26 -34.46 -29.24
N VAL E 88 51.05 -35.68 -29.75
CA VAL E 88 51.48 -36.88 -29.06
C VAL E 88 53.00 -36.92 -28.99
N PHE E 89 53.67 -36.57 -30.10
CA PHE E 89 55.12 -36.53 -30.13
C PHE E 89 55.66 -35.54 -29.11
N ALA E 90 54.98 -34.39 -28.97
CA ALA E 90 55.36 -33.38 -27.99
C ALA E 90 55.13 -33.89 -26.57
N ALA E 91 54.11 -34.75 -26.37
CA ALA E 91 53.75 -35.22 -25.05
C ALA E 91 54.83 -36.14 -24.48
N GLU E 92 55.49 -36.93 -25.35
CA GLU E 92 56.45 -37.92 -24.90
C GLU E 92 57.76 -37.29 -24.41
N ARG E 93 57.99 -36.01 -24.76
CA ARG E 93 59.23 -35.34 -24.40
C ARG E 93 59.10 -34.57 -23.08
N GLY E 94 57.86 -34.30 -22.65
CA GLY E 94 57.60 -33.52 -21.44
C GLY E 94 57.11 -32.10 -21.74
N ASP E 95 56.98 -31.75 -23.03
CA ASP E 95 56.50 -30.42 -23.39
C ASP E 95 55.00 -30.33 -23.18
N VAL E 96 54.61 -29.81 -22.01
CA VAL E 96 53.19 -29.66 -21.69
C VAL E 96 52.56 -28.60 -22.59
N PHE E 97 53.34 -27.57 -22.92
CA PHE E 97 52.90 -26.48 -23.78
C PHE E 97 52.83 -26.94 -25.24
N GLY E 98 53.77 -27.82 -25.64
CA GLY E 98 53.73 -28.41 -26.97
C GLY E 98 52.48 -29.28 -27.15
N LEU E 99 52.17 -30.08 -26.12
CA LEU E 99 50.95 -30.88 -26.14
C LEU E 99 49.73 -29.96 -26.17
N ARG E 100 49.77 -28.92 -25.34
CA ARG E 100 48.63 -28.05 -25.15
C ARG E 100 48.33 -27.23 -26.41
N ARG E 101 49.29 -27.17 -27.37
CA ARG E 101 49.21 -26.26 -28.50
C ARG E 101 48.58 -26.92 -29.73
N TRP E 102 48.96 -28.17 -29.99
CA TRP E 102 48.46 -28.90 -31.14
C TRP E 102 47.00 -29.32 -30.94
N TYR E 103 46.62 -29.63 -29.69
CA TYR E 103 45.29 -30.13 -29.40
C TYR E 103 44.22 -29.06 -29.61
N VAL E 104 44.58 -27.79 -29.40
CA VAL E 104 43.66 -26.68 -29.62
C VAL E 104 43.33 -26.56 -31.11
N ILE E 105 44.37 -26.66 -31.95
CA ILE E 105 44.12 -26.54 -33.39
C ILE E 105 43.37 -27.78 -33.88
N THR E 106 43.64 -28.96 -33.28
CA THR E 106 42.89 -30.16 -33.61
C THR E 106 41.41 -29.96 -33.29
N PHE E 107 41.12 -29.37 -32.11
CA PHE E 107 39.76 -29.10 -31.70
C PHE E 107 39.08 -28.16 -32.69
N LEU E 108 39.78 -27.11 -33.12
CA LEU E 108 39.20 -26.14 -34.04
C LEU E 108 38.87 -26.80 -35.37
N MET E 109 39.75 -27.66 -35.87
CA MET E 109 39.51 -28.33 -37.14
C MET E 109 38.34 -29.31 -37.03
N GLY E 110 38.22 -30.00 -35.89
CA GLY E 110 37.09 -30.89 -35.65
C GLY E 110 35.77 -30.12 -35.61
N LEU E 111 35.78 -28.94 -34.98
CA LEU E 111 34.61 -28.09 -34.93
C LEU E 111 34.21 -27.64 -36.34
N PHE E 112 35.22 -27.33 -37.16
CA PHE E 112 34.98 -26.98 -38.56
C PHE E 112 34.30 -28.14 -39.29
N PHE E 113 34.78 -29.35 -39.05
CA PHE E 113 34.19 -30.55 -39.64
C PHE E 113 32.71 -30.66 -39.28
N VAL E 114 32.41 -30.50 -37.98
CA VAL E 114 31.04 -30.65 -37.50
C VAL E 114 30.13 -29.60 -38.14
N LEU E 115 30.58 -28.35 -38.18
CA LEU E 115 29.77 -27.27 -38.71
C LEU E 115 29.54 -27.44 -40.21
N GLY E 116 30.56 -27.88 -40.95
CA GLY E 116 30.43 -28.17 -42.37
C GLY E 116 29.39 -29.27 -42.64
N GLN E 117 29.46 -30.33 -41.84
CA GLN E 117 28.53 -31.44 -41.97
C GLN E 117 27.09 -30.98 -41.70
N GLY E 118 26.93 -30.14 -40.68
CA GLY E 118 25.63 -29.55 -40.35
C GLY E 118 25.09 -28.68 -41.48
N TYR E 119 25.97 -27.91 -42.11
CA TYR E 119 25.60 -27.07 -43.24
C TYR E 119 25.08 -27.92 -44.39
N GLU E 120 25.78 -29.04 -44.66
CA GLU E 120 25.36 -29.95 -45.71
C GLU E 120 23.99 -30.55 -45.38
N TYR E 121 23.77 -30.88 -44.10
CA TYR E 121 22.47 -31.37 -43.67
C TYR E 121 21.36 -30.35 -43.95
N ILE E 122 21.61 -29.09 -43.60
CA ILE E 122 20.62 -28.03 -43.80
C ILE E 122 20.32 -27.89 -45.29
N HIS E 123 21.35 -27.92 -46.13
CA HIS E 123 21.18 -27.82 -47.57
C HIS E 123 20.34 -28.99 -48.09
N LEU E 124 20.62 -30.21 -47.61
CA LEU E 124 19.98 -31.40 -48.13
C LEU E 124 18.52 -31.46 -47.75
N VAL E 125 18.18 -31.01 -46.53
CA VAL E 125 16.82 -31.10 -46.03
C VAL E 125 15.89 -30.21 -46.87
N GLU E 126 16.38 -29.04 -47.27
CA GLU E 126 15.56 -28.05 -47.96
C GLU E 126 15.15 -28.51 -49.36
N HIS E 127 15.88 -29.48 -49.93
CA HIS E 127 15.63 -29.97 -51.28
C HIS E 127 14.79 -31.24 -51.30
N GLY E 128 14.42 -31.77 -50.12
CA GLY E 128 13.44 -32.84 -50.05
C GLY E 128 13.97 -34.17 -49.56
N THR E 129 15.23 -34.25 -49.10
CA THR E 129 15.78 -35.48 -48.56
C THR E 129 15.69 -35.44 -47.03
N THR E 130 14.77 -36.23 -46.46
CA THR E 130 14.57 -36.28 -45.02
C THR E 130 14.61 -37.74 -44.57
N ILE E 131 14.58 -37.96 -43.24
CA ILE E 131 14.55 -39.31 -42.70
C ILE E 131 13.22 -39.98 -43.03
N PRO E 132 12.03 -39.40 -42.74
CA PRO E 132 10.77 -40.04 -43.12
C PRO E 132 10.41 -39.92 -44.60
N GLY E 133 11.19 -39.13 -45.36
CA GLY E 133 10.89 -38.87 -46.76
C GLY E 133 11.20 -40.03 -47.69
N SER E 134 12.27 -40.77 -47.38
CA SER E 134 12.74 -41.86 -48.23
C SER E 134 13.57 -42.84 -47.40
N ALA E 135 13.89 -43.98 -48.02
CA ALA E 135 14.74 -44.99 -47.42
C ALA E 135 16.21 -44.60 -47.53
N TYR E 136 16.57 -43.97 -48.65
CA TYR E 136 17.92 -43.47 -48.86
C TYR E 136 18.26 -42.36 -47.87
N GLY E 137 17.31 -41.44 -47.65
CA GLY E 137 17.45 -40.43 -46.60
C GLY E 137 17.67 -41.08 -45.23
N SER E 138 16.91 -42.13 -44.96
CA SER E 138 17.00 -42.86 -43.71
C SER E 138 18.43 -43.37 -43.47
N VAL E 139 18.95 -44.12 -44.43
CA VAL E 139 20.25 -44.75 -44.28
C VAL E 139 21.36 -43.69 -44.23
N PHE E 140 21.25 -42.68 -45.09
CA PHE E 140 22.25 -41.61 -45.16
C PHE E 140 22.35 -40.91 -43.80
N TYR E 141 21.21 -40.43 -43.31
CA TYR E 141 21.20 -39.67 -42.06
C TYR E 141 21.61 -40.53 -40.87
N LEU E 142 21.14 -41.79 -40.84
CA LEU E 142 21.49 -42.67 -39.73
C LEU E 142 23.00 -42.89 -39.67
N ALA E 143 23.60 -43.28 -40.80
CA ALA E 143 25.02 -43.60 -40.86
C ALA E 143 25.86 -42.38 -40.54
N THR E 144 25.55 -41.23 -41.15
CA THR E 144 26.39 -40.05 -41.00
C THR E 144 26.11 -39.30 -39.71
N GLY E 145 24.98 -39.58 -39.05
CA GLY E 145 24.62 -38.93 -37.80
C GLY E 145 25.13 -39.70 -36.58
N PHE E 146 25.25 -41.02 -36.70
CA PHE E 146 25.89 -41.80 -35.66
C PHE E 146 27.40 -41.56 -35.65
N HIS E 147 27.99 -41.30 -36.82
CA HIS E 147 29.39 -40.94 -36.90
C HIS E 147 29.61 -39.56 -36.27
N GLY E 148 28.74 -38.61 -36.62
CA GLY E 148 28.85 -37.24 -36.17
C GLY E 148 28.75 -37.11 -34.65
N LEU E 149 28.09 -38.05 -33.98
CA LEU E 149 28.00 -38.06 -32.52
C LEU E 149 29.37 -38.38 -31.90
N HIS E 150 30.12 -39.28 -32.55
CA HIS E 150 31.41 -39.71 -32.06
C HIS E 150 32.41 -38.57 -32.11
N VAL E 151 32.33 -37.72 -33.13
CA VAL E 151 33.25 -36.59 -33.28
C VAL E 151 33.04 -35.60 -32.13
N ILE E 152 31.79 -35.34 -31.78
CA ILE E 152 31.45 -34.45 -30.68
C ILE E 152 31.98 -35.03 -29.36
N GLY E 153 31.86 -36.35 -29.19
CA GLY E 153 32.44 -37.04 -28.05
C GLY E 153 33.95 -36.85 -27.98
N GLY E 154 34.62 -36.92 -29.13
CA GLY E 154 36.06 -36.68 -29.22
C GLY E 154 36.43 -35.26 -28.82
N LEU E 155 35.60 -34.29 -29.23
CA LEU E 155 35.84 -32.88 -28.87
C LEU E 155 35.70 -32.70 -27.36
N VAL E 156 34.70 -33.36 -26.77
CA VAL E 156 34.50 -33.33 -25.33
C VAL E 156 35.73 -33.93 -24.63
N ALA E 157 36.28 -35.01 -25.20
CA ALA E 157 37.49 -35.64 -24.67
C ALA E 157 38.67 -34.68 -24.73
N PHE E 158 38.81 -33.93 -25.83
CA PHE E 158 39.87 -32.95 -25.96
C PHE E 158 39.78 -31.91 -24.85
N VAL E 159 38.58 -31.35 -24.65
CA VAL E 159 38.45 -30.27 -23.67
C VAL E 159 38.67 -30.82 -22.27
N LEU E 160 38.18 -32.04 -22.01
CA LEU E 160 38.29 -32.66 -20.71
C LEU E 160 39.75 -32.94 -20.37
N LEU E 161 40.54 -33.39 -21.36
CA LEU E 161 41.94 -33.68 -21.14
C LEU E 161 42.73 -32.39 -20.95
N LEU E 162 42.45 -31.38 -21.78
CA LEU E 162 43.19 -30.13 -21.73
C LEU E 162 42.94 -29.40 -20.41
N ALA E 163 41.75 -29.57 -19.82
CA ALA E 163 41.46 -29.00 -18.52
C ALA E 163 42.29 -29.65 -17.42
N ARG E 164 42.65 -30.92 -17.58
CA ARG E 164 43.36 -31.68 -16.56
C ARG E 164 44.87 -31.43 -16.61
N THR E 165 45.40 -30.96 -17.73
CA THR E 165 46.83 -30.67 -17.85
C THR E 165 47.24 -29.46 -17.02
N LYS E 166 46.25 -28.70 -16.52
CA LYS E 166 46.48 -27.49 -15.74
C LYS E 166 46.28 -27.75 -14.23
N MET E 167 45.77 -28.93 -13.87
CA MET E 167 45.40 -29.20 -12.49
C MET E 167 46.63 -29.59 -11.66
N SER E 168 47.55 -30.33 -12.29
CA SER E 168 48.72 -30.85 -11.59
C SER E 168 49.93 -30.83 -12.52
N LYS E 169 51.08 -31.24 -11.98
CA LYS E 169 52.32 -31.34 -12.72
C LYS E 169 52.22 -32.41 -13.79
N PHE E 170 52.98 -32.20 -14.88
CA PHE E 170 52.93 -33.07 -16.04
C PHE E 170 53.69 -34.36 -15.76
N THR E 171 52.94 -35.45 -15.53
CA THR E 171 53.51 -36.75 -15.23
C THR E 171 53.25 -37.71 -16.39
N PRO E 172 53.95 -38.86 -16.47
CA PRO E 172 53.68 -39.87 -17.51
C PRO E 172 52.23 -40.31 -17.69
N ALA E 173 51.44 -40.26 -16.61
CA ALA E 173 50.02 -40.61 -16.69
C ALA E 173 49.27 -39.66 -17.63
N GLN E 174 49.64 -38.37 -17.59
CA GLN E 174 49.04 -37.37 -18.48
C GLN E 174 49.36 -37.70 -19.94
N ALA E 175 50.61 -38.11 -20.19
CA ALA E 175 51.04 -38.50 -21.53
C ALA E 175 50.25 -39.72 -22.01
N THR E 176 50.01 -40.68 -21.11
CA THR E 176 49.26 -41.88 -21.43
C THR E 176 47.83 -41.50 -21.84
N ALA E 177 47.22 -40.58 -21.08
CA ALA E 177 45.87 -40.13 -21.38
C ALA E 177 45.83 -39.46 -22.76
N ALA E 178 46.84 -38.64 -23.06
CA ALA E 178 46.93 -37.98 -24.36
C ALA E 178 47.01 -39.01 -25.48
N ILE E 179 47.81 -40.06 -25.28
CA ILE E 179 48.03 -41.08 -26.29
C ILE E 179 46.73 -41.83 -26.59
N VAL E 180 45.98 -42.19 -25.54
CA VAL E 180 44.75 -42.94 -25.73
C VAL E 180 43.70 -42.08 -26.42
N VAL E 181 43.65 -40.78 -26.09
CA VAL E 181 42.72 -39.87 -26.74
C VAL E 181 43.05 -39.77 -28.23
N SER E 182 44.36 -39.74 -28.55
CA SER E 182 44.81 -39.72 -29.93
C SER E 182 44.38 -40.99 -30.67
N TYR E 183 44.48 -42.14 -29.98
CA TYR E 183 44.02 -43.41 -30.54
C TYR E 183 42.56 -43.29 -30.97
N TYR E 184 41.73 -42.73 -30.07
CA TYR E 184 40.31 -42.59 -30.34
C TYR E 184 40.06 -41.72 -31.56
N TRP E 185 40.78 -40.59 -31.64
CA TRP E 185 40.61 -39.66 -32.74
C TRP E 185 40.98 -40.30 -34.08
N HIS E 186 42.10 -41.04 -34.09
CA HIS E 186 42.55 -41.74 -35.28
C HIS E 186 41.52 -42.73 -35.77
N PHE E 187 40.95 -43.50 -34.82
CA PHE E 187 39.89 -44.45 -35.16
C PHE E 187 38.72 -43.71 -35.81
N VAL E 188 38.37 -42.54 -35.26
CA VAL E 188 37.23 -41.79 -35.74
C VAL E 188 37.43 -41.40 -37.20
N ASP E 189 38.60 -40.87 -37.54
CA ASP E 189 38.76 -40.38 -38.91
C ASP E 189 38.98 -41.53 -39.90
N ILE E 190 39.53 -42.65 -39.44
CA ILE E 190 39.62 -43.84 -40.29
C ILE E 190 38.23 -44.37 -40.65
N VAL E 191 37.29 -44.30 -39.70
CA VAL E 191 35.93 -44.72 -39.98
C VAL E 191 35.30 -43.78 -41.01
N TRP E 192 35.56 -42.47 -40.84
CA TRP E 192 34.98 -41.49 -41.76
C TRP E 192 35.49 -41.67 -43.18
N ILE E 193 36.78 -42.00 -43.34
CA ILE E 193 37.35 -42.22 -44.67
C ILE E 193 36.58 -43.34 -45.38
N ALA E 194 36.32 -44.42 -44.66
CA ALA E 194 35.56 -45.54 -45.20
C ALA E 194 34.16 -45.10 -45.61
N LEU E 195 33.48 -44.35 -44.73
CA LEU E 195 32.12 -43.89 -44.99
C LEU E 195 32.08 -43.02 -46.24
N PHE E 196 33.04 -42.09 -46.36
CA PHE E 196 33.10 -41.19 -47.50
C PHE E 196 33.32 -41.95 -48.80
N ALA E 197 34.23 -42.93 -48.75
CA ALA E 197 34.55 -43.72 -49.93
C ALA E 197 33.35 -44.55 -50.39
N THR E 198 32.55 -45.05 -49.44
CA THR E 198 31.45 -45.93 -49.76
C THR E 198 30.14 -45.18 -50.07
N ILE E 199 30.08 -43.87 -49.75
CA ILE E 199 28.87 -43.10 -49.94
C ILE E 199 28.96 -42.18 -51.16
N TYR E 200 30.09 -41.48 -51.32
CA TYR E 200 30.21 -40.49 -52.37
C TYR E 200 30.76 -41.05 -53.69
N PHE E 201 31.41 -42.22 -53.63
CA PHE E 201 32.01 -42.80 -54.82
C PHE E 201 31.27 -44.06 -55.26
N VAL E 202 31.08 -45.00 -54.33
CA VAL E 202 30.35 -46.21 -54.63
C VAL E 202 28.87 -45.96 -54.35
N ARG E 203 28.18 -45.42 -55.36
CA ARG E 203 26.80 -45.03 -55.20
C ARG E 203 25.88 -46.16 -55.68
N MET F 1 55.13 -61.25 -25.16
CA MET F 1 53.69 -61.67 -25.16
C MET F 1 53.30 -62.19 -26.54
N HIS F 2 53.75 -63.42 -26.87
CA HIS F 2 53.56 -64.02 -28.18
C HIS F 2 52.33 -64.92 -28.22
N ILE F 3 52.01 -65.58 -27.10
CA ILE F 3 50.84 -66.44 -27.01
C ILE F 3 49.58 -65.62 -27.21
N GLU F 4 49.53 -64.44 -26.55
CA GLU F 4 48.38 -63.55 -26.64
C GLU F 4 48.17 -63.10 -28.09
N ALA F 5 49.27 -62.76 -28.78
CA ALA F 5 49.21 -62.28 -30.14
C ALA F 5 48.78 -63.39 -31.09
N ARG F 6 49.26 -64.61 -30.85
CA ARG F 6 48.96 -65.74 -31.72
C ARG F 6 47.50 -66.16 -31.60
N LEU F 7 46.96 -66.09 -30.38
CA LEU F 7 45.59 -66.47 -30.11
C LEU F 7 44.61 -65.63 -30.93
N PHE F 8 44.99 -64.39 -31.25
CA PHE F 8 44.12 -63.48 -31.99
C PHE F 8 44.22 -63.69 -33.49
N GLU F 9 45.42 -63.90 -34.02
CA GLU F 9 45.57 -64.09 -35.45
C GLU F 9 45.04 -65.44 -35.89
N ILE F 10 45.01 -66.44 -34.99
CA ILE F 10 44.34 -67.70 -35.30
C ILE F 10 42.87 -67.45 -35.65
N LEU F 11 42.21 -66.65 -34.79
CA LEU F 11 40.81 -66.30 -34.98
C LEU F 11 40.64 -65.42 -36.22
N THR F 12 41.63 -64.55 -36.47
CA THR F 12 41.60 -63.69 -37.65
C THR F 12 41.56 -64.54 -38.92
N ALA F 13 42.43 -65.55 -38.98
CA ALA F 13 42.52 -66.44 -40.14
C ALA F 13 41.20 -67.15 -40.37
N PHE F 14 40.62 -67.71 -39.30
CA PHE F 14 39.38 -68.45 -39.40
C PHE F 14 38.25 -67.53 -39.90
N PHE F 15 38.17 -66.33 -39.31
CA PHE F 15 37.10 -65.40 -39.65
C PHE F 15 37.21 -64.93 -41.10
N ALA F 16 38.44 -64.67 -41.56
CA ALA F 16 38.67 -64.28 -42.94
C ALA F 16 38.22 -65.38 -43.89
N LEU F 17 38.57 -66.64 -43.55
CA LEU F 17 38.20 -67.77 -44.39
C LEU F 17 36.68 -67.88 -44.47
N ALA F 18 36.01 -67.76 -43.31
CA ALA F 18 34.57 -67.90 -43.23
C ALA F 18 33.87 -66.80 -44.05
N ALA F 19 34.34 -65.56 -43.92
CA ALA F 19 33.75 -64.43 -44.63
C ALA F 19 33.90 -64.61 -46.15
N VAL F 20 35.10 -65.02 -46.59
CA VAL F 20 35.37 -65.19 -48.01
C VAL F 20 34.51 -66.31 -48.58
N VAL F 21 34.38 -67.41 -47.83
CA VAL F 21 33.57 -68.55 -48.27
C VAL F 21 32.10 -68.13 -48.37
N TYR F 22 31.60 -67.41 -47.35
CA TYR F 22 30.19 -67.03 -47.30
C TYR F 22 29.86 -66.09 -48.46
N ALA F 23 30.74 -65.13 -48.75
CA ALA F 23 30.48 -64.12 -49.78
C ALA F 23 30.32 -64.77 -51.15
N VAL F 24 31.22 -65.71 -51.47
CA VAL F 24 31.23 -66.33 -52.80
C VAL F 24 30.06 -67.31 -52.94
N LEU F 25 29.82 -68.14 -51.91
CA LEU F 25 28.81 -69.18 -51.96
C LEU F 25 27.39 -68.61 -52.09
N THR F 26 27.22 -67.32 -51.74
CA THR F 26 25.90 -66.70 -51.86
C THR F 26 25.73 -65.97 -53.18
N ALA F 27 26.84 -65.50 -53.76
CA ALA F 27 26.80 -64.88 -55.09
C ALA F 27 26.34 -65.90 -56.13
N MET F 28 26.81 -67.15 -55.98
CA MET F 28 26.43 -68.23 -56.89
C MET F 28 25.38 -69.09 -56.23
N PHE F 29 24.36 -69.49 -56.98
CA PHE F 29 23.29 -70.39 -56.56
C PHE F 29 22.77 -70.03 -55.17
N ALA F 30 22.29 -68.80 -55.04
CA ALA F 30 21.55 -68.34 -53.88
C ALA F 30 20.65 -67.19 -54.30
N THR F 31 19.36 -67.32 -54.00
CA THR F 31 18.34 -66.36 -54.43
C THR F 31 18.68 -64.97 -53.91
N GLY F 32 18.48 -63.97 -54.78
CA GLY F 32 18.79 -62.58 -54.48
C GLY F 32 20.19 -62.21 -54.95
N GLY F 33 20.99 -61.65 -54.03
CA GLY F 33 22.34 -61.20 -54.34
C GLY F 33 23.41 -61.93 -53.53
N VAL F 34 24.11 -61.17 -52.69
CA VAL F 34 25.27 -61.67 -51.95
C VAL F 34 24.90 -61.95 -50.50
N GLU F 35 23.67 -61.58 -50.09
CA GLU F 35 23.24 -61.62 -48.70
C GLU F 35 24.11 -60.66 -47.89
N TRP F 36 23.95 -59.36 -48.22
CA TRP F 36 24.80 -58.29 -47.76
C TRP F 36 24.85 -58.15 -46.24
N ALA F 37 23.80 -58.62 -45.55
CA ALA F 37 23.71 -58.47 -44.10
C ALA F 37 24.74 -59.37 -43.40
N GLY F 38 24.84 -60.63 -43.83
CA GLY F 38 25.77 -61.58 -43.24
C GLY F 38 27.22 -61.36 -43.68
N THR F 39 27.39 -60.89 -44.92
CA THR F 39 28.71 -60.64 -45.47
C THR F 39 29.38 -59.46 -44.75
N THR F 40 28.59 -58.43 -44.45
CA THR F 40 29.08 -57.22 -43.80
C THR F 40 29.63 -57.53 -42.42
N ALA F 41 28.92 -58.39 -41.67
CA ALA F 41 29.26 -58.67 -40.28
C ALA F 41 30.58 -59.42 -40.18
N LEU F 42 30.79 -60.40 -41.07
CA LEU F 42 31.92 -61.31 -40.99
C LEU F 42 33.22 -60.67 -41.49
N VAL F 43 33.13 -59.61 -42.30
CA VAL F 43 34.33 -58.92 -42.76
C VAL F 43 34.78 -57.86 -41.75
N LEU F 44 33.95 -57.56 -40.75
CA LEU F 44 34.33 -56.67 -39.66
C LEU F 44 34.65 -57.44 -38.38
N THR F 45 34.08 -58.64 -38.22
CA THR F 45 34.48 -59.55 -37.16
C THR F 45 35.97 -59.91 -37.28
N THR F 46 36.42 -60.11 -38.52
CA THR F 46 37.83 -60.37 -38.79
C THR F 46 38.69 -59.17 -38.42
N GLY F 47 38.20 -57.97 -38.73
CA GLY F 47 38.91 -56.73 -38.41
C GLY F 47 39.05 -56.53 -36.89
N LEU F 48 38.02 -56.92 -36.14
CA LEU F 48 38.04 -56.85 -34.68
C LEU F 48 39.27 -57.58 -34.15
N THR F 49 39.49 -58.81 -34.62
CA THR F 49 40.60 -59.61 -34.15
C THR F 49 41.92 -59.11 -34.75
N LEU F 50 41.87 -58.58 -35.98
CA LEU F 50 43.07 -58.14 -36.66
C LEU F 50 43.72 -56.95 -35.95
N ILE F 51 42.90 -55.99 -35.51
CA ILE F 51 43.39 -54.81 -34.82
C ILE F 51 44.15 -55.23 -33.56
N THR F 52 43.51 -56.07 -32.74
CA THR F 52 44.08 -56.49 -31.47
C THR F 52 45.34 -57.33 -31.70
N GLY F 53 45.30 -58.21 -32.71
CA GLY F 53 46.44 -59.05 -33.06
C GLY F 53 47.66 -58.22 -33.46
N THR F 54 47.45 -57.19 -34.29
CA THR F 54 48.52 -56.34 -34.75
C THR F 54 49.12 -55.56 -33.58
N PHE F 55 48.25 -55.03 -32.71
CA PHE F 55 48.72 -54.27 -31.56
C PHE F 55 49.54 -55.16 -30.63
N PHE F 56 49.06 -56.38 -30.39
CA PHE F 56 49.74 -57.32 -29.52
C PHE F 56 51.08 -57.74 -30.12
N ARG F 57 51.13 -57.91 -31.44
CA ARG F 57 52.36 -58.26 -32.13
C ARG F 57 53.41 -57.16 -31.94
N PHE F 58 52.99 -55.91 -32.12
CA PHE F 58 53.90 -54.77 -31.97
C PHE F 58 54.43 -54.70 -30.54
N VAL F 59 53.54 -54.86 -29.56
CA VAL F 59 53.93 -54.76 -28.16
C VAL F 59 54.88 -55.90 -27.81
N ALA F 60 54.60 -57.11 -28.31
CA ALA F 60 55.44 -58.27 -28.05
C ALA F 60 56.83 -58.10 -28.63
N ARG F 61 56.92 -57.54 -29.84
CA ARG F 61 58.23 -57.35 -30.46
C ARG F 61 58.99 -56.19 -29.82
N ARG F 62 58.27 -55.27 -29.15
CA ARG F 62 58.92 -54.14 -28.51
C ARG F 62 59.65 -54.60 -27.24
N LEU F 63 58.91 -55.22 -26.31
CA LEU F 63 59.44 -55.56 -25.00
C LEU F 63 59.85 -57.02 -24.94
N ASP F 64 60.84 -57.31 -24.10
CA ASP F 64 61.41 -58.64 -23.93
C ASP F 64 60.61 -59.43 -22.89
N THR F 65 61.16 -60.59 -22.50
CA THR F 65 60.46 -61.54 -21.65
C THR F 65 60.19 -60.92 -20.27
N ARG F 66 58.98 -61.16 -19.78
CA ARG F 66 58.53 -60.73 -18.47
C ARG F 66 58.56 -61.92 -17.50
N PRO F 67 58.47 -61.68 -16.17
CA PRO F 67 58.25 -62.77 -15.22
C PRO F 67 57.06 -63.68 -15.53
N GLU F 68 56.02 -63.14 -16.15
CA GLU F 68 54.83 -63.90 -16.51
C GLU F 68 55.13 -64.88 -17.65
N ASP F 69 56.09 -64.52 -18.51
CA ASP F 69 56.34 -65.24 -19.75
C ASP F 69 57.53 -66.19 -19.63
N TYR F 70 58.01 -66.41 -18.39
CA TYR F 70 59.17 -67.26 -18.16
C TYR F 70 58.76 -68.53 -17.44
N GLU F 71 59.14 -69.70 -18.00
CA GLU F 71 58.74 -71.00 -17.49
C GLU F 71 59.22 -71.19 -16.05
N ASP F 72 60.48 -70.86 -15.80
CA ASP F 72 61.10 -71.03 -14.49
C ASP F 72 61.61 -69.69 -13.96
N ALA F 73 60.68 -68.87 -13.44
CA ALA F 73 60.99 -67.62 -12.79
C ALA F 73 60.65 -67.72 -11.29
N GLU F 74 61.34 -66.92 -10.48
CA GLU F 74 61.14 -66.90 -9.04
C GLU F 74 60.14 -65.82 -8.65
N ILE F 75 59.55 -65.99 -7.46
CA ILE F 75 58.61 -65.04 -6.91
C ILE F 75 59.29 -63.71 -6.61
N SER F 76 60.58 -63.78 -6.22
CA SER F 76 61.34 -62.60 -5.83
C SER F 76 61.69 -61.72 -7.03
N ASP F 77 61.49 -62.23 -8.25
CA ASP F 77 61.74 -61.45 -9.46
C ASP F 77 60.67 -60.39 -9.67
N GLY F 78 59.45 -60.65 -9.20
CA GLY F 78 58.31 -59.76 -9.38
C GLY F 78 58.25 -58.63 -8.36
N ALA F 79 59.07 -58.71 -7.30
CA ALA F 79 59.08 -57.72 -6.24
C ALA F 79 59.42 -56.34 -6.79
N GLY F 80 58.73 -55.31 -6.29
CA GLY F 80 58.92 -53.97 -6.79
C GLY F 80 57.71 -53.07 -6.58
N GLU F 81 57.13 -52.59 -7.69
CA GLU F 81 56.15 -51.51 -7.66
C GLU F 81 55.11 -51.77 -8.72
N LEU F 82 53.86 -52.02 -8.30
CA LEU F 82 52.79 -52.36 -9.22
C LEU F 82 52.28 -51.12 -9.97
N GLY F 83 51.69 -50.19 -9.23
CA GLY F 83 51.08 -49.01 -9.84
C GLY F 83 49.95 -48.47 -8.98
N PHE F 84 48.99 -47.80 -9.62
CA PHE F 84 47.94 -47.08 -8.94
C PHE F 84 46.59 -47.79 -9.16
N PHE F 85 45.83 -47.91 -8.07
CA PHE F 85 44.46 -48.39 -8.10
C PHE F 85 43.60 -47.51 -7.21
N ALA F 86 42.38 -47.22 -7.65
CA ALA F 86 41.45 -46.40 -6.89
C ALA F 86 40.94 -47.20 -5.69
N PRO F 87 41.17 -46.72 -4.45
CA PRO F 87 40.65 -47.41 -3.27
C PRO F 87 39.13 -47.38 -3.10
N HIS F 88 38.51 -46.24 -3.44
CA HIS F 88 37.06 -46.06 -3.32
C HIS F 88 36.61 -44.84 -4.11
N SER F 89 35.33 -44.83 -4.50
CA SER F 89 34.71 -43.76 -5.26
C SER F 89 33.20 -43.99 -5.34
N TRP F 90 32.42 -42.92 -5.17
CA TRP F 90 30.97 -42.99 -5.28
C TRP F 90 30.44 -42.40 -6.58
N TRP F 91 31.33 -42.10 -7.52
CA TRP F 91 30.96 -41.48 -8.80
C TRP F 91 30.30 -42.44 -9.78
N PRO F 92 30.74 -43.73 -9.92
CA PRO F 92 30.09 -44.68 -10.80
C PRO F 92 28.57 -44.76 -10.73
N ILE F 93 28.02 -44.75 -9.51
CA ILE F 93 26.58 -44.85 -9.34
C ILE F 93 25.89 -43.60 -9.88
N LEU F 94 26.53 -42.44 -9.72
CA LEU F 94 26.00 -41.19 -10.27
C LEU F 94 26.02 -41.22 -11.79
N ILE F 95 27.08 -41.77 -12.39
CA ILE F 95 27.16 -41.90 -13.83
C ILE F 95 26.04 -42.79 -14.34
N SER F 96 25.82 -43.92 -13.64
CA SER F 96 24.79 -44.87 -14.03
C SER F 96 23.40 -44.23 -13.92
N LEU F 97 23.17 -43.45 -12.85
CA LEU F 97 21.89 -42.78 -12.67
C LEU F 97 21.65 -41.75 -13.77
N SER F 98 22.70 -41.02 -14.18
CA SER F 98 22.59 -40.02 -15.23
C SER F 98 22.21 -40.69 -16.54
N PHE F 99 22.89 -41.80 -16.87
CA PHE F 99 22.60 -42.53 -18.09
C PHE F 99 21.19 -43.11 -18.08
N SER F 100 20.76 -43.60 -16.92
CA SER F 100 19.41 -44.13 -16.75
C SER F 100 18.36 -43.06 -16.99
N THR F 101 18.63 -41.84 -16.49
CA THR F 101 17.73 -40.70 -16.69
C THR F 101 17.61 -40.39 -18.18
N ALA F 102 18.76 -40.33 -18.86
CA ALA F 102 18.76 -40.05 -20.30
C ALA F 102 17.98 -41.12 -21.07
N ALA F 103 18.14 -42.39 -20.66
CA ALA F 103 17.49 -43.50 -21.33
C ALA F 103 15.98 -43.44 -21.16
N VAL F 104 15.53 -43.15 -19.93
CA VAL F 104 14.10 -43.04 -19.65
C VAL F 104 13.52 -41.87 -20.43
N GLY F 105 14.28 -40.78 -20.55
CA GLY F 105 13.88 -39.64 -21.36
C GLY F 105 13.69 -40.02 -22.83
N ALA F 106 14.65 -40.79 -23.37
CA ALA F 106 14.60 -41.20 -24.77
C ALA F 106 13.48 -42.21 -25.03
N ALA F 107 13.11 -43.01 -24.01
CA ALA F 107 12.11 -44.05 -24.19
C ALA F 107 10.72 -43.45 -24.37
N LEU F 108 10.37 -42.45 -23.54
CA LEU F 108 9.05 -41.85 -23.58
C LEU F 108 9.01 -40.61 -24.48
N TRP F 109 10.15 -40.29 -25.13
CA TRP F 109 10.30 -39.13 -26.01
C TRP F 109 9.93 -37.84 -25.27
N LEU F 110 10.73 -37.55 -24.23
CA LEU F 110 10.63 -36.30 -23.50
C LEU F 110 11.95 -35.54 -23.66
N PRO F 111 12.06 -34.63 -24.64
CA PRO F 111 13.32 -33.96 -24.96
C PRO F 111 13.99 -33.23 -23.80
N TRP F 112 13.18 -32.66 -22.90
CA TRP F 112 13.71 -31.98 -21.73
C TRP F 112 14.46 -32.97 -20.82
N LEU F 113 13.89 -34.16 -20.65
CA LEU F 113 14.52 -35.20 -19.85
C LEU F 113 15.83 -35.67 -20.52
N ILE F 114 15.84 -35.73 -21.85
CA ILE F 114 17.02 -36.13 -22.60
C ILE F 114 18.14 -35.11 -22.37
N ALA F 115 17.80 -33.82 -22.47
CA ALA F 115 18.77 -32.75 -22.30
C ALA F 115 19.36 -32.77 -20.89
N ALA F 116 18.47 -32.94 -19.89
CA ALA F 116 18.89 -33.00 -18.50
C ALA F 116 19.83 -34.20 -18.28
N GLY F 117 19.49 -35.34 -18.90
CA GLY F 117 20.31 -36.54 -18.80
C GLY F 117 21.70 -36.35 -19.39
N VAL F 118 21.78 -35.67 -20.53
CA VAL F 118 23.06 -35.44 -21.18
C VAL F 118 23.93 -34.51 -20.33
N ALA F 119 23.32 -33.47 -19.75
CA ALA F 119 24.04 -32.57 -18.87
C ALA F 119 24.57 -33.31 -17.64
N PHE F 120 23.72 -34.18 -17.07
CA PHE F 120 24.10 -34.96 -15.91
C PHE F 120 25.26 -35.91 -16.23
N VAL F 121 25.21 -36.54 -17.41
CA VAL F 121 26.25 -37.47 -17.85
C VAL F 121 27.58 -36.74 -17.96
N ILE F 122 27.57 -35.55 -18.57
CA ILE F 122 28.79 -34.77 -18.75
C ILE F 122 29.37 -34.41 -17.39
N THR F 123 28.51 -33.94 -16.47
CA THR F 123 28.96 -33.54 -15.15
C THR F 123 29.56 -34.71 -14.38
N SER F 124 28.91 -35.87 -14.46
CA SER F 124 29.34 -37.06 -13.73
C SER F 124 30.69 -37.58 -14.27
N VAL F 125 30.84 -37.56 -15.59
CA VAL F 125 32.09 -38.01 -16.20
C VAL F 125 33.21 -37.05 -15.84
N CYS F 126 32.90 -35.74 -15.82
CA CYS F 126 33.87 -34.73 -15.39
C CYS F 126 34.33 -35.02 -13.96
N GLY F 127 33.38 -35.34 -13.07
CA GLY F 127 33.68 -35.65 -11.69
C GLY F 127 34.57 -36.89 -11.56
N LEU F 128 34.29 -37.90 -12.38
CA LEU F 128 35.04 -39.14 -12.33
C LEU F 128 36.48 -38.93 -12.79
N VAL F 129 36.66 -38.17 -13.88
CA VAL F 129 37.97 -38.03 -14.50
C VAL F 129 38.88 -37.15 -13.65
N PHE F 130 38.31 -36.14 -12.99
CA PHE F 130 39.10 -35.16 -12.26
C PHE F 130 39.33 -35.51 -10.78
N GLU F 131 38.96 -36.72 -10.38
CA GLU F 131 38.88 -37.06 -8.97
C GLU F 131 40.23 -36.97 -8.26
N TYR F 132 41.27 -37.53 -8.89
CA TYR F 132 42.59 -37.60 -8.27
C TYR F 132 43.54 -36.54 -8.83
N TYR F 133 42.98 -35.40 -9.30
CA TYR F 133 43.80 -34.35 -9.88
C TYR F 133 43.48 -32.96 -9.34
N TRP F 134 42.34 -32.79 -8.66
CA TRP F 134 42.00 -31.55 -7.98
C TRP F 134 43.08 -31.24 -6.94
N GLY F 135 43.58 -30.00 -6.97
CA GLY F 135 44.55 -29.51 -6.00
C GLY F 135 43.87 -29.03 -4.73
N PRO F 136 44.65 -28.71 -3.66
CA PRO F 136 44.07 -28.11 -2.46
C PRO F 136 43.45 -26.74 -2.73
N GLU F 137 42.51 -26.35 -1.88
CA GLU F 137 41.79 -25.09 -2.00
C GLU F 137 42.74 -23.93 -1.74
N LYS F 138 42.61 -22.86 -2.54
CA LYS F 138 43.54 -21.75 -2.57
C LYS F 138 43.31 -20.77 -1.42
N HIS F 139 42.11 -20.81 -0.82
CA HIS F 139 41.68 -19.86 0.20
C HIS F 139 41.71 -18.42 -0.33
N GLU G 10 51.59 -73.76 24.75
CA GLU G 10 51.42 -73.16 23.39
C GLU G 10 49.92 -72.96 23.10
N LEU G 11 49.11 -72.92 24.15
CA LEU G 11 47.68 -72.67 24.06
C LEU G 11 47.41 -71.29 23.47
N GLU G 12 46.44 -71.23 22.54
CA GLU G 12 46.06 -69.99 21.88
C GLU G 12 44.67 -69.61 22.34
N ALA G 13 44.45 -68.30 22.57
CA ALA G 13 43.14 -67.81 23.00
C ALA G 13 42.27 -67.53 21.77
N ARG G 14 41.11 -68.19 21.73
CA ARG G 14 40.16 -68.04 20.64
C ARG G 14 38.76 -67.86 21.21
N ARG G 15 37.89 -67.23 20.43
CA ARG G 15 36.50 -67.03 20.83
C ARG G 15 35.77 -68.37 20.81
N PRO G 16 34.78 -68.59 21.70
CA PRO G 16 33.93 -69.78 21.64
C PRO G 16 33.26 -69.99 20.28
N PHE G 17 32.81 -68.88 19.67
CA PHE G 17 32.19 -68.91 18.36
C PHE G 17 32.58 -67.66 17.59
N PRO G 18 32.77 -67.73 16.24
CA PRO G 18 33.03 -66.53 15.46
C PRO G 18 31.88 -65.52 15.50
N GLU G 19 32.20 -64.28 15.10
CA GLU G 19 31.22 -63.20 15.07
C GLU G 19 30.15 -63.50 14.02
N ARG G 20 28.90 -63.19 14.36
CA ARG G 20 27.77 -63.46 13.49
C ARG G 20 27.66 -62.35 12.44
N MET G 21 27.43 -61.11 12.90
CA MET G 21 27.19 -59.99 12.01
C MET G 21 27.99 -58.78 12.47
N GLY G 22 27.99 -57.73 11.66
CA GLY G 22 28.77 -56.53 11.90
C GLY G 22 28.13 -55.63 12.96
N PRO G 23 28.86 -54.59 13.41
CA PRO G 23 28.38 -53.73 14.49
C PRO G 23 27.52 -52.53 14.07
N LYS G 24 26.27 -52.82 13.69
CA LYS G 24 25.24 -51.82 13.43
C LYS G 24 25.75 -50.77 12.45
N GLY G 25 26.12 -51.22 11.27
CA GLY G 25 26.38 -50.34 10.14
C GLY G 25 27.85 -50.28 9.75
N ASN G 26 28.27 -51.21 8.90
CA ASN G 26 29.56 -51.18 8.27
C ASN G 26 29.46 -51.62 6.81
N LEU G 27 28.24 -51.61 6.27
CA LEU G 27 27.99 -52.15 4.93
C LEU G 27 27.33 -51.11 4.01
N ILE G 28 26.46 -50.27 4.57
CA ILE G 28 25.64 -49.37 3.76
C ILE G 28 26.51 -48.38 2.98
N TYR G 29 27.50 -47.79 3.64
CA TYR G 29 28.40 -46.87 2.97
C TYR G 29 29.44 -47.61 2.12
N LYS G 30 29.79 -48.84 2.52
CA LYS G 30 30.76 -49.65 1.81
C LYS G 30 30.08 -50.40 0.66
N LEU G 31 28.82 -50.06 0.34
CA LEU G 31 28.10 -50.66 -0.76
C LEU G 31 28.06 -49.73 -1.98
N ILE G 32 28.24 -48.42 -1.73
CA ILE G 32 28.08 -47.41 -2.78
C ILE G 32 29.42 -46.80 -3.19
N THR G 33 30.46 -47.01 -2.37
CA THR G 33 31.76 -46.42 -2.64
C THR G 33 32.82 -47.49 -2.93
N THR G 34 32.41 -48.76 -2.93
CA THR G 34 33.37 -49.86 -2.98
C THR G 34 34.04 -49.97 -4.34
N THR G 35 35.26 -50.51 -4.34
CA THR G 35 35.94 -50.93 -5.56
C THR G 35 36.53 -52.32 -5.39
N ASP G 36 36.15 -53.02 -4.31
CA ASP G 36 36.62 -54.37 -4.05
C ASP G 36 35.91 -55.36 -4.97
N HIS G 37 36.68 -56.20 -5.67
CA HIS G 37 36.08 -57.17 -6.59
C HIS G 37 35.34 -58.27 -5.83
N LYS G 38 35.86 -58.66 -4.66
CA LYS G 38 35.25 -59.68 -3.84
C LYS G 38 33.89 -59.21 -3.36
N LEU G 39 33.78 -57.94 -2.97
CA LEU G 39 32.51 -57.42 -2.49
C LEU G 39 31.50 -57.31 -3.63
N ILE G 40 31.97 -56.88 -4.81
CA ILE G 40 31.09 -56.65 -5.94
C ILE G 40 30.47 -57.97 -6.40
N GLY G 41 31.26 -59.05 -6.38
CA GLY G 41 30.76 -60.37 -6.72
C GLY G 41 29.66 -60.86 -5.80
N ILE G 42 29.82 -60.60 -4.49
CA ILE G 42 28.82 -61.02 -3.47
C ILE G 42 27.52 -60.23 -3.69
N MET G 43 27.64 -59.00 -4.22
CA MET G 43 26.46 -58.15 -4.47
C MET G 43 26.05 -58.26 -5.95
N TYR G 44 26.57 -59.28 -6.64
CA TYR G 44 26.25 -59.50 -8.08
C TYR G 44 25.33 -60.72 -8.22
N CYS G 45 25.42 -61.66 -7.28
CA CYS G 45 24.58 -62.89 -7.30
C CYS G 45 23.31 -62.66 -6.49
N VAL G 46 23.42 -61.89 -5.39
CA VAL G 46 22.25 -61.60 -4.52
C VAL G 46 21.13 -61.00 -5.38
N VAL G 47 21.48 -60.05 -6.26
CA VAL G 47 20.52 -59.42 -7.14
C VAL G 47 20.09 -60.39 -8.24
N CYS G 48 21.02 -61.21 -8.74
CA CYS G 48 20.71 -62.20 -9.75
C CYS G 48 19.67 -63.20 -9.25
N PHE G 49 19.87 -63.71 -8.02
CA PHE G 49 18.94 -64.67 -7.44
C PHE G 49 17.62 -64.00 -7.06
N ALA G 50 17.64 -62.69 -6.78
CA ALA G 50 16.41 -61.97 -6.53
C ALA G 50 15.58 -61.86 -7.81
N PHE G 51 16.25 -61.63 -8.95
CA PHE G 51 15.58 -61.55 -10.24
C PHE G 51 15.12 -62.93 -10.70
N PHE G 52 15.79 -64.00 -10.26
CA PHE G 52 15.40 -65.36 -10.60
C PHE G 52 13.97 -65.65 -10.16
N LEU G 53 13.64 -65.24 -8.94
CA LEU G 53 12.32 -65.48 -8.37
C LEU G 53 11.24 -64.72 -9.17
N VAL G 54 11.54 -63.48 -9.56
CA VAL G 54 10.61 -62.66 -10.31
C VAL G 54 10.36 -63.27 -11.69
N GLY G 55 11.43 -63.74 -12.34
CA GLY G 55 11.33 -64.39 -13.63
C GLY G 55 10.56 -65.70 -13.55
N GLY G 56 10.64 -66.41 -12.43
CA GLY G 56 10.02 -67.71 -12.27
C GLY G 56 8.54 -67.63 -11.87
N LEU G 57 8.17 -66.57 -11.15
CA LEU G 57 6.77 -66.35 -10.77
C LEU G 57 5.89 -66.19 -12.01
N MET G 58 6.41 -65.53 -13.05
CA MET G 58 5.71 -65.36 -14.30
C MET G 58 5.48 -66.72 -14.97
N ALA G 59 6.50 -67.59 -14.92
CA ALA G 59 6.39 -68.94 -15.47
C ALA G 59 5.33 -69.75 -14.71
N LEU G 60 5.28 -69.59 -13.38
CA LEU G 60 4.26 -70.25 -12.58
C LEU G 60 2.87 -69.78 -12.96
N PHE G 61 2.70 -68.46 -13.18
CA PHE G 61 1.41 -67.93 -13.59
C PHE G 61 0.97 -68.52 -14.92
N MET G 62 1.87 -68.54 -15.91
CA MET G 62 1.47 -68.98 -17.23
C MET G 62 1.36 -70.51 -17.32
N ARG G 63 1.95 -71.22 -16.35
CA ARG G 63 1.81 -72.66 -16.27
C ARG G 63 0.51 -73.04 -15.56
N THR G 64 0.07 -72.23 -14.59
CA THR G 64 -1.20 -72.42 -13.93
C THR G 64 -2.35 -72.17 -14.91
N GLU G 65 -2.24 -71.10 -15.72
CA GLU G 65 -3.22 -70.82 -16.74
C GLU G 65 -2.84 -71.54 -18.04
N LEU G 66 -2.51 -72.84 -17.93
CA LEU G 66 -2.26 -73.66 -19.11
C LEU G 66 -2.68 -75.11 -18.87
N ALA G 67 -3.33 -75.41 -17.72
CA ALA G 67 -3.62 -76.78 -17.32
C ALA G 67 -5.05 -77.20 -17.66
N MET G 68 -5.91 -76.24 -17.99
CA MET G 68 -7.30 -76.51 -18.32
C MET G 68 -7.68 -75.78 -19.60
N PRO G 69 -8.51 -76.39 -20.49
CA PRO G 69 -8.81 -75.81 -21.79
C PRO G 69 -9.34 -74.38 -21.80
N GLY G 70 -10.14 -74.00 -20.80
CA GLY G 70 -10.74 -72.67 -20.72
C GLY G 70 -9.78 -71.62 -20.17
N LEU G 71 -10.02 -70.36 -20.56
CA LEU G 71 -9.31 -69.24 -19.96
C LEU G 71 -9.98 -68.92 -18.62
N GLN G 72 -9.29 -69.20 -17.53
CA GLN G 72 -9.89 -69.16 -16.20
C GLN G 72 -9.72 -67.78 -15.57
N PHE G 73 -8.49 -67.26 -15.54
CA PHE G 73 -8.22 -66.02 -14.82
C PHE G 73 -7.31 -65.07 -15.60
N LEU G 74 -6.69 -65.56 -16.69
CA LEU G 74 -5.85 -64.69 -17.51
C LEU G 74 -6.58 -64.31 -18.80
N SER G 75 -5.97 -63.35 -19.52
CA SER G 75 -6.39 -62.97 -20.86
C SER G 75 -5.24 -63.23 -21.85
N ASN G 76 -5.48 -62.91 -23.12
CA ASN G 76 -4.50 -63.08 -24.18
C ASN G 76 -3.31 -62.15 -23.95
N GLU G 77 -3.61 -60.86 -23.73
CA GLU G 77 -2.60 -59.81 -23.62
C GLU G 77 -1.66 -60.09 -22.45
N GLN G 78 -2.26 -60.48 -21.30
CA GLN G 78 -1.51 -60.73 -20.09
C GLN G 78 -0.57 -61.92 -20.29
N PHE G 79 -1.07 -62.98 -20.94
CA PHE G 79 -0.27 -64.16 -21.21
C PHE G 79 0.92 -63.82 -22.12
N ASN G 80 0.66 -62.99 -23.14
CA ASN G 80 1.70 -62.60 -24.08
C ASN G 80 2.81 -61.83 -23.36
N GLN G 81 2.42 -60.80 -22.61
CA GLN G 81 3.38 -60.02 -21.84
C GLN G 81 4.13 -60.92 -20.86
N LEU G 82 3.42 -61.92 -20.31
CA LEU G 82 3.94 -62.74 -19.23
C LEU G 82 5.09 -63.63 -19.74
N PHE G 83 4.86 -64.32 -20.87
CA PHE G 83 5.93 -65.16 -21.39
C PHE G 83 7.05 -64.31 -21.98
N THR G 84 6.72 -63.13 -22.53
CA THR G 84 7.74 -62.26 -23.07
C THR G 84 8.71 -61.82 -21.97
N MET G 85 8.16 -61.42 -20.82
CA MET G 85 8.98 -60.88 -19.75
C MET G 85 9.70 -61.98 -18.98
N HIS G 86 9.07 -63.15 -18.83
CA HIS G 86 9.77 -64.31 -18.27
C HIS G 86 11.02 -64.61 -19.09
N GLY G 87 10.82 -64.74 -20.41
CA GLY G 87 11.90 -65.04 -21.35
C GLY G 87 13.05 -64.03 -21.30
N THR G 88 12.71 -62.74 -21.15
CA THR G 88 13.74 -61.71 -21.16
C THR G 88 14.49 -61.64 -19.83
N VAL G 89 13.76 -61.73 -18.73
CA VAL G 89 14.35 -61.60 -17.40
C VAL G 89 15.28 -62.78 -17.14
N MET G 90 14.85 -63.99 -17.51
CA MET G 90 15.65 -65.16 -17.21
C MET G 90 16.96 -65.18 -18.00
N LEU G 91 16.95 -64.63 -19.22
CA LEU G 91 18.10 -64.72 -20.11
C LEU G 91 19.08 -63.56 -19.89
N LEU G 92 18.57 -62.32 -19.77
CA LEU G 92 19.44 -61.16 -19.84
C LEU G 92 19.69 -60.50 -18.48
N PHE G 93 18.80 -60.74 -17.51
CA PHE G 93 18.94 -60.13 -16.20
C PHE G 93 19.35 -61.15 -15.14
N TYR G 94 19.54 -62.41 -15.52
CA TYR G 94 19.97 -63.42 -14.56
C TYR G 94 21.23 -64.15 -14.98
N ALA G 95 21.28 -64.63 -16.24
CA ALA G 95 22.31 -65.55 -16.67
C ALA G 95 23.56 -64.83 -17.16
N THR G 96 23.39 -63.96 -18.17
CA THR G 96 24.46 -63.15 -18.71
C THR G 96 25.19 -62.37 -17.60
N PRO G 97 24.47 -61.74 -16.63
CA PRO G 97 25.12 -61.19 -15.46
C PRO G 97 25.83 -62.19 -14.56
N ILE G 98 25.16 -63.30 -14.18
CA ILE G 98 25.73 -64.26 -13.26
C ILE G 98 27.05 -64.84 -13.80
N VAL G 99 27.26 -64.70 -15.12
CA VAL G 99 28.54 -65.02 -15.72
C VAL G 99 29.65 -64.17 -15.10
N PHE G 100 29.41 -62.86 -15.03
CA PHE G 100 30.42 -61.92 -14.58
C PHE G 100 30.54 -61.90 -13.06
N GLY G 101 29.55 -62.39 -12.33
CA GLY G 101 29.66 -62.51 -10.88
C GLY G 101 30.76 -63.50 -10.49
N PHE G 102 30.79 -64.65 -11.18
CA PHE G 102 31.79 -65.67 -10.94
C PHE G 102 33.17 -65.22 -11.41
N ALA G 103 33.25 -64.28 -12.36
CA ALA G 103 34.53 -63.80 -12.88
C ALA G 103 35.28 -62.98 -11.83
N ASN G 104 34.68 -61.87 -11.38
CA ASN G 104 35.31 -61.01 -10.39
C ASN G 104 34.98 -61.51 -8.98
N LEU G 105 35.04 -62.83 -8.81
CA LEU G 105 34.95 -63.48 -7.52
C LEU G 105 36.17 -64.38 -7.29
N VAL G 106 36.68 -65.01 -8.35
CA VAL G 106 37.80 -65.93 -8.21
C VAL G 106 38.90 -65.69 -9.24
N LEU G 107 38.62 -64.98 -10.34
CA LEU G 107 39.62 -64.84 -11.40
C LEU G 107 40.88 -64.13 -10.90
N PRO G 108 40.82 -62.96 -10.20
CA PRO G 108 42.02 -62.38 -9.62
C PRO G 108 42.75 -63.32 -8.66
N LEU G 109 41.98 -64.13 -7.91
CA LEU G 109 42.57 -65.12 -7.02
C LEU G 109 43.25 -66.23 -7.82
N GLN G 110 42.67 -66.59 -8.98
CA GLN G 110 43.18 -67.70 -9.78
C GLN G 110 44.47 -67.31 -10.48
N ILE G 111 44.56 -66.06 -10.95
CA ILE G 111 45.74 -65.63 -11.69
C ILE G 111 46.86 -65.15 -10.75
N GLY G 112 46.53 -64.91 -9.48
CA GLY G 112 47.50 -64.44 -8.50
C GLY G 112 47.65 -62.92 -8.45
N ALA G 113 46.62 -62.19 -8.90
CA ALA G 113 46.64 -60.74 -8.91
C ALA G 113 46.00 -60.19 -7.63
N PRO G 114 46.32 -58.95 -7.21
CA PRO G 114 45.61 -58.34 -6.08
C PRO G 114 44.29 -57.66 -6.44
N ASP G 115 44.08 -57.36 -7.72
CA ASP G 115 42.95 -56.55 -8.14
C ASP G 115 42.67 -56.76 -9.62
N VAL G 116 41.54 -56.24 -10.07
CA VAL G 116 41.16 -56.18 -11.49
C VAL G 116 41.86 -55.00 -12.14
N ALA G 117 41.89 -54.98 -13.48
CA ALA G 117 42.60 -53.96 -14.23
C ALA G 117 42.05 -52.55 -13.96
N PHE G 118 40.73 -52.37 -14.04
CA PHE G 118 40.12 -51.08 -13.80
C PHE G 118 39.02 -51.24 -12.76
N PRO G 119 39.30 -51.00 -11.46
CA PRO G 119 38.28 -51.22 -10.42
C PRO G 119 37.12 -50.23 -10.43
N ARG G 120 37.43 -48.96 -10.68
CA ARG G 120 36.44 -47.89 -10.67
C ARG G 120 35.55 -47.98 -11.90
N LEU G 121 36.01 -48.67 -12.96
CA LEU G 121 35.17 -49.02 -14.10
C LEU G 121 34.43 -50.33 -13.84
N ASN G 122 35.04 -51.22 -13.05
CA ASN G 122 34.42 -52.48 -12.68
C ASN G 122 33.14 -52.24 -11.85
N ALA G 123 33.14 -51.17 -11.05
CA ALA G 123 32.00 -50.79 -10.23
C ALA G 123 30.81 -50.31 -11.08
N LEU G 124 31.09 -49.65 -12.21
CA LEU G 124 30.06 -49.03 -13.03
C LEU G 124 29.16 -50.08 -13.69
N SER G 125 29.74 -51.23 -14.03
CA SER G 125 29.05 -52.29 -14.75
C SER G 125 27.89 -52.85 -13.94
N PHE G 126 28.10 -53.08 -12.65
CA PHE G 126 27.06 -53.58 -11.76
C PHE G 126 25.87 -52.62 -11.70
N TRP G 127 26.15 -51.33 -11.58
CA TRP G 127 25.08 -50.35 -11.47
C TRP G 127 24.32 -50.19 -12.78
N LEU G 128 25.05 -50.27 -13.91
CA LEU G 128 24.41 -50.24 -15.22
C LEU G 128 23.46 -51.43 -15.36
N PHE G 129 23.93 -52.63 -14.99
CA PHE G 129 23.10 -53.82 -14.92
C PHE G 129 21.82 -53.56 -14.14
N LEU G 130 21.96 -53.14 -12.87
CA LEU G 130 20.81 -53.04 -11.98
C LEU G 130 19.78 -52.05 -12.53
N PHE G 131 20.23 -50.87 -12.96
CA PHE G 131 19.31 -49.82 -13.38
C PHE G 131 18.67 -50.13 -14.73
N GLY G 132 19.43 -50.73 -15.66
CA GLY G 132 18.87 -51.18 -16.92
C GLY G 132 17.77 -52.21 -16.72
N ALA G 133 18.04 -53.18 -15.83
CA ALA G 133 17.07 -54.21 -15.51
C ALA G 133 15.81 -53.60 -14.93
N LEU G 134 15.97 -52.63 -14.02
CA LEU G 134 14.83 -51.99 -13.40
C LEU G 134 13.99 -51.23 -14.42
N ILE G 135 14.66 -50.50 -15.34
CA ILE G 135 13.95 -49.75 -16.36
C ILE G 135 13.14 -50.69 -17.26
N ALA G 136 13.73 -51.85 -17.60
CA ALA G 136 13.05 -52.79 -18.49
C ALA G 136 11.86 -53.44 -17.79
N ILE G 137 12.00 -53.76 -16.50
CA ILE G 137 10.94 -54.46 -15.77
C ILE G 137 9.81 -53.49 -15.40
N ALA G 138 10.11 -52.18 -15.29
CA ALA G 138 9.12 -51.23 -14.79
C ALA G 138 7.99 -50.96 -15.79
N GLY G 139 7.91 -51.76 -16.86
CA GLY G 139 6.84 -51.68 -17.84
C GLY G 139 5.49 -52.17 -17.33
N PHE G 140 5.48 -52.86 -16.17
CA PHE G 140 4.27 -53.41 -15.60
C PHE G 140 3.47 -52.37 -14.82
N ILE G 141 4.06 -51.20 -14.56
CA ILE G 141 3.39 -50.15 -13.82
C ILE G 141 2.44 -49.38 -14.74
N THR G 142 2.71 -49.41 -16.05
CA THR G 142 1.91 -48.71 -17.04
C THR G 142 0.55 -49.39 -17.16
N PRO G 143 -0.55 -48.64 -17.45
CA PRO G 143 -1.87 -49.23 -17.65
C PRO G 143 -1.94 -50.23 -18.82
N GLY G 144 -1.03 -50.08 -19.79
CA GLY G 144 -0.98 -50.93 -20.95
C GLY G 144 -0.35 -52.29 -20.65
N GLY G 145 0.86 -52.23 -20.07
CA GLY G 145 1.62 -53.41 -19.71
C GLY G 145 3.02 -53.36 -20.30
N ALA G 146 3.75 -54.48 -20.14
CA ALA G 146 5.12 -54.59 -20.62
C ALA G 146 5.13 -55.03 -22.08
N ALA G 147 6.30 -55.46 -22.57
CA ALA G 147 6.44 -55.98 -23.92
C ALA G 147 5.61 -57.26 -24.06
N ASP G 148 4.94 -57.40 -25.21
CA ASP G 148 4.06 -58.53 -25.47
C ASP G 148 4.36 -59.15 -26.83
N PHE G 149 5.64 -59.14 -27.21
CA PHE G 149 6.05 -59.57 -28.53
C PHE G 149 7.22 -60.55 -28.48
N GLY G 150 7.40 -61.25 -27.34
CA GLY G 150 8.46 -62.25 -27.20
C GLY G 150 9.82 -61.60 -27.02
N TRP G 151 10.79 -62.39 -26.56
CA TRP G 151 12.18 -61.90 -26.37
C TRP G 151 12.85 -61.79 -27.73
N THR G 152 12.35 -62.50 -28.73
CA THR G 152 12.95 -62.53 -30.06
C THR G 152 12.70 -61.21 -30.77
N ALA G 153 11.50 -60.64 -30.64
CA ALA G 153 11.15 -59.30 -31.10
C ALA G 153 11.13 -59.20 -32.63
N TYR G 154 10.41 -60.11 -33.29
CA TYR G 154 10.33 -60.14 -34.74
C TYR G 154 9.58 -58.92 -35.31
N SER G 155 9.92 -58.56 -36.56
CA SER G 155 9.36 -57.42 -37.26
C SER G 155 8.75 -57.84 -38.59
N PRO G 156 7.69 -57.16 -39.10
CA PRO G 156 7.04 -56.04 -38.43
C PRO G 156 5.95 -56.46 -37.45
N LEU G 157 6.31 -56.50 -36.17
CA LEU G 157 5.39 -56.60 -35.06
C LEU G 157 5.77 -55.61 -33.97
N THR G 158 6.99 -55.08 -34.05
CA THR G 158 7.50 -54.09 -33.06
C THR G 158 7.53 -52.70 -33.69
N ASP G 159 6.85 -52.52 -34.83
CA ASP G 159 6.81 -51.20 -35.52
C ASP G 159 5.75 -50.31 -34.85
N ALA G 160 5.80 -49.00 -35.12
CA ALA G 160 4.85 -48.07 -34.52
C ALA G 160 3.41 -48.54 -34.75
N ILE G 161 3.17 -49.27 -35.85
CA ILE G 161 1.80 -49.65 -36.19
C ILE G 161 1.33 -50.78 -35.28
N HIS G 162 2.15 -51.82 -35.18
CA HIS G 162 1.84 -52.95 -34.32
C HIS G 162 2.69 -52.82 -33.05
N SER G 163 2.08 -53.02 -31.88
CA SER G 163 2.69 -52.78 -30.58
C SER G 163 3.06 -51.31 -30.42
N PRO G 164 2.07 -50.38 -30.35
CA PRO G 164 2.38 -48.96 -30.19
C PRO G 164 2.57 -48.49 -28.75
N GLY G 165 2.61 -49.43 -27.80
CA GLY G 165 2.64 -49.14 -26.38
C GLY G 165 3.97 -48.57 -25.90
N ALA G 166 3.99 -48.18 -24.62
CA ALA G 166 5.14 -47.58 -23.98
C ALA G 166 6.03 -48.62 -23.28
N GLY G 167 5.49 -49.81 -23.01
CA GLY G 167 6.23 -50.91 -22.40
C GLY G 167 7.38 -51.38 -23.29
N GLY G 168 7.08 -51.50 -24.59
CA GLY G 168 8.05 -51.93 -25.59
C GLY G 168 9.22 -50.96 -25.73
N ASP G 169 8.92 -49.67 -25.55
CA ASP G 169 9.94 -48.64 -25.63
C ASP G 169 10.90 -48.74 -24.46
N LEU G 170 10.35 -48.95 -23.26
CA LEU G 170 11.16 -49.10 -22.06
C LEU G 170 12.01 -50.36 -22.16
N TRP G 171 11.45 -51.43 -22.75
CA TRP G 171 12.17 -52.67 -22.98
C TRP G 171 13.41 -52.40 -23.86
N ILE G 172 13.19 -51.73 -24.99
CA ILE G 172 14.27 -51.42 -25.92
C ILE G 172 15.34 -50.57 -25.25
N MET G 173 14.93 -49.56 -24.49
CA MET G 173 15.87 -48.61 -23.93
C MET G 173 16.56 -49.14 -22.67
N GLY G 174 16.02 -50.19 -22.04
CA GLY G 174 16.64 -50.81 -20.89
C GLY G 174 17.69 -51.85 -21.30
N LEU G 175 17.41 -52.58 -22.38
CA LEU G 175 18.34 -53.57 -22.88
C LEU G 175 19.66 -52.90 -23.30
N ALA G 176 19.59 -51.69 -23.87
CA ALA G 176 20.78 -50.98 -24.30
C ALA G 176 21.67 -50.58 -23.12
N VAL G 177 21.04 -50.12 -22.04
CA VAL G 177 21.78 -49.69 -20.85
C VAL G 177 22.41 -50.91 -20.16
N GLY G 178 21.71 -52.06 -20.18
CA GLY G 178 22.31 -53.30 -19.71
C GLY G 178 23.52 -53.74 -20.56
N GLY G 179 23.37 -53.61 -21.87
CA GLY G 179 24.38 -54.03 -22.83
C GLY G 179 25.67 -53.20 -22.75
N LEU G 180 25.53 -51.92 -22.37
CA LEU G 180 26.70 -51.08 -22.18
C LEU G 180 27.53 -51.58 -21.00
N GLY G 181 26.85 -51.94 -19.90
CA GLY G 181 27.51 -52.52 -18.74
C GLY G 181 28.20 -53.83 -19.09
N THR G 182 27.53 -54.65 -19.92
CA THR G 182 28.08 -55.93 -20.33
C THR G 182 29.37 -55.73 -21.11
N ILE G 183 29.37 -54.78 -22.06
CA ILE G 183 30.56 -54.52 -22.87
C ILE G 183 31.70 -54.01 -21.99
N LEU G 184 31.38 -53.08 -21.08
CA LEU G 184 32.40 -52.51 -20.21
C LEU G 184 32.99 -53.55 -19.27
N GLY G 185 32.16 -54.52 -18.83
CA GLY G 185 32.64 -55.63 -18.02
C GLY G 185 33.52 -56.59 -18.82
N GLY G 186 33.19 -56.79 -20.09
CA GLY G 186 33.97 -57.64 -20.98
C GLY G 186 35.35 -57.06 -21.29
N VAL G 187 35.45 -55.74 -21.37
CA VAL G 187 36.68 -55.05 -21.66
C VAL G 187 37.71 -55.30 -20.56
N ASN G 188 37.25 -55.52 -19.32
CA ASN G 188 38.09 -55.50 -18.14
C ASN G 188 38.82 -56.83 -17.91
N MET G 189 38.12 -57.93 -18.17
CA MET G 189 38.64 -59.26 -17.92
C MET G 189 39.79 -59.59 -18.88
N ILE G 190 39.68 -59.16 -20.13
CA ILE G 190 40.73 -59.36 -21.13
C ILE G 190 42.01 -58.69 -20.64
N THR G 191 41.90 -57.43 -20.19
CA THR G 191 43.06 -56.68 -19.73
C THR G 191 43.66 -57.33 -18.49
N THR G 192 42.79 -57.76 -17.56
CA THR G 192 43.25 -58.37 -16.33
C THR G 192 44.02 -59.65 -16.62
N VAL G 193 43.52 -60.48 -17.54
CA VAL G 193 44.18 -61.73 -17.86
C VAL G 193 45.50 -61.47 -18.58
N VAL G 194 45.50 -60.49 -19.49
CA VAL G 194 46.66 -60.27 -20.35
C VAL G 194 47.82 -59.67 -19.56
N CYS G 195 47.53 -58.77 -18.60
CA CYS G 195 48.61 -57.99 -18.00
C CYS G 195 48.46 -57.82 -16.49
N MET G 196 48.05 -58.89 -15.78
CA MET G 196 48.01 -58.84 -14.33
C MET G 196 48.49 -60.12 -13.66
N ARG G 197 49.23 -60.98 -14.37
CA ARG G 197 49.51 -62.31 -13.88
C ARG G 197 50.70 -62.32 -12.91
N ALA G 198 50.82 -63.42 -12.17
CA ALA G 198 51.91 -63.65 -11.22
C ALA G 198 53.15 -64.12 -11.99
N PRO G 199 54.37 -64.02 -11.40
CA PRO G 199 55.57 -64.56 -12.05
C PRO G 199 55.53 -66.08 -12.09
N GLY G 200 55.72 -66.63 -13.29
CA GLY G 200 55.68 -68.06 -13.50
C GLY G 200 54.31 -68.56 -13.97
N MET G 201 53.29 -67.69 -13.89
CA MET G 201 51.95 -68.06 -14.33
C MET G 201 51.82 -67.72 -15.82
N THR G 202 52.35 -68.62 -16.65
CA THR G 202 52.31 -68.48 -18.09
C THR G 202 50.88 -68.75 -18.57
N MET G 203 50.60 -68.36 -19.81
CA MET G 203 49.28 -68.50 -20.42
C MET G 203 48.79 -69.95 -20.37
N PHE G 204 49.72 -70.89 -20.61
CA PHE G 204 49.38 -72.31 -20.58
C PHE G 204 49.66 -72.92 -19.20
N ARG G 205 49.53 -72.10 -18.13
CA ARG G 205 49.62 -72.63 -16.79
C ARG G 205 48.43 -72.23 -15.92
N MET G 206 47.58 -71.33 -16.43
CA MET G 206 46.41 -70.88 -15.68
C MET G 206 45.30 -71.94 -15.74
N PRO G 207 44.32 -71.95 -14.82
CA PRO G 207 43.24 -72.94 -14.85
C PRO G 207 42.33 -72.80 -16.07
N ILE G 208 41.34 -73.70 -16.16
CA ILE G 208 40.44 -73.76 -17.29
C ILE G 208 39.42 -72.61 -17.23
N PHE G 209 39.02 -72.24 -16.02
CA PHE G 209 38.00 -71.23 -15.80
C PHE G 209 38.43 -69.90 -16.41
N THR G 210 39.70 -69.55 -16.26
CA THR G 210 40.25 -68.30 -16.75
C THR G 210 40.23 -68.26 -18.28
N TRP G 211 40.61 -69.39 -18.91
CA TRP G 211 40.56 -69.50 -20.36
C TRP G 211 39.14 -69.26 -20.88
N ASN G 212 38.17 -69.90 -20.21
CA ASN G 212 36.77 -69.79 -20.58
C ASN G 212 36.28 -68.35 -20.47
N ILE G 213 36.66 -67.67 -19.37
CA ILE G 213 36.24 -66.29 -19.15
C ILE G 213 36.86 -65.37 -20.21
N LEU G 214 38.13 -65.62 -20.54
CA LEU G 214 38.82 -64.81 -21.54
C LEU G 214 38.12 -64.91 -22.90
N VAL G 215 37.85 -66.15 -23.34
CA VAL G 215 37.25 -66.36 -24.64
C VAL G 215 35.81 -65.85 -24.65
N THR G 216 35.12 -65.98 -23.51
CA THR G 216 33.76 -65.48 -23.37
C THR G 216 33.74 -63.95 -23.52
N SER G 217 34.71 -63.27 -22.93
CA SER G 217 34.82 -61.82 -23.06
C SER G 217 35.04 -61.41 -24.51
N ILE G 218 35.93 -62.14 -25.20
CA ILE G 218 36.20 -61.90 -26.61
C ILE G 218 34.90 -62.04 -27.41
N LEU G 219 34.09 -63.06 -27.07
CA LEU G 219 32.83 -63.34 -27.76
C LEU G 219 31.81 -62.25 -27.49
N VAL G 220 31.81 -61.72 -26.25
CA VAL G 220 30.90 -60.66 -25.85
C VAL G 220 31.18 -59.41 -26.69
N LEU G 221 32.47 -59.11 -26.88
CA LEU G 221 32.89 -57.91 -27.61
C LEU G 221 32.36 -57.92 -29.04
N ILE G 222 32.05 -59.09 -29.59
CA ILE G 222 31.54 -59.20 -30.95
C ILE G 222 30.01 -59.21 -30.96
N ALA G 223 29.42 -59.91 -29.97
CA ALA G 223 27.98 -60.13 -29.94
C ALA G 223 27.19 -58.87 -29.62
N PHE G 224 27.59 -58.09 -28.60
CA PHE G 224 26.69 -57.09 -28.04
C PHE G 224 26.56 -55.81 -28.86
N PRO G 225 27.66 -55.21 -29.38
CA PRO G 225 27.54 -53.96 -30.16
C PRO G 225 26.60 -54.02 -31.36
N ILE G 226 26.58 -55.18 -32.03
CA ILE G 226 25.73 -55.36 -33.19
C ILE G 226 24.25 -55.43 -32.77
N LEU G 227 23.99 -55.79 -31.52
CA LEU G 227 22.63 -55.77 -30.98
C LEU G 227 22.23 -54.35 -30.62
N THR G 228 23.14 -53.59 -30.00
CA THR G 228 22.83 -52.22 -29.61
C THR G 228 22.56 -51.35 -30.84
N ALA G 229 23.32 -51.58 -31.92
CA ALA G 229 23.11 -50.87 -33.18
C ALA G 229 21.70 -51.14 -33.73
N ALA G 230 21.29 -52.41 -33.71
CA ALA G 230 19.98 -52.80 -34.21
C ALA G 230 18.88 -52.17 -33.35
N LEU G 231 19.09 -52.13 -32.03
CA LEU G 231 18.11 -51.53 -31.13
C LEU G 231 17.95 -50.03 -31.41
N PHE G 232 19.08 -49.34 -31.68
CA PHE G 232 19.02 -47.94 -32.04
C PHE G 232 18.28 -47.73 -33.36
N GLY G 233 18.51 -48.63 -34.33
CA GLY G 233 17.81 -48.61 -35.61
C GLY G 233 16.30 -48.77 -35.43
N LEU G 234 15.89 -49.65 -34.50
CA LEU G 234 14.47 -49.90 -34.27
C LEU G 234 13.83 -48.69 -33.58
N ALA G 235 14.55 -48.10 -32.61
CA ALA G 235 14.07 -46.91 -31.94
C ALA G 235 13.91 -45.75 -32.93
N ALA G 236 14.81 -45.67 -33.92
CA ALA G 236 14.71 -44.68 -34.97
C ALA G 236 13.39 -44.82 -35.74
N ASP G 237 13.03 -46.05 -36.10
CA ASP G 237 11.77 -46.30 -36.78
C ASP G 237 10.58 -45.91 -35.92
N ARG G 238 10.60 -46.34 -34.65
CA ARG G 238 9.45 -46.15 -33.71
C ARG G 238 9.27 -44.69 -33.27
N HIS G 239 10.30 -43.87 -33.35
CA HIS G 239 10.20 -42.48 -32.88
C HIS G 239 10.25 -41.45 -34.00
N LEU G 240 10.86 -41.79 -35.14
CA LEU G 240 11.06 -40.82 -36.21
C LEU G 240 10.39 -41.23 -37.52
N GLY G 241 9.94 -42.50 -37.62
CA GLY G 241 9.42 -43.03 -38.88
C GLY G 241 10.52 -43.12 -39.93
N ALA G 242 11.48 -44.03 -39.68
CA ALA G 242 12.77 -44.01 -40.37
C ALA G 242 12.90 -45.06 -41.46
N HIS G 243 11.83 -45.78 -41.83
CA HIS G 243 11.83 -46.64 -43.00
C HIS G 243 13.02 -47.60 -43.06
N ILE G 244 13.45 -48.11 -41.90
CA ILE G 244 14.61 -49.00 -41.88
C ILE G 244 14.15 -50.44 -42.10
N TYR G 245 13.26 -50.96 -41.23
CA TYR G 245 12.81 -52.33 -41.33
C TYR G 245 11.45 -52.43 -42.02
N ASP G 246 11.38 -51.83 -43.21
CA ASP G 246 10.14 -51.96 -43.98
C ASP G 246 10.16 -53.27 -44.73
N PRO G 247 9.02 -53.98 -44.84
CA PRO G 247 8.97 -55.20 -45.65
C PRO G 247 9.30 -54.97 -47.12
N ALA G 248 8.89 -53.81 -47.65
CA ALA G 248 9.16 -53.41 -49.03
C ALA G 248 10.65 -53.16 -49.23
N ASN G 249 11.37 -52.85 -48.14
CA ASN G 249 12.76 -52.44 -48.18
C ASN G 249 13.69 -53.60 -47.89
N GLY G 250 13.12 -54.81 -47.71
CA GLY G 250 13.88 -55.99 -47.35
C GLY G 250 14.34 -55.97 -45.89
N GLY G 251 13.52 -55.38 -45.03
CA GLY G 251 13.84 -55.20 -43.62
C GLY G 251 13.27 -56.28 -42.70
N VAL G 252 12.40 -57.14 -43.25
CA VAL G 252 11.87 -58.27 -42.48
C VAL G 252 12.98 -59.27 -42.23
N LEU G 253 13.87 -59.44 -43.21
CA LEU G 253 14.97 -60.38 -43.08
C LEU G 253 16.28 -59.71 -42.64
N LEU G 254 16.40 -58.39 -42.85
CA LEU G 254 17.57 -57.67 -42.38
C LEU G 254 17.65 -57.76 -40.86
N TRP G 255 16.50 -57.54 -40.21
CA TRP G 255 16.47 -57.47 -38.76
C TRP G 255 16.77 -58.83 -38.15
N GLN G 256 16.27 -59.90 -38.80
CA GLN G 256 16.47 -61.25 -38.32
C GLN G 256 17.95 -61.65 -38.41
N HIS G 257 18.62 -61.29 -39.49
CA HIS G 257 20.06 -61.51 -39.62
C HIS G 257 20.81 -60.77 -38.51
N LEU G 258 20.46 -59.49 -38.30
CA LEU G 258 21.10 -58.69 -37.28
C LEU G 258 20.89 -59.27 -35.87
N PHE G 259 19.69 -59.79 -35.60
CA PHE G 259 19.37 -60.32 -34.28
C PHE G 259 20.04 -61.67 -34.05
N TRP G 260 20.05 -62.53 -35.07
CA TRP G 260 20.61 -63.86 -34.89
C TRP G 260 22.13 -63.91 -34.99
N PHE G 261 22.74 -62.82 -35.48
CA PHE G 261 24.19 -62.68 -35.33
C PHE G 261 24.56 -62.49 -33.87
N PHE G 262 23.64 -61.92 -33.08
CA PHE G 262 23.80 -61.78 -31.64
C PHE G 262 23.36 -63.05 -30.91
N GLY G 263 22.19 -63.58 -31.26
CA GLY G 263 21.44 -64.48 -30.39
C GLY G 263 22.20 -65.76 -30.03
N HIS G 264 22.88 -66.34 -31.02
CA HIS G 264 23.50 -67.64 -30.82
C HIS G 264 24.84 -67.50 -30.08
N PRO G 265 25.73 -66.55 -30.45
CA PRO G 265 26.88 -66.24 -29.58
C PRO G 265 26.46 -65.92 -28.15
N GLU G 266 25.28 -65.32 -27.97
CA GLU G 266 24.76 -65.05 -26.64
C GLU G 266 24.55 -66.35 -25.87
N VAL G 267 23.97 -67.35 -26.51
CA VAL G 267 23.71 -68.61 -25.82
C VAL G 267 25.01 -69.37 -25.59
N TYR G 268 26.07 -69.04 -26.33
CA TYR G 268 27.40 -69.58 -26.03
C TYR G 268 28.22 -68.68 -25.10
N ILE G 269 27.67 -67.54 -24.69
CA ILE G 269 28.31 -66.73 -23.65
C ILE G 269 28.00 -67.35 -22.29
N ILE G 270 26.84 -67.98 -22.14
CA ILE G 270 26.39 -68.48 -20.85
C ILE G 270 26.58 -70.00 -20.78
N ALA G 271 27.51 -70.53 -21.58
CA ALA G 271 27.78 -71.96 -21.59
C ALA G 271 29.20 -72.29 -21.15
N LEU G 272 30.20 -71.63 -21.77
CA LEU G 272 31.60 -71.95 -21.51
C LEU G 272 32.03 -71.65 -20.08
N PRO G 273 31.71 -70.47 -19.49
CA PRO G 273 32.03 -70.21 -18.09
C PRO G 273 31.56 -71.28 -17.11
N PHE G 274 30.39 -71.87 -17.40
CA PHE G 274 29.85 -72.92 -16.55
C PHE G 274 30.41 -74.29 -16.92
N PHE G 275 31.06 -74.40 -18.08
CA PHE G 275 31.91 -75.55 -18.35
C PHE G 275 33.15 -75.49 -17.45
N GLY G 276 33.69 -74.27 -17.28
CA GLY G 276 34.88 -74.05 -16.46
C GLY G 276 34.69 -74.52 -15.02
N ILE G 277 33.51 -74.26 -14.47
CA ILE G 277 33.21 -74.57 -13.08
C ILE G 277 33.28 -76.08 -12.86
N VAL G 278 32.63 -76.85 -13.73
CA VAL G 278 32.65 -78.30 -13.60
C VAL G 278 34.05 -78.86 -13.86
N SER G 279 34.80 -78.21 -14.77
CA SER G 279 36.17 -78.60 -15.05
C SER G 279 37.09 -78.35 -13.85
N GLU G 280 36.72 -77.39 -12.99
CA GLU G 280 37.46 -77.11 -11.78
C GLU G 280 37.01 -78.00 -10.62
N ILE G 281 35.76 -78.48 -10.66
CA ILE G 281 35.20 -79.25 -9.56
C ILE G 281 35.59 -80.72 -9.67
N PHE G 282 35.63 -81.27 -10.89
CA PHE G 282 35.91 -82.69 -11.07
C PHE G 282 37.23 -83.14 -10.44
N PRO G 283 38.40 -82.51 -10.74
CA PRO G 283 39.67 -82.98 -10.19
C PRO G 283 39.76 -82.96 -8.67
N VAL G 284 39.05 -82.04 -8.01
CA VAL G 284 39.15 -81.89 -6.57
C VAL G 284 38.56 -83.11 -5.86
N PHE G 285 37.35 -83.50 -6.26
CA PHE G 285 36.63 -84.56 -5.58
C PHE G 285 36.95 -85.94 -6.15
N SER G 286 37.74 -85.98 -7.24
CA SER G 286 38.13 -87.23 -7.86
C SER G 286 39.54 -87.68 -7.44
N ARG G 287 40.30 -86.78 -6.79
CA ARG G 287 41.66 -87.07 -6.34
C ARG G 287 42.54 -87.48 -7.53
N LYS G 288 42.31 -86.83 -8.67
CA LYS G 288 43.00 -87.16 -9.90
C LYS G 288 43.06 -85.91 -10.76
N PRO G 289 44.14 -85.68 -11.56
CA PRO G 289 44.21 -84.48 -12.40
C PRO G 289 43.17 -84.48 -13.51
N ILE G 290 42.88 -83.29 -14.02
CA ILE G 290 41.92 -83.13 -15.09
C ILE G 290 42.48 -83.79 -16.36
N PHE G 291 41.72 -84.75 -16.91
CA PHE G 291 42.24 -85.57 -18.00
C PHE G 291 42.18 -84.76 -19.29
N GLY G 292 43.34 -84.23 -19.68
CA GLY G 292 43.45 -83.43 -20.89
C GLY G 292 43.32 -81.94 -20.60
N TYR G 293 44.47 -81.27 -20.53
CA TYR G 293 44.51 -79.85 -20.22
C TYR G 293 44.70 -79.02 -21.49
N THR G 294 45.57 -79.51 -22.39
CA THR G 294 45.88 -78.82 -23.62
C THR G 294 44.69 -78.87 -24.58
N THR G 295 44.01 -80.02 -24.61
CA THR G 295 42.95 -80.30 -25.56
C THR G 295 41.66 -79.57 -25.21
N LEU G 296 41.42 -79.34 -23.92
CA LEU G 296 40.21 -78.64 -23.50
C LEU G 296 40.25 -77.18 -23.95
N ILE G 297 41.42 -76.58 -23.95
CA ILE G 297 41.62 -75.21 -24.40
C ILE G 297 41.27 -75.10 -25.90
N TYR G 298 41.72 -76.09 -26.68
CA TYR G 298 41.44 -76.12 -28.09
C TYR G 298 39.96 -76.35 -28.35
N ALA G 299 39.32 -77.19 -27.52
CA ALA G 299 37.88 -77.43 -27.62
C ALA G 299 37.11 -76.12 -27.41
N THR G 300 37.50 -75.37 -26.36
CA THR G 300 36.88 -74.09 -26.05
C THR G 300 37.05 -73.14 -27.23
N LEU G 301 38.28 -73.04 -27.74
CA LEU G 301 38.58 -72.12 -28.83
C LEU G 301 37.78 -72.47 -30.09
N ALA G 302 37.66 -73.78 -30.38
CA ALA G 302 36.96 -74.22 -31.58
C ALA G 302 35.47 -73.95 -31.47
N ILE G 303 34.89 -74.21 -30.30
CA ILE G 303 33.47 -73.98 -30.07
C ILE G 303 33.16 -72.48 -30.19
N ALA G 304 34.04 -71.64 -29.63
CA ALA G 304 33.81 -70.21 -29.67
C ALA G 304 33.94 -69.67 -31.09
N ALA G 305 34.97 -70.12 -31.81
CA ALA G 305 35.20 -69.65 -33.17
C ALA G 305 34.07 -70.10 -34.10
N LEU G 306 33.58 -71.32 -33.91
CA LEU G 306 32.54 -71.85 -34.77
C LEU G 306 31.21 -71.13 -34.56
N SER G 307 30.97 -70.64 -33.34
CA SER G 307 29.67 -70.06 -32.99
C SER G 307 29.62 -68.59 -33.40
N VAL G 308 30.08 -68.29 -34.62
CA VAL G 308 29.88 -66.99 -35.23
C VAL G 308 29.24 -67.16 -36.61
N ALA G 309 29.63 -68.24 -37.31
CA ALA G 309 29.16 -68.53 -38.66
C ALA G 309 27.94 -69.46 -38.63
N VAL G 310 27.35 -69.68 -37.45
CA VAL G 310 26.15 -70.49 -37.32
C VAL G 310 25.05 -69.62 -36.71
N TRP G 311 24.25 -68.98 -37.57
CA TRP G 311 23.25 -68.06 -37.08
C TRP G 311 21.90 -68.19 -37.80
N ALA G 312 21.88 -68.80 -38.99
CA ALA G 312 20.65 -68.93 -39.74
C ALA G 312 19.98 -70.30 -39.54
N HIS G 313 20.51 -71.12 -38.63
CA HIS G 313 19.81 -72.36 -38.27
C HIS G 313 18.61 -72.06 -37.38
N HIS G 314 18.47 -70.81 -36.93
CA HIS G 314 17.26 -70.33 -36.29
C HIS G 314 16.22 -69.88 -37.31
N MET G 315 16.61 -69.84 -38.59
CA MET G 315 15.74 -69.39 -39.67
C MET G 315 15.69 -70.45 -40.77
N TYR G 316 14.83 -71.45 -40.60
CA TYR G 316 14.64 -72.50 -41.58
C TYR G 316 13.30 -72.37 -42.30
N ALA G 317 12.25 -72.07 -41.53
CA ALA G 317 10.89 -71.96 -42.05
C ALA G 317 10.74 -70.73 -42.96
N THR G 318 11.69 -69.80 -42.88
CA THR G 318 11.67 -68.58 -43.65
C THR G 318 11.86 -68.88 -45.15
N GLY G 319 12.58 -69.97 -45.43
CA GLY G 319 12.84 -70.39 -46.79
C GLY G 319 13.64 -69.36 -47.59
N ALA G 320 14.55 -68.66 -46.91
CA ALA G 320 15.28 -67.57 -47.54
C ALA G 320 16.76 -67.54 -47.14
N VAL G 321 17.31 -68.69 -46.72
CA VAL G 321 18.70 -68.76 -46.32
C VAL G 321 19.36 -69.90 -47.11
N LEU G 322 20.69 -69.88 -47.18
CA LEU G 322 21.43 -70.99 -47.78
C LEU G 322 21.48 -72.14 -46.79
N LEU G 323 20.60 -73.12 -47.01
CA LEU G 323 20.39 -74.22 -46.07
C LEU G 323 21.67 -75.03 -45.82
N PRO G 324 22.43 -75.48 -46.85
CA PRO G 324 23.62 -76.29 -46.62
C PRO G 324 24.67 -75.66 -45.71
N PHE G 325 24.87 -74.35 -45.85
CA PHE G 325 25.93 -73.65 -45.17
C PHE G 325 25.77 -73.73 -43.65
N PHE G 326 24.55 -73.46 -43.16
CA PHE G 326 24.28 -73.37 -41.74
C PHE G 326 23.98 -74.72 -41.08
N SER G 327 23.84 -75.78 -41.87
CA SER G 327 23.58 -77.13 -41.37
C SER G 327 24.88 -77.86 -41.08
N PHE G 328 25.84 -77.80 -42.01
CA PHE G 328 27.12 -78.47 -41.89
C PHE G 328 27.92 -77.90 -40.71
N MET G 329 28.01 -76.58 -40.63
CA MET G 329 28.76 -75.93 -39.56
C MET G 329 28.12 -76.22 -38.20
N THR G 330 26.77 -76.24 -38.16
CA THR G 330 26.05 -76.56 -36.94
C THR G 330 26.30 -78.01 -36.52
N PHE G 331 26.46 -78.91 -37.49
CA PHE G 331 26.91 -80.26 -37.20
C PHE G 331 28.33 -80.26 -36.62
N LEU G 332 29.18 -79.36 -37.14
CA LEU G 332 30.58 -79.29 -36.74
C LEU G 332 30.74 -78.75 -35.32
N ILE G 333 29.81 -77.92 -34.85
CA ILE G 333 29.95 -77.29 -33.55
C ILE G 333 29.53 -78.28 -32.45
N ALA G 334 29.23 -79.52 -32.86
CA ALA G 334 28.85 -80.58 -31.93
C ALA G 334 29.97 -81.59 -31.70
N VAL G 335 31.15 -81.38 -32.30
CA VAL G 335 32.29 -82.28 -32.17
C VAL G 335 33.04 -82.00 -30.87
N PRO G 336 33.48 -80.76 -30.57
CA PRO G 336 34.31 -80.54 -29.39
C PRO G 336 33.54 -80.70 -28.08
N THR G 337 32.20 -80.58 -28.13
CA THR G 337 31.39 -80.79 -26.94
C THR G 337 31.52 -82.22 -26.43
N GLY G 338 31.50 -83.18 -27.35
CA GLY G 338 31.75 -84.57 -27.04
C GLY G 338 33.15 -84.79 -26.47
N ILE G 339 34.13 -84.02 -26.98
CA ILE G 339 35.49 -84.07 -26.46
C ILE G 339 35.51 -83.64 -24.99
N LYS G 340 34.77 -82.57 -24.68
CA LYS G 340 34.67 -82.07 -23.31
C LYS G 340 34.01 -83.11 -22.40
N PHE G 341 32.94 -83.73 -22.89
CA PHE G 341 32.23 -84.77 -22.15
C PHE G 341 33.17 -85.93 -21.82
N PHE G 342 33.93 -86.37 -22.83
CA PHE G 342 34.80 -87.52 -22.68
C PHE G 342 35.98 -87.20 -21.77
N ASN G 343 36.46 -85.95 -21.81
CA ASN G 343 37.52 -85.50 -20.92
C ASN G 343 37.05 -85.49 -19.47
N TRP G 344 35.80 -85.05 -19.25
CA TRP G 344 35.23 -85.08 -17.90
C TRP G 344 35.12 -86.51 -17.39
N ILE G 345 34.64 -87.42 -18.25
CA ILE G 345 34.47 -88.82 -17.88
C ILE G 345 35.82 -89.43 -17.54
N GLY G 346 36.85 -89.11 -18.34
CA GLY G 346 38.21 -89.57 -18.11
C GLY G 346 38.82 -88.98 -16.84
N THR G 347 38.39 -87.76 -16.48
CA THR G 347 38.84 -87.13 -15.26
C THR G 347 38.29 -87.88 -14.04
N MET G 348 36.99 -88.21 -14.08
CA MET G 348 36.37 -88.88 -12.95
C MET G 348 36.55 -90.40 -13.05
N TRP G 349 37.51 -90.86 -13.87
CA TRP G 349 37.76 -92.26 -14.12
C TRP G 349 38.93 -92.74 -13.28
N LYS G 350 38.75 -93.89 -12.62
CA LYS G 350 39.78 -94.54 -11.80
C LYS G 350 40.33 -93.60 -10.73
N GLY G 351 39.43 -93.11 -9.88
CA GLY G 351 39.82 -92.33 -8.72
C GLY G 351 38.78 -92.45 -7.61
N GLN G 352 39.19 -92.18 -6.38
CA GLN G 352 38.27 -92.17 -5.25
C GLN G 352 37.29 -91.01 -5.41
N LEU G 353 36.00 -91.33 -5.41
CA LEU G 353 34.93 -90.35 -5.52
C LEU G 353 34.10 -90.40 -4.25
N THR G 354 33.72 -89.22 -3.75
CA THR G 354 32.99 -89.12 -2.48
C THR G 354 31.56 -88.62 -2.67
N PHE G 355 31.32 -87.83 -3.72
CA PHE G 355 30.01 -87.29 -4.03
C PHE G 355 29.40 -86.47 -2.90
N GLU G 356 30.03 -85.33 -2.63
CA GLU G 356 29.41 -84.27 -1.85
C GLU G 356 28.43 -83.50 -2.73
N THR G 357 27.91 -82.37 -2.22
CA THR G 357 26.92 -81.60 -2.95
C THR G 357 27.47 -81.06 -4.28
N PRO G 358 28.69 -80.47 -4.35
CA PRO G 358 29.22 -80.00 -5.63
C PRO G 358 29.29 -81.06 -6.71
N MET G 359 29.74 -82.27 -6.34
CA MET G 359 29.87 -83.35 -7.30
C MET G 359 28.49 -83.83 -7.77
N LEU G 360 27.51 -83.85 -6.85
CA LEU G 360 26.16 -84.27 -7.16
C LEU G 360 25.54 -83.32 -8.19
N PHE G 361 25.69 -82.01 -7.97
CA PHE G 361 25.17 -81.03 -8.91
C PHE G 361 25.88 -81.11 -10.26
N SER G 362 27.20 -81.27 -10.23
CA SER G 362 27.99 -81.31 -11.46
C SER G 362 27.72 -82.59 -12.25
N VAL G 363 27.24 -83.64 -11.58
CA VAL G 363 26.88 -84.87 -12.27
C VAL G 363 25.48 -84.74 -12.88
N GLY G 364 24.56 -84.10 -12.13
CA GLY G 364 23.26 -83.74 -12.67
C GLY G 364 23.39 -82.92 -13.95
N PHE G 365 24.38 -82.02 -13.97
CA PHE G 365 24.70 -81.22 -15.15
C PHE G 365 24.97 -82.12 -16.34
N LEU G 366 25.81 -83.15 -16.15
CA LEU G 366 26.17 -84.06 -17.23
C LEU G 366 24.93 -84.74 -17.80
N ILE G 367 24.09 -85.25 -16.88
CA ILE G 367 22.94 -86.05 -17.26
C ILE G 367 21.94 -85.22 -18.04
N THR G 368 21.70 -83.97 -17.59
CA THR G 368 20.76 -83.09 -18.25
C THR G 368 21.31 -82.64 -19.61
N PHE G 369 22.56 -82.17 -19.62
CA PHE G 369 23.12 -81.52 -20.79
C PHE G 369 23.26 -82.50 -21.95
N LEU G 370 23.45 -83.79 -21.65
CA LEU G 370 23.58 -84.76 -22.72
C LEU G 370 22.30 -84.84 -23.56
N LEU G 371 21.16 -84.99 -22.88
CA LEU G 371 19.89 -85.04 -23.59
C LEU G 371 19.59 -83.71 -24.26
N GLY G 372 19.93 -82.60 -23.61
CA GLY G 372 19.76 -81.28 -24.20
C GLY G 372 20.48 -81.16 -25.56
N GLY G 373 21.76 -81.56 -25.58
CA GLY G 373 22.57 -81.52 -26.79
C GLY G 373 22.09 -82.51 -27.85
N LEU G 374 21.63 -83.69 -27.41
CA LEU G 374 21.12 -84.70 -28.33
C LEU G 374 19.90 -84.16 -29.07
N SER G 375 18.99 -83.50 -28.33
CA SER G 375 17.82 -82.87 -28.93
C SER G 375 18.24 -81.72 -29.84
N GLY G 376 19.28 -80.98 -29.45
CA GLY G 376 19.79 -79.83 -30.19
C GLY G 376 20.34 -80.22 -31.57
N VAL G 377 20.96 -81.40 -31.66
CA VAL G 377 21.52 -81.86 -32.93
C VAL G 377 20.41 -82.17 -33.93
N LEU G 378 19.26 -82.67 -33.44
CA LEU G 378 18.15 -83.01 -34.33
C LEU G 378 17.58 -81.76 -35.01
N LEU G 379 17.53 -80.63 -34.28
CA LEU G 379 17.01 -79.38 -34.83
C LEU G 379 17.85 -78.86 -35.99
N ALA G 380 19.11 -79.31 -36.09
CA ALA G 380 20.05 -78.76 -37.05
C ALA G 380 19.77 -79.23 -38.48
N SER G 381 18.95 -80.27 -38.64
CA SER G 381 18.65 -80.80 -39.96
C SER G 381 17.35 -80.18 -40.47
N PRO G 382 17.38 -79.42 -41.60
CA PRO G 382 16.21 -78.72 -42.08
C PRO G 382 14.95 -79.58 -42.26
N PRO G 383 15.03 -80.82 -42.80
CA PRO G 383 13.84 -81.67 -42.88
C PRO G 383 13.10 -81.89 -41.58
N LEU G 384 13.84 -82.01 -40.47
CA LEU G 384 13.19 -82.28 -39.19
C LEU G 384 12.66 -80.98 -38.57
N ASP G 385 13.41 -79.89 -38.75
CA ASP G 385 13.00 -78.57 -38.27
C ASP G 385 11.81 -78.04 -39.07
N PHE G 386 11.56 -78.58 -40.27
CA PHE G 386 10.39 -78.22 -41.05
C PHE G 386 9.10 -78.60 -40.34
N HIS G 387 9.15 -79.63 -39.48
CA HIS G 387 7.97 -80.10 -38.76
C HIS G 387 8.03 -79.71 -37.28
N VAL G 388 9.24 -79.53 -36.75
CA VAL G 388 9.41 -79.41 -35.31
C VAL G 388 9.40 -77.95 -34.84
N THR G 389 9.86 -77.04 -35.70
CA THR G 389 10.14 -75.67 -35.33
C THR G 389 8.89 -74.95 -34.80
N ASP G 390 9.11 -74.01 -33.88
CA ASP G 390 8.06 -73.15 -33.36
C ASP G 390 6.95 -73.98 -32.72
N SER G 391 7.36 -74.99 -31.97
CA SER G 391 6.49 -75.85 -31.19
C SER G 391 7.23 -76.19 -29.90
N TYR G 392 6.55 -76.87 -28.97
CA TYR G 392 7.09 -77.13 -27.65
C TYR G 392 8.26 -78.12 -27.65
N PHE G 393 8.57 -78.72 -28.81
CA PHE G 393 9.76 -79.54 -28.89
C PHE G 393 11.03 -78.70 -28.68
N VAL G 394 11.06 -77.53 -29.30
CA VAL G 394 12.21 -76.64 -29.13
C VAL G 394 12.25 -76.12 -27.69
N ILE G 395 11.07 -75.88 -27.10
CA ILE G 395 11.01 -75.41 -25.72
C ILE G 395 11.56 -76.49 -24.79
N ALA G 396 11.24 -77.76 -25.06
CA ALA G 396 11.83 -78.88 -24.33
C ALA G 396 13.35 -78.91 -24.52
N HIS G 397 13.82 -78.67 -25.75
CA HIS G 397 15.24 -78.68 -26.03
C HIS G 397 15.98 -77.66 -25.18
N PHE G 398 15.67 -76.38 -25.36
CA PHE G 398 16.48 -75.34 -24.76
C PHE G 398 16.17 -75.13 -23.28
N HIS G 399 15.36 -76.00 -22.68
CA HIS G 399 15.19 -76.00 -21.24
C HIS G 399 15.95 -77.17 -20.61
N TYR G 400 16.72 -77.93 -21.40
CA TYR G 400 17.67 -78.92 -20.91
C TYR G 400 19.10 -78.43 -21.11
N VAL G 401 19.42 -77.93 -22.30
CA VAL G 401 20.75 -77.47 -22.61
C VAL G 401 21.09 -76.18 -21.82
N LEU G 402 20.05 -75.46 -21.40
CA LEU G 402 20.16 -74.20 -20.68
C LEU G 402 19.98 -74.44 -19.18
N PHE G 403 19.27 -75.51 -18.79
CA PHE G 403 19.00 -75.76 -17.38
C PHE G 403 20.17 -76.48 -16.70
N GLY G 404 21.13 -76.97 -17.48
CA GLY G 404 22.28 -77.67 -16.93
C GLY G 404 23.41 -76.68 -16.60
N THR G 405 23.63 -75.70 -17.49
CA THR G 405 24.75 -74.78 -17.37
C THR G 405 24.50 -73.72 -16.30
N ILE G 406 23.30 -73.16 -16.24
CA ILE G 406 23.08 -71.98 -15.41
C ILE G 406 22.24 -72.33 -14.17
N VAL G 407 21.95 -73.61 -13.96
CA VAL G 407 21.24 -74.03 -12.76
C VAL G 407 22.09 -75.02 -11.97
N PHE G 408 22.42 -76.15 -12.60
CA PHE G 408 23.19 -77.18 -11.94
C PHE G 408 24.64 -76.74 -11.72
N ALA G 409 25.27 -76.19 -12.76
CA ALA G 409 26.65 -75.74 -12.66
C ALA G 409 26.75 -74.51 -11.76
N THR G 410 25.76 -73.62 -11.81
CA THR G 410 25.72 -72.45 -10.95
C THR G 410 25.66 -72.87 -9.49
N TYR G 411 24.76 -73.80 -9.16
CA TYR G 411 24.63 -74.29 -7.80
C TYR G 411 25.89 -75.04 -7.36
N ALA G 412 26.50 -75.79 -8.27
CA ALA G 412 27.75 -76.47 -7.99
C ALA G 412 28.82 -75.45 -7.57
N GLY G 413 28.92 -74.35 -8.34
CA GLY G 413 29.88 -73.29 -8.05
C GLY G 413 29.59 -72.61 -6.71
N ILE G 414 28.31 -72.40 -6.40
CA ILE G 414 27.92 -71.78 -5.15
C ILE G 414 28.34 -72.64 -3.97
N TYR G 415 28.00 -73.94 -4.02
CA TYR G 415 28.37 -74.86 -2.96
C TYR G 415 29.89 -74.99 -2.84
N PHE G 416 30.59 -74.87 -3.97
CA PHE G 416 32.03 -75.00 -3.99
C PHE G 416 32.70 -73.81 -3.30
N TRP G 417 32.28 -72.59 -3.67
CA TRP G 417 33.02 -71.38 -3.31
C TRP G 417 32.35 -70.58 -2.20
N PHE G 418 31.32 -71.14 -1.54
CA PHE G 418 30.72 -70.43 -0.43
C PHE G 418 31.70 -70.24 0.72
N PRO G 419 32.39 -71.29 1.23
CA PRO G 419 33.35 -71.11 2.32
C PRO G 419 34.50 -70.15 2.00
N LYS G 420 35.01 -70.23 0.77
CA LYS G 420 36.15 -69.37 0.34
C LYS G 420 35.76 -67.88 0.33
N MET G 421 34.47 -67.57 0.13
CA MET G 421 34.02 -66.19 0.08
C MET G 421 33.46 -65.70 1.43
N THR G 422 33.00 -66.62 2.29
CA THR G 422 32.33 -66.22 3.52
C THR G 422 33.08 -66.69 4.77
N GLY G 423 33.57 -67.92 4.74
CA GLY G 423 34.22 -68.51 5.91
C GLY G 423 33.31 -69.49 6.65
N ARG G 424 32.15 -69.81 6.08
CA ARG G 424 31.19 -70.74 6.68
C ARG G 424 30.94 -71.91 5.73
N LEU G 425 30.44 -73.03 6.27
CA LEU G 425 30.10 -74.20 5.49
C LEU G 425 28.59 -74.33 5.39
N LEU G 426 28.09 -74.47 4.15
CA LEU G 426 26.69 -74.76 3.92
C LEU G 426 26.36 -76.16 4.42
N ASP G 427 25.13 -76.34 4.90
CA ASP G 427 24.67 -77.62 5.41
C ASP G 427 24.66 -78.67 4.29
N GLU G 428 24.79 -79.94 4.69
CA GLU G 428 24.84 -81.06 3.75
C GLU G 428 23.51 -81.79 3.66
N ARG G 429 22.86 -82.02 4.81
CA ARG G 429 21.55 -82.66 4.83
C ARG G 429 20.47 -81.74 4.25
N LEU G 430 20.76 -80.44 4.17
CA LEU G 430 19.82 -79.45 3.65
C LEU G 430 20.14 -79.09 2.20
N GLY G 431 21.28 -79.58 1.68
CA GLY G 431 21.72 -79.29 0.33
C GLY G 431 21.53 -80.48 -0.62
N LYS G 432 21.05 -81.61 -0.09
CA LYS G 432 20.77 -82.79 -0.88
C LYS G 432 19.27 -82.92 -1.15
N LEU G 433 18.44 -82.54 -0.16
CA LEU G 433 17.01 -82.41 -0.35
C LEU G 433 16.73 -81.44 -1.50
N HIS G 434 17.44 -80.31 -1.51
CA HIS G 434 17.31 -79.30 -2.54
C HIS G 434 17.61 -79.90 -3.92
N PHE G 435 18.75 -80.59 -4.05
CA PHE G 435 19.15 -81.18 -5.32
C PHE G 435 18.12 -82.18 -5.81
N TRP G 436 17.67 -83.07 -4.92
CA TRP G 436 16.75 -84.12 -5.34
C TRP G 436 15.39 -83.56 -5.74
N LEU G 437 14.91 -82.55 -4.98
CA LEU G 437 13.68 -81.87 -5.33
C LEU G 437 13.81 -81.23 -6.71
N THR G 438 14.92 -80.53 -6.96
CA THR G 438 15.14 -79.85 -8.23
C THR G 438 15.15 -80.87 -9.37
N PHE G 439 15.87 -81.98 -9.17
CA PHE G 439 16.04 -82.98 -10.22
C PHE G 439 14.70 -83.62 -10.59
N ILE G 440 13.94 -84.04 -9.56
CA ILE G 440 12.68 -84.72 -9.78
C ILE G 440 11.67 -83.77 -10.42
N GLY G 441 11.59 -82.55 -9.88
CA GLY G 441 10.66 -81.54 -10.39
C GLY G 441 10.93 -81.19 -11.85
N PHE G 442 12.21 -81.05 -12.17
CA PHE G 442 12.62 -80.66 -13.51
C PHE G 442 12.28 -81.73 -14.55
N HIS G 443 12.62 -82.99 -14.23
CA HIS G 443 12.32 -84.09 -15.15
C HIS G 443 10.82 -84.39 -15.22
N THR G 444 10.06 -84.02 -14.16
CA THR G 444 8.61 -84.17 -14.19
C THR G 444 7.95 -83.09 -15.07
N THR G 445 8.52 -81.88 -15.11
CA THR G 445 7.86 -80.77 -15.80
C THR G 445 8.28 -80.63 -17.27
N PHE G 446 9.48 -81.08 -17.66
CA PHE G 446 9.97 -80.76 -19.00
C PHE G 446 10.11 -81.96 -19.94
N LEU G 447 9.83 -83.17 -19.46
CA LEU G 447 10.08 -84.35 -20.27
C LEU G 447 9.00 -84.57 -21.33
N VAL G 448 7.75 -84.23 -20.98
CA VAL G 448 6.61 -84.51 -21.83
C VAL G 448 6.40 -83.42 -22.87
N GLN G 449 7.22 -82.36 -22.87
CA GLN G 449 7.06 -81.27 -23.83
C GLN G 449 7.45 -81.69 -25.24
N HIS G 450 8.39 -82.66 -25.35
CA HIS G 450 8.73 -83.22 -26.65
C HIS G 450 7.48 -83.79 -27.33
N TRP G 451 6.73 -84.60 -26.58
CA TRP G 451 5.53 -85.24 -27.10
C TRP G 451 4.47 -84.18 -27.46
N LEU G 452 4.33 -83.16 -26.61
CA LEU G 452 3.38 -82.08 -26.86
C LEU G 452 3.68 -81.41 -28.20
N GLY G 453 4.96 -81.06 -28.42
CA GLY G 453 5.37 -80.42 -29.65
C GLY G 453 5.22 -81.35 -30.86
N ASP G 454 5.37 -82.66 -30.64
CA ASP G 454 5.29 -83.64 -31.69
C ASP G 454 3.86 -83.84 -32.17
N GLU G 455 2.90 -83.82 -31.23
CA GLU G 455 1.49 -84.04 -31.56
C GLU G 455 0.89 -82.86 -32.33
N GLY G 456 1.51 -81.68 -32.22
CA GLY G 456 1.06 -80.50 -32.95
C GLY G 456 0.60 -79.38 -32.05
N MET G 457 1.20 -79.28 -30.85
CA MET G 457 0.93 -78.16 -29.97
C MET G 457 1.95 -77.06 -30.24
N PRO G 458 1.53 -75.90 -30.81
CA PRO G 458 2.44 -74.78 -31.03
C PRO G 458 2.71 -73.97 -29.77
N ARG G 459 3.85 -73.30 -29.77
CA ARG G 459 4.29 -72.51 -28.62
C ARG G 459 3.61 -71.14 -28.66
N ARG G 460 3.60 -70.48 -27.50
CA ARG G 460 3.05 -69.14 -27.30
C ARG G 460 1.54 -69.12 -27.55
N TYR G 461 0.87 -70.21 -27.17
CA TYR G 461 -0.59 -70.28 -27.21
C TYR G 461 -1.14 -70.08 -25.80
N ALA G 462 -2.09 -69.16 -25.68
CA ALA G 462 -2.69 -68.81 -24.40
C ALA G 462 -3.59 -69.94 -23.89
N ASP G 463 -4.34 -70.57 -24.81
CA ASP G 463 -5.19 -71.70 -24.46
C ASP G 463 -5.46 -72.55 -25.69
N TYR G 464 -6.26 -73.60 -25.47
CA TYR G 464 -6.56 -74.63 -26.45
C TYR G 464 -8.00 -75.09 -26.26
N LEU G 465 -8.45 -75.97 -27.16
CA LEU G 465 -9.81 -76.51 -27.14
C LEU G 465 -9.84 -77.85 -26.41
N PRO G 466 -10.98 -78.23 -25.79
CA PRO G 466 -11.09 -79.52 -25.11
C PRO G 466 -10.85 -80.72 -26.03
N THR G 467 -11.25 -80.59 -27.30
CA THR G 467 -11.10 -81.67 -28.27
C THR G 467 -9.81 -81.46 -29.06
N ASP G 468 -8.70 -81.29 -28.34
CA ASP G 468 -7.39 -81.11 -28.96
C ASP G 468 -6.45 -82.29 -28.70
N GLY G 469 -6.77 -83.08 -27.66
CA GLY G 469 -6.03 -84.29 -27.35
C GLY G 469 -5.03 -84.09 -26.20
N PHE G 470 -4.31 -82.97 -26.27
CA PHE G 470 -3.27 -82.66 -25.30
C PHE G 470 -3.83 -81.87 -24.13
N THR G 471 -4.20 -82.60 -23.07
CA THR G 471 -4.75 -81.99 -21.87
C THR G 471 -4.03 -82.52 -20.62
N THR G 472 -3.84 -83.84 -20.58
CA THR G 472 -3.28 -84.50 -19.42
C THR G 472 -1.79 -84.18 -19.27
N LEU G 473 -1.09 -84.05 -20.41
CA LEU G 473 0.33 -83.72 -20.41
C LEU G 473 0.58 -82.33 -19.82
N ASN G 474 -0.39 -81.42 -20.05
CA ASN G 474 -0.30 -80.08 -19.48
C ASN G 474 -0.45 -80.13 -17.96
N VAL G 475 -1.29 -81.04 -17.46
CA VAL G 475 -1.50 -81.22 -16.04
C VAL G 475 -0.22 -81.75 -15.39
N ILE G 476 0.42 -82.73 -16.05
CA ILE G 476 1.67 -83.30 -15.54
C ILE G 476 2.75 -82.22 -15.49
N SER G 477 2.85 -81.41 -16.55
CA SER G 477 3.82 -80.33 -16.62
C SER G 477 3.59 -79.31 -15.51
N THR G 478 2.33 -78.99 -15.23
CA THR G 478 2.02 -78.02 -14.19
C THR G 478 2.38 -78.57 -12.82
N VAL G 479 2.12 -79.86 -12.58
CA VAL G 479 2.47 -80.49 -11.31
C VAL G 479 3.99 -80.43 -11.12
N GLY G 480 4.73 -80.80 -12.18
CA GLY G 480 6.18 -80.76 -12.15
C GLY G 480 6.73 -79.34 -11.92
N ALA G 481 6.05 -78.34 -12.50
CA ALA G 481 6.45 -76.95 -12.38
C ALA G 481 6.26 -76.45 -10.95
N PHE G 482 5.18 -76.89 -10.28
CA PHE G 482 4.96 -76.48 -8.90
C PHE G 482 5.95 -77.16 -7.94
N ILE G 483 6.38 -78.38 -8.29
CA ILE G 483 7.42 -79.04 -7.52
C ILE G 483 8.74 -78.29 -7.70
N LEU G 484 9.02 -77.87 -8.94
CA LEU G 484 10.24 -77.14 -9.26
C LEU G 484 10.25 -75.75 -8.62
N GLY G 485 9.06 -75.20 -8.36
CA GLY G 485 8.92 -73.90 -7.73
C GLY G 485 9.06 -73.96 -6.21
N VAL G 486 8.63 -75.09 -5.62
CA VAL G 486 8.74 -75.27 -4.18
C VAL G 486 10.12 -75.79 -3.78
N SER G 487 10.90 -76.29 -4.76
CA SER G 487 12.20 -76.89 -4.51
C SER G 487 13.20 -75.87 -3.94
N MET G 488 12.92 -74.58 -4.12
CA MET G 488 13.93 -73.56 -3.86
C MET G 488 13.88 -73.03 -2.43
N LEU G 489 12.86 -73.40 -1.66
CA LEU G 489 12.74 -72.98 -0.27
C LEU G 489 13.93 -73.46 0.59
N PRO G 490 14.30 -74.76 0.58
CA PRO G 490 15.44 -75.21 1.39
C PRO G 490 16.76 -74.51 1.08
N PHE G 491 16.99 -74.16 -0.19
CA PHE G 491 18.25 -73.51 -0.57
C PHE G 491 18.36 -72.11 0.05
N VAL G 492 17.31 -71.32 -0.10
CA VAL G 492 17.28 -69.96 0.44
C VAL G 492 17.34 -70.01 1.97
N TRP G 493 16.64 -70.98 2.57
CA TRP G 493 16.68 -71.17 4.01
C TRP G 493 18.11 -71.51 4.47
N ASN G 494 18.78 -72.38 3.73
CA ASN G 494 20.15 -72.79 4.03
C ASN G 494 21.08 -71.57 4.00
N VAL G 495 20.97 -70.76 2.94
CA VAL G 495 21.84 -69.60 2.78
C VAL G 495 21.58 -68.59 3.90
N PHE G 496 20.32 -68.36 4.23
CA PHE G 496 19.95 -67.41 5.28
C PHE G 496 20.47 -67.88 6.64
N LYS G 497 20.35 -69.17 6.92
CA LYS G 497 20.68 -69.70 8.24
C LYS G 497 22.20 -69.84 8.40
N SER G 498 22.88 -70.33 7.36
CA SER G 498 24.27 -70.73 7.50
C SER G 498 25.26 -69.59 7.24
N TRP G 499 24.74 -68.39 6.93
CA TRP G 499 25.64 -67.27 6.64
C TRP G 499 26.27 -66.72 7.92
N ARG G 500 25.57 -66.87 9.05
CA ARG G 500 26.04 -66.30 10.31
C ARG G 500 26.03 -67.33 11.45
N TYR G 501 25.29 -68.43 11.29
CA TYR G 501 25.32 -69.51 12.27
C TYR G 501 25.87 -70.80 11.66
N GLY G 502 26.58 -70.72 10.54
CA GLY G 502 27.14 -71.90 9.90
C GLY G 502 28.40 -72.40 10.59
N GLU G 503 28.80 -73.62 10.20
CA GLU G 503 30.03 -74.23 10.69
C GLU G 503 31.24 -73.44 10.22
N PRO G 504 32.16 -73.05 11.13
CA PRO G 504 33.33 -72.28 10.73
C PRO G 504 34.45 -73.10 10.11
N VAL G 505 34.92 -72.66 8.93
CA VAL G 505 36.11 -73.20 8.30
C VAL G 505 37.25 -72.27 8.65
N THR G 506 38.29 -72.81 9.30
CA THR G 506 39.50 -72.06 9.75
C THR G 506 40.77 -72.55 9.05
N VAL G 507 40.61 -73.39 8.02
CA VAL G 507 41.78 -73.90 7.23
C VAL G 507 41.98 -73.01 6.01
N ASP G 508 42.81 -73.44 5.05
CA ASP G 508 43.08 -72.66 3.81
C ASP G 508 42.29 -73.28 2.65
N ASP G 509 41.81 -74.52 2.86
CA ASP G 509 41.02 -75.26 1.85
C ASP G 509 40.14 -76.30 2.54
N PRO G 510 38.80 -76.16 2.56
CA PRO G 510 37.94 -77.15 3.20
C PRO G 510 37.64 -78.38 2.34
N TRP G 511 38.08 -78.36 1.08
CA TRP G 511 37.82 -79.47 0.17
C TRP G 511 39.04 -80.36 -0.07
N GLY G 512 40.13 -80.14 0.65
CA GLY G 512 41.20 -81.12 0.70
C GLY G 512 42.13 -81.09 -0.51
N TYR G 513 41.67 -81.58 -1.67
CA TYR G 513 42.55 -81.81 -2.81
C TYR G 513 42.35 -80.75 -3.88
N GLY G 514 42.10 -79.52 -3.42
CA GLY G 514 41.95 -78.38 -4.30
C GLY G 514 43.24 -78.10 -5.09
N ASN G 515 43.07 -77.64 -6.33
CA ASN G 515 44.17 -77.55 -7.28
C ASN G 515 44.56 -76.11 -7.56
N SER G 516 43.57 -75.22 -7.73
CA SER G 516 43.82 -73.85 -8.16
C SER G 516 44.45 -73.00 -7.05
N LEU G 517 44.78 -71.76 -7.38
CA LEU G 517 45.54 -70.88 -6.52
C LEU G 517 44.65 -70.16 -5.49
N GLU G 518 43.33 -70.22 -5.63
CA GLU G 518 42.46 -69.61 -4.62
C GLU G 518 42.46 -70.44 -3.33
N TRP G 519 42.90 -71.69 -3.41
CA TRP G 519 43.01 -72.56 -2.24
C TRP G 519 44.37 -72.46 -1.57
N ALA G 520 45.19 -71.51 -2.01
CA ALA G 520 46.51 -71.23 -1.42
C ALA G 520 46.43 -69.89 -0.69
N THR G 521 45.27 -69.55 -0.14
CA THR G 521 45.03 -68.29 0.63
C THR G 521 44.10 -68.59 1.80
N SER G 522 43.46 -67.61 2.40
CA SER G 522 42.65 -67.93 3.60
C SER G 522 41.14 -67.99 3.31
N CYS G 523 40.31 -68.10 4.34
CA CYS G 523 38.83 -68.16 4.17
C CYS G 523 38.16 -67.20 5.14
N PRO G 524 37.67 -66.02 4.75
CA PRO G 524 37.91 -65.48 3.42
C PRO G 524 39.30 -64.87 3.25
N PRO G 525 39.73 -64.53 2.02
CA PRO G 525 41.03 -63.91 1.80
C PRO G 525 41.12 -62.46 2.29
N PRO G 526 42.31 -61.90 2.54
CA PRO G 526 42.43 -60.48 2.89
C PRO G 526 42.08 -59.48 1.77
N ARG G 527 42.10 -58.21 2.12
CA ARG G 527 41.75 -57.08 1.29
C ARG G 527 42.47 -57.11 -0.06
N HIS G 528 43.75 -57.51 -0.05
CA HIS G 528 44.56 -57.63 -1.23
C HIS G 528 44.84 -59.08 -1.59
N ASN G 529 44.07 -60.02 -1.02
CA ASN G 529 43.95 -61.38 -1.52
C ASN G 529 45.12 -62.29 -1.14
N PHE G 530 46.25 -61.73 -0.70
CA PHE G 530 47.45 -62.54 -0.54
C PHE G 530 48.41 -61.92 0.47
N THR G 531 49.07 -62.81 1.22
CA THR G 531 50.14 -62.45 2.15
C THR G 531 51.42 -63.21 1.82
N GLU G 532 51.39 -63.99 0.73
CA GLU G 532 52.48 -64.86 0.30
C GLU G 532 52.13 -65.45 -1.05
N LEU G 533 53.10 -66.06 -1.74
CA LEU G 533 52.81 -66.79 -2.95
C LEU G 533 53.70 -68.01 -3.04
N PRO G 534 53.19 -69.17 -3.51
CA PRO G 534 54.04 -70.33 -3.78
C PRO G 534 54.77 -70.20 -5.11
N ARG G 535 55.64 -71.18 -5.38
CA ARG G 535 56.43 -71.20 -6.60
C ARG G 535 55.62 -71.88 -7.70
N ILE G 536 55.44 -71.17 -8.81
CA ILE G 536 54.55 -71.64 -9.87
C ILE G 536 55.31 -72.56 -10.81
N ARG G 537 54.87 -73.82 -10.90
CA ARG G 537 55.51 -74.80 -11.75
C ARG G 537 54.51 -75.46 -12.69
N SER G 538 53.33 -75.82 -12.16
CA SER G 538 52.35 -76.56 -12.93
C SER G 538 50.97 -75.91 -12.83
N GLU G 539 49.93 -76.62 -13.30
CA GLU G 539 48.57 -76.13 -13.26
C GLU G 539 47.87 -76.50 -11.95
N ARG G 540 48.62 -77.13 -11.01
CA ARG G 540 48.05 -77.52 -9.72
C ARG G 540 48.95 -76.98 -8.60
N PRO G 541 49.08 -75.64 -8.46
CA PRO G 541 50.07 -75.08 -7.53
C PRO G 541 49.78 -75.38 -6.06
N ALA G 542 48.50 -75.30 -5.67
CA ALA G 542 48.10 -75.50 -4.28
C ALA G 542 48.26 -76.97 -3.88
N PHE G 543 48.08 -77.88 -4.85
CA PHE G 543 48.24 -79.30 -4.58
C PHE G 543 49.69 -79.61 -4.26
N GLU G 544 50.61 -78.99 -5.01
CA GLU G 544 52.04 -79.17 -4.78
C GLU G 544 52.49 -78.44 -3.53
N LEU G 545 51.82 -77.34 -3.16
CA LEU G 545 52.07 -76.66 -1.89
C LEU G 545 51.74 -77.60 -0.73
N HIS G 546 50.56 -78.26 -0.78
CA HIS G 546 50.08 -79.05 0.33
C HIS G 546 50.60 -80.50 0.31
N TYR G 547 50.96 -81.00 -0.87
CA TYR G 547 51.41 -82.37 -1.03
C TYR G 547 52.74 -82.41 -1.75
N PRO G 548 53.86 -82.09 -1.07
CA PRO G 548 55.17 -82.06 -1.73
C PRO G 548 55.72 -83.45 -2.06
N HIS G 549 55.13 -84.51 -1.47
CA HIS G 549 55.57 -85.87 -1.67
C HIS G 549 54.89 -86.53 -2.88
N MET G 550 54.24 -85.73 -3.73
CA MET G 550 53.52 -86.26 -4.89
C MET G 550 54.12 -85.77 -6.21
N VAL G 551 55.12 -84.90 -6.15
CA VAL G 551 55.67 -84.28 -7.35
C VAL G 551 56.26 -85.35 -8.27
N GLU G 552 57.04 -86.27 -7.69
CA GLU G 552 57.64 -87.34 -8.48
C GLU G 552 56.57 -88.28 -9.02
N ARG G 553 55.47 -88.45 -8.27
CA ARG G 553 54.37 -89.32 -8.67
C ARG G 553 53.38 -88.63 -9.61
N MET G 554 53.51 -87.32 -9.81
CA MET G 554 52.58 -86.59 -10.67
C MET G 554 53.16 -86.47 -12.08
N ARG G 555 54.49 -86.32 -12.19
CA ARG G 555 55.14 -86.08 -13.46
C ARG G 555 55.62 -87.38 -14.12
N ALA G 556 55.48 -88.51 -13.42
CA ALA G 556 55.90 -89.81 -13.94
C ALA G 556 54.71 -90.67 -14.37
N GLU G 557 53.54 -90.43 -13.77
CA GLU G 557 52.36 -91.23 -14.06
C GLU G 557 51.37 -90.48 -14.96
N ALA G 558 51.79 -89.30 -15.45
CA ALA G 558 50.94 -88.38 -16.20
C ALA G 558 50.49 -88.95 -17.54
N HIS G 559 51.35 -89.73 -18.19
CA HIS G 559 51.08 -90.23 -19.52
C HIS G 559 50.76 -91.71 -19.49
N VAL G 560 49.70 -92.10 -20.20
CA VAL G 560 49.31 -93.50 -20.30
C VAL G 560 49.89 -94.06 -21.60
N GLY G 561 51.12 -94.57 -21.49
CA GLY G 561 51.87 -95.07 -22.63
C GLY G 561 52.43 -93.95 -23.47
N TRP H 27 4.91 -100.74 -32.81
CA TRP H 27 6.27 -100.60 -32.20
C TRP H 27 6.91 -99.28 -32.64
N SER H 28 6.55 -98.84 -33.86
CA SER H 28 7.02 -97.57 -34.39
C SER H 28 6.35 -96.38 -33.70
N ASP H 29 5.23 -96.64 -33.01
CA ASP H 29 4.51 -95.59 -32.31
C ASP H 29 5.34 -95.08 -31.14
N ALA H 30 5.98 -96.01 -30.42
CA ALA H 30 6.77 -95.67 -29.24
C ALA H 30 8.19 -95.23 -29.61
N LEU H 31 8.47 -95.04 -30.91
CA LEU H 31 9.81 -94.65 -31.36
C LEU H 31 9.76 -93.34 -32.15
N ALA H 32 8.59 -92.97 -32.67
CA ALA H 32 8.42 -91.72 -33.39
C ALA H 32 8.04 -90.58 -32.46
N LEU H 33 7.96 -90.85 -31.15
CA LEU H 33 7.67 -89.87 -30.11
C LEU H 33 6.39 -89.08 -30.44
N GLY H 34 5.49 -89.70 -31.21
CA GLY H 34 4.15 -89.18 -31.43
C GLY H 34 4.05 -88.18 -32.60
N TRP H 35 4.82 -88.41 -33.67
CA TRP H 35 4.52 -87.73 -34.92
C TRP H 35 3.24 -88.31 -35.52
N PRO H 36 2.40 -87.49 -36.18
CA PRO H 36 1.37 -88.01 -37.08
C PRO H 36 2.00 -88.74 -38.26
N THR H 37 1.28 -89.77 -38.74
CA THR H 37 1.68 -90.45 -39.96
C THR H 37 1.34 -89.56 -41.14
N GLY H 38 2.20 -89.57 -42.16
CA GLY H 38 2.06 -88.70 -43.32
C GLY H 38 0.86 -89.04 -44.18
N ILE H 39 0.42 -88.04 -44.96
CA ILE H 39 -0.66 -88.22 -45.92
C ILE H 39 -0.17 -87.86 -47.33
N THR H 40 1.13 -87.52 -47.43
CA THR H 40 1.77 -87.25 -48.71
C THR H 40 3.11 -87.99 -48.74
N PRO H 41 3.64 -88.37 -49.92
CA PRO H 41 4.92 -89.07 -50.00
C PRO H 41 6.08 -88.37 -49.30
N GLU H 42 6.13 -87.04 -49.41
CA GLU H 42 7.22 -86.27 -48.79
C GLU H 42 7.17 -86.40 -47.26
N ALA H 43 5.96 -86.38 -46.69
CA ALA H 43 5.78 -86.53 -45.27
C ALA H 43 6.26 -87.90 -44.81
N LYS H 44 5.95 -88.95 -45.58
CA LYS H 44 6.36 -90.31 -45.24
C LYS H 44 7.87 -90.45 -45.29
N LEU H 45 8.50 -89.78 -46.28
CA LEU H 45 9.96 -89.82 -46.39
C LEU H 45 10.61 -89.09 -45.23
N ASN H 46 10.02 -87.95 -44.83
CA ASN H 46 10.53 -87.18 -43.70
C ASN H 46 10.39 -87.96 -42.40
N ARG H 47 9.28 -88.67 -42.25
CA ARG H 47 9.05 -89.50 -41.07
C ARG H 47 10.08 -90.62 -41.02
N GLU H 48 10.39 -91.21 -42.18
CA GLU H 48 11.39 -92.26 -42.26
C GLU H 48 12.76 -91.72 -41.81
N LEU H 49 13.12 -90.52 -42.28
CA LEU H 49 14.38 -89.91 -41.89
C LEU H 49 14.43 -89.68 -40.38
N TRP H 50 13.32 -89.20 -39.81
CA TRP H 50 13.31 -88.82 -38.41
C TRP H 50 13.40 -90.04 -37.50
N ILE H 51 12.61 -91.07 -37.79
CA ILE H 51 12.60 -92.28 -36.98
C ILE H 51 13.98 -92.95 -37.02
N GLY H 52 14.63 -92.93 -38.19
CA GLY H 52 15.97 -93.46 -38.35
C GLY H 52 17.04 -92.69 -37.57
N SER H 53 16.80 -91.40 -37.28
CA SER H 53 17.74 -90.54 -36.59
C SER H 53 17.58 -90.64 -35.07
N VAL H 54 16.36 -90.88 -34.60
CA VAL H 54 16.10 -91.00 -33.17
C VAL H 54 16.87 -92.20 -32.59
N ILE H 55 16.92 -93.30 -33.34
CA ILE H 55 17.65 -94.49 -32.93
C ILE H 55 19.15 -94.18 -32.86
N ALA H 56 19.67 -93.45 -33.86
CA ALA H 56 21.09 -93.13 -33.94
C ALA H 56 21.52 -92.16 -32.83
N SER H 57 20.57 -91.51 -32.16
CA SER H 57 20.85 -90.58 -31.08
C SER H 57 20.66 -91.21 -29.70
N PHE H 58 19.79 -92.22 -29.59
CA PHE H 58 19.66 -92.95 -28.34
C PHE H 58 20.87 -93.85 -28.08
N ALA H 59 21.51 -94.34 -29.15
CA ALA H 59 22.68 -95.20 -29.03
C ALA H 59 23.81 -94.47 -28.32
N VAL H 60 24.15 -93.29 -28.84
CA VAL H 60 25.23 -92.48 -28.32
C VAL H 60 24.89 -91.89 -26.95
N GLY H 61 23.59 -91.81 -26.62
CA GLY H 61 23.15 -91.41 -25.29
C GLY H 61 23.32 -92.55 -24.28
N ALA H 62 22.96 -93.77 -24.71
CA ALA H 62 23.07 -94.95 -23.86
C ALA H 62 24.53 -95.24 -23.53
N ILE H 63 25.41 -95.13 -24.54
CA ILE H 63 26.81 -95.50 -24.36
C ILE H 63 27.59 -94.45 -23.57
N VAL H 64 26.95 -93.34 -23.20
CA VAL H 64 27.56 -92.32 -22.36
C VAL H 64 26.91 -92.32 -20.98
N TRP H 65 25.59 -92.55 -20.91
CA TRP H 65 24.91 -92.76 -19.65
C TRP H 65 25.48 -93.98 -18.91
N GLY H 66 25.78 -95.05 -19.66
CA GLY H 66 26.41 -96.24 -19.10
C GLY H 66 27.79 -95.93 -18.52
N LEU H 67 28.56 -95.11 -19.21
CA LEU H 67 29.89 -94.74 -18.75
C LEU H 67 29.81 -93.89 -17.48
N ILE H 68 28.82 -92.98 -17.42
CA ILE H 68 28.66 -92.14 -16.25
C ILE H 68 28.21 -93.00 -15.06
N PHE H 69 27.28 -93.93 -15.30
CA PHE H 69 26.75 -94.78 -14.25
C PHE H 69 27.81 -95.76 -13.73
N TRP H 70 28.68 -96.24 -14.64
CA TRP H 70 29.63 -97.28 -14.31
C TRP H 70 30.61 -96.78 -13.26
N THR H 71 31.18 -95.59 -13.47
CA THR H 71 32.22 -95.06 -12.60
C THR H 71 31.63 -94.43 -11.34
N SER H 72 30.33 -94.15 -11.33
CA SER H 72 29.66 -93.56 -10.18
C SER H 72 29.19 -94.62 -9.17
N ALA H 73 29.38 -95.91 -9.50
CA ALA H 73 28.92 -97.01 -8.66
C ALA H 73 30.04 -98.01 -8.32
N PHE H 74 31.19 -97.92 -9.00
CA PHE H 74 32.29 -98.85 -8.79
C PHE H 74 33.57 -98.16 -8.31
N HIS H 75 33.86 -96.99 -8.89
CA HIS H 75 35.06 -96.24 -8.54
C HIS H 75 34.70 -95.24 -7.45
N ARG H 76 34.88 -95.65 -6.20
CA ARG H 76 34.52 -94.82 -5.06
C ARG H 76 35.60 -94.95 -3.98
N LYS H 77 35.45 -94.15 -2.91
CA LYS H 77 36.37 -94.20 -1.78
C LYS H 77 36.00 -95.38 -0.90
N LYS H 78 36.78 -96.47 -1.03
CA LYS H 78 36.59 -97.68 -0.25
C LYS H 78 37.07 -97.47 1.17
N ALA H 79 36.73 -98.42 2.05
CA ALA H 79 37.08 -98.40 3.46
C ALA H 79 38.60 -98.34 3.65
N THR H 80 39.31 -99.17 2.89
CA THR H 80 40.77 -99.23 2.95
C THR H 80 41.35 -97.94 2.38
N ASP H 81 41.79 -97.06 3.27
CA ASP H 81 42.34 -95.78 2.88
C ASP H 81 43.76 -95.96 2.35
N THR H 82 43.85 -96.17 1.05
CA THR H 82 45.13 -96.34 0.37
C THR H 82 45.69 -94.96 0.04
N GLU H 83 46.77 -94.92 -0.75
CA GLU H 83 47.34 -93.64 -1.17
C GLU H 83 46.47 -93.05 -2.27
N LEU H 84 46.84 -91.84 -2.72
CA LEU H 84 46.22 -91.21 -3.87
C LEU H 84 46.38 -92.11 -5.10
N PRO H 85 45.39 -92.19 -6.01
CA PRO H 85 45.44 -93.14 -7.11
C PRO H 85 46.44 -92.72 -8.20
N ARG H 86 46.48 -93.47 -9.29
CA ARG H 86 47.35 -93.17 -10.41
C ARG H 86 47.00 -91.79 -10.98
N GLN H 87 48.02 -90.94 -11.12
CA GLN H 87 47.84 -89.55 -11.53
C GLN H 87 48.10 -89.41 -13.02
N PHE H 88 47.20 -89.96 -13.83
CA PHE H 88 47.32 -89.86 -15.28
C PHE H 88 46.41 -88.77 -15.81
N GLY H 89 46.92 -88.00 -16.78
CA GLY H 89 46.24 -86.80 -17.26
C GLY H 89 46.29 -86.64 -18.77
N TYR H 90 47.04 -87.51 -19.45
CA TYR H 90 47.14 -87.45 -20.90
C TYR H 90 47.12 -88.85 -21.50
N ASN H 91 46.44 -88.96 -22.64
CA ASN H 91 46.41 -90.16 -23.46
C ASN H 91 46.20 -89.75 -24.91
N MET H 92 47.30 -89.63 -25.65
CA MET H 92 47.28 -89.07 -26.99
C MET H 92 46.51 -89.97 -27.97
N PRO H 93 46.77 -91.29 -28.07
CA PRO H 93 46.07 -92.13 -29.04
C PRO H 93 44.54 -92.10 -28.93
N LEU H 94 44.03 -92.07 -27.69
CA LEU H 94 42.59 -92.11 -27.50
C LEU H 94 41.95 -90.76 -27.84
N GLU H 95 42.65 -89.67 -27.55
CA GLU H 95 42.19 -88.33 -27.89
C GLU H 95 42.20 -88.13 -29.41
N LEU H 96 43.13 -88.79 -30.11
CA LEU H 96 43.25 -88.62 -31.55
C LEU H 96 42.20 -89.45 -32.30
N THR H 97 41.86 -90.63 -31.76
CA THR H 97 40.88 -91.51 -32.38
C THR H 97 39.46 -91.16 -31.94
N LEU H 98 39.29 -90.05 -31.21
CA LEU H 98 37.99 -89.66 -30.66
C LEU H 98 37.37 -88.49 -31.41
N THR H 99 38.17 -87.72 -32.13
CA THR H 99 37.67 -86.59 -32.89
C THR H 99 37.14 -87.03 -34.26
N VAL H 100 37.37 -88.28 -34.62
CA VAL H 100 37.10 -88.78 -35.95
C VAL H 100 35.81 -89.61 -35.98
N ILE H 101 35.49 -90.26 -34.85
CA ILE H 101 34.35 -91.14 -34.76
C ILE H 101 33.02 -90.37 -34.86
N PRO H 102 32.81 -89.17 -34.27
CA PRO H 102 31.53 -88.49 -34.42
C PRO H 102 31.46 -87.74 -35.74
N PHE H 103 32.64 -87.47 -36.33
CA PHE H 103 32.72 -86.76 -37.59
C PHE H 103 32.05 -87.57 -38.69
N LEU H 104 32.29 -88.89 -38.72
CA LEU H 104 31.65 -89.76 -39.70
C LEU H 104 30.13 -89.81 -39.51
N ILE H 105 29.69 -89.79 -38.25
CA ILE H 105 28.27 -89.86 -37.92
C ILE H 105 27.58 -88.58 -38.42
N ILE H 106 28.19 -87.43 -38.16
CA ILE H 106 27.61 -86.16 -38.61
C ILE H 106 27.67 -86.05 -40.13
N SER H 107 28.68 -86.65 -40.76
CA SER H 107 28.80 -86.66 -42.21
C SER H 107 27.64 -87.45 -42.84
N VAL H 108 27.35 -88.63 -42.30
CA VAL H 108 26.29 -89.46 -42.85
C VAL H 108 24.93 -88.81 -42.62
N LEU H 109 24.78 -88.17 -41.45
CA LEU H 109 23.55 -87.45 -41.14
C LEU H 109 23.35 -86.30 -42.12
N PHE H 110 24.44 -85.59 -42.44
CA PHE H 110 24.40 -84.50 -43.40
C PHE H 110 23.99 -85.00 -44.78
N TYR H 111 24.54 -86.15 -45.19
CA TYR H 111 24.23 -86.73 -46.48
C TYR H 111 22.74 -87.05 -46.60
N PHE H 112 22.20 -87.74 -45.58
CA PHE H 112 20.79 -88.10 -45.59
C PHE H 112 19.88 -86.88 -45.51
N THR H 113 20.31 -85.87 -44.74
CA THR H 113 19.58 -84.61 -44.61
C THR H 113 19.46 -83.95 -45.98
N VAL H 114 20.57 -83.88 -46.71
CA VAL H 114 20.60 -83.27 -48.03
C VAL H 114 19.68 -84.04 -48.97
N VAL H 115 19.76 -85.38 -48.93
CA VAL H 115 18.98 -86.24 -49.81
C VAL H 115 17.48 -85.98 -49.61
N VAL H 116 17.05 -85.88 -48.34
CA VAL H 116 15.64 -85.70 -48.05
C VAL H 116 15.20 -84.28 -48.40
N GLN H 117 16.02 -83.28 -48.05
CA GLN H 117 15.64 -81.88 -48.22
C GLN H 117 15.55 -81.49 -49.70
N GLU H 118 16.37 -82.12 -50.55
CA GLU H 118 16.33 -81.82 -51.98
C GLU H 118 15.01 -82.32 -52.58
N ARG H 119 14.49 -83.44 -52.05
CA ARG H 119 13.26 -84.04 -52.56
C ARG H 119 12.03 -83.26 -52.09
N MET H 120 12.07 -82.73 -50.86
CA MET H 120 10.91 -82.08 -50.28
C MET H 120 10.67 -80.71 -50.90
N MET H 121 11.53 -80.27 -51.83
CA MET H 121 11.41 -78.95 -52.43
C MET H 121 11.57 -78.99 -53.95
N HIS H 122 10.93 -79.96 -54.61
CA HIS H 122 11.14 -80.21 -56.03
C HIS H 122 10.55 -79.09 -56.90
N LYS H 123 9.27 -78.77 -56.65
CA LYS H 123 8.56 -77.73 -57.37
C LYS H 123 8.51 -78.03 -58.87
N ASP H 124 7.79 -79.09 -59.24
CA ASP H 124 7.57 -79.41 -60.64
C ASP H 124 6.75 -78.30 -61.28
N PRO H 125 7.14 -77.82 -62.49
CA PRO H 125 6.41 -76.74 -63.16
C PRO H 125 5.15 -77.15 -63.93
N ASN H 126 4.34 -78.05 -63.34
CA ASN H 126 3.06 -78.39 -63.92
C ASN H 126 2.05 -78.78 -62.84
N PRO H 127 1.64 -77.85 -61.95
CA PRO H 127 0.65 -78.18 -60.93
C PRO H 127 -0.73 -78.34 -61.55
N GLU H 128 -1.55 -79.14 -60.89
CA GLU H 128 -2.88 -79.44 -61.41
C GLU H 128 -3.95 -78.53 -60.79
N VAL H 129 -3.64 -77.92 -59.66
CA VAL H 129 -4.47 -76.90 -59.06
C VAL H 129 -3.59 -75.97 -58.25
N VAL H 130 -3.71 -74.67 -58.54
CA VAL H 130 -2.98 -73.63 -57.83
C VAL H 130 -3.99 -72.85 -56.99
N ILE H 131 -3.66 -72.72 -55.70
CA ILE H 131 -4.49 -72.00 -54.75
C ILE H 131 -3.64 -70.95 -54.06
N ASP H 132 -4.28 -69.82 -53.77
CA ASP H 132 -3.68 -68.70 -53.08
C ASP H 132 -4.09 -68.73 -51.61
N VAL H 133 -3.11 -68.43 -50.77
CA VAL H 133 -3.30 -68.32 -49.34
C VAL H 133 -2.82 -66.94 -48.91
N THR H 134 -3.70 -66.17 -48.27
CA THR H 134 -3.34 -64.85 -47.75
C THR H 134 -3.62 -64.81 -46.26
N ALA H 135 -2.66 -64.24 -45.52
CA ALA H 135 -2.74 -64.17 -44.07
C ALA H 135 -2.87 -62.72 -43.63
N PHE H 136 -3.88 -62.43 -42.84
CA PHE H 136 -4.09 -61.10 -42.30
C PHE H 136 -4.28 -61.20 -40.79
N GLN H 137 -4.73 -60.11 -40.15
CA GLN H 137 -4.82 -60.07 -38.70
C GLN H 137 -5.87 -61.06 -38.20
N TRP H 138 -5.38 -62.28 -37.90
CA TRP H 138 -6.03 -63.32 -37.13
C TRP H 138 -7.15 -64.02 -37.90
N ASN H 139 -6.94 -64.23 -39.19
CA ASN H 139 -7.78 -65.16 -39.96
C ASN H 139 -7.07 -65.53 -41.26
N TRP H 140 -7.69 -66.46 -41.99
CA TRP H 140 -7.16 -66.96 -43.25
C TRP H 140 -8.16 -66.68 -44.37
N LYS H 141 -7.64 -66.69 -45.60
CA LYS H 141 -8.48 -66.53 -46.77
C LYS H 141 -7.86 -67.29 -47.93
N PHE H 142 -8.65 -68.18 -48.55
CA PHE H 142 -8.15 -69.05 -49.60
C PHE H 142 -8.80 -68.68 -50.94
N GLY H 143 -8.01 -68.78 -52.02
CA GLY H 143 -8.53 -68.52 -53.34
C GLY H 143 -8.02 -69.53 -54.36
N TYR H 144 -8.93 -70.15 -55.12
CA TYR H 144 -8.57 -71.07 -56.18
C TYR H 144 -8.06 -70.28 -57.39
N GLN H 145 -6.73 -70.25 -57.54
CA GLN H 145 -6.10 -69.52 -58.63
C GLN H 145 -6.42 -70.15 -59.98
N LYS H 146 -6.18 -71.46 -60.11
CA LYS H 146 -6.47 -72.15 -61.35
C LYS H 146 -6.56 -73.65 -61.12
N ILE H 147 -7.21 -74.35 -62.05
CA ILE H 147 -7.31 -75.80 -62.05
C ILE H 147 -7.04 -76.30 -63.47
N ALA H 148 -6.11 -77.25 -63.59
CA ALA H 148 -5.78 -77.85 -64.87
C ALA H 148 -5.38 -79.30 -64.67
N PHE H 149 -6.34 -80.21 -64.87
CA PHE H 149 -6.07 -81.63 -64.74
C PHE H 149 -5.17 -82.14 -65.86
N ALA H 150 -4.47 -83.24 -65.57
CA ALA H 150 -3.46 -83.80 -66.45
C ALA H 150 -4.07 -84.63 -67.58
N ASP H 151 -5.36 -84.94 -67.50
CA ASP H 151 -6.04 -85.81 -68.46
C ASP H 151 -7.09 -85.05 -69.27
N GLY H 152 -7.10 -83.71 -69.16
CA GLY H 152 -8.00 -82.86 -69.91
C GLY H 152 -9.46 -83.10 -69.54
N SER H 153 -9.72 -83.13 -68.22
CA SER H 153 -11.05 -83.38 -67.70
C SER H 153 -11.70 -82.14 -67.09
N PHE H 154 -10.89 -81.12 -66.76
CA PHE H 154 -11.36 -79.92 -66.12
C PHE H 154 -10.32 -78.81 -66.27
N ASP H 155 -10.74 -77.66 -66.80
CA ASP H 155 -9.92 -76.47 -66.89
C ASP H 155 -10.67 -75.27 -66.34
N TYR H 156 -9.96 -74.44 -65.55
CA TYR H 156 -10.54 -73.24 -64.96
C TYR H 156 -9.43 -72.26 -64.61
N ASP H 157 -9.68 -70.97 -64.83
CA ASP H 157 -8.73 -69.93 -64.50
C ASP H 157 -9.44 -68.86 -63.67
N GLY H 158 -9.09 -68.78 -62.38
CA GLY H 158 -9.69 -67.82 -61.47
C GLY H 158 -8.95 -66.49 -61.36
N ALA H 159 -7.90 -66.30 -62.18
CA ALA H 159 -7.13 -65.06 -62.18
C ALA H 159 -8.06 -63.89 -62.55
N ASP H 160 -8.06 -62.87 -61.67
CA ASP H 160 -8.95 -61.72 -61.75
C ASP H 160 -8.15 -60.42 -61.65
N PRO H 161 -7.52 -59.93 -62.75
CA PRO H 161 -6.75 -58.69 -62.69
C PRO H 161 -7.65 -57.45 -62.53
N GLU H 162 -7.49 -56.81 -61.38
CA GLU H 162 -8.25 -55.64 -60.95
C GLU H 162 -7.64 -55.13 -59.64
N ARG H 163 -6.62 -55.83 -59.15
CA ARG H 163 -5.93 -55.51 -57.90
C ARG H 163 -5.45 -54.07 -57.90
N LYS H 164 -5.67 -53.40 -56.75
CA LYS H 164 -5.43 -51.98 -56.59
C LYS H 164 -4.17 -51.75 -55.74
N GLU H 165 -3.53 -50.59 -55.96
CA GLU H 165 -2.24 -50.28 -55.36
C GLU H 165 -2.24 -48.82 -54.91
N ALA H 166 -1.04 -48.31 -54.55
CA ALA H 166 -0.90 -46.94 -54.08
C ALA H 166 0.25 -46.23 -54.84
N GLU H 191 2.71 -48.10 -48.57
CA GLU H 191 1.32 -48.60 -48.39
C GLU H 191 0.80 -49.18 -49.71
N ASP H 192 1.65 -49.92 -50.44
CA ASP H 192 1.35 -50.28 -51.81
C ASP H 192 0.31 -51.39 -51.86
N ARG H 193 0.67 -52.58 -51.36
CA ARG H 193 -0.19 -53.76 -51.36
C ARG H 193 -0.64 -54.08 -52.78
N THR H 194 0.34 -54.27 -53.66
CA THR H 194 0.12 -54.70 -55.03
C THR H 194 0.66 -56.11 -55.28
N TYR H 195 1.40 -56.66 -54.32
CA TYR H 195 1.92 -58.01 -54.41
C TYR H 195 0.81 -59.05 -54.16
N LEU H 196 -0.29 -58.64 -53.50
CA LEU H 196 -1.37 -59.55 -53.16
C LEU H 196 -2.10 -60.00 -54.42
N ASN H 197 -2.73 -61.19 -54.33
CA ASN H 197 -3.43 -61.79 -55.44
C ASN H 197 -4.89 -62.03 -55.08
N PHE H 198 -5.78 -61.79 -56.04
CA PHE H 198 -7.22 -61.91 -55.85
C PHE H 198 -7.79 -62.81 -56.94
N ASP H 199 -8.82 -63.59 -56.57
CA ASP H 199 -9.40 -64.60 -57.43
C ASP H 199 -10.92 -64.48 -57.46
N LYS H 200 -11.55 -65.27 -58.34
CA LYS H 200 -12.99 -65.27 -58.50
C LYS H 200 -13.68 -66.01 -57.36
N ILE H 201 -13.14 -67.19 -57.00
CA ILE H 201 -13.70 -67.98 -55.92
C ILE H 201 -12.79 -67.86 -54.70
N GLU H 202 -13.36 -67.48 -53.56
CA GLU H 202 -12.61 -67.26 -52.35
C GLU H 202 -13.41 -67.68 -51.13
N THR H 203 -12.69 -68.28 -50.17
CA THR H 203 -13.23 -68.56 -48.85
C THR H 203 -12.60 -67.59 -47.85
N LEU H 204 -13.46 -66.89 -47.10
CA LEU H 204 -13.00 -65.93 -46.10
C LEU H 204 -13.31 -66.45 -44.70
N GLY H 205 -12.29 -66.40 -43.84
CA GLY H 205 -12.43 -66.79 -42.45
C GLY H 205 -12.98 -65.67 -41.59
N THR H 206 -13.89 -66.01 -40.68
CA THR H 206 -14.53 -65.04 -39.80
C THR H 206 -14.39 -65.54 -38.36
N SER H 207 -14.55 -64.61 -37.41
CA SER H 207 -14.41 -64.91 -35.99
C SER H 207 -15.46 -65.92 -35.50
N SER H 208 -16.50 -66.15 -36.30
CA SER H 208 -17.56 -67.08 -35.92
C SER H 208 -17.68 -68.26 -36.89
N GLU H 209 -16.70 -68.43 -37.78
CA GLU H 209 -16.73 -69.52 -38.75
C GLU H 209 -15.30 -69.87 -39.16
N ILE H 210 -14.89 -71.11 -38.88
CA ILE H 210 -13.59 -71.60 -39.29
C ILE H 210 -13.57 -71.75 -40.81
N PRO H 211 -12.55 -71.20 -41.51
CA PRO H 211 -12.45 -71.36 -42.96
C PRO H 211 -12.05 -72.79 -43.31
N VAL H 212 -12.77 -73.37 -44.28
CA VAL H 212 -12.52 -74.74 -44.71
C VAL H 212 -12.05 -74.70 -46.17
N LEU H 213 -10.92 -75.36 -46.43
CA LEU H 213 -10.36 -75.46 -47.76
C LEU H 213 -10.63 -76.85 -48.31
N VAL H 214 -11.11 -76.89 -49.56
CA VAL H 214 -11.47 -78.13 -50.23
C VAL H 214 -10.47 -78.37 -51.35
N LEU H 215 -9.85 -79.56 -51.32
CA LEU H 215 -8.85 -79.95 -52.31
C LEU H 215 -9.19 -81.34 -52.84
N PRO H 216 -8.81 -81.67 -54.09
CA PRO H 216 -8.94 -83.04 -54.60
C PRO H 216 -7.86 -83.97 -54.08
N ALA H 217 -8.14 -85.27 -54.18
CA ALA H 217 -7.20 -86.31 -53.81
C ALA H 217 -6.43 -86.78 -55.05
N GLY H 218 -5.15 -87.11 -54.83
CA GLY H 218 -4.31 -87.68 -55.88
C GLY H 218 -3.88 -86.65 -56.92
N LYS H 219 -3.89 -85.36 -56.54
CA LYS H 219 -3.50 -84.29 -57.43
C LYS H 219 -2.44 -83.42 -56.76
N ARG H 220 -1.67 -82.70 -57.58
CA ARG H 220 -0.68 -81.74 -57.09
C ARG H 220 -1.39 -80.49 -56.57
N ILE H 221 -0.89 -79.97 -55.44
CA ILE H 221 -1.36 -78.71 -54.88
C ILE H 221 -0.21 -77.71 -54.83
N GLU H 222 -0.48 -76.44 -55.16
CA GLU H 222 0.56 -75.48 -55.44
C GLU H 222 0.87 -74.51 -54.30
N PHE H 223 -0.14 -74.07 -53.54
CA PHE H 223 0.08 -73.38 -52.27
C PHE H 223 0.96 -72.14 -52.41
N VAL H 224 0.42 -71.10 -53.04
CA VAL H 224 1.10 -69.82 -53.13
C VAL H 224 0.71 -68.95 -51.93
N LEU H 225 1.71 -68.59 -51.11
CA LEU H 225 1.45 -67.92 -49.84
C LEU H 225 1.84 -66.44 -49.90
N ASN H 226 1.04 -65.60 -49.24
CA ASN H 226 1.33 -64.19 -49.04
C ASN H 226 0.76 -63.72 -47.72
N SER H 227 1.33 -62.63 -47.19
CA SER H 227 0.79 -61.96 -46.02
C SER H 227 0.61 -60.47 -46.34
N ALA H 228 -0.41 -59.87 -45.72
CA ALA H 228 -0.76 -58.47 -45.94
C ALA H 228 -0.16 -57.56 -44.87
N ASP H 229 0.00 -58.06 -43.64
CA ASP H 229 0.23 -57.23 -42.47
C ASP H 229 1.54 -57.60 -41.78
N VAL H 230 1.63 -58.85 -41.29
CA VAL H 230 2.73 -59.30 -40.45
C VAL H 230 3.11 -60.71 -40.90
N ILE H 231 4.07 -61.33 -40.20
CA ILE H 231 4.46 -62.70 -40.48
C ILE H 231 3.50 -63.64 -39.75
N HIS H 232 3.01 -64.65 -40.47
CA HIS H 232 2.20 -65.72 -39.87
C HIS H 232 2.83 -67.07 -40.22
N GLY H 233 2.27 -68.16 -39.67
CA GLY H 233 2.80 -69.49 -39.92
C GLY H 233 1.76 -70.44 -40.50
N PHE H 234 2.05 -70.96 -41.71
CA PHE H 234 1.19 -71.93 -42.36
C PHE H 234 1.70 -73.32 -42.01
N TRP H 235 1.03 -73.99 -41.08
CA TRP H 235 1.42 -75.31 -40.60
C TRP H 235 0.26 -76.28 -40.74
N VAL H 236 0.52 -77.40 -41.41
CA VAL H 236 -0.41 -78.51 -41.38
C VAL H 236 0.29 -79.71 -40.74
N PRO H 237 -0.04 -80.07 -39.48
CA PRO H 237 0.60 -81.21 -38.82
C PRO H 237 0.60 -82.51 -39.64
N GLU H 238 -0.50 -82.78 -40.35
CA GLU H 238 -0.60 -83.98 -41.17
C GLU H 238 0.33 -83.94 -42.38
N PHE H 239 0.68 -82.72 -42.81
CA PHE H 239 1.65 -82.54 -43.87
C PHE H 239 3.08 -82.79 -43.36
N LEU H 240 3.27 -82.74 -42.04
CA LEU H 240 4.58 -82.67 -41.40
C LEU H 240 5.38 -81.52 -42.00
N PHE H 241 4.75 -80.35 -42.13
CA PHE H 241 5.35 -79.25 -42.86
C PHE H 241 4.69 -77.93 -42.47
N LYS H 242 5.53 -76.91 -42.31
CA LYS H 242 5.08 -75.55 -42.15
C LYS H 242 6.02 -74.60 -42.89
N ARG H 243 5.54 -73.39 -43.15
CA ARG H 243 6.36 -72.32 -43.69
C ARG H 243 5.85 -70.98 -43.20
N ASP H 244 6.76 -70.00 -43.10
CA ASP H 244 6.41 -68.64 -42.73
C ASP H 244 5.80 -67.90 -43.92
N VAL H 245 4.74 -67.13 -43.64
CA VAL H 245 4.16 -66.24 -44.61
C VAL H 245 4.55 -64.82 -44.23
N LEU H 246 5.24 -64.15 -45.18
CA LEU H 246 5.87 -62.85 -45.00
C LEU H 246 5.09 -61.78 -45.76
N PRO H 247 5.13 -60.50 -45.33
CA PRO H 247 4.49 -59.41 -46.08
C PRO H 247 4.91 -59.30 -47.53
N GLU H 248 6.23 -59.22 -47.80
CA GLU H 248 6.71 -59.00 -49.15
C GLU H 248 7.79 -60.03 -49.48
N PRO H 249 7.40 -61.27 -49.87
CA PRO H 249 8.36 -62.34 -50.06
C PRO H 249 9.40 -62.06 -51.13
N LYS H 250 9.00 -61.36 -52.20
CA LYS H 250 9.87 -61.13 -53.34
C LYS H 250 11.00 -60.16 -52.98
N ALA H 251 10.65 -59.10 -52.26
CA ALA H 251 11.62 -58.06 -51.87
C ALA H 251 12.56 -58.55 -50.77
N ASN H 252 12.15 -59.58 -50.02
CA ASN H 252 12.91 -60.10 -48.90
C ASN H 252 13.71 -61.35 -49.27
N ASN H 253 13.76 -61.68 -50.57
CA ASN H 253 14.54 -62.81 -51.10
C ASN H 253 14.03 -64.13 -50.54
N SER H 254 12.72 -64.23 -50.34
CA SER H 254 12.08 -65.44 -49.84
C SER H 254 11.27 -66.11 -50.95
N ASP H 255 11.24 -67.44 -50.93
CA ASP H 255 10.44 -68.21 -51.86
C ASP H 255 9.14 -68.62 -51.17
N ASN H 256 8.01 -68.13 -51.67
CA ASN H 256 6.74 -68.24 -50.96
C ASN H 256 5.80 -69.25 -51.63
N VAL H 257 6.38 -70.18 -52.41
CA VAL H 257 5.58 -71.19 -53.08
C VAL H 257 6.21 -72.56 -52.83
N PHE H 258 5.38 -73.53 -52.44
CA PHE H 258 5.82 -74.91 -52.28
C PHE H 258 4.66 -75.83 -52.66
N GLN H 259 5.00 -77.01 -53.19
CA GLN H 259 3.98 -77.91 -53.68
C GLN H 259 4.23 -79.32 -53.19
N VAL H 260 3.15 -80.13 -53.16
CA VAL H 260 3.22 -81.54 -52.86
C VAL H 260 2.84 -82.33 -54.12
N SER H 261 3.09 -83.64 -54.07
CA SER H 261 2.81 -84.52 -55.19
C SER H 261 1.32 -84.82 -55.25
N GLU H 262 0.78 -85.43 -54.18
CA GLU H 262 -0.60 -85.90 -54.16
C GLU H 262 -0.93 -86.42 -52.76
N ILE H 263 -2.17 -86.16 -52.34
CA ILE H 263 -2.64 -86.52 -51.00
C ILE H 263 -3.27 -87.90 -51.08
N GLN H 264 -2.88 -88.78 -50.14
CA GLN H 264 -3.26 -90.18 -50.19
C GLN H 264 -4.76 -90.36 -49.93
N GLN H 265 -5.25 -89.76 -48.85
CA GLN H 265 -6.55 -90.13 -48.32
C GLN H 265 -7.46 -88.91 -48.17
N THR H 266 -8.76 -89.19 -48.17
CA THR H 266 -9.80 -88.20 -48.04
C THR H 266 -10.15 -88.01 -46.57
N GLY H 267 -10.45 -86.78 -46.17
CA GLY H 267 -10.84 -86.53 -44.79
C GLY H 267 -10.65 -85.08 -44.40
N ALA H 268 -10.66 -84.82 -43.09
CA ALA H 268 -10.56 -83.48 -42.53
C ALA H 268 -9.34 -83.38 -41.62
N PHE H 269 -8.54 -82.32 -41.83
CA PHE H 269 -7.30 -82.12 -41.10
C PHE H 269 -7.21 -80.68 -40.60
N VAL H 270 -6.58 -80.50 -39.44
CA VAL H 270 -6.50 -79.21 -38.77
C VAL H 270 -5.27 -78.44 -39.26
N GLY H 271 -5.35 -77.12 -39.13
CA GLY H 271 -4.22 -76.24 -39.42
C GLY H 271 -4.16 -75.05 -38.47
N ARG H 272 -2.95 -74.76 -37.96
CA ARG H 272 -2.76 -73.77 -36.92
C ARG H 272 -1.72 -72.72 -37.36
N CYS H 273 -1.87 -71.51 -36.81
CA CYS H 273 -0.91 -70.43 -37.02
C CYS H 273 0.24 -70.59 -36.04
N THR H 274 1.48 -70.50 -36.56
CA THR H 274 2.68 -70.57 -35.72
C THR H 274 3.65 -69.46 -36.11
N GLU H 275 3.40 -68.23 -35.62
CA GLU H 275 4.40 -67.18 -35.78
C GLU H 275 4.46 -66.16 -34.65
N MET H 276 3.53 -66.21 -33.69
CA MET H 276 3.36 -65.12 -32.73
C MET H 276 3.05 -63.83 -33.48
N CYS H 277 1.83 -63.78 -34.05
CA CYS H 277 1.37 -62.64 -34.82
C CYS H 277 0.61 -61.62 -33.99
N GLY H 278 0.42 -61.85 -32.68
CA GLY H 278 -0.30 -60.89 -31.88
C GLY H 278 -1.22 -61.54 -30.86
N THR H 279 -2.28 -60.84 -30.47
CA THR H 279 -3.06 -61.17 -29.28
C THR H 279 -3.82 -62.48 -29.48
N PHE H 280 -4.52 -62.61 -30.61
CA PHE H 280 -5.36 -63.78 -30.84
C PHE H 280 -4.61 -64.82 -31.68
N HIS H 281 -3.32 -64.99 -31.39
CA HIS H 281 -2.46 -65.86 -32.19
C HIS H 281 -2.77 -67.33 -31.96
N ALA H 282 -3.29 -67.66 -30.77
CA ALA H 282 -3.75 -68.99 -30.42
C ALA H 282 -5.16 -69.27 -30.94
N MET H 283 -5.76 -68.32 -31.66
CA MET H 283 -7.14 -68.42 -32.10
C MET H 283 -7.24 -68.11 -33.59
N MET H 284 -6.34 -68.71 -34.36
CA MET H 284 -6.23 -68.52 -35.80
C MET H 284 -6.06 -69.91 -36.42
N ASN H 285 -7.19 -70.57 -36.68
CA ASN H 285 -7.18 -71.95 -37.12
C ASN H 285 -7.96 -72.10 -38.42
N PHE H 286 -7.69 -73.21 -39.13
CA PHE H 286 -8.42 -73.56 -40.33
C PHE H 286 -8.47 -75.07 -40.48
N GLU H 287 -9.16 -75.52 -41.52
CA GLU H 287 -9.30 -76.94 -41.81
C GLU H 287 -9.11 -77.18 -43.30
N VAL H 288 -8.61 -78.38 -43.63
CA VAL H 288 -8.51 -78.85 -45.00
C VAL H 288 -9.34 -80.12 -45.13
N ARG H 289 -10.24 -80.14 -46.11
CA ARG H 289 -11.06 -81.29 -46.39
C ARG H 289 -10.77 -81.81 -47.80
N VAL H 290 -10.20 -83.02 -47.87
CA VAL H 290 -9.86 -83.67 -49.12
C VAL H 290 -10.97 -84.65 -49.49
N VAL H 291 -11.46 -84.54 -50.73
CA VAL H 291 -12.55 -85.37 -51.23
C VAL H 291 -12.13 -85.95 -52.58
N GLU H 292 -13.03 -86.73 -53.19
CA GLU H 292 -12.80 -87.32 -54.50
C GLU H 292 -12.82 -86.22 -55.57
N PRO H 293 -12.12 -86.40 -56.72
CA PRO H 293 -12.17 -85.44 -57.82
C PRO H 293 -13.56 -85.07 -58.33
N ASN H 294 -14.49 -86.04 -58.36
CA ASN H 294 -15.84 -85.77 -58.83
C ASN H 294 -16.58 -84.84 -57.86
N ASP H 295 -16.40 -85.08 -56.55
CA ASP H 295 -16.95 -84.20 -55.53
C ASP H 295 -16.30 -82.83 -55.64
N PHE H 296 -15.02 -82.78 -56.01
CA PHE H 296 -14.30 -81.52 -56.13
C PHE H 296 -14.93 -80.68 -57.25
N LYS H 297 -15.19 -81.32 -58.40
CA LYS H 297 -15.78 -80.62 -59.54
C LYS H 297 -17.19 -80.15 -59.22
N ALA H 298 -17.97 -80.99 -58.52
CA ALA H 298 -19.32 -80.63 -58.13
C ALA H 298 -19.31 -79.42 -57.20
N TYR H 299 -18.38 -79.42 -56.23
CA TYR H 299 -18.22 -78.33 -55.29
C TYR H 299 -17.83 -77.05 -56.04
N ILE H 300 -16.92 -77.17 -57.01
CA ILE H 300 -16.46 -76.03 -57.78
C ILE H 300 -17.62 -75.42 -58.57
N ASP H 301 -18.43 -76.28 -59.20
CA ASP H 301 -19.58 -75.80 -59.96
C ASP H 301 -20.58 -75.10 -59.04
N GLN H 302 -20.84 -75.68 -57.86
CA GLN H 302 -21.76 -75.10 -56.90
C GLN H 302 -21.29 -73.72 -56.47
N ARG H 303 -19.99 -73.59 -56.19
CA ARG H 303 -19.43 -72.32 -55.77
C ARG H 303 -19.42 -71.32 -56.93
N ASN H 304 -19.28 -71.81 -58.17
CA ASN H 304 -19.33 -70.97 -59.35
C ASN H 304 -20.73 -70.39 -59.56
N ALA H 305 -21.75 -71.17 -59.21
CA ALA H 305 -23.12 -70.65 -59.15
C ALA H 305 -23.28 -69.71 -57.95
N GLY H 306 -22.46 -69.92 -56.90
CA GLY H 306 -22.48 -69.11 -55.69
C GLY H 306 -23.21 -69.80 -54.55
N LYS H 307 -22.45 -70.45 -53.65
CA LYS H 307 -23.04 -71.18 -52.54
C LYS H 307 -22.28 -70.98 -51.22
N THR H 308 -21.54 -69.89 -51.10
CA THR H 308 -21.02 -69.38 -49.82
C THR H 308 -20.07 -70.35 -49.11
N ASN H 309 -19.79 -71.52 -49.72
CA ASN H 309 -18.90 -72.52 -49.18
C ASN H 309 -19.54 -73.32 -48.04
N ALA H 310 -20.74 -72.91 -47.57
CA ALA H 310 -21.41 -73.61 -46.48
C ALA H 310 -22.44 -74.60 -47.02
N GLU H 311 -23.13 -74.23 -48.11
CA GLU H 311 -24.15 -75.08 -48.69
C GLU H 311 -23.63 -75.82 -49.93
N ALA H 312 -22.44 -75.47 -50.42
CA ALA H 312 -21.78 -76.27 -51.43
C ALA H 312 -21.36 -77.63 -50.85
N LEU H 313 -20.82 -77.60 -49.63
CA LEU H 313 -20.51 -78.83 -48.91
C LEU H 313 -21.77 -79.64 -48.67
N ALA H 314 -22.87 -78.97 -48.30
CA ALA H 314 -24.15 -79.63 -48.13
C ALA H 314 -24.64 -80.20 -49.47
N ALA H 315 -24.24 -79.57 -50.58
CA ALA H 315 -24.64 -80.03 -51.91
C ALA H 315 -23.87 -81.28 -52.32
N ILE H 316 -22.66 -81.46 -51.77
CA ILE H 316 -21.85 -82.62 -52.12
C ILE H 316 -21.85 -83.64 -50.97
N ASN H 317 -22.87 -83.57 -50.11
CA ASN H 317 -23.09 -84.49 -49.00
C ASN H 317 -21.89 -84.47 -48.06
N GLN H 318 -21.58 -83.28 -47.53
CA GLN H 318 -20.54 -83.10 -46.54
C GLN H 318 -21.09 -82.24 -45.41
N PRO H 319 -20.59 -82.40 -44.16
CA PRO H 319 -20.92 -81.48 -43.07
C PRO H 319 -20.58 -80.04 -43.46
N PRO H 320 -21.45 -79.06 -43.14
CA PRO H 320 -21.22 -77.68 -43.57
C PRO H 320 -20.15 -76.93 -42.80
N LEU H 321 -19.76 -77.42 -41.61
CA LEU H 321 -18.82 -76.74 -40.75
C LEU H 321 -17.56 -77.58 -40.56
N ALA H 322 -16.62 -77.07 -39.76
CA ALA H 322 -15.41 -77.81 -39.43
C ALA H 322 -15.72 -78.85 -38.35
N ILE H 323 -15.14 -80.03 -38.52
CA ILE H 323 -15.36 -81.16 -37.63
C ILE H 323 -14.10 -81.46 -36.81
N THR H 324 -13.03 -80.69 -37.03
CA THR H 324 -11.80 -80.84 -36.26
C THR H 324 -11.70 -79.76 -35.18
N THR H 325 -12.13 -78.54 -35.51
CA THR H 325 -12.15 -77.44 -34.56
C THR H 325 -13.47 -76.69 -34.68
N GLU H 326 -13.80 -75.94 -33.63
CA GLU H 326 -14.96 -75.08 -33.58
C GLU H 326 -14.52 -73.66 -33.21
N PRO H 327 -15.32 -72.61 -33.55
CA PRO H 327 -14.94 -71.24 -33.22
C PRO H 327 -14.74 -71.05 -31.72
N PHE H 328 -13.73 -70.23 -31.39
CA PHE H 328 -13.46 -69.87 -30.01
C PHE H 328 -14.56 -68.96 -29.48
N GLU H 329 -14.81 -69.06 -28.17
CA GLU H 329 -15.73 -68.18 -27.48
C GLU H 329 -15.22 -66.74 -27.60
N SER H 330 -16.14 -65.82 -27.93
CA SER H 330 -15.78 -64.45 -28.23
C SER H 330 -15.37 -63.68 -26.98
N ARG H 331 -15.90 -64.10 -25.82
CA ARG H 331 -15.63 -63.43 -24.56
C ARG H 331 -14.17 -63.63 -24.14
N ARG H 332 -13.69 -62.73 -23.27
CA ARG H 332 -12.30 -62.69 -22.88
C ARG H 332 -11.94 -63.87 -21.96
N GLY H 333 -12.92 -64.38 -21.21
CA GLY H 333 -12.67 -65.49 -20.32
C GLY H 333 -13.86 -65.78 -19.42
N GLU H 334 -13.59 -66.46 -18.30
CA GLU H 334 -14.63 -66.97 -17.42
C GLU H 334 -14.97 -65.97 -16.31
N LEU H 335 -14.18 -64.89 -16.18
CA LEU H 335 -14.38 -63.92 -15.12
C LEU H 335 -15.23 -62.73 -15.59
N VAL H 336 -15.76 -62.81 -16.82
CA VAL H 336 -16.55 -61.72 -17.37
C VAL H 336 -18.03 -62.10 -17.45
N SER I 2 -11.09 -82.98 -14.96
CA SER I 2 -12.06 -82.49 -13.93
C SER I 2 -11.46 -81.33 -13.15
N THR I 3 -12.29 -80.31 -12.88
CA THR I 3 -11.86 -79.12 -12.16
C THR I 3 -11.66 -79.40 -10.67
N ALA I 4 -11.90 -80.65 -10.23
CA ALA I 4 -11.72 -81.04 -8.84
C ALA I 4 -10.41 -81.83 -8.66
N LEU I 5 -10.11 -82.72 -9.61
CA LEU I 5 -8.89 -83.52 -9.55
C LEU I 5 -7.66 -82.63 -9.78
N THR I 6 -7.76 -81.71 -10.75
CA THR I 6 -6.61 -80.91 -11.16
C THR I 6 -6.18 -79.96 -10.03
N HIS I 7 -7.14 -79.28 -9.41
CA HIS I 7 -6.84 -78.32 -8.34
C HIS I 7 -6.26 -79.03 -7.12
N GLY I 8 -6.76 -80.23 -6.83
CA GLY I 8 -6.26 -81.01 -5.70
C GLY I 8 -4.91 -81.65 -5.97
N LEU I 9 -4.66 -81.99 -7.25
CA LEU I 9 -3.44 -82.70 -7.61
C LEU I 9 -2.28 -81.72 -7.72
N ILE I 10 -2.54 -80.50 -8.20
CA ILE I 10 -1.49 -79.51 -8.43
C ILE I 10 -0.90 -79.08 -7.08
N GLY I 11 -1.78 -78.92 -6.10
CA GLY I 11 -1.40 -78.47 -4.77
C GLY I 11 -1.18 -79.62 -3.77
N GLY I 12 -1.39 -80.86 -4.22
CA GLY I 12 -1.32 -82.02 -3.35
C GLY I 12 -0.01 -82.80 -3.48
N VAL I 13 0.40 -83.05 -4.72
CA VAL I 13 1.58 -83.86 -5.00
C VAL I 13 2.84 -83.18 -4.47
N PRO I 14 3.09 -81.87 -4.73
CA PRO I 14 4.28 -81.21 -4.20
C PRO I 14 4.47 -81.33 -2.69
N LEU I 15 3.37 -81.27 -1.93
CA LEU I 15 3.44 -81.33 -0.48
C LEU I 15 3.59 -82.77 0.02
N VAL I 16 3.31 -83.77 -0.82
CA VAL I 16 3.51 -85.16 -0.46
C VAL I 16 4.91 -85.61 -0.86
N LEU I 17 5.40 -85.14 -2.02
CA LEU I 17 6.79 -85.38 -2.40
C LEU I 17 7.73 -84.69 -1.39
N PHE I 18 7.37 -83.48 -0.97
CA PHE I 18 8.00 -82.86 0.19
C PHE I 18 7.52 -83.60 1.44
N ALA I 19 8.31 -83.53 2.51
CA ALA I 19 8.03 -84.22 3.77
C ALA I 19 8.15 -85.73 3.65
N VAL I 20 8.55 -86.26 2.49
CA VAL I 20 8.95 -87.65 2.36
C VAL I 20 10.45 -87.64 2.01
N LEU I 21 10.87 -86.61 1.27
CA LEU I 21 12.28 -86.34 1.05
C LEU I 21 12.88 -85.58 2.24
N ALA I 22 12.03 -84.98 3.09
CA ALA I 22 12.50 -84.26 4.27
C ALA I 22 12.64 -85.19 5.48
N LEU I 23 12.10 -86.41 5.40
CA LEU I 23 12.22 -87.38 6.49
C LEU I 23 13.42 -88.30 6.31
N ILE I 24 13.96 -88.39 5.09
CA ILE I 24 15.08 -89.27 4.79
C ILE I 24 16.37 -88.47 4.61
N PHE I 25 16.31 -87.15 4.83
CA PHE I 25 17.51 -86.32 4.76
C PHE I 25 17.76 -85.56 6.07
N LEU I 26 16.69 -85.04 6.67
CA LEU I 26 16.81 -84.17 7.83
C LEU I 26 16.79 -84.94 9.14
N THR I 27 16.68 -86.28 9.07
CA THR I 27 16.52 -87.10 10.27
C THR I 27 17.77 -87.97 10.51
N ARG I 28 18.93 -87.43 10.11
CA ARG I 28 20.20 -88.11 10.30
C ARG I 28 21.16 -87.22 11.07
N LYS I 29 22.17 -87.84 11.68
CA LYS I 29 23.16 -87.13 12.48
C LYS I 29 24.15 -86.39 11.57
N GLY I 30 24.49 -85.16 11.96
CA GLY I 30 25.41 -84.32 11.22
C GLY I 30 26.85 -84.51 11.67
N PRO I 31 27.81 -83.70 11.17
CA PRO I 31 29.20 -83.80 11.61
C PRO I 31 29.51 -83.10 12.94
N HIS I 32 28.51 -82.41 13.52
CA HIS I 32 28.69 -81.76 14.80
C HIS I 32 28.71 -82.82 15.90
N PRO I 33 29.77 -82.88 16.74
CA PRO I 33 29.89 -83.94 17.73
C PRO I 33 28.82 -83.82 18.81
N ASP I 34 28.43 -84.97 19.37
CA ASP I 34 27.43 -85.02 20.43
C ASP I 34 28.00 -84.39 21.69
N THR I 35 27.10 -83.86 22.53
CA THR I 35 27.48 -83.08 23.70
C THR I 35 28.22 -83.95 24.71
N TYR I 36 29.19 -83.33 25.39
CA TYR I 36 30.00 -84.00 26.38
C TYR I 36 29.25 -84.05 27.71
N LYS I 37 29.20 -85.24 28.31
CA LYS I 37 28.60 -85.45 29.61
C LYS I 37 29.70 -85.53 30.66
N MET I 38 29.37 -85.09 31.88
CA MET I 38 30.35 -85.07 32.97
C MET I 38 30.38 -86.38 33.74
N SER I 39 29.71 -87.43 33.23
CA SER I 39 29.75 -88.76 33.82
C SER I 39 30.88 -89.60 33.22
N ASP I 40 31.65 -89.02 32.28
CA ASP I 40 32.69 -89.71 31.55
C ASP I 40 33.98 -88.92 31.65
N PRO I 41 35.18 -89.56 31.54
CA PRO I 41 36.44 -88.84 31.59
C PRO I 41 36.55 -87.84 30.45
N TRP I 42 37.11 -86.66 30.76
CA TRP I 42 37.25 -85.59 29.79
C TRP I 42 38.41 -85.92 28.85
N THR I 43 38.08 -86.22 27.59
CA THR I 43 39.06 -86.51 26.56
C THR I 43 38.91 -85.48 25.45
N HIS I 44 39.78 -84.47 25.47
CA HIS I 44 39.85 -83.42 24.47
C HIS I 44 41.08 -82.55 24.73
N ALA I 45 41.54 -81.85 23.70
CA ALA I 45 42.65 -80.92 23.81
C ALA I 45 42.26 -79.75 24.71
N PRO I 46 43.20 -79.10 25.42
CA PRO I 46 42.86 -78.01 26.33
C PRO I 46 42.15 -76.86 25.60
N ILE I 47 41.22 -76.22 26.33
CA ILE I 47 40.42 -75.13 25.79
C ILE I 47 40.83 -73.84 26.50
N LEU I 48 41.06 -72.79 25.70
CA LEU I 48 41.35 -71.47 26.22
C LEU I 48 40.55 -70.45 25.43
N TRP I 49 39.43 -70.00 26.03
CA TRP I 49 38.58 -68.99 25.41
C TRP I 49 38.80 -67.66 26.12
N ALA I 50 38.72 -66.56 25.35
CA ALA I 50 38.87 -65.21 25.88
C ALA I 50 38.23 -64.22 24.91
N ALA I 51 37.70 -63.12 25.46
CA ALA I 51 37.04 -62.12 24.65
C ALA I 51 38.08 -61.30 23.86
N GLU I 52 37.59 -60.55 22.86
CA GLU I 52 38.43 -59.65 22.09
C GLU I 52 38.22 -58.19 22.50
N GLU I 53 37.56 -57.99 23.64
CA GLU I 53 37.38 -56.68 24.25
C GLU I 53 38.02 -56.68 25.64
N PRO I 54 38.74 -55.62 26.05
CA PRO I 54 39.05 -54.46 25.21
C PRO I 54 40.10 -54.75 24.14
N ARG I 55 39.95 -54.07 22.99
CA ARG I 55 40.79 -54.32 21.84
C ARG I 55 42.14 -53.66 22.02
N GLU I 56 43.20 -54.42 21.69
CA GLU I 56 44.58 -53.94 21.65
C GLU I 56 44.98 -53.34 23.01
N VAL I 69 51.97 -61.47 33.89
CA VAL I 69 53.34 -61.33 34.47
C VAL I 69 53.21 -61.21 35.99
N VAL I 70 52.77 -60.05 36.46
CA VAL I 70 52.49 -59.86 37.88
C VAL I 70 51.00 -60.11 38.10
N ILE I 71 50.70 -61.05 38.99
CA ILE I 71 49.33 -61.54 39.21
C ILE I 71 49.09 -61.63 40.71
N GLY I 72 48.08 -60.89 41.19
CA GLY I 72 47.96 -60.62 42.61
C GLY I 72 46.62 -61.00 43.22
N GLY I 73 46.08 -62.15 42.81
CA GLY I 73 44.81 -62.63 43.33
C GLY I 73 44.60 -64.12 43.07
N GLY I 74 43.54 -64.65 43.68
CA GLY I 74 43.17 -66.05 43.53
C GLY I 74 41.99 -66.43 44.39
N ALA I 75 41.37 -67.56 44.05
CA ALA I 75 40.33 -68.21 44.85
C ALA I 75 40.33 -69.70 44.53
N SER I 76 39.44 -70.45 45.20
CA SER I 76 39.35 -71.88 45.00
C SER I 76 37.94 -72.37 45.35
N GLY I 77 37.63 -73.58 44.87
CA GLY I 77 36.36 -74.23 45.15
C GLY I 77 36.43 -75.73 44.86
N LYS I 78 35.35 -76.43 45.22
CA LYS I 78 35.28 -77.87 45.07
C LYS I 78 33.86 -78.30 44.73
N TRP I 79 33.75 -79.26 43.80
CA TRP I 79 32.46 -79.80 43.40
C TRP I 79 32.59 -81.30 43.19
N LEU J 14 59.03 -78.51 12.20
CA LEU J 14 58.69 -79.24 13.45
C LEU J 14 57.64 -80.30 13.15
N ASP J 15 56.47 -80.17 13.76
CA ASP J 15 55.36 -81.09 13.57
C ASP J 15 54.31 -80.43 12.68
N LEU J 16 54.01 -81.09 11.55
CA LEU J 16 52.97 -80.64 10.65
C LEU J 16 52.06 -81.83 10.31
N PRO J 17 50.73 -81.70 10.47
CA PRO J 17 49.82 -82.80 10.09
C PRO J 17 49.80 -83.05 8.59
N TYR J 18 49.01 -84.02 8.15
CA TYR J 18 48.86 -84.33 6.73
C TYR J 18 48.05 -83.23 6.05
N GLY J 19 48.66 -82.59 5.04
CA GLY J 19 48.03 -81.50 4.32
C GLY J 19 48.53 -80.12 4.74
N SER J 20 49.32 -80.04 5.81
CA SER J 20 49.83 -78.78 6.33
C SER J 20 51.24 -78.51 5.77
N ALA J 21 51.53 -77.23 5.50
CA ALA J 21 52.84 -76.84 5.00
C ALA J 21 53.18 -75.43 5.47
N LEU J 22 54.42 -75.25 5.91
CA LEU J 22 54.94 -73.94 6.28
C LEU J 22 55.25 -73.14 5.01
N THR J 23 54.70 -71.93 4.94
CA THR J 23 54.82 -71.07 3.78
C THR J 23 56.03 -70.14 3.95
N SER J 24 56.22 -69.21 3.00
CA SER J 24 57.34 -68.30 2.97
C SER J 24 57.23 -67.21 4.03
N SER J 25 56.03 -67.02 4.59
CA SER J 25 55.77 -65.95 5.54
C SER J 25 55.77 -66.44 6.99
N GLY J 26 55.93 -67.76 7.18
CA GLY J 26 55.87 -68.37 8.50
C GLY J 26 54.48 -68.91 8.84
N ARG J 27 53.46 -68.50 8.08
CA ARG J 27 52.09 -68.99 8.26
C ARG J 27 51.99 -70.41 7.71
N ILE J 28 51.04 -71.18 8.27
CA ILE J 28 50.77 -72.52 7.80
C ILE J 28 49.51 -72.50 6.92
N SER J 29 49.37 -73.56 6.13
CA SER J 29 48.21 -73.80 5.24
C SER J 29 47.68 -75.20 5.55
N ALA J 30 46.57 -75.29 6.31
CA ALA J 30 46.07 -76.57 6.75
C ALA J 30 44.99 -77.08 5.80
N VAL J 31 44.69 -78.38 5.91
CA VAL J 31 43.77 -79.06 5.00
C VAL J 31 42.85 -79.95 5.84
N THR J 32 41.56 -80.00 5.45
CA THR J 32 40.60 -80.88 6.07
C THR J 32 39.97 -81.75 4.98
N GLU J 33 39.49 -82.93 5.39
CA GLU J 33 38.85 -83.85 4.46
C GLU J 33 37.49 -83.28 4.05
N PRO J 34 37.06 -83.48 2.78
CA PRO J 34 35.78 -82.98 2.28
C PRO J 34 34.60 -82.94 3.25
N GLY J 35 34.28 -84.08 3.86
CA GLY J 35 33.11 -84.19 4.70
C GLY J 35 33.42 -83.99 6.19
N GLU J 36 34.41 -83.15 6.50
CA GLU J 36 34.90 -83.02 7.86
C GLU J 36 34.91 -81.56 8.29
N LEU J 37 34.97 -81.35 9.60
CA LEU J 37 34.94 -80.02 10.22
C LEU J 37 36.36 -79.58 10.59
N SER J 38 36.47 -78.41 11.25
CA SER J 38 37.75 -77.83 11.59
C SER J 38 37.89 -77.56 13.09
N VAL J 39 36.76 -77.40 13.80
CA VAL J 39 36.79 -76.96 15.18
C VAL J 39 36.37 -78.11 16.12
N HIS J 40 35.22 -78.73 15.82
CA HIS J 40 34.73 -79.92 16.50
C HIS J 40 34.81 -79.79 18.03
N TYR J 41 34.11 -78.79 18.56
CA TYR J 41 33.94 -78.67 20.01
C TYR J 41 32.84 -79.62 20.49
N PRO J 42 32.92 -80.15 21.72
CA PRO J 42 31.91 -81.08 22.21
C PRO J 42 30.62 -80.45 22.75
N PHE J 43 30.35 -79.20 22.35
CA PHE J 43 29.17 -78.49 22.83
C PHE J 43 28.30 -78.05 21.67
N PRO J 44 26.96 -77.93 21.85
CA PRO J 44 26.08 -77.38 20.81
C PRO J 44 26.45 -75.94 20.42
N THR J 45 26.13 -75.60 19.17
CA THR J 45 26.45 -74.32 18.57
C THR J 45 25.77 -73.17 19.32
N MET J 46 24.48 -73.36 19.63
CA MET J 46 23.70 -72.31 20.28
C MET J 46 24.22 -72.02 21.68
N ASP J 47 24.63 -73.07 22.40
CA ASP J 47 25.24 -72.91 23.71
C ASP J 47 26.55 -72.12 23.62
N LEU J 48 27.33 -72.40 22.57
CA LEU J 48 28.58 -71.66 22.33
C LEU J 48 28.28 -70.19 22.07
N VAL J 49 27.22 -69.90 21.32
CA VAL J 49 26.82 -68.53 21.02
C VAL J 49 26.44 -67.81 22.31
N VAL J 50 25.66 -68.50 23.16
CA VAL J 50 25.18 -67.93 24.40
C VAL J 50 26.35 -67.63 25.32
N LEU J 51 27.32 -68.54 25.39
CA LEU J 51 28.50 -68.30 26.21
C LEU J 51 29.33 -67.13 25.64
N ASP J 52 29.46 -67.09 24.31
CA ASP J 52 30.35 -66.15 23.66
C ASP J 52 29.86 -64.72 23.86
N ASP J 53 28.57 -64.48 23.60
CA ASP J 53 28.08 -63.12 23.69
C ASP J 53 28.07 -62.63 25.14
N ALA J 54 27.83 -63.55 26.08
CA ALA J 54 27.93 -63.24 27.50
C ALA J 54 29.36 -62.82 27.86
N LEU J 55 30.34 -63.60 27.39
CA LEU J 55 31.75 -63.34 27.63
C LEU J 55 32.15 -61.99 27.01
N LYS J 56 31.54 -61.63 25.88
CA LYS J 56 31.87 -60.41 25.16
C LYS J 56 31.27 -59.19 25.85
N TYR J 57 29.98 -59.24 26.21
CA TYR J 57 29.30 -58.11 26.81
C TYR J 57 29.68 -57.90 28.27
N GLY J 58 30.04 -58.98 28.97
CA GLY J 58 30.56 -58.89 30.33
C GLY J 58 31.92 -58.20 30.38
N SER J 59 32.79 -58.57 29.44
CA SER J 59 34.13 -58.02 29.34
C SER J 59 34.09 -56.53 29.01
N ARG J 60 33.18 -56.15 28.09
CA ARG J 60 33.08 -54.77 27.65
C ARG J 60 32.57 -53.87 28.77
N ALA J 61 31.63 -54.38 29.59
CA ALA J 61 31.05 -53.60 30.68
C ALA J 61 32.07 -53.30 31.79
N ALA J 62 32.82 -54.32 32.19
CA ALA J 62 33.77 -54.23 33.30
C ALA J 62 35.13 -53.70 32.87
N LYS J 63 35.37 -53.57 31.55
CA LYS J 63 36.64 -53.11 31.00
C LYS J 63 37.83 -53.96 31.48
N ALA J 64 37.55 -55.24 31.69
CA ALA J 64 38.56 -56.23 32.07
C ALA J 64 38.31 -57.49 31.25
N ARG J 65 39.37 -58.01 30.62
CA ARG J 65 39.25 -59.19 29.77
C ARG J 65 38.87 -60.42 30.61
N PHE J 66 37.92 -61.21 30.11
CA PHE J 66 37.48 -62.43 30.76
C PHE J 66 37.91 -63.63 29.93
N ALA J 67 38.22 -64.73 30.61
CA ALA J 67 38.68 -65.95 29.96
C ALA J 67 38.11 -67.18 30.68
N VAL J 68 38.07 -68.30 29.95
CA VAL J 68 37.62 -69.57 30.48
C VAL J 68 38.59 -70.66 30.01
N TYR J 69 38.96 -71.53 30.95
CA TYR J 69 39.83 -72.66 30.68
C TYR J 69 39.14 -73.96 31.09
N ILE J 70 39.25 -74.96 30.21
CA ILE J 70 38.73 -76.29 30.47
C ILE J 70 39.82 -77.29 30.10
N GLY J 71 40.49 -77.84 31.12
CA GLY J 71 41.57 -78.79 30.87
C GLY J 71 42.24 -79.27 32.15
N PRO J 72 43.21 -80.22 32.02
CA PRO J 72 43.89 -80.77 33.19
C PRO J 72 44.98 -79.87 33.75
N LEU J 73 44.58 -78.98 34.68
CA LEU J 73 45.52 -78.08 35.33
C LEU J 73 46.01 -78.63 36.68
N GLY J 74 45.50 -79.80 37.08
CA GLY J 74 45.74 -80.31 38.42
C GLY J 74 47.02 -81.13 38.52
N ALA J 75 48.10 -80.49 39.02
CA ALA J 75 49.33 -81.18 39.37
C ALA J 75 49.65 -80.90 40.83
N ASP J 76 49.63 -79.63 41.22
CA ASP J 76 50.02 -79.20 42.56
C ASP J 76 48.97 -78.25 43.13
N THR J 77 47.90 -78.80 43.71
CA THR J 77 46.80 -78.06 44.33
C THR J 77 46.23 -77.00 43.39
N ALA J 78 46.26 -77.33 42.09
CA ALA J 78 45.72 -76.49 41.01
C ALA J 78 46.34 -75.10 41.06
N ALA J 79 47.66 -75.05 40.82
CA ALA J 79 48.43 -73.82 40.90
C ALA J 79 49.06 -73.43 39.56
N THR J 80 48.85 -74.22 38.51
CA THR J 80 49.37 -73.89 37.19
C THR J 80 48.45 -72.93 36.46
N ALA J 81 47.24 -72.72 36.99
CA ALA J 81 46.32 -71.71 36.46
C ALA J 81 46.97 -70.33 36.45
N ARG J 82 47.84 -70.08 37.43
CA ARG J 82 48.65 -68.88 37.51
C ARG J 82 49.59 -68.75 36.31
N GLU J 83 49.92 -69.89 35.68
CA GLU J 83 50.77 -69.95 34.51
C GLU J 83 49.92 -69.93 33.23
N ILE J 84 48.69 -70.48 33.29
CA ILE J 84 47.80 -70.43 32.14
C ILE J 84 47.34 -69.00 31.88
N LEU J 85 47.16 -68.22 32.95
CA LEU J 85 46.76 -66.82 32.84
C LEU J 85 47.81 -65.99 32.10
N ALA J 86 49.04 -66.51 32.03
CA ALA J 86 50.13 -65.82 31.35
C ALA J 86 50.11 -66.07 29.83
N ASN J 87 48.96 -66.51 29.29
CA ASN J 87 48.83 -66.79 27.87
C ASN J 87 47.79 -65.90 27.19
N VAL J 88 46.90 -65.30 27.98
CA VAL J 88 45.83 -64.44 27.48
C VAL J 88 46.43 -63.09 27.08
N PRO J 89 45.87 -62.40 26.05
CA PRO J 89 46.34 -61.06 25.71
C PRO J 89 46.17 -60.08 26.86
N THR J 90 47.16 -59.21 27.05
CA THR J 90 47.24 -58.28 28.17
C THR J 90 47.00 -59.04 29.47
N PRO J 91 47.94 -59.90 29.93
CA PRO J 91 47.73 -60.71 31.12
C PRO J 91 47.46 -59.91 32.40
N GLU J 92 47.94 -58.67 32.46
CA GLU J 92 47.79 -57.86 33.66
C GLU J 92 46.34 -57.48 33.94
N ASN J 93 45.61 -56.99 32.92
CA ASN J 93 44.21 -56.64 33.07
C ASN J 93 43.35 -57.75 32.50
N ALA J 94 43.19 -58.84 33.27
CA ALA J 94 42.47 -60.02 32.84
C ALA J 94 42.00 -60.83 34.03
N VAL J 95 40.93 -61.60 33.82
CA VAL J 95 40.40 -62.53 34.79
C VAL J 95 40.32 -63.91 34.13
N LEU J 96 40.56 -64.97 34.91
CA LEU J 96 40.47 -66.33 34.41
C LEU J 96 39.57 -67.19 35.31
N LEU J 97 38.88 -68.15 34.70
CA LEU J 97 38.17 -69.21 35.42
C LEU J 97 38.60 -70.55 34.84
N ALA J 98 39.23 -71.38 35.67
CA ALA J 98 39.71 -72.69 35.27
C ALA J 98 38.86 -73.78 35.93
N VAL J 99 38.45 -74.76 35.11
CA VAL J 99 37.62 -75.87 35.57
C VAL J 99 38.30 -77.16 35.15
N SER J 100 38.39 -78.11 36.09
CA SER J 100 38.89 -79.45 35.84
C SER J 100 37.79 -80.46 36.15
N PRO J 101 37.11 -81.03 35.13
CA PRO J 101 36.08 -82.03 35.36
C PRO J 101 36.62 -83.41 35.76
N ASP J 102 37.85 -83.71 35.31
CA ASP J 102 38.56 -84.92 35.70
C ASP J 102 38.90 -84.92 37.19
N GLN J 103 39.00 -83.72 37.80
CA GLN J 103 39.44 -83.60 39.18
C GLN J 103 38.51 -82.74 40.02
N ARG J 104 37.40 -82.26 39.43
CA ARG J 104 36.36 -81.54 40.17
C ARG J 104 36.94 -80.28 40.79
N ALA J 105 37.83 -79.61 40.05
CA ALA J 105 38.58 -78.46 40.56
C ALA J 105 38.08 -77.16 39.95
N ILE J 106 37.82 -76.16 40.79
CA ILE J 106 37.44 -74.82 40.34
C ILE J 106 38.50 -73.83 40.82
N GLU J 107 38.99 -72.99 39.91
CA GLU J 107 40.04 -72.02 40.22
C GLU J 107 39.70 -70.69 39.58
N VAL J 108 40.03 -69.57 40.26
CA VAL J 108 39.96 -68.24 39.69
C VAL J 108 41.28 -67.55 39.97
N VAL J 109 41.88 -66.92 38.95
CA VAL J 109 43.10 -66.16 39.10
C VAL J 109 43.06 -64.97 38.15
N TYR J 110 43.45 -63.80 38.64
CA TYR J 110 43.44 -62.57 37.86
C TYR J 110 44.76 -61.83 37.99
N GLY J 111 45.05 -61.00 36.98
CA GLY J 111 46.26 -60.19 36.95
C GLY J 111 46.21 -59.03 37.93
N ALA J 112 47.34 -58.34 38.09
CA ALA J 112 47.49 -57.28 39.07
C ALA J 112 47.07 -55.92 38.48
N ASP J 113 45.84 -55.88 37.96
CA ASP J 113 45.21 -54.63 37.54
C ASP J 113 43.73 -54.58 37.91
N VAL J 114 43.15 -55.73 38.30
CA VAL J 114 41.75 -55.79 38.65
C VAL J 114 41.58 -55.57 40.16
N LYS J 115 42.70 -55.49 40.89
CA LYS J 115 42.70 -55.24 42.32
C LYS J 115 41.96 -53.95 42.65
N GLY J 116 41.12 -54.00 43.70
CA GLY J 116 40.41 -52.83 44.20
C GLY J 116 39.22 -52.44 43.34
N ARG J 117 38.78 -53.35 42.46
CA ARG J 117 37.67 -53.08 41.56
C ARG J 117 36.48 -53.98 41.85
N GLY J 118 36.54 -54.75 42.94
CA GLY J 118 35.41 -55.57 43.36
C GLY J 118 35.60 -57.06 43.11
N ILE J 119 36.73 -57.45 42.51
CA ILE J 119 37.02 -58.84 42.22
C ILE J 119 37.37 -59.62 43.48
N GLU J 120 37.83 -58.94 44.53
CA GLU J 120 38.11 -59.58 45.80
C GLU J 120 36.85 -60.19 46.40
N SER J 121 35.72 -59.49 46.23
CA SER J 121 34.42 -59.92 46.75
C SER J 121 33.60 -60.67 45.69
N ALA J 122 34.19 -60.94 44.51
CA ALA J 122 33.46 -61.53 43.39
C ALA J 122 33.77 -63.01 43.18
N ALA J 123 35.04 -63.40 43.35
CA ALA J 123 35.46 -64.78 43.12
C ALA J 123 34.76 -65.76 44.07
N PRO J 124 34.63 -65.49 45.39
CA PRO J 124 34.00 -66.43 46.31
C PRO J 124 32.61 -66.90 45.91
N LEU J 125 31.79 -66.00 45.35
CA LEU J 125 30.47 -66.39 44.88
C LEU J 125 30.45 -66.74 43.39
N GLY J 126 31.45 -66.29 42.64
CA GLY J 126 31.63 -66.70 41.26
C GLY J 126 31.93 -68.18 41.14
N VAL J 127 32.65 -68.73 42.12
CA VAL J 127 32.93 -70.16 42.16
C VAL J 127 31.71 -70.93 42.66
N SER J 128 30.95 -70.33 43.57
CA SER J 128 29.74 -70.95 44.11
C SER J 128 28.68 -71.12 43.03
N ALA J 129 28.55 -70.10 42.17
CA ALA J 129 27.60 -70.14 41.06
C ALA J 129 27.93 -71.29 40.10
N ALA J 130 29.22 -71.47 39.81
CA ALA J 130 29.66 -72.55 38.93
C ALA J 130 29.40 -73.91 39.59
N ALA J 131 29.74 -74.03 40.88
CA ALA J 131 29.60 -75.29 41.60
C ALA J 131 28.15 -75.71 41.72
N ALA J 132 27.24 -74.73 41.91
CA ALA J 132 25.82 -75.00 42.06
C ALA J 132 25.26 -75.73 40.84
N SER J 133 25.65 -75.28 39.65
CA SER J 133 25.22 -75.91 38.41
C SER J 133 26.07 -77.14 38.07
N PHE J 134 27.29 -77.22 38.61
CA PHE J 134 28.12 -78.40 38.42
C PHE J 134 27.65 -79.58 39.27
N LYS J 135 26.76 -79.32 40.25
CA LYS J 135 26.12 -80.40 40.99
C LYS J 135 25.16 -81.20 40.10
N GLU J 136 24.74 -80.61 38.96
CA GLU J 136 24.03 -81.35 37.93
C GLU J 136 25.02 -81.82 36.87
N GLY J 137 24.48 -82.34 35.76
CA GLY J 137 25.30 -82.79 34.64
C GLY J 137 25.70 -81.65 33.71
N ASN J 138 25.50 -80.41 34.14
CA ASN J 138 25.67 -79.24 33.31
C ASN J 138 27.08 -78.68 33.48
N LEU J 139 27.76 -78.45 32.34
CA LEU J 139 29.11 -77.89 32.35
C LEU J 139 29.12 -76.51 31.71
N ILE J 140 28.56 -76.40 30.50
CA ILE J 140 28.60 -75.16 29.76
C ILE J 140 27.70 -74.08 30.38
N ASP J 141 26.72 -74.53 31.18
CA ASP J 141 25.82 -73.62 31.87
C ASP J 141 26.54 -72.96 33.04
N GLY J 142 27.38 -73.73 33.74
CA GLY J 142 28.11 -73.25 34.90
C GLY J 142 29.09 -72.12 34.58
N LEU J 143 29.77 -72.26 33.44
CA LEU J 143 30.75 -71.27 33.00
C LEU J 143 30.06 -69.93 32.76
N ILE J 144 28.93 -69.95 32.03
CA ILE J 144 28.20 -68.74 31.72
C ILE J 144 27.63 -68.11 32.98
N SER J 145 27.12 -68.95 33.90
CA SER J 145 26.56 -68.45 35.16
C SER J 145 27.64 -67.73 35.97
N ALA J 146 28.82 -68.35 36.05
CA ALA J 146 29.94 -67.78 36.80
C ALA J 146 30.38 -66.46 36.18
N VAL J 147 30.49 -66.42 34.84
CA VAL J 147 30.91 -65.21 34.14
C VAL J 147 29.90 -64.10 34.38
N ARG J 148 28.60 -64.43 34.33
CA ARG J 148 27.54 -63.44 34.51
C ARG J 148 27.57 -62.86 35.92
N VAL J 149 27.81 -63.72 36.93
CA VAL J 149 27.80 -63.25 38.30
C VAL J 149 29.09 -62.47 38.61
N MET J 150 30.18 -62.77 37.91
CA MET J 150 31.45 -62.10 38.17
C MET J 150 31.53 -60.74 37.49
N SER J 151 31.20 -60.68 36.19
CA SER J 151 31.36 -59.48 35.39
C SER J 151 30.42 -58.35 35.83
N ALA J 152 29.36 -58.69 36.60
CA ALA J 152 28.41 -57.71 37.09
C ALA J 152 28.86 -57.06 38.41
N GLY J 153 30.06 -57.37 38.87
CA GLY J 153 30.56 -56.86 40.14
C GLY J 153 31.92 -56.17 40.03
N VAL J 154 32.48 -56.15 38.81
CA VAL J 154 33.77 -55.52 38.59
C VAL J 154 33.54 -54.12 38.02
N SER J 155 34.03 -53.11 38.74
CA SER J 155 33.85 -51.72 38.31
C SER J 155 34.78 -51.43 37.14
N PRO J 156 34.33 -50.64 36.14
CA PRO J 156 35.15 -50.36 34.96
C PRO J 156 36.51 -49.72 35.25
N ALA J 157 36.55 -48.85 36.27
CA ALA J 157 37.77 -48.14 36.64
C ALA J 157 38.75 -49.11 37.32
N CYS K 24 -3.12 -54.23 -15.61
CA CYS K 24 -4.28 -54.12 -14.72
C CYS K 24 -5.52 -53.76 -15.53
N SER K 25 -5.32 -52.95 -16.58
CA SER K 25 -6.39 -52.51 -17.47
C SER K 25 -6.55 -53.42 -18.68
N ALA K 26 -5.77 -54.50 -18.75
CA ALA K 26 -5.76 -55.42 -19.87
C ALA K 26 -6.14 -56.84 -19.42
N GLY K 27 -7.00 -56.92 -18.40
CA GLY K 27 -7.48 -58.20 -17.88
C GLY K 27 -8.78 -58.67 -18.54
N GLN K 28 -9.52 -59.50 -17.81
CA GLN K 28 -10.82 -60.00 -18.25
C GLN K 28 -11.80 -58.85 -18.48
N ILE K 29 -11.83 -57.90 -17.53
CA ILE K 29 -12.67 -56.72 -17.66
C ILE K 29 -11.84 -55.60 -18.29
N SER K 30 -12.26 -55.20 -19.49
CA SER K 30 -11.56 -54.17 -20.26
C SER K 30 -12.50 -53.00 -20.53
N GLN K 31 -11.94 -51.79 -20.48
CA GLN K 31 -12.70 -50.56 -20.60
C GLN K 31 -13.05 -50.26 -22.06
N THR K 32 -12.42 -50.97 -23.01
CA THR K 32 -12.52 -50.64 -24.42
C THR K 32 -13.44 -51.61 -25.16
N THR K 33 -13.48 -52.87 -24.74
CA THR K 33 -14.16 -53.92 -25.48
C THR K 33 -15.68 -53.90 -25.25
N THR K 34 -16.12 -53.22 -24.18
CA THR K 34 -17.53 -53.20 -23.81
C THR K 34 -18.23 -51.93 -24.29
N GLN K 35 -17.50 -51.06 -25.02
CA GLN K 35 -18.01 -49.75 -25.41
C GLN K 35 -19.13 -49.90 -26.44
N GLU K 36 -20.25 -49.22 -26.18
CA GLU K 36 -21.38 -49.22 -27.11
C GLU K 36 -21.11 -48.22 -28.23
N PRO K 37 -21.58 -48.46 -29.47
CA PRO K 37 -21.43 -47.46 -30.54
C PRO K 37 -22.33 -46.26 -30.30
N ALA K 38 -21.80 -45.07 -30.60
CA ALA K 38 -22.55 -43.83 -30.55
C ALA K 38 -23.30 -43.64 -31.87
N VAL K 39 -24.56 -44.08 -31.91
CA VAL K 39 -25.28 -44.15 -33.18
C VAL K 39 -26.66 -43.51 -33.09
N ASN K 40 -27.11 -43.13 -31.89
CA ASN K 40 -28.47 -42.65 -31.67
C ASN K 40 -29.47 -43.74 -32.05
N GLY K 41 -29.33 -44.88 -31.39
CA GLY K 41 -30.21 -46.02 -31.62
C GLY K 41 -29.84 -47.23 -30.77
N VAL K 42 -30.74 -48.20 -30.72
CA VAL K 42 -30.56 -49.39 -29.90
C VAL K 42 -29.97 -50.51 -30.73
N ASN K 43 -29.30 -51.46 -30.06
CA ASN K 43 -28.65 -52.59 -30.70
C ASN K 43 -29.13 -53.88 -30.05
N ALA K 44 -30.45 -54.04 -29.91
CA ALA K 44 -31.04 -55.18 -29.22
C ALA K 44 -30.89 -56.45 -30.07
N GLN K 45 -30.86 -57.61 -29.40
CA GLN K 45 -30.80 -58.91 -30.06
C GLN K 45 -32.17 -59.60 -30.04
N ALA K 46 -32.26 -60.67 -30.83
CA ALA K 46 -33.44 -61.52 -30.90
C ALA K 46 -32.98 -62.95 -31.14
N GLY K 47 -33.91 -63.83 -31.54
CA GLY K 47 -33.59 -65.21 -31.83
C GLY K 47 -32.73 -65.34 -33.08
N GLN K 48 -31.41 -65.51 -32.87
CA GLN K 48 -30.43 -65.68 -33.92
C GLN K 48 -30.42 -64.47 -34.87
N VAL K 49 -31.04 -63.36 -34.44
CA VAL K 49 -31.07 -62.15 -35.25
C VAL K 49 -30.62 -60.98 -34.39
N SER K 50 -29.69 -60.18 -34.93
CA SER K 50 -29.20 -58.98 -34.28
C SER K 50 -29.75 -57.76 -35.02
N LEU K 51 -30.44 -56.88 -34.27
CA LEU K 51 -31.02 -55.66 -34.84
C LEU K 51 -30.18 -54.48 -34.40
N ARG K 52 -29.79 -53.65 -35.38
CA ARG K 52 -28.90 -52.53 -35.15
C ARG K 52 -29.50 -51.24 -35.68
N ASN K 53 -29.25 -50.14 -34.93
CA ASN K 53 -29.61 -48.79 -35.32
C ASN K 53 -31.12 -48.69 -35.55
N VAL K 54 -31.87 -49.06 -34.51
CA VAL K 54 -33.31 -49.03 -34.56
C VAL K 54 -33.77 -47.68 -34.00
N HIS K 55 -34.41 -46.87 -34.87
CA HIS K 55 -34.85 -45.54 -34.49
C HIS K 55 -36.08 -45.14 -35.29
N LEU K 56 -36.71 -44.04 -34.85
CA LEU K 56 -37.92 -43.50 -35.43
C LEU K 56 -37.63 -42.14 -36.05
N ARG K 57 -38.12 -41.94 -37.29
CA ARG K 57 -38.12 -40.65 -37.94
C ARG K 57 -39.51 -40.05 -37.83
N ALA K 58 -39.55 -38.88 -37.19
CA ALA K 58 -40.74 -38.10 -36.93
C ALA K 58 -40.35 -36.63 -36.77
N PRO K 59 -40.23 -35.87 -37.89
CA PRO K 59 -39.83 -34.46 -37.81
C PRO K 59 -40.84 -33.65 -36.99
N GLN K 60 -40.35 -33.09 -35.87
CA GLN K 60 -41.21 -32.43 -34.90
C GLN K 60 -41.28 -30.93 -35.17
N GLN K 61 -42.37 -30.33 -34.68
CA GLN K 61 -42.62 -28.89 -34.83
C GLN K 61 -43.00 -28.26 -33.50
N THR K 62 -43.63 -29.06 -32.61
CA THR K 62 -44.09 -28.59 -31.31
C THR K 62 -43.76 -29.62 -30.24
N ASP K 63 -44.43 -29.53 -29.10
CA ASP K 63 -44.17 -30.40 -27.97
C ASP K 63 -44.50 -31.86 -28.32
N TYR K 64 -45.48 -32.09 -29.20
CA TYR K 64 -45.89 -33.43 -29.57
C TYR K 64 -45.93 -33.61 -31.08
N VAL K 65 -45.96 -34.87 -31.49
CA VAL K 65 -46.35 -35.26 -32.84
C VAL K 65 -47.73 -35.89 -32.71
N GLU K 66 -48.74 -35.16 -33.18
CA GLU K 66 -50.14 -35.48 -32.94
C GLU K 66 -50.52 -36.81 -33.58
N PRO K 67 -51.50 -37.55 -33.00
CA PRO K 67 -52.04 -38.75 -33.64
C PRO K 67 -52.66 -38.46 -35.01
N GLY K 68 -52.59 -39.46 -35.89
CA GLY K 68 -53.06 -39.33 -37.26
C GLY K 68 -51.88 -39.21 -38.23
N THR K 69 -50.81 -38.56 -37.78
CA THR K 69 -49.59 -38.41 -38.55
C THR K 69 -48.89 -39.78 -38.66
N THR K 70 -48.28 -40.00 -39.83
CA THR K 70 -47.55 -41.23 -40.08
C THR K 70 -46.06 -40.97 -39.86
N VAL K 71 -45.40 -41.92 -39.21
CA VAL K 71 -43.97 -41.83 -38.94
C VAL K 71 -43.26 -43.07 -39.47
N GLU K 72 -41.92 -43.03 -39.47
CA GLU K 72 -41.12 -44.06 -40.14
C GLU K 72 -40.25 -44.80 -39.13
N LEU K 73 -40.10 -46.11 -39.30
CA LEU K 73 -39.24 -46.94 -38.47
C LEU K 73 -38.06 -47.45 -39.28
N LEU K 74 -36.85 -47.35 -38.71
CA LEU K 74 -35.62 -47.68 -39.42
C LEU K 74 -34.75 -48.59 -38.56
N PHE K 75 -34.11 -49.57 -39.21
CA PHE K 75 -33.19 -50.49 -38.55
C PHE K 75 -32.47 -51.34 -39.60
N VAL K 76 -31.56 -52.20 -39.11
CA VAL K 76 -30.90 -53.21 -39.92
C VAL K 76 -30.96 -54.53 -39.15
N ALA K 77 -31.31 -55.61 -39.85
CA ALA K 77 -31.34 -56.95 -39.27
C ALA K 77 -30.23 -57.80 -39.87
N ALA K 78 -29.44 -58.44 -39.01
CA ALA K 78 -28.31 -59.27 -39.42
C ALA K 78 -28.39 -60.65 -38.77
N ASN K 79 -28.07 -61.68 -39.53
CA ASN K 79 -27.81 -63.00 -38.98
C ASN K 79 -26.54 -63.60 -39.60
N ASP K 80 -25.93 -64.53 -38.87
CA ASP K 80 -24.74 -65.22 -39.33
C ASP K 80 -25.07 -66.70 -39.54
N SER K 81 -25.50 -67.03 -40.78
CA SER K 81 -25.84 -68.39 -41.21
C SER K 81 -26.78 -69.06 -40.19
N SER K 85 -31.16 -70.14 -42.90
CA SER K 85 -30.77 -69.55 -44.21
C SER K 85 -31.76 -68.46 -44.63
N ASN K 86 -32.91 -68.40 -43.94
CA ASN K 86 -33.93 -67.37 -44.16
C ASN K 86 -34.73 -67.20 -42.87
N LYS K 87 -35.38 -66.03 -42.75
CA LYS K 87 -36.27 -65.72 -41.65
C LYS K 87 -37.26 -64.65 -42.10
N LEU K 88 -38.54 -64.87 -41.76
CA LEU K 88 -39.59 -63.89 -41.93
C LEU K 88 -39.73 -63.03 -40.65
N LYS K 89 -40.54 -61.97 -40.74
CA LYS K 89 -40.60 -60.97 -39.69
C LYS K 89 -41.91 -60.20 -39.75
N SER K 90 -42.27 -59.57 -38.64
CA SER K 90 -43.47 -58.74 -38.50
C SER K 90 -43.32 -57.85 -37.27
N ILE K 91 -43.61 -56.54 -37.43
CA ILE K 91 -43.54 -55.60 -36.32
C ILE K 91 -44.95 -55.31 -35.82
N THR K 92 -45.10 -55.36 -34.49
CA THR K 92 -46.29 -54.86 -33.80
C THR K 92 -45.88 -53.89 -32.71
N SER K 93 -46.77 -52.92 -32.41
CA SER K 93 -46.52 -51.95 -31.36
C SER K 93 -47.83 -51.52 -30.72
N ASP K 94 -47.75 -50.52 -29.82
CA ASP K 94 -48.91 -50.01 -29.11
C ASP K 94 -49.20 -48.56 -29.48
N VAL K 95 -48.24 -47.86 -30.08
CA VAL K 95 -48.48 -46.53 -30.61
C VAL K 95 -48.95 -46.64 -32.07
N GLY K 96 -50.24 -46.93 -32.21
CA GLY K 96 -50.82 -47.16 -33.51
C GLY K 96 -50.46 -48.53 -34.07
N GLU K 97 -50.47 -48.62 -35.40
CA GLU K 97 -50.23 -49.84 -36.12
C GLU K 97 -49.02 -49.67 -37.04
N VAL K 98 -48.25 -50.75 -37.19
CA VAL K 98 -47.10 -50.78 -38.06
C VAL K 98 -47.42 -51.58 -39.32
N THR K 99 -47.12 -50.98 -40.47
CA THR K 99 -47.33 -51.57 -41.78
C THR K 99 -45.99 -51.77 -42.48
N LEU K 100 -45.80 -52.95 -43.05
CA LEU K 100 -44.58 -53.32 -43.76
C LEU K 100 -44.83 -53.35 -45.26
N THR K 101 -43.78 -53.04 -46.04
CA THR K 101 -43.83 -53.16 -47.48
C THR K 101 -42.46 -53.61 -47.99
N GLY K 102 -42.43 -54.79 -48.63
CA GLY K 102 -41.21 -55.35 -49.17
C GLY K 102 -41.12 -56.87 -49.00
N ASP K 103 -39.98 -57.41 -49.44
CA ASP K 103 -39.67 -58.83 -49.36
C ASP K 103 -39.67 -59.31 -47.91
N SER K 104 -38.91 -58.61 -47.06
CA SER K 104 -38.90 -58.82 -45.61
C SER K 104 -38.42 -60.24 -45.29
N THR K 105 -37.25 -60.58 -45.81
CA THR K 105 -36.58 -61.83 -45.51
C THR K 105 -35.07 -61.62 -45.57
N VAL K 106 -34.33 -62.47 -44.87
CA VAL K 106 -32.90 -62.31 -44.70
C VAL K 106 -32.16 -63.41 -45.46
N PRO K 107 -31.12 -63.08 -46.26
CA PRO K 107 -30.26 -64.12 -46.86
C PRO K 107 -29.32 -64.78 -45.85
N ALA K 108 -28.44 -65.66 -46.33
CA ALA K 108 -27.56 -66.43 -45.47
C ALA K 108 -26.50 -65.52 -44.84
N ASP K 109 -25.63 -64.97 -45.69
CA ASP K 109 -24.52 -64.14 -45.21
C ASP K 109 -24.81 -62.67 -45.47
N GLY K 110 -26.09 -62.30 -45.64
CA GLY K 110 -26.45 -60.92 -45.91
C GLY K 110 -27.29 -60.32 -44.78
N VAL K 111 -27.82 -59.12 -45.03
CA VAL K 111 -28.61 -58.40 -44.04
C VAL K 111 -29.91 -57.95 -44.70
N LEU K 112 -30.83 -57.47 -43.85
CA LEU K 112 -32.04 -56.81 -44.29
C LEU K 112 -32.00 -55.36 -43.83
N ILE K 113 -31.94 -54.45 -44.81
CA ILE K 113 -32.03 -53.03 -44.55
C ILE K 113 -33.45 -52.59 -44.85
N VAL K 114 -34.07 -51.91 -43.89
CA VAL K 114 -35.44 -51.46 -44.06
C VAL K 114 -35.43 -49.95 -44.30
N GLY K 115 -34.97 -49.20 -43.30
CA GLY K 115 -34.93 -47.74 -43.39
C GLY K 115 -33.64 -47.25 -44.04
N GLU K 116 -33.77 -46.16 -44.81
CA GLU K 116 -32.60 -45.45 -45.33
C GLU K 116 -32.47 -44.14 -44.58
N PRO K 117 -31.69 -44.09 -43.47
CA PRO K 117 -31.46 -42.84 -42.76
C PRO K 117 -30.70 -41.84 -43.64
N ASP K 118 -30.94 -40.55 -43.40
CA ASP K 118 -30.31 -39.48 -44.17
C ASP K 118 -28.79 -39.63 -44.14
N GLY K 119 -28.21 -39.69 -45.34
CA GLY K 119 -26.78 -39.92 -45.47
C GLY K 119 -26.47 -41.02 -46.48
N GLN K 120 -27.40 -41.97 -46.65
CA GLN K 120 -27.25 -43.03 -47.64
C GLN K 120 -27.48 -42.46 -49.04
N ILE K 121 -26.55 -42.80 -49.95
CA ILE K 121 -26.63 -42.39 -51.33
C ILE K 121 -26.89 -43.60 -52.24
N ALA K 132 -36.49 -52.92 -51.61
CA ALA K 132 -36.89 -51.77 -50.77
C ALA K 132 -38.03 -52.19 -49.83
N VAL K 133 -37.74 -52.13 -48.53
CA VAL K 133 -38.71 -52.47 -47.50
C VAL K 133 -38.90 -51.24 -46.61
N THR K 134 -40.16 -50.92 -46.28
CA THR K 134 -40.49 -49.72 -45.52
C THR K 134 -41.46 -50.07 -44.39
N ALA K 135 -41.21 -49.51 -43.21
CA ALA K 135 -42.05 -49.68 -42.04
C ALA K 135 -42.66 -48.33 -41.66
N GLU K 136 -43.99 -48.23 -41.79
CA GLU K 136 -44.75 -47.03 -41.48
C GLU K 136 -45.60 -47.25 -40.24
N VAL K 137 -45.80 -46.20 -39.46
CA VAL K 137 -46.56 -46.24 -38.22
C VAL K 137 -47.66 -45.18 -38.29
N GLU K 138 -48.87 -45.60 -37.90
CA GLU K 138 -50.05 -44.73 -37.89
C GLU K 138 -50.10 -43.83 -36.67
N LEU K 139 -49.50 -44.23 -35.54
CA LEU K 139 -49.32 -43.38 -34.37
C LEU K 139 -50.67 -42.92 -33.80
N THR K 140 -51.40 -43.87 -33.21
CA THR K 140 -52.65 -43.58 -32.52
C THR K 140 -52.41 -42.68 -31.30
N LYS K 141 -51.22 -42.82 -30.68
CA LYS K 141 -50.88 -42.09 -29.49
C LYS K 141 -49.75 -41.10 -29.78
N PRO K 142 -49.79 -39.87 -29.21
CA PRO K 142 -48.78 -38.85 -29.51
C PRO K 142 -47.40 -39.24 -28.97
N ILE K 143 -46.36 -38.79 -29.67
CA ILE K 143 -44.98 -39.11 -29.32
C ILE K 143 -44.17 -37.82 -29.23
N THR K 144 -43.04 -37.89 -28.53
CA THR K 144 -42.14 -36.76 -28.37
C THR K 144 -40.72 -37.29 -28.22
N ASN K 145 -39.76 -36.48 -28.69
CA ASN K 145 -38.35 -36.83 -28.61
C ASN K 145 -37.89 -36.71 -27.16
N GLY K 146 -37.10 -37.70 -26.73
CA GLY K 146 -36.54 -37.75 -25.39
C GLY K 146 -37.01 -38.97 -24.61
N LEU K 147 -38.17 -39.50 -25.01
CA LEU K 147 -38.75 -40.67 -24.34
C LEU K 147 -38.55 -41.92 -25.20
N LEU K 148 -38.80 -43.08 -24.58
CA LEU K 148 -38.66 -44.37 -25.25
C LEU K 148 -40.03 -45.04 -25.32
N TYR K 149 -40.33 -45.58 -26.51
CA TYR K 149 -41.62 -46.22 -26.75
C TYR K 149 -41.38 -47.67 -27.18
N ASP K 150 -42.20 -48.57 -26.64
CA ASP K 150 -42.02 -50.01 -26.81
C ASP K 150 -42.50 -50.46 -28.19
N PHE K 151 -41.62 -51.20 -28.88
CA PHE K 151 -41.97 -51.83 -30.14
C PHE K 151 -41.64 -53.31 -30.04
N THR K 152 -42.54 -54.15 -30.58
CA THR K 152 -42.34 -55.59 -30.61
C THR K 152 -42.01 -56.03 -32.03
N PHE K 153 -40.85 -56.71 -32.15
CA PHE K 153 -40.40 -57.23 -33.43
C PHE K 153 -40.47 -58.75 -33.35
N THR K 154 -41.25 -59.36 -34.26
CA THR K 154 -41.51 -60.79 -34.23
C THR K 154 -41.04 -61.42 -35.53
N PHE K 155 -40.28 -62.50 -35.38
CA PHE K 155 -39.81 -63.31 -36.51
C PHE K 155 -40.51 -64.66 -36.45
N GLU K 156 -40.23 -65.47 -37.48
CA GLU K 156 -40.77 -66.82 -37.57
C GLU K 156 -40.16 -67.76 -36.52
N ASP K 157 -39.11 -67.31 -35.82
CA ASP K 157 -38.42 -68.11 -34.82
C ASP K 157 -38.18 -67.34 -33.51
N GLY K 158 -38.12 -66.00 -33.56
CA GLY K 158 -37.83 -65.23 -32.36
C GLY K 158 -38.54 -63.88 -32.34
N GLU K 159 -38.81 -63.38 -31.13
CA GLU K 159 -39.56 -62.14 -30.96
C GLU K 159 -39.09 -61.41 -29.70
N THR K 160 -38.88 -60.09 -29.81
CA THR K 160 -38.39 -59.29 -28.69
C THR K 160 -39.09 -57.94 -28.67
N THR K 161 -39.14 -57.34 -27.48
CA THR K 161 -39.51 -55.95 -27.28
C THR K 161 -38.24 -55.09 -27.17
N VAL K 162 -38.31 -53.86 -27.70
CA VAL K 162 -37.11 -53.09 -27.99
C VAL K 162 -37.07 -51.76 -27.22
N ALA K 163 -38.21 -51.05 -27.16
CA ALA K 163 -38.30 -49.75 -26.51
C ALA K 163 -37.38 -48.71 -27.18
N VAL K 164 -37.74 -48.35 -28.42
CA VAL K 164 -36.90 -47.58 -29.33
C VAL K 164 -36.91 -46.10 -28.96
N PRO K 165 -35.82 -45.34 -29.25
CA PRO K 165 -35.85 -43.88 -29.17
C PRO K 165 -36.25 -43.22 -30.49
N ILE K 166 -36.27 -41.88 -30.48
CA ILE K 166 -36.43 -41.07 -31.68
C ILE K 166 -35.11 -40.37 -31.98
N SER K 167 -34.70 -40.39 -33.26
CA SER K 167 -33.45 -39.78 -33.67
C SER K 167 -33.68 -38.83 -34.84
N ALA K 168 -33.16 -37.61 -34.73
CA ALA K 168 -33.02 -36.69 -35.86
C ALA K 168 -31.60 -36.78 -36.42
N GLY K 169 -31.49 -36.80 -37.76
CA GLY K 169 -30.23 -37.09 -38.42
C GLY K 169 -29.44 -35.84 -38.78
N GLU K 170 -29.42 -35.50 -40.08
CA GLU K 170 -28.65 -34.37 -40.59
C GLU K 170 -29.52 -33.11 -40.68
N GLN K 171 -30.60 -33.06 -39.90
CA GLN K 171 -31.47 -31.89 -39.89
C GLN K 171 -30.77 -30.78 -39.13
N PRO K 172 -30.69 -29.56 -39.67
CA PRO K 172 -30.04 -28.44 -38.96
C PRO K 172 -30.90 -27.94 -37.80
N ARG K 173 -30.29 -27.08 -36.98
CA ARG K 173 -30.98 -26.53 -35.82
C ARG K 173 -32.13 -25.64 -36.28
N ARG K 174 -33.30 -25.86 -35.68
CA ARG K 174 -34.48 -25.09 -36.02
C ARG K 174 -34.40 -23.71 -35.40
N PRO K 175 -34.84 -22.65 -36.12
CA PRO K 175 -34.74 -21.27 -35.61
C PRO K 175 -35.57 -21.07 -34.35
N VAL K 176 -35.02 -20.28 -33.42
CA VAL K 176 -35.71 -19.88 -32.22
C VAL K 176 -35.97 -18.38 -32.31
N PRO K 177 -37.22 -17.91 -32.10
CA PRO K 177 -37.53 -16.49 -32.20
C PRO K 177 -36.70 -15.68 -31.21
N PRO K 178 -36.22 -14.48 -31.60
CA PRO K 178 -35.41 -13.66 -30.71
C PRO K 178 -36.21 -13.13 -29.53
N ALA K 179 -35.52 -12.87 -28.41
CA ALA K 179 -36.13 -12.29 -27.23
C ALA K 179 -36.15 -10.76 -27.34
N GLY K 180 -36.55 -10.10 -26.25
CA GLY K 180 -36.60 -8.65 -26.19
C GLY K 180 -35.58 -8.08 -25.19
N PRO K 181 -35.77 -6.81 -24.77
CA PRO K 181 -34.94 -6.23 -23.72
C PRO K 181 -35.26 -6.80 -22.32
N GLY K 182 -36.52 -7.21 -22.13
CA GLY K 182 -37.00 -7.73 -20.86
C GLY K 182 -37.75 -6.68 -20.07
N CYS L 21 -18.66 -42.02 8.65
CA CYS L 21 -20.08 -42.42 8.68
C CYS L 21 -20.71 -42.17 7.31
N SER L 22 -21.82 -42.87 7.05
CA SER L 22 -22.56 -42.68 5.82
C SER L 22 -23.55 -41.53 5.98
N PRO L 23 -23.76 -40.69 4.93
CA PRO L 23 -24.67 -39.56 5.04
C PRO L 23 -26.12 -40.02 5.17
N PRO L 24 -26.84 -39.65 6.25
CA PRO L 24 -28.28 -39.89 6.31
C PRO L 24 -28.99 -39.00 5.28
N GLY L 25 -30.04 -39.56 4.66
CA GLY L 25 -30.78 -38.86 3.62
C GLY L 25 -30.19 -39.08 2.21
N GLU L 26 -29.34 -40.10 2.09
CA GLU L 26 -28.74 -40.48 0.82
C GLU L 26 -28.99 -41.98 0.61
N THR L 27 -30.19 -42.30 0.10
CA THR L 27 -30.65 -43.67 0.04
C THR L 27 -31.17 -43.99 -1.36
N ALA L 28 -30.92 -45.23 -1.81
CA ALA L 28 -31.45 -45.73 -3.07
C ALA L 28 -32.85 -46.29 -2.83
N SER L 29 -33.66 -46.29 -3.90
CA SER L 29 -35.03 -46.76 -3.84
C SER L 29 -35.32 -47.77 -4.95
N SER L 30 -36.52 -48.37 -4.89
CA SER L 30 -37.00 -49.32 -5.89
C SER L 30 -38.40 -48.92 -6.37
N GLU L 31 -38.64 -47.61 -6.45
CA GLU L 31 -39.90 -47.07 -6.94
C GLU L 31 -39.78 -46.75 -8.43
N PRO L 32 -40.81 -47.06 -9.24
CA PRO L 32 -40.72 -46.86 -10.69
C PRO L 32 -40.59 -45.40 -11.11
N GLY L 33 -41.52 -44.55 -10.66
CA GLY L 33 -41.54 -43.13 -10.99
C GLY L 33 -42.22 -42.82 -12.32
N THR L 34 -42.96 -41.72 -12.38
CA THR L 34 -43.79 -41.41 -13.53
C THR L 34 -43.12 -40.35 -14.40
N THR L 35 -43.54 -40.29 -15.67
CA THR L 35 -43.06 -39.28 -16.60
C THR L 35 -43.62 -37.92 -16.18
N PRO L 36 -42.80 -36.85 -16.16
CA PRO L 36 -43.27 -35.53 -15.73
C PRO L 36 -44.36 -34.98 -16.64
N ALA L 37 -45.29 -34.22 -16.04
CA ALA L 37 -46.36 -33.55 -16.77
C ALA L 37 -45.81 -32.32 -17.49
N ILE L 38 -46.55 -31.87 -18.52
CA ILE L 38 -46.21 -30.69 -19.27
C ILE L 38 -46.37 -29.46 -18.38
N TRP L 39 -45.39 -28.55 -18.48
CA TRP L 39 -45.37 -27.32 -17.70
C TRP L 39 -46.39 -26.33 -18.26
N THR L 40 -47.21 -25.78 -17.37
CA THR L 40 -48.22 -24.80 -17.75
C THR L 40 -47.73 -23.38 -17.43
N GLY L 41 -47.49 -23.11 -16.15
CA GLY L 41 -46.95 -21.83 -15.71
C GLY L 41 -48.03 -20.80 -15.41
N SER L 42 -48.13 -20.42 -14.12
CA SER L 42 -48.95 -19.30 -13.68
C SER L 42 -48.51 -18.03 -14.38
N PRO L 43 -49.45 -17.21 -14.90
CA PRO L 43 -49.11 -16.12 -15.83
C PRO L 43 -48.16 -15.05 -15.31
N SER L 44 -48.53 -14.42 -14.18
CA SER L 44 -47.86 -13.21 -13.70
C SER L 44 -47.49 -13.38 -12.23
N PRO L 45 -46.53 -12.60 -11.68
CA PRO L 45 -46.31 -12.54 -10.23
C PRO L 45 -47.61 -12.36 -9.46
N ALA L 46 -47.77 -13.20 -8.42
CA ALA L 46 -48.98 -13.27 -7.63
C ALA L 46 -49.18 -11.99 -6.81
N UNK M 1 57.45 -25.62 -18.49
CA UNK M 1 58.17 -25.22 -19.75
C UNK M 1 58.50 -26.46 -20.58
N UNK M 2 59.38 -26.28 -21.57
CA UNK M 2 59.96 -27.38 -22.32
C UNK M 2 60.76 -28.27 -21.37
N UNK M 3 60.50 -29.58 -21.44
CA UNK M 3 60.97 -30.58 -20.48
C UNK M 3 60.56 -30.16 -19.07
N UNK M 4 59.24 -30.20 -18.84
CA UNK M 4 58.57 -29.63 -17.67
C UNK M 4 59.07 -30.25 -16.37
N UNK M 5 58.56 -29.70 -15.25
CA UNK M 5 59.14 -29.87 -13.92
C UNK M 5 58.82 -31.21 -13.29
N UNK M 6 58.26 -32.16 -14.05
CA UNK M 6 57.85 -33.43 -13.46
C UNK M 6 58.23 -34.64 -14.33
N UNK M 7 58.86 -34.40 -15.49
CA UNK M 7 59.27 -35.49 -16.37
C UNK M 7 60.48 -36.23 -15.77
N UNK N 1 55.25 -44.15 4.65
CA UNK N 1 55.85 -44.56 3.36
C UNK N 1 55.49 -43.53 2.27
N UNK N 2 54.95 -44.03 1.15
CA UNK N 2 54.52 -43.25 -0.01
C UNK N 2 55.64 -42.32 -0.50
N UNK N 3 56.69 -42.94 -1.06
CA UNK N 3 57.87 -42.27 -1.57
C UNK N 3 57.53 -41.14 -2.54
N UNK N 4 56.31 -41.15 -3.10
CA UNK N 4 55.74 -40.09 -3.92
C UNK N 4 56.63 -39.78 -5.13
N UNK N 5 56.75 -40.76 -6.02
CA UNK N 5 57.41 -40.62 -7.32
C UNK N 5 56.33 -40.35 -8.37
N UNK N 6 56.35 -39.14 -8.94
CA UNK N 6 55.38 -38.65 -9.92
C UNK N 6 54.01 -38.36 -9.29
N UNK N 7 53.83 -38.79 -8.04
CA UNK N 7 52.77 -38.34 -7.14
C UNK N 7 51.36 -38.67 -7.64
N UNK N 8 51.26 -39.15 -8.89
CA UNK N 8 50.05 -39.74 -9.44
C UNK N 8 50.50 -40.83 -10.40
N UNK N 9 50.71 -42.04 -9.86
CA UNK N 9 51.36 -43.13 -10.56
C UNK N 9 50.51 -43.58 -11.75
N UNK N 10 51.17 -44.24 -12.72
CA UNK N 10 50.49 -44.96 -13.79
C UNK N 10 49.77 -46.18 -13.22
N UNK N 11 49.02 -46.89 -14.08
CA UNK N 11 48.29 -48.08 -13.66
C UNK N 11 49.26 -49.23 -13.38
N UNK N 12 48.71 -50.44 -13.21
CA UNK N 12 49.47 -51.61 -12.81
C UNK N 12 50.56 -51.95 -13.82
N UNK N 13 51.61 -52.63 -13.31
CA UNK N 13 52.79 -53.03 -14.06
C UNK N 13 53.45 -51.79 -14.66
N UNK N 14 54.00 -50.95 -13.77
CA UNK N 14 54.60 -49.67 -14.10
C UNK N 14 55.85 -49.86 -14.97
N UNK N 15 56.47 -48.73 -15.35
CA UNK N 15 57.55 -48.63 -16.31
C UNK N 15 57.12 -49.28 -17.64
N UNK N 16 55.90 -48.93 -18.07
CA UNK N 16 55.26 -49.49 -19.24
C UNK N 16 55.69 -48.76 -20.52
N UNK N 17 55.93 -49.54 -21.58
CA UNK N 17 56.56 -49.02 -22.80
C UNK N 17 55.76 -49.40 -24.05
N UNK N 18 54.47 -49.75 -23.87
CA UNK N 18 53.64 -50.05 -25.04
C UNK N 18 53.31 -48.77 -25.81
N UNK N 19 53.24 -47.65 -25.09
CA UNK N 19 52.99 -46.34 -25.68
C UNK N 19 54.24 -45.47 -25.66
N UNK N 20 55.39 -46.06 -25.29
CA UNK N 20 56.70 -45.42 -25.23
C UNK N 20 56.67 -44.15 -24.36
N UNK N 21 56.35 -44.36 -23.07
CA UNK N 21 56.30 -43.29 -22.09
C UNK N 21 57.54 -43.35 -21.19
N UNK N 22 57.90 -42.18 -20.64
CA UNK N 22 58.89 -41.98 -19.59
C UNK N 22 60.32 -42.22 -20.05
N UNK N 23 60.54 -42.44 -21.36
CA UNK N 23 61.87 -42.59 -21.94
C UNK N 23 61.80 -42.23 -23.43
N GLN O 56 -60.90 41.21 -9.56
CA GLN O 56 -61.77 42.08 -8.70
C GLN O 56 -61.26 43.52 -8.76
N SER O 57 -62.15 44.44 -9.15
CA SER O 57 -61.83 45.85 -9.28
C SER O 57 -61.69 46.53 -7.92
N ALA O 58 -62.33 45.99 -6.88
CA ALA O 58 -62.16 46.47 -5.51
C ALA O 58 -60.75 46.22 -4.99
N LEU O 59 -60.04 45.28 -5.63
CA LEU O 59 -58.65 44.95 -5.29
C LEU O 59 -57.66 45.70 -6.18
N LEU O 60 -58.09 46.10 -7.39
CA LEU O 60 -57.22 46.77 -8.34
C LEU O 60 -57.03 48.24 -8.01
N ARG O 61 -57.88 48.82 -7.14
CA ARG O 61 -57.78 50.23 -6.79
C ARG O 61 -57.14 50.44 -5.41
N THR O 62 -57.25 49.43 -4.54
CA THR O 62 -56.58 49.44 -3.25
C THR O 62 -55.08 49.22 -3.42
N GLY O 63 -54.68 48.55 -4.50
CA GLY O 63 -53.28 48.29 -4.80
C GLY O 63 -52.62 49.44 -5.53
N LYS O 64 -53.44 50.35 -6.07
CA LYS O 64 -52.95 51.52 -6.80
C LYS O 64 -52.62 52.65 -5.83
N GLN O 65 -53.43 52.81 -4.78
CA GLN O 65 -53.19 53.84 -3.78
C GLN O 65 -52.01 53.48 -2.88
N LEU O 66 -51.72 52.18 -2.74
CA LEU O 66 -50.54 51.72 -2.03
C LEU O 66 -49.28 52.03 -2.84
N PHE O 67 -49.39 51.99 -4.18
CA PHE O 67 -48.25 52.17 -5.06
C PHE O 67 -47.78 53.62 -5.08
N GLU O 68 -48.73 54.56 -5.21
CA GLU O 68 -48.40 55.97 -5.40
C GLU O 68 -47.88 56.62 -4.12
N THR O 69 -47.99 55.90 -2.99
CA THR O 69 -47.51 56.41 -1.70
C THR O 69 -46.16 55.80 -1.33
N SER O 70 -45.76 54.71 -1.98
CA SER O 70 -44.57 53.98 -1.55
C SER O 70 -43.58 53.72 -2.70
N CYS O 71 -44.07 53.64 -3.93
CA CYS O 71 -43.28 53.18 -5.07
C CYS O 71 -43.00 54.27 -6.10
N VAL O 72 -43.67 55.42 -6.02
CA VAL O 72 -43.73 56.35 -7.14
C VAL O 72 -42.40 57.09 -7.34
N SER O 73 -41.60 57.21 -6.27
CA SER O 73 -40.39 58.01 -6.29
C SER O 73 -39.28 57.39 -7.16
N CYS O 74 -39.25 56.05 -7.22
CA CYS O 74 -38.19 55.32 -7.89
C CYS O 74 -38.65 54.64 -9.18
N HIS O 75 -39.97 54.52 -9.39
CA HIS O 75 -40.50 53.73 -10.50
C HIS O 75 -41.45 54.53 -11.40
N GLY O 76 -41.83 55.74 -10.96
CA GLY O 76 -42.70 56.59 -11.76
C GLY O 76 -44.18 56.36 -11.47
N ALA O 77 -45.00 57.33 -11.89
CA ALA O 77 -46.44 57.31 -11.70
C ALA O 77 -47.11 56.37 -12.71
N ASN O 78 -46.47 56.20 -13.88
CA ASN O 78 -46.98 55.33 -14.93
C ASN O 78 -46.13 54.06 -15.07
N LEU O 79 -45.36 53.74 -14.02
CA LEU O 79 -44.55 52.52 -13.95
C LEU O 79 -43.49 52.50 -15.05
N GLN O 80 -43.13 53.68 -15.59
CA GLN O 80 -42.21 53.77 -16.72
C GLN O 80 -40.75 53.91 -16.27
N GLY O 81 -40.51 54.14 -14.98
CA GLY O 81 -39.16 54.21 -14.45
C GLY O 81 -38.60 55.63 -14.42
N VAL O 82 -37.92 55.96 -13.32
CA VAL O 82 -37.25 57.24 -13.16
C VAL O 82 -35.78 57.05 -13.55
N PRO O 83 -35.27 57.80 -14.55
CA PRO O 83 -33.90 57.61 -15.02
C PRO O 83 -32.86 57.72 -13.91
N ASP O 84 -31.95 56.74 -13.88
CA ASP O 84 -30.83 56.67 -12.95
C ASP O 84 -31.29 56.56 -11.49
N ARG O 85 -32.56 56.16 -11.29
CA ARG O 85 -33.12 56.01 -9.96
C ARG O 85 -33.84 54.67 -9.80
N GLY O 86 -34.40 54.15 -10.90
CA GLY O 86 -35.06 52.85 -10.89
C GLY O 86 -35.60 52.47 -12.26
N PRO O 87 -35.80 51.17 -12.52
CA PRO O 87 -36.25 50.71 -13.84
C PRO O 87 -37.77 50.73 -14.01
N SER O 88 -38.20 50.52 -15.25
CA SER O 88 -39.61 50.40 -15.59
C SER O 88 -40.17 49.09 -15.06
N LEU O 89 -41.46 49.09 -14.74
CA LEU O 89 -42.14 47.91 -14.20
C LEU O 89 -43.21 47.38 -15.17
N ILE O 90 -43.01 47.61 -16.47
CA ILE O 90 -43.95 47.13 -17.48
C ILE O 90 -43.52 45.75 -17.94
N GLY O 91 -44.42 44.77 -17.77
CA GLY O 91 -44.19 43.43 -18.27
C GLY O 91 -43.43 42.51 -17.32
N THR O 92 -43.30 42.94 -16.05
CA THR O 92 -42.57 42.15 -15.06
C THR O 92 -43.46 41.14 -14.37
N GLY O 93 -44.77 41.43 -14.29
CA GLY O 93 -45.73 40.50 -13.72
C GLY O 93 -45.81 40.59 -12.20
N GLU O 94 -46.69 39.75 -11.62
CA GLU O 94 -46.92 39.74 -10.19
C GLU O 94 -45.96 38.80 -9.45
N ALA O 95 -45.28 37.92 -10.19
CA ALA O 95 -44.28 37.04 -9.59
C ALA O 95 -43.10 37.87 -9.07
N ALA O 96 -42.66 38.85 -9.86
CA ALA O 96 -41.59 39.75 -9.46
C ALA O 96 -42.00 40.55 -8.23
N VAL O 97 -43.24 41.05 -8.23
CA VAL O 97 -43.75 41.85 -7.13
C VAL O 97 -43.78 41.00 -5.87
N TYR O 98 -44.28 39.76 -5.99
CA TYR O 98 -44.36 38.86 -4.86
C TYR O 98 -42.98 38.62 -4.27
N PHE O 99 -42.02 38.28 -5.13
CA PHE O 99 -40.68 37.97 -4.65
C PHE O 99 -40.03 39.18 -3.98
N GLN O 100 -40.18 40.37 -4.59
CA GLN O 100 -39.48 41.55 -4.11
C GLN O 100 -40.09 42.07 -2.81
N VAL O 101 -41.41 41.97 -2.66
CA VAL O 101 -42.08 42.59 -1.53
C VAL O 101 -42.18 41.62 -0.36
N SER O 102 -42.42 40.33 -0.64
CA SER O 102 -42.53 39.34 0.40
C SER O 102 -41.22 39.16 1.16
N THR O 103 -40.09 39.25 0.44
CA THR O 103 -38.78 39.07 1.04
C THR O 103 -38.24 40.38 1.62
N GLY O 104 -38.89 41.51 1.32
CA GLY O 104 -38.58 42.79 1.94
C GLY O 104 -37.62 43.67 1.14
N ARG O 105 -37.12 43.17 0.00
CA ARG O 105 -36.20 43.90 -0.84
C ARG O 105 -36.81 45.23 -1.31
N MET O 106 -38.14 45.29 -1.45
CA MET O 106 -38.79 46.53 -1.87
C MET O 106 -39.81 46.97 -0.81
N PRO O 107 -39.88 48.27 -0.45
CA PRO O 107 -39.17 49.35 -1.15
C PRO O 107 -37.73 49.56 -0.67
N ALA O 108 -36.79 49.73 -1.60
CA ALA O 108 -35.39 50.03 -1.36
C ALA O 108 -35.16 51.43 -0.77
N MET O 109 -33.95 51.64 -0.24
CA MET O 109 -33.66 52.80 0.59
C MET O 109 -32.51 53.65 0.04
N ARG O 110 -31.61 53.04 -0.76
CA ARG O 110 -30.48 53.76 -1.32
C ARG O 110 -29.89 52.99 -2.50
N GLY O 111 -29.02 53.66 -3.24
CA GLY O 111 -28.34 53.06 -4.37
C GLY O 111 -26.93 52.60 -4.01
N GLU O 112 -26.77 51.29 -3.79
CA GLU O 112 -25.49 50.68 -3.49
C GLU O 112 -25.24 49.51 -4.44
N ALA O 113 -24.20 48.70 -4.14
CA ALA O 113 -23.83 47.57 -4.96
C ALA O 113 -24.98 46.58 -5.09
N GLN O 114 -25.69 46.33 -3.99
CA GLN O 114 -26.72 45.31 -3.95
C GLN O 114 -27.74 45.66 -2.87
N ALA O 115 -29.03 45.59 -3.24
CA ALA O 115 -30.10 45.92 -2.32
C ALA O 115 -30.36 44.72 -1.40
N PRO O 116 -30.20 44.88 -0.06
CA PRO O 116 -30.34 43.74 0.85
C PRO O 116 -31.80 43.42 1.17
N SER O 117 -32.00 42.25 1.76
CA SER O 117 -33.30 41.84 2.26
C SER O 117 -33.48 42.31 3.71
N LYS O 118 -34.74 42.47 4.10
CA LYS O 118 -35.10 43.03 5.40
C LYS O 118 -36.55 42.62 5.71
N PRO O 119 -37.08 42.90 6.92
CA PRO O 119 -38.48 42.61 7.22
C PRO O 119 -39.45 43.23 6.22
N PRO O 120 -40.51 42.50 5.82
CA PRO O 120 -41.48 43.01 4.84
C PRO O 120 -42.23 44.23 5.35
N HIS O 121 -42.65 45.07 4.39
CA HIS O 121 -43.32 46.33 4.67
C HIS O 121 -44.83 46.19 4.69
N PHE O 122 -45.37 45.25 3.88
CA PHE O 122 -46.80 45.02 3.77
C PHE O 122 -47.12 43.58 4.15
N ASP O 123 -48.42 43.24 4.18
CA ASP O 123 -48.87 41.89 4.49
C ASP O 123 -49.41 41.23 3.23
N GLU O 124 -50.00 40.04 3.39
CA GLU O 124 -50.38 39.17 2.28
C GLU O 124 -51.40 39.85 1.37
N SER O 125 -52.44 40.45 1.98
CA SER O 125 -53.51 41.10 1.24
C SER O 125 -52.97 42.24 0.39
N GLN O 126 -52.13 43.07 1.02
CA GLN O 126 -51.53 44.22 0.35
C GLN O 126 -50.57 43.76 -0.74
N ILE O 127 -49.85 42.66 -0.49
CA ILE O 127 -48.93 42.08 -1.47
C ILE O 127 -49.72 41.66 -2.71
N ASP O 128 -50.84 40.97 -2.49
CA ASP O 128 -51.69 40.53 -3.59
C ASP O 128 -52.25 41.71 -4.37
N ALA O 129 -52.67 42.75 -3.65
CA ALA O 129 -53.21 43.95 -4.29
C ALA O 129 -52.16 44.60 -5.20
N LEU O 130 -50.94 44.77 -4.68
CA LEU O 130 -49.87 45.38 -5.44
C LEU O 130 -49.53 44.54 -6.67
N GLY O 131 -49.47 43.22 -6.49
CA GLY O 131 -49.16 42.29 -7.57
C GLY O 131 -50.20 42.36 -8.69
N ALA O 132 -51.48 42.43 -8.31
CA ALA O 132 -52.56 42.50 -9.29
C ALA O 132 -52.55 43.84 -10.01
N TYR O 133 -52.21 44.92 -9.30
CA TYR O 133 -52.12 46.23 -9.92
C TYR O 133 -51.01 46.25 -10.96
N VAL O 134 -49.88 45.63 -10.65
CA VAL O 134 -48.74 45.61 -11.55
C VAL O 134 -49.04 44.70 -12.75
N GLN O 135 -49.72 43.57 -12.51
CA GLN O 135 -50.03 42.60 -13.56
C GLN O 135 -50.94 43.20 -14.63
N ALA O 136 -51.79 44.16 -14.24
CA ALA O 136 -52.73 44.78 -15.16
C ALA O 136 -52.08 45.88 -16.00
N ASN O 137 -50.75 45.97 -15.98
CA ASN O 137 -50.02 47.04 -16.67
C ASN O 137 -48.88 46.47 -17.50
N GLY O 138 -49.11 45.37 -18.21
CA GLY O 138 -48.11 44.87 -19.14
C GLY O 138 -47.94 43.36 -19.12
N GLY O 139 -48.66 42.66 -18.23
CA GLY O 139 -48.61 41.21 -18.17
C GLY O 139 -47.34 40.69 -17.52
N GLY O 140 -46.99 39.44 -17.84
CA GLY O 140 -45.81 38.80 -17.31
C GLY O 140 -46.12 37.52 -16.54
N PRO O 141 -45.17 36.98 -15.77
CA PRO O 141 -45.39 35.76 -14.99
C PRO O 141 -46.35 35.98 -13.83
N THR O 142 -46.92 34.87 -13.35
CA THR O 142 -47.84 34.89 -12.22
C THR O 142 -47.41 33.86 -11.17
N VAL O 143 -47.73 34.17 -9.90
CA VAL O 143 -47.45 33.29 -8.78
C VAL O 143 -48.43 32.12 -8.82
N PRO O 144 -47.95 30.86 -8.66
CA PRO O 144 -48.86 29.71 -8.61
C PRO O 144 -49.74 29.70 -7.36
N ARG O 145 -51.01 29.33 -7.58
CA ARG O 145 -51.99 29.24 -6.50
C ARG O 145 -52.39 27.79 -6.28
N ASP O 146 -53.23 27.57 -5.26
CA ASP O 146 -53.77 26.27 -4.94
C ASP O 146 -55.29 26.26 -5.18
N ASP O 147 -55.96 25.20 -4.74
CA ASP O 147 -57.38 24.99 -4.97
C ASP O 147 -58.24 26.03 -4.23
N HIS O 148 -57.67 26.70 -3.23
CA HIS O 148 -58.41 27.69 -2.45
C HIS O 148 -58.01 29.13 -2.82
N GLY O 149 -57.16 29.29 -3.84
CA GLY O 149 -56.75 30.60 -4.29
C GLY O 149 -55.54 31.17 -3.56
N ALA O 150 -55.14 30.52 -2.45
CA ALA O 150 -53.97 30.94 -1.68
C ALA O 150 -52.69 30.57 -2.42
N VAL O 151 -51.59 31.19 -2.00
CA VAL O 151 -50.29 30.91 -2.62
C VAL O 151 -49.87 29.49 -2.24
N ALA O 152 -49.49 28.70 -3.26
CA ALA O 152 -49.13 27.31 -3.08
C ALA O 152 -47.77 27.19 -2.39
N GLN O 153 -47.75 26.41 -1.30
CA GLN O 153 -46.53 26.11 -0.57
C GLN O 153 -46.20 24.62 -0.62
N GLU O 154 -47.16 23.77 -0.22
CA GLU O 154 -46.91 22.35 -0.09
C GLU O 154 -46.89 21.64 -1.44
N SER O 155 -47.69 22.17 -2.39
CA SER O 155 -47.86 21.53 -3.69
C SER O 155 -46.66 21.78 -4.62
N LEU O 156 -45.74 22.67 -4.21
CA LEU O 156 -44.56 22.97 -5.02
C LEU O 156 -43.41 21.99 -4.75
N ILE O 157 -43.54 21.15 -3.72
CA ILE O 157 -42.47 20.21 -3.37
C ILE O 157 -42.50 19.04 -4.33
N GLY O 158 -41.38 18.83 -5.02
CA GLY O 158 -41.22 17.74 -5.97
C GLY O 158 -40.96 16.41 -5.28
N GLY O 159 -41.14 15.32 -6.03
CA GLY O 159 -40.92 13.98 -5.52
C GLY O 159 -39.48 13.50 -5.68
N ASP O 160 -38.88 13.79 -6.84
CA ASP O 160 -37.54 13.33 -7.15
C ASP O 160 -36.52 14.34 -6.59
N VAL O 161 -35.83 13.95 -5.51
CA VAL O 161 -34.85 14.83 -4.90
C VAL O 161 -33.45 14.58 -5.48
N ALA O 162 -33.23 13.38 -6.03
CA ALA O 162 -31.94 13.03 -6.62
C ALA O 162 -31.70 13.82 -7.91
N ARG O 163 -32.76 14.00 -8.70
CA ARG O 163 -32.66 14.78 -9.94
C ARG O 163 -32.54 16.26 -9.61
N GLY O 164 -33.31 16.70 -8.60
CA GLY O 164 -33.21 18.06 -8.10
C GLY O 164 -31.80 18.39 -7.62
N GLY O 165 -31.14 17.42 -6.97
CA GLY O 165 -29.81 17.60 -6.43
C GLY O 165 -28.80 17.96 -7.51
N ASP O 166 -28.77 17.19 -8.61
CA ASP O 166 -27.76 17.45 -9.62
C ASP O 166 -28.18 18.58 -10.56
N LEU O 167 -29.50 18.87 -10.63
CA LEU O 167 -29.91 20.11 -11.29
C LEU O 167 -29.42 21.33 -10.53
N PHE O 168 -29.48 21.27 -9.19
CA PHE O 168 -28.96 22.32 -8.34
C PHE O 168 -27.45 22.44 -8.53
N ARG O 169 -26.76 21.29 -8.57
CA ARG O 169 -25.31 21.27 -8.65
C ARG O 169 -24.82 21.83 -9.99
N LEU O 170 -25.63 21.70 -11.04
CA LEU O 170 -25.22 22.17 -12.36
C LEU O 170 -25.60 23.65 -12.56
N ASN O 171 -26.72 24.03 -12.09
CA ASN O 171 -27.30 25.33 -12.41
C ASN O 171 -27.12 26.38 -11.29
N CYS O 172 -27.05 25.92 -10.03
CA CYS O 172 -27.21 26.81 -8.90
C CYS O 172 -26.06 26.73 -7.89
N ALA O 173 -25.19 25.72 -7.96
CA ALA O 173 -24.18 25.56 -6.92
C ALA O 173 -22.97 26.44 -7.16
N SER O 174 -22.91 27.12 -8.31
CA SER O 174 -21.77 27.97 -8.65
C SER O 174 -21.80 29.24 -7.82
N CYS O 175 -22.99 29.91 -7.68
CA CYS O 175 -23.12 31.16 -6.97
C CYS O 175 -23.33 30.91 -5.48
N HIS O 176 -24.24 30.00 -5.18
CA HIS O 176 -24.49 29.55 -3.81
C HIS O 176 -23.47 28.47 -3.47
N ASN O 177 -23.66 27.78 -2.35
CA ASN O 177 -22.70 26.78 -1.92
C ASN O 177 -23.10 25.40 -2.45
N PHE O 178 -22.43 24.34 -1.98
CA PHE O 178 -22.84 22.98 -2.21
C PHE O 178 -24.28 22.75 -1.74
N THR O 179 -24.61 23.22 -0.53
CA THR O 179 -25.87 22.90 0.12
C THR O 179 -26.73 24.13 0.38
N GLY O 180 -26.33 25.30 -0.13
CA GLY O 180 -27.17 26.47 -0.15
C GLY O 180 -26.77 27.51 0.91
N LYS O 181 -25.47 27.63 1.14
CA LYS O 181 -24.92 28.75 1.90
C LYS O 181 -24.67 29.93 0.96
N GLY O 182 -23.93 30.94 1.44
CA GLY O 182 -23.67 32.10 0.63
C GLY O 182 -22.56 31.89 -0.40
N GLY O 183 -22.27 32.96 -1.14
CA GLY O 183 -21.13 33.01 -2.04
C GLY O 183 -20.87 34.44 -2.48
N ALA O 184 -19.59 34.79 -2.63
CA ALA O 184 -19.19 36.14 -2.98
C ALA O 184 -19.21 36.33 -4.51
N LEU O 185 -19.60 37.54 -4.93
CA LEU O 185 -19.58 37.95 -6.32
C LEU O 185 -18.59 39.10 -6.51
N SER O 186 -18.68 39.75 -7.68
CA SER O 186 -17.63 40.60 -8.23
C SER O 186 -17.17 41.68 -7.24
N SER O 187 -18.02 42.68 -6.98
CA SER O 187 -17.60 43.82 -6.19
C SER O 187 -18.76 44.33 -5.34
N GLY O 188 -18.82 43.83 -4.10
CA GLY O 188 -19.87 44.21 -3.16
C GLY O 188 -21.14 43.38 -3.29
N LYS O 189 -21.15 42.42 -4.23
CA LYS O 189 -22.32 41.60 -4.50
C LYS O 189 -22.07 40.18 -4.01
N TYR O 190 -23.15 39.43 -3.81
CA TYR O 190 -23.08 38.09 -3.25
C TYR O 190 -24.37 37.35 -3.52
N ALA O 191 -24.30 36.01 -3.44
CA ALA O 191 -25.46 35.14 -3.50
C ALA O 191 -25.84 34.76 -2.07
N PRO O 192 -27.09 35.05 -1.63
CA PRO O 192 -27.46 34.89 -0.23
C PRO O 192 -27.58 33.43 0.21
N ASP O 193 -27.92 33.27 1.49
CA ASP O 193 -28.17 31.97 2.08
C ASP O 193 -29.63 31.59 1.80
N LEU O 194 -29.87 30.31 1.47
CA LEU O 194 -31.18 29.87 1.01
C LEU O 194 -32.00 29.22 2.13
N GLY O 195 -31.57 29.40 3.39
CA GLY O 195 -32.18 28.71 4.51
C GLY O 195 -33.42 29.40 5.07
N ASP O 196 -33.81 30.54 4.48
CA ASP O 196 -34.89 31.36 5.02
C ASP O 196 -36.12 31.38 4.10
N ALA O 197 -35.94 31.05 2.82
CA ALA O 197 -37.00 31.16 1.83
C ALA O 197 -38.01 30.00 1.97
N ASN O 198 -39.27 30.33 1.70
CA ASN O 198 -40.34 29.36 1.59
C ASN O 198 -40.42 28.86 0.15
N PRO O 199 -41.12 27.74 -0.12
CA PRO O 199 -41.23 27.20 -1.48
C PRO O 199 -41.66 28.19 -2.57
N ALA O 200 -42.62 29.07 -2.25
CA ALA O 200 -43.10 30.03 -3.23
C ALA O 200 -41.99 31.01 -3.61
N GLN O 201 -41.19 31.41 -2.61
CA GLN O 201 -40.11 32.36 -2.85
C GLN O 201 -39.01 31.71 -3.69
N ILE O 202 -38.69 30.44 -3.41
CA ILE O 202 -37.69 29.72 -4.19
C ILE O 202 -38.16 29.57 -5.63
N TYR O 203 -39.45 29.28 -5.82
CA TYR O 203 -40.02 29.10 -7.14
C TYR O 203 -39.98 30.41 -7.93
N THR O 204 -40.35 31.51 -7.28
CA THR O 204 -40.46 32.80 -7.95
C THR O 204 -39.10 33.48 -8.13
N ALA O 205 -38.08 33.03 -7.41
CA ALA O 205 -36.74 33.60 -7.57
C ALA O 205 -36.19 33.31 -8.97
N MET O 206 -36.30 32.05 -9.40
CA MET O 206 -35.71 31.66 -10.68
C MET O 206 -36.62 31.99 -11.86
N LEU O 207 -37.91 32.23 -11.59
CA LEU O 207 -38.86 32.61 -12.62
C LEU O 207 -38.65 34.06 -13.08
N THR O 208 -37.88 34.84 -12.30
CA THR O 208 -37.75 36.27 -12.51
C THR O 208 -36.33 36.72 -12.76
N GLY O 209 -35.32 36.07 -12.16
CA GLY O 209 -33.94 36.53 -12.24
C GLY O 209 -33.77 37.87 -11.53
N PRO O 210 -33.84 37.90 -10.19
CA PRO O 210 -34.08 39.13 -9.43
C PRO O 210 -33.18 40.33 -9.68
N GLN O 211 -31.87 40.20 -9.40
CA GLN O 211 -30.99 41.36 -9.52
C GLN O 211 -29.77 41.09 -10.40
N ASN O 212 -28.95 40.11 -10.00
CA ASN O 212 -27.84 39.63 -10.83
C ASN O 212 -27.91 38.13 -11.05
N MET O 213 -28.90 37.48 -10.44
CA MET O 213 -29.19 36.09 -10.74
C MET O 213 -29.83 36.00 -12.12
N PRO O 214 -29.36 35.09 -13.01
CA PRO O 214 -29.97 34.89 -14.31
C PRO O 214 -31.42 34.44 -14.24
N LYS O 215 -32.10 34.58 -15.37
CA LYS O 215 -33.52 34.30 -15.47
C LYS O 215 -33.71 32.93 -16.12
N PHE O 216 -34.49 32.08 -15.44
CA PHE O 216 -34.82 30.76 -15.93
C PHE O 216 -36.31 30.74 -16.31
N SER O 217 -36.57 30.74 -17.62
CA SER O 217 -37.94 30.68 -18.13
C SER O 217 -38.55 29.29 -17.88
N ASP O 218 -39.84 29.17 -18.20
CA ASP O 218 -40.55 27.90 -18.06
C ASP O 218 -40.25 26.94 -19.21
N ARG O 219 -39.56 27.42 -20.24
CA ARG O 219 -39.15 26.58 -21.36
C ARG O 219 -37.74 26.02 -21.14
N GLN O 220 -36.89 26.77 -20.42
CA GLN O 220 -35.55 26.31 -20.11
C GLN O 220 -35.59 25.32 -18.94
N LEU O 221 -36.31 25.69 -17.87
CA LEU O 221 -36.55 24.79 -16.76
C LEU O 221 -38.07 24.68 -16.57
N THR O 222 -38.63 23.54 -16.98
CA THR O 222 -40.06 23.32 -16.93
C THR O 222 -40.55 23.32 -15.49
N PRO O 223 -41.83 23.68 -15.22
CA PRO O 223 -42.39 23.66 -13.87
C PRO O 223 -42.62 22.25 -13.30
N ASP O 224 -41.62 21.38 -13.50
CA ASP O 224 -41.53 20.08 -12.86
C ASP O 224 -40.11 19.87 -12.32
N GLU O 225 -39.12 20.36 -13.06
CA GLU O 225 -37.74 20.39 -12.58
C GLU O 225 -37.59 21.41 -11.47
N LYS O 226 -38.35 22.51 -11.54
CA LYS O 226 -38.32 23.56 -10.53
C LYS O 226 -38.80 23.01 -9.19
N ARG O 227 -39.81 22.14 -9.23
CA ARG O 227 -40.36 21.53 -8.03
C ARG O 227 -39.30 20.63 -7.36
N ASP O 228 -38.55 19.89 -8.18
CA ASP O 228 -37.47 19.04 -7.67
C ASP O 228 -36.37 19.89 -7.05
N ILE O 229 -36.06 21.03 -7.69
CA ILE O 229 -35.02 21.91 -7.18
C ILE O 229 -35.44 22.49 -5.83
N VAL O 230 -36.70 22.91 -5.72
CA VAL O 230 -37.17 23.48 -4.47
C VAL O 230 -37.23 22.41 -3.38
N ALA O 231 -37.55 21.16 -3.75
CA ALA O 231 -37.55 20.05 -2.81
C ALA O 231 -36.14 19.82 -2.26
N TYR O 232 -35.14 19.85 -3.15
CA TYR O 232 -33.76 19.69 -2.74
C TYR O 232 -33.32 20.82 -1.82
N VAL O 233 -33.70 22.06 -2.15
CA VAL O 233 -33.30 23.23 -1.38
C VAL O 233 -33.93 23.16 0.01
N ARG O 234 -35.20 22.75 0.09
CA ARG O 234 -35.89 22.66 1.36
C ARG O 234 -35.37 21.50 2.21
N GLU O 235 -34.90 20.44 1.58
CA GLU O 235 -34.40 19.27 2.32
C GLU O 235 -32.98 19.52 2.83
N SER O 236 -32.12 20.13 2.00
CA SER O 236 -30.73 20.35 2.36
C SER O 236 -30.58 21.40 3.48
N ALA O 237 -31.68 22.06 3.86
CA ALA O 237 -31.66 23.10 4.87
C ALA O 237 -32.23 22.63 6.21
N GLU O 238 -32.97 21.52 6.20
CA GLU O 238 -33.69 21.05 7.39
C GLU O 238 -33.26 19.64 7.78
N THR O 239 -32.10 19.21 7.31
CA THR O 239 -31.57 17.90 7.65
C THR O 239 -30.42 18.07 8.64
N PRO O 240 -30.40 17.30 9.74
CA PRO O 240 -29.31 17.41 10.72
C PRO O 240 -27.97 16.93 10.17
N SER O 241 -26.90 17.48 10.74
CA SER O 241 -25.54 17.04 10.47
C SER O 241 -25.32 15.67 11.10
N TYR O 242 -24.60 14.81 10.37
CA TYR O 242 -24.18 13.53 10.89
C TYR O 242 -22.68 13.61 11.20
N GLY O 243 -22.33 13.30 12.45
CA GLY O 243 -20.94 13.24 12.86
C GLY O 243 -20.48 14.45 13.67
N GLY O 244 -21.44 15.27 14.12
CA GLY O 244 -21.19 16.35 15.06
C GLY O 244 -21.64 17.71 14.55
N TYR O 245 -21.14 18.76 15.19
CA TYR O 245 -21.50 20.13 14.87
C TYR O 245 -21.04 20.44 13.45
N GLY O 246 -21.92 21.13 12.70
CA GLY O 246 -21.76 21.38 11.27
C GLY O 246 -20.59 22.29 10.94
N LEU O 247 -20.17 23.15 11.88
CA LEU O 247 -19.07 24.08 11.70
C LEU O 247 -19.31 25.00 10.49
N GLY O 248 -20.57 25.39 10.27
CA GLY O 248 -20.89 26.41 9.27
C GLY O 248 -21.23 25.84 7.89
N GLY O 249 -20.54 24.76 7.49
CA GLY O 249 -20.81 24.08 6.23
C GLY O 249 -20.03 24.65 5.05
N PHE O 250 -18.83 25.19 5.32
CA PHE O 250 -17.95 25.72 4.30
C PHE O 250 -16.78 24.80 4.00
N GLY O 251 -16.27 24.11 5.05
CA GLY O 251 -15.28 23.07 4.85
C GLY O 251 -13.92 23.42 5.43
N PRO O 252 -12.85 23.48 4.60
CA PRO O 252 -11.49 23.58 5.12
C PRO O 252 -11.17 24.74 6.06
N ALA O 253 -11.80 25.90 5.83
CA ALA O 253 -11.48 27.11 6.58
C ALA O 253 -11.99 27.01 8.03
N PRO O 254 -13.29 26.76 8.29
CA PRO O 254 -13.75 26.56 9.66
C PRO O 254 -13.08 25.37 10.35
N GLU O 255 -12.75 24.33 9.57
CA GLU O 255 -12.08 23.16 10.13
C GLU O 255 -10.69 23.54 10.64
N GLY O 256 -9.93 24.30 9.83
CA GLY O 256 -8.60 24.75 10.20
C GLY O 256 -8.64 25.65 11.44
N MET O 257 -9.60 26.57 11.47
CA MET O 257 -9.71 27.49 12.60
C MET O 257 -10.09 26.72 13.87
N ALA O 258 -11.01 25.76 13.75
CA ALA O 258 -11.41 24.95 14.90
C ALA O 258 -10.22 24.16 15.42
N MET O 259 -9.42 23.58 14.51
CA MET O 259 -8.21 22.87 14.89
C MET O 259 -7.32 23.80 15.72
N TRP O 260 -6.92 24.94 15.14
CA TRP O 260 -5.96 25.84 15.76
C TRP O 260 -6.46 26.37 17.10
N ILE O 261 -7.78 26.62 17.22
CA ILE O 261 -8.30 27.32 18.39
C ILE O 261 -8.74 26.35 19.48
N ILE O 262 -8.88 25.05 19.16
CA ILE O 262 -9.32 24.09 20.17
C ILE O 262 -8.21 23.07 20.44
N GLY O 263 -7.89 22.26 19.41
CA GLY O 263 -7.01 21.12 19.58
C GLY O 263 -5.60 21.52 20.01
N MET O 264 -5.02 22.49 19.30
CA MET O 264 -3.66 22.91 19.56
C MET O 264 -3.57 23.67 20.88
N VAL O 265 -4.60 24.45 21.20
CA VAL O 265 -4.64 25.18 22.45
C VAL O 265 -4.67 24.18 23.62
N ALA O 266 -5.50 23.15 23.51
CA ALA O 266 -5.61 22.12 24.54
C ALA O 266 -4.28 21.38 24.69
N ALA O 267 -3.66 21.02 23.57
CA ALA O 267 -2.40 20.29 23.58
C ALA O 267 -1.29 21.10 24.26
N ILE O 268 -1.20 22.40 23.90
CA ILE O 268 -0.17 23.26 24.45
C ILE O 268 -0.41 23.50 25.94
N GLY O 269 -1.69 23.63 26.34
CA GLY O 269 -2.04 23.79 27.74
C GLY O 269 -1.64 22.58 28.57
N VAL O 270 -1.90 21.38 28.02
CA VAL O 270 -1.55 20.13 28.69
C VAL O 270 -0.03 20.01 28.81
N ALA O 271 0.69 20.37 27.74
CA ALA O 271 2.13 20.34 27.74
C ALA O 271 2.71 21.29 28.79
N MET O 272 2.12 22.48 28.91
CA MET O 272 2.57 23.46 29.88
C MET O 272 2.28 22.99 31.30
N TRP O 273 1.18 22.24 31.48
CA TRP O 273 0.85 21.70 32.80
C TRP O 273 1.84 20.60 33.20
N ILE O 274 2.16 19.70 32.27
CA ILE O 274 3.02 18.57 32.57
C ILE O 274 4.46 19.04 32.75
N GLY O 275 4.91 19.94 31.88
CA GLY O 275 6.29 20.41 31.89
C GLY O 275 6.58 21.44 32.98
N SER O 276 7.76 22.08 32.87
CA SER O 276 8.16 23.12 33.80
C SER O 276 8.50 24.41 33.05
N ARG O 277 8.80 25.46 33.81
CA ARG O 277 9.15 26.76 33.25
C ARG O 277 10.66 26.99 33.33
N ALA O 278 11.07 28.21 32.96
CA ALA O 278 12.45 28.69 32.97
C ALA O 278 13.34 27.78 32.11
N PRO P 29 35.54 -2.33 43.12
CA PRO P 29 34.55 -3.14 43.86
C PRO P 29 34.62 -4.63 43.51
N THR P 30 34.98 -5.42 44.52
CA THR P 30 35.15 -6.86 44.36
C THR P 30 33.81 -7.56 44.56
N ASP P 31 33.70 -8.78 44.01
CA ASP P 31 32.48 -9.57 44.12
C ASP P 31 32.11 -9.87 45.57
N ALA P 32 33.12 -9.90 46.44
CA ALA P 32 32.97 -10.09 47.88
C ALA P 32 32.24 -8.90 48.50
N GLU P 33 32.35 -7.72 47.86
CA GLU P 33 31.85 -6.47 48.40
C GLU P 33 30.47 -6.11 47.83
N LEU P 34 30.21 -6.51 46.57
CA LEU P 34 28.95 -6.23 45.92
C LEU P 34 27.78 -6.93 46.63
N ALA P 35 28.07 -8.00 47.38
CA ALA P 35 27.02 -8.79 48.01
C ALA P 35 26.49 -8.11 49.27
N GLU P 36 27.31 -7.28 49.91
CA GLU P 36 27.01 -6.72 51.23
C GLU P 36 26.77 -5.22 51.14
N MET P 37 26.28 -4.76 49.98
CA MET P 37 25.86 -3.38 49.82
C MET P 37 24.35 -3.27 49.90
N SER P 38 23.86 -2.08 50.28
CA SER P 38 22.45 -1.75 50.26
C SER P 38 22.01 -1.35 48.84
N ARG P 39 20.72 -1.07 48.67
CA ARG P 39 20.18 -0.69 47.38
C ARG P 39 20.62 0.74 47.01
N GLU P 40 20.70 1.61 48.03
CA GLU P 40 21.10 3.00 47.85
C GLU P 40 22.54 3.12 47.36
N GLU P 41 23.42 2.29 47.95
CA GLU P 41 24.81 2.22 47.51
C GLU P 41 24.91 1.69 46.08
N LEU P 42 24.05 0.72 45.72
CA LEU P 42 24.11 0.11 44.41
C LEU P 42 23.49 1.01 43.34
N VAL P 43 22.64 1.96 43.72
CA VAL P 43 22.13 2.93 42.75
C VAL P 43 23.08 4.11 42.63
N LYS P 44 23.80 4.43 43.71
CA LYS P 44 24.86 5.43 43.61
C LYS P 44 25.96 4.94 42.67
N LEU P 45 26.40 3.70 42.87
CA LEU P 45 27.30 3.04 41.93
C LEU P 45 26.52 2.73 40.67
N GLY P 46 27.19 2.77 39.52
CA GLY P 46 26.52 2.55 38.25
C GLY P 46 26.04 3.87 37.64
N GLY P 47 25.40 4.71 38.46
CA GLY P 47 25.10 6.08 38.08
C GLY P 47 26.38 6.85 37.72
N LYS P 48 27.42 6.64 38.53
CA LYS P 48 28.72 7.27 38.32
C LYS P 48 29.52 6.53 37.26
N ILE P 49 29.19 5.27 36.96
CA ILE P 49 29.77 4.59 35.81
C ILE P 49 29.25 5.25 34.52
N ASP P 50 27.95 5.53 34.49
CA ASP P 50 27.33 6.17 33.32
C ASP P 50 27.65 7.65 33.26
N GLY P 51 27.86 8.28 34.42
CA GLY P 51 28.15 9.71 34.50
C GLY P 51 27.01 10.53 35.11
N VAL P 52 26.05 9.87 35.75
CA VAL P 52 24.91 10.52 36.38
C VAL P 52 25.20 10.70 37.88
N GLU P 53 24.59 11.73 38.48
CA GLU P 53 24.98 12.12 39.83
C GLU P 53 23.81 12.09 40.82
N THR P 54 22.63 12.57 40.40
CA THR P 54 21.42 12.54 41.22
C THR P 54 21.63 13.28 42.53
N ILE P 55 21.78 14.59 42.41
CA ILE P 55 22.12 15.48 43.52
C ILE P 55 20.96 15.58 44.52
N PHE P 56 19.72 15.50 44.02
CA PHE P 56 18.56 15.67 44.87
C PHE P 56 17.57 14.54 44.66
N LYS P 57 17.07 13.99 45.77
CA LYS P 57 16.07 12.93 45.75
C LYS P 57 15.35 12.90 47.10
N GLU P 58 14.03 13.12 47.09
CA GLU P 58 13.25 13.13 48.30
C GLU P 58 11.89 12.48 48.09
N PRO P 59 11.37 11.73 49.09
CA PRO P 59 9.99 11.24 49.05
C PRO P 59 8.98 12.37 49.25
N ARG P 60 7.71 12.04 48.96
CA ARG P 60 6.66 13.03 48.87
C ARG P 60 5.92 13.19 50.20
N TRP P 61 5.92 12.15 51.05
CA TRP P 61 5.16 12.18 52.29
C TRP P 61 6.06 11.79 53.45
N PRO P 62 6.84 12.74 54.02
CA PRO P 62 7.69 12.44 55.18
C PRO P 62 6.87 12.08 56.42
N VAL P 63 5.89 12.94 56.76
CA VAL P 63 5.07 12.72 57.93
C VAL P 63 4.02 11.66 57.58
N PRO P 64 3.98 10.52 58.30
CA PRO P 64 2.98 9.49 58.02
C PRO P 64 1.66 9.72 58.78
N GLY P 65 0.63 8.97 58.35
CA GLY P 65 -0.66 8.94 59.04
C GLY P 65 -1.38 10.29 59.04
N THR P 66 -1.46 10.91 57.85
CA THR P 66 -2.12 12.20 57.71
C THR P 66 -3.36 12.04 56.83
N LYS P 67 -4.39 12.84 57.12
CA LYS P 67 -5.64 12.77 56.38
C LYS P 67 -5.48 13.31 54.96
N ALA P 68 -4.49 14.20 54.77
CA ALA P 68 -4.22 14.81 53.47
C ALA P 68 -3.70 13.76 52.48
N GLU P 69 -2.85 12.85 52.98
CA GLU P 69 -2.29 11.80 52.13
C GLU P 69 -3.40 10.84 51.70
N LYS P 70 -4.29 10.49 52.63
CA LYS P 70 -5.41 9.60 52.30
C LYS P 70 -6.34 10.25 51.29
N ARG P 71 -6.57 11.56 51.45
CA ARG P 71 -7.46 12.29 50.56
C ARG P 71 -6.88 12.32 49.15
N THR P 72 -5.56 12.56 49.06
CA THR P 72 -4.87 12.58 47.77
C THR P 72 -4.86 11.20 47.12
N GLU P 73 -4.86 10.15 47.95
CA GLU P 73 -4.89 8.78 47.47
C GLU P 73 -6.22 8.47 46.79
N ARG P 74 -7.31 9.09 47.26
CA ARG P 74 -8.64 8.86 46.72
C ARG P 74 -8.95 9.77 45.52
N LEU P 75 -8.10 10.76 45.24
CA LEU P 75 -8.32 11.64 44.09
C LEU P 75 -7.84 10.97 42.80
N VAL P 76 -6.70 10.28 42.88
CA VAL P 76 -6.11 9.60 41.75
C VAL P 76 -7.02 8.46 41.28
N ALA P 77 -7.69 7.79 42.23
CA ALA P 77 -8.53 6.64 41.95
C ALA P 77 -9.79 7.02 41.18
N TYR P 78 -10.32 8.22 41.45
CA TYR P 78 -11.55 8.68 40.83
C TYR P 78 -11.42 8.78 39.31
N TRP P 79 -10.30 9.32 38.83
CA TRP P 79 -10.08 9.49 37.40
C TRP P 79 -10.00 8.13 36.71
N LEU P 80 -9.35 7.16 37.38
CA LEU P 80 -9.21 5.82 36.82
C LEU P 80 -10.53 5.08 36.79
N MET P 81 -11.36 5.30 37.83
CA MET P 81 -12.70 4.73 37.87
C MET P 81 -13.57 5.35 36.77
N LEU P 82 -13.41 6.66 36.53
CA LEU P 82 -14.14 7.34 35.47
C LEU P 82 -13.76 6.76 34.11
N GLY P 83 -12.46 6.49 33.91
CA GLY P 83 -11.98 5.90 32.67
C GLY P 83 -12.57 4.51 32.43
N GLY P 84 -12.62 3.69 33.50
CA GLY P 84 -13.21 2.36 33.43
C GLY P 84 -14.69 2.40 33.07
N LEU P 85 -15.43 3.31 33.73
CA LEU P 85 -16.84 3.47 33.48
C LEU P 85 -17.09 3.93 32.05
N SER P 86 -16.25 4.84 31.54
CA SER P 86 -16.40 5.34 30.19
C SER P 86 -16.08 4.25 29.16
N GLY P 87 -15.10 3.38 29.46
CA GLY P 87 -14.79 2.24 28.60
C GLY P 87 -15.97 1.27 28.50
N LEU P 88 -16.59 0.97 29.65
CA LEU P 88 -17.76 0.12 29.69
C LEU P 88 -18.91 0.75 28.89
N ALA P 89 -19.08 2.08 29.04
CA ALA P 89 -20.09 2.82 28.31
C ALA P 89 -19.85 2.72 26.81
N LEU P 90 -18.58 2.82 26.39
CA LEU P 90 -18.22 2.70 24.98
C LEU P 90 -18.65 1.33 24.46
N LEU P 91 -18.33 0.27 25.21
CA LEU P 91 -18.69 -1.08 24.81
C LEU P 91 -20.21 -1.21 24.63
N LEU P 92 -20.97 -0.70 25.61
CA LEU P 92 -22.42 -0.88 25.61
C LEU P 92 -23.09 -0.05 24.51
N VAL P 93 -22.56 1.15 24.23
CA VAL P 93 -23.15 1.99 23.20
C VAL P 93 -22.78 1.46 21.81
N PHE P 94 -21.60 0.84 21.66
CA PHE P 94 -21.23 0.30 20.37
C PHE P 94 -22.03 -0.97 20.08
N LEU P 95 -22.47 -1.69 21.11
CA LEU P 95 -23.27 -2.88 20.88
C LEU P 95 -24.74 -2.54 20.61
N PHE P 96 -25.34 -1.69 21.45
CA PHE P 96 -26.76 -1.42 21.40
C PHE P 96 -27.03 0.06 21.11
N TRP P 97 -27.15 0.40 19.83
CA TRP P 97 -27.56 1.71 19.36
C TRP P 97 -27.95 1.57 17.90
N PRO P 98 -29.02 2.28 17.44
CA PRO P 98 -29.51 2.17 16.05
C PRO P 98 -28.48 2.13 14.94
N TRP P 99 -27.57 3.11 14.94
CA TRP P 99 -26.38 3.19 14.08
C TRP P 99 -26.73 3.26 12.60
N GLU P 100 -28.00 3.07 12.22
CA GLU P 100 -28.36 2.90 10.82
C GLU P 100 -28.99 4.18 10.27
N TYR P 101 -28.68 4.47 9.00
CA TYR P 101 -29.15 5.67 8.34
C TYR P 101 -30.68 5.68 8.25
N GLN P 102 -31.27 6.84 8.59
CA GLN P 102 -32.69 7.08 8.50
C GLN P 102 -32.94 8.22 7.51
N PRO P 103 -33.81 8.02 6.50
CA PRO P 103 -33.82 8.85 5.29
C PRO P 103 -33.98 10.35 5.51
N PHE P 104 -35.17 10.76 5.96
CA PHE P 104 -35.47 12.18 6.15
C PHE P 104 -36.86 12.36 6.76
N GLY P 105 -36.94 13.17 7.82
CA GLY P 105 -38.20 13.51 8.46
C GLY P 105 -38.99 12.27 8.88
N SER P 106 -38.27 11.31 9.47
CA SER P 106 -38.85 10.05 9.92
C SER P 106 -38.60 9.89 11.41
N GLU P 107 -39.48 9.12 12.06
CA GLU P 107 -39.28 8.76 13.47
C GLU P 107 -38.06 7.85 13.55
N GLY P 108 -36.96 8.38 14.10
CA GLY P 108 -35.74 7.62 14.27
C GLY P 108 -34.51 8.29 13.69
N GLU P 109 -34.68 9.47 13.06
CA GLU P 109 -33.56 10.24 12.53
C GLU P 109 -32.77 10.90 13.66
N PHE P 110 -33.48 11.32 14.72
CA PHE P 110 -32.85 12.01 15.83
C PHE P 110 -31.85 11.11 16.55
N LEU P 111 -32.26 9.86 16.81
CA LEU P 111 -31.41 8.89 17.50
C LEU P 111 -30.23 8.47 16.62
N TYR P 112 -30.40 8.50 15.30
CA TYR P 112 -29.32 8.14 14.38
C TYR P 112 -28.29 9.27 14.32
N SER P 113 -28.74 10.52 14.41
CA SER P 113 -27.85 11.67 14.32
C SER P 113 -26.94 11.79 15.54
N LEU P 114 -27.13 10.94 16.56
CA LEU P 114 -26.33 10.99 17.78
C LEU P 114 -25.41 9.77 17.91
N ALA P 115 -25.23 8.98 16.84
CA ALA P 115 -24.48 7.74 16.94
C ALA P 115 -22.97 8.02 17.04
N THR P 116 -22.44 8.69 16.01
CA THR P 116 -21.03 9.05 15.95
C THR P 116 -20.63 9.93 17.14
N PRO P 117 -21.41 10.97 17.51
CA PRO P 117 -21.12 11.73 18.74
C PRO P 117 -20.93 10.91 20.01
N LEU P 118 -21.75 9.87 20.20
CA LEU P 118 -21.64 9.05 21.40
C LEU P 118 -20.37 8.19 21.35
N TYR P 119 -20.02 7.68 20.17
CA TYR P 119 -18.78 6.95 19.99
C TYR P 119 -17.60 7.84 20.36
N GLY P 120 -17.61 9.07 19.84
CA GLY P 120 -16.52 10.02 20.06
C GLY P 120 -16.41 10.43 21.54
N LEU P 121 -17.55 10.56 22.21
CA LEU P 121 -17.56 10.95 23.61
C LEU P 121 -16.98 9.81 24.46
N THR P 122 -17.49 8.60 24.25
CA THR P 122 -17.15 7.45 25.07
C THR P 122 -15.68 7.04 24.86
N PHE P 123 -15.23 7.00 23.62
CA PHE P 123 -13.82 6.83 23.34
C PHE P 123 -13.18 8.21 23.30
N GLY P 124 -12.49 8.57 24.38
CA GLY P 124 -11.96 9.91 24.50
C GLY P 124 -12.24 10.49 25.89
N LEU P 125 -13.37 10.13 26.48
CA LEU P 125 -13.60 10.48 27.87
C LEU P 125 -12.93 9.47 28.80
N SER P 126 -12.52 8.31 28.27
CA SER P 126 -11.94 7.23 29.06
C SER P 126 -10.41 7.31 29.08
N ILE P 127 -9.80 7.36 27.89
CA ILE P 127 -8.35 7.35 27.78
C ILE P 127 -7.76 8.65 28.33
N LEU P 128 -8.47 9.77 28.10
CA LEU P 128 -8.06 11.07 28.62
C LEU P 128 -8.10 11.06 30.15
N SER P 129 -9.13 10.42 30.72
CA SER P 129 -9.29 10.35 32.16
C SER P 129 -8.15 9.55 32.79
N ILE P 130 -7.80 8.42 32.17
CA ILE P 130 -6.68 7.56 32.64
C ILE P 130 -5.38 8.37 32.56
N GLY P 131 -5.20 9.09 31.45
CA GLY P 131 -4.01 9.93 31.28
C GLY P 131 -3.87 10.97 32.39
N ILE P 132 -5.01 11.60 32.73
CA ILE P 132 -5.05 12.60 33.80
C ILE P 132 -4.68 11.93 35.12
N GLY P 133 -5.24 10.75 35.38
CA GLY P 133 -4.97 9.99 36.58
C GLY P 133 -3.47 9.64 36.71
N ALA P 134 -2.87 9.27 35.58
CA ALA P 134 -1.46 8.85 35.57
C ALA P 134 -0.53 10.05 35.81
N VAL P 135 -0.86 11.19 35.19
CA VAL P 135 -0.02 12.37 35.37
C VAL P 135 -0.19 12.93 36.79
N LEU P 136 -1.38 12.77 37.35
CA LEU P 136 -1.65 13.18 38.72
C LEU P 136 -0.88 12.29 39.69
N PHE P 137 -0.72 11.00 39.36
CA PHE P 137 0.03 10.08 40.20
C PHE P 137 1.53 10.39 40.15
N GLN P 138 2.02 10.89 39.01
CA GLN P 138 3.45 11.15 38.84
C GLN P 138 3.91 12.28 39.77
N LYS P 139 3.08 13.30 39.96
CA LYS P 139 3.50 14.50 40.68
C LYS P 139 3.02 14.52 42.14
N LYS P 140 2.44 13.40 42.61
CA LYS P 140 1.97 13.36 43.99
C LYS P 140 2.60 12.20 44.78
N PHE P 141 3.08 11.17 44.09
CA PHE P 141 3.57 9.98 44.78
C PHE P 141 5.00 9.62 44.40
N ILE P 142 5.36 9.81 43.12
CA ILE P 142 6.71 9.56 42.67
C ILE P 142 7.65 10.58 43.34
N PRO P 143 8.80 10.13 43.92
CA PRO P 143 9.69 11.05 44.62
C PRO P 143 10.27 12.10 43.69
N GLU P 144 10.58 13.27 44.26
CA GLU P 144 11.12 14.39 43.49
C GLU P 144 12.63 14.23 43.34
N GLU P 145 13.12 14.52 42.13
CA GLU P 145 14.48 14.17 41.73
C GLU P 145 15.09 15.29 40.89
N ILE P 146 16.38 15.56 41.15
CA ILE P 146 17.23 16.36 40.30
C ILE P 146 18.53 15.60 40.11
N SER P 147 18.85 15.28 38.84
CA SER P 147 20.04 14.54 38.48
C SER P 147 20.83 15.29 37.40
N VAL P 148 22.14 15.05 37.36
CA VAL P 148 23.04 15.69 36.42
C VAL P 148 23.83 14.61 35.68
N GLN P 149 23.93 14.75 34.35
CA GLN P 149 24.77 13.90 33.52
C GLN P 149 25.66 14.77 32.65
N ASP P 150 26.93 14.39 32.54
CA ASP P 150 27.91 15.13 31.75
C ASP P 150 27.99 14.55 30.36
N ARG P 151 27.92 15.43 29.35
CA ARG P 151 28.03 15.06 27.96
C ARG P 151 29.50 15.04 27.54
N HIS P 152 29.96 13.88 27.09
CA HIS P 152 31.31 13.74 26.56
C HIS P 152 31.28 13.96 25.04
N ASP P 153 30.87 15.17 24.63
CA ASP P 153 30.64 15.46 23.21
C ASP P 153 31.89 16.10 22.61
N GLY P 154 31.76 16.57 21.36
CA GLY P 154 32.85 17.23 20.66
C GLY P 154 33.63 16.25 19.81
N ARG P 155 34.92 16.04 20.14
CA ARG P 155 35.78 15.15 19.39
C ARG P 155 36.19 13.97 20.26
N SER P 156 36.19 12.78 19.64
CA SER P 156 36.60 11.56 20.29
C SER P 156 38.10 11.63 20.61
N PRO P 157 38.59 10.92 21.64
CA PRO P 157 40.02 10.92 21.96
C PRO P 157 40.90 10.58 20.76
N GLU P 158 42.14 11.05 20.82
CA GLU P 158 43.11 10.93 19.76
C GLU P 158 43.38 9.48 19.37
N VAL P 159 43.34 8.57 20.35
CA VAL P 159 43.66 7.17 20.11
C VAL P 159 42.64 6.54 19.16
N HIS P 160 41.36 6.79 19.40
CA HIS P 160 40.29 6.26 18.56
C HIS P 160 40.38 6.82 17.15
N ARG P 161 40.63 8.12 17.04
CA ARG P 161 40.72 8.79 15.74
C ARG P 161 41.88 8.20 14.93
N LYS P 162 43.04 8.04 15.60
CA LYS P 162 44.24 7.56 14.93
C LYS P 162 44.05 6.12 14.48
N THR P 163 43.46 5.29 15.34
CA THR P 163 43.30 3.87 15.04
C THR P 163 42.32 3.66 13.89
N VAL P 164 41.21 4.41 13.91
CA VAL P 164 40.18 4.25 12.88
C VAL P 164 40.72 4.72 11.53
N ALA P 165 41.50 5.81 11.54
CA ALA P 165 42.09 6.35 10.32
C ALA P 165 43.13 5.37 9.77
N ALA P 166 43.93 4.77 10.66
CA ALA P 166 44.93 3.80 10.25
C ALA P 166 44.27 2.57 9.62
N ASN P 167 43.16 2.11 10.21
CA ASN P 167 42.44 0.96 9.71
C ASN P 167 41.94 1.22 8.29
N LEU P 168 41.26 2.36 8.09
CA LEU P 168 40.71 2.69 6.78
C LEU P 168 41.81 2.86 5.73
N THR P 169 42.89 3.57 6.11
CA THR P 169 43.99 3.82 5.21
C THR P 169 44.68 2.51 4.82
N ASP P 170 44.84 1.60 5.79
CA ASP P 170 45.47 0.32 5.53
C ASP P 170 44.60 -0.52 4.60
N ALA P 171 43.28 -0.50 4.81
CA ALA P 171 42.36 -1.22 3.95
C ALA P 171 42.47 -0.75 2.51
N LEU P 172 42.55 0.57 2.30
CA LEU P 172 42.65 1.11 0.95
C LEU P 172 44.03 0.81 0.34
N GLU P 173 45.10 0.99 1.12
CA GLU P 173 46.46 0.93 0.61
C GLU P 173 46.87 -0.49 0.29
N GLY P 174 46.47 -1.44 1.17
CA GLY P 174 46.85 -2.84 1.03
C GLY P 174 46.22 -3.53 -0.17
N SER P 175 45.08 -3.00 -0.62
CA SER P 175 44.36 -3.53 -1.76
C SER P 175 45.18 -3.36 -3.05
N THR P 176 46.13 -2.40 -3.05
CA THR P 176 46.96 -2.11 -4.21
C THR P 176 46.13 -1.70 -5.43
N LEU P 177 44.95 -1.13 -5.16
CA LEU P 177 44.02 -0.73 -6.21
C LEU P 177 44.51 0.53 -6.93
N LYS P 178 45.15 1.44 -6.19
CA LYS P 178 45.58 2.73 -6.73
C LYS P 178 46.71 2.57 -7.75
N ARG P 179 47.54 1.53 -7.55
CA ARG P 179 48.66 1.25 -8.43
C ARG P 179 48.21 0.69 -9.77
N ARG P 180 46.96 0.19 -9.83
CA ARG P 180 46.45 -0.51 -11.01
C ARG P 180 45.39 0.35 -11.68
N LYS P 181 45.81 1.20 -12.62
CA LYS P 181 44.96 2.19 -13.25
C LYS P 181 43.99 1.55 -14.22
N VAL P 182 44.44 0.49 -14.90
CA VAL P 182 43.70 -0.15 -15.98
C VAL P 182 42.39 -0.74 -15.44
N ILE P 183 42.47 -1.43 -14.30
CA ILE P 183 41.32 -2.13 -13.75
C ILE P 183 40.48 -1.21 -12.87
N GLY P 184 41.08 -0.14 -12.35
CA GLY P 184 40.38 0.87 -11.58
C GLY P 184 39.51 1.75 -12.47
N LEU P 185 39.85 1.86 -13.76
CA LEU P 185 39.12 2.67 -14.73
C LEU P 185 37.98 1.87 -15.37
N SER P 186 38.26 0.60 -15.69
CA SER P 186 37.27 -0.32 -16.23
C SER P 186 36.08 -0.49 -15.28
N LEU P 187 36.36 -0.57 -13.97
CA LEU P 187 35.31 -0.73 -12.97
C LEU P 187 34.35 0.46 -13.02
N GLY P 188 34.91 1.67 -13.02
CA GLY P 188 34.12 2.90 -13.09
C GLY P 188 33.27 2.96 -14.36
N ILE P 189 33.90 2.67 -15.50
CA ILE P 189 33.23 2.73 -16.79
C ILE P 189 32.07 1.73 -16.84
N GLY P 190 32.34 0.49 -16.40
CA GLY P 190 31.35 -0.57 -16.40
C GLY P 190 30.16 -0.25 -15.49
N LEU P 191 30.47 0.25 -14.28
CA LEU P 191 29.42 0.60 -13.34
C LEU P 191 28.55 1.72 -13.88
N GLY P 192 29.19 2.73 -14.51
CA GLY P 192 28.47 3.84 -15.12
C GLY P 192 27.53 3.37 -16.22
N ALA P 193 28.04 2.49 -17.10
CA ALA P 193 27.25 1.98 -18.21
C ALA P 193 26.05 1.18 -17.71
N PHE P 194 26.29 0.29 -16.72
CA PHE P 194 25.22 -0.52 -16.16
C PHE P 194 24.16 0.35 -15.51
N GLY P 195 24.60 1.35 -14.75
CA GLY P 195 23.69 2.27 -14.07
C GLY P 195 22.82 3.03 -15.05
N ALA P 196 23.44 3.54 -16.13
CA ALA P 196 22.73 4.30 -17.15
C ALA P 196 21.67 3.43 -17.82
N GLY P 197 22.08 2.22 -18.23
CA GLY P 197 21.17 1.28 -18.88
C GLY P 197 19.98 0.93 -17.99
N THR P 198 20.26 0.62 -16.72
CA THR P 198 19.25 0.21 -15.77
C THR P 198 18.26 1.35 -15.51
N LEU P 199 18.79 2.58 -15.36
CA LEU P 199 17.95 3.72 -15.06
C LEU P 199 17.04 4.05 -16.24
N VAL P 200 17.58 3.95 -17.46
CA VAL P 200 16.79 4.25 -18.65
C VAL P 200 15.71 3.19 -18.82
N ALA P 201 16.03 1.92 -18.51
CA ALA P 201 15.05 0.85 -18.61
C ALA P 201 13.94 1.00 -17.56
N PHE P 202 14.32 1.43 -16.35
CA PHE P 202 13.37 1.58 -15.26
C PHE P 202 12.40 2.74 -15.55
N ILE P 203 12.92 3.86 -16.06
CA ILE P 203 12.13 5.06 -16.23
C ILE P 203 11.49 5.17 -17.61
N GLY P 204 12.07 4.52 -18.62
CA GLY P 204 11.63 4.77 -19.99
C GLY P 204 10.29 4.13 -20.35
N GLY P 205 9.67 3.46 -19.37
CA GLY P 205 8.46 2.70 -19.61
C GLY P 205 7.21 3.59 -19.59
N LEU P 206 7.29 4.71 -18.85
CA LEU P 206 6.11 5.55 -18.63
C LEU P 206 6.28 6.92 -19.26
N ILE P 207 7.12 7.00 -20.30
CA ILE P 207 7.32 8.23 -21.06
C ILE P 207 6.56 8.12 -22.38
N LYS P 208 5.67 9.08 -22.61
CA LYS P 208 4.84 9.09 -23.80
C LYS P 208 4.99 10.42 -24.54
N ASN P 209 4.86 10.34 -25.88
CA ASN P 209 4.94 11.50 -26.75
C ASN P 209 3.57 12.17 -26.78
N PRO P 210 3.43 13.43 -26.29
CA PRO P 210 2.12 14.08 -26.27
C PRO P 210 1.68 14.72 -27.58
N TRP P 211 2.52 14.70 -28.62
CA TRP P 211 2.20 15.32 -29.89
C TRP P 211 2.04 14.29 -31.02
N LYS P 212 1.51 13.11 -30.71
CA LYS P 212 1.30 12.09 -31.72
C LYS P 212 -0.16 12.09 -32.18
N PRO P 213 -0.43 12.01 -33.50
CA PRO P 213 -1.80 12.00 -34.01
C PRO P 213 -2.57 10.73 -33.64
N VAL P 214 -3.60 10.89 -32.82
CA VAL P 214 -4.38 9.75 -32.35
C VAL P 214 -5.88 10.01 -32.49
N VAL P 215 -6.25 11.27 -32.70
CA VAL P 215 -7.64 11.67 -32.77
C VAL P 215 -8.06 11.77 -34.22
N PRO P 216 -9.06 10.98 -34.68
CA PRO P 216 -9.54 11.08 -36.05
C PRO P 216 -10.46 12.28 -36.27
N THR P 217 -10.11 13.10 -37.26
CA THR P 217 -10.84 14.32 -37.57
C THR P 217 -11.22 14.36 -39.04
N ALA P 218 -11.74 15.51 -39.48
CA ALA P 218 -12.15 15.70 -40.87
C ALA P 218 -10.98 16.17 -41.73
N GLU P 219 -9.76 16.24 -41.15
CA GLU P 219 -8.58 16.70 -41.87
C GLU P 219 -7.39 15.79 -41.59
N GLY P 220 -7.67 14.57 -41.12
CA GLY P 220 -6.65 13.60 -40.72
C GLY P 220 -6.52 13.50 -39.21
N LYS P 221 -5.64 12.58 -38.77
CA LYS P 221 -5.35 12.40 -37.36
C LYS P 221 -4.55 13.59 -36.82
N LYS P 222 -4.90 14.01 -35.61
CA LYS P 222 -4.28 15.16 -34.96
C LYS P 222 -4.02 14.83 -33.49
N ALA P 223 -3.17 15.65 -32.86
CA ALA P 223 -2.83 15.51 -31.45
C ALA P 223 -4.05 15.83 -30.58
N VAL P 224 -4.02 15.36 -29.34
CA VAL P 224 -5.14 15.45 -28.41
C VAL P 224 -5.44 16.91 -28.08
N LEU P 225 -4.40 17.72 -27.81
CA LEU P 225 -4.61 19.07 -27.30
C LEU P 225 -5.16 20.02 -28.36
N TRP P 226 -5.12 19.63 -29.63
CA TRP P 226 -5.66 20.45 -30.71
C TRP P 226 -7.15 20.19 -30.95
N THR P 227 -7.72 19.20 -30.26
CA THR P 227 -9.07 18.73 -30.56
C THR P 227 -9.97 18.86 -29.35
N SER P 228 -11.27 18.71 -29.59
CA SER P 228 -12.31 18.76 -28.57
C SER P 228 -13.49 17.91 -29.05
N GLY P 229 -14.62 18.04 -28.36
CA GLY P 229 -15.84 17.40 -28.81
C GLY P 229 -16.53 18.14 -29.95
N TRP P 230 -16.04 19.34 -30.30
CA TRP P 230 -16.68 20.21 -31.27
C TRP P 230 -16.01 20.14 -32.63
N THR P 231 -14.87 19.43 -32.73
CA THR P 231 -14.17 19.32 -34.00
C THR P 231 -14.94 18.38 -34.91
N PRO P 232 -15.28 18.81 -36.16
CA PRO P 232 -15.97 17.93 -37.11
C PRO P 232 -15.14 16.70 -37.45
N ARG P 233 -15.80 15.55 -37.53
CA ARG P 233 -15.14 14.30 -37.91
C ARG P 233 -15.22 14.06 -39.43
N PHE P 234 -16.24 14.62 -40.07
CA PHE P 234 -16.29 14.67 -41.53
C PHE P 234 -16.93 15.99 -41.95
N LYS P 235 -16.65 16.39 -43.19
CA LYS P 235 -17.17 17.64 -43.72
C LYS P 235 -18.70 17.60 -43.73
N GLY P 236 -19.30 18.69 -43.21
CA GLY P 236 -20.73 18.89 -43.19
C GLY P 236 -21.46 18.15 -42.06
N GLU P 237 -20.70 17.69 -41.05
CA GLU P 237 -21.30 17.02 -39.90
C GLU P 237 -22.11 18.02 -39.08
N THR P 238 -23.28 17.57 -38.60
CA THR P 238 -24.16 18.40 -37.81
C THR P 238 -23.97 18.10 -36.33
N ILE P 239 -23.47 19.09 -35.58
CA ILE P 239 -23.26 18.95 -34.15
C ILE P 239 -24.26 19.86 -33.45
N TYR P 240 -25.13 19.26 -32.62
CA TYR P 240 -26.18 19.99 -31.91
C TYR P 240 -25.68 20.48 -30.56
N LEU P 241 -26.23 21.62 -30.12
CA LEU P 241 -26.07 22.13 -28.77
C LEU P 241 -27.16 21.49 -27.89
N ALA P 242 -26.75 20.53 -27.06
CA ALA P 242 -27.70 19.81 -26.23
C ALA P 242 -27.63 20.27 -24.77
N ARG P 243 -28.79 20.29 -24.12
CA ARG P 243 -28.88 20.59 -22.70
C ARG P 243 -28.88 19.29 -21.89
N ALA P 244 -28.48 19.40 -20.63
CA ALA P 244 -28.52 18.29 -19.68
C ALA P 244 -29.41 18.69 -18.52
N THR P 245 -30.38 17.82 -18.19
CA THR P 245 -31.30 18.07 -17.09
C THR P 245 -31.12 17.05 -15.98
N GLY P 246 -31.30 15.78 -16.33
CA GLY P 246 -31.28 14.69 -15.37
C GLY P 246 -31.55 13.37 -16.09
N ARG P 247 -32.35 12.51 -15.45
CA ARG P 247 -32.78 11.25 -16.05
C ARG P 247 -31.56 10.48 -16.56
N PRO P 248 -30.73 9.90 -15.66
CA PRO P 248 -29.42 9.39 -16.06
C PRO P 248 -29.43 8.34 -17.17
N GLY P 249 -30.55 7.61 -17.30
CA GLY P 249 -30.63 6.50 -18.22
C GLY P 249 -31.58 6.75 -19.39
N GLU P 250 -32.34 7.86 -19.34
CA GLU P 250 -33.33 8.14 -20.36
C GLU P 250 -33.09 9.52 -20.99
N SER P 251 -32.28 9.53 -22.05
CA SER P 251 -31.97 10.71 -22.85
C SER P 251 -31.47 11.85 -21.96
N PRO P 252 -30.23 11.78 -21.42
CA PRO P 252 -29.70 12.91 -20.65
C PRO P 252 -29.47 14.17 -21.47
N PHE P 253 -29.42 14.04 -22.81
CA PHE P 253 -29.18 15.16 -23.69
C PHE P 253 -30.30 15.27 -24.72
N VAL P 254 -30.86 16.47 -24.86
CA VAL P 254 -31.94 16.73 -25.79
C VAL P 254 -31.65 18.01 -26.57
N LYS P 255 -32.29 18.16 -27.73
CA LYS P 255 -32.12 19.34 -28.57
C LYS P 255 -32.85 20.54 -27.97
N MET P 256 -32.50 21.73 -28.46
CA MET P 256 -33.03 22.96 -27.91
C MET P 256 -33.16 24.03 -29.00
N ARG P 257 -34.02 25.01 -28.72
CA ARG P 257 -34.41 26.04 -29.68
C ARG P 257 -33.99 27.42 -29.18
N PRO P 258 -33.80 28.42 -30.08
CA PRO P 258 -33.49 29.78 -29.65
C PRO P 258 -34.55 30.43 -28.75
N GLU P 259 -35.79 29.92 -28.80
CA GLU P 259 -36.89 30.50 -28.06
C GLU P 259 -36.88 30.09 -26.58
N ASP P 260 -36.00 29.14 -26.21
CA ASP P 260 -35.98 28.58 -24.88
C ASP P 260 -35.34 29.51 -23.85
N ILE P 261 -34.41 30.37 -24.28
CA ILE P 261 -33.67 31.24 -23.37
C ILE P 261 -34.34 32.61 -23.34
N ASP P 262 -34.58 33.10 -22.13
CA ASP P 262 -35.04 34.47 -21.95
C ASP P 262 -33.84 35.42 -22.08
N ALA P 263 -34.15 36.68 -22.40
CA ALA P 263 -33.11 37.71 -22.38
C ALA P 263 -32.61 37.89 -20.94
N GLY P 264 -31.31 37.63 -20.75
CA GLY P 264 -30.71 37.68 -19.43
C GLY P 264 -30.55 36.31 -18.78
N GLY P 265 -30.55 35.25 -19.59
CA GLY P 265 -30.39 33.89 -19.11
C GLY P 265 -29.08 33.29 -19.63
N MET P 266 -28.71 32.15 -19.05
CA MET P 266 -27.50 31.44 -19.44
C MET P 266 -27.72 29.94 -19.26
N GLU P 267 -27.20 29.15 -20.20
CA GLU P 267 -27.34 27.70 -20.16
C GLU P 267 -26.02 27.04 -20.48
N THR P 268 -25.83 25.83 -19.93
CA THR P 268 -24.69 25.00 -20.26
C THR P 268 -25.10 23.98 -21.33
N VAL P 269 -24.31 23.90 -22.39
CA VAL P 269 -24.62 23.06 -23.53
C VAL P 269 -23.41 22.18 -23.85
N PHE P 270 -23.71 21.02 -24.47
CA PHE P 270 -22.74 19.99 -24.78
C PHE P 270 -22.88 19.62 -26.25
N PRO P 271 -21.82 19.09 -26.90
CA PRO P 271 -21.91 18.66 -28.30
C PRO P 271 -22.57 17.29 -28.43
N TRP P 272 -23.68 17.24 -29.16
CA TRP P 272 -24.43 16.00 -29.33
C TRP P 272 -24.69 15.73 -30.80
N ARG P 273 -24.43 14.49 -31.22
CA ARG P 273 -24.69 14.03 -32.57
C ARG P 273 -25.90 13.09 -32.58
N GLU P 274 -26.49 12.90 -33.77
CA GLU P 274 -27.63 12.02 -33.96
C GLU P 274 -27.24 10.55 -33.76
N SER P 275 -25.94 10.25 -33.78
CA SER P 275 -25.41 8.89 -33.86
C SER P 275 -25.25 8.24 -32.49
N ASP P 276 -25.63 8.93 -31.40
CA ASP P 276 -25.30 8.41 -30.08
C ASP P 276 -26.40 8.64 -29.05
N GLY P 277 -27.57 9.13 -29.48
CA GLY P 277 -28.63 9.53 -28.56
C GLY P 277 -29.29 8.34 -27.85
N ASP P 278 -29.98 8.65 -26.75
CA ASP P 278 -30.83 7.71 -26.03
C ASP P 278 -29.98 6.57 -25.46
N GLY P 279 -29.16 6.94 -24.48
CA GLY P 279 -28.23 6.03 -23.82
C GLY P 279 -28.96 4.90 -23.10
N THR P 280 -29.76 4.14 -23.85
CA THR P 280 -30.48 2.97 -23.37
C THR P 280 -29.63 1.72 -23.52
N THR P 281 -28.93 1.60 -24.65
CA THR P 281 -28.01 0.50 -24.88
C THR P 281 -26.68 0.82 -24.20
N VAL P 282 -25.78 -0.17 -24.21
CA VAL P 282 -24.51 -0.01 -23.50
C VAL P 282 -23.57 0.90 -24.30
N GLU P 283 -23.61 0.77 -25.63
CA GLU P 283 -22.75 1.54 -26.52
C GLU P 283 -23.10 3.02 -26.43
N SER P 284 -24.41 3.32 -26.40
CA SER P 284 -24.89 4.68 -26.30
C SER P 284 -24.59 5.27 -24.93
N GLU P 285 -24.66 4.45 -23.87
CA GLU P 285 -24.31 4.93 -22.54
C GLU P 285 -22.84 5.31 -22.48
N HIS P 286 -21.99 4.50 -23.13
CA HIS P 286 -20.56 4.80 -23.15
C HIS P 286 -20.30 6.10 -23.92
N LYS P 287 -21.01 6.29 -25.04
CA LYS P 287 -20.81 7.46 -25.86
C LYS P 287 -21.27 8.73 -25.14
N LEU P 288 -22.35 8.62 -24.37
CA LEU P 288 -22.90 9.77 -23.65
C LEU P 288 -22.05 10.09 -22.42
N THR P 289 -21.47 9.06 -21.81
CA THR P 289 -20.55 9.26 -20.69
C THR P 289 -19.28 9.95 -21.18
N GLU P 290 -18.86 9.63 -22.40
CA GLU P 290 -17.64 10.20 -22.98
C GLU P 290 -17.79 11.70 -23.19
N ILE P 291 -18.99 12.13 -23.61
CA ILE P 291 -19.20 13.53 -23.97
C ILE P 291 -19.60 14.36 -22.75
N ALA P 292 -19.79 13.72 -21.59
CA ALA P 292 -20.05 14.42 -20.35
C ALA P 292 -18.77 14.55 -19.49
N MET P 293 -17.74 13.75 -19.81
CA MET P 293 -16.50 13.78 -19.06
C MET P 293 -15.38 14.48 -19.83
N GLY P 294 -15.69 14.99 -21.03
CA GLY P 294 -14.72 15.75 -21.82
C GLY P 294 -14.29 17.01 -21.09
N VAL P 295 -12.98 17.26 -21.09
CA VAL P 295 -12.39 18.34 -20.31
C VAL P 295 -12.53 19.67 -21.06
N ARG P 296 -12.90 19.64 -22.35
CA ARG P 296 -13.03 20.86 -23.13
C ARG P 296 -14.42 20.97 -23.78
N ASN P 297 -15.38 20.18 -23.29
CA ASN P 297 -16.68 20.03 -23.93
C ASN P 297 -17.67 21.13 -23.57
N PRO P 298 -17.89 21.48 -22.26
CA PRO P 298 -19.01 22.35 -21.91
C PRO P 298 -18.87 23.76 -22.48
N VAL P 299 -20.03 24.34 -22.84
CA VAL P 299 -20.08 25.67 -23.43
C VAL P 299 -21.21 26.45 -22.74
N MET P 300 -20.98 27.75 -22.51
CA MET P 300 -21.99 28.65 -21.99
C MET P 300 -22.66 29.39 -23.15
N LEU P 301 -24.01 29.31 -23.17
CA LEU P 301 -24.83 30.03 -24.13
C LEU P 301 -25.57 31.15 -23.40
N ILE P 302 -25.38 32.37 -23.89
CA ILE P 302 -25.90 33.58 -23.25
C ILE P 302 -26.79 34.31 -24.24
N ARG P 303 -27.88 34.90 -23.75
CA ARG P 303 -28.73 35.77 -24.54
C ARG P 303 -28.61 37.19 -23.99
N ILE P 304 -28.30 38.13 -24.88
CA ILE P 304 -28.06 39.51 -24.49
C ILE P 304 -29.32 40.33 -24.77
N LYS P 305 -29.66 41.22 -23.83
CA LYS P 305 -30.83 42.08 -23.99
C LYS P 305 -30.65 42.95 -25.22
N PRO P 306 -31.71 43.16 -26.04
CA PRO P 306 -31.60 43.97 -27.26
C PRO P 306 -31.18 45.42 -27.03
N ALA P 307 -31.43 45.94 -25.82
CA ALA P 307 -31.08 47.31 -25.45
C ALA P 307 -29.57 47.51 -25.37
N ASP P 308 -28.84 46.42 -25.07
CA ASP P 308 -27.41 46.48 -24.84
C ASP P 308 -26.61 46.01 -26.05
N MET P 309 -27.27 45.78 -27.19
CA MET P 309 -26.61 45.19 -28.36
C MET P 309 -25.70 46.18 -29.08
N HIS P 310 -25.77 47.47 -28.72
CA HIS P 310 -24.91 48.48 -29.30
C HIS P 310 -23.60 48.65 -28.53
N ARG P 311 -23.43 47.90 -27.42
CA ARG P 311 -22.24 47.99 -26.59
C ARG P 311 -21.28 46.82 -26.83
N VAL P 312 -21.47 46.10 -27.95
CA VAL P 312 -20.72 44.90 -28.25
C VAL P 312 -19.51 45.28 -29.11
N ILE P 313 -18.35 44.74 -28.74
CA ILE P 313 -17.12 44.85 -29.52
C ILE P 313 -16.72 43.44 -29.96
N LYS P 314 -16.39 43.30 -31.25
CA LYS P 314 -16.12 42.00 -31.84
C LYS P 314 -14.62 41.81 -32.05
N ARG P 315 -14.16 40.56 -31.89
CA ARG P 315 -12.77 40.20 -32.11
C ARG P 315 -12.48 40.06 -33.60
N LYS P 316 -11.26 40.42 -34.00
CA LYS P 316 -10.82 40.28 -35.37
C LYS P 316 -10.86 38.80 -35.75
N GLY P 317 -11.75 38.46 -36.69
CA GLY P 317 -11.86 37.11 -37.19
C GLY P 317 -13.12 36.40 -36.74
N GLN P 318 -13.78 36.95 -35.71
CA GLN P 318 -14.95 36.33 -35.11
C GLN P 318 -16.13 37.31 -35.16
N GLU P 319 -16.31 37.97 -36.32
CA GLU P 319 -17.34 38.99 -36.42
C GLU P 319 -18.70 38.41 -36.76
N SER P 320 -18.74 37.12 -37.13
CA SER P 320 -19.99 36.46 -37.52
C SER P 320 -20.23 35.20 -36.69
N PHE P 321 -19.76 35.19 -35.44
CA PHE P 321 -19.81 34.02 -34.60
C PHE P 321 -21.06 33.98 -33.72
N ASN P 322 -21.94 34.98 -33.86
CA ASN P 322 -23.16 35.04 -33.08
C ASN P 322 -24.38 34.95 -34.01
N PHE P 323 -25.46 34.37 -33.47
CA PHE P 323 -26.74 34.33 -34.14
C PHE P 323 -27.67 35.35 -33.47
N GLY P 324 -27.66 36.57 -33.99
CA GLY P 324 -28.46 37.65 -33.42
C GLY P 324 -27.94 38.07 -32.04
N GLU P 325 -28.73 37.78 -31.01
CA GLU P 325 -28.38 38.17 -29.64
C GLU P 325 -27.99 36.95 -28.80
N LEU P 326 -27.61 35.86 -29.45
CA LEU P 326 -27.12 34.67 -28.76
C LEU P 326 -25.63 34.54 -28.98
N PHE P 327 -24.89 34.38 -27.88
CA PHE P 327 -23.44 34.21 -27.89
C PHE P 327 -23.09 32.91 -27.19
N ALA P 328 -21.99 32.29 -27.66
CA ALA P 328 -21.50 31.05 -27.09
C ALA P 328 -20.02 31.18 -26.77
N TYR P 329 -19.65 30.88 -25.53
CA TYR P 329 -18.27 30.93 -25.09
C TYR P 329 -17.89 29.62 -24.41
N THR P 330 -16.58 29.34 -24.36
CA THR P 330 -16.07 28.19 -23.63
C THR P 330 -16.34 28.41 -22.13
N LYS P 331 -16.63 27.30 -21.44
CA LYS P 331 -16.91 27.35 -20.01
C LYS P 331 -15.65 27.07 -19.19
N VAL P 332 -14.52 26.81 -19.87
CA VAL P 332 -13.28 26.47 -19.19
C VAL P 332 -12.44 27.73 -19.06
N CYS P 333 -12.05 28.07 -17.82
CA CYS P 333 -11.22 29.22 -17.57
C CYS P 333 -9.86 29.02 -18.23
N SER P 334 -9.33 30.10 -18.82
CA SER P 334 -8.09 30.07 -19.57
C SER P 334 -6.86 30.17 -18.68
N HIS P 335 -7.06 30.28 -17.35
CA HIS P 335 -5.97 30.39 -16.41
C HIS P 335 -5.44 29.01 -16.00
N LEU P 336 -6.31 28.24 -15.34
CA LEU P 336 -5.93 26.91 -14.86
C LEU P 336 -6.99 25.84 -15.12
N GLY P 337 -8.15 26.21 -15.67
CA GLY P 337 -9.10 25.23 -16.16
C GLY P 337 -10.34 25.03 -15.30
N CYS P 338 -10.52 25.86 -14.26
CA CYS P 338 -11.75 25.82 -13.49
C CYS P 338 -12.94 26.23 -14.36
N PRO P 339 -14.16 25.72 -14.10
CA PRO P 339 -15.36 26.23 -14.77
C PRO P 339 -15.69 27.66 -14.35
N SER P 340 -15.32 28.63 -15.19
CA SER P 340 -15.68 30.02 -14.94
C SER P 340 -17.13 30.25 -15.35
N SER P 341 -18.05 30.11 -14.39
CA SER P 341 -19.47 30.05 -14.74
C SER P 341 -20.37 30.95 -13.89
N LEU P 342 -19.79 31.91 -13.15
CA LEU P 342 -20.63 32.81 -12.38
C LEU P 342 -20.98 34.01 -13.25
N TYR P 343 -22.16 33.95 -13.86
CA TYR P 343 -22.56 34.94 -14.86
C TYR P 343 -23.46 35.99 -14.22
N GLU P 344 -22.97 37.23 -14.21
CA GLU P 344 -23.73 38.38 -13.74
C GLU P 344 -24.34 39.07 -14.97
N GLN P 345 -25.68 39.05 -15.02
CA GLN P 345 -26.43 39.34 -16.24
C GLN P 345 -26.82 40.81 -16.36
N GLN P 346 -26.55 41.60 -15.31
CA GLN P 346 -26.74 43.04 -15.36
C GLN P 346 -25.42 43.74 -15.68
N THR P 347 -24.35 43.32 -15.00
CA THR P 347 -23.01 43.86 -15.24
C THR P 347 -22.37 43.16 -16.45
N TYR P 348 -22.95 42.03 -16.88
CA TYR P 348 -22.46 41.26 -18.03
C TYR P 348 -21.02 40.79 -17.79
N ARG P 349 -20.80 40.12 -16.66
CA ARG P 349 -19.46 39.75 -16.24
C ARG P 349 -19.42 38.27 -15.87
N ILE P 350 -18.33 37.59 -16.27
CA ILE P 350 -18.15 36.18 -15.98
C ILE P 350 -17.08 36.04 -14.91
N LEU P 351 -17.43 35.38 -13.80
CA LEU P 351 -16.55 35.21 -12.66
C LEU P 351 -16.19 33.72 -12.49
N CYS P 352 -14.90 33.48 -12.24
CA CYS P 352 -14.38 32.15 -11.98
C CYS P 352 -14.22 31.99 -10.47
N PRO P 353 -14.83 30.96 -9.84
CA PRO P 353 -14.75 30.81 -8.38
C PRO P 353 -13.51 30.04 -7.91
N CYS P 354 -12.37 30.27 -8.57
CA CYS P 354 -11.14 29.58 -8.18
C CYS P 354 -10.07 30.59 -7.77
N HIS P 355 -9.77 31.54 -8.67
CA HIS P 355 -8.79 32.58 -8.38
C HIS P 355 -9.30 33.96 -8.79
N GLN P 356 -10.62 34.07 -9.02
CA GLN P 356 -11.33 35.34 -9.11
C GLN P 356 -10.87 36.14 -10.32
N SER P 357 -10.91 35.50 -11.48
CA SER P 357 -10.73 36.18 -12.76
C SER P 357 -12.10 36.56 -13.32
N GLN P 358 -12.24 37.82 -13.75
CA GLN P 358 -13.50 38.33 -14.28
C GLN P 358 -13.28 38.71 -15.74
N PHE P 359 -14.19 38.20 -16.58
CA PHE P 359 -14.15 38.39 -18.02
C PHE P 359 -15.34 39.22 -18.48
N ASP P 360 -15.09 40.04 -19.51
CA ASP P 360 -16.06 40.96 -20.05
C ASP P 360 -16.85 40.25 -21.15
N ALA P 361 -18.06 39.80 -20.83
CA ALA P 361 -18.90 39.08 -21.78
C ALA P 361 -19.40 39.99 -22.91
N LEU P 362 -19.45 41.30 -22.65
CA LEU P 362 -19.95 42.27 -23.61
C LEU P 362 -18.89 42.63 -24.66
N GLU P 363 -17.61 42.52 -24.32
CA GLU P 363 -16.55 42.45 -25.32
C GLU P 363 -16.30 40.98 -25.65
N PHE P 364 -15.19 40.68 -26.31
CA PHE P 364 -14.95 39.31 -26.76
C PHE P 364 -14.39 38.45 -25.63
N ALA P 365 -15.05 38.46 -24.47
CA ALA P 365 -14.67 37.69 -23.30
C ALA P 365 -13.20 37.93 -22.91
N LYS P 366 -12.76 39.19 -22.99
CA LYS P 366 -11.42 39.53 -22.60
C LYS P 366 -11.37 39.71 -21.08
N PRO P 367 -10.23 39.39 -20.42
CA PRO P 367 -10.14 39.50 -18.98
C PRO P 367 -10.18 40.95 -18.49
N ILE P 368 -10.90 41.14 -17.38
CA ILE P 368 -11.04 42.43 -16.73
C ILE P 368 -10.36 42.40 -15.36
N PHE P 369 -10.33 41.23 -14.71
CA PHE P 369 -9.76 41.16 -13.37
C PHE P 369 -9.13 39.81 -13.12
N GLY P 370 -8.14 39.77 -12.22
CA GLY P 370 -7.57 38.52 -11.74
C GLY P 370 -6.28 38.12 -12.44
N PRO P 371 -5.82 36.87 -12.24
CA PRO P 371 -4.59 36.39 -12.87
C PRO P 371 -4.71 35.88 -14.31
N ALA P 372 -5.85 36.10 -14.96
CA ALA P 372 -6.03 35.64 -16.34
C ALA P 372 -5.51 36.70 -17.32
N ALA P 373 -4.84 36.24 -18.38
CA ALA P 373 -4.20 37.12 -19.35
C ALA P 373 -4.78 36.93 -20.76
N ARG P 374 -5.48 35.82 -21.01
CA ARG P 374 -6.03 35.54 -22.33
C ARG P 374 -7.55 35.47 -22.27
N ALA P 375 -8.19 35.74 -23.42
CA ALA P 375 -9.63 35.77 -23.55
C ALA P 375 -10.19 34.37 -23.77
N LEU P 376 -11.46 34.18 -23.38
CA LEU P 376 -12.15 32.91 -23.60
C LEU P 376 -12.43 32.73 -25.08
N ALA P 377 -12.44 31.46 -25.52
CA ALA P 377 -12.66 31.12 -26.92
C ALA P 377 -14.15 31.13 -27.24
N GLN P 378 -14.46 31.57 -28.47
CA GLN P 378 -15.83 31.71 -28.93
C GLN P 378 -16.16 30.60 -29.92
N LEU P 379 -17.41 30.11 -29.84
CA LEU P 379 -17.91 29.07 -30.71
C LEU P 379 -18.92 29.65 -31.68
N PRO P 380 -18.74 29.46 -33.01
CA PRO P 380 -19.73 29.93 -33.97
C PRO P 380 -20.99 29.06 -33.91
N ILE P 381 -22.15 29.72 -33.94
CA ILE P 381 -23.42 29.03 -33.83
C ILE P 381 -24.36 29.54 -34.92
N THR P 382 -25.35 28.70 -35.25
CA THR P 382 -26.38 29.01 -36.22
C THR P 382 -27.58 28.11 -35.92
N ILE P 383 -28.58 28.12 -36.81
CA ILE P 383 -29.76 27.29 -36.64
C ILE P 383 -29.84 26.28 -37.77
N ASP P 384 -30.58 25.20 -37.52
CA ASP P 384 -30.85 24.13 -38.45
C ASP P 384 -32.01 24.52 -39.37
N GLU P 385 -32.48 23.55 -40.16
CA GLU P 385 -33.64 23.74 -41.02
C GLU P 385 -34.95 23.53 -40.24
N ASP P 386 -34.86 22.89 -39.06
CA ASP P 386 -36.01 22.59 -38.22
C ASP P 386 -36.12 23.56 -37.05
N GLY P 387 -35.15 24.47 -36.90
CA GLY P 387 -35.18 25.51 -35.88
C GLY P 387 -34.36 25.16 -34.64
N TYR P 388 -33.47 24.17 -34.77
CA TYR P 388 -32.59 23.78 -33.67
C TYR P 388 -31.24 24.48 -33.80
N LEU P 389 -30.61 24.74 -32.65
CA LEU P 389 -29.31 25.39 -32.62
C LEU P 389 -28.20 24.38 -32.89
N VAL P 390 -27.29 24.76 -33.80
CA VAL P 390 -26.18 23.92 -34.18
C VAL P 390 -24.91 24.77 -34.22
N ALA P 391 -23.77 24.08 -34.25
CA ALA P 391 -22.49 24.76 -34.38
C ALA P 391 -22.24 25.07 -35.86
N ASN P 392 -21.63 26.24 -36.09
CA ASN P 392 -21.33 26.73 -37.42
C ASN P 392 -19.84 26.56 -37.73
N GLY P 393 -19.26 25.45 -37.26
CA GLY P 393 -17.84 25.20 -37.43
C GLY P 393 -17.17 24.81 -36.12
N ASP P 394 -15.91 25.23 -35.93
CA ASP P 394 -15.12 24.81 -34.80
C ASP P 394 -14.41 26.03 -34.20
N PHE P 395 -13.89 25.88 -32.97
CA PHE P 395 -13.04 26.89 -32.38
C PHE P 395 -11.85 27.18 -33.27
N VAL P 396 -11.50 28.46 -33.34
CA VAL P 396 -10.39 28.97 -34.18
C VAL P 396 -9.11 29.05 -33.35
N GLU P 397 -9.13 28.53 -32.13
CA GLU P 397 -7.97 28.53 -31.24
C GLU P 397 -8.13 27.41 -30.22
N PRO P 398 -7.03 26.92 -29.60
CA PRO P 398 -7.13 25.94 -28.53
C PRO P 398 -7.85 26.50 -27.30
N VAL P 399 -8.59 25.62 -26.62
CA VAL P 399 -9.35 26.00 -25.45
C VAL P 399 -8.75 25.37 -24.20
N GLY P 400 -8.94 26.04 -23.07
CA GLY P 400 -8.42 25.61 -21.78
C GLY P 400 -7.12 26.34 -21.42
N PRO P 401 -6.37 25.83 -20.42
CA PRO P 401 -5.13 26.47 -19.99
C PRO P 401 -4.07 26.46 -21.09
N ALA P 402 -3.05 27.28 -20.90
CA ALA P 402 -1.99 27.45 -21.89
C ALA P 402 -0.83 26.49 -21.59
N PHE P 403 -0.07 26.19 -22.65
CA PHE P 403 1.10 25.33 -22.57
C PHE P 403 2.22 25.91 -23.42
N TRP P 404 3.41 25.33 -23.29
CA TRP P 404 4.63 25.89 -23.83
C TRP P 404 4.57 25.99 -25.36
N GLU P 405 4.09 24.93 -26.03
CA GLU P 405 4.09 24.87 -27.49
C GLU P 405 2.74 25.33 -28.07
N ARG P 406 2.42 26.60 -27.81
CA ARG P 406 1.14 27.23 -28.14
C ARG P 406 1.39 28.61 -28.78
N LYS P 407 0.33 29.20 -29.37
CA LYS P 407 0.27 30.49 -30.03
C LYS P 407 0.73 30.40 -31.49
N SER P 408 0.45 31.47 -32.24
CA SER P 408 0.58 31.61 -33.69
C SER P 408 -0.19 30.53 -34.46
N ASP Q 4 4.31 -16.51 43.80
CA ASP Q 4 4.66 -15.09 44.02
C ASP Q 4 5.21 -14.47 42.74
N PHE Q 5 5.93 -13.35 42.90
CA PHE Q 5 6.55 -12.65 41.78
C PHE Q 5 8.01 -12.30 42.08
N ALA Q 6 8.51 -12.71 43.24
CA ALA Q 6 9.93 -12.59 43.57
C ALA Q 6 10.74 -13.74 42.97
N LYS Q 7 10.07 -14.73 42.33
CA LYS Q 7 10.73 -15.90 41.79
C LYS Q 7 10.58 -15.96 40.26
N LEU Q 8 9.46 -15.47 39.73
CA LEU Q 8 9.23 -15.49 38.29
C LEU Q 8 10.07 -14.41 37.60
N ALA Q 9 10.16 -13.23 38.21
CA ALA Q 9 10.89 -12.11 37.66
C ALA Q 9 12.40 -12.37 37.67
N ALA Q 10 12.89 -13.03 38.73
CA ALA Q 10 14.30 -13.38 38.85
C ALA Q 10 14.67 -14.41 37.80
N ALA Q 11 13.79 -15.39 37.56
CA ALA Q 11 14.03 -16.42 36.57
C ALA Q 11 14.04 -15.83 35.16
N GLN Q 12 13.12 -14.89 34.89
CA GLN Q 12 13.04 -14.25 33.59
C GLN Q 12 14.29 -13.40 33.32
N GLY Q 13 14.76 -12.71 34.37
CA GLY Q 13 15.93 -11.86 34.28
C GLY Q 13 17.21 -12.67 34.04
N ASP Q 14 17.30 -13.82 34.72
CA ASP Q 14 18.43 -14.72 34.57
C ASP Q 14 18.45 -15.34 33.18
N ALA Q 15 17.26 -15.70 32.66
CA ALA Q 15 17.17 -16.31 31.34
C ALA Q 15 17.53 -15.30 30.25
N ILE Q 16 17.15 -14.04 30.46
CA ILE Q 16 17.43 -13.01 29.47
C ILE Q 16 18.92 -12.67 29.48
N ASP Q 17 19.51 -12.56 30.67
CA ASP Q 17 20.87 -12.07 30.81
C ASP Q 17 21.90 -13.10 30.34
N SER Q 18 21.56 -14.40 30.46
CA SER Q 18 22.47 -15.47 30.09
C SER Q 18 22.55 -15.68 28.59
N ARG Q 19 21.66 -15.02 27.82
CA ARG Q 19 21.55 -15.25 26.40
C ARG Q 19 21.97 -14.03 25.59
N TYR Q 20 21.68 -12.81 26.10
CA TYR Q 20 21.92 -11.59 25.35
C TYR Q 20 22.83 -10.61 26.10
N HIS Q 21 23.15 -10.93 27.36
CA HIS Q 21 24.00 -10.12 28.27
C HIS Q 21 23.77 -8.63 28.03
N PRO Q 22 22.56 -8.06 28.25
CA PRO Q 22 22.32 -6.66 27.98
C PRO Q 22 22.29 -5.71 29.19
N SER Q 23 22.88 -6.10 30.32
CA SER Q 23 22.82 -5.30 31.57
C SER Q 23 23.55 -3.95 31.49
N ALA Q 24 24.76 -3.87 30.94
CA ALA Q 24 25.49 -2.59 30.88
C ALA Q 24 24.83 -1.61 29.91
N ALA Q 25 24.34 -2.11 28.77
CA ALA Q 25 23.71 -1.28 27.73
C ALA Q 25 22.27 -0.95 28.08
N VAL Q 26 21.62 -1.71 28.97
CA VAL Q 26 20.21 -1.42 29.36
C VAL Q 26 20.22 -0.45 30.54
N ARG Q 27 21.29 -0.44 31.34
CA ARG Q 27 21.41 0.50 32.48
C ARG Q 27 21.69 1.89 31.92
N ARG Q 28 22.51 1.99 30.87
CA ARG Q 28 22.82 3.26 30.24
C ARG Q 28 21.55 3.95 29.76
N GLN Q 29 20.60 3.18 29.22
CA GLN Q 29 19.34 3.74 28.73
C GLN Q 29 18.44 4.19 29.87
N LEU Q 30 18.52 3.53 31.03
CA LEU Q 30 17.69 3.88 32.18
C LEU Q 30 18.26 5.12 32.88
N ASN Q 31 19.54 5.42 32.66
CA ASN Q 31 20.22 6.51 33.37
C ASN Q 31 20.35 7.78 32.53
N LYS Q 32 19.84 7.76 31.29
CA LYS Q 32 19.88 8.93 30.44
C LYS Q 32 18.96 10.00 31.01
N VAL Q 33 19.45 11.24 31.04
CA VAL Q 33 18.71 12.34 31.62
C VAL Q 33 18.14 13.22 30.51
N PHE Q 34 16.94 13.77 30.76
CA PHE Q 34 16.27 14.65 29.77
C PHE Q 34 15.78 15.93 30.46
N PRO Q 35 16.03 17.12 29.88
CA PRO Q 35 15.59 18.39 30.47
C PRO Q 35 14.07 18.42 30.66
N THR Q 36 13.60 18.95 31.78
CA THR Q 36 12.14 19.03 32.07
C THR Q 36 11.62 20.42 31.65
N HIS Q 37 11.18 20.54 30.40
CA HIS Q 37 10.65 21.82 29.86
C HIS Q 37 9.32 21.58 29.15
N TRP Q 38 8.51 22.63 29.01
CA TRP Q 38 7.19 22.52 28.33
C TRP Q 38 7.36 22.79 26.83
N SER Q 39 8.52 23.32 26.43
CA SER Q 39 8.80 23.63 25.01
C SER Q 39 9.49 22.42 24.34
N PHE Q 40 9.78 21.38 25.13
CA PHE Q 40 10.45 20.16 24.60
C PHE Q 40 9.40 19.07 24.38
N LEU Q 41 8.15 19.35 24.73
CA LEU Q 41 7.04 18.37 24.57
C LEU Q 41 6.26 18.70 23.29
N LEU Q 42 6.71 19.71 22.54
CA LEU Q 42 6.05 20.12 21.28
C LEU Q 42 6.44 19.16 20.15
N GLY Q 43 7.61 18.52 20.29
CA GLY Q 43 8.11 17.58 19.26
C GLY Q 43 7.49 16.20 19.43
N GLU Q 44 6.84 15.95 20.57
CA GLU Q 44 6.21 14.67 20.84
C GLU Q 44 4.84 14.58 20.19
N ILE Q 45 4.10 15.70 20.22
CA ILE Q 45 2.74 15.75 19.71
C ILE Q 45 2.71 15.21 18.29
N ALA Q 46 3.58 15.77 17.42
CA ALA Q 46 3.67 15.36 16.04
C ALA Q 46 3.84 13.83 15.95
N LEU Q 47 4.79 13.31 16.74
CA LEU Q 47 5.06 11.88 16.75
C LEU Q 47 3.79 11.13 17.14
N TYR Q 48 3.13 11.59 18.22
CA TYR Q 48 1.93 10.93 18.68
C TYR Q 48 0.80 11.05 17.66
N SER Q 49 0.85 12.09 16.83
CA SER Q 49 -0.13 12.25 15.76
C SER Q 49 0.12 11.28 14.62
N PHE Q 50 1.39 10.91 14.41
CA PHE Q 50 1.75 10.03 13.31
C PHE Q 50 1.26 8.60 13.57
N ILE Q 51 1.44 8.13 14.80
CA ILE Q 51 1.07 6.77 15.18
C ILE Q 51 -0.44 6.56 14.98
N ILE Q 52 -1.24 7.53 15.45
CA ILE Q 52 -2.68 7.46 15.29
C ILE Q 52 -3.05 7.47 13.81
N LEU Q 53 -2.23 8.12 12.97
CA LEU Q 53 -2.49 8.13 11.54
C LEU Q 53 -2.23 6.76 10.91
N LEU Q 54 -1.40 5.93 11.56
CA LEU Q 54 -1.14 4.59 11.04
C LEU Q 54 -2.29 3.65 11.36
N LEU Q 55 -2.66 3.59 12.65
CA LEU Q 55 -3.70 2.68 13.13
C LEU Q 55 -5.00 2.89 12.37
N THR Q 56 -5.44 4.14 12.24
CA THR Q 56 -6.64 4.49 11.51
C THR Q 56 -6.45 4.30 10.02
N GLY Q 57 -5.22 4.43 9.53
CA GLY Q 57 -4.91 4.27 8.11
C GLY Q 57 -5.02 2.82 7.63
N VAL Q 58 -4.84 1.88 8.55
CA VAL Q 58 -4.89 0.47 8.20
C VAL Q 58 -6.34 0.01 8.14
N TRP Q 59 -7.14 0.41 9.13
CA TRP Q 59 -8.56 0.12 9.17
C TRP Q 59 -9.26 0.56 7.87
N LEU Q 60 -8.85 1.70 7.31
CA LEU Q 60 -9.46 2.22 6.10
C LEU Q 60 -9.07 1.41 4.86
N THR Q 61 -7.97 0.65 4.93
CA THR Q 61 -7.51 -0.10 3.77
C THR Q 61 -8.31 -1.39 3.57
N LEU Q 62 -9.06 -1.82 4.61
CA LEU Q 62 -9.85 -3.04 4.51
C LEU Q 62 -11.17 -2.82 3.78
N PHE Q 63 -11.49 -1.57 3.42
CA PHE Q 63 -12.79 -1.26 2.85
C PHE Q 63 -12.72 -0.44 1.56
N PHE Q 64 -11.57 0.17 1.25
CA PHE Q 64 -11.51 1.15 0.17
C PHE Q 64 -11.15 0.49 -1.16
N ASP Q 65 -11.75 1.01 -2.24
CA ASP Q 65 -11.50 0.53 -3.59
C ASP Q 65 -11.14 1.72 -4.49
N PRO Q 66 -9.84 1.89 -4.84
CA PRO Q 66 -9.40 3.03 -5.66
C PRO Q 66 -9.45 2.85 -7.18
N SER Q 67 -10.66 2.91 -7.74
CA SER Q 67 -10.86 2.75 -9.17
C SER Q 67 -11.70 3.88 -9.73
N MET Q 68 -11.48 4.20 -11.01
CA MET Q 68 -12.22 5.24 -11.69
C MET Q 68 -13.35 4.66 -12.54
N ALA Q 69 -13.59 3.34 -12.45
CA ALA Q 69 -14.67 2.69 -13.17
C ALA Q 69 -16.01 3.31 -12.77
N HIS Q 70 -16.78 3.74 -13.78
CA HIS Q 70 -18.03 4.44 -13.54
C HIS Q 70 -19.16 3.46 -13.28
N VAL Q 71 -19.94 3.74 -12.23
CA VAL Q 71 -21.03 2.88 -11.80
C VAL Q 71 -22.23 3.76 -11.44
N THR Q 72 -23.36 3.09 -11.10
CA THR Q 72 -24.54 3.74 -10.55
C THR Q 72 -24.68 3.32 -9.09
N TYR Q 73 -25.06 4.26 -8.22
CA TYR Q 73 -24.94 4.11 -6.79
C TYR Q 73 -25.78 2.96 -6.24
N ASP Q 74 -27.12 3.13 -6.25
CA ASP Q 74 -28.05 2.13 -5.75
C ASP Q 74 -27.64 1.67 -4.34
N GLY Q 75 -27.62 2.60 -3.39
CA GLY Q 75 -27.27 2.32 -2.02
C GLY Q 75 -28.34 2.79 -1.05
N VAL Q 76 -27.92 3.14 0.17
CA VAL Q 76 -28.85 3.47 1.24
C VAL Q 76 -29.11 4.97 1.29
N TYR Q 77 -28.10 5.78 0.88
CA TYR Q 77 -28.23 7.22 0.92
C TYR Q 77 -29.08 7.67 -0.27
N GLN Q 78 -30.28 8.19 0.01
CA GLN Q 78 -31.33 8.38 -0.98
C GLN Q 78 -31.03 9.54 -1.94
N PRO Q 79 -30.56 10.73 -1.48
CA PRO Q 79 -30.31 11.84 -2.40
C PRO Q 79 -29.30 11.61 -3.53
N LEU Q 80 -28.61 10.46 -3.53
CA LEU Q 80 -27.63 10.16 -4.55
C LEU Q 80 -27.92 8.82 -5.22
N ARG Q 81 -29.20 8.44 -5.29
CA ARG Q 81 -29.57 7.05 -5.59
C ARG Q 81 -29.20 6.62 -7.02
N GLY Q 82 -29.58 7.42 -8.03
CA GLY Q 82 -29.35 6.98 -9.41
C GLY Q 82 -28.18 7.68 -10.10
N VAL Q 83 -27.32 8.33 -9.31
CA VAL Q 83 -26.29 9.20 -9.87
C VAL Q 83 -25.12 8.34 -10.37
N GLN Q 84 -24.54 8.76 -11.50
CA GLN Q 84 -23.38 8.14 -12.09
C GLN Q 84 -22.12 8.66 -11.38
N MET Q 85 -21.37 7.74 -10.76
CA MET Q 85 -20.17 8.10 -10.02
C MET Q 85 -19.06 7.11 -10.32
N SER Q 86 -17.94 7.22 -9.59
CA SER Q 86 -16.83 6.29 -9.71
C SER Q 86 -16.87 5.28 -8.56
N ARG Q 87 -15.99 4.27 -8.64
CA ARG Q 87 -15.92 3.23 -7.64
C ARG Q 87 -15.36 3.77 -6.33
N ALA Q 88 -14.41 4.71 -6.42
CA ALA Q 88 -13.79 5.30 -5.25
C ALA Q 88 -14.82 6.07 -4.41
N TYR Q 89 -15.63 6.89 -5.08
CA TYR Q 89 -16.64 7.69 -4.40
C TYR Q 89 -17.71 6.80 -3.76
N GLU Q 90 -18.13 5.77 -4.49
CA GLU Q 90 -19.13 4.84 -3.98
C GLU Q 90 -18.62 4.12 -2.73
N THR Q 91 -17.36 3.68 -2.78
CA THR Q 91 -16.76 2.98 -1.66
C THR Q 91 -16.59 3.92 -0.46
N ALA Q 92 -16.26 5.19 -0.72
CA ALA Q 92 -16.14 6.18 0.35
C ALA Q 92 -17.49 6.44 1.02
N LEU Q 93 -18.57 6.42 0.23
CA LEU Q 93 -19.91 6.53 0.78
C LEU Q 93 -20.26 5.28 1.60
N ASP Q 94 -19.84 4.10 1.11
CA ASP Q 94 -20.11 2.85 1.78
C ASP Q 94 -19.42 2.79 3.15
N ILE Q 95 -18.19 3.30 3.23
CA ILE Q 95 -17.44 3.31 4.48
C ILE Q 95 -18.21 4.11 5.53
N SER Q 96 -18.79 5.24 5.12
CA SER Q 96 -19.41 6.16 6.06
C SER Q 96 -20.86 5.80 6.39
N PHE Q 97 -21.53 5.02 5.52
CA PHE Q 97 -22.95 4.74 5.71
C PHE Q 97 -23.26 3.28 6.00
N GLU Q 98 -22.39 2.35 5.61
CA GLU Q 98 -22.73 0.93 5.67
C GLU Q 98 -21.93 0.19 6.74
N VAL Q 99 -20.71 0.63 7.02
CA VAL Q 99 -19.86 -0.03 7.99
C VAL Q 99 -20.07 0.64 9.34
N ARG Q 100 -20.28 -0.17 10.39
CA ARG Q 100 -20.50 0.35 11.72
C ARG Q 100 -19.22 0.99 12.25
N GLY Q 101 -19.31 2.29 12.57
CA GLY Q 101 -18.22 3.07 13.13
C GLY Q 101 -17.18 3.54 12.11
N GLY Q 102 -17.56 3.58 10.83
CA GLY Q 102 -16.64 3.98 9.78
C GLY Q 102 -16.46 5.50 9.72
N LEU Q 103 -17.57 6.23 9.89
CA LEU Q 103 -17.58 7.68 9.85
C LEU Q 103 -16.66 8.25 10.93
N PHE Q 104 -16.75 7.66 12.14
CA PHE Q 104 -15.92 8.06 13.26
C PHE Q 104 -14.44 7.88 12.94
N VAL Q 105 -14.10 6.73 12.34
CA VAL Q 105 -12.72 6.40 12.03
C VAL Q 105 -12.16 7.39 11.00
N ARG Q 106 -12.92 7.65 9.93
CA ARG Q 106 -12.42 8.52 8.87
C ARG Q 106 -12.44 9.98 9.28
N GLN Q 107 -13.20 10.33 10.33
CA GLN Q 107 -13.12 11.67 10.88
C GLN Q 107 -11.88 11.83 11.76
N VAL Q 108 -11.56 10.79 12.54
CA VAL Q 108 -10.37 10.79 13.38
C VAL Q 108 -9.11 10.87 12.50
N HIS Q 109 -9.12 10.15 11.37
CA HIS Q 109 -8.02 10.18 10.42
C HIS Q 109 -7.72 11.62 9.97
N HIS Q 110 -8.77 12.34 9.54
CA HIS Q 110 -8.61 13.69 9.01
C HIS Q 110 -8.17 14.66 10.11
N TRP Q 111 -8.76 14.53 11.31
CA TRP Q 111 -8.41 15.41 12.41
C TRP Q 111 -6.94 15.22 12.81
N ALA Q 112 -6.50 13.96 12.87
CA ALA Q 112 -5.11 13.66 13.17
C ALA Q 112 -4.18 14.21 12.09
N ALA Q 113 -4.64 14.17 10.82
CA ALA Q 113 -3.87 14.72 9.72
C ALA Q 113 -3.66 16.22 9.91
N LEU Q 114 -4.68 16.93 10.41
CA LEU Q 114 -4.55 18.36 10.66
C LEU Q 114 -3.61 18.63 11.82
N MET Q 115 -3.74 17.85 12.90
CA MET Q 115 -2.92 18.04 14.09
C MET Q 115 -1.44 17.80 13.78
N PHE Q 116 -1.17 16.84 12.89
CA PHE Q 116 0.19 16.52 12.48
C PHE Q 116 0.90 17.78 11.96
N ALA Q 117 0.27 18.45 10.98
CA ALA Q 117 0.85 19.63 10.35
C ALA Q 117 0.98 20.79 11.33
N ALA Q 118 -0.06 21.00 12.17
CA ALA Q 118 -0.05 22.09 13.12
C ALA Q 118 1.11 21.94 14.11
N SER Q 119 1.28 20.71 14.63
CA SER Q 119 2.32 20.40 15.58
C SER Q 119 3.70 20.56 14.95
N ILE Q 120 3.85 20.14 13.69
CA ILE Q 120 5.12 20.28 12.99
C ILE Q 120 5.49 21.77 12.89
N MET Q 121 4.50 22.61 12.56
CA MET Q 121 4.74 24.03 12.41
C MET Q 121 5.20 24.65 13.73
N VAL Q 122 4.52 24.30 14.84
CA VAL Q 122 4.85 24.86 16.14
C VAL Q 122 6.25 24.42 16.57
N HIS Q 123 6.57 23.14 16.34
CA HIS Q 123 7.87 22.58 16.68
C HIS Q 123 8.98 23.29 15.91
N LEU Q 124 8.75 23.53 14.61
CA LEU Q 124 9.69 24.25 13.76
C LEU Q 124 9.92 25.66 14.31
N ALA Q 125 8.84 26.32 14.73
CA ALA Q 125 8.95 27.67 15.27
C ALA Q 125 9.84 27.68 16.51
N ARG Q 126 9.64 26.69 17.39
CA ARG Q 126 10.46 26.55 18.58
C ARG Q 126 11.93 26.39 18.22
N ILE Q 127 12.21 25.47 17.29
CA ILE Q 127 13.58 25.17 16.90
C ILE Q 127 14.26 26.40 16.32
N PHE Q 128 13.54 27.15 15.49
CA PHE Q 128 14.10 28.34 14.87
C PHE Q 128 14.41 29.42 15.90
N PHE Q 129 13.44 29.71 16.78
CA PHE Q 129 13.56 30.87 17.66
C PHE Q 129 14.54 30.64 18.80
N THR Q 130 14.70 29.38 19.25
CA THR Q 130 15.58 29.13 20.38
C THR Q 130 17.04 28.96 19.93
N GLY Q 131 17.26 28.73 18.63
CA GLY Q 131 18.60 28.63 18.07
C GLY Q 131 19.19 27.21 18.20
N ALA Q 132 18.32 26.18 18.21
CA ALA Q 132 18.75 24.81 18.38
C ALA Q 132 19.25 24.19 17.07
N PHE Q 133 19.33 24.99 16.01
CA PHE Q 133 19.76 24.48 14.71
C PHE Q 133 21.25 24.69 14.49
N ARG Q 134 21.94 25.35 15.44
CA ARG Q 134 23.35 25.63 15.29
C ARG Q 134 24.13 24.33 15.47
N ARG Q 135 25.40 24.35 15.04
CA ARG Q 135 26.26 23.18 15.08
C ARG Q 135 26.38 22.68 16.52
N PRO Q 136 26.45 21.36 16.77
CA PRO Q 136 26.51 20.32 15.74
C PRO Q 136 25.20 19.73 15.23
N ARG Q 137 24.10 20.49 15.28
CA ARG Q 137 22.79 19.95 14.98
C ARG Q 137 22.21 20.48 13.67
N GLU Q 138 23.00 21.16 12.84
CA GLU Q 138 22.52 21.74 11.61
C GLU Q 138 22.22 20.68 10.54
N ALA Q 139 22.64 19.43 10.78
CA ALA Q 139 22.29 18.30 9.93
C ALA Q 139 20.88 17.81 10.25
N ASN Q 140 20.45 17.99 11.50
CA ASN Q 140 19.14 17.53 11.92
C ASN Q 140 18.06 18.42 11.32
N TRP Q 141 18.32 19.74 11.32
CA TRP Q 141 17.42 20.74 10.76
C TRP Q 141 17.05 20.37 9.33
N VAL Q 142 18.05 20.03 8.51
CA VAL Q 142 17.82 19.66 7.12
C VAL Q 142 16.85 18.49 7.04
N ILE Q 143 17.10 17.45 7.86
CA ILE Q 143 16.21 16.30 7.92
C ILE Q 143 14.77 16.76 8.19
N GLY Q 144 14.61 17.59 9.22
CA GLY Q 144 13.31 18.12 9.56
C GLY Q 144 12.64 18.87 8.40
N SER Q 145 13.43 19.69 7.72
CA SER Q 145 12.97 20.48 6.59
C SER Q 145 12.39 19.59 5.49
N LEU Q 146 12.93 18.38 5.33
CA LEU Q 146 12.36 17.43 4.39
C LEU Q 146 11.04 16.88 4.92
N LEU Q 147 11.00 16.50 6.20
CA LEU Q 147 9.83 15.85 6.79
C LEU Q 147 8.58 16.71 6.60
N LEU Q 148 8.68 18.00 6.92
CA LEU Q 148 7.57 18.93 6.73
C LEU Q 148 7.03 18.87 5.31
N ILE Q 149 7.92 18.94 4.32
CA ILE Q 149 7.53 18.91 2.93
C ILE Q 149 6.82 17.59 2.62
N LEU Q 150 7.39 16.48 3.10
CA LEU Q 150 6.78 15.17 2.89
C LEU Q 150 5.42 15.09 3.57
N ALA Q 151 5.27 15.75 4.73
CA ALA Q 151 4.02 15.77 5.46
C ALA Q 151 2.98 16.63 4.77
N MET Q 152 3.37 17.49 3.83
CA MET Q 152 2.47 18.47 3.22
C MET Q 152 1.88 17.98 1.91
N PHE Q 153 2.62 17.13 1.19
CA PHE Q 153 2.08 16.48 0.00
C PHE Q 153 1.32 15.20 0.33
N GLU Q 154 1.76 14.48 1.39
CA GLU Q 154 1.10 13.27 1.83
C GLU Q 154 -0.37 13.54 2.19
N GLY Q 155 -0.61 14.67 2.85
CA GLY Q 155 -1.95 15.11 3.17
C GLY Q 155 -2.73 15.51 1.92
N PHE Q 156 -2.03 16.04 0.90
CA PHE Q 156 -2.68 16.48 -0.32
C PHE Q 156 -3.20 15.29 -1.11
N PHE Q 157 -2.43 14.19 -1.14
CA PHE Q 157 -2.82 12.99 -1.86
C PHE Q 157 -3.92 12.22 -1.12
N GLY Q 158 -4.18 12.59 0.15
CA GLY Q 158 -5.09 11.82 0.98
C GLY Q 158 -6.56 12.20 0.81
N TYR Q 159 -6.86 13.50 0.78
CA TYR Q 159 -8.23 13.96 0.61
C TYR Q 159 -8.65 14.02 -0.86
N SER Q 160 -7.72 13.68 -1.76
CA SER Q 160 -7.99 13.61 -3.20
C SER Q 160 -8.44 12.20 -3.62
N LEU Q 161 -8.46 11.24 -2.67
CA LEU Q 161 -8.80 9.86 -2.94
C LEU Q 161 -10.31 9.64 -3.12
N PRO Q 162 -11.21 10.23 -2.30
CA PRO Q 162 -12.65 10.03 -2.49
C PRO Q 162 -13.21 10.43 -3.85
N ASP Q 163 -12.48 11.27 -4.60
CA ASP Q 163 -12.87 11.68 -5.95
C ASP Q 163 -14.22 12.41 -5.94
N ASP Q 164 -14.30 13.45 -5.11
CA ASP Q 164 -15.47 14.31 -5.02
C ASP Q 164 -15.23 15.57 -5.87
N LEU Q 165 -16.21 16.48 -5.82
CA LEU Q 165 -16.17 17.68 -6.64
C LEU Q 165 -15.07 18.64 -6.17
N LEU Q 166 -14.96 18.84 -4.85
CA LEU Q 166 -14.02 19.81 -4.29
C LEU Q 166 -12.58 19.42 -4.60
N SER Q 167 -12.23 18.19 -4.19
CA SER Q 167 -10.89 17.66 -4.41
C SER Q 167 -10.63 17.48 -5.91
N GLY Q 168 -11.66 17.18 -6.68
CA GLY Q 168 -11.54 17.06 -8.14
C GLY Q 168 -11.10 18.37 -8.78
N THR Q 169 -11.78 19.47 -8.41
CA THR Q 169 -11.43 20.77 -8.94
C THR Q 169 -10.04 21.19 -8.44
N GLY Q 170 -9.71 20.84 -7.20
CA GLY Q 170 -8.40 21.10 -6.63
C GLY Q 170 -7.27 20.44 -7.41
N ILE Q 171 -7.47 19.15 -7.77
CA ILE Q 171 -6.52 18.40 -8.57
C ILE Q 171 -6.41 19.01 -9.97
N ARG Q 172 -7.55 19.41 -10.56
CA ARG Q 172 -7.58 19.93 -11.91
C ARG Q 172 -6.80 21.24 -11.99
N ALA Q 173 -6.91 22.09 -10.96
CA ALA Q 173 -6.26 23.39 -10.97
C ALA Q 173 -4.78 23.31 -10.56
N ALA Q 174 -4.50 22.64 -9.43
CA ALA Q 174 -3.20 22.76 -8.78
C ALA Q 174 -2.21 21.73 -9.27
N LEU Q 175 -2.65 20.73 -10.06
CA LEU Q 175 -1.75 19.64 -10.45
C LEU Q 175 -1.71 19.47 -11.98
N SER Q 176 -2.78 19.83 -12.69
CA SER Q 176 -2.84 19.68 -14.13
C SER Q 176 -2.51 20.99 -14.85
N GLY Q 177 -3.12 22.08 -14.40
CA GLY Q 177 -2.89 23.39 -15.01
C GLY Q 177 -1.45 23.87 -14.84
N ILE Q 178 -0.94 23.74 -13.60
CA ILE Q 178 0.39 24.23 -13.27
C ILE Q 178 1.45 23.37 -13.96
N THR Q 179 1.19 22.05 -14.06
CA THR Q 179 2.18 21.13 -14.62
C THR Q 179 2.50 21.48 -16.07
N MET Q 180 1.46 21.79 -16.85
CA MET Q 180 1.61 22.00 -18.28
C MET Q 180 1.98 23.44 -18.63
N GLY Q 181 2.22 24.29 -17.62
CA GLY Q 181 2.58 25.67 -17.83
C GLY Q 181 4.09 25.89 -17.86
N ILE Q 182 4.84 24.90 -17.35
CA ILE Q 182 6.29 24.95 -17.24
C ILE Q 182 6.88 24.97 -18.67
N PRO Q 183 8.00 25.69 -18.92
CA PRO Q 183 8.60 25.72 -20.27
C PRO Q 183 9.21 24.39 -20.69
N VAL Q 184 9.47 24.27 -21.99
CA VAL Q 184 10.05 23.13 -22.71
C VAL Q 184 9.62 21.73 -22.23
N ILE Q 185 10.01 21.36 -21.01
CA ILE Q 185 9.63 20.08 -20.43
C ILE Q 185 8.41 20.32 -19.55
N GLY Q 186 7.24 20.44 -20.17
CA GLY Q 186 6.02 20.76 -19.45
C GLY Q 186 4.89 19.80 -19.78
N THR Q 187 4.63 19.66 -21.09
CA THR Q 187 3.58 18.78 -21.58
C THR Q 187 4.03 17.32 -21.50
N TRP Q 188 5.34 17.08 -21.64
CA TRP Q 188 5.93 15.75 -21.52
C TRP Q 188 5.76 15.21 -20.10
N MET Q 189 6.01 16.07 -19.11
CA MET Q 189 5.92 15.72 -17.71
C MET Q 189 4.46 15.46 -17.32
N HIS Q 190 3.53 16.26 -17.88
CA HIS Q 190 2.11 16.11 -17.64
C HIS Q 190 1.63 14.75 -18.12
N TRP Q 191 2.03 14.39 -19.35
CA TRP Q 191 1.60 13.13 -19.95
C TRP Q 191 2.30 11.94 -19.32
N ALA Q 192 3.48 12.16 -18.71
CA ALA Q 192 4.14 11.10 -17.95
C ALA Q 192 3.42 10.82 -16.64
N LEU Q 193 2.95 11.89 -15.95
CA LEU Q 193 2.27 11.72 -14.67
C LEU Q 193 0.87 11.14 -14.87
N PHE Q 194 0.11 11.69 -15.83
CA PHE Q 194 -1.29 11.31 -15.98
C PHE Q 194 -1.48 10.16 -16.97
N GLY Q 195 -0.44 9.81 -17.72
CA GLY Q 195 -0.53 8.76 -18.74
C GLY Q 195 -1.44 9.15 -19.90
N GLY Q 196 -1.51 10.46 -20.20
CA GLY Q 196 -2.36 10.99 -21.24
C GLY Q 196 -2.92 12.34 -20.82
N ASP Q 197 -4.15 12.63 -21.26
CA ASP Q 197 -4.83 13.86 -20.89
C ASP Q 197 -5.23 13.82 -19.42
N PHE Q 198 -5.82 14.92 -18.93
CA PHE Q 198 -6.03 15.14 -17.52
C PHE Q 198 -6.83 14.01 -16.85
N PRO Q 199 -8.10 13.71 -17.24
CA PRO Q 199 -8.92 12.79 -16.46
C PRO Q 199 -8.27 11.41 -16.33
N GLY Q 200 -7.93 10.81 -17.49
CA GLY Q 200 -7.17 9.57 -17.54
C GLY Q 200 -7.93 8.41 -16.91
N GLU Q 201 -7.17 7.39 -16.48
CA GLU Q 201 -7.77 6.19 -15.92
C GLU Q 201 -6.89 5.59 -14.82
N ILE Q 202 -5.72 6.20 -14.55
CA ILE Q 202 -4.72 5.56 -13.72
C ILE Q 202 -4.23 6.51 -12.62
N LEU Q 203 -4.92 7.64 -12.47
CA LEU Q 203 -4.49 8.65 -11.50
C LEU Q 203 -4.81 8.23 -10.07
N ILE Q 204 -6.04 7.78 -9.81
CA ILE Q 204 -6.46 7.42 -8.47
C ILE Q 204 -5.68 6.20 -7.95
N PRO Q 205 -5.54 5.08 -8.71
CA PRO Q 205 -4.69 3.98 -8.25
C PRO Q 205 -3.25 4.37 -7.95
N ARG Q 206 -2.66 5.24 -8.79
CA ARG Q 206 -1.30 5.69 -8.61
C ARG Q 206 -1.17 6.50 -7.32
N LEU Q 207 -2.13 7.42 -7.11
CA LEU Q 207 -2.13 8.23 -5.90
C LEU Q 207 -2.35 7.38 -4.66
N TYR Q 208 -3.18 6.33 -4.77
CA TYR Q 208 -3.46 5.43 -3.65
C TYR Q 208 -2.18 4.70 -3.26
N ALA Q 209 -1.47 4.14 -4.25
CA ALA Q 209 -0.23 3.43 -4.01
C ALA Q 209 0.83 4.37 -3.44
N LEU Q 210 0.83 5.62 -3.89
CA LEU Q 210 1.80 6.60 -3.44
C LEU Q 210 1.49 7.05 -2.01
N HIS Q 211 0.21 7.03 -1.63
CA HIS Q 211 -0.25 7.55 -0.35
C HIS Q 211 -0.14 6.52 0.76
N ILE Q 212 -0.31 5.22 0.45
CA ILE Q 212 -0.37 4.22 1.51
C ILE Q 212 0.97 3.52 1.71
N LEU Q 213 1.87 3.58 0.71
CA LEU Q 213 3.08 2.76 0.75
C LEU Q 213 4.36 3.58 0.76
N LEU Q 214 4.56 4.45 -0.24
CA LEU Q 214 5.89 5.02 -0.51
C LEU Q 214 6.21 6.18 0.45
N ILE Q 215 5.36 7.22 0.43
CA ILE Q 215 5.61 8.41 1.22
C ILE Q 215 5.60 8.08 2.71
N PRO Q 216 4.65 7.28 3.25
CA PRO Q 216 4.74 6.85 4.64
C PRO Q 216 6.01 6.09 5.00
N GLY Q 217 6.53 5.28 4.06
CA GLY Q 217 7.77 4.56 4.26
C GLY Q 217 8.97 5.51 4.41
N ILE Q 218 9.04 6.48 3.51
CA ILE Q 218 10.11 7.47 3.55
C ILE Q 218 10.01 8.29 4.83
N ILE Q 219 8.77 8.66 5.21
CA ILE Q 219 8.53 9.44 6.41
C ILE Q 219 8.99 8.66 7.64
N LEU Q 220 8.68 7.36 7.68
CA LEU Q 220 9.03 6.52 8.82
C LEU Q 220 10.55 6.42 8.96
N ALA Q 221 11.25 6.19 7.83
CA ALA Q 221 12.70 6.07 7.86
C ALA Q 221 13.34 7.37 8.33
N LEU Q 222 12.84 8.49 7.80
CA LEU Q 222 13.43 9.80 8.10
C LEU Q 222 13.15 10.20 9.54
N ILE Q 223 11.97 9.82 10.07
CA ILE Q 223 11.63 10.06 11.46
C ILE Q 223 12.55 9.25 12.37
N GLY Q 224 12.81 7.99 11.99
CA GLY Q 224 13.75 7.14 12.72
C GLY Q 224 15.14 7.78 12.81
N ALA Q 225 15.62 8.30 11.68
CA ALA Q 225 16.90 8.99 11.63
C ALA Q 225 16.90 10.22 12.54
N HIS Q 226 15.82 11.00 12.48
CA HIS Q 226 15.64 12.19 13.32
C HIS Q 226 15.78 11.81 14.79
N LEU Q 227 15.04 10.78 15.23
CA LEU Q 227 15.01 10.41 16.63
C LEU Q 227 16.35 9.83 17.08
N ALA Q 228 17.01 9.07 16.20
CA ALA Q 228 18.32 8.51 16.52
C ALA Q 228 19.34 9.62 16.73
N LEU Q 229 19.31 10.65 15.86
CA LEU Q 229 20.23 11.77 15.99
C LEU Q 229 19.97 12.53 17.28
N VAL Q 230 18.69 12.72 17.63
CA VAL Q 230 18.34 13.42 18.85
C VAL Q 230 18.85 12.63 20.07
N TRP Q 231 18.65 11.31 20.04
CA TRP Q 231 19.02 10.46 21.16
C TRP Q 231 20.53 10.45 21.37
N PHE Q 232 21.30 10.27 20.30
CA PHE Q 232 22.73 10.00 20.45
C PHE Q 232 23.59 11.26 20.43
N GLN Q 233 22.97 12.43 20.29
CA GLN Q 233 23.70 13.69 20.33
C GLN Q 233 23.44 14.47 21.62
N LYS Q 234 22.41 14.03 22.37
CA LYS Q 234 21.84 14.61 23.57
C LYS Q 234 20.92 15.80 23.27
N HIS Q 235 20.19 16.27 24.29
CA HIS Q 235 19.24 17.36 24.13
C HIS Q 235 19.89 18.66 24.61
N THR Q 236 19.47 19.80 24.05
CA THR Q 236 19.91 21.10 24.52
C THR Q 236 19.17 21.51 25.78
N GLN Q 237 19.63 22.60 26.41
CA GLN Q 237 18.99 23.11 27.61
C GLN Q 237 19.10 24.62 27.65
N PHE Q 238 18.17 25.25 28.38
CA PHE Q 238 18.18 26.67 28.61
C PHE Q 238 19.19 27.02 29.70
N PRO Q 239 19.92 28.16 29.60
CA PRO Q 239 20.78 28.61 30.70
C PRO Q 239 20.01 28.77 32.01
N GLY Q 240 20.64 28.35 33.10
CA GLY Q 240 20.04 28.42 34.42
C GLY Q 240 21.04 28.06 35.51
N PRO Q 241 20.60 28.00 36.79
CA PRO Q 241 21.49 27.63 37.90
C PRO Q 241 21.92 26.17 37.82
N GLY Q 242 23.23 25.96 37.68
CA GLY Q 242 23.83 24.64 37.65
C GLY Q 242 23.96 24.05 36.25
N ARG Q 243 23.66 24.85 35.22
CA ARG Q 243 23.73 24.39 33.83
C ARG Q 243 24.98 24.95 33.17
N THR Q 244 25.74 24.07 32.51
CA THR Q 244 26.93 24.43 31.78
C THR Q 244 26.83 23.90 30.36
N GLU Q 245 27.88 24.17 29.57
CA GLU Q 245 27.98 23.75 28.18
C GLU Q 245 28.35 22.27 28.05
N THR Q 246 28.68 21.60 29.17
CA THR Q 246 29.19 20.24 29.11
C THR Q 246 28.45 19.31 30.06
N ASN Q 247 27.20 19.62 30.39
CA ASN Q 247 26.39 18.75 31.22
C ASN Q 247 24.91 18.91 30.85
N VAL Q 248 24.10 17.99 31.38
CA VAL Q 248 22.66 18.00 31.21
C VAL Q 248 22.03 17.89 32.60
N VAL Q 249 21.01 18.71 32.85
CA VAL Q 249 20.31 18.73 34.13
C VAL Q 249 18.84 18.42 33.86
N GLY Q 250 18.29 17.43 34.56
CA GLY Q 250 16.92 17.01 34.37
C GLY Q 250 16.56 15.80 35.23
N VAL Q 251 15.87 14.83 34.61
CA VAL Q 251 15.48 13.60 35.30
C VAL Q 251 15.84 12.42 34.43
N ARG Q 252 16.02 11.26 35.07
CA ARG Q 252 16.33 10.02 34.38
C ARG Q 252 15.09 9.46 33.70
N VAL Q 253 15.31 8.58 32.72
CA VAL Q 253 14.23 7.96 31.96
C VAL Q 253 13.34 7.12 32.89
N MET Q 254 13.97 6.32 33.76
CA MET Q 254 13.23 5.47 34.66
C MET Q 254 13.23 6.06 36.06
N PRO Q 255 12.06 6.27 36.70
CA PRO Q 255 10.74 6.07 36.07
C PRO Q 255 9.92 7.30 35.74
N VAL Q 256 10.54 8.49 35.82
CA VAL Q 256 9.81 9.76 35.75
C VAL Q 256 9.43 10.09 34.31
N PHE Q 257 10.41 10.02 33.41
CA PHE Q 257 10.22 10.46 32.03
C PHE Q 257 9.22 9.58 31.29
N ALA Q 258 9.29 8.26 31.51
CA ALA Q 258 8.45 7.29 30.80
C ALA Q 258 6.98 7.48 31.15
N VAL Q 259 6.68 7.70 32.43
CA VAL Q 259 5.31 7.87 32.88
C VAL Q 259 4.71 9.15 32.26
N LYS Q 260 5.51 10.22 32.25
CA LYS Q 260 5.06 11.48 31.66
C LYS Q 260 4.78 11.31 30.17
N SER Q 261 5.67 10.61 29.47
CA SER Q 261 5.51 10.38 28.04
C SER Q 261 4.23 9.61 27.75
N GLY Q 262 4.00 8.54 28.53
CA GLY Q 262 2.83 7.70 28.38
C GLY Q 262 1.53 8.47 28.63
N ALA Q 263 1.54 9.29 29.69
CA ALA Q 263 0.37 10.08 30.05
C ALA Q 263 0.07 11.11 28.96
N PHE Q 264 1.11 11.73 28.40
CA PHE Q 264 0.93 12.72 27.36
C PHE Q 264 0.35 12.07 26.10
N PHE Q 265 0.85 10.88 25.76
CA PHE Q 265 0.33 10.14 24.62
C PHE Q 265 -1.15 9.81 24.82
N ALA Q 266 -1.50 9.36 26.04
CA ALA Q 266 -2.88 9.04 26.38
C ALA Q 266 -3.79 10.25 26.21
N MET Q 267 -3.33 11.41 26.68
CA MET Q 267 -4.15 12.61 26.64
C MET Q 267 -4.31 13.14 25.21
N ILE Q 268 -3.25 13.02 24.40
CA ILE Q 268 -3.33 13.41 23.00
C ILE Q 268 -4.34 12.53 22.27
N THR Q 269 -4.29 11.22 22.54
CA THR Q 269 -5.25 10.29 21.95
C THR Q 269 -6.66 10.64 22.38
N GLY Q 270 -6.84 10.97 23.67
CA GLY Q 270 -8.13 11.37 24.21
C GLY Q 270 -8.72 12.59 23.50
N VAL Q 271 -7.88 13.61 23.30
CA VAL Q 271 -8.29 14.85 22.66
C VAL Q 271 -8.71 14.55 21.21
N LEU Q 272 -7.87 13.79 20.50
CA LEU Q 272 -8.13 13.49 19.10
C LEU Q 272 -9.42 12.69 18.93
N GLY Q 273 -9.64 11.72 19.83
CA GLY Q 273 -10.84 10.89 19.79
C GLY Q 273 -12.10 11.68 20.17
N LEU Q 274 -11.95 12.65 21.09
CA LEU Q 274 -13.07 13.43 21.57
C LEU Q 274 -13.52 14.41 20.49
N MET Q 275 -12.57 15.04 19.79
CA MET Q 275 -12.93 16.03 18.78
C MET Q 275 -13.25 15.38 17.43
N GLY Q 276 -12.87 14.12 17.26
CA GLY Q 276 -13.17 13.35 16.05
C GLY Q 276 -14.59 12.80 16.02
N GLY Q 277 -15.31 12.91 17.13
CA GLY Q 277 -16.68 12.45 17.21
C GLY Q 277 -17.61 13.52 17.79
N LEU Q 278 -17.23 14.80 17.66
CA LEU Q 278 -18.08 15.91 18.11
C LEU Q 278 -18.15 17.03 17.07
N LEU Q 279 -17.25 17.02 16.08
CA LEU Q 279 -17.26 18.00 15.00
C LEU Q 279 -17.22 17.26 13.66
N THR Q 280 -17.94 17.81 12.68
CA THR Q 280 -17.98 17.23 11.34
C THR Q 280 -16.82 17.74 10.50
N ILE Q 281 -16.15 16.80 9.81
CA ILE Q 281 -15.10 17.15 8.87
C ILE Q 281 -15.31 16.34 7.59
N ASN Q 282 -15.23 17.05 6.46
CA ASN Q 282 -15.31 16.48 5.12
C ASN Q 282 -16.55 15.61 4.91
N PRO Q 283 -17.78 16.19 4.96
CA PRO Q 283 -18.98 15.42 4.61
C PRO Q 283 -19.13 15.24 3.10
N ILE Q 284 -18.54 14.19 2.55
CA ILE Q 284 -18.36 14.02 1.12
C ILE Q 284 -19.68 13.79 0.39
N TRP Q 285 -20.74 13.40 1.13
CA TRP Q 285 -22.02 13.13 0.48
C TRP Q 285 -22.76 14.42 0.10
N ASN Q 286 -22.42 15.53 0.75
CA ASN Q 286 -22.99 16.82 0.43
C ASN Q 286 -22.44 17.39 -0.87
N LEU Q 287 -21.29 16.85 -1.33
CA LEU Q 287 -20.52 17.44 -2.41
C LEU Q 287 -20.90 16.83 -3.77
N GLY Q 288 -21.00 15.50 -3.81
CA GLY Q 288 -21.32 14.83 -5.06
C GLY Q 288 -20.07 14.42 -5.82
N PRO Q 289 -20.20 13.52 -6.81
CA PRO Q 289 -19.05 13.06 -7.58
C PRO Q 289 -18.50 14.18 -8.46
N TYR Q 290 -17.24 14.02 -8.86
CA TYR Q 290 -16.57 15.01 -9.69
C TYR Q 290 -17.15 15.02 -11.10
N LYS Q 291 -17.51 16.21 -11.56
CA LYS Q 291 -17.93 16.44 -12.93
C LYS Q 291 -17.12 17.60 -13.51
N PRO Q 292 -16.57 17.47 -14.73
CA PRO Q 292 -15.84 18.57 -15.37
C PRO Q 292 -16.65 19.86 -15.56
N SER Q 293 -17.98 19.73 -15.65
CA SER Q 293 -18.86 20.84 -15.97
C SER Q 293 -19.57 21.41 -14.73
N GLN Q 294 -19.09 21.07 -13.53
CA GLN Q 294 -19.73 21.52 -12.30
C GLN Q 294 -18.69 22.11 -11.35
N VAL Q 295 -19.11 23.09 -10.55
CA VAL Q 295 -18.23 23.77 -9.62
C VAL Q 295 -19.06 24.37 -8.49
N SER Q 296 -18.39 24.69 -7.37
CA SER Q 296 -19.00 25.38 -6.26
C SER Q 296 -18.24 26.68 -5.97
N ALA Q 297 -18.55 27.31 -4.84
CA ALA Q 297 -18.08 28.65 -4.51
C ALA Q 297 -16.77 28.64 -3.73
N GLY Q 298 -16.63 27.67 -2.80
CA GLY Q 298 -15.51 27.60 -1.88
C GLY Q 298 -14.17 27.36 -2.57
N SER Q 299 -13.96 26.11 -3.02
CA SER Q 299 -12.77 25.69 -3.76
C SER Q 299 -11.49 26.02 -2.98
N GLN Q 300 -11.37 25.44 -1.79
CA GLN Q 300 -10.24 25.72 -0.92
C GLN Q 300 -9.59 24.42 -0.47
N PRO Q 301 -8.24 24.36 -0.42
CA PRO Q 301 -7.56 23.17 0.11
C PRO Q 301 -7.44 23.17 1.63
N ASP Q 302 -6.79 22.15 2.18
CA ASP Q 302 -6.49 22.07 3.60
C ASP Q 302 -5.53 23.18 4.01
N PHE Q 303 -5.53 23.50 5.31
CA PHE Q 303 -4.88 24.71 5.81
C PHE Q 303 -3.37 24.71 5.52
N TYR Q 304 -2.77 23.52 5.43
CA TYR Q 304 -1.34 23.41 5.17
C TYR Q 304 -1.01 23.63 3.69
N MET Q 305 -2.02 23.94 2.86
CA MET Q 305 -1.81 24.14 1.43
C MET Q 305 -2.29 25.52 0.97
N MET Q 306 -2.82 26.35 1.87
CA MET Q 306 -3.53 27.55 1.43
C MET Q 306 -2.59 28.67 1.01
N TRP Q 307 -1.34 28.67 1.49
CA TRP Q 307 -0.42 29.72 1.11
C TRP Q 307 -0.01 29.61 -0.37
N THR Q 308 0.13 28.37 -0.84
CA THR Q 308 0.45 28.11 -2.23
C THR Q 308 -0.69 28.57 -3.13
N ASP Q 309 -1.94 28.46 -2.65
CA ASP Q 309 -3.10 28.86 -3.43
C ASP Q 309 -3.27 30.39 -3.39
N GLY Q 310 -2.97 30.99 -2.23
CA GLY Q 310 -3.01 32.45 -2.08
C GLY Q 310 -1.96 33.15 -2.93
N LEU Q 311 -0.80 32.51 -3.12
CA LEU Q 311 0.23 33.05 -3.99
C LEU Q 311 -0.23 33.08 -5.45
N ILE Q 312 -0.98 32.06 -5.88
CA ILE Q 312 -1.59 32.07 -7.21
C ILE Q 312 -2.66 33.15 -7.28
N ARG Q 313 -3.44 33.29 -6.20
CA ARG Q 313 -4.57 34.19 -6.15
C ARG Q 313 -4.15 35.66 -6.18
N LEU Q 314 -2.92 35.97 -5.74
CA LEU Q 314 -2.50 37.36 -5.57
C LEU Q 314 -1.57 37.85 -6.67
N TRP Q 315 -0.77 36.95 -7.25
CA TRP Q 315 0.27 37.36 -8.19
C TRP Q 315 -0.36 37.90 -9.48
N PRO Q 316 0.18 39.00 -10.04
CA PRO Q 316 -0.39 39.59 -11.26
C PRO Q 316 -0.27 38.70 -12.49
N ALA Q 317 -1.05 39.05 -13.52
CA ALA Q 317 -1.12 38.30 -14.76
C ALA Q 317 -0.01 38.76 -15.70
N TRP Q 318 1.20 38.26 -15.43
CA TRP Q 318 2.36 38.59 -16.24
C TRP Q 318 2.77 37.36 -17.04
N GLU Q 319 2.74 37.49 -18.37
CA GLU Q 319 3.06 36.42 -19.28
C GLU Q 319 4.07 36.89 -20.32
N PHE Q 320 4.65 35.92 -21.05
CA PHE Q 320 5.60 36.22 -22.12
C PHE Q 320 5.30 35.33 -23.31
N TYR Q 321 5.54 35.85 -24.52
CA TYR Q 321 5.24 35.15 -25.75
C TYR Q 321 6.43 35.20 -26.70
N PRO Q 322 7.55 34.51 -26.40
CA PRO Q 322 8.71 34.54 -27.28
C PRO Q 322 8.69 33.51 -28.41
N PHE Q 323 8.75 34.01 -29.65
CA PHE Q 323 8.92 33.19 -30.85
C PHE Q 323 7.84 32.11 -30.93
N GLY Q 324 6.58 32.53 -30.80
CA GLY Q 324 5.42 31.66 -30.97
C GLY Q 324 5.34 30.58 -29.87
N HIS Q 325 5.69 30.97 -28.64
CA HIS Q 325 5.51 30.12 -27.48
C HIS Q 325 4.76 30.90 -26.40
N THR Q 326 4.55 30.27 -25.24
CA THR Q 326 3.81 30.90 -24.16
C THR Q 326 4.47 30.56 -22.83
N ILE Q 327 4.65 31.59 -22.00
CA ILE Q 327 5.08 31.44 -20.61
C ILE Q 327 3.97 31.98 -19.74
N PRO Q 328 3.09 31.10 -19.19
CA PRO Q 328 1.91 31.56 -18.45
C PRO Q 328 2.25 32.17 -17.09
N GLN Q 329 1.21 32.63 -16.39
CA GLN Q 329 1.33 33.20 -15.06
C GLN Q 329 1.78 32.14 -14.06
N GLY Q 330 1.24 30.92 -14.21
CA GLY Q 330 1.46 29.82 -13.28
C GLY Q 330 2.92 29.42 -13.11
N VAL Q 331 3.79 29.91 -14.02
CA VAL Q 331 5.22 29.66 -13.91
C VAL Q 331 5.76 30.34 -12.66
N TRP Q 332 5.36 31.60 -12.43
CA TRP Q 332 5.86 32.40 -11.32
C TRP Q 332 5.76 31.63 -10.01
N VAL Q 333 4.58 31.05 -9.77
CA VAL Q 333 4.31 30.34 -8.52
C VAL Q 333 5.26 29.16 -8.38
N ALA Q 334 5.44 28.42 -9.48
CA ALA Q 334 6.30 27.24 -9.47
C ALA Q 334 7.73 27.63 -9.09
N VAL Q 335 8.19 28.81 -9.54
CA VAL Q 335 9.50 29.30 -9.14
C VAL Q 335 9.43 29.76 -7.68
N GLY Q 336 8.37 30.50 -7.35
CA GLY Q 336 8.23 31.11 -6.03
C GLY Q 336 8.16 30.07 -4.92
N MET Q 337 7.56 28.91 -5.23
CA MET Q 337 7.46 27.83 -4.28
C MET Q 337 8.81 27.14 -4.11
N GLY Q 338 9.62 27.12 -5.17
CA GLY Q 338 10.94 26.48 -5.13
C GLY Q 338 11.95 27.24 -4.29
N LEU Q 339 11.79 28.58 -4.25
CA LEU Q 339 12.71 29.42 -3.50
C LEU Q 339 12.49 29.23 -2.00
N VAL Q 340 11.23 29.32 -1.57
CA VAL Q 340 10.86 29.17 -0.14
C VAL Q 340 11.46 27.86 0.40
N PHE Q 341 11.33 26.78 -0.37
CA PHE Q 341 11.87 25.44 0.05
C PHE Q 341 13.41 25.49 0.02
N ALA Q 342 13.98 26.27 -0.89
CA ALA Q 342 15.45 26.38 -1.02
C ALA Q 342 15.97 27.41 -0.01
N LEU Q 343 15.08 28.21 0.57
CA LEU Q 343 15.47 29.25 1.57
C LEU Q 343 15.11 28.77 2.97
N LEU Q 344 14.66 27.51 3.09
CA LEU Q 344 14.27 26.94 4.41
C LEU Q 344 15.16 25.73 4.73
N ILE Q 345 15.61 25.03 3.68
CA ILE Q 345 16.49 23.83 3.86
C ILE Q 345 17.86 24.29 4.35
N ALA Q 346 18.41 25.33 3.72
CA ALA Q 346 19.72 25.86 4.10
C ALA Q 346 19.61 27.28 4.64
N TYR Q 347 19.09 27.40 5.87
CA TYR Q 347 19.20 28.64 6.64
C TYR Q 347 20.45 28.63 7.52
N PRO Q 348 20.79 27.53 8.25
CA PRO Q 348 21.94 27.54 9.15
C PRO Q 348 23.24 27.97 8.48
N PHE Q 349 23.44 27.54 7.23
CA PHE Q 349 24.66 27.87 6.50
C PHE Q 349 24.66 29.36 6.12
N ILE Q 350 23.49 29.90 5.79
CA ILE Q 350 23.35 31.32 5.46
C ILE Q 350 23.75 32.15 6.68
N GLU Q 351 23.21 31.79 7.85
CA GLU Q 351 23.48 32.55 9.06
C GLU Q 351 24.93 32.36 9.51
N LYS Q 352 25.48 31.17 9.29
CA LYS Q 352 26.88 30.88 9.62
C LYS Q 352 27.80 31.75 8.77
N LYS Q 353 27.45 31.95 7.50
CA LYS Q 353 28.23 32.79 6.60
C LYS Q 353 28.09 34.26 7.01
N VAL Q 354 26.90 34.67 7.43
CA VAL Q 354 26.62 36.06 7.72
C VAL Q 354 27.31 36.50 9.01
N THR Q 355 27.01 35.80 10.11
CA THR Q 355 27.48 36.22 11.43
C THR Q 355 28.90 35.75 11.67
N GLY Q 356 29.37 34.76 10.88
CA GLY Q 356 30.72 34.22 11.03
C GLY Q 356 30.90 33.39 12.31
N ASP Q 357 29.80 32.88 12.87
CA ASP Q 357 29.86 32.06 14.06
C ASP Q 357 29.90 30.58 13.67
N ASP Q 358 30.96 29.89 14.12
CA ASP Q 358 31.19 28.51 13.74
C ASP Q 358 31.67 27.70 14.94
N ALA Q 359 31.06 27.96 16.10
CA ALA Q 359 31.45 27.33 17.35
C ALA Q 359 30.42 26.27 17.75
N HIS Q 360 30.87 25.32 18.58
CA HIS Q 360 30.02 24.31 19.17
C HIS Q 360 29.08 24.97 20.17
N HIS Q 361 27.77 24.67 20.07
CA HIS Q 361 26.76 25.28 20.93
C HIS Q 361 25.86 24.21 21.52
N ASN Q 362 25.67 24.28 22.85
CA ASN Q 362 24.78 23.37 23.57
C ASN Q 362 23.71 24.13 24.35
N LEU Q 363 23.95 25.42 24.64
CA LEU Q 363 23.01 26.21 25.42
C LEU Q 363 22.15 27.06 24.49
N LEU Q 364 20.85 27.09 24.80
CA LEU Q 364 19.88 27.77 23.94
C LEU Q 364 19.97 29.28 24.13
N GLN Q 365 19.22 30.00 23.30
CA GLN Q 365 19.13 31.45 23.39
C GLN Q 365 17.67 31.84 23.60
N ARG Q 366 17.47 32.89 24.39
CA ARG Q 366 16.11 33.45 24.61
C ARG Q 366 15.79 34.37 23.42
N PRO Q 367 14.62 34.23 22.76
CA PRO Q 367 14.28 35.04 21.58
C PRO Q 367 14.56 36.55 21.69
N ARG Q 368 14.58 37.09 22.91
CA ARG Q 368 14.81 38.50 23.14
C ARG Q 368 16.30 38.86 23.00
N ASP Q 369 17.18 37.88 23.09
CA ASP Q 369 18.62 38.13 23.04
C ASP Q 369 19.16 38.15 21.61
N VAL Q 370 18.36 37.67 20.65
CA VAL Q 370 18.74 37.70 19.25
C VAL Q 370 17.71 38.50 18.47
N PRO Q 371 17.86 39.84 18.37
CA PRO Q 371 16.83 40.68 17.76
C PRO Q 371 16.62 40.50 16.25
N VAL Q 372 17.72 40.32 15.51
CA VAL Q 372 17.64 40.27 14.06
C VAL Q 372 16.95 38.98 13.60
N ARG Q 373 17.34 37.85 14.20
CA ARG Q 373 16.74 36.56 13.87
C ARG Q 373 15.27 36.56 14.25
N THR Q 374 14.94 37.13 15.40
CA THR Q 374 13.56 37.20 15.88
C THR Q 374 12.72 38.02 14.91
N ALA Q 375 13.26 39.16 14.46
CA ALA Q 375 12.55 40.01 13.51
C ALA Q 375 12.32 39.29 12.18
N ILE Q 376 13.33 38.55 11.71
CA ILE Q 376 13.23 37.82 10.45
C ILE Q 376 12.14 36.75 10.56
N GLY Q 377 12.14 36.01 11.68
CA GLY Q 377 11.12 35.00 11.94
C GLY Q 377 9.72 35.58 11.99
N SER Q 378 9.58 36.72 12.65
CA SER Q 378 8.30 37.41 12.78
C SER Q 378 7.79 37.84 11.41
N MET Q 379 8.68 38.38 10.57
CA MET Q 379 8.25 38.84 9.26
C MET Q 379 7.87 37.66 8.36
N ALA Q 380 8.58 36.53 8.49
CA ALA Q 380 8.22 35.32 7.75
C ALA Q 380 6.86 34.80 8.17
N ILE Q 381 6.58 34.82 9.48
CA ILE Q 381 5.30 34.35 10.00
C ILE Q 381 4.18 35.27 9.52
N ALA Q 382 4.45 36.57 9.47
CA ALA Q 382 3.47 37.55 8.99
C ALA Q 382 3.13 37.28 7.52
N LEU Q 383 4.15 37.02 6.70
CA LEU Q 383 3.93 36.73 5.29
C LEU Q 383 3.12 35.44 5.13
N TYR Q 384 3.43 34.42 5.94
CA TYR Q 384 2.70 33.17 5.89
C TYR Q 384 1.23 33.37 6.24
N LEU Q 385 0.97 34.13 7.30
CA LEU Q 385 -0.40 34.37 7.75
C LEU Q 385 -1.19 35.13 6.69
N LEU Q 386 -0.54 36.14 6.07
CA LEU Q 386 -1.23 36.91 5.05
C LEU Q 386 -1.55 36.06 3.83
N LEU Q 387 -0.61 35.20 3.41
CA LEU Q 387 -0.86 34.32 2.27
C LEU Q 387 -1.96 33.30 2.59
N THR Q 388 -2.03 32.87 3.85
CA THR Q 388 -3.04 31.90 4.28
C THR Q 388 -4.42 32.54 4.28
N PHE Q 389 -4.53 33.77 4.78
CA PHE Q 389 -5.81 34.46 4.87
C PHE Q 389 -6.28 35.01 3.52
N ALA Q 390 -5.37 35.10 2.54
CA ALA Q 390 -5.74 35.56 1.21
C ALA Q 390 -6.41 34.45 0.39
N CYS Q 391 -6.21 33.19 0.78
CA CYS Q 391 -6.91 32.07 0.15
C CYS Q 391 -8.39 32.04 0.55
N MET Q 392 -8.70 32.51 1.76
CA MET Q 392 -10.06 32.54 2.27
C MET Q 392 -10.77 33.87 2.02
N ASN Q 393 -10.32 34.64 1.00
CA ASN Q 393 -10.85 35.98 0.78
C ASN Q 393 -12.32 35.95 0.34
N ASP Q 394 -12.71 34.89 -0.37
CA ASP Q 394 -14.05 34.82 -0.92
C ASP Q 394 -15.06 34.35 0.13
N ILE Q 395 -14.61 33.95 1.33
CA ILE Q 395 -15.50 33.66 2.44
C ILE Q 395 -15.50 34.84 3.41
N ILE Q 396 -14.34 35.48 3.55
CA ILE Q 396 -14.19 36.69 4.35
C ILE Q 396 -15.07 37.81 3.77
N ALA Q 397 -15.10 37.94 2.44
CA ALA Q 397 -15.91 38.95 1.79
C ALA Q 397 -17.40 38.75 2.05
N LEU Q 398 -17.83 37.48 2.14
CA LEU Q 398 -19.25 37.15 2.30
C LEU Q 398 -19.68 37.33 3.76
N LYS Q 399 -18.88 36.79 4.69
CA LYS Q 399 -19.20 36.84 6.10
C LYS Q 399 -19.00 38.24 6.67
N PHE Q 400 -17.92 38.93 6.26
CA PHE Q 400 -17.50 40.13 6.94
C PHE Q 400 -17.78 41.42 6.16
N HIS Q 401 -18.55 41.35 5.07
CA HIS Q 401 -18.98 42.51 4.31
C HIS Q 401 -17.80 43.35 3.79
N ILE Q 402 -16.97 42.72 2.96
CA ILE Q 402 -15.89 43.41 2.27
C ILE Q 402 -16.01 43.13 0.76
N SER Q 403 -15.56 44.07 -0.07
CA SER Q 403 -15.55 43.88 -1.50
C SER Q 403 -14.56 42.76 -1.88
N LEU Q 404 -14.95 41.93 -2.85
CA LEU Q 404 -14.08 40.86 -3.32
C LEU Q 404 -12.91 41.44 -4.12
N ASN Q 405 -13.14 42.56 -4.80
CA ASN Q 405 -12.08 43.27 -5.52
C ASN Q 405 -11.09 43.89 -4.53
N ALA Q 406 -11.57 44.31 -3.35
CA ALA Q 406 -10.73 44.99 -2.38
C ALA Q 406 -9.75 44.03 -1.71
N THR Q 407 -10.16 42.77 -1.52
CA THR Q 407 -9.36 41.81 -0.78
C THR Q 407 -8.06 41.49 -1.53
N THR Q 408 -8.15 41.39 -2.86
CA THR Q 408 -7.00 41.05 -3.67
C THR Q 408 -5.97 42.17 -3.61
N TRP Q 409 -6.42 43.42 -3.69
CA TRP Q 409 -5.53 44.56 -3.61
C TRP Q 409 -4.93 44.72 -2.20
N ILE Q 410 -5.74 44.42 -1.18
CA ILE Q 410 -5.28 44.45 0.20
C ILE Q 410 -4.12 43.46 0.34
N GLY Q 411 -4.31 42.23 -0.14
CA GLY Q 411 -3.28 41.21 -0.09
C GLY Q 411 -2.04 41.60 -0.89
N ARG Q 412 -2.24 42.17 -2.08
CA ARG Q 412 -1.14 42.53 -2.97
C ARG Q 412 -0.24 43.59 -2.32
N ILE Q 413 -0.86 44.60 -1.70
CA ILE Q 413 -0.09 45.65 -1.05
C ILE Q 413 0.52 45.13 0.25
N GLY Q 414 -0.26 44.30 0.98
CA GLY Q 414 0.16 43.71 2.24
C GLY Q 414 1.42 42.84 2.13
N MET Q 415 1.54 42.09 1.03
CA MET Q 415 2.63 41.14 0.87
C MET Q 415 3.98 41.82 0.66
N VAL Q 416 4.00 43.15 0.72
CA VAL Q 416 5.23 43.91 0.59
C VAL Q 416 5.30 44.94 1.72
N VAL Q 417 4.14 45.24 2.33
CA VAL Q 417 4.06 46.27 3.35
C VAL Q 417 4.14 45.68 4.77
N LEU Q 418 3.34 44.66 5.04
CA LEU Q 418 3.17 44.13 6.39
C LEU Q 418 4.48 43.56 6.96
N PRO Q 419 5.27 42.74 6.23
CA PRO Q 419 6.56 42.27 6.76
C PRO Q 419 7.52 43.38 7.19
N ALA Q 420 7.54 44.50 6.46
CA ALA Q 420 8.40 45.62 6.81
C ALA Q 420 8.01 46.22 8.17
N ILE Q 421 6.71 46.34 8.43
CA ILE Q 421 6.23 46.83 9.72
C ILE Q 421 6.60 45.84 10.81
N VAL Q 422 6.39 44.55 10.53
CA VAL Q 422 6.56 43.51 11.53
C VAL Q 422 8.02 43.42 11.96
N TYR Q 423 8.94 43.53 10.99
CA TYR Q 423 10.37 43.48 11.28
C TYR Q 423 10.74 44.57 12.28
N PHE Q 424 10.34 45.81 11.98
CA PHE Q 424 10.69 46.96 12.80
C PHE Q 424 10.13 46.81 14.22
N VAL Q 425 8.85 46.43 14.31
CA VAL Q 425 8.18 46.29 15.59
C VAL Q 425 8.84 45.19 16.42
N ALA Q 426 9.15 44.06 15.79
CA ALA Q 426 9.76 42.93 16.48
C ALA Q 426 11.14 43.29 17.03
N TYR Q 427 11.94 44.00 16.21
CA TYR Q 427 13.27 44.43 16.62
C TYR Q 427 13.19 45.30 17.87
N ARG Q 428 12.33 46.33 17.82
CA ARG Q 428 12.19 47.27 18.91
C ARG Q 428 11.67 46.56 20.16
N TRP Q 429 10.71 45.65 19.99
CA TRP Q 429 10.10 44.94 21.10
C TRP Q 429 11.13 44.07 21.83
N ALA Q 430 11.99 43.38 21.05
CA ALA Q 430 13.03 42.54 21.63
C ALA Q 430 14.02 43.38 22.43
N ILE Q 431 14.44 44.52 21.88
CA ILE Q 431 15.39 45.38 22.57
C ILE Q 431 14.76 45.94 23.85
N SER Q 432 13.46 46.24 23.80
CA SER Q 432 12.75 46.76 24.95
C SER Q 432 12.64 45.71 26.05
N LEU Q 433 12.42 44.44 25.68
CA LEU Q 433 12.40 43.37 26.66
C LEU Q 433 13.78 43.20 27.32
N GLN Q 434 14.85 43.40 26.52
CA GLN Q 434 16.20 43.38 27.04
C GLN Q 434 16.38 44.48 28.08
N ARG Q 435 15.91 45.69 27.76
CA ARG Q 435 16.02 46.83 28.67
C ARG Q 435 15.18 46.60 29.94
N SER Q 436 14.10 45.83 29.82
CA SER Q 436 13.25 45.50 30.96
C SER Q 436 13.95 44.52 31.89
N ASP Q 437 14.86 43.70 31.34
CA ASP Q 437 15.58 42.68 32.15
C ASP Q 437 16.74 43.31 32.94
N ARG Q 438 17.21 44.49 32.51
CA ARG Q 438 18.32 45.16 33.16
C ARG Q 438 17.85 46.02 34.33
N GLU Q 439 16.56 46.36 34.38
CA GLU Q 439 16.01 47.22 35.43
C GLU Q 439 15.88 46.47 36.75
N VAL Q 440 15.65 45.15 36.68
CA VAL Q 440 15.51 44.34 37.88
C VAL Q 440 16.88 44.03 38.49
N LEU Q 441 17.89 43.83 37.65
CA LEU Q 441 19.23 43.48 38.09
C LEU Q 441 19.92 44.64 38.80
N GLU Q 442 19.37 45.87 38.66
CA GLU Q 442 20.00 47.07 39.18
C GLU Q 442 19.30 47.59 40.44
N HIS Q 443 17.97 47.48 40.48
CA HIS Q 443 17.18 48.06 41.56
C HIS Q 443 16.45 47.00 42.39
N GLY Q 444 16.07 45.89 41.75
CA GLY Q 444 15.30 44.85 42.42
C GLY Q 444 13.87 44.77 41.88
N VAL Q 445 13.12 43.81 42.42
CA VAL Q 445 11.74 43.60 42.05
C VAL Q 445 10.88 44.68 42.72
N GLU Q 446 10.02 45.32 41.93
CA GLU Q 446 9.05 46.26 42.44
C GLU Q 446 7.94 45.51 43.18
N THR Q 447 7.81 45.78 44.49
CA THR Q 447 6.86 45.07 45.33
C THR Q 447 5.43 45.53 45.05
N GLY Q 448 5.28 46.78 44.60
CA GLY Q 448 3.97 47.38 44.41
C GLY Q 448 3.46 48.08 45.67
N ILE Q 449 4.36 48.38 46.61
CA ILE Q 449 4.00 49.01 47.87
C ILE Q 449 4.61 50.42 47.91
N ILE Q 450 3.74 51.40 48.16
CA ILE Q 450 4.14 52.80 48.24
C ILE Q 450 4.09 53.23 49.71
N LYS Q 451 5.08 54.05 50.09
CA LYS Q 451 5.24 54.54 51.44
C LYS Q 451 5.50 56.04 51.37
N ARG Q 452 4.88 56.78 52.29
CA ARG Q 452 5.08 58.21 52.42
C ARG Q 452 6.04 58.49 53.57
N LEU Q 453 7.17 59.12 53.26
CA LEU Q 453 8.19 59.46 54.23
C LEU Q 453 7.72 60.64 55.08
N PRO Q 454 8.34 60.89 56.26
CA PRO Q 454 7.97 62.03 57.11
C PRO Q 454 7.99 63.40 56.45
N HIS Q 455 8.93 63.63 55.53
CA HIS Q 455 9.04 64.93 54.88
C HIS Q 455 8.12 65.05 53.66
N GLY Q 456 7.37 63.98 53.36
CA GLY Q 456 6.34 64.04 52.33
C GLY Q 456 6.70 63.34 51.03
N ALA Q 457 7.83 62.61 50.99
CA ALA Q 457 8.22 61.89 49.79
C ALA Q 457 7.41 60.61 49.64
N TYR Q 458 7.18 60.19 48.39
CA TYR Q 458 6.61 58.88 48.09
C TYR Q 458 7.72 58.00 47.53
N VAL Q 459 7.88 56.81 48.12
CA VAL Q 459 8.85 55.84 47.64
C VAL Q 459 8.16 54.51 47.41
N GLU Q 460 8.79 53.68 46.58
CA GLU Q 460 8.26 52.37 46.25
C GLU Q 460 9.27 51.34 46.74
N LEU Q 461 8.78 50.37 47.53
CA LEU Q 461 9.65 49.39 48.15
C LEU Q 461 10.13 48.37 47.11
N HIS Q 462 11.45 48.13 47.11
CA HIS Q 462 12.08 47.18 46.21
C HIS Q 462 12.60 45.99 47.00
N GLN Q 463 12.62 44.82 46.35
CA GLN Q 463 13.19 43.62 46.95
C GLN Q 463 14.48 43.27 46.20
N PRO Q 464 15.67 43.54 46.79
CA PRO Q 464 16.91 43.18 46.12
C PRO Q 464 17.08 41.67 45.97
N LEU Q 465 17.73 41.28 44.87
CA LEU Q 465 17.98 39.89 44.56
C LEU Q 465 19.39 39.45 44.99
N GLY Q 466 20.09 40.31 45.73
CA GLY Q 466 21.45 39.99 46.16
C GLY Q 466 21.90 40.82 47.35
N PRO Q 467 23.22 40.84 47.63
CA PRO Q 467 23.76 41.67 48.72
C PRO Q 467 23.59 43.16 48.43
N VAL Q 468 23.53 43.94 49.51
CA VAL Q 468 23.41 45.39 49.43
C VAL Q 468 24.67 46.01 50.02
N ASP Q 469 24.94 47.27 49.65
CA ASP Q 469 26.06 48.02 50.21
C ASP Q 469 25.64 48.67 51.54
N GLU Q 470 26.44 49.64 52.01
CA GLU Q 470 26.25 50.22 53.34
C GLU Q 470 25.43 51.52 53.25
N HIS Q 471 24.59 51.63 52.22
CA HIS Q 471 23.67 52.75 52.12
C HIS Q 471 22.24 52.27 51.87
N GLY Q 472 22.10 51.04 51.35
CA GLY Q 472 20.80 50.43 51.21
C GLY Q 472 20.54 49.87 49.81
N HIS Q 473 21.03 50.58 48.78
CA HIS Q 473 20.79 50.18 47.41
C HIS Q 473 21.62 48.94 47.07
N PRO Q 474 21.04 47.95 46.37
CA PRO Q 474 21.73 46.68 46.13
C PRO Q 474 22.94 46.83 45.22
N ILE Q 475 23.89 45.91 45.38
CA ILE Q 475 24.99 45.76 44.45
C ILE Q 475 24.46 45.17 43.14
N PRO Q 476 24.69 45.83 41.99
CA PRO Q 476 24.13 45.36 40.73
C PRO Q 476 24.66 43.97 40.37
N LEU Q 477 23.76 43.14 39.81
CA LEU Q 477 24.10 41.80 39.39
C LEU Q 477 24.31 41.76 37.88
N GLU Q 478 24.94 40.68 37.40
CA GLU Q 478 25.24 40.50 36.00
C GLU Q 478 24.18 39.61 35.34
N TYR Q 479 23.93 39.87 34.04
CA TYR Q 479 23.03 39.06 33.26
C TYR Q 479 23.69 37.71 32.93
N ALA Q 480 22.94 36.63 33.12
CA ALA Q 480 23.45 35.29 32.93
C ALA Q 480 22.63 34.50 31.92
N GLY Q 481 21.81 35.19 31.12
CA GLY Q 481 21.02 34.54 30.07
C GLY Q 481 19.80 33.79 30.61
N ALA Q 482 19.41 34.05 31.86
CA ALA Q 482 18.34 33.33 32.53
C ALA Q 482 17.19 34.29 32.85
N PRO Q 483 15.93 33.80 32.93
CA PRO Q 483 14.81 34.65 33.32
C PRO Q 483 14.94 35.21 34.73
N LEU Q 484 14.24 36.31 34.97
CA LEU Q 484 14.22 36.99 36.26
C LEU Q 484 12.77 37.15 36.73
N PRO Q 485 12.51 37.09 38.05
CA PRO Q 485 11.16 37.29 38.56
C PRO Q 485 10.71 38.75 38.46
N LYS Q 486 9.39 38.96 38.37
CA LYS Q 486 8.83 40.29 38.28
C LYS Q 486 7.65 40.50 39.24
N ARG Q 487 7.23 39.44 39.92
CA ARG Q 487 6.13 39.51 40.88
C ARG Q 487 6.60 38.89 42.19
N MET Q 488 6.14 39.45 43.31
CA MET Q 488 6.58 39.00 44.61
C MET Q 488 5.88 37.70 45.03
N ASN Q 489 4.75 37.37 44.39
CA ASN Q 489 4.02 36.16 44.71
C ASN Q 489 4.76 34.92 44.18
N LYS Q 490 5.58 35.09 43.14
CA LYS Q 490 6.34 34.00 42.56
C LYS Q 490 7.58 33.68 43.37
N LEU Q 491 7.91 34.53 44.35
CA LEU Q 491 9.05 34.31 45.25
C LEU Q 491 8.60 33.74 46.59
N GLY Q 492 7.32 33.38 46.70
CA GLY Q 492 6.72 32.82 47.91
C GLY Q 492 6.38 33.87 48.97
N SER Q 493 6.54 35.15 48.62
CA SER Q 493 6.18 36.27 49.47
C SER Q 493 4.66 36.40 49.54
N GLY Q 494 4.04 35.46 50.25
CA GLY Q 494 2.61 35.46 50.47
C GLY Q 494 1.97 34.17 49.96
N GLY Q 495 1.31 33.46 50.89
CA GLY Q 495 0.51 32.31 50.52
C GLY Q 495 0.94 31.01 51.20
N ALA Q 496 0.08 30.54 52.11
CA ALA Q 496 0.12 29.21 52.67
C ALA Q 496 -1.25 28.89 53.28
N PRO Q 497 -2.23 28.47 52.45
CA PRO Q 497 -3.60 28.28 52.94
C PRO Q 497 -3.66 27.13 53.94
N GLY Q 498 -4.57 27.23 54.91
CA GLY Q 498 -4.73 26.21 55.93
C GLY Q 498 -5.07 24.86 55.31
N THR Q 499 -4.25 23.84 55.62
CA THR Q 499 -4.43 22.51 55.06
C THR Q 499 -5.75 21.91 55.54
N GLY Q 500 -6.32 21.08 54.68
CA GLY Q 500 -7.58 20.39 54.96
C GLY Q 500 -8.30 20.10 53.66
N SER Q 501 -9.59 19.79 53.78
CA SER Q 501 -10.46 19.64 52.62
C SER Q 501 -10.84 21.02 52.09
N PHE Q 502 -11.79 21.06 51.14
CA PHE Q 502 -12.26 22.33 50.62
C PHE Q 502 -13.21 23.01 51.60
N LEU Q 503 -13.83 22.23 52.48
CA LEU Q 503 -14.90 22.71 53.34
C LEU Q 503 -14.59 22.54 54.83
N PHE Q 504 -13.68 21.61 55.18
CA PHE Q 504 -13.40 21.34 56.58
C PHE Q 504 -11.89 21.29 56.82
N PRO Q 505 -11.40 21.88 57.93
CA PRO Q 505 -9.97 21.90 58.23
C PRO Q 505 -9.45 20.59 58.84
N ASP Q 506 -8.12 20.50 58.89
CA ASP Q 506 -7.39 19.42 59.52
C ASP Q 506 -6.91 19.86 60.91
N PRO Q 507 -6.57 18.91 61.80
CA PRO Q 507 -5.95 19.26 63.08
C PRO Q 507 -4.70 20.11 62.90
N ALA Q 508 -4.48 21.02 63.86
CA ALA Q 508 -3.37 21.97 63.87
C ALA Q 508 -2.02 21.25 63.80
N VAL Q 509 -1.91 20.12 64.52
CA VAL Q 509 -0.66 19.37 64.57
C VAL Q 509 -0.28 18.88 63.18
N GLU Q 510 -1.28 18.35 62.45
CA GLU Q 510 -1.05 17.86 61.10
C GLU Q 510 -0.61 19.00 60.18
N HIS Q 511 -1.26 20.17 60.34
CA HIS Q 511 -0.93 21.34 59.53
C HIS Q 511 0.52 21.77 59.76
N GLU Q 512 0.94 21.82 61.03
CA GLU Q 512 2.28 22.24 61.39
C GLU Q 512 3.31 21.25 60.83
N ALA Q 513 3.04 19.95 61.00
CA ALA Q 513 3.95 18.92 60.57
C ALA Q 513 4.09 18.92 59.04
N LEU Q 514 3.00 19.23 58.33
CA LEU Q 514 3.02 19.21 56.87
C LEU Q 514 3.66 20.47 56.31
N THR Q 515 3.55 21.60 57.01
CA THR Q 515 4.12 22.86 56.55
C THR Q 515 5.61 22.96 56.88
N GLU Q 516 6.07 22.26 57.92
CA GLU Q 516 7.49 22.25 58.25
C GLU Q 516 8.29 21.49 57.19
N ALA Q 517 7.77 20.31 56.84
CA ALA Q 517 8.40 19.38 55.91
C ALA Q 517 8.61 20.02 54.54
N ALA Q 518 7.60 20.76 54.06
CA ALA Q 518 7.67 21.39 52.74
C ALA Q 518 8.82 22.40 52.68
N HIS Q 519 8.93 23.24 53.72
CA HIS Q 519 9.96 24.26 53.78
C HIS Q 519 11.35 23.61 53.87
N ALA Q 520 11.46 22.57 54.69
CA ALA Q 520 12.71 21.85 54.84
C ALA Q 520 13.15 21.21 53.52
N SER Q 521 12.19 20.64 52.79
CA SER Q 521 12.48 20.02 51.50
C SER Q 521 12.89 21.07 50.48
N GLU Q 522 12.26 22.24 50.55
CA GLU Q 522 12.48 23.32 49.60
C GLU Q 522 13.88 23.88 49.74
N HIS Q 523 14.40 23.96 50.97
CA HIS Q 523 15.79 24.40 51.16
C HIS Q 523 16.79 23.46 50.48
N LYS Q 524 16.53 22.15 50.58
CA LYS Q 524 17.51 21.14 50.21
C LYS Q 524 17.85 21.21 48.72
N SER Q 525 16.84 21.41 47.87
CA SER Q 525 17.05 21.47 46.43
C SER Q 525 17.92 22.67 46.05
N LEU Q 526 17.61 23.84 46.62
CA LEU Q 526 18.38 25.04 46.34
C LEU Q 526 19.81 24.88 46.83
N THR Q 527 19.99 24.28 48.01
CA THR Q 527 21.31 24.08 48.58
C THR Q 527 22.15 23.14 47.69
N ALA Q 528 21.51 22.06 47.20
CA ALA Q 528 22.20 21.09 46.36
C ALA Q 528 22.63 21.76 45.06
N LEU Q 529 21.74 22.55 44.45
CA LEU Q 529 22.07 23.24 43.20
C LEU Q 529 23.21 24.23 43.42
N LYS Q 530 23.17 24.97 44.54
CA LYS Q 530 24.20 25.96 44.83
C LYS Q 530 25.55 25.28 45.03
N GLU Q 531 25.57 24.16 45.77
CA GLU Q 531 26.81 23.44 46.02
C GLU Q 531 27.41 22.92 44.71
N HIS Q 532 26.56 22.34 43.85
CA HIS Q 532 27.02 21.81 42.59
C HIS Q 532 27.59 22.92 41.71
N GLN Q 533 26.90 24.07 41.68
CA GLN Q 533 27.34 25.20 40.88
C GLN Q 533 28.66 25.76 41.40
N ASP Q 534 28.84 25.74 42.73
CA ASP Q 534 30.03 26.29 43.35
C ASP Q 534 31.23 25.35 43.22
N ARG Q 535 30.99 24.05 43.03
CA ARG Q 535 32.08 23.09 42.85
C ARG Q 535 32.73 23.22 41.47
N ILE Q 536 32.01 23.79 40.49
CA ILE Q 536 32.54 23.98 39.15
C ILE Q 536 33.21 25.36 39.07
N MET R 1 20.29 35.55 52.49
CA MET R 1 18.96 35.79 51.85
C MET R 1 17.94 34.76 52.31
N SER R 2 16.72 35.25 52.57
CA SER R 2 15.58 34.42 52.94
C SER R 2 14.72 34.10 51.71
N SER R 3 15.17 34.54 50.53
CA SER R 3 14.42 34.41 49.29
C SER R 3 14.68 33.05 48.63
N THR R 4 13.81 32.71 47.69
CA THR R 4 13.78 31.42 47.00
C THR R 4 14.66 31.45 45.75
N GLN R 5 15.13 32.66 45.38
CA GLN R 5 15.82 32.88 44.12
C GLN R 5 17.29 32.46 44.24
N ASP R 6 17.71 31.59 43.31
CA ASP R 6 19.09 31.16 43.19
C ASP R 6 19.69 31.76 41.93
N ARG R 7 20.76 32.54 42.11
CA ARG R 7 21.35 33.30 41.02
C ARG R 7 22.21 32.37 40.18
N SER R 8 22.10 32.51 38.85
CA SER R 8 22.83 31.69 37.89
C SER R 8 24.11 32.39 37.44
N GLN R 9 25.17 31.58 37.21
CA GLN R 9 26.38 32.05 36.57
C GLN R 9 26.59 31.26 35.29
N LEU R 10 26.98 31.94 34.22
CA LEU R 10 27.05 31.33 32.90
C LEU R 10 28.29 31.80 32.16
N ASP R 11 28.79 30.94 31.27
CA ASP R 11 29.70 31.33 30.20
C ASP R 11 29.43 30.47 28.98
N PRO R 12 29.02 31.05 27.84
CA PRO R 12 28.94 30.31 26.59
C PRO R 12 30.27 30.31 25.81
N GLU R 13 30.31 29.47 24.76
CA GLU R 13 31.48 29.35 23.92
C GLU R 13 31.11 29.83 22.50
N VAL R 28 27.86 47.53 16.52
CA VAL R 28 26.87 47.69 17.63
C VAL R 28 27.56 47.48 18.98
N ASP R 29 27.15 48.27 19.96
CA ASP R 29 27.75 48.26 21.29
C ASP R 29 26.64 48.13 22.33
N VAL R 30 27.05 47.75 23.55
CA VAL R 30 26.15 47.31 24.59
C VAL R 30 25.33 48.46 25.17
N GLU R 31 25.63 49.69 24.75
CA GLU R 31 24.87 50.84 25.20
C GLU R 31 23.53 50.94 24.47
N ASP R 32 23.49 50.50 23.21
CA ASP R 32 22.27 50.52 22.42
C ASP R 32 21.51 49.20 22.52
N VAL R 33 22.24 48.09 22.37
CA VAL R 33 21.66 46.77 22.53
C VAL R 33 22.34 46.09 23.73
N PRO R 34 21.69 46.05 24.91
CA PRO R 34 22.31 45.48 26.11
C PRO R 34 22.93 44.09 25.93
N SER R 35 22.21 43.19 25.26
CA SER R 35 22.69 41.85 25.00
C SER R 35 23.25 41.76 23.58
N ALA R 36 24.29 42.55 23.31
CA ALA R 36 24.93 42.57 22.00
C ALA R 36 25.96 41.44 21.86
N GLU R 37 26.34 40.80 22.97
CA GLU R 37 27.35 39.76 22.96
C GLU R 37 26.72 38.36 23.05
N TRP R 38 25.38 38.29 23.03
CA TRP R 38 24.68 37.02 23.19
C TRP R 38 24.15 36.47 21.87
N GLY R 39 24.13 37.30 20.82
CA GLY R 39 23.61 36.87 19.54
C GLY R 39 23.62 37.98 18.50
N TRP R 40 23.13 37.63 17.30
CA TRP R 40 23.13 38.50 16.14
C TRP R 40 22.19 39.68 16.39
N SER R 41 22.76 40.89 16.43
CA SER R 41 22.00 42.07 16.83
C SER R 41 22.32 43.29 15.97
N HIS R 42 22.76 43.08 14.73
CA HIS R 42 23.04 44.20 13.86
C HIS R 42 22.79 43.81 12.41
N MET R 43 21.90 44.57 11.75
CA MET R 43 21.70 44.47 10.32
C MET R 43 22.33 45.69 9.66
N PRO R 44 23.23 45.51 8.67
CA PRO R 44 23.91 46.66 8.06
C PRO R 44 22.92 47.59 7.35
N ILE R 45 23.14 48.89 7.53
CA ILE R 45 22.35 49.87 6.79
C ILE R 45 22.80 49.85 5.33
N GLY R 46 21.83 50.08 4.44
CA GLY R 46 22.10 49.97 3.02
C GLY R 46 21.36 48.79 2.41
N VAL R 47 21.29 47.68 3.17
CA VAL R 47 20.40 46.58 2.82
C VAL R 47 18.96 47.05 2.98
N MET R 48 18.70 47.81 4.04
CA MET R 48 17.36 48.23 4.38
C MET R 48 16.88 49.37 3.46
N HIS R 49 17.79 50.30 3.15
CA HIS R 49 17.51 51.40 2.22
C HIS R 49 17.17 50.85 0.83
N ILE R 50 18.03 49.97 0.32
CA ILE R 50 17.86 49.39 -1.00
C ILE R 50 16.60 48.51 -1.03
N GLY R 51 16.34 47.79 0.07
CA GLY R 51 15.12 47.01 0.22
C GLY R 51 13.87 47.88 0.09
N GLY R 52 13.89 49.03 0.77
CA GLY R 52 12.79 49.98 0.70
C GLY R 52 12.56 50.51 -0.71
N LEU R 53 13.65 50.91 -1.37
CA LEU R 53 13.56 51.44 -2.72
C LEU R 53 13.03 50.38 -3.68
N LEU R 54 13.49 49.14 -3.52
CA LEU R 54 13.10 48.04 -4.40
C LEU R 54 11.63 47.70 -4.20
N SER R 55 11.17 47.73 -2.93
CA SER R 55 9.78 47.49 -2.62
C SER R 55 8.88 48.56 -3.23
N ALA R 56 9.35 49.82 -3.17
CA ALA R 56 8.63 50.93 -3.79
C ALA R 56 8.53 50.72 -5.30
N ALA R 57 9.63 50.26 -5.92
CA ALA R 57 9.64 49.98 -7.35
C ALA R 57 8.63 48.90 -7.71
N PHE R 58 8.54 47.85 -6.87
CA PHE R 58 7.62 46.76 -7.12
C PHE R 58 6.16 47.25 -7.01
N LEU R 59 5.88 48.04 -5.97
CA LEU R 59 4.56 48.62 -5.79
C LEU R 59 4.18 49.47 -7.01
N LEU R 60 5.16 50.22 -7.54
CA LEU R 60 4.91 51.10 -8.67
C LEU R 60 4.69 50.30 -9.94
N VAL R 61 5.39 49.18 -10.10
CA VAL R 61 5.33 48.42 -11.34
C VAL R 61 4.05 47.58 -11.39
N MET R 62 3.43 47.29 -10.24
CA MET R 62 2.20 46.51 -10.29
C MET R 62 1.04 47.30 -10.90
N MET R 63 1.29 48.51 -11.40
CA MET R 63 0.24 49.31 -12.04
C MET R 63 -0.06 48.82 -13.46
N ARG R 64 0.77 47.92 -14.00
CA ARG R 64 0.54 47.34 -15.30
C ARG R 64 -0.18 46.00 -15.12
N GLY R 65 -1.43 45.95 -15.59
CA GLY R 65 -2.24 44.75 -15.50
C GLY R 65 -3.45 44.82 -16.43
N ASN R 66 -4.53 44.13 -16.03
CA ASN R 66 -5.73 44.04 -16.84
C ASN R 66 -6.90 44.78 -16.20
N HIS R 67 -6.70 45.34 -15.00
CA HIS R 67 -7.76 46.06 -14.30
C HIS R 67 -8.09 47.35 -15.04
N VAL R 68 -9.33 47.82 -14.86
CA VAL R 68 -9.81 48.99 -15.59
C VAL R 68 -10.06 50.18 -14.66
N GLY R 69 -10.08 49.94 -13.34
CA GLY R 69 -10.29 50.99 -12.36
C GLY R 69 -9.00 51.77 -12.06
N HIS R 70 -9.10 52.80 -11.19
CA HIS R 70 -7.97 53.66 -10.91
C HIS R 70 -7.79 54.00 -9.43
N VAL R 71 -8.67 53.51 -8.57
CA VAL R 71 -8.52 53.71 -7.13
C VAL R 71 -7.26 52.99 -6.63
N GLU R 72 -7.07 51.75 -7.11
CA GLU R 72 -5.92 50.95 -6.71
C GLU R 72 -4.62 51.62 -7.13
N ASP R 73 -4.61 52.27 -8.31
CA ASP R 73 -3.43 52.95 -8.81
C ASP R 73 -3.01 54.07 -7.86
N TRP R 74 -4.01 54.83 -7.38
CA TRP R 74 -3.73 55.92 -6.47
C TRP R 74 -3.24 55.41 -5.11
N PHE R 75 -3.82 54.30 -4.65
CA PHE R 75 -3.34 53.67 -3.43
C PHE R 75 -1.87 53.25 -3.55
N LEU R 76 -1.51 52.64 -4.68
CA LEU R 76 -0.15 52.19 -4.93
C LEU R 76 0.80 53.39 -4.94
N ILE R 77 0.40 54.46 -5.62
CA ILE R 77 1.22 55.66 -5.76
C ILE R 77 1.48 56.25 -4.37
N GLY R 78 0.42 56.35 -3.56
CA GLY R 78 0.53 56.93 -2.23
C GLY R 78 1.49 56.12 -1.33
N PHE R 79 1.33 54.79 -1.35
CA PHE R 79 2.15 53.94 -0.52
C PHE R 79 3.62 54.03 -0.93
N ALA R 80 3.87 54.00 -2.24
CA ALA R 80 5.25 54.08 -2.79
C ALA R 80 5.89 55.42 -2.40
N ALA R 81 5.11 56.50 -2.46
CA ALA R 81 5.62 57.86 -2.12
C ALA R 81 6.00 57.92 -0.63
N VAL R 82 5.16 57.31 0.22
CA VAL R 82 5.41 57.32 1.69
C VAL R 82 6.71 56.55 1.98
N ILE R 83 6.90 55.39 1.35
CA ILE R 83 8.12 54.55 1.55
C ILE R 83 9.35 55.34 1.08
N VAL R 84 9.26 55.96 -0.11
CA VAL R 84 10.40 56.75 -0.68
C VAL R 84 10.72 57.91 0.26
N ALA R 85 9.68 58.58 0.79
CA ALA R 85 9.87 59.73 1.70
C ALA R 85 10.62 59.29 2.97
N LEU R 86 10.22 58.14 3.54
CA LEU R 86 10.86 57.60 4.78
C LEU R 86 12.33 57.30 4.50
N VAL R 87 12.60 56.56 3.41
CA VAL R 87 14.00 56.17 3.04
C VAL R 87 14.83 57.45 2.84
N GLY R 88 14.29 58.43 2.10
CA GLY R 88 15.01 59.69 1.84
C GLY R 88 15.33 60.44 3.12
N ARG R 89 14.34 60.56 4.02
CA ARG R 89 14.54 61.28 5.30
C ARG R 89 15.64 60.60 6.12
N ASN R 90 15.63 59.27 6.19
CA ASN R 90 16.64 58.50 6.96
C ASN R 90 18.03 58.74 6.36
N TRP R 91 18.17 58.50 5.05
CA TRP R 91 19.48 58.68 4.35
C TRP R 91 20.04 60.09 4.63
N TRP R 92 19.21 61.12 4.48
CA TRP R 92 19.63 62.52 4.71
C TRP R 92 20.12 62.70 6.15
N LEU R 93 19.33 62.24 7.13
CA LEU R 93 19.69 62.37 8.56
C LEU R 93 21.01 61.63 8.84
N ARG R 94 21.17 60.43 8.28
CA ARG R 94 22.38 59.64 8.50
C ARG R 94 23.59 60.36 7.92
N ARG R 95 23.43 60.96 6.74
CA ARG R 95 24.53 61.62 6.06
C ARG R 95 24.96 62.89 6.83
N ARG R 96 23.96 63.66 7.28
CA ARG R 96 24.24 64.98 7.85
C ARG R 96 24.85 64.87 9.25
N GLY R 97 24.60 63.75 9.93
CA GLY R 97 25.24 63.46 11.21
C GLY R 97 24.33 63.62 12.43
N TRP R 98 23.02 63.85 12.21
CA TRP R 98 22.10 64.04 13.31
C TRP R 98 21.72 62.74 14.01
N ILE R 99 21.79 61.62 13.28
CA ILE R 99 21.54 60.31 13.84
C ILE R 99 22.62 59.36 13.35
N ARG R 100 22.83 58.27 14.10
CA ARG R 100 23.91 57.34 13.83
C ARG R 100 23.29 55.94 13.65
N SER S 18 -6.26 49.85 65.29
CA SER S 18 -7.43 50.75 64.99
C SER S 18 -7.60 50.88 63.48
N LEU S 19 -8.84 51.13 63.07
CA LEU S 19 -9.16 51.43 61.67
C LEU S 19 -9.65 52.87 61.58
N ASN S 20 -9.01 53.64 60.69
CA ASN S 20 -9.28 55.07 60.62
C ASN S 20 -9.32 55.54 59.16
N ARG S 21 -9.56 54.61 58.24
CA ARG S 21 -9.60 54.92 56.81
C ARG S 21 -10.81 54.27 56.16
N PRO S 22 -11.38 54.87 55.09
CA PRO S 22 -12.41 54.18 54.31
C PRO S 22 -11.81 53.17 53.33
N ASN S 23 -12.47 52.02 53.21
CA ASN S 23 -12.10 51.00 52.24
C ASN S 23 -12.48 51.47 50.83
N MET S 24 -11.48 51.74 50.00
CA MET S 24 -11.75 52.30 48.69
C MET S 24 -12.21 51.25 47.68
N VAL S 25 -11.86 49.99 47.91
CA VAL S 25 -12.38 48.89 47.10
C VAL S 25 -13.89 48.78 47.30
N SER S 26 -14.39 49.22 48.46
CA SER S 26 -15.82 49.22 48.73
C SER S 26 -16.50 50.46 48.15
N VAL S 27 -15.85 51.62 48.21
CA VAL S 27 -16.44 52.84 47.68
C VAL S 27 -16.51 52.80 46.15
N GLY S 28 -15.51 52.16 45.52
CA GLY S 28 -15.47 51.97 44.09
C GLY S 28 -16.66 51.13 43.61
N THR S 29 -16.89 50.02 44.31
CA THR S 29 -17.97 49.11 43.96
C THR S 29 -19.33 49.74 44.27
N ILE S 30 -19.42 50.57 45.31
CA ILE S 30 -20.67 51.26 45.63
C ILE S 30 -21.05 52.26 44.54
N VAL S 31 -20.07 53.04 44.07
CA VAL S 31 -20.34 54.04 43.06
C VAL S 31 -20.68 53.37 41.73
N TRP S 32 -20.02 52.23 41.44
CA TRP S 32 -20.33 51.49 40.22
C TRP S 32 -21.73 50.89 40.30
N LEU S 33 -22.10 50.34 41.47
CA LEU S 33 -23.43 49.74 41.62
C LEU S 33 -24.52 50.81 41.50
N SER S 34 -24.21 52.03 41.96
CA SER S 34 -25.15 53.14 41.85
C SER S 34 -25.31 53.53 40.38
N SER S 35 -24.22 53.48 39.61
CA SER S 35 -24.28 53.81 38.19
C SER S 35 -25.07 52.74 37.41
N GLU S 36 -24.92 51.47 37.81
CA GLU S 36 -25.55 50.35 37.15
C GLU S 36 -27.07 50.36 37.32
N LEU S 37 -27.58 51.11 38.31
CA LEU S 37 -29.02 51.22 38.53
C LEU S 37 -29.69 51.99 37.39
N MET S 38 -28.94 52.87 36.72
CA MET S 38 -29.47 53.67 35.62
C MET S 38 -29.56 52.87 34.33
N PHE S 39 -28.90 51.71 34.26
CA PHE S 39 -29.03 50.84 33.10
C PHE S 39 -30.45 50.26 33.03
N PHE S 40 -30.97 49.85 34.20
CA PHE S 40 -32.31 49.30 34.28
C PHE S 40 -33.40 50.36 34.10
N ALA S 41 -33.01 51.64 34.16
CA ALA S 41 -33.96 52.73 33.96
C ALA S 41 -34.58 52.66 32.57
N GLY S 42 -33.74 52.37 31.56
CA GLY S 42 -34.19 52.19 30.18
C GLY S 42 -35.25 51.11 30.07
N LEU S 43 -34.98 49.96 30.68
CA LEU S 43 -35.88 48.81 30.60
C LEU S 43 -37.21 49.12 31.27
N PHE S 44 -37.14 49.77 32.45
CA PHE S 44 -38.36 50.15 33.15
C PHE S 44 -39.17 51.15 32.33
N ALA S 45 -38.48 52.09 31.67
CA ALA S 45 -39.14 53.10 30.85
C ALA S 45 -39.86 52.42 29.67
N MET S 46 -39.21 51.46 29.04
CA MET S 46 -39.81 50.74 27.92
C MET S 46 -41.06 50.00 28.39
N TYR S 47 -40.96 49.33 29.56
CA TYR S 47 -42.08 48.57 30.07
C TYR S 47 -43.28 49.48 30.35
N PHE S 48 -43.03 50.61 31.02
CA PHE S 48 -44.11 51.51 31.39
C PHE S 48 -44.70 52.23 30.19
N THR S 49 -43.88 52.44 29.14
CA THR S 49 -44.36 53.09 27.92
C THR S 49 -45.25 52.13 27.12
N ALA S 50 -44.83 50.86 27.01
CA ALA S 50 -45.60 49.87 26.28
C ALA S 50 -46.89 49.51 27.01
N ARG S 51 -46.86 49.57 28.34
CA ARG S 51 -48.03 49.25 29.15
C ARG S 51 -49.11 50.33 28.97
N ALA S 52 -48.70 51.59 28.76
CA ALA S 52 -49.63 52.70 28.66
C ALA S 52 -50.55 52.54 27.45
N GLN S 53 -49.99 52.15 26.30
CA GLN S 53 -50.75 52.06 25.07
C GLN S 53 -51.47 50.72 24.92
N ALA S 54 -51.75 50.03 26.04
CA ALA S 54 -52.34 48.71 26.01
C ALA S 54 -53.79 48.77 25.52
N GLY S 55 -54.52 49.78 26.00
CA GLY S 55 -55.95 49.89 25.77
C GLY S 55 -56.73 49.03 26.77
N GLY S 56 -57.08 47.81 26.34
CA GLY S 56 -57.83 46.88 27.17
C GLY S 56 -56.93 46.12 28.14
N ALA S 57 -56.96 44.80 28.06
CA ALA S 57 -56.16 43.90 28.88
C ALA S 57 -54.68 44.06 28.53
N TRP S 58 -53.86 44.37 29.54
CA TRP S 58 -52.44 44.61 29.32
C TRP S 58 -51.73 43.30 28.97
N PRO S 59 -51.84 42.21 29.79
CA PRO S 59 -51.40 40.90 29.32
C PRO S 59 -52.39 40.36 28.29
N PRO S 60 -51.97 40.24 27.00
CA PRO S 60 -52.89 39.83 25.94
C PRO S 60 -53.35 38.37 26.10
N GLU S 61 -54.26 37.95 25.21
CA GLU S 61 -55.01 36.72 25.37
C GLU S 61 -54.14 35.48 25.53
N PRO S 62 -53.10 35.24 24.67
CA PRO S 62 -52.22 34.08 24.88
C PRO S 62 -51.44 34.08 26.19
N THR S 63 -51.20 35.27 26.76
CA THR S 63 -50.37 35.37 27.96
C THR S 63 -51.15 34.98 29.21
N GLU S 64 -50.58 34.07 30.01
CA GLU S 64 -51.16 33.66 31.26
C GLU S 64 -50.01 33.46 32.26
N LEU S 65 -49.90 34.39 33.21
CA LEU S 65 -48.83 34.34 34.19
C LEU S 65 -49.24 33.44 35.36
N ASN S 66 -48.32 32.54 35.73
CA ASN S 66 -48.53 31.61 36.82
C ASN S 66 -47.73 32.05 38.04
N LEU S 67 -48.37 32.02 39.21
CA LEU S 67 -47.72 32.30 40.48
C LEU S 67 -47.26 31.02 41.17
N ALA S 68 -47.48 29.87 40.51
CA ALA S 68 -47.13 28.56 41.04
C ALA S 68 -45.64 28.26 40.87
N LEU S 69 -44.90 29.12 40.15
CA LEU S 69 -43.49 28.86 39.90
C LEU S 69 -42.62 30.08 40.21
N ALA S 70 -43.18 31.28 40.05
CA ALA S 70 -42.43 32.51 40.27
C ALA S 70 -42.29 32.85 41.75
N VAL S 71 -43.16 32.29 42.60
CA VAL S 71 -43.14 32.57 44.03
C VAL S 71 -42.02 31.78 44.71
N PRO S 72 -41.93 30.43 44.55
CA PRO S 72 -40.84 29.67 45.18
C PRO S 72 -39.46 30.14 44.74
N VAL S 73 -39.33 30.50 43.47
CA VAL S 73 -38.06 30.95 42.92
C VAL S 73 -37.65 32.28 43.56
N THR S 74 -38.63 33.18 43.73
CA THR S 74 -38.38 34.44 44.40
C THR S 74 -37.97 34.23 45.86
N LEU S 75 -38.60 33.25 46.51
CA LEU S 75 -38.27 32.94 47.90
C LEU S 75 -36.84 32.40 48.00
N VAL S 76 -36.43 31.57 47.04
CA VAL S 76 -35.08 31.05 47.01
C VAL S 76 -34.07 32.19 46.83
N LEU S 77 -34.37 33.10 45.90
CA LEU S 77 -33.49 34.26 45.61
C LEU S 77 -33.48 35.21 46.81
N ILE S 78 -34.45 35.07 47.72
CA ILE S 78 -34.53 35.93 48.94
C ILE S 78 -33.82 35.22 50.10
N ALA S 79 -33.59 33.91 49.95
CA ALA S 79 -32.91 33.12 51.01
C ALA S 79 -31.40 33.09 50.74
N SER S 80 -30.99 33.47 49.53
CA SER S 80 -29.55 33.47 49.16
C SER S 80 -28.82 34.59 49.90
N SER S 81 -29.44 35.78 49.99
CA SER S 81 -28.84 36.95 50.69
C SER S 81 -28.42 36.55 52.10
N PHE S 82 -29.32 35.91 52.86
CA PHE S 82 -29.04 35.48 54.25
C PHE S 82 -27.74 34.67 54.28
N THR S 83 -27.67 33.62 53.45
CA THR S 83 -26.49 32.76 53.39
C THR S 83 -25.27 33.57 53.00
N CYS S 84 -25.44 34.52 52.06
CA CYS S 84 -24.35 35.36 51.62
C CYS S 84 -23.83 36.21 52.78
N GLN S 85 -24.74 36.78 53.57
CA GLN S 85 -24.37 37.61 54.70
C GLN S 85 -23.70 36.76 55.79
N MET S 86 -24.14 35.52 55.96
CA MET S 86 -23.49 34.61 56.90
C MET S 86 -22.05 34.34 56.48
N GLY S 87 -21.83 34.14 55.17
CA GLY S 87 -20.49 33.97 54.62
C GLY S 87 -19.61 35.20 54.88
N VAL S 88 -20.18 36.39 54.73
CA VAL S 88 -19.47 37.63 54.98
C VAL S 88 -19.11 37.74 56.45
N PHE S 89 -20.06 37.38 57.34
CA PHE S 89 -19.80 37.38 58.77
C PHE S 89 -18.65 36.44 59.13
N ALA S 90 -18.59 35.29 58.46
CA ALA S 90 -17.50 34.34 58.65
C ALA S 90 -16.18 34.92 58.14
N ALA S 91 -16.24 35.74 57.09
CA ALA S 91 -15.04 36.29 56.47
C ALA S 91 -14.33 37.27 57.41
N GLU S 92 -15.10 38.04 58.18
CA GLU S 92 -14.57 39.12 59.00
C GLU S 92 -13.81 38.58 60.22
N ARG S 93 -14.01 37.30 60.55
CA ARG S 93 -13.38 36.70 61.72
C ARG S 93 -12.04 36.05 61.38
N GLY S 94 -11.83 35.73 60.10
CA GLY S 94 -10.64 35.00 59.68
C GLY S 94 -10.94 33.56 59.26
N ASP S 95 -12.21 33.16 59.36
CA ASP S 95 -12.64 31.82 58.98
C ASP S 95 -12.69 31.72 57.46
N VAL S 96 -11.88 30.81 56.90
CA VAL S 96 -11.80 30.62 55.46
C VAL S 96 -12.73 29.50 55.00
N PHE S 97 -13.09 28.59 55.92
CA PHE S 97 -13.91 27.44 55.59
C PHE S 97 -15.41 27.77 55.61
N GLY S 98 -15.82 28.55 56.61
CA GLY S 98 -17.21 28.98 56.74
C GLY S 98 -17.67 29.79 55.54
N LEU S 99 -16.80 30.71 55.09
CA LEU S 99 -17.00 31.49 53.88
C LEU S 99 -17.24 30.58 52.68
N ARG S 100 -16.40 29.53 52.54
CA ARG S 100 -16.49 28.63 51.39
C ARG S 100 -17.82 27.88 51.42
N ARG S 101 -18.22 27.41 52.61
CA ARG S 101 -19.43 26.63 52.75
C ARG S 101 -20.65 27.48 52.39
N TRP S 102 -20.72 28.69 52.95
CA TRP S 102 -21.87 29.57 52.71
C TRP S 102 -21.93 30.03 51.26
N TYR S 103 -20.77 30.30 50.65
CA TYR S 103 -20.75 30.76 49.26
C TYR S 103 -21.14 29.65 48.29
N VAL S 104 -20.81 28.41 48.63
CA VAL S 104 -21.21 27.27 47.81
C VAL S 104 -22.74 27.12 47.84
N ILE S 105 -23.32 27.27 49.03
CA ILE S 105 -24.76 27.19 49.19
C ILE S 105 -25.45 28.31 48.39
N THR S 106 -24.86 29.51 48.44
CA THR S 106 -25.37 30.66 47.71
C THR S 106 -25.34 30.38 46.21
N PHE S 107 -24.23 29.80 45.73
CA PHE S 107 -24.08 29.46 44.33
C PHE S 107 -25.17 28.47 43.90
N LEU S 108 -25.43 27.45 44.73
CA LEU S 108 -26.43 26.46 44.39
C LEU S 108 -27.83 27.08 44.32
N MET S 109 -28.15 27.99 45.24
CA MET S 109 -29.44 28.63 45.24
C MET S 109 -29.61 29.52 43.99
N GLY S 110 -28.53 30.23 43.61
CA GLY S 110 -28.54 31.04 42.41
C GLY S 110 -28.78 30.20 41.15
N LEU S 111 -28.13 29.03 41.10
CA LEU S 111 -28.29 28.11 40.00
C LEU S 111 -29.74 27.61 39.91
N PHE S 112 -30.34 27.35 41.09
CA PHE S 112 -31.75 26.98 41.14
C PHE S 112 -32.62 28.08 40.54
N PHE S 113 -32.32 29.34 40.89
CA PHE S 113 -33.05 30.48 40.36
C PHE S 113 -32.98 30.48 38.82
N VAL S 114 -31.77 30.32 38.29
CA VAL S 114 -31.55 30.41 36.85
C VAL S 114 -32.33 29.31 36.14
N LEU S 115 -32.26 28.08 36.66
CA LEU S 115 -32.92 26.95 36.02
C LEU S 115 -34.45 27.09 36.06
N GLY S 116 -34.97 27.59 37.19
CA GLY S 116 -36.40 27.85 37.31
C GLY S 116 -36.88 28.88 36.29
N GLN S 117 -36.11 29.95 36.14
CA GLN S 117 -36.44 31.01 35.20
C GLN S 117 -36.44 30.47 33.76
N GLY S 118 -35.45 29.63 33.44
CA GLY S 118 -35.36 28.99 32.13
C GLY S 118 -36.57 28.10 31.84
N TYR S 119 -37.00 27.35 32.85
CA TYR S 119 -38.16 26.48 32.70
C TYR S 119 -39.40 27.32 32.40
N GLU S 120 -39.56 28.42 33.13
CA GLU S 120 -40.70 29.31 32.92
C GLU S 120 -40.66 29.90 31.51
N TYR S 121 -39.46 30.25 31.03
CA TYR S 121 -39.30 30.73 29.66
C TYR S 121 -39.81 29.71 28.66
N ILE S 122 -39.40 28.45 28.83
CA ILE S 122 -39.79 27.39 27.91
C ILE S 122 -41.31 27.25 27.90
N HIS S 123 -41.91 27.25 29.11
CA HIS S 123 -43.34 27.10 29.25
C HIS S 123 -44.08 28.24 28.56
N LEU S 124 -43.58 29.48 28.73
CA LEU S 124 -44.23 30.63 28.15
C LEU S 124 -44.13 30.62 26.62
N VAL S 125 -42.96 30.20 26.09
CA VAL S 125 -42.75 30.18 24.65
C VAL S 125 -43.68 29.16 24.00
N GLU S 126 -43.92 28.03 24.68
CA GLU S 126 -44.75 26.96 24.13
C GLU S 126 -46.19 27.44 23.87
N HIS S 127 -46.70 28.33 24.71
CA HIS S 127 -48.09 28.76 24.61
C HIS S 127 -48.29 29.97 23.70
N GLY S 128 -47.21 30.50 23.13
CA GLY S 128 -47.31 31.55 22.12
C GLY S 128 -47.05 32.96 22.66
N THR S 129 -46.06 33.08 23.54
CA THR S 129 -45.61 34.38 24.03
C THR S 129 -44.12 34.50 23.74
N THR S 130 -43.79 35.20 22.65
CA THR S 130 -42.42 35.31 22.16
C THR S 130 -42.04 36.77 21.99
N ILE S 131 -40.75 37.00 21.73
CA ILE S 131 -40.22 38.35 21.54
C ILE S 131 -40.82 38.99 20.29
N PRO S 132 -40.79 38.36 19.09
CA PRO S 132 -41.41 38.98 17.93
C PRO S 132 -42.94 38.86 17.88
N GLY S 133 -43.53 38.10 18.81
CA GLY S 133 -44.96 37.80 18.77
C GLY S 133 -45.83 38.99 19.14
N SER S 134 -45.39 39.75 20.14
CA SER S 134 -46.19 40.82 20.72
C SER S 134 -45.29 41.93 21.26
N ALA S 135 -45.93 43.01 21.75
CA ALA S 135 -45.26 44.12 22.40
C ALA S 135 -45.01 43.83 23.87
N TYR S 136 -45.85 42.99 24.48
CA TYR S 136 -45.67 42.59 25.88
C TYR S 136 -44.44 41.68 26.00
N GLY S 137 -44.36 40.71 25.08
CA GLY S 137 -43.30 39.73 25.07
C GLY S 137 -41.92 40.39 24.99
N SER S 138 -41.81 41.42 24.16
CA SER S 138 -40.56 42.12 23.96
C SER S 138 -40.03 42.67 25.28
N VAL S 139 -40.85 43.45 25.97
CA VAL S 139 -40.42 44.12 27.20
C VAL S 139 -40.20 43.09 28.30
N PHE S 140 -41.09 42.10 28.40
CA PHE S 140 -40.98 41.07 29.43
C PHE S 140 -39.65 40.34 29.31
N TYR S 141 -39.38 39.80 28.12
CA TYR S 141 -38.18 39.01 27.89
C TYR S 141 -36.92 39.87 28.02
N LEU S 142 -36.96 41.11 27.51
CA LEU S 142 -35.80 41.99 27.60
C LEU S 142 -35.42 42.23 29.05
N ALA S 143 -36.40 42.64 29.88
CA ALA S 143 -36.13 42.98 31.27
C ALA S 143 -35.63 41.77 32.04
N THR S 144 -36.36 40.64 31.92
CA THR S 144 -36.05 39.46 32.71
C THR S 144 -34.77 38.77 32.23
N GLY S 145 -34.45 38.92 30.94
CA GLY S 145 -33.25 38.34 30.36
C GLY S 145 -31.99 39.10 30.77
N PHE S 146 -32.12 40.44 30.85
CA PHE S 146 -30.99 41.24 31.31
C PHE S 146 -30.70 41.00 32.79
N HIS S 147 -31.75 40.78 33.58
CA HIS S 147 -31.59 40.41 34.97
C HIS S 147 -30.92 39.05 35.12
N GLY S 148 -31.32 38.10 34.28
CA GLY S 148 -30.70 36.77 34.26
C GLY S 148 -29.22 36.84 33.90
N LEU S 149 -28.87 37.77 33.00
CA LEU S 149 -27.47 37.96 32.60
C LEU S 149 -26.65 38.48 33.77
N HIS S 150 -27.23 39.40 34.57
CA HIS S 150 -26.56 39.90 35.76
C HIS S 150 -26.35 38.78 36.79
N VAL S 151 -27.35 37.90 36.92
CA VAL S 151 -27.28 36.80 37.86
C VAL S 151 -26.14 35.84 37.47
N ILE S 152 -26.02 35.55 36.17
CA ILE S 152 -24.98 34.67 35.67
C ILE S 152 -23.60 35.29 35.93
N GLY S 153 -23.49 36.61 35.74
CA GLY S 153 -22.27 37.33 36.08
C GLY S 153 -21.89 37.17 37.56
N GLY S 154 -22.90 37.25 38.43
CA GLY S 154 -22.71 37.06 39.85
C GLY S 154 -22.20 35.66 40.19
N LEU S 155 -22.76 34.65 39.50
CA LEU S 155 -22.32 33.27 39.69
C LEU S 155 -20.88 33.09 39.27
N VAL S 156 -20.50 33.72 38.15
CA VAL S 156 -19.13 33.68 37.67
C VAL S 156 -18.20 34.31 38.70
N ALA S 157 -18.66 35.41 39.33
CA ALA S 157 -17.89 36.09 40.36
C ALA S 157 -17.67 35.17 41.57
N PHE S 158 -18.72 34.43 41.96
CA PHE S 158 -18.59 33.46 43.04
C PHE S 158 -17.52 32.42 42.74
N VAL S 159 -17.56 31.86 41.53
CA VAL S 159 -16.61 30.83 41.14
C VAL S 159 -15.19 31.38 41.16
N LEU S 160 -15.00 32.61 40.63
CA LEU S 160 -13.67 33.20 40.57
C LEU S 160 -13.11 33.46 41.96
N LEU S 161 -13.97 33.95 42.87
CA LEU S 161 -13.53 34.26 44.22
C LEU S 161 -13.19 32.98 44.99
N LEU S 162 -14.02 31.95 44.84
CA LEU S 162 -13.76 30.69 45.52
C LEU S 162 -12.50 30.02 44.99
N ALA S 163 -12.20 30.22 43.70
CA ALA S 163 -10.96 29.69 43.14
C ALA S 163 -9.75 30.44 43.69
N ARG S 164 -9.92 31.74 43.96
CA ARG S 164 -8.80 32.56 44.43
C ARG S 164 -8.52 32.35 45.92
N THR S 165 -9.53 31.91 46.68
CA THR S 165 -9.41 31.79 48.12
C THR S 165 -8.44 30.68 48.53
N LYS S 166 -8.03 29.86 47.57
CA LYS S 166 -7.16 28.71 47.91
C LYS S 166 -5.83 28.85 47.21
N MET S 167 -5.56 29.99 46.60
CA MET S 167 -4.26 30.24 45.97
C MET S 167 -3.22 30.68 47.00
N SER S 168 -3.67 31.46 48.00
CA SER S 168 -2.77 32.02 48.99
C SER S 168 -3.42 32.02 50.37
N LYS S 169 -2.67 32.47 51.37
CA LYS S 169 -3.12 32.58 52.75
C LYS S 169 -4.22 33.63 52.85
N PHE S 170 -5.13 33.43 53.81
CA PHE S 170 -6.32 34.25 53.92
C PHE S 170 -5.98 35.59 54.55
N THR S 171 -5.72 36.59 53.69
CA THR S 171 -5.35 37.92 54.13
C THR S 171 -6.58 38.84 54.13
N PRO S 172 -6.54 40.01 54.80
CA PRO S 172 -7.66 40.96 54.75
C PRO S 172 -8.18 41.35 53.37
N ALA S 173 -7.29 41.33 52.37
CA ALA S 173 -7.66 41.67 51.00
C ALA S 173 -8.70 40.70 50.45
N GLN S 174 -8.54 39.41 50.78
CA GLN S 174 -9.49 38.39 50.34
C GLN S 174 -10.85 38.61 51.00
N ALA S 175 -10.84 39.02 52.27
CA ALA S 175 -12.09 39.35 52.97
C ALA S 175 -12.77 40.54 52.29
N THR S 176 -11.99 41.54 51.88
CA THR S 176 -12.51 42.71 51.20
C THR S 176 -13.18 42.31 49.89
N ALA S 177 -12.53 41.41 49.14
CA ALA S 177 -13.07 40.90 47.88
C ALA S 177 -14.41 40.19 48.13
N ALA S 178 -14.47 39.39 49.19
CA ALA S 178 -15.71 38.69 49.54
C ALA S 178 -16.82 39.69 49.84
N ILE S 179 -16.50 40.75 50.57
CA ILE S 179 -17.48 41.74 50.98
C ILE S 179 -18.05 42.47 49.75
N VAL S 180 -17.18 42.84 48.81
CA VAL S 180 -17.64 43.55 47.63
C VAL S 180 -18.49 42.65 46.73
N VAL S 181 -18.13 41.37 46.65
CA VAL S 181 -18.93 40.41 45.89
C VAL S 181 -20.32 40.28 46.51
N SER S 182 -20.39 40.28 47.85
CA SER S 182 -21.66 40.24 48.56
C SER S 182 -22.50 41.48 48.24
N TYR S 183 -21.84 42.64 48.19
CA TYR S 183 -22.50 43.88 47.81
C TYR S 183 -23.18 43.72 46.45
N TYR S 184 -22.44 43.16 45.48
CA TYR S 184 -22.96 42.96 44.14
C TYR S 184 -24.17 42.05 44.15
N TRP S 185 -24.10 40.95 44.91
CA TRP S 185 -25.20 39.99 44.98
C TRP S 185 -26.46 40.64 45.55
N HIS S 186 -26.28 41.44 46.60
CA HIS S 186 -27.42 42.13 47.27
C HIS S 186 -27.99 43.21 46.33
N PHE S 187 -27.47 43.28 45.10
CA PHE S 187 -27.95 44.27 44.10
C PHE S 187 -28.69 43.55 42.97
N VAL S 188 -28.52 42.22 42.88
CA VAL S 188 -29.18 41.40 41.83
C VAL S 188 -30.53 40.91 42.37
N ASP S 189 -30.60 40.72 43.69
CA ASP S 189 -31.84 40.21 44.35
C ASP S 189 -32.71 41.39 44.83
N ILE S 190 -32.17 42.61 44.87
CA ILE S 190 -33.03 43.73 45.35
C ILE S 190 -33.76 44.31 44.14
N VAL S 191 -33.19 44.12 42.96
CA VAL S 191 -33.76 44.60 41.66
C VAL S 191 -34.73 43.54 41.15
N TRP S 192 -34.75 42.35 41.75
CA TRP S 192 -35.74 41.32 41.37
C TRP S 192 -36.97 41.42 42.25
N ILE S 193 -36.90 42.08 43.40
CA ILE S 193 -38.11 42.25 44.24
C ILE S 193 -38.89 43.43 43.68
N ALA S 194 -38.20 44.32 42.95
CA ALA S 194 -38.85 45.49 42.30
C ALA S 194 -39.58 44.98 41.06
N LEU S 195 -38.89 44.16 40.25
CA LEU S 195 -39.46 43.61 39.00
C LEU S 195 -40.62 42.69 39.34
N PHE S 196 -40.44 41.76 40.28
CA PHE S 196 -41.51 40.84 40.64
C PHE S 196 -42.74 41.61 41.11
N ALA S 197 -42.53 42.65 41.93
CA ALA S 197 -43.61 43.46 42.43
C ALA S 197 -44.33 44.20 41.28
N THR S 198 -43.58 44.65 40.28
CA THR S 198 -44.15 45.49 39.24
C THR S 198 -44.67 44.69 38.04
N ILE S 199 -44.39 43.38 37.99
CA ILE S 199 -44.85 42.54 36.88
C ILE S 199 -46.03 41.66 37.29
N TYR S 200 -45.89 40.97 38.43
CA TYR S 200 -46.85 39.91 38.78
C TYR S 200 -47.98 40.44 39.65
N PHE S 201 -47.78 41.60 40.30
CA PHE S 201 -48.81 42.18 41.15
C PHE S 201 -49.45 43.39 40.49
N VAL S 202 -48.63 44.35 40.06
CA VAL S 202 -49.12 45.51 39.34
C VAL S 202 -49.10 45.17 37.86
N ARG S 203 -50.19 44.56 37.40
CA ARG S 203 -50.29 44.15 36.00
C ARG S 203 -50.97 45.25 35.18
N MET T 1 -15.76 62.27 57.18
CA MET T 1 -15.92 62.71 55.77
C MET T 1 -17.37 63.15 55.51
N HIS T 2 -17.65 64.40 55.89
CA HIS T 2 -18.99 64.98 55.91
C HIS T 2 -19.29 65.77 54.64
N ILE T 3 -18.26 66.43 54.08
CA ILE T 3 -18.43 67.21 52.86
C ILE T 3 -18.81 66.28 51.71
N GLU T 4 -18.16 65.12 51.63
CA GLU T 4 -18.44 64.13 50.60
C GLU T 4 -19.89 63.65 50.68
N ALA T 5 -20.36 63.40 51.91
CA ALA T 5 -21.71 62.91 52.13
C ALA T 5 -22.74 64.00 51.80
N ARG T 6 -22.42 65.25 52.14
CA ARG T 6 -23.33 66.37 51.94
C ARG T 6 -23.51 66.66 50.46
N LEU T 7 -22.41 66.53 49.68
CA LEU T 7 -22.42 66.86 48.26
C LEU T 7 -23.43 65.99 47.50
N PHE T 8 -23.71 64.78 48.01
CA PHE T 8 -24.59 63.84 47.34
C PHE T 8 -26.06 64.09 47.72
N GLU T 9 -26.31 64.34 49.01
CA GLU T 9 -27.68 64.54 49.45
C GLU T 9 -28.23 65.91 49.01
N ILE T 10 -27.32 66.88 48.80
CA ILE T 10 -27.70 68.16 48.20
C ILE T 10 -28.32 67.91 46.83
N LEU T 11 -27.69 67.04 46.03
CA LEU T 11 -28.22 66.67 44.72
C LEU T 11 -29.51 65.85 44.88
N THR T 12 -29.55 64.98 45.90
CA THR T 12 -30.68 64.09 46.12
C THR T 12 -31.96 64.90 46.34
N ALA T 13 -31.87 65.95 47.17
CA ALA T 13 -33.04 66.79 47.44
C ALA T 13 -33.58 67.43 46.16
N PHE T 14 -32.69 68.00 45.34
CA PHE T 14 -33.09 68.64 44.10
C PHE T 14 -33.72 67.62 43.14
N PHE T 15 -33.11 66.44 43.03
CA PHE T 15 -33.60 65.41 42.12
C PHE T 15 -34.99 64.93 42.53
N ALA T 16 -35.20 64.74 43.83
CA ALA T 16 -36.50 64.32 44.34
C ALA T 16 -37.55 65.37 44.02
N LEU T 17 -37.19 66.65 44.25
CA LEU T 17 -38.12 67.74 43.98
C LEU T 17 -38.49 67.77 42.50
N ALA T 18 -37.49 67.63 41.61
CA ALA T 18 -37.71 67.69 40.18
C ALA T 18 -38.60 66.54 39.71
N ALA T 19 -38.36 65.33 40.23
CA ALA T 19 -39.16 64.17 39.86
C ALA T 19 -40.62 64.33 40.29
N VAL T 20 -40.82 64.81 41.52
CA VAL T 20 -42.16 64.98 42.06
C VAL T 20 -42.91 66.06 41.28
N VAL T 21 -42.21 67.16 40.93
CA VAL T 21 -42.82 68.24 40.18
C VAL T 21 -43.21 67.75 38.79
N TYR T 22 -42.31 67.00 38.14
CA TYR T 22 -42.55 66.55 36.77
C TYR T 22 -43.73 65.59 36.72
N ALA T 23 -43.82 64.68 37.69
CA ALA T 23 -44.87 63.67 37.71
C ALA T 23 -46.26 64.31 37.84
N VAL T 24 -46.39 65.30 38.74
CA VAL T 24 -47.67 65.91 39.04
C VAL T 24 -48.09 66.84 37.89
N LEU T 25 -47.17 67.66 37.41
CA LEU T 25 -47.47 68.65 36.38
C LEU T 25 -47.87 68.00 35.06
N THR T 26 -47.53 66.72 34.89
CA THR T 26 -47.85 65.99 33.67
C THR T 26 -49.20 65.27 33.78
N ALA T 27 -49.59 64.88 35.00
CA ALA T 27 -50.85 64.18 35.21
C ALA T 27 -52.03 65.03 34.77
N MET T 28 -51.98 66.33 35.07
CA MET T 28 -53.00 67.27 34.65
C MET T 28 -52.37 68.34 33.76
N PHE T 29 -53.19 68.87 32.83
CA PHE T 29 -52.78 69.76 31.75
C PHE T 29 -51.45 69.31 31.12
N ALA T 30 -51.47 68.08 30.60
CA ALA T 30 -50.46 67.54 29.70
C ALA T 30 -51.08 66.38 28.94
N THR T 31 -51.03 66.46 27.61
CA THR T 31 -51.69 65.49 26.74
C THR T 31 -51.16 64.08 27.01
N GLY T 32 -52.08 63.11 27.03
CA GLY T 32 -51.74 61.73 27.30
C GLY T 32 -51.92 61.40 28.78
N GLY T 33 -50.86 60.84 29.38
CA GLY T 33 -50.89 60.43 30.77
C GLY T 33 -49.84 61.15 31.61
N VAL T 34 -48.93 60.37 32.20
CA VAL T 34 -48.02 60.86 33.23
C VAL T 34 -46.61 60.99 32.65
N GLU T 35 -46.42 60.63 31.37
CA GLU T 35 -45.14 60.71 30.69
C GLU T 35 -44.14 59.79 31.41
N TRP T 36 -44.40 58.49 31.27
CA TRP T 36 -43.70 57.45 32.02
C TRP T 36 -42.20 57.44 31.74
N ALA T 37 -41.79 57.93 30.56
CA ALA T 37 -40.40 57.82 30.12
C ALA T 37 -39.51 58.74 30.94
N GLY T 38 -39.93 59.99 31.10
CA GLY T 38 -39.15 60.98 31.83
C GLY T 38 -39.29 60.83 33.35
N THR T 39 -40.46 60.35 33.79
CA THR T 39 -40.72 60.14 35.21
C THR T 39 -39.85 59.01 35.76
N THR T 40 -39.68 57.95 34.98
CA THR T 40 -38.92 56.78 35.40
C THR T 40 -37.46 57.15 35.61
N ALA T 41 -36.91 57.99 34.73
CA ALA T 41 -35.50 58.33 34.75
C ALA T 41 -35.13 59.12 36.01
N LEU T 42 -35.98 60.08 36.39
CA LEU T 42 -35.64 60.98 37.50
C LEU T 42 -35.77 60.30 38.86
N VAL T 43 -36.70 59.34 38.96
CA VAL T 43 -36.92 58.63 40.22
C VAL T 43 -35.85 57.57 40.47
N LEU T 44 -35.01 57.31 39.46
CA LEU T 44 -33.82 56.48 39.64
C LEU T 44 -32.56 57.33 39.71
N THR T 45 -32.58 58.52 39.10
CA THR T 45 -31.50 59.48 39.27
C THR T 45 -31.37 59.89 40.73
N THR T 46 -32.52 60.04 41.42
CA THR T 46 -32.52 60.33 42.85
C THR T 46 -31.90 59.17 43.63
N GLY T 47 -32.24 57.93 43.24
CA GLY T 47 -31.75 56.73 43.91
C GLY T 47 -30.24 56.59 43.77
N LEU T 48 -29.71 56.96 42.59
CA LEU T 48 -28.28 56.89 42.34
C LEU T 48 -27.53 57.70 43.41
N THR T 49 -27.99 58.92 43.66
CA THR T 49 -27.34 59.80 44.62
C THR T 49 -27.64 59.35 46.05
N LEU T 50 -28.86 58.81 46.28
CA LEU T 50 -29.27 58.41 47.62
C LEU T 50 -28.39 57.28 48.15
N ILE T 51 -28.11 56.27 47.30
CA ILE T 51 -27.30 55.12 47.70
C ILE T 51 -25.93 55.61 48.17
N THR T 52 -25.27 56.41 47.33
CA THR T 52 -23.92 56.87 47.62
C THR T 52 -23.90 57.76 48.85
N GLY T 53 -24.91 58.63 48.98
CA GLY T 53 -25.03 59.54 50.11
C GLY T 53 -25.16 58.78 51.44
N THR T 54 -26.01 57.75 51.44
CA THR T 54 -26.23 56.95 52.63
C THR T 54 -24.97 56.20 53.01
N PHE T 55 -24.29 55.61 52.01
CA PHE T 55 -23.08 54.86 52.26
C PHE T 55 -22.00 55.77 52.84
N PHE T 56 -21.84 56.96 52.26
CA PHE T 56 -20.85 57.93 52.71
C PHE T 56 -21.16 58.41 54.13
N ARG T 57 -22.44 58.60 54.42
CA ARG T 57 -22.86 59.03 55.76
C ARG T 57 -22.49 57.97 56.79
N PHE T 58 -22.77 56.70 56.49
CA PHE T 58 -22.46 55.62 57.41
C PHE T 58 -20.95 55.51 57.63
N VAL T 59 -20.17 55.60 56.55
CA VAL T 59 -18.72 55.51 56.63
C VAL T 59 -18.17 56.67 57.47
N ALA T 60 -18.72 57.88 57.26
CA ALA T 60 -18.30 59.06 57.99
C ALA T 60 -18.60 58.93 59.48
N ARG T 61 -19.75 58.36 59.83
CA ARG T 61 -20.11 58.16 61.23
C ARG T 61 -19.22 57.08 61.87
N ARG T 62 -18.75 56.12 61.07
CA ARG T 62 -17.95 55.02 61.60
C ARG T 62 -16.55 55.50 62.01
N LEU T 63 -15.85 56.18 61.09
CA LEU T 63 -14.48 56.57 61.32
C LEU T 63 -14.38 58.05 61.72
N ASP T 64 -13.37 58.36 62.52
CA ASP T 64 -13.13 59.72 63.01
C ASP T 64 -12.30 60.51 62.00
N THR T 65 -11.89 61.71 62.41
CA THR T 65 -11.20 62.66 61.54
C THR T 65 -9.88 62.08 61.02
N ARG T 66 -9.62 62.36 59.75
CA ARG T 66 -8.38 61.99 59.07
C ARG T 66 -7.51 63.23 58.91
N PRO T 67 -6.19 63.10 58.62
CA PRO T 67 -5.37 64.23 58.20
C PRO T 67 -5.93 65.05 57.05
N GLU T 68 -6.65 64.39 56.13
CA GLU T 68 -7.26 65.07 54.98
C GLU T 68 -8.41 65.97 55.41
N ASP T 69 -9.08 65.62 56.51
CA ASP T 69 -10.26 66.33 56.98
C ASP T 69 -9.93 67.32 58.09
N TYR T 70 -8.63 67.58 58.31
CA TYR T 70 -8.16 68.41 59.40
C TYR T 70 -7.55 69.68 58.83
N GLU T 71 -7.94 70.83 59.42
CA GLU T 71 -7.53 72.13 58.91
C GLU T 71 -6.03 72.33 59.10
N ASP T 72 -5.58 72.28 60.36
CA ASP T 72 -4.20 72.59 60.70
C ASP T 72 -3.43 71.29 60.93
N ALA T 73 -3.34 70.48 59.87
CA ALA T 73 -2.68 69.19 59.93
C ALA T 73 -1.26 69.29 59.35
N GLU T 74 -0.38 68.43 59.87
CA GLU T 74 1.02 68.42 59.45
C GLU T 74 1.25 67.27 58.49
N ILE T 75 2.31 67.42 57.68
CA ILE T 75 2.72 66.42 56.71
C ILE T 75 3.19 65.15 57.43
N SER T 76 3.75 65.32 58.63
CA SER T 76 4.30 64.21 59.41
C SER T 76 3.21 63.30 59.96
N ASP T 77 1.95 63.74 59.91
CA ASP T 77 0.85 62.93 60.44
C ASP T 77 0.51 61.77 59.52
N GLY T 78 0.63 62.01 58.20
CA GLY T 78 0.25 61.04 57.19
C GLY T 78 1.36 60.06 56.84
N ALA T 79 2.55 60.23 57.45
CA ALA T 79 3.69 59.36 57.17
C ALA T 79 3.36 57.93 57.60
N GLY T 80 3.78 56.96 56.79
CA GLY T 80 3.56 55.56 57.10
C GLY T 80 3.40 54.69 55.85
N GLU T 81 2.23 54.08 55.70
CA GLU T 81 2.02 52.98 54.78
C GLU T 81 0.72 53.20 54.02
N LEU T 82 0.83 53.38 52.69
CA LEU T 82 -0.34 53.65 51.88
C LEU T 82 -1.09 52.36 51.56
N GLY T 83 -0.43 51.47 50.82
CA GLY T 83 -1.05 50.21 50.41
C GLY T 83 -0.44 49.70 49.11
N PHE T 84 -1.23 48.90 48.38
CA PHE T 84 -0.74 48.18 47.22
C PHE T 84 -1.27 48.80 45.93
N PHE T 85 -0.35 48.98 44.97
CA PHE T 85 -0.68 49.43 43.64
C PHE T 85 0.08 48.56 42.63
N ALA T 86 -0.62 48.19 41.55
CA ALA T 86 -0.05 47.33 40.52
C ALA T 86 0.99 48.10 39.73
N PRO T 87 2.28 47.65 39.71
CA PRO T 87 3.30 48.36 38.95
C PRO T 87 3.17 48.27 37.44
N HIS T 88 2.73 47.11 36.92
CA HIS T 88 2.61 46.86 35.49
C HIS T 88 1.80 45.60 35.24
N SER T 89 1.15 45.56 34.05
CA SER T 89 0.31 44.45 33.63
C SER T 89 -0.04 44.62 32.16
N TRP T 90 0.00 43.51 31.40
CA TRP T 90 -0.37 43.51 29.99
C TRP T 90 -1.71 42.85 29.75
N TRP T 91 -2.48 42.58 30.82
CA TRP T 91 -3.78 41.94 30.72
C TRP T 91 -4.90 42.86 30.20
N PRO T 92 -4.97 44.15 30.61
CA PRO T 92 -6.00 45.06 30.11
C PRO T 92 -6.22 45.08 28.60
N ILE T 93 -5.13 45.06 27.83
CA ILE T 93 -5.22 45.09 26.38
C ILE T 93 -5.87 43.81 25.86
N LEU T 94 -5.57 42.68 26.50
CA LEU T 94 -6.18 41.41 26.15
C LEU T 94 -7.68 41.42 26.45
N ILE T 95 -8.07 42.01 27.59
CA ILE T 95 -9.47 42.11 27.95
C ILE T 95 -10.21 42.96 26.90
N SER T 96 -9.61 44.08 26.51
CA SER T 96 -10.20 44.97 25.54
C SER T 96 -10.36 44.29 24.19
N LEU T 97 -9.33 43.52 23.78
CA LEU T 97 -9.38 42.80 22.51
C LEU T 97 -10.49 41.75 22.52
N SER T 98 -10.65 41.05 23.66
CA SER T 98 -11.69 40.04 23.80
C SER T 98 -13.07 40.66 23.66
N PHE T 99 -13.28 41.80 24.34
CA PHE T 99 -14.55 42.48 24.27
C PHE T 99 -14.84 43.00 22.86
N SER T 100 -13.79 43.49 22.18
CA SER T 100 -13.91 43.96 20.81
C SER T 100 -14.34 42.82 19.87
N THR T 101 -13.76 41.63 20.09
CA THR T 101 -14.11 40.46 19.29
C THR T 101 -15.59 40.12 19.49
N ALA T 102 -16.02 40.11 20.76
CA ALA T 102 -17.41 39.80 21.08
C ALA T 102 -18.35 40.82 20.44
N ALA T 103 -17.96 42.10 20.45
CA ALA T 103 -18.78 43.17 19.91
C ALA T 103 -18.92 43.05 18.39
N VAL T 104 -17.80 42.75 17.71
CA VAL T 104 -17.82 42.58 16.27
C VAL T 104 -18.70 41.38 15.91
N GLY T 105 -18.62 40.32 16.73
CA GLY T 105 -19.49 39.16 16.55
C GLY T 105 -20.96 39.53 16.66
N ALA T 106 -21.31 40.33 17.67
CA ALA T 106 -22.69 40.72 17.92
C ALA T 106 -23.20 41.67 16.84
N ALA T 107 -22.31 42.47 16.24
CA ALA T 107 -22.72 43.47 15.25
C ALA T 107 -23.17 42.81 13.94
N LEU T 108 -22.40 41.81 13.47
CA LEU T 108 -22.68 41.15 12.21
C LEU T 108 -23.54 39.89 12.42
N TRP T 109 -23.91 39.60 13.67
CA TRP T 109 -24.71 38.44 14.04
C TRP T 109 -24.04 37.14 13.59
N LEU T 110 -22.86 36.89 14.16
CA LEU T 110 -22.12 35.65 13.96
C LEU T 110 -22.01 34.95 15.31
N PRO T 111 -22.92 34.01 15.63
CA PRO T 111 -22.95 33.39 16.96
C PRO T 111 -21.65 32.71 17.39
N TRP T 112 -20.91 32.13 16.44
CA TRP T 112 -19.64 31.50 16.74
C TRP T 112 -18.64 32.54 17.24
N LEU T 113 -18.61 33.71 16.60
CA LEU T 113 -17.73 34.80 17.02
C LEU T 113 -18.13 35.30 18.41
N ILE T 114 -19.44 35.33 18.71
CA ILE T 114 -19.93 35.76 20.01
C ILE T 114 -19.44 34.78 21.08
N ALA T 115 -19.57 33.48 20.81
CA ALA T 115 -19.15 32.46 21.76
C ALA T 115 -17.64 32.53 22.02
N ALA T 116 -16.86 32.69 20.95
CA ALA T 116 -15.42 32.82 21.08
C ALA T 116 -15.05 34.05 21.90
N GLY T 117 -15.76 35.15 21.67
CA GLY T 117 -15.53 36.39 22.40
C GLY T 117 -15.82 36.25 23.88
N VAL T 118 -16.90 35.55 24.22
CA VAL T 118 -17.28 35.35 25.61
C VAL T 118 -16.24 34.49 26.32
N ALA T 119 -15.77 33.43 25.64
CA ALA T 119 -14.73 32.57 26.20
C ALA T 119 -13.44 33.37 26.44
N PHE T 120 -13.08 34.22 25.48
CA PHE T 120 -11.89 35.04 25.59
C PHE T 120 -12.01 36.02 26.75
N VAL T 121 -13.20 36.61 26.92
CA VAL T 121 -13.45 37.58 27.98
C VAL T 121 -13.28 36.91 29.34
N ILE T 122 -13.85 35.70 29.49
CA ILE T 122 -13.76 34.98 30.75
C ILE T 122 -12.30 34.66 31.06
N THR T 123 -11.56 34.19 30.06
CA THR T 123 -10.16 33.82 30.25
C THR T 123 -9.33 35.05 30.65
N SER T 124 -9.55 36.19 29.98
CA SER T 124 -8.80 37.40 30.24
C SER T 124 -9.08 37.94 31.64
N VAL T 125 -10.36 37.90 32.05
CA VAL T 125 -10.74 38.38 33.37
C VAL T 125 -10.12 37.48 34.44
N CYS T 126 -10.12 36.16 34.18
CA CYS T 126 -9.49 35.21 35.08
C CYS T 126 -8.00 35.53 35.24
N GLY T 127 -7.33 35.82 34.11
CA GLY T 127 -5.93 36.20 34.12
C GLY T 127 -5.65 37.46 34.91
N LEU T 128 -6.56 38.44 34.79
CA LEU T 128 -6.40 39.70 35.51
C LEU T 128 -6.57 39.51 37.01
N VAL T 129 -7.58 38.74 37.41
CA VAL T 129 -7.92 38.59 38.82
C VAL T 129 -6.89 37.67 39.50
N PHE T 130 -6.42 36.65 38.77
CA PHE T 130 -5.43 35.73 39.30
C PHE T 130 -4.07 36.19 38.76
N GLU T 131 -3.64 37.37 39.21
CA GLU T 131 -2.34 37.90 38.79
C GLU T 131 -1.35 37.92 39.96
N TYR T 132 -1.76 38.51 41.08
CA TYR T 132 -0.90 38.64 42.24
C TYR T 132 -1.23 37.60 43.31
N TYR T 133 -1.70 36.41 42.88
CA TYR T 133 -2.11 35.36 43.81
C TYR T 133 -1.56 33.98 43.45
N TRP T 134 -1.13 33.79 42.20
CA TRP T 134 -0.47 32.54 41.82
C TRP T 134 0.76 32.31 42.68
N GLY T 135 0.87 31.09 43.20
CA GLY T 135 2.04 30.67 43.96
C GLY T 135 3.18 30.22 43.04
N PRO T 136 4.38 29.88 43.60
CA PRO T 136 5.47 29.35 42.80
C PRO T 136 5.12 28.00 42.19
N GLU T 137 5.83 27.65 41.11
CA GLU T 137 5.67 26.37 40.45
C GLU T 137 6.18 25.24 41.34
N LYS T 138 5.45 24.11 41.32
CA LYS T 138 5.65 23.02 42.25
C LYS T 138 6.79 22.08 41.83
N HIS T 139 7.05 21.98 40.52
CA HIS T 139 7.98 21.00 39.95
C HIS T 139 7.49 19.58 40.25
N GLU U 10 28.86 74.51 44.37
CA GLU U 10 29.15 75.93 43.97
C GLU U 10 29.37 76.01 42.45
N LEU U 11 29.84 74.90 41.87
CA LEU U 11 30.12 74.82 40.45
C LEU U 11 30.06 73.35 40.03
N GLU U 12 28.95 73.00 39.35
CA GLU U 12 28.64 71.63 38.98
C GLU U 12 28.82 71.42 37.48
N ALA U 13 28.87 70.14 37.09
CA ALA U 13 29.04 69.71 35.71
C ALA U 13 27.68 69.37 35.12
N ARG U 14 27.39 69.93 33.94
CA ARG U 14 26.14 69.73 33.24
C ARG U 14 26.40 69.37 31.79
N ARG U 15 25.34 69.06 31.03
CA ARG U 15 25.45 68.75 29.62
C ARG U 15 25.19 70.00 28.78
N PRO U 16 25.90 70.16 27.64
CA PRO U 16 25.66 71.31 26.74
C PRO U 16 24.20 71.43 26.30
N PHE U 17 23.58 70.29 25.99
CA PHE U 17 22.17 70.22 25.65
C PHE U 17 21.62 68.91 26.17
N PRO U 18 20.39 68.88 26.71
CA PRO U 18 19.78 67.62 27.15
C PRO U 18 19.57 66.63 26.01
N GLU U 19 19.35 65.36 26.39
CA GLU U 19 19.16 64.29 25.43
C GLU U 19 17.88 64.52 24.64
N ARG U 20 17.94 64.23 23.34
CA ARG U 20 16.81 64.42 22.44
C ARG U 20 15.75 63.33 22.62
N MET U 21 16.15 62.08 22.37
CA MET U 21 15.25 60.95 22.59
C MET U 21 15.98 59.85 23.34
N GLY U 22 15.20 58.87 23.81
CA GLY U 22 15.74 57.67 24.44
C GLY U 22 16.38 56.73 23.42
N PRO U 23 17.08 55.68 23.89
CA PRO U 23 17.70 54.72 22.99
C PRO U 23 16.65 53.79 22.37
N LYS U 24 17.11 52.87 21.52
CA LYS U 24 16.25 51.87 20.92
C LYS U 24 15.59 51.03 22.01
N GLY U 25 14.31 50.72 21.80
CA GLY U 25 13.54 49.88 22.70
C GLY U 25 13.33 50.55 24.06
N ASN U 26 12.93 51.82 24.03
CA ASN U 26 12.77 52.61 25.25
C ASN U 26 11.29 52.88 25.54
N LEU U 27 10.42 52.72 24.53
CA LEU U 27 9.04 53.18 24.62
C LEU U 27 8.04 52.05 24.32
N ILE U 28 8.40 51.12 23.43
CA ILE U 28 7.43 50.19 22.87
C ILE U 28 6.84 49.28 23.95
N TYR U 29 7.68 48.73 24.83
CA TYR U 29 7.17 47.71 25.75
C TYR U 29 6.41 48.36 26.90
N LYS U 30 6.87 49.53 27.36
CA LYS U 30 6.20 50.24 28.44
C LYS U 30 5.10 51.13 27.82
N LEU U 31 4.40 50.58 26.83
CA LEU U 31 3.30 51.27 26.17
C LEU U 31 2.08 50.37 26.19
N ILE U 32 2.32 49.05 26.30
CA ILE U 32 1.26 48.06 26.38
C ILE U 32 1.15 47.50 27.79
N THR U 33 2.18 47.69 28.62
CA THR U 33 2.18 47.20 30.00
C THR U 33 2.16 48.35 31.00
N THR U 34 2.04 49.58 30.49
CA THR U 34 2.17 50.78 31.29
C THR U 34 1.03 50.92 32.29
N THR U 35 1.34 51.58 33.40
CA THR U 35 0.42 51.79 34.50
C THR U 35 0.49 53.24 34.98
N ASP U 36 1.49 54.00 34.52
CA ASP U 36 1.67 55.39 34.87
C ASP U 36 0.55 56.24 34.23
N HIS U 37 -0.05 57.10 35.06
CA HIS U 37 -1.16 57.94 34.64
C HIS U 37 -0.69 59.03 33.68
N LYS U 38 0.54 59.53 33.84
CA LYS U 38 1.07 60.58 32.99
C LYS U 38 1.15 60.10 31.53
N LEU U 39 1.65 58.87 31.35
CA LEU U 39 1.82 58.29 30.03
C LEU U 39 0.46 58.01 29.39
N ILE U 40 -0.53 57.59 30.20
CA ILE U 40 -1.87 57.34 29.72
C ILE U 40 -2.51 58.64 29.22
N GLY U 41 -2.27 59.75 29.93
CA GLY U 41 -2.77 61.04 29.51
C GLY U 41 -2.15 61.51 28.18
N ILE U 42 -0.85 61.24 28.02
CA ILE U 42 -0.15 61.58 26.79
C ILE U 42 -0.72 60.79 25.61
N MET U 43 -1.02 59.50 25.84
CA MET U 43 -1.56 58.65 24.79
C MET U 43 -2.98 59.09 24.40
N TYR U 44 -3.82 59.39 25.40
CA TYR U 44 -5.09 60.06 25.17
C TYR U 44 -4.91 61.22 24.20
N CYS U 45 -4.00 62.15 24.51
CA CYS U 45 -3.88 63.38 23.74
C CYS U 45 -3.52 63.07 22.28
N VAL U 46 -2.56 62.15 22.11
CA VAL U 46 -2.04 61.85 20.78
C VAL U 46 -3.14 61.25 19.91
N VAL U 47 -3.84 60.25 20.46
CA VAL U 47 -4.86 59.56 19.68
C VAL U 47 -6.05 60.47 19.41
N CYS U 48 -6.39 61.33 20.37
CA CYS U 48 -7.47 62.29 20.22
C CYS U 48 -7.18 63.24 19.05
N PHE U 49 -5.95 63.76 18.97
CA PHE U 49 -5.57 64.64 17.87
C PHE U 49 -5.53 63.91 16.53
N ALA U 50 -5.15 62.62 16.58
CA ALA U 50 -5.15 61.82 15.37
C ALA U 50 -6.56 61.64 14.82
N PHE U 51 -7.54 61.53 15.72
CA PHE U 51 -8.94 61.41 15.31
C PHE U 51 -9.50 62.76 14.86
N PHE U 52 -9.00 63.85 15.47
CA PHE U 52 -9.42 65.20 15.13
C PHE U 52 -9.13 65.48 13.67
N LEU U 53 -7.95 65.05 13.20
CA LEU U 53 -7.58 65.29 11.80
C LEU U 53 -8.53 64.59 10.84
N VAL U 54 -8.93 63.35 11.16
CA VAL U 54 -9.81 62.58 10.30
C VAL U 54 -11.19 63.25 10.24
N GLY U 55 -11.69 63.66 11.42
CA GLY U 55 -12.97 64.35 11.50
C GLY U 55 -12.99 65.65 10.69
N GLY U 56 -11.87 66.38 10.79
CA GLY U 56 -11.71 67.62 10.04
C GLY U 56 -11.68 67.38 8.53
N LEU U 57 -11.07 66.26 8.11
CA LEU U 57 -11.04 65.89 6.71
C LEU U 57 -12.45 65.65 6.18
N MET U 58 -13.29 64.99 6.99
CA MET U 58 -14.66 64.73 6.60
C MET U 58 -15.42 66.05 6.44
N ALA U 59 -15.17 66.98 7.38
CA ALA U 59 -15.82 68.29 7.32
C ALA U 59 -15.39 69.06 6.07
N LEU U 60 -14.10 68.94 5.70
CA LEU U 60 -13.59 69.59 4.49
C LEU U 60 -14.25 69.00 3.25
N PHE U 61 -14.44 67.67 3.22
CA PHE U 61 -15.11 67.04 2.11
C PHE U 61 -16.54 67.56 1.94
N MET U 62 -17.28 67.64 3.05
CA MET U 62 -18.68 68.05 2.93
C MET U 62 -18.83 69.55 2.75
N ARG U 63 -17.79 70.32 3.07
CA ARG U 63 -17.80 71.76 2.91
C ARG U 63 -17.40 72.16 1.49
N THR U 64 -16.55 71.36 0.83
CA THR U 64 -16.10 71.67 -0.52
C THR U 64 -17.26 71.52 -1.52
N GLU U 65 -18.04 70.46 -1.37
CA GLU U 65 -19.16 70.18 -2.25
C GLU U 65 -20.29 71.21 -2.11
N LEU U 66 -20.37 71.87 -0.96
CA LEU U 66 -21.53 72.68 -0.63
C LEU U 66 -21.30 74.16 -0.96
N ALA U 67 -20.34 74.43 -1.85
CA ALA U 67 -20.00 75.79 -2.27
C ALA U 67 -20.69 76.17 -3.59
N MET U 68 -21.08 75.16 -4.38
CA MET U 68 -21.71 75.39 -5.68
C MET U 68 -22.95 74.52 -5.79
N PRO U 69 -24.04 75.02 -6.42
CA PRO U 69 -25.23 74.18 -6.66
C PRO U 69 -24.93 73.05 -7.63
N GLY U 70 -25.57 71.91 -7.39
CA GLY U 70 -25.34 70.72 -8.20
C GLY U 70 -24.27 69.82 -7.59
N LEU U 71 -24.47 68.50 -7.73
CA LEU U 71 -23.52 67.52 -7.19
C LEU U 71 -22.32 67.43 -8.13
N GLN U 72 -21.18 67.99 -7.69
CA GLN U 72 -20.00 68.05 -8.54
C GLN U 72 -19.20 66.75 -8.51
N PHE U 73 -18.91 66.24 -7.31
CA PHE U 73 -18.09 65.06 -7.17
C PHE U 73 -18.64 64.08 -6.12
N LEU U 74 -19.59 64.52 -5.30
CA LEU U 74 -20.09 63.71 -4.20
C LEU U 74 -21.51 63.25 -4.51
N SER U 75 -22.04 62.39 -3.63
CA SER U 75 -23.36 61.78 -3.80
C SER U 75 -24.21 62.07 -2.57
N ASN U 76 -25.50 61.75 -2.67
CA ASN U 76 -26.45 61.91 -1.58
C ASN U 76 -26.09 61.00 -0.42
N GLU U 77 -25.86 59.71 -0.72
CA GLU U 77 -25.53 58.70 0.28
C GLU U 77 -24.21 59.06 0.97
N GLN U 78 -23.23 59.44 0.17
CA GLN U 78 -21.90 59.77 0.66
C GLN U 78 -21.97 60.98 1.57
N PHE U 79 -22.74 62.00 1.17
CA PHE U 79 -22.90 63.20 1.98
C PHE U 79 -23.55 62.87 3.32
N ASN U 80 -24.56 62.01 3.30
CA ASN U 80 -25.28 61.61 4.50
C ASN U 80 -24.33 60.90 5.47
N GLN U 81 -23.62 59.88 4.99
CA GLN U 81 -22.66 59.17 5.80
C GLN U 81 -21.59 60.14 6.31
N LEU U 82 -21.23 61.14 5.51
CA LEU U 82 -20.13 62.03 5.81
C LEU U 82 -20.47 62.92 7.00
N PHE U 83 -21.64 63.55 7.00
CA PHE U 83 -22.01 64.38 8.13
C PHE U 83 -22.41 63.54 9.35
N THR U 84 -22.86 62.31 9.13
CA THR U 84 -23.14 61.41 10.23
C THR U 84 -21.86 61.07 10.99
N MET U 85 -20.77 60.79 10.25
CA MET U 85 -19.53 60.33 10.85
C MET U 85 -18.68 61.49 11.38
N HIS U 86 -18.74 62.66 10.74
CA HIS U 86 -18.00 63.83 11.21
C HIS U 86 -18.41 64.16 12.65
N GLY U 87 -19.71 64.32 12.86
CA GLY U 87 -20.30 64.71 14.13
C GLY U 87 -20.18 63.63 15.20
N THR U 88 -19.99 62.38 14.79
CA THR U 88 -19.82 61.28 15.74
C THR U 88 -18.36 61.25 16.20
N VAL U 89 -17.43 61.31 15.25
CA VAL U 89 -16.02 61.18 15.55
C VAL U 89 -15.55 62.38 16.37
N MET U 90 -16.01 63.58 16.03
CA MET U 90 -15.49 64.78 16.66
C MET U 90 -16.27 65.15 17.93
N LEU U 91 -17.15 64.26 18.39
CA LEU U 91 -17.93 64.45 19.60
C LEU U 91 -17.67 63.33 20.61
N LEU U 92 -17.56 62.08 20.14
CA LEU U 92 -17.46 60.95 21.06
C LEU U 92 -16.06 60.32 21.05
N PHE U 93 -15.29 60.51 19.98
CA PHE U 93 -13.97 59.91 19.87
C PHE U 93 -12.85 60.92 20.05
N TYR U 94 -13.20 62.20 20.18
CA TYR U 94 -12.20 63.24 20.39
C TYR U 94 -12.48 64.07 21.64
N ALA U 95 -13.73 64.49 21.84
CA ALA U 95 -14.08 65.47 22.86
C ALA U 95 -14.19 64.83 24.25
N THR U 96 -14.96 63.74 24.36
CA THR U 96 -15.12 63.06 25.64
C THR U 96 -13.78 62.54 26.16
N PRO U 97 -12.98 61.78 25.37
CA PRO U 97 -11.71 61.26 25.87
C PRO U 97 -10.65 62.28 26.25
N ILE U 98 -10.69 63.47 25.65
CA ILE U 98 -9.73 64.51 25.99
C ILE U 98 -9.95 64.98 27.42
N VAL U 99 -11.18 64.85 27.93
CA VAL U 99 -11.49 65.25 29.30
C VAL U 99 -10.68 64.37 30.26
N PHE U 100 -10.70 63.06 30.01
CA PHE U 100 -9.97 62.10 30.82
C PHE U 100 -8.47 62.18 30.56
N GLY U 101 -8.07 62.63 29.36
CA GLY U 101 -6.68 62.94 29.06
C GLY U 101 -6.16 64.04 29.98
N PHE U 102 -6.93 65.11 30.13
CA PHE U 102 -6.56 66.20 31.03
C PHE U 102 -6.63 65.78 32.50
N ALA U 103 -7.55 64.87 32.82
CA ALA U 103 -7.73 64.41 34.19
C ALA U 103 -6.57 63.51 34.63
N ASN U 104 -6.02 62.71 33.70
CA ASN U 104 -4.92 61.82 33.99
C ASN U 104 -3.58 62.54 34.08
N LEU U 105 -3.46 63.73 33.49
CA LEU U 105 -2.21 64.45 33.43
C LEU U 105 -1.88 65.06 34.79
N VAL U 106 -2.86 65.68 35.47
CA VAL U 106 -2.55 66.65 36.51
C VAL U 106 -3.36 66.47 37.79
N LEU U 107 -4.46 65.72 37.74
CA LEU U 107 -5.32 65.60 38.91
C LEU U 107 -4.59 64.97 40.10
N PRO U 108 -3.88 63.82 39.96
CA PRO U 108 -3.08 63.29 41.07
C PRO U 108 -2.01 64.27 41.56
N LEU U 109 -1.44 65.06 40.64
CA LEU U 109 -0.48 66.07 41.01
C LEU U 109 -1.16 67.21 41.78
N GLN U 110 -2.40 67.54 41.41
CA GLN U 110 -3.12 68.64 42.02
C GLN U 110 -3.58 68.29 43.44
N ILE U 111 -3.94 67.02 43.67
CA ILE U 111 -4.44 66.61 44.97
C ILE U 111 -3.30 66.19 45.91
N GLY U 112 -2.10 65.96 45.36
CA GLY U 112 -0.95 65.55 46.15
C GLY U 112 -0.84 64.03 46.33
N ALA U 113 -1.43 63.27 45.41
CA ALA U 113 -1.40 61.81 45.48
C ALA U 113 -0.25 61.26 44.65
N PRO U 114 0.25 60.04 44.94
CA PRO U 114 1.25 59.41 44.09
C PRO U 114 0.67 58.65 42.88
N ASP U 115 -0.62 58.31 42.94
CA ASP U 115 -1.24 57.46 41.94
C ASP U 115 -2.76 57.58 42.04
N VAL U 116 -3.44 57.06 41.01
CA VAL U 116 -4.88 56.92 41.03
C VAL U 116 -5.22 55.57 41.66
N ALA U 117 -6.43 55.46 42.20
CA ALA U 117 -6.93 54.15 42.63
C ALA U 117 -7.26 53.34 41.38
N PHE U 118 -7.04 52.03 41.46
CA PHE U 118 -7.35 51.10 40.38
C PHE U 118 -6.66 51.50 39.08
N PRO U 119 -5.31 51.36 38.99
CA PRO U 119 -4.57 51.78 37.79
C PRO U 119 -4.77 50.88 36.58
N ARG U 120 -4.90 49.57 36.80
CA ARG U 120 -5.12 48.63 35.71
C ARG U 120 -6.47 48.87 35.03
N LEU U 121 -7.44 49.36 35.82
CA LEU U 121 -8.73 49.79 35.29
C LEU U 121 -8.55 51.06 34.45
N ASN U 122 -7.60 51.90 34.86
CA ASN U 122 -7.30 53.13 34.15
C ASN U 122 -6.71 52.82 32.77
N ALA U 123 -5.91 51.75 32.67
CA ALA U 123 -5.36 51.36 31.39
C ALA U 123 -6.42 50.69 30.52
N LEU U 124 -7.31 49.91 31.15
CA LEU U 124 -8.37 49.19 30.47
C LEU U 124 -9.34 50.18 29.81
N SER U 125 -9.58 51.33 30.44
CA SER U 125 -10.41 52.38 29.88
C SER U 125 -9.84 52.91 28.56
N PHE U 126 -8.52 53.15 28.54
CA PHE U 126 -7.86 53.65 27.34
C PHE U 126 -8.03 52.66 26.18
N TRP U 127 -7.81 51.37 26.46
CA TRP U 127 -7.88 50.39 25.40
C TRP U 127 -9.31 50.19 24.89
N LEU U 128 -10.29 50.26 25.81
CA LEU U 128 -11.69 50.20 25.43
C LEU U 128 -12.03 51.35 24.49
N PHE U 129 -11.61 52.58 24.86
CA PHE U 129 -11.74 53.75 24.03
C PHE U 129 -11.21 53.49 22.63
N LEU U 130 -9.93 53.11 22.53
CA LEU U 130 -9.28 53.01 21.23
C LEU U 130 -9.98 51.99 20.33
N PHE U 131 -10.28 50.80 20.87
CA PHE U 131 -10.84 49.74 20.06
C PHE U 131 -12.29 50.00 19.68
N GLY U 132 -13.07 50.59 20.59
CA GLY U 132 -14.42 51.01 20.28
C GLY U 132 -14.45 52.02 19.13
N ALA U 133 -13.55 53.02 19.20
CA ALA U 133 -13.46 54.03 18.17
C ALA U 133 -13.11 53.39 16.82
N LEU U 134 -12.15 52.46 16.85
CA LEU U 134 -11.72 51.81 15.61
C LEU U 134 -12.85 50.99 15.00
N ILE U 135 -13.60 50.26 15.82
CA ILE U 135 -14.66 49.41 15.28
C ILE U 135 -15.82 50.25 14.77
N ALA U 136 -16.04 51.44 15.35
CA ALA U 136 -17.08 52.32 14.85
C ALA U 136 -16.68 52.98 13.53
N ILE U 137 -15.40 53.36 13.39
CA ILE U 137 -14.92 54.01 12.18
C ILE U 137 -14.81 53.01 11.03
N ALA U 138 -14.61 51.72 11.35
CA ALA U 138 -14.36 50.69 10.35
C ALA U 138 -15.55 50.42 9.42
N GLY U 139 -16.61 51.22 9.54
CA GLY U 139 -17.79 51.10 8.69
C GLY U 139 -17.56 51.57 7.25
N PHE U 140 -16.46 52.30 7.02
CA PHE U 140 -16.13 52.80 5.70
C PHE U 140 -15.49 51.74 4.80
N ILE U 141 -15.12 50.59 5.37
CA ILE U 141 -14.48 49.53 4.61
C ILE U 141 -15.54 48.71 3.86
N THR U 142 -16.78 48.74 4.37
CA THR U 142 -17.86 47.98 3.74
C THR U 142 -18.23 48.61 2.40
N PRO U 143 -18.70 47.82 1.41
CA PRO U 143 -19.13 48.37 0.12
C PRO U 143 -20.31 49.33 0.22
N GLY U 144 -21.11 49.20 1.29
CA GLY U 144 -22.27 50.04 1.51
C GLY U 144 -21.90 51.42 2.04
N GLY U 145 -21.10 51.42 3.12
CA GLY U 145 -20.62 52.64 3.76
C GLY U 145 -20.93 52.63 5.24
N ALA U 146 -20.62 53.76 5.89
CA ALA U 146 -20.84 53.90 7.32
C ALA U 146 -22.31 54.23 7.60
N ALA U 147 -22.62 54.61 8.84
CA ALA U 147 -23.94 55.06 9.20
C ALA U 147 -24.28 56.35 8.45
N ASP U 148 -25.55 56.47 8.04
CA ASP U 148 -26.01 57.59 7.23
C ASP U 148 -27.31 58.14 7.79
N PHE U 149 -27.46 58.12 9.12
CA PHE U 149 -28.71 58.54 9.75
C PHE U 149 -28.50 59.56 10.87
N GLY U 150 -27.41 60.32 10.79
CA GLY U 150 -27.11 61.37 11.77
C GLY U 150 -26.59 60.77 13.08
N TRP U 151 -26.00 61.64 13.91
CA TRP U 151 -25.48 61.17 15.18
C TRP U 151 -26.60 61.03 16.22
N THR U 152 -27.78 61.55 15.89
CA THR U 152 -28.91 61.56 16.80
C THR U 152 -29.70 60.25 16.75
N ALA U 153 -29.71 59.58 15.59
CA ALA U 153 -30.24 58.22 15.43
C ALA U 153 -31.75 58.14 15.72
N TYR U 154 -32.52 58.98 15.03
CA TYR U 154 -33.96 59.05 15.25
C TYR U 154 -34.66 57.82 14.68
N SER U 155 -35.82 57.50 15.27
CA SER U 155 -36.68 56.37 14.92
C SER U 155 -37.89 56.85 14.12
N PRO U 156 -38.53 56.00 13.29
CA PRO U 156 -38.05 54.64 13.01
C PRO U 156 -37.10 54.53 11.82
N LEU U 157 -36.29 55.57 11.60
CA LEU U 157 -35.35 55.63 10.48
C LEU U 157 -34.21 54.62 10.68
N THR U 158 -34.03 54.14 11.92
CA THR U 158 -32.85 53.36 12.27
C THR U 158 -33.15 51.86 12.36
N ASP U 159 -34.38 51.45 12.06
CA ASP U 159 -34.71 50.03 12.10
C ASP U 159 -34.18 49.34 10.84
N ALA U 160 -34.41 48.03 10.78
CA ALA U 160 -33.92 47.20 9.69
C ALA U 160 -34.70 47.46 8.39
N ILE U 161 -35.91 48.02 8.49
CA ILE U 161 -36.72 48.34 7.33
C ILE U 161 -36.11 49.53 6.57
N HIS U 162 -35.77 50.59 7.31
CA HIS U 162 -35.30 51.83 6.72
C HIS U 162 -33.78 51.99 6.68
N SER U 163 -33.05 51.20 7.46
CA SER U 163 -31.59 51.26 7.49
C SER U 163 -31.02 49.85 7.55
N PRO U 164 -31.06 49.07 6.45
CA PRO U 164 -30.62 47.67 6.48
C PRO U 164 -29.13 47.42 6.32
N GLY U 165 -28.33 48.49 6.33
CA GLY U 165 -26.88 48.41 6.17
C GLY U 165 -26.18 47.75 7.36
N ALA U 166 -24.91 47.38 7.15
CA ALA U 166 -24.08 46.77 8.18
C ALA U 166 -23.26 47.82 8.94
N GLY U 167 -23.02 48.98 8.30
CA GLY U 167 -22.31 50.08 8.93
C GLY U 167 -23.02 50.62 10.17
N GLY U 168 -24.36 50.67 10.08
CA GLY U 168 -25.20 51.17 11.16
C GLY U 168 -25.19 50.28 12.38
N ASP U 169 -24.87 48.99 12.23
CA ASP U 169 -24.76 48.06 13.34
C ASP U 169 -23.40 48.17 14.02
N LEU U 170 -22.34 48.33 13.20
CA LEU U 170 -21.01 48.56 13.72
C LEU U 170 -20.97 49.88 14.50
N TRP U 171 -21.73 50.89 14.04
CA TRP U 171 -21.87 52.15 14.75
C TRP U 171 -22.37 51.93 16.17
N ILE U 172 -23.49 51.20 16.31
CA ILE U 172 -24.11 50.96 17.60
C ILE U 172 -23.14 50.19 18.51
N MET U 173 -22.51 49.15 17.95
CA MET U 173 -21.69 48.27 18.76
C MET U 173 -20.38 48.95 19.20
N GLY U 174 -19.87 49.84 18.32
CA GLY U 174 -18.69 50.63 18.65
C GLY U 174 -18.97 51.64 19.77
N LEU U 175 -20.13 52.29 19.69
CA LEU U 175 -20.52 53.23 20.74
C LEU U 175 -20.70 52.50 22.06
N ALA U 176 -21.28 51.29 22.02
CA ALA U 176 -21.52 50.52 23.23
C ALA U 176 -20.21 50.09 23.89
N VAL U 177 -19.22 49.71 23.08
CA VAL U 177 -17.93 49.31 23.60
C VAL U 177 -17.20 50.52 24.19
N GLY U 178 -17.25 51.64 23.47
CA GLY U 178 -16.61 52.88 23.87
C GLY U 178 -17.16 53.43 25.17
N GLY U 179 -18.47 53.24 25.41
CA GLY U 179 -19.14 53.82 26.55
C GLY U 179 -18.71 53.23 27.90
N LEU U 180 -18.18 52.00 27.91
CA LEU U 180 -17.83 51.35 29.15
C LEU U 180 -16.59 52.00 29.79
N GLY U 181 -15.62 52.38 28.94
CA GLY U 181 -14.41 53.04 29.38
C GLY U 181 -14.69 54.36 30.09
N THR U 182 -15.68 55.10 29.60
CA THR U 182 -16.07 56.37 30.20
C THR U 182 -16.56 56.17 31.63
N ILE U 183 -17.42 55.16 31.84
CA ILE U 183 -17.98 54.88 33.16
C ILE U 183 -16.87 54.43 34.11
N LEU U 184 -15.96 53.57 33.60
CA LEU U 184 -14.86 53.08 34.43
C LEU U 184 -13.94 54.23 34.84
N GLY U 185 -13.70 55.18 33.93
CA GLY U 185 -12.91 56.38 34.20
C GLY U 185 -13.58 57.29 35.22
N GLY U 186 -14.92 57.38 35.14
CA GLY U 186 -15.70 58.18 36.07
C GLY U 186 -15.61 57.64 37.50
N VAL U 187 -15.75 56.32 37.64
CA VAL U 187 -15.71 55.73 38.97
C VAL U 187 -14.29 55.85 39.56
N ASN U 188 -13.30 55.75 38.67
CA ASN U 188 -11.90 55.88 39.04
C ASN U 188 -11.62 57.28 39.57
N MET U 189 -12.11 58.31 38.86
CA MET U 189 -11.85 59.68 39.27
C MET U 189 -12.55 60.04 40.57
N ILE U 190 -13.78 59.53 40.75
CA ILE U 190 -14.52 59.77 41.99
C ILE U 190 -13.73 59.20 43.16
N THR U 191 -13.27 57.95 43.01
CA THR U 191 -12.55 57.27 44.06
C THR U 191 -11.24 58.00 44.38
N THR U 192 -10.52 58.40 43.33
CA THR U 192 -9.25 59.07 43.49
C THR U 192 -9.42 60.38 44.25
N VAL U 193 -10.44 61.15 43.90
CA VAL U 193 -10.66 62.44 44.54
C VAL U 193 -11.07 62.24 46.00
N VAL U 194 -11.93 61.25 46.25
CA VAL U 194 -12.50 61.07 47.57
C VAL U 194 -11.44 60.56 48.56
N CYS U 195 -10.57 59.65 48.10
CA CYS U 195 -9.67 58.94 49.01
C CYS U 195 -8.23 59.48 48.98
N MET U 196 -7.75 59.87 47.80
CA MET U 196 -6.33 60.17 47.63
C MET U 196 -6.11 61.67 47.83
N ARG U 197 -5.86 62.07 49.07
CA ARG U 197 -5.54 63.47 49.34
C ARG U 197 -4.35 63.54 50.30
N ALA U 198 -3.62 64.66 50.22
CA ALA U 198 -2.49 64.91 51.10
C ALA U 198 -2.99 65.41 52.46
N PRO U 199 -2.19 65.28 53.55
CA PRO U 199 -2.58 65.83 54.85
C PRO U 199 -2.72 67.36 54.82
N GLY U 200 -3.91 67.83 55.22
CA GLY U 200 -4.21 69.25 55.24
C GLY U 200 -4.91 69.74 53.96
N MET U 201 -5.04 68.86 52.95
CA MET U 201 -5.77 69.20 51.74
C MET U 201 -7.23 68.80 51.94
N THR U 202 -8.01 69.74 52.50
CA THR U 202 -9.43 69.52 52.69
C THR U 202 -10.16 69.67 51.36
N MET U 203 -11.48 69.46 51.38
CA MET U 203 -12.31 69.56 50.18
C MET U 203 -12.29 70.98 49.65
N PHE U 204 -12.29 71.97 50.55
CA PHE U 204 -12.39 73.37 50.16
C PHE U 204 -11.03 74.03 49.98
N ARG U 205 -10.00 73.23 49.64
CA ARG U 205 -8.66 73.76 49.41
C ARG U 205 -8.09 73.25 48.09
N MET U 206 -8.79 72.32 47.42
CA MET U 206 -8.28 71.77 46.17
C MET U 206 -8.67 72.69 45.01
N PRO U 207 -7.93 72.68 43.88
CA PRO U 207 -8.22 73.61 42.78
C PRO U 207 -9.59 73.37 42.14
N ILE U 208 -10.03 74.36 41.35
CA ILE U 208 -11.34 74.35 40.71
C ILE U 208 -11.43 73.22 39.67
N PHE U 209 -10.30 72.90 39.05
CA PHE U 209 -10.24 71.84 38.06
C PHE U 209 -10.67 70.51 38.67
N THR U 210 -10.24 70.25 39.91
CA THR U 210 -10.59 69.00 40.59
C THR U 210 -12.09 68.91 40.86
N TRP U 211 -12.68 70.02 41.32
CA TRP U 211 -14.11 70.09 41.57
C TRP U 211 -14.88 69.80 40.28
N ASN U 212 -14.45 70.42 39.17
CA ASN U 212 -15.09 70.25 37.89
C ASN U 212 -15.02 68.79 37.42
N ILE U 213 -13.85 68.15 37.59
CA ILE U 213 -13.68 66.77 37.17
C ILE U 213 -14.56 65.85 38.03
N LEU U 214 -14.63 66.13 39.33
CA LEU U 214 -15.44 65.33 40.24
C LEU U 214 -16.92 65.37 39.82
N VAL U 215 -17.45 66.58 39.61
CA VAL U 215 -18.84 66.73 39.27
C VAL U 215 -19.13 66.19 37.87
N THR U 216 -18.15 66.31 36.96
CA THR U 216 -18.27 65.75 35.62
C THR U 216 -18.38 64.23 35.69
N SER U 217 -17.58 63.59 36.54
CA SER U 217 -17.64 62.15 36.72
C SER U 217 -19.00 61.72 37.29
N ILE U 218 -19.52 62.49 38.25
CA ILE U 218 -20.84 62.21 38.80
C ILE U 218 -21.89 62.29 37.70
N LEU U 219 -21.75 63.26 36.79
CA LEU U 219 -22.69 63.44 35.69
C LEU U 219 -22.58 62.29 34.68
N VAL U 220 -21.35 61.81 34.46
CA VAL U 220 -21.09 60.69 33.57
C VAL U 220 -21.80 59.44 34.10
N LEU U 221 -21.76 59.23 35.42
CA LEU U 221 -22.37 58.07 36.03
C LEU U 221 -23.89 58.04 35.83
N ILE U 222 -24.50 59.17 35.44
CA ILE U 222 -25.92 59.22 35.18
C ILE U 222 -26.20 59.10 33.67
N ALA U 223 -25.38 59.78 32.86
CA ALA U 223 -25.70 59.98 31.44
C ALA U 223 -25.56 58.69 30.62
N PHE U 224 -24.45 57.98 30.79
CA PHE U 224 -24.02 56.97 29.82
C PHE U 224 -24.80 55.66 29.90
N PRO U 225 -25.06 55.08 31.10
CA PRO U 225 -25.77 53.79 31.18
C PRO U 225 -27.13 53.74 30.50
N ILE U 226 -27.87 54.86 30.55
CA ILE U 226 -29.17 54.90 29.90
C ILE U 226 -29.01 54.87 28.37
N LEU U 227 -27.90 55.44 27.88
CA LEU U 227 -27.62 55.38 26.45
C LEU U 227 -27.26 53.95 26.04
N THR U 228 -26.50 53.25 26.88
CA THR U 228 -26.16 51.86 26.63
C THR U 228 -27.42 51.00 26.57
N ALA U 229 -28.37 51.26 27.49
CA ALA U 229 -29.62 50.53 27.55
C ALA U 229 -30.42 50.75 26.26
N ALA U 230 -30.48 52.02 25.81
CA ALA U 230 -31.18 52.35 24.58
C ALA U 230 -30.56 51.65 23.37
N LEU U 231 -29.22 51.61 23.34
CA LEU U 231 -28.51 50.96 22.24
C LEU U 231 -28.79 49.46 22.22
N PHE U 232 -28.86 48.83 23.40
CA PHE U 232 -29.20 47.42 23.48
C PHE U 232 -30.62 47.18 22.99
N GLY U 233 -31.55 48.07 23.35
CA GLY U 233 -32.93 47.99 22.88
C GLY U 233 -33.02 48.06 21.35
N LEU U 234 -32.22 48.96 20.76
CA LEU U 234 -32.23 49.15 19.32
C LEU U 234 -31.62 47.94 18.61
N ALA U 235 -30.54 47.38 19.18
CA ALA U 235 -29.92 46.18 18.63
C ALA U 235 -30.89 45.00 18.70
N ALA U 236 -31.66 44.94 19.79
CA ALA U 236 -32.67 43.88 19.95
C ALA U 236 -33.71 43.99 18.83
N ASP U 237 -34.16 45.22 18.54
CA ASP U 237 -35.12 45.44 17.47
C ASP U 237 -34.54 45.01 16.12
N ARG U 238 -33.28 45.36 15.85
CA ARG U 238 -32.70 45.15 14.53
C ARG U 238 -32.38 43.68 14.29
N HIS U 239 -32.01 42.94 15.35
CA HIS U 239 -31.47 41.59 15.16
C HIS U 239 -32.46 40.50 15.58
N LEU U 240 -33.39 40.79 16.49
CA LEU U 240 -34.30 39.77 17.00
C LEU U 240 -35.75 40.00 16.55
N GLY U 241 -36.01 41.14 15.89
CA GLY U 241 -37.33 41.47 15.39
C GLY U 241 -38.33 41.72 16.52
N ALA U 242 -37.90 42.46 17.54
CA ALA U 242 -38.75 42.86 18.65
C ALA U 242 -39.49 44.15 18.31
N HIS U 243 -40.47 44.50 19.15
CA HIS U 243 -41.24 45.72 18.96
C HIS U 243 -41.01 46.61 20.18
N ILE U 244 -39.94 47.39 20.15
CA ILE U 244 -39.61 48.29 21.24
C ILE U 244 -39.94 49.73 20.83
N TYR U 245 -39.43 50.12 19.65
CA TYR U 245 -39.62 51.47 19.15
C TYR U 245 -40.60 51.52 17.99
N ASP U 246 -41.64 50.68 18.02
CA ASP U 246 -42.65 50.72 16.98
C ASP U 246 -43.53 51.96 17.14
N PRO U 247 -43.82 52.67 16.02
CA PRO U 247 -44.63 53.89 16.08
C PRO U 247 -46.02 53.65 16.68
N ALA U 248 -46.61 52.49 16.37
CA ALA U 248 -47.91 52.09 16.89
C ALA U 248 -47.85 51.84 18.41
N ASN U 249 -46.65 51.60 18.92
CA ASN U 249 -46.41 51.22 20.31
C ASN U 249 -46.03 52.44 21.15
N GLY U 250 -46.04 53.63 20.54
CA GLY U 250 -45.58 54.85 21.20
C GLY U 250 -44.06 54.87 21.39
N GLY U 251 -43.34 54.36 20.38
CA GLY U 251 -41.91 54.19 20.48
C GLY U 251 -41.12 55.21 19.66
N VAL U 252 -41.80 56.06 18.89
CA VAL U 252 -41.13 57.12 18.16
C VAL U 252 -40.60 58.17 19.14
N LEU U 253 -41.38 58.40 20.21
CA LEU U 253 -41.03 59.40 21.20
C LEU U 253 -40.37 58.80 22.45
N LEU U 254 -40.44 57.48 22.61
CA LEU U 254 -39.66 56.82 23.65
C LEU U 254 -38.17 57.02 23.38
N TRP U 255 -37.76 56.85 22.12
CA TRP U 255 -36.36 56.98 21.74
C TRP U 255 -35.85 58.39 22.01
N GLN U 256 -36.68 59.39 21.70
CA GLN U 256 -36.28 60.78 21.84
C GLN U 256 -36.07 61.14 23.31
N HIS U 257 -36.98 60.69 24.19
CA HIS U 257 -36.82 60.88 25.62
C HIS U 257 -35.53 60.23 26.11
N LEU U 258 -35.33 58.97 25.72
CA LEU U 258 -34.19 58.22 26.22
C LEU U 258 -32.89 58.82 25.72
N PHE U 259 -32.88 59.32 24.48
CA PHE U 259 -31.67 59.86 23.88
C PHE U 259 -31.35 61.23 24.45
N TRP U 260 -32.36 62.08 24.63
CA TRP U 260 -32.10 63.43 25.10
C TRP U 260 -31.91 63.52 26.61
N PHE U 261 -32.24 62.44 27.34
CA PHE U 261 -31.80 62.34 28.72
C PHE U 261 -30.28 62.19 28.77
N PHE U 262 -29.69 61.55 27.76
CA PHE U 262 -28.25 61.42 27.64
C PHE U 262 -27.63 62.70 27.07
N GLY U 263 -28.24 63.20 25.98
CA GLY U 263 -27.55 64.08 25.04
C GLY U 263 -27.09 65.39 25.66
N HIS U 264 -27.93 65.99 26.50
CA HIS U 264 -27.64 67.31 27.03
C HIS U 264 -26.64 67.24 28.18
N PRO U 265 -26.79 66.32 29.16
CA PRO U 265 -25.70 66.08 30.11
C PRO U 265 -24.38 65.76 29.41
N GLU U 266 -24.43 65.12 28.25
CA GLU U 266 -23.22 64.85 27.47
C GLU U 266 -22.53 66.16 27.07
N VAL U 267 -23.31 67.13 26.60
CA VAL U 267 -22.72 68.39 26.16
C VAL U 267 -22.25 69.21 27.35
N TYR U 268 -22.67 68.87 28.58
CA TYR U 268 -22.19 69.56 29.80
C TYR U 268 -21.00 68.76 30.35
N ILE U 269 -20.80 67.53 29.89
CA ILE U 269 -19.64 66.77 30.33
C ILE U 269 -18.37 67.39 29.73
N ILE U 270 -18.50 67.97 28.53
CA ILE U 270 -17.34 68.47 27.81
C ILE U 270 -17.30 70.00 27.90
N ALA U 271 -17.88 70.54 28.97
CA ALA U 271 -17.88 71.98 29.22
C ALA U 271 -17.14 72.33 30.52
N LEU U 272 -17.46 71.64 31.61
CA LEU U 272 -16.98 72.03 32.93
C LEU U 272 -15.47 71.88 33.07
N PRO U 273 -14.84 70.75 32.67
CA PRO U 273 -13.37 70.64 32.76
C PRO U 273 -12.62 71.76 32.04
N PHE U 274 -13.19 72.22 30.92
CA PHE U 274 -12.57 73.28 30.15
C PHE U 274 -12.91 74.66 30.71
N PHE U 275 -13.93 74.73 31.59
CA PHE U 275 -14.08 75.90 32.45
C PHE U 275 -12.95 75.91 33.47
N GLY U 276 -12.64 74.76 34.05
CA GLY U 276 -11.63 74.65 35.08
C GLY U 276 -10.25 74.99 34.56
N ILE U 277 -9.95 74.65 33.31
CA ILE U 277 -8.64 74.91 32.74
C ILE U 277 -8.37 76.43 32.70
N VAL U 278 -9.34 77.18 32.18
CA VAL U 278 -9.20 78.62 32.09
C VAL U 278 -9.25 79.25 33.48
N SER U 279 -10.00 78.65 34.39
CA SER U 279 -10.08 79.11 35.77
C SER U 279 -8.74 78.92 36.49
N GLU U 280 -7.92 77.95 36.04
CA GLU U 280 -6.58 77.77 36.56
C GLU U 280 -5.60 78.73 35.89
N ILE U 281 -5.81 79.02 34.60
CA ILE U 281 -4.85 79.79 33.83
C ILE U 281 -4.94 81.29 34.16
N PHE U 282 -6.15 81.79 34.39
CA PHE U 282 -6.37 83.22 34.61
C PHE U 282 -5.57 83.78 35.78
N PRO U 283 -5.62 83.21 37.01
CA PRO U 283 -4.87 83.79 38.13
C PRO U 283 -3.36 83.87 37.95
N VAL U 284 -2.78 82.95 37.18
CA VAL U 284 -1.33 82.87 37.05
C VAL U 284 -0.80 84.08 36.30
N PHE U 285 -1.44 84.42 35.17
CA PHE U 285 -0.96 85.45 34.29
C PHE U 285 -1.45 86.84 34.67
N SER U 286 -2.27 86.95 35.73
CA SER U 286 -2.79 88.23 36.20
C SER U 286 -2.10 88.71 37.46
N ARG U 287 -1.22 87.88 38.05
CA ARG U 287 -0.54 88.20 39.32
C ARG U 287 -1.55 88.49 40.42
N LYS U 288 -2.68 87.77 40.40
CA LYS U 288 -3.80 88.05 41.26
C LYS U 288 -4.53 86.74 41.55
N PRO U 289 -5.09 86.55 42.77
CA PRO U 289 -5.83 85.33 43.07
C PRO U 289 -7.13 85.24 42.29
N ILE U 290 -7.70 84.03 42.26
CA ILE U 290 -9.00 83.79 41.67
C ILE U 290 -10.05 84.55 42.48
N PHE U 291 -11.04 85.09 41.76
CA PHE U 291 -12.09 85.89 42.35
C PHE U 291 -13.31 85.03 42.64
N GLY U 292 -13.78 85.09 43.90
CA GLY U 292 -14.92 84.31 44.35
C GLY U 292 -14.68 82.80 44.20
N TYR U 293 -13.72 82.28 44.96
CA TYR U 293 -13.41 80.86 44.94
C TYR U 293 -14.61 80.03 45.39
N THR U 294 -15.31 80.49 46.42
CA THR U 294 -16.40 79.74 47.04
C THR U 294 -17.60 79.67 46.12
N THR U 295 -17.90 80.76 45.42
CA THR U 295 -19.10 80.83 44.59
C THR U 295 -18.96 80.05 43.29
N LEU U 296 -17.73 79.88 42.80
CA LEU U 296 -17.49 79.14 41.57
C LEU U 296 -17.92 77.68 41.69
N ILE U 297 -17.63 77.07 42.85
CA ILE U 297 -18.00 75.68 43.04
C ILE U 297 -19.51 75.55 43.15
N TYR U 298 -20.18 76.53 43.75
CA TYR U 298 -21.64 76.55 43.81
C TYR U 298 -22.24 76.70 42.41
N ALA U 299 -21.61 77.53 41.57
CA ALA U 299 -22.07 77.71 40.20
C ALA U 299 -21.97 76.39 39.43
N THR U 300 -20.83 75.69 39.60
CA THR U 300 -20.61 74.39 38.97
C THR U 300 -21.69 73.40 39.42
N LEU U 301 -21.92 73.34 40.73
CA LEU U 301 -22.89 72.40 41.30
C LEU U 301 -24.29 72.69 40.79
N ALA U 302 -24.65 73.99 40.70
CA ALA U 302 -25.97 74.41 40.28
C ALA U 302 -26.21 74.04 38.81
N ILE U 303 -25.22 74.29 37.96
CA ILE U 303 -25.41 73.98 36.55
C ILE U 303 -25.44 72.48 36.32
N ALA U 304 -24.65 71.71 37.10
CA ALA U 304 -24.65 70.27 36.99
C ALA U 304 -25.99 69.67 37.42
N ALA U 305 -26.54 70.19 38.53
CA ALA U 305 -27.84 69.74 39.01
C ALA U 305 -28.93 70.11 37.98
N LEU U 306 -28.84 71.31 37.41
CA LEU U 306 -29.85 71.80 36.49
C LEU U 306 -29.82 71.04 35.17
N SER U 307 -28.66 70.50 34.78
CA SER U 307 -28.50 69.90 33.47
C SER U 307 -29.05 68.47 33.40
N VAL U 308 -29.98 68.11 34.28
CA VAL U 308 -30.60 66.80 34.24
C VAL U 308 -32.09 66.95 33.94
N ALA U 309 -32.72 67.99 34.52
CA ALA U 309 -34.15 68.25 34.32
C ALA U 309 -34.40 69.16 33.11
N VAL U 310 -33.38 69.30 32.26
CA VAL U 310 -33.45 70.14 31.08
C VAL U 310 -33.05 69.26 29.90
N TRP U 311 -34.04 68.61 29.26
CA TRP U 311 -33.70 67.72 28.17
C TRP U 311 -34.60 67.84 26.94
N ALA U 312 -35.83 68.36 27.12
CA ALA U 312 -36.80 68.34 26.03
C ALA U 312 -36.82 69.63 25.21
N HIS U 313 -35.98 70.58 25.60
CA HIS U 313 -35.82 71.79 24.77
C HIS U 313 -35.21 71.35 23.45
N HIS U 314 -34.88 70.05 23.30
CA HIS U 314 -34.27 69.55 22.05
C HIS U 314 -35.34 68.94 21.17
N MET U 315 -36.60 69.04 21.57
CA MET U 315 -37.72 68.52 20.77
C MET U 315 -38.95 69.40 20.96
N TYR U 316 -38.93 70.62 20.42
CA TYR U 316 -40.09 71.51 20.47
C TYR U 316 -41.04 71.26 19.29
N ALA U 317 -40.49 70.95 18.12
CA ALA U 317 -41.21 70.87 16.87
C ALA U 317 -42.23 69.71 16.85
N THR U 318 -42.12 68.80 17.82
CA THR U 318 -43.13 67.78 18.03
C THR U 318 -44.33 68.42 18.74
N GLY U 319 -45.34 67.60 19.09
CA GLY U 319 -46.49 68.09 19.81
C GLY U 319 -46.73 67.37 21.13
N ALA U 320 -45.66 66.92 21.79
CA ALA U 320 -45.81 65.96 22.88
C ALA U 320 -44.84 66.24 24.03
N VAL U 321 -44.56 67.51 24.29
CA VAL U 321 -43.78 67.89 25.45
C VAL U 321 -44.49 69.03 26.18
N LEU U 322 -44.19 69.16 27.48
CA LEU U 322 -44.73 70.25 28.27
C LEU U 322 -43.77 71.44 28.15
N LEU U 323 -44.14 72.39 27.30
CA LEU U 323 -43.28 73.49 26.91
C LEU U 323 -42.82 74.34 28.10
N PRO U 324 -43.71 74.81 29.01
CA PRO U 324 -43.30 75.70 30.09
C PRO U 324 -42.20 75.14 31.01
N PHE U 325 -42.28 73.83 31.30
CA PHE U 325 -41.35 73.20 32.23
C PHE U 325 -39.92 73.32 31.72
N PHE U 326 -39.71 72.87 30.48
CA PHE U 326 -38.38 72.82 29.89
C PHE U 326 -37.89 74.23 29.52
N SER U 327 -38.81 75.09 29.10
CA SER U 327 -38.45 76.46 28.76
C SER U 327 -37.92 77.19 29.99
N PHE U 328 -38.64 77.06 31.11
CA PHE U 328 -38.27 77.72 32.35
C PHE U 328 -36.93 77.21 32.89
N MET U 329 -36.77 75.89 32.90
CA MET U 329 -35.53 75.30 33.39
C MET U 329 -34.34 75.70 32.51
N THR U 330 -34.57 75.74 31.19
CA THR U 330 -33.52 76.14 30.25
C THR U 330 -33.15 77.61 30.44
N PHE U 331 -34.14 78.44 30.80
CA PHE U 331 -33.87 79.82 31.16
C PHE U 331 -33.01 79.89 32.42
N LEU U 332 -33.29 79.00 33.38
CA LEU U 332 -32.61 79.03 34.67
C LEU U 332 -31.16 78.55 34.55
N ILE U 333 -30.85 77.70 33.56
CA ILE U 333 -29.54 77.08 33.51
C ILE U 333 -28.49 78.07 33.00
N ALA U 334 -28.90 79.32 32.76
CA ALA U 334 -28.03 80.31 32.15
C ALA U 334 -27.55 81.37 33.13
N VAL U 335 -27.94 81.26 34.41
CA VAL U 335 -27.55 82.24 35.42
C VAL U 335 -26.13 81.99 35.93
N PRO U 336 -25.78 80.77 36.42
CA PRO U 336 -24.47 80.55 37.02
C PRO U 336 -23.33 80.62 35.99
N THR U 337 -23.64 80.42 34.70
CA THR U 337 -22.67 80.69 33.66
C THR U 337 -22.29 82.17 33.63
N GLY U 338 -23.29 83.05 33.81
CA GLY U 338 -23.04 84.47 33.94
C GLY U 338 -22.19 84.78 35.18
N ILE U 339 -22.45 84.03 36.27
CA ILE U 339 -21.68 84.19 37.49
C ILE U 339 -20.21 83.83 37.23
N LYS U 340 -19.98 82.75 36.47
CA LYS U 340 -18.63 82.32 36.12
C LYS U 340 -17.94 83.38 35.26
N PHE U 341 -18.65 83.95 34.28
CA PHE U 341 -18.11 85.00 33.44
C PHE U 341 -17.67 86.20 34.27
N PHE U 342 -18.55 86.62 35.19
CA PHE U 342 -18.28 87.79 36.02
C PHE U 342 -17.11 87.55 36.96
N ASN U 343 -17.00 86.32 37.47
CA ASN U 343 -15.90 85.95 38.34
C ASN U 343 -14.57 85.96 37.58
N TRP U 344 -14.58 85.48 36.32
CA TRP U 344 -13.38 85.54 35.49
C TRP U 344 -12.95 86.98 35.25
N ILE U 345 -13.92 87.83 34.92
CA ILE U 345 -13.62 89.23 34.63
C ILE U 345 -13.08 89.92 35.88
N GLY U 346 -13.66 89.61 37.04
CA GLY U 346 -13.18 90.11 38.32
C GLY U 346 -11.80 89.58 38.70
N THR U 347 -11.47 88.37 38.24
CA THR U 347 -10.14 87.81 38.44
C THR U 347 -9.11 88.60 37.64
N MET U 348 -9.43 88.92 36.38
CA MET U 348 -8.54 89.72 35.55
C MET U 348 -8.45 91.18 35.99
N TRP U 349 -9.45 91.66 36.74
CA TRP U 349 -9.58 93.08 37.04
C TRP U 349 -8.47 93.56 37.97
N LYS U 350 -7.84 94.70 37.63
CA LYS U 350 -6.86 95.37 38.46
C LYS U 350 -5.68 94.43 38.76
N GLY U 351 -5.05 93.94 37.68
CA GLY U 351 -3.90 93.07 37.80
C GLY U 351 -2.80 93.47 36.82
N GLN U 352 -1.71 92.70 36.83
CA GLN U 352 -0.61 92.88 35.89
C GLN U 352 -0.72 91.83 34.78
N LEU U 353 -1.43 92.19 33.71
CA LEU U 353 -1.75 91.23 32.66
C LEU U 353 -0.59 91.14 31.67
N THR U 354 -0.21 89.89 31.36
CA THR U 354 0.75 89.61 30.30
C THR U 354 0.16 88.50 29.45
N PHE U 355 0.16 88.70 28.13
CA PHE U 355 -0.52 87.82 27.20
C PHE U 355 0.48 86.89 26.52
N GLU U 356 0.79 85.77 27.18
CA GLU U 356 1.52 84.68 26.55
C GLU U 356 0.53 83.84 25.75
N THR U 357 0.99 82.70 25.24
CA THR U 357 0.15 81.85 24.40
C THR U 357 -1.06 81.32 25.17
N PRO U 358 -0.91 80.76 26.41
CA PRO U 358 -2.07 80.29 27.17
C PRO U 358 -3.13 81.38 27.41
N MET U 359 -2.67 82.59 27.74
CA MET U 359 -3.55 83.69 28.06
C MET U 359 -4.35 84.13 26.82
N LEU U 360 -3.69 84.10 25.65
CA LEU U 360 -4.31 84.49 24.40
C LEU U 360 -5.48 83.56 24.08
N PHE U 361 -5.25 82.25 24.20
CA PHE U 361 -6.31 81.28 23.95
C PHE U 361 -7.42 81.37 24.97
N SER U 362 -7.06 81.56 26.25
CA SER U 362 -8.05 81.67 27.32
C SER U 362 -8.91 82.92 27.15
N VAL U 363 -8.38 83.95 26.49
CA VAL U 363 -9.14 85.17 26.21
C VAL U 363 -10.07 84.94 25.01
N GLY U 364 -9.55 84.28 23.98
CA GLY U 364 -10.33 83.90 22.81
C GLY U 364 -11.56 83.09 23.18
N PHE U 365 -11.39 82.21 24.18
CA PHE U 365 -12.49 81.42 24.73
C PHE U 365 -13.63 82.33 25.19
N LEU U 366 -13.28 83.40 25.92
CA LEU U 366 -14.26 84.33 26.46
C LEU U 366 -15.07 84.97 25.32
N ILE U 367 -14.40 85.40 24.25
CA ILE U 367 -15.06 86.10 23.17
C ILE U 367 -16.03 85.14 22.45
N THR U 368 -15.57 83.92 22.16
CA THR U 368 -16.36 82.98 21.38
C THR U 368 -17.57 82.47 22.16
N PHE U 369 -17.32 82.01 23.40
CA PHE U 369 -18.34 81.34 24.18
C PHE U 369 -19.53 82.27 24.47
N LEU U 370 -19.24 83.57 24.62
CA LEU U 370 -20.31 84.50 24.97
C LEU U 370 -21.35 84.54 23.86
N LEU U 371 -20.91 84.71 22.60
CA LEU U 371 -21.84 84.74 21.49
C LEU U 371 -22.53 83.39 21.31
N GLY U 372 -21.79 82.30 21.51
CA GLY U 372 -22.38 80.97 21.47
C GLY U 372 -23.56 80.82 22.44
N GLY U 373 -23.34 81.22 23.69
CA GLY U 373 -24.36 81.16 24.74
C GLY U 373 -25.52 82.11 24.48
N LEU U 374 -25.22 83.29 23.94
CA LEU U 374 -26.26 84.26 23.62
C LEU U 374 -27.20 83.70 22.56
N SER U 375 -26.64 83.05 21.52
CA SER U 375 -27.45 82.41 20.52
C SER U 375 -28.23 81.23 21.10
N GLY U 376 -27.61 80.51 22.04
CA GLY U 376 -28.24 79.36 22.71
C GLY U 376 -29.48 79.75 23.52
N VAL U 377 -29.46 80.93 24.15
CA VAL U 377 -30.58 81.38 24.97
C VAL U 377 -31.80 81.67 24.10
N LEU U 378 -31.59 82.15 22.86
CA LEU U 378 -32.70 82.44 21.96
C LEU U 378 -33.50 81.18 21.61
N LEU U 379 -32.80 80.07 21.42
CA LEU U 379 -33.43 78.80 21.04
C LEU U 379 -34.33 78.29 22.17
N ALA U 380 -34.14 78.76 23.40
CA ALA U 380 -34.83 78.22 24.57
C ALA U 380 -36.30 78.67 24.63
N SER U 381 -36.70 79.65 23.82
CA SER U 381 -38.08 80.08 23.74
C SER U 381 -38.79 79.33 22.62
N PRO U 382 -39.84 78.52 22.91
CA PRO U 382 -40.51 77.74 21.87
C PRO U 382 -40.99 78.53 20.67
N PRO U 383 -41.59 79.74 20.82
CA PRO U 383 -41.96 80.54 19.66
C PRO U 383 -40.82 80.85 18.70
N LEU U 384 -39.62 81.08 19.22
CA LEU U 384 -38.49 81.41 18.35
C LEU U 384 -37.91 80.15 17.70
N ASP U 385 -37.93 79.04 18.44
CA ASP U 385 -37.44 77.77 17.94
C ASP U 385 -38.41 77.16 16.94
N PHE U 386 -39.66 77.64 16.92
CA PHE U 386 -40.65 77.14 15.97
C PHE U 386 -40.26 77.41 14.52
N HIS U 387 -39.43 78.43 14.29
CA HIS U 387 -39.05 78.85 12.95
C HIS U 387 -37.62 78.45 12.60
N VAL U 388 -36.81 78.21 13.62
CA VAL U 388 -35.32 78.08 13.43
C VAL U 388 -34.73 76.73 13.84
N THR U 389 -35.52 75.70 14.18
CA THR U 389 -34.96 74.35 14.50
C THR U 389 -34.57 73.65 13.19
N ASP U 390 -33.59 72.74 13.22
CA ASP U 390 -33.18 71.99 11.99
C ASP U 390 -32.84 72.95 10.83
N SER U 391 -32.13 74.04 11.12
CA SER U 391 -31.67 75.03 10.11
C SER U 391 -30.22 75.41 10.38
N TYR U 392 -29.60 76.26 9.58
CA TYR U 392 -28.15 76.50 9.80
C TYR U 392 -27.84 77.43 10.98
N PHE U 393 -28.82 77.88 11.76
CA PHE U 393 -28.66 78.75 12.91
C PHE U 393 -28.27 77.93 14.14
N VAL U 394 -28.89 76.76 14.32
CA VAL U 394 -28.54 75.88 15.44
C VAL U 394 -27.12 75.35 15.26
N ILE U 395 -26.72 75.12 14.01
CA ILE U 395 -25.36 74.69 13.70
C ILE U 395 -24.36 75.76 14.14
N ALA U 396 -24.68 77.03 13.83
CA ALA U 396 -23.85 78.15 14.25
C ALA U 396 -23.80 78.24 15.77
N HIS U 397 -24.94 78.02 16.44
CA HIS U 397 -24.97 78.03 17.90
C HIS U 397 -23.99 77.01 18.47
N PHE U 398 -24.21 75.73 18.16
CA PHE U 398 -23.42 74.72 18.84
C PHE U 398 -21.97 74.72 18.37
N HIS U 399 -21.69 75.28 17.19
CA HIS U 399 -20.29 75.39 16.80
C HIS U 399 -19.56 76.49 17.59
N TYR U 400 -20.22 77.64 17.80
CA TYR U 400 -19.63 78.67 18.63
C TYR U 400 -19.42 78.15 20.06
N VAL U 401 -20.40 77.44 20.60
CA VAL U 401 -20.35 77.06 22.00
C VAL U 401 -19.41 75.87 22.19
N LEU U 402 -19.19 75.07 21.14
CA LEU U 402 -18.29 73.91 21.23
C LEU U 402 -16.83 74.32 21.00
N PHE U 403 -16.63 75.29 20.09
CA PHE U 403 -15.30 75.64 19.63
C PHE U 403 -14.54 76.47 20.65
N GLY U 404 -15.24 77.02 21.65
CA GLY U 404 -14.61 77.77 22.73
C GLY U 404 -14.03 76.86 23.81
N THR U 405 -14.82 75.85 24.19
CA THR U 405 -14.44 74.95 25.28
C THR U 405 -13.50 73.85 24.78
N ILE U 406 -13.73 73.36 23.55
CA ILE U 406 -13.05 72.17 23.07
C ILE U 406 -11.82 72.50 22.24
N VAL U 407 -11.67 73.77 21.82
CA VAL U 407 -10.56 74.12 20.95
C VAL U 407 -9.65 75.14 21.63
N PHE U 408 -10.24 76.27 22.03
CA PHE U 408 -9.49 77.36 22.65
C PHE U 408 -8.98 76.94 24.03
N ALA U 409 -9.87 76.37 24.86
CA ALA U 409 -9.49 75.95 26.20
C ALA U 409 -8.52 74.76 26.16
N THR U 410 -8.74 73.84 25.22
CA THR U 410 -7.86 72.69 25.06
C THR U 410 -6.45 73.15 24.70
N TYR U 411 -6.34 74.06 23.73
CA TYR U 411 -5.05 74.57 23.31
C TYR U 411 -4.39 75.39 24.43
N ALA U 412 -5.20 76.12 25.19
CA ALA U 412 -4.69 76.86 26.34
C ALA U 412 -4.03 75.90 27.33
N GLY U 413 -4.73 74.79 27.63
CA GLY U 413 -4.22 73.77 28.52
C GLY U 413 -2.94 73.12 28.00
N ILE U 414 -2.89 72.86 26.69
CA ILE U 414 -1.74 72.24 26.07
C ILE U 414 -0.51 73.15 26.22
N TYR U 415 -0.66 74.43 25.85
CA TYR U 415 0.42 75.38 25.97
C TYR U 415 0.84 75.57 27.44
N PHE U 416 -0.13 75.45 28.36
CA PHE U 416 0.14 75.62 29.77
C PHE U 416 0.98 74.46 30.32
N TRP U 417 0.59 73.22 30.01
CA TRP U 417 1.13 72.06 30.69
C TRP U 417 2.10 71.27 29.82
N PHE U 418 2.51 71.79 28.67
CA PHE U 418 3.51 71.07 27.88
C PHE U 418 4.85 71.02 28.61
N PRO U 419 5.40 72.16 29.09
CA PRO U 419 6.66 72.13 29.84
C PRO U 419 6.60 71.30 31.11
N LYS U 420 5.47 71.32 31.81
CA LYS U 420 5.30 70.57 33.04
C LYS U 420 5.44 69.06 32.81
N MET U 421 4.99 68.60 31.64
CA MET U 421 4.89 67.17 31.38
C MET U 421 6.07 66.67 30.55
N THR U 422 6.79 67.57 29.87
CA THR U 422 7.79 67.15 28.89
C THR U 422 9.18 67.64 29.27
N GLY U 423 9.26 68.86 29.84
CA GLY U 423 10.52 69.49 30.19
C GLY U 423 11.05 70.42 29.10
N ARG U 424 10.25 70.63 28.04
CA ARG U 424 10.60 71.53 26.96
C ARG U 424 9.56 72.64 26.84
N LEU U 425 9.95 73.76 26.23
CA LEU U 425 9.05 74.88 26.02
C LEU U 425 8.68 74.98 24.54
N LEU U 426 7.36 75.05 24.28
CA LEU U 426 6.86 75.28 22.94
C LEU U 426 7.23 76.70 22.50
N ASP U 427 7.48 76.84 21.20
CA ASP U 427 7.85 78.12 20.62
C ASP U 427 6.69 79.10 20.75
N GLU U 428 7.03 80.40 20.77
CA GLU U 428 6.07 81.47 21.02
C GLU U 428 5.68 82.18 19.72
N ARG U 429 6.67 82.47 18.86
CA ARG U 429 6.42 83.11 17.58
C ARG U 429 5.69 82.18 16.62
N LEU U 430 5.70 80.87 16.93
CA LEU U 430 5.05 79.86 16.10
C LEU U 430 3.67 79.48 16.67
N GLY U 431 3.34 79.99 17.87
CA GLY U 431 2.04 79.74 18.48
C GLY U 431 1.08 80.91 18.29
N LYS U 432 1.64 82.11 18.16
CA LYS U 432 0.83 83.30 17.89
C LYS U 432 0.23 83.21 16.50
N LEU U 433 1.03 82.75 15.53
CA LEU U 433 0.56 82.51 14.18
C LEU U 433 -0.59 81.51 14.20
N HIS U 434 -0.44 80.44 14.99
CA HIS U 434 -1.47 79.42 15.11
C HIS U 434 -2.77 80.00 15.64
N PHE U 435 -2.67 80.79 16.73
CA PHE U 435 -3.85 81.37 17.34
C PHE U 435 -4.56 82.31 16.37
N TRP U 436 -3.79 83.17 15.71
CA TRP U 436 -4.40 84.17 14.84
C TRP U 436 -5.02 83.53 13.60
N LEU U 437 -4.36 82.51 13.04
CA LEU U 437 -4.95 81.76 11.94
C LEU U 437 -6.27 81.13 12.37
N THR U 438 -6.28 80.47 13.52
CA THR U 438 -7.45 79.72 13.97
C THR U 438 -8.58 80.66 14.39
N PHE U 439 -8.25 81.91 14.75
CA PHE U 439 -9.26 82.89 15.13
C PHE U 439 -9.87 83.57 13.91
N ILE U 440 -9.02 83.98 12.96
CA ILE U 440 -9.49 84.66 11.75
C ILE U 440 -10.31 83.69 10.90
N GLY U 441 -9.80 82.46 10.75
CA GLY U 441 -10.44 81.47 9.90
C GLY U 441 -11.71 80.87 10.50
N PHE U 442 -12.03 81.16 11.76
CA PHE U 442 -13.16 80.53 12.43
C PHE U 442 -14.42 81.36 12.23
N HIS U 443 -14.33 82.68 12.44
CA HIS U 443 -15.46 83.57 12.25
C HIS U 443 -15.86 83.71 10.78
N THR U 444 -14.90 83.49 9.88
CA THR U 444 -15.12 83.59 8.44
C THR U 444 -16.00 82.45 7.92
N THR U 445 -16.04 81.34 8.65
CA THR U 445 -16.71 80.12 8.20
C THR U 445 -18.01 79.84 8.96
N PHE U 446 -18.26 80.53 10.08
CA PHE U 446 -19.41 80.20 10.91
C PHE U 446 -20.30 81.38 11.24
N LEU U 447 -19.89 82.62 10.94
CA LEU U 447 -20.69 83.78 11.31
C LEU U 447 -21.86 83.98 10.34
N VAL U 448 -21.68 83.62 9.07
CA VAL U 448 -22.70 83.83 8.04
C VAL U 448 -23.77 82.73 8.07
N GLN U 449 -23.57 81.68 8.87
CA GLN U 449 -24.53 80.58 8.93
C GLN U 449 -25.77 80.97 9.71
N HIS U 450 -25.68 81.96 10.61
CA HIS U 450 -26.87 82.53 11.25
C HIS U 450 -27.86 83.02 10.19
N TRP U 451 -27.34 83.80 9.25
CA TRP U 451 -28.14 84.35 8.16
C TRP U 451 -28.69 83.25 7.27
N LEU U 452 -27.85 82.24 6.98
CA LEU U 452 -28.27 81.11 6.17
C LEU U 452 -29.46 80.41 6.80
N GLY U 453 -29.39 80.12 8.10
CA GLY U 453 -30.45 79.45 8.82
C GLY U 453 -31.72 80.28 8.90
N ASP U 454 -31.54 81.60 9.07
CA ASP U 454 -32.67 82.51 9.20
C ASP U 454 -33.42 82.66 7.87
N GLU U 455 -32.67 82.63 6.77
CA GLU U 455 -33.20 82.92 5.44
C GLU U 455 -33.97 81.72 4.87
N GLY U 456 -33.74 80.51 5.41
CA GLY U 456 -34.51 79.34 5.02
C GLY U 456 -33.66 78.20 4.47
N MET U 457 -32.38 78.15 4.86
CA MET U 457 -31.54 76.99 4.56
C MET U 457 -31.66 75.99 5.70
N PRO U 458 -32.26 74.80 5.47
CA PRO U 458 -32.28 73.76 6.51
C PRO U 458 -30.97 72.98 6.58
N ARG U 459 -30.74 72.35 7.73
CA ARG U 459 -29.54 71.56 7.94
C ARG U 459 -29.68 70.19 7.27
N ARG U 460 -28.52 69.54 7.05
CA ARG U 460 -28.41 68.20 6.50
C ARG U 460 -28.90 68.16 5.06
N TYR U 461 -28.67 69.26 4.31
CA TYR U 461 -29.00 69.30 2.90
C TYR U 461 -27.74 69.13 2.07
N ALA U 462 -27.80 68.19 1.12
CA ALA U 462 -26.67 67.87 0.26
C ALA U 462 -26.61 68.77 -0.98
N ASP U 463 -27.72 69.45 -1.30
CA ASP U 463 -27.81 70.20 -2.54
C ASP U 463 -28.85 71.31 -2.42
N TYR U 464 -28.70 72.36 -3.24
CA TYR U 464 -29.69 73.41 -3.34
C TYR U 464 -29.77 73.89 -4.78
N LEU U 465 -30.83 74.62 -5.10
CA LEU U 465 -31.04 75.11 -6.46
C LEU U 465 -30.34 76.45 -6.67
N PRO U 466 -29.90 76.76 -7.92
CA PRO U 466 -29.29 78.05 -8.22
C PRO U 466 -30.21 79.23 -7.91
N THR U 467 -31.52 79.04 -8.07
CA THR U 467 -32.49 80.10 -7.83
C THR U 467 -33.04 79.98 -6.41
N ASP U 468 -32.13 79.92 -5.43
CA ASP U 468 -32.50 79.82 -4.03
C ASP U 468 -32.11 81.07 -3.25
N GLY U 469 -31.14 81.83 -3.76
CA GLY U 469 -30.70 83.05 -3.12
C GLY U 469 -29.38 82.91 -2.37
N PHE U 470 -29.15 81.73 -1.76
CA PHE U 470 -27.98 81.50 -0.94
C PHE U 470 -26.91 80.76 -1.72
N THR U 471 -25.94 81.50 -2.27
CA THR U 471 -24.76 80.89 -2.88
C THR U 471 -23.48 81.60 -2.42
N THR U 472 -23.56 82.93 -2.30
CA THR U 472 -22.44 83.75 -1.86
C THR U 472 -22.10 83.48 -0.39
N LEU U 473 -23.14 83.27 0.44
CA LEU U 473 -22.95 82.96 1.84
C LEU U 473 -22.34 81.58 2.03
N ASN U 474 -22.44 80.70 1.02
CA ASN U 474 -21.85 79.38 1.05
C ASN U 474 -20.38 79.42 0.61
N VAL U 475 -20.05 80.35 -0.30
CA VAL U 475 -18.68 80.49 -0.76
C VAL U 475 -17.79 80.99 0.38
N ILE U 476 -18.30 81.95 1.14
CA ILE U 476 -17.56 82.55 2.25
C ILE U 476 -17.22 81.49 3.30
N SER U 477 -18.18 80.62 3.62
CA SER U 477 -17.98 79.56 4.61
C SER U 477 -16.91 78.58 4.13
N THR U 478 -16.91 78.25 2.83
CA THR U 478 -15.93 77.34 2.28
C THR U 478 -14.53 77.96 2.31
N VAL U 479 -14.44 79.27 2.03
CA VAL U 479 -13.17 79.98 2.10
C VAL U 479 -12.63 79.93 3.54
N GLY U 480 -13.51 80.23 4.49
CA GLY U 480 -13.14 80.22 5.90
C GLY U 480 -12.75 78.83 6.41
N ALA U 481 -13.38 77.79 5.85
CA ALA U 481 -13.16 76.43 6.35
C ALA U 481 -11.76 75.94 6.00
N PHE U 482 -11.23 76.37 4.85
CA PHE U 482 -9.90 75.95 4.42
C PHE U 482 -8.80 76.70 5.16
N ILE U 483 -9.13 77.81 5.83
CA ILE U 483 -8.18 78.45 6.73
C ILE U 483 -8.10 77.68 8.05
N LEU U 484 -9.23 77.12 8.48
CA LEU U 484 -9.26 76.25 9.66
C LEU U 484 -8.51 74.94 9.41
N GLY U 485 -8.34 74.56 8.15
CA GLY U 485 -7.58 73.37 7.78
C GLY U 485 -6.07 73.62 7.78
N VAL U 486 -5.66 74.84 7.42
CA VAL U 486 -4.25 75.15 7.31
C VAL U 486 -3.70 75.68 8.65
N SER U 487 -4.60 76.06 9.57
CA SER U 487 -4.19 76.58 10.87
C SER U 487 -3.54 75.48 11.72
N MET U 488 -3.77 74.22 11.36
CA MET U 488 -3.25 73.09 12.13
C MET U 488 -1.77 72.84 11.83
N LEU U 489 -1.28 73.32 10.68
CA LEU U 489 0.09 73.02 10.27
C LEU U 489 1.12 73.61 11.24
N PRO U 490 1.05 74.91 11.64
CA PRO U 490 2.04 75.44 12.58
C PRO U 490 2.05 74.74 13.94
N PHE U 491 0.87 74.32 14.41
CA PHE U 491 0.76 73.69 15.71
C PHE U 491 1.46 72.32 15.71
N VAL U 492 1.15 71.50 14.71
CA VAL U 492 1.71 70.17 14.58
C VAL U 492 3.23 70.29 14.38
N TRP U 493 3.65 71.26 13.57
CA TRP U 493 5.06 71.49 13.32
C TRP U 493 5.77 71.88 14.62
N ASN U 494 5.14 72.76 15.41
CA ASN U 494 5.68 73.21 16.67
C ASN U 494 5.86 72.03 17.63
N VAL U 495 4.84 71.18 17.75
CA VAL U 495 4.88 70.08 18.69
C VAL U 495 5.95 69.07 18.26
N PHE U 496 6.01 68.78 16.96
CA PHE U 496 6.99 67.82 16.45
C PHE U 496 8.42 68.34 16.64
N LYS U 497 8.64 69.64 16.40
CA LYS U 497 10.01 70.21 16.44
C LYS U 497 10.44 70.59 17.86
N SER U 498 9.50 70.94 18.73
CA SER U 498 9.80 71.37 20.09
C SER U 498 9.81 70.22 21.09
N TRP U 499 9.73 68.99 20.59
CA TRP U 499 9.76 67.78 21.46
C TRP U 499 11.22 67.36 21.66
N ARG U 500 11.95 67.14 20.56
CA ARG U 500 13.37 66.73 20.63
C ARG U 500 14.24 67.95 20.96
N TYR U 501 13.84 69.13 20.47
CA TYR U 501 14.59 70.36 20.72
C TYR U 501 13.66 71.32 21.47
N GLY U 502 14.08 72.57 21.64
CA GLY U 502 13.29 73.51 22.41
C GLY U 502 13.91 73.76 23.78
N GLU U 503 13.55 74.93 24.36
CA GLU U 503 14.33 75.48 25.46
C GLU U 503 14.11 74.66 26.72
N PRO U 504 15.20 74.13 27.34
CA PRO U 504 15.08 73.33 28.56
C PRO U 504 14.55 74.17 29.72
N VAL U 505 13.78 73.53 30.59
CA VAL U 505 13.13 74.21 31.69
C VAL U 505 14.01 74.22 32.94
N THR U 506 14.20 73.05 33.56
CA THR U 506 15.10 72.88 34.70
C THR U 506 14.78 73.84 35.86
N VAL U 507 13.57 74.40 35.88
CA VAL U 507 13.25 75.46 36.82
C VAL U 507 11.96 75.13 37.58
N ASP U 508 11.28 74.07 37.14
CA ASP U 508 10.09 73.45 37.72
C ASP U 508 8.95 74.45 37.92
N ASP U 509 9.06 75.65 37.33
CA ASP U 509 7.94 76.58 37.27
C ASP U 509 8.19 77.61 36.17
N PRO U 510 7.89 77.30 34.89
CA PRO U 510 8.26 78.18 33.78
C PRO U 510 7.47 79.48 33.69
N TRP U 511 6.39 79.59 34.47
CA TRP U 511 5.47 80.72 34.34
C TRP U 511 5.61 81.71 35.50
N GLY U 512 6.07 81.23 36.66
CA GLY U 512 6.07 82.01 37.88
C GLY U 512 4.64 82.31 38.36
N TYR U 513 4.49 82.69 39.63
CA TYR U 513 3.18 83.02 40.19
C TYR U 513 2.20 81.85 40.04
N GLY U 514 2.72 80.63 39.80
CA GLY U 514 1.91 79.44 39.73
C GLY U 514 1.20 79.17 41.06
N ASN U 515 -0.03 78.63 40.96
CA ASN U 515 -0.94 78.59 42.09
C ASN U 515 -1.10 77.18 42.66
N SER U 516 -1.26 76.19 41.77
CA SER U 516 -1.63 74.85 42.18
C SER U 516 -0.40 74.04 42.57
N LEU U 517 -0.62 72.79 43.03
CA LEU U 517 0.40 71.99 43.67
C LEU U 517 1.35 71.32 42.67
N GLU U 518 0.94 71.20 41.40
CA GLU U 518 1.81 70.55 40.42
C GLU U 518 3.02 71.42 40.10
N TRP U 519 2.96 72.72 40.44
CA TRP U 519 4.10 73.61 40.26
C TRP U 519 5.05 73.58 41.46
N ALA U 520 4.85 72.64 42.39
CA ALA U 520 5.74 72.43 43.52
C ALA U 520 6.59 71.17 43.33
N THR U 521 6.63 70.63 42.10
CA THR U 521 7.47 69.49 41.77
C THR U 521 8.21 69.77 40.47
N SER U 522 9.13 68.87 40.11
CA SER U 522 10.06 69.08 39.01
C SER U 522 9.37 68.92 37.66
N CYS U 523 10.03 69.43 36.61
CA CYS U 523 9.56 69.28 35.23
C CYS U 523 10.56 68.42 34.44
N PRO U 524 10.21 67.18 34.04
CA PRO U 524 8.95 66.53 34.41
C PRO U 524 8.99 65.90 35.81
N PRO U 525 7.82 65.56 36.40
CA PRO U 525 7.77 64.93 37.72
C PRO U 525 8.39 63.53 37.68
N PRO U 526 8.91 63.01 38.82
CA PRO U 526 9.40 61.64 38.89
C PRO U 526 8.28 60.60 38.80
N ARG U 527 8.64 59.32 38.92
CA ARG U 527 7.69 58.22 38.76
C ARG U 527 6.53 58.37 39.74
N HIS U 528 6.85 58.73 41.00
CA HIS U 528 5.85 58.76 42.06
C HIS U 528 5.45 60.18 42.43
N ASN U 529 5.74 61.14 41.55
CA ASN U 529 5.15 62.47 41.51
C ASN U 529 5.76 63.44 42.51
N PHE U 530 6.43 62.95 43.56
CA PHE U 530 6.85 63.83 44.63
C PHE U 530 8.07 63.28 45.35
N THR U 531 8.94 64.20 45.78
CA THR U 531 10.09 63.89 46.61
C THR U 531 10.01 64.61 47.95
N GLU U 532 8.96 65.44 48.14
CA GLU U 532 8.71 66.22 49.34
C GLU U 532 7.39 66.97 49.13
N LEU U 533 6.83 67.47 50.24
CA LEU U 533 5.57 68.20 50.15
C LEU U 533 5.63 69.45 51.03
N PRO U 534 5.04 70.58 50.58
CA PRO U 534 4.90 71.76 51.44
C PRO U 534 3.72 71.62 52.40
N ARG U 535 3.56 72.62 53.26
CA ARG U 535 2.45 72.67 54.20
C ARG U 535 1.25 73.31 53.51
N ILE U 536 0.13 72.59 53.49
CA ILE U 536 -1.10 73.09 52.89
C ILE U 536 -1.84 73.92 53.93
N ARG U 537 -2.05 75.21 53.60
CA ARG U 537 -2.80 76.11 54.46
C ARG U 537 -3.92 76.80 53.67
N SER U 538 -3.64 77.16 52.42
CA SER U 538 -4.62 77.77 51.56
C SER U 538 -4.72 77.03 50.22
N GLU U 539 -5.50 77.60 49.31
CA GLU U 539 -5.72 77.04 47.99
C GLU U 539 -4.65 77.47 46.99
N ARG U 540 -3.58 78.13 47.47
CA ARG U 540 -2.48 78.56 46.64
C ARG U 540 -1.17 78.05 47.23
N PRO U 541 -0.94 76.72 47.29
CA PRO U 541 0.22 76.19 47.99
C PRO U 541 1.56 76.54 47.35
N ALA U 542 1.62 76.56 46.01
CA ALA U 542 2.86 76.90 45.32
C ALA U 542 3.17 78.40 45.46
N PHE U 543 2.15 79.22 45.62
CA PHE U 543 2.32 80.64 45.91
C PHE U 543 2.61 80.88 47.39
N GLU U 544 2.30 79.92 48.25
CA GLU U 544 2.71 79.96 49.65
C GLU U 544 4.19 79.61 49.77
N LEU U 545 4.62 78.58 49.04
CA LEU U 545 5.98 78.07 49.14
C LEU U 545 6.96 79.15 48.64
N HIS U 546 6.76 79.56 47.38
CA HIS U 546 7.50 80.69 46.83
C HIS U 546 6.87 81.96 47.41
N TYR U 547 7.64 83.04 47.48
CA TYR U 547 7.18 84.33 47.96
C TYR U 547 6.52 84.20 49.34
N PRO U 548 7.26 83.83 50.41
CA PRO U 548 6.67 83.77 51.75
C PRO U 548 6.34 85.14 52.32
N HIS U 549 7.05 86.17 51.85
CA HIS U 549 6.95 87.52 52.40
C HIS U 549 5.54 88.08 52.24
N MET U 550 4.83 87.63 51.19
CA MET U 550 3.54 88.16 50.85
C MET U 550 2.38 87.44 51.55
N VAL U 551 2.69 86.38 52.33
CA VAL U 551 1.65 85.55 52.91
C VAL U 551 0.68 86.38 53.75
N GLU U 552 1.21 87.26 54.59
CA GLU U 552 0.39 88.10 55.46
C GLU U 552 -0.51 89.00 54.62
N ARG U 553 0.05 89.55 53.53
CA ARG U 553 -0.71 90.40 52.62
C ARG U 553 -1.87 89.60 52.03
N MET U 554 -1.61 88.34 51.66
CA MET U 554 -2.63 87.48 51.07
C MET U 554 -3.81 87.29 52.02
N ARG U 555 -3.57 87.38 53.33
CA ARG U 555 -4.61 87.19 54.33
C ARG U 555 -5.26 88.51 54.74
N ALA U 556 -4.72 89.64 54.27
CA ALA U 556 -5.20 90.95 54.72
C ALA U 556 -6.03 91.67 53.65
N GLU U 557 -5.76 91.36 52.38
CA GLU U 557 -6.36 92.10 51.27
C GLU U 557 -7.50 91.32 50.61
N ALA U 558 -7.85 90.16 51.18
CA ALA U 558 -8.74 89.21 50.51
C ALA U 558 -10.17 89.72 50.44
N HIS U 559 -10.66 90.31 51.54
CA HIS U 559 -12.05 90.74 51.62
C HIS U 559 -12.16 92.25 51.45
N VAL U 560 -13.11 92.66 50.59
CA VAL U 560 -13.43 94.06 50.42
C VAL U 560 -14.95 94.22 50.54
N TRP V 27 -33.97 99.68 12.53
CA TRP V 27 -34.36 99.15 11.19
C TRP V 27 -34.55 97.64 11.25
N SER V 28 -35.71 97.19 10.77
CA SER V 28 -36.10 95.79 10.83
C SER V 28 -35.40 94.95 9.78
N ASP V 29 -34.72 95.60 8.82
CA ASP V 29 -33.98 94.90 7.77
C ASP V 29 -32.56 94.53 8.20
N ALA V 30 -32.16 94.88 9.43
CA ALA V 30 -30.82 94.60 9.93
C ALA V 30 -30.85 93.90 11.28
N LEU V 31 -31.94 94.09 12.06
CA LEU V 31 -32.02 93.52 13.40
C LEU V 31 -32.83 92.22 13.42
N ALA V 32 -33.42 91.85 12.28
CA ALA V 32 -34.15 90.60 12.17
C ALA V 32 -33.21 89.44 11.81
N LEU V 33 -31.95 89.76 11.50
CA LEU V 33 -30.93 88.79 11.08
C LEU V 33 -31.44 87.90 9.94
N GLY V 34 -32.35 88.46 9.13
CA GLY V 34 -32.73 87.86 7.87
C GLY V 34 -33.97 86.97 7.93
N TRP V 35 -34.87 87.18 8.90
CA TRP V 35 -36.18 86.55 8.83
C TRP V 35 -36.99 87.12 7.68
N PRO V 36 -37.76 86.28 6.95
CA PRO V 36 -38.77 86.78 6.02
C PRO V 36 -39.87 87.53 6.78
N THR V 37 -40.49 88.50 6.09
CA THR V 37 -41.68 89.17 6.58
C THR V 37 -42.84 88.18 6.59
N GLY V 38 -43.68 88.27 7.63
CA GLY V 38 -44.80 87.36 7.80
C GLY V 38 -45.89 87.59 6.75
N ILE V 39 -46.68 86.54 6.51
CA ILE V 39 -47.86 86.63 5.65
C ILE V 39 -49.12 86.30 6.46
N THR V 40 -48.93 85.96 7.74
CA THR V 40 -50.01 85.61 8.65
C THR V 40 -49.86 86.42 9.93
N PRO V 41 -50.95 86.71 10.69
CA PRO V 41 -50.83 87.47 11.93
C PRO V 41 -49.83 86.90 12.94
N GLU V 42 -49.80 85.57 13.06
CA GLU V 42 -48.95 84.90 14.02
C GLU V 42 -47.48 85.13 13.68
N ALA V 43 -47.15 85.07 12.38
CA ALA V 43 -45.78 85.28 11.94
C ALA V 43 -45.34 86.71 12.26
N LYS V 44 -46.23 87.68 12.02
CA LYS V 44 -45.94 89.08 12.28
C LYS V 44 -45.74 89.32 13.77
N LEU V 45 -46.51 88.62 14.62
CA LEU V 45 -46.36 88.76 16.06
C LEU V 45 -45.03 88.15 16.51
N ASN V 46 -44.67 87.00 15.94
CA ASN V 46 -43.44 86.29 16.30
C ASN V 46 -42.21 87.11 15.93
N ARG V 47 -42.27 87.80 14.78
CA ARG V 47 -41.16 88.63 14.31
C ARG V 47 -40.82 89.71 15.33
N GLU V 48 -41.83 90.31 15.96
CA GLU V 48 -41.64 91.38 16.92
C GLU V 48 -40.85 90.86 18.12
N LEU V 49 -41.25 89.68 18.62
CA LEU V 49 -40.60 89.06 19.77
C LEU V 49 -39.14 88.72 19.42
N TRP V 50 -38.91 88.24 18.19
CA TRP V 50 -37.56 87.92 17.75
C TRP V 50 -36.65 89.16 17.73
N ILE V 51 -37.16 90.26 17.16
CA ILE V 51 -36.39 91.48 17.04
C ILE V 51 -36.03 92.01 18.44
N GLY V 52 -37.03 91.99 19.34
CA GLY V 52 -36.85 92.46 20.70
C GLY V 52 -35.80 91.65 21.45
N SER V 53 -35.84 90.33 21.24
CA SER V 53 -34.90 89.43 21.90
C SER V 53 -33.49 89.66 21.39
N VAL V 54 -33.36 89.88 20.07
CA VAL V 54 -32.06 90.12 19.46
C VAL V 54 -31.44 91.39 20.03
N ILE V 55 -32.27 92.43 20.21
CA ILE V 55 -31.79 93.69 20.77
C ILE V 55 -31.33 93.48 22.21
N ALA V 56 -32.15 92.75 22.99
CA ALA V 56 -31.87 92.54 24.41
C ALA V 56 -30.64 91.64 24.61
N SER V 57 -30.25 90.89 23.57
CA SER V 57 -29.07 90.04 23.67
C SER V 57 -27.81 90.78 23.23
N PHE V 58 -27.93 91.64 22.20
CA PHE V 58 -26.82 92.47 21.76
C PHE V 58 -26.41 93.47 22.84
N ALA V 59 -27.36 93.91 23.68
CA ALA V 59 -27.06 94.83 24.77
C ALA V 59 -26.06 94.21 25.73
N VAL V 60 -26.39 93.01 26.22
CA VAL V 60 -25.54 92.33 27.20
C VAL V 60 -24.22 91.88 26.55
N GLY V 61 -24.29 91.58 25.24
CA GLY V 61 -23.09 91.20 24.50
C GLY V 61 -22.10 92.35 24.45
N ALA V 62 -22.63 93.54 24.15
CA ALA V 62 -21.82 94.75 24.08
C ALA V 62 -21.25 95.10 25.45
N ILE V 63 -22.06 94.95 26.51
CA ILE V 63 -21.61 95.25 27.87
C ILE V 63 -20.41 94.38 28.22
N VAL V 64 -20.55 93.07 27.98
CA VAL V 64 -19.52 92.13 28.42
C VAL V 64 -18.26 92.29 27.58
N TRP V 65 -18.44 92.52 26.28
CA TRP V 65 -17.30 92.71 25.40
C TRP V 65 -16.51 93.96 25.78
N GLY V 66 -17.23 95.03 26.16
CA GLY V 66 -16.63 96.26 26.64
C GLY V 66 -15.81 96.02 27.91
N LEU V 67 -16.36 95.21 28.83
CA LEU V 67 -15.68 94.90 30.07
C LEU V 67 -14.41 94.09 29.81
N ILE V 68 -14.47 93.14 28.86
CA ILE V 68 -13.31 92.33 28.55
C ILE V 68 -12.24 93.19 27.87
N PHE V 69 -12.66 94.08 26.96
CA PHE V 69 -11.75 94.92 26.21
C PHE V 69 -11.08 95.95 27.12
N TRP V 70 -11.81 96.43 28.14
CA TRP V 70 -11.30 97.49 29.00
C TRP V 70 -10.03 97.06 29.75
N THR V 71 -10.07 95.85 30.31
CA THR V 71 -8.98 95.33 31.13
C THR V 71 -7.81 94.82 30.27
N SER V 72 -8.06 94.53 28.99
CA SER V 72 -7.03 94.00 28.11
C SER V 72 -6.25 95.11 27.42
N ALA V 73 -6.59 96.38 27.70
CA ALA V 73 -5.93 97.51 27.06
C ALA V 73 -5.33 98.49 28.07
N PHE V 74 -5.76 98.42 29.34
CA PHE V 74 -5.29 99.38 30.34
C PHE V 74 -4.58 98.69 31.51
N HIS V 75 -5.12 97.54 31.96
CA HIS V 75 -4.49 96.78 33.03
C HIS V 75 -3.48 95.80 32.43
N ARG V 76 -2.24 96.28 32.32
CA ARG V 76 -1.16 95.49 31.74
C ARG V 76 0.11 95.69 32.56
N LYS V 77 1.16 94.95 32.17
CA LYS V 77 2.45 95.04 32.83
C LYS V 77 3.18 96.30 32.37
N LYS V 78 3.50 97.16 33.33
CA LYS V 78 4.23 98.39 33.05
C LYS V 78 5.74 98.12 33.15
N ALA V 79 6.52 98.94 32.44
CA ALA V 79 7.97 98.85 32.45
C ALA V 79 8.50 99.11 33.87
N THR V 80 7.97 100.14 34.52
CA THR V 80 8.37 100.51 35.87
C THR V 80 7.30 100.02 36.84
N ASP V 81 7.21 98.70 36.95
CA ASP V 81 6.16 98.05 37.72
C ASP V 81 6.76 96.92 38.55
N THR V 82 6.75 97.09 39.88
CA THR V 82 7.12 96.04 40.81
C THR V 82 5.98 95.85 41.81
N GLU V 83 6.22 95.06 42.86
CA GLU V 83 5.33 94.98 44.01
C GLU V 83 3.94 94.53 43.57
N LEU V 84 3.80 93.20 43.39
CA LEU V 84 2.62 92.52 42.87
C LEU V 84 1.34 93.11 43.46
N PRO V 85 0.25 93.23 42.66
CA PRO V 85 -0.86 94.13 43.02
C PRO V 85 -1.71 93.58 44.16
N ARG V 86 -2.76 94.34 44.49
CA ARG V 86 -3.60 94.02 45.62
C ARG V 86 -4.27 92.66 45.40
N GLN V 87 -4.18 91.80 46.43
CA GLN V 87 -4.65 90.43 46.34
C GLN V 87 -6.06 90.32 46.94
N PHE V 88 -7.03 90.90 46.24
CA PHE V 88 -8.43 90.77 46.62
C PHE V 88 -9.10 89.70 45.76
N GLY V 89 -9.92 88.87 46.40
CA GLY V 89 -10.57 87.76 45.73
C GLY V 89 -12.00 87.53 46.19
N TYR V 90 -12.54 88.45 47.00
CA TYR V 90 -13.90 88.31 47.50
C TYR V 90 -14.56 89.68 47.57
N ASN V 91 -15.85 89.70 47.22
CA ASN V 91 -16.68 90.90 47.29
C ASN V 91 -18.12 90.47 47.51
N MET V 92 -18.54 90.49 48.78
CA MET V 92 -19.82 89.92 49.18
C MET V 92 -21.00 90.68 48.57
N PRO V 93 -21.10 92.03 48.68
CA PRO V 93 -22.26 92.75 48.13
C PRO V 93 -22.09 93.09 46.65
N LEU V 94 -21.49 92.16 45.88
CA LEU V 94 -21.46 92.28 44.43
C LEU V 94 -21.80 90.96 43.75
N GLU V 95 -21.57 89.82 44.42
CA GLU V 95 -21.96 88.51 43.90
C GLU V 95 -23.44 88.23 44.15
N LEU V 96 -24.06 88.97 45.07
CA LEU V 96 -25.48 88.88 45.35
C LEU V 96 -26.28 89.86 44.48
N THR V 97 -25.63 90.91 43.99
CA THR V 97 -26.22 91.90 43.10
C THR V 97 -26.25 91.40 41.66
N LEU V 98 -25.14 90.82 41.21
CA LEU V 98 -25.00 90.37 39.83
C LEU V 98 -25.69 89.04 39.56
N THR V 99 -26.26 88.42 40.61
CA THR V 99 -26.99 87.17 40.47
C THR V 99 -28.50 87.42 40.43
N VAL V 100 -28.90 88.70 40.48
CA VAL V 100 -30.31 89.07 40.53
C VAL V 100 -30.76 89.65 39.20
N ILE V 101 -29.88 90.39 38.52
CA ILE V 101 -30.26 91.07 37.28
C ILE V 101 -30.61 90.08 36.17
N PRO V 102 -29.83 88.99 35.94
CA PRO V 102 -30.22 88.00 34.95
C PRO V 102 -31.54 87.28 35.23
N PHE V 103 -31.90 87.10 36.51
CA PHE V 103 -33.18 86.51 36.86
C PHE V 103 -34.33 87.40 36.38
N LEU V 104 -34.20 88.72 36.61
CA LEU V 104 -35.21 89.66 36.20
C LEU V 104 -35.26 89.74 34.67
N ILE V 105 -34.11 89.62 34.00
CA ILE V 105 -34.07 89.66 32.55
C ILE V 105 -34.82 88.46 31.97
N ILE V 106 -34.57 87.26 32.51
CA ILE V 106 -35.15 86.04 31.98
C ILE V 106 -36.63 85.95 32.33
N SER V 107 -37.06 86.58 33.43
CA SER V 107 -38.46 86.50 33.85
C SER V 107 -39.39 87.14 32.81
N VAL V 108 -39.02 88.32 32.33
CA VAL V 108 -39.82 89.06 31.37
C VAL V 108 -39.84 88.32 30.03
N LEU V 109 -38.70 87.72 29.66
CA LEU V 109 -38.59 86.96 28.42
C LEU V 109 -39.50 85.73 28.50
N PHE V 110 -39.54 85.09 29.68
CA PHE V 110 -40.40 83.95 29.91
C PHE V 110 -41.87 84.34 29.77
N TYR V 111 -42.24 85.50 30.34
CA TYR V 111 -43.61 85.98 30.27
C TYR V 111 -44.03 86.19 28.82
N PHE V 112 -43.21 86.91 28.06
CA PHE V 112 -43.53 87.20 26.67
C PHE V 112 -43.54 85.93 25.83
N THR V 113 -42.64 84.99 26.12
CA THR V 113 -42.59 83.70 25.43
C THR V 113 -43.91 82.97 25.61
N VAL V 114 -44.41 82.93 26.86
CA VAL V 114 -45.66 82.26 27.17
C VAL V 114 -46.81 82.93 26.42
N VAL V 115 -46.83 84.27 26.45
CA VAL V 115 -47.89 85.04 25.83
C VAL V 115 -47.96 84.74 24.33
N VAL V 116 -46.81 84.70 23.66
CA VAL V 116 -46.77 84.48 22.23
C VAL V 116 -47.12 83.03 21.90
N GLN V 117 -46.59 82.08 22.67
CA GLN V 117 -46.75 80.66 22.37
C GLN V 117 -48.21 80.22 22.55
N GLU V 118 -48.92 80.83 23.52
CA GLU V 118 -50.32 80.48 23.73
C GLU V 118 -51.17 80.94 22.54
N ARG V 119 -50.77 82.03 21.90
CA ARG V 119 -51.51 82.58 20.77
C ARG V 119 -51.33 81.72 19.51
N MET V 120 -50.13 81.19 19.30
CA MET V 120 -49.83 80.49 18.06
C MET V 120 -50.49 79.10 18.01
N MET V 121 -51.11 78.69 19.12
CA MET V 121 -51.76 77.39 19.21
C MET V 121 -53.15 77.62 19.80
N HIS V 122 -54.10 77.99 18.92
CA HIS V 122 -55.44 78.37 19.37
C HIS V 122 -56.50 77.35 18.95
N LYS V 123 -56.54 77.03 17.66
CA LYS V 123 -57.42 75.98 17.12
C LYS V 123 -58.89 76.31 17.38
N ASP V 124 -59.36 77.35 16.68
CA ASP V 124 -60.77 77.73 16.69
C ASP V 124 -61.64 76.56 16.21
N PRO V 125 -62.75 76.25 16.93
CA PRO V 125 -63.64 75.15 16.55
C PRO V 125 -64.14 75.07 15.11
N ASN V 126 -64.27 76.22 14.44
CA ASN V 126 -64.90 76.30 13.13
C ASN V 126 -63.92 76.86 12.10
N PRO V 127 -63.07 76.01 11.46
CA PRO V 127 -62.26 76.46 10.34
C PRO V 127 -63.06 76.54 9.04
N GLU V 128 -62.44 77.08 7.99
CA GLU V 128 -63.13 77.35 6.74
C GLU V 128 -62.63 76.42 5.63
N VAL V 129 -61.47 75.79 5.83
CA VAL V 129 -60.95 74.78 4.91
C VAL V 129 -59.99 73.86 5.65
N VAL V 130 -60.18 72.55 5.49
CA VAL V 130 -59.37 71.57 6.18
C VAL V 130 -58.51 70.82 5.16
N ILE V 131 -57.21 70.76 5.44
CA ILE V 131 -56.25 70.10 4.56
C ILE V 131 -55.70 68.86 5.25
N ASP V 132 -55.66 67.76 4.48
CA ASP V 132 -55.01 66.53 4.92
C ASP V 132 -53.64 66.45 4.27
N VAL V 133 -52.58 66.70 5.05
CA VAL V 133 -51.22 66.62 4.55
C VAL V 133 -50.65 65.28 4.98
N THR V 134 -50.17 64.53 3.98
CA THR V 134 -49.48 63.27 4.22
C THR V 134 -48.09 63.35 3.59
N ALA V 135 -47.09 62.87 4.34
CA ALA V 135 -45.73 62.79 3.84
C ALA V 135 -45.35 61.31 3.73
N PHE V 136 -44.89 60.92 2.54
CA PHE V 136 -44.34 59.59 2.37
C PHE V 136 -42.87 59.71 1.97
N GLN V 137 -42.30 58.59 1.51
CA GLN V 137 -40.86 58.52 1.32
C GLN V 137 -40.44 59.43 0.17
N TRP V 138 -40.09 60.66 0.55
CA TRP V 138 -39.46 61.66 -0.31
C TRP V 138 -40.43 62.30 -1.30
N ASN V 139 -41.68 62.50 -0.89
CA ASN V 139 -42.61 63.37 -1.59
C ASN V 139 -43.86 63.63 -0.74
N TRP V 140 -44.78 64.44 -1.28
CA TRP V 140 -45.94 64.95 -0.57
C TRP V 140 -47.22 64.57 -1.28
N LYS V 141 -48.36 64.73 -0.59
CA LYS V 141 -49.69 64.63 -1.15
C LYS V 141 -50.65 65.46 -0.31
N PHE V 142 -51.44 66.31 -1.00
CA PHE V 142 -52.37 67.21 -0.34
C PHE V 142 -53.80 66.84 -0.69
N GLY V 143 -54.66 66.77 0.33
CA GLY V 143 -56.06 66.44 0.13
C GLY V 143 -57.02 67.41 0.84
N TYR V 144 -58.03 67.85 0.10
CA TYR V 144 -58.99 68.82 0.60
C TYR V 144 -60.08 68.06 1.37
N GLN V 145 -60.03 68.10 2.71
CA GLN V 145 -60.96 67.34 3.51
C GLN V 145 -62.36 67.96 3.41
N LYS V 146 -62.47 69.24 3.80
CA LYS V 146 -63.75 69.92 3.76
C LYS V 146 -63.54 71.42 3.56
N ILE V 147 -64.59 72.07 3.03
CA ILE V 147 -64.62 73.50 2.83
C ILE V 147 -65.98 74.01 3.31
N ALA V 148 -65.95 75.03 4.17
CA ALA V 148 -67.15 75.69 4.66
C ALA V 148 -66.82 77.15 4.91
N PHE V 149 -67.18 78.01 3.94
CA PHE V 149 -66.94 79.44 4.04
C PHE V 149 -67.86 80.05 5.10
N ALA V 150 -67.44 81.20 5.64
CA ALA V 150 -68.20 81.93 6.64
C ALA V 150 -69.37 82.71 6.03
N ASP V 151 -69.35 82.91 4.70
CA ASP V 151 -70.37 83.70 4.02
C ASP V 151 -71.56 82.84 3.57
N GLY V 152 -71.49 81.53 3.84
CA GLY V 152 -72.47 80.56 3.38
C GLY V 152 -72.63 80.53 1.86
N SER V 153 -71.50 80.61 1.14
CA SER V 153 -71.50 80.66 -0.31
C SER V 153 -70.73 79.49 -0.93
N PHE V 154 -70.20 78.58 -0.09
CA PHE V 154 -69.48 77.41 -0.59
C PHE V 154 -69.40 76.35 0.49
N ASP V 155 -69.90 75.16 0.17
CA ASP V 155 -69.81 73.99 1.04
C ASP V 155 -69.33 72.80 0.23
N TYR V 156 -68.44 72.01 0.84
CA TYR V 156 -67.93 70.80 0.22
C TYR V 156 -67.40 69.85 1.28
N ASP V 157 -67.71 68.56 1.10
CA ASP V 157 -67.26 67.52 2.00
C ASP V 157 -66.54 66.43 1.20
N GLY V 158 -65.23 66.35 1.38
CA GLY V 158 -64.40 65.48 0.56
C GLY V 158 -63.98 64.18 1.24
N ALA V 159 -64.42 63.94 2.47
CA ALA V 159 -64.03 62.75 3.22
C ALA V 159 -64.49 61.48 2.48
N ASP V 160 -63.64 60.44 2.50
CA ASP V 160 -63.90 59.18 1.83
C ASP V 160 -63.64 58.02 2.79
N PRO V 161 -64.64 57.60 3.60
CA PRO V 161 -64.41 56.52 4.57
C PRO V 161 -64.33 55.13 3.94
N GLU V 162 -64.96 54.93 2.76
CA GLU V 162 -64.98 53.64 2.10
C GLU V 162 -63.57 53.22 1.71
N ARG V 163 -62.80 54.19 1.20
CA ARG V 163 -61.43 53.96 0.78
C ARG V 163 -60.52 53.80 2.01
N LYS V 164 -60.90 54.43 3.12
CA LYS V 164 -60.14 54.37 4.36
C LYS V 164 -60.29 53.01 5.02
N GLU V 165 -61.47 52.38 4.83
CA GLU V 165 -61.78 51.09 5.44
C GLU V 165 -60.85 49.98 4.93
N ALA V 166 -60.25 50.18 3.75
CA ALA V 166 -59.44 49.17 3.09
C ALA V 166 -58.00 49.12 3.63
N MET V 167 -57.77 49.71 4.81
CA MET V 167 -56.50 49.63 5.50
C MET V 167 -56.75 49.11 6.92
N THR V 168 -56.72 47.79 7.07
CA THR V 168 -57.00 47.13 8.34
C THR V 168 -56.25 45.80 8.37
N SER V 169 -55.60 45.52 9.50
CA SER V 169 -54.84 44.30 9.68
C SER V 169 -55.20 43.63 11.01
N ARG V 170 -55.02 42.31 11.08
CA ARG V 170 -55.25 41.54 12.29
C ARG V 170 -53.94 40.84 12.68
N LYS V 181 -56.67 33.92 17.57
CA LYS V 181 -55.37 34.57 17.26
C LYS V 181 -55.43 36.06 17.64
N VAL V 182 -54.27 36.63 17.92
CA VAL V 182 -54.15 38.03 18.32
C VAL V 182 -53.08 38.71 17.47
N GLY V 183 -53.12 40.04 17.45
CA GLY V 183 -52.10 40.85 16.81
C GLY V 183 -51.04 41.32 17.81
N PRO V 184 -49.81 41.63 17.33
CA PRO V 184 -48.72 42.06 18.21
C PRO V 184 -49.06 43.26 19.10
N ILE V 185 -49.44 44.38 18.47
CA ILE V 185 -49.67 45.63 19.19
C ILE V 185 -51.16 45.95 19.13
N ARG V 186 -51.83 45.80 20.28
CA ARG V 186 -53.25 46.12 20.45
C ARG V 186 -54.09 45.33 19.44
N GLY V 187 -53.73 44.06 19.25
CA GLY V 187 -54.50 43.14 18.43
C GLY V 187 -54.39 43.42 16.93
N MET V 188 -53.29 44.04 16.49
CA MET V 188 -53.07 44.27 15.08
C MET V 188 -51.57 44.26 14.77
N THR V 189 -51.25 43.95 13.51
CA THR V 189 -49.89 43.95 13.02
C THR V 189 -49.46 45.39 12.70
N PRO V 190 -48.13 45.69 12.64
CA PRO V 190 -47.66 47.02 12.24
C PRO V 190 -48.10 47.50 10.85
N GLU V 191 -48.73 46.61 10.06
CA GLU V 191 -49.17 46.97 8.72
C GLU V 191 -50.65 47.34 8.71
N ASP V 192 -51.01 48.39 9.45
CA ASP V 192 -52.38 48.80 9.62
C ASP V 192 -52.75 49.94 8.68
N ARG V 193 -52.06 51.08 8.83
CA ARG V 193 -52.26 52.27 8.03
C ARG V 193 -53.70 52.79 8.13
N THR V 194 -54.41 52.49 9.21
CA THR V 194 -55.79 52.94 9.38
C THR V 194 -55.83 54.43 9.72
N TYR V 195 -54.77 54.94 10.35
CA TYR V 195 -54.71 56.29 10.90
C TYR V 195 -54.65 57.36 9.80
N LEU V 196 -54.34 56.94 8.57
CA LEU V 196 -54.25 57.86 7.44
C LEU V 196 -55.65 58.32 7.01
N ASN V 197 -55.67 59.40 6.23
CA ASN V 197 -56.90 59.99 5.73
C ASN V 197 -56.85 60.06 4.21
N PHE V 198 -58.01 59.78 3.59
CA PHE V 198 -58.14 59.79 2.14
C PHE V 198 -59.31 60.68 1.74
N ASP V 199 -59.11 61.43 0.64
CA ASP V 199 -60.10 62.42 0.21
C ASP V 199 -60.34 62.26 -1.30
N LYS V 200 -61.36 62.97 -1.81
CA LYS V 200 -61.80 62.84 -3.19
C LYS V 200 -60.86 63.59 -4.14
N ILE V 201 -60.44 64.79 -3.73
CA ILE V 201 -59.46 65.56 -4.48
C ILE V 201 -58.13 65.48 -3.76
N GLU V 202 -57.09 65.07 -4.51
CA GLU V 202 -55.77 64.88 -3.94
C GLU V 202 -54.73 65.26 -5.00
N THR V 203 -53.90 66.24 -4.68
CA THR V 203 -52.72 66.55 -5.48
C THR V 203 -51.58 65.64 -5.02
N LEU V 204 -50.97 64.94 -5.97
CA LEU V 204 -49.85 64.06 -5.71
C LEU V 204 -48.61 64.57 -6.45
N GLY V 205 -47.48 64.57 -5.75
CA GLY V 205 -46.21 64.94 -6.34
C GLY V 205 -45.51 63.72 -6.92
N THR V 206 -44.67 63.98 -7.93
CA THR V 206 -43.84 62.96 -8.55
C THR V 206 -42.39 63.42 -8.57
N SER V 207 -41.49 62.55 -9.04
CA SER V 207 -40.07 62.83 -9.12
C SER V 207 -39.76 63.88 -10.20
N SER V 208 -40.78 64.29 -10.96
CA SER V 208 -40.60 65.21 -12.08
C SER V 208 -41.64 66.33 -12.08
N GLU V 209 -42.39 66.47 -10.98
CA GLU V 209 -43.42 67.51 -10.89
C GLU V 209 -43.62 67.92 -9.44
N ILE V 210 -43.33 69.19 -9.13
CA ILE V 210 -43.45 69.68 -7.78
C ILE V 210 -44.93 69.82 -7.43
N PRO V 211 -45.39 69.27 -6.29
CA PRO V 211 -46.79 69.42 -5.89
C PRO V 211 -47.09 70.84 -5.43
N VAL V 212 -48.22 71.36 -5.92
CA VAL V 212 -48.66 72.71 -5.60
C VAL V 212 -49.98 72.62 -4.83
N LEU V 213 -50.03 73.31 -3.68
CA LEU V 213 -51.25 73.39 -2.88
C LEU V 213 -51.88 74.76 -3.08
N VAL V 214 -53.19 74.77 -3.34
CA VAL V 214 -53.92 75.99 -3.64
C VAL V 214 -54.85 76.32 -2.48
N LEU V 215 -54.71 77.54 -1.96
CA LEU V 215 -55.46 78.00 -0.81
C LEU V 215 -56.10 79.35 -1.10
N PRO V 216 -57.25 79.67 -0.46
CA PRO V 216 -57.82 81.01 -0.58
C PRO V 216 -57.16 82.01 0.37
N ALA V 217 -57.29 83.29 0.01
CA ALA V 217 -56.76 84.38 0.82
C ALA V 217 -57.82 84.88 1.80
N GLY V 218 -57.37 85.30 2.99
CA GLY V 218 -58.23 85.90 3.98
C GLY V 218 -59.14 84.89 4.69
N LYS V 219 -58.77 83.60 4.64
CA LYS V 219 -59.60 82.56 5.21
C LYS V 219 -58.81 81.73 6.22
N ARG V 220 -59.52 81.18 7.21
CA ARG V 220 -58.90 80.34 8.23
C ARG V 220 -58.55 78.98 7.64
N ILE V 221 -57.34 78.49 7.93
CA ILE V 221 -56.81 77.30 7.29
C ILE V 221 -56.46 76.28 8.36
N GLU V 222 -56.78 75.01 8.09
CA GLU V 222 -56.35 73.87 8.89
C GLU V 222 -55.15 73.20 8.23
N PHE V 223 -54.37 72.47 9.03
CA PHE V 223 -53.40 71.53 8.51
C PHE V 223 -53.37 70.33 9.46
N VAL V 224 -53.69 69.16 8.92
CA VAL V 224 -53.70 67.92 9.68
C VAL V 224 -52.62 67.02 9.08
N LEU V 225 -51.60 66.71 9.89
CA LEU V 225 -50.37 66.10 9.40
C LEU V 225 -50.32 64.63 9.80
N ASN V 226 -49.95 63.79 8.83
CA ASN V 226 -49.77 62.37 9.06
C ASN V 226 -48.66 61.86 8.15
N SER V 227 -47.98 60.81 8.59
CA SER V 227 -46.86 60.24 7.85
C SER V 227 -47.08 58.75 7.66
N ALA V 228 -46.55 58.23 6.55
CA ALA V 228 -46.73 56.83 6.18
C ALA V 228 -45.57 55.95 6.67
N ASP V 229 -44.34 56.48 6.68
CA ASP V 229 -43.19 55.66 6.98
C ASP V 229 -42.40 56.21 8.18
N VAL V 230 -41.90 57.44 8.06
CA VAL V 230 -40.97 58.01 9.01
C VAL V 230 -41.35 59.45 9.30
N ILE V 231 -40.51 60.14 10.09
CA ILE V 231 -40.72 61.53 10.45
C ILE V 231 -40.27 62.43 9.30
N HIS V 232 -41.11 63.41 8.95
CA HIS V 232 -40.75 64.45 8.00
C HIS V 232 -40.92 65.82 8.64
N GLY V 233 -40.59 66.87 7.88
CA GLY V 233 -40.71 68.22 8.40
C GLY V 233 -41.53 69.13 7.50
N PHE V 234 -42.63 69.65 8.06
CA PHE V 234 -43.48 70.61 7.39
C PHE V 234 -43.03 72.03 7.74
N TRP V 235 -42.33 72.66 6.78
CA TRP V 235 -41.87 74.03 6.94
C TRP V 235 -42.25 74.87 5.72
N VAL V 236 -42.99 75.96 5.97
CA VAL V 236 -43.13 77.03 5.01
C VAL V 236 -42.48 78.27 5.63
N PRO V 237 -41.31 78.70 5.13
CA PRO V 237 -40.57 79.80 5.76
C PRO V 237 -41.36 81.07 6.01
N GLU V 238 -42.26 81.41 5.08
CA GLU V 238 -43.08 82.61 5.20
C GLU V 238 -44.09 82.50 6.34
N PHE V 239 -44.41 81.27 6.76
CA PHE V 239 -45.26 81.04 7.90
C PHE V 239 -44.52 81.28 9.22
N LEU V 240 -43.18 81.22 9.17
CA LEU V 240 -42.33 81.23 10.35
C LEU V 240 -42.77 80.14 11.34
N PHE V 241 -42.88 78.94 10.81
CA PHE V 241 -43.38 77.83 11.63
C PHE V 241 -42.93 76.52 10.99
N LYS V 242 -42.99 75.43 11.76
CA LYS V 242 -42.71 74.08 11.26
C LYS V 242 -43.23 73.09 12.27
N ARG V 243 -43.57 71.89 11.81
CA ARG V 243 -44.11 70.81 12.67
C ARG V 243 -43.64 69.45 12.11
N ASP V 244 -43.39 68.49 13.01
CA ASP V 244 -42.93 67.14 12.62
C ASP V 244 -44.14 66.33 12.16
N VAL V 245 -43.99 65.58 11.07
CA VAL V 245 -45.06 64.70 10.50
C VAL V 245 -44.65 63.30 10.96
N LEU V 246 -45.38 62.72 11.93
CA LEU V 246 -45.11 61.49 12.66
C LEU V 246 -45.92 60.33 12.08
N PRO V 247 -45.40 59.08 12.14
CA PRO V 247 -46.15 57.91 11.70
C PRO V 247 -47.34 57.47 12.57
N GLU V 248 -47.38 57.86 13.85
CA GLU V 248 -48.51 57.56 14.71
C GLU V 248 -48.72 58.71 15.68
N PRO V 249 -49.29 59.87 15.26
CA PRO V 249 -49.42 61.01 16.18
C PRO V 249 -50.27 60.72 17.41
N LYS V 250 -51.33 59.92 17.23
CA LYS V 250 -52.26 59.67 18.32
C LYS V 250 -51.63 58.77 19.38
N ALA V 251 -50.90 57.74 18.94
CA ALA V 251 -50.30 56.76 19.84
C ALA V 251 -49.09 57.34 20.57
N ASN V 252 -48.49 58.40 20.02
CA ASN V 252 -47.29 59.00 20.58
C ASN V 252 -47.60 60.25 21.41
N ASN V 253 -48.89 60.49 21.65
CA ASN V 253 -49.36 61.66 22.45
C ASN V 253 -48.72 62.93 21.89
N SER V 254 -49.02 63.27 20.63
CA SER V 254 -48.46 64.50 20.00
C SER V 254 -49.49 65.12 19.06
N ASP V 255 -49.78 66.41 19.25
CA ASP V 255 -50.77 67.13 18.40
C ASP V 255 -50.25 67.22 16.97
N ASN V 256 -51.02 66.76 15.99
CA ASN V 256 -50.61 66.79 14.56
C ASN V 256 -51.66 67.56 13.75
N VAL V 257 -51.98 68.78 14.19
CA VAL V 257 -52.99 69.64 13.49
C VAL V 257 -52.86 71.07 13.99
N PHE V 258 -52.54 72.01 13.10
CA PHE V 258 -52.40 73.44 13.47
C PHE V 258 -53.25 74.31 12.54
N GLN V 259 -53.53 75.54 12.96
CA GLN V 259 -54.34 76.46 12.18
C GLN V 259 -53.57 77.75 11.85
N VAL V 260 -54.00 78.39 10.77
CA VAL V 260 -53.60 79.74 10.42
C VAL V 260 -54.86 80.59 10.40
N SER V 261 -54.82 81.73 11.11
CA SER V 261 -55.97 82.61 11.28
C SER V 261 -56.52 83.14 9.94
N GLU V 262 -55.61 83.61 9.09
CA GLU V 262 -55.89 84.04 7.73
C GLU V 262 -54.58 84.43 7.03
N ILE V 263 -54.59 84.41 5.70
CA ILE V 263 -53.45 84.86 4.91
C ILE V 263 -53.86 86.08 4.11
N GLN V 264 -53.03 87.13 4.12
CA GLN V 264 -53.33 88.38 3.46
C GLN V 264 -52.32 88.68 2.34
N GLN V 265 -51.94 87.66 1.58
CA GLN V 265 -51.04 87.85 0.46
C GLN V 265 -51.29 86.73 -0.55
N THR V 266 -51.47 87.13 -1.82
CA THR V 266 -51.64 86.18 -2.90
C THR V 266 -50.30 86.03 -3.61
N GLY V 267 -49.96 84.77 -3.94
CA GLY V 267 -48.71 84.50 -4.63
C GLY V 267 -48.24 83.08 -4.40
N ALA V 268 -46.96 82.83 -4.70
CA ALA V 268 -46.36 81.51 -4.60
C ALA V 268 -45.23 81.55 -3.56
N PHE V 269 -45.25 80.56 -2.66
CA PHE V 269 -44.27 80.46 -1.59
C PHE V 269 -43.74 79.03 -1.51
N VAL V 270 -42.48 78.92 -1.08
CA VAL V 270 -41.76 77.66 -1.06
C VAL V 270 -42.01 76.94 0.26
N GLY V 271 -41.86 75.61 0.21
CA GLY V 271 -41.84 74.77 1.39
C GLY V 271 -40.88 73.61 1.17
N ARG V 272 -40.28 73.13 2.25
CA ARG V 272 -39.27 72.09 2.14
C ARG V 272 -39.22 71.27 3.42
N CYS V 273 -38.61 70.08 3.31
CA CYS V 273 -38.56 69.10 4.38
C CYS V 273 -37.43 69.45 5.34
N THR V 274 -37.73 69.38 6.64
CA THR V 274 -36.79 69.76 7.69
C THR V 274 -36.73 68.72 8.79
N GLU V 275 -36.54 67.46 8.40
CA GLU V 275 -36.32 66.36 9.32
C GLU V 275 -35.68 65.22 8.53
N MET V 276 -34.55 64.73 9.01
CA MET V 276 -33.75 63.75 8.28
C MET V 276 -34.59 62.51 7.99
N CYS V 277 -34.67 62.15 6.72
CA CYS V 277 -35.59 61.07 6.31
C CYS V 277 -34.99 60.13 5.27
N GLY V 278 -33.74 60.35 4.87
CA GLY V 278 -33.08 59.40 3.99
C GLY V 278 -32.27 60.10 2.90
N THR V 279 -32.05 59.39 1.80
CA THR V 279 -31.18 59.83 0.71
C THR V 279 -31.70 61.12 0.07
N PHE V 280 -33.02 61.19 -0.15
CA PHE V 280 -33.62 62.31 -0.84
C PHE V 280 -34.33 63.24 0.13
N HIS V 281 -33.68 63.54 1.26
CA HIS V 281 -34.22 64.47 2.25
C HIS V 281 -34.25 65.90 1.69
N ALA V 282 -33.24 66.23 0.87
CA ALA V 282 -33.04 67.57 0.36
C ALA V 282 -33.78 67.79 -0.96
N MET V 283 -34.56 66.80 -1.41
CA MET V 283 -35.14 66.84 -2.76
C MET V 283 -36.63 66.54 -2.73
N MET V 284 -37.33 67.04 -1.69
CA MET V 284 -38.78 66.83 -1.60
C MET V 284 -39.52 68.13 -1.25
N ASN V 285 -39.24 69.19 -2.02
CA ASN V 285 -39.83 70.49 -1.79
C ASN V 285 -41.24 70.55 -2.38
N PHE V 286 -41.99 71.60 -2.01
CA PHE V 286 -43.32 71.84 -2.54
C PHE V 286 -43.58 73.34 -2.57
N GLU V 287 -44.76 73.72 -3.07
CA GLU V 287 -45.14 75.12 -3.18
C GLU V 287 -46.58 75.32 -2.71
N VAL V 288 -46.85 76.52 -2.19
CA VAL V 288 -48.19 76.94 -1.84
C VAL V 288 -48.53 78.18 -2.66
N ARG V 289 -49.68 78.14 -3.34
CA ARG V 289 -50.13 79.25 -4.17
C ARG V 289 -51.47 79.75 -3.63
N VAL V 290 -51.47 80.99 -3.14
CA VAL V 290 -52.66 81.62 -2.61
C VAL V 290 -53.24 82.53 -3.69
N VAL V 291 -54.55 82.37 -3.93
CA VAL V 291 -55.26 83.08 -4.98
C VAL V 291 -56.44 83.81 -4.35
N GLU V 292 -57.16 84.57 -5.19
CA GLU V 292 -58.34 85.30 -4.76
C GLU V 292 -59.45 84.34 -4.36
N PRO V 293 -60.32 84.71 -3.39
CA PRO V 293 -61.39 83.83 -2.91
C PRO V 293 -62.33 83.27 -3.99
N ASN V 294 -62.54 84.04 -5.07
CA ASN V 294 -63.42 83.60 -6.14
C ASN V 294 -62.74 82.56 -7.03
N ASP V 295 -61.43 82.73 -7.27
CA ASP V 295 -60.66 81.81 -8.08
C ASP V 295 -60.59 80.42 -7.46
N PHE V 296 -60.65 80.36 -6.13
CA PHE V 296 -60.60 79.10 -5.41
C PHE V 296 -61.77 78.18 -5.78
N LYS V 297 -62.97 78.77 -5.88
CA LYS V 297 -64.17 78.02 -6.26
C LYS V 297 -64.05 77.49 -7.69
N ALA V 298 -63.51 78.31 -8.60
CA ALA V 298 -63.32 77.91 -9.99
C ALA V 298 -62.33 76.74 -10.07
N TYR V 299 -61.24 76.83 -9.30
CA TYR V 299 -60.24 75.77 -9.26
C TYR V 299 -60.86 74.47 -8.72
N ILE V 300 -61.68 74.60 -7.66
CA ILE V 300 -62.34 73.45 -7.07
C ILE V 300 -63.29 72.78 -8.06
N ASP V 301 -64.05 73.59 -8.79
CA ASP V 301 -64.98 73.08 -9.80
C ASP V 301 -64.23 72.38 -10.92
N GLN V 302 -63.10 72.96 -11.37
CA GLN V 302 -62.28 72.37 -12.41
C GLN V 302 -61.75 71.01 -11.97
N ARG V 303 -61.30 70.92 -10.71
CA ARG V 303 -60.82 69.66 -10.16
C ARG V 303 -61.95 68.64 -10.04
N ASN V 304 -63.17 69.11 -9.73
CA ASN V 304 -64.33 68.25 -9.60
C ASN V 304 -64.74 67.68 -10.95
N ALA V 305 -64.52 68.44 -12.03
CA ALA V 305 -64.87 67.98 -13.37
C ALA V 305 -64.03 66.78 -13.79
N GLY V 306 -62.77 66.74 -13.34
CA GLY V 306 -61.89 65.62 -13.62
C GLY V 306 -60.52 66.08 -14.12
N LYS V 307 -60.30 67.40 -14.14
CA LYS V 307 -59.04 67.95 -14.59
C LYS V 307 -57.96 67.69 -13.53
N THR V 308 -56.70 67.71 -13.99
CA THR V 308 -55.56 67.59 -13.11
C THR V 308 -55.22 68.97 -12.54
N ASN V 309 -54.10 69.04 -11.81
CA ASN V 309 -53.64 70.29 -11.20
C ASN V 309 -53.21 71.29 -12.28
N ALA V 310 -52.36 70.81 -13.19
CA ALA V 310 -51.81 71.64 -14.26
C ALA V 310 -52.89 72.12 -15.23
N GLU V 311 -53.97 71.34 -15.35
CA GLU V 311 -55.09 71.68 -16.23
C GLU V 311 -56.11 72.55 -15.51
N ALA V 312 -55.97 72.73 -14.19
CA ALA V 312 -56.90 73.53 -13.41
C ALA V 312 -56.37 74.95 -13.21
N LEU V 313 -55.07 75.06 -12.87
CA LEU V 313 -54.44 76.36 -12.69
C LEU V 313 -54.50 77.14 -13.99
N ALA V 314 -54.22 76.47 -15.12
CA ALA V 314 -54.32 77.06 -16.44
C ALA V 314 -55.72 77.58 -16.73
N ALA V 315 -56.73 76.99 -16.06
CA ALA V 315 -58.12 77.39 -16.26
C ALA V 315 -58.44 78.70 -15.54
N ILE V 316 -57.62 79.10 -14.56
CA ILE V 316 -57.86 80.33 -13.82
C ILE V 316 -56.71 81.32 -14.07
N ASN V 317 -56.09 81.22 -15.25
CA ASN V 317 -55.06 82.15 -15.71
C ASN V 317 -53.88 82.18 -14.73
N GLN V 318 -53.29 81.01 -14.53
CA GLN V 318 -52.20 80.81 -13.59
C GLN V 318 -51.20 79.86 -14.22
N PRO V 319 -49.88 80.06 -13.99
CA PRO V 319 -48.87 79.12 -14.49
C PRO V 319 -49.12 77.72 -13.92
N PRO V 320 -48.99 76.67 -14.76
CA PRO V 320 -49.27 75.30 -14.31
C PRO V 320 -48.20 74.72 -13.37
N LEU V 321 -46.94 75.09 -13.58
CA LEU V 321 -45.85 74.49 -12.81
C LEU V 321 -45.34 75.49 -11.77
N ALA V 322 -44.54 74.97 -10.84
CA ALA V 322 -43.99 75.76 -9.75
C ALA V 322 -43.02 76.82 -10.27
N ILE V 323 -43.03 77.98 -9.61
CA ILE V 323 -42.23 79.12 -10.07
C ILE V 323 -41.18 79.48 -9.00
N THR V 324 -41.27 78.83 -7.83
CA THR V 324 -40.31 79.03 -6.76
C THR V 324 -39.24 77.94 -6.75
N THR V 325 -39.64 76.70 -7.11
CA THR V 325 -38.69 75.61 -7.26
C THR V 325 -38.96 74.87 -8.56
N GLU V 326 -37.93 74.12 -9.01
CA GLU V 326 -38.04 73.26 -10.18
C GLU V 326 -37.59 71.86 -9.80
N PRO V 327 -38.03 70.80 -10.53
CA PRO V 327 -37.62 69.44 -10.23
C PRO V 327 -36.11 69.28 -10.32
N PHE V 328 -35.56 68.48 -9.39
CA PHE V 328 -34.14 68.15 -9.41
C PHE V 328 -33.84 67.21 -10.58
N GLU V 329 -32.62 67.31 -11.11
CA GLU V 329 -32.11 66.38 -12.09
C GLU V 329 -32.09 64.97 -11.48
N SER V 330 -32.59 64.00 -12.24
CA SER V 330 -32.71 62.62 -11.78
C SER V 330 -31.35 61.92 -11.73
N ARG V 331 -30.37 62.43 -12.48
CA ARG V 331 -29.02 61.87 -12.51
C ARG V 331 -28.35 62.03 -11.14
N ARG V 332 -27.33 61.20 -10.91
CA ARG V 332 -26.63 61.17 -9.63
C ARG V 332 -25.78 62.43 -9.43
N GLY V 333 -25.30 63.01 -10.53
CA GLY V 333 -24.47 64.20 -10.49
C GLY V 333 -23.70 64.39 -11.80
N GLU V 334 -22.65 65.23 -11.73
CA GLU V 334 -21.98 65.78 -12.90
C GLU V 334 -20.84 64.88 -13.38
N LEU V 335 -20.57 63.79 -12.65
CA LEU V 335 -19.55 62.82 -13.04
C LEU V 335 -20.16 61.66 -13.83
N VAL V 336 -21.44 61.79 -14.23
CA VAL V 336 -22.16 60.73 -14.92
C VAL V 336 -22.43 61.21 -16.35
N PRO V 337 -22.19 60.37 -17.38
CA PRO V 337 -22.53 60.72 -18.76
C PRO V 337 -24.04 60.83 -19.00
N MET W 1 -21.05 79.96 -9.55
CA MET W 1 -20.74 81.12 -10.45
C MET W 1 -19.24 81.18 -10.73
N SER W 2 -18.89 81.14 -12.03
CA SER W 2 -17.53 81.26 -12.51
C SER W 2 -16.61 80.30 -11.76
N THR W 3 -16.77 79.01 -12.07
CA THR W 3 -16.08 77.93 -11.38
C THR W 3 -14.58 78.22 -11.23
N ALA W 4 -14.00 78.91 -12.23
CA ALA W 4 -12.63 79.38 -12.15
C ALA W 4 -12.44 80.37 -11.02
N LEU W 5 -13.40 81.30 -10.86
CA LEU W 5 -13.33 82.31 -9.82
C LEU W 5 -13.55 81.66 -8.45
N THR W 6 -14.52 80.74 -8.35
CA THR W 6 -14.82 80.09 -7.08
C THR W 6 -13.64 79.23 -6.62
N HIS W 7 -13.16 78.36 -7.50
CA HIS W 7 -12.04 77.47 -7.19
C HIS W 7 -10.75 78.25 -7.03
N GLY W 8 -10.62 79.39 -7.72
CA GLY W 8 -9.43 80.22 -7.63
C GLY W 8 -9.44 81.19 -6.46
N LEU W 9 -10.51 81.17 -5.64
CA LEU W 9 -10.65 82.08 -4.50
C LEU W 9 -10.77 81.31 -3.19
N ILE W 10 -11.41 80.14 -3.23
CA ILE W 10 -11.49 79.26 -2.07
C ILE W 10 -10.15 78.57 -1.82
N GLY W 11 -9.19 78.74 -2.73
CA GLY W 11 -7.89 78.08 -2.62
C GLY W 11 -6.70 79.04 -2.72
N GLY W 12 -6.98 80.35 -2.85
CA GLY W 12 -5.95 81.36 -3.00
C GLY W 12 -5.79 82.24 -1.76
N VAL W 13 -6.93 82.58 -1.14
CA VAL W 13 -6.97 83.47 0.01
C VAL W 13 -6.21 82.86 1.19
N PRO W 14 -6.44 81.58 1.58
CA PRO W 14 -5.69 80.99 2.69
C PRO W 14 -4.17 81.08 2.57
N LEU W 15 -3.64 80.92 1.35
CA LEU W 15 -2.20 80.94 1.15
C LEU W 15 -1.65 82.35 1.33
N VAL W 16 -2.42 83.36 0.90
CA VAL W 16 -1.98 84.74 1.04
C VAL W 16 -2.02 85.16 2.51
N LEU W 17 -3.09 84.74 3.21
CA LEU W 17 -3.25 85.05 4.62
C LEU W 17 -2.13 84.40 5.43
N PHE W 18 -1.81 83.14 5.09
CA PHE W 18 -0.74 82.41 5.74
C PHE W 18 0.61 83.12 5.52
N ALA W 19 0.84 83.59 4.29
CA ALA W 19 2.10 84.23 3.94
C ALA W 19 2.27 85.53 4.74
N VAL W 20 1.18 86.28 4.86
CA VAL W 20 1.24 87.57 5.54
C VAL W 20 1.47 87.36 7.04
N LEU W 21 0.75 86.40 7.63
CA LEU W 21 0.86 86.18 9.06
C LEU W 21 2.16 85.48 9.44
N ALA W 22 2.78 84.78 8.49
CA ALA W 22 4.11 84.20 8.69
C ALA W 22 5.20 85.26 8.54
N LEU W 23 4.95 86.31 7.74
CA LEU W 23 5.86 87.43 7.67
C LEU W 23 5.82 88.26 8.96
N ILE W 24 4.62 88.42 9.54
CA ILE W 24 4.46 89.23 10.74
C ILE W 24 5.18 88.59 11.94
N PHE W 25 4.96 87.29 12.17
CA PHE W 25 5.32 86.66 13.43
C PHE W 25 6.67 85.95 13.36
N LEU W 26 6.94 85.25 12.24
CA LEU W 26 8.12 84.38 12.19
C LEU W 26 9.40 85.15 11.86
N THR W 27 9.29 86.46 11.59
CA THR W 27 10.47 87.26 11.32
C THR W 27 10.98 87.98 12.57
N ARG W 28 10.28 87.83 13.70
CA ARG W 28 10.68 88.48 14.95
C ARG W 28 11.86 87.74 15.58
N LYS W 29 12.50 88.39 16.55
CA LYS W 29 13.58 87.80 17.31
C LYS W 29 13.03 87.13 18.57
N GLY W 30 13.55 85.94 18.86
CA GLY W 30 13.13 85.13 19.99
C GLY W 30 13.94 85.42 21.25
N PRO W 31 13.72 84.65 22.34
CA PRO W 31 14.43 84.89 23.60
C PRO W 31 15.84 84.30 23.68
N HIS W 32 16.27 83.61 22.62
CA HIS W 32 17.60 83.01 22.57
C HIS W 32 18.66 84.10 22.44
N PRO W 33 19.66 84.15 23.34
CA PRO W 33 20.67 85.22 23.31
C PRO W 33 21.55 85.14 22.07
N ASP W 34 22.12 86.28 21.69
CA ASP W 34 22.99 86.39 20.54
C ASP W 34 24.30 85.64 20.79
N THR W 35 24.91 85.19 19.70
CA THR W 35 26.16 84.43 19.75
C THR W 35 27.29 85.28 20.32
N TYR W 36 28.19 84.62 21.05
CA TYR W 36 29.36 85.28 21.63
C TYR W 36 30.46 85.38 20.59
N LYS W 37 31.03 86.58 20.43
CA LYS W 37 32.14 86.79 19.52
C LYS W 37 33.45 86.82 20.30
N MET W 38 34.51 86.32 19.66
CA MET W 38 35.84 86.28 20.26
C MET W 38 36.58 87.59 19.98
N SER W 39 35.86 88.69 20.20
CA SER W 39 36.38 90.04 20.03
C SER W 39 35.90 90.98 21.13
N ASP W 40 35.07 90.46 22.05
CA ASP W 40 34.56 91.16 23.21
C ASP W 40 35.00 90.41 24.47
N PRO W 41 35.07 91.08 25.64
CA PRO W 41 35.36 90.39 26.90
C PRO W 41 34.30 89.34 27.21
N TRP W 42 34.76 88.21 27.76
CA TRP W 42 33.89 87.17 28.26
C TRP W 42 33.21 87.63 29.54
N THR W 43 31.87 87.70 29.49
CA THR W 43 31.09 88.21 30.62
C THR W 43 30.23 87.14 31.28
N HIS W 44 30.00 86.02 30.59
CA HIS W 44 29.15 84.95 31.09
C HIS W 44 29.84 84.22 32.24
N ALA W 45 29.04 83.57 33.09
CA ALA W 45 29.52 82.75 34.18
C ALA W 45 30.32 81.56 33.64
N PRO W 46 31.26 80.98 34.43
CA PRO W 46 31.95 79.74 34.05
C PRO W 46 30.98 78.60 33.71
N ILE W 47 31.48 77.66 32.91
CA ILE W 47 30.65 76.66 32.25
C ILE W 47 30.83 75.26 32.84
N LEU W 48 32.02 74.67 32.69
CA LEU W 48 32.29 73.28 33.02
C LEU W 48 31.21 72.33 32.52
N TRP W 49 31.19 72.11 31.21
CA TRP W 49 30.45 71.01 30.62
C TRP W 49 31.18 69.69 30.87
N ALA W 50 30.41 68.58 30.81
CA ALA W 50 30.93 67.24 30.93
C ALA W 50 29.99 66.25 30.25
N ALA W 51 30.43 64.99 30.18
CA ALA W 51 29.65 63.90 29.58
C ALA W 51 29.02 63.04 30.66
N GLU W 52 28.20 62.07 30.22
CA GLU W 52 27.54 61.12 31.13
C GLU W 52 28.00 59.70 30.87
N GLU W 53 29.03 59.52 30.03
CA GLU W 53 29.59 58.22 29.72
C GLU W 53 31.06 58.17 30.16
N PRO W 54 31.54 57.06 30.77
CA PRO W 54 30.72 55.92 31.17
C PRO W 54 29.84 56.20 32.39
N ARG W 55 28.69 55.53 32.45
CA ARG W 55 27.71 55.68 33.52
C ARG W 55 28.32 55.33 34.88
N GLU W 56 28.01 56.17 35.88
CA GLU W 56 28.37 55.95 37.27
C GLU W 56 29.90 55.84 37.39
N GLY W 68 40.97 65.35 47.72
CA GLY W 68 42.20 65.24 46.91
C GLY W 68 41.99 64.21 45.80
N VAL W 69 42.62 64.46 44.65
CA VAL W 69 42.55 63.56 43.50
C VAL W 69 43.96 63.33 42.98
N VAL W 70 44.30 62.05 42.82
CA VAL W 70 45.57 61.64 42.25
C VAL W 70 45.51 61.76 40.73
N ILE W 71 46.40 62.59 40.18
CA ILE W 71 46.41 62.89 38.76
C ILE W 71 47.83 62.76 38.25
N GLY W 72 48.01 63.11 36.97
CA GLY W 72 49.32 63.12 36.35
C GLY W 72 49.23 63.53 34.89
N GLY W 73 50.05 64.50 34.50
CA GLY W 73 50.13 64.95 33.12
C GLY W 73 49.50 66.32 32.91
N GLY W 74 49.75 66.88 31.72
CA GLY W 74 49.25 68.20 31.36
C GLY W 74 49.73 68.61 29.97
N ALA W 75 49.24 69.77 29.53
CA ALA W 75 49.66 70.41 28.29
C ALA W 75 49.41 71.92 28.41
N SER W 76 49.78 72.65 27.36
CA SER W 76 49.60 74.10 27.33
C SER W 76 49.51 74.58 25.88
N GLY W 77 48.97 75.79 25.71
CA GLY W 77 48.72 76.36 24.40
C GLY W 77 48.68 77.88 24.42
N LYS W 78 48.57 78.46 23.23
CA LYS W 78 48.57 79.90 23.01
C LYS W 78 48.00 80.18 21.63
N TRP W 79 47.20 81.26 21.53
CA TRP W 79 46.86 81.82 20.23
C TRP W 79 46.93 83.36 20.27
N ASP X 15 18.01 79.42 47.63
CA ASP X 15 16.99 80.15 48.40
C ASP X 15 17.25 81.66 48.32
N LEU X 16 18.37 82.02 47.69
CA LEU X 16 18.77 83.41 47.58
C LEU X 16 18.02 84.14 46.47
N PRO X 17 17.89 83.60 45.24
CA PRO X 17 17.23 84.32 44.15
C PRO X 17 15.74 84.53 44.41
N TYR X 18 15.14 85.38 43.56
CA TYR X 18 13.72 85.69 43.67
C TYR X 18 12.90 84.49 43.22
N GLY X 19 11.99 84.05 44.09
CA GLY X 19 11.12 82.92 43.82
C GLY X 19 11.78 81.56 44.05
N SER X 20 12.91 81.54 44.79
CA SER X 20 13.54 80.32 45.22
C SER X 20 13.20 80.05 46.69
N ALA X 21 13.16 78.76 47.05
CA ALA X 21 12.87 78.33 48.40
C ALA X 21 13.57 76.99 48.66
N LEU X 22 14.06 76.84 49.89
CA LEU X 22 14.66 75.60 50.33
C LEU X 22 13.57 74.67 50.85
N THR X 23 13.49 73.49 50.25
CA THR X 23 12.44 72.54 50.60
C THR X 23 12.87 71.70 51.80
N SER X 24 11.92 70.90 52.31
CA SER X 24 12.14 70.06 53.48
C SER X 24 13.15 68.94 53.20
N SER X 25 13.34 68.59 51.91
CA SER X 25 14.30 67.59 51.50
C SER X 25 15.65 68.19 51.13
N GLY X 26 15.76 69.53 51.19
CA GLY X 26 17.01 70.21 50.87
C GLY X 26 17.11 70.64 49.41
N ARG X 27 16.15 70.23 48.58
CA ARG X 27 16.12 70.59 47.16
C ARG X 27 15.68 72.05 47.01
N ILE X 28 16.09 72.67 45.90
CA ILE X 28 15.71 74.04 45.60
C ILE X 28 14.62 74.04 44.54
N SER X 29 13.64 74.95 44.70
CA SER X 29 12.59 75.15 43.73
C SER X 29 12.58 76.61 43.28
N ALA X 30 12.99 76.85 42.03
CA ALA X 30 13.11 78.18 41.47
C ALA X 30 11.92 78.49 40.54
N VAL X 31 11.88 79.73 40.04
CA VAL X 31 10.86 80.16 39.09
C VAL X 31 11.50 80.98 37.99
N THR X 32 10.77 81.15 36.88
CA THR X 32 11.14 82.10 35.84
C THR X 32 9.95 83.00 35.55
N GLU X 33 10.24 84.18 34.99
CA GLU X 33 9.19 85.08 34.51
C GLU X 33 8.54 84.47 33.28
N PRO X 34 7.22 84.70 33.06
CA PRO X 34 6.55 84.23 31.83
C PRO X 34 7.29 84.71 30.58
N GLY X 35 7.72 83.75 29.76
CA GLY X 35 8.34 84.04 28.49
C GLY X 35 9.86 84.25 28.56
N GLU X 36 10.48 83.84 29.67
CA GLU X 36 11.93 83.90 29.82
C GLU X 36 12.54 82.49 29.79
N LEU X 37 13.86 82.45 29.62
CA LEU X 37 14.59 81.20 29.55
C LEU X 37 15.29 80.93 30.88
N SER X 38 15.80 79.70 31.01
CA SER X 38 16.42 79.23 32.24
C SER X 38 17.83 78.70 32.01
N VAL X 39 18.27 78.58 30.74
CA VAL X 39 19.61 78.10 30.43
C VAL X 39 20.47 79.25 29.89
N HIS X 40 19.98 79.92 28.84
CA HIS X 40 20.58 81.11 28.26
C HIS X 40 22.09 80.96 28.05
N TYR X 41 22.48 79.97 27.24
CA TYR X 41 23.86 79.92 26.77
C TYR X 41 24.03 80.84 25.57
N PRO X 42 25.22 81.48 25.38
CA PRO X 42 25.43 82.38 24.25
C PRO X 42 25.77 81.69 22.93
N PHE X 43 25.40 80.42 22.79
CA PHE X 43 25.70 79.65 21.60
C PHE X 43 24.41 79.13 20.95
N PRO X 44 24.38 78.93 19.61
CA PRO X 44 23.23 78.33 18.95
C PRO X 44 22.95 76.90 19.44
N THR X 45 21.67 76.53 19.38
CA THR X 45 21.18 75.25 19.88
C THR X 45 21.79 74.08 19.11
N MET X 46 21.89 74.22 17.78
CA MET X 46 22.40 73.14 16.94
C MET X 46 23.88 72.88 17.23
N ASP X 47 24.65 73.95 17.47
CA ASP X 47 26.05 73.83 17.85
C ASP X 47 26.19 73.11 19.19
N LEU X 48 25.28 73.42 20.13
CA LEU X 48 25.27 72.75 21.42
C LEU X 48 24.98 71.26 21.25
N VAL X 49 24.05 70.92 20.35
CA VAL X 49 23.72 69.53 20.07
C VAL X 49 24.94 68.81 19.51
N VAL X 50 25.65 69.46 18.59
CA VAL X 50 26.81 68.85 17.94
C VAL X 50 27.90 68.59 18.98
N LEU X 51 28.14 69.57 19.86
CA LEU X 51 29.14 69.43 20.89
C LEU X 51 28.76 68.35 21.88
N ASP X 52 27.46 68.27 22.23
CA ASP X 52 26.97 67.30 23.18
C ASP X 52 27.18 65.86 22.66
N ASP X 53 26.79 65.64 21.40
CA ASP X 53 26.93 64.31 20.84
C ASP X 53 28.41 63.97 20.64
N ALA X 54 29.24 64.98 20.33
CA ALA X 54 30.68 64.77 20.20
C ALA X 54 31.27 64.29 21.53
N LEU X 55 30.89 64.95 22.63
CA LEU X 55 31.35 64.54 23.95
C LEU X 55 30.84 63.13 24.28
N LYS X 56 29.58 62.84 23.92
CA LYS X 56 28.93 61.59 24.28
C LYS X 56 29.59 60.41 23.56
N TYR X 57 29.88 60.60 22.27
CA TYR X 57 30.45 59.52 21.47
C TYR X 57 31.96 59.43 21.61
N GLY X 58 32.60 60.50 22.12
CA GLY X 58 34.02 60.47 22.43
C GLY X 58 34.29 59.78 23.77
N SER X 59 33.34 59.90 24.70
CA SER X 59 33.44 59.21 25.98
C SER X 59 33.37 57.70 25.78
N ARG X 60 32.48 57.26 24.88
CA ARG X 60 32.53 55.90 24.37
C ARG X 60 33.75 55.77 23.47
N ALA X 61 34.19 54.52 23.26
CA ALA X 61 35.33 54.20 22.41
C ALA X 61 36.64 54.64 23.06
N ALA X 62 36.58 55.33 24.21
CA ALA X 62 37.78 55.67 24.98
C ALA X 62 37.64 55.29 26.45
N LYS X 63 36.40 55.16 26.94
CA LYS X 63 36.10 54.78 28.31
C LYS X 63 36.62 55.80 29.32
N ALA X 64 36.93 57.02 28.88
CA ALA X 64 37.28 58.12 29.77
C ALA X 64 36.42 59.33 29.42
N ARG X 65 35.72 59.85 30.43
CA ARG X 65 34.80 60.96 30.23
C ARG X 65 35.59 62.22 29.89
N PHE X 66 35.00 63.01 28.98
CA PHE X 66 35.58 64.27 28.54
C PHE X 66 34.76 65.43 29.09
N ALA X 67 35.46 66.52 29.39
CA ALA X 67 34.87 67.72 29.94
C ALA X 67 35.46 68.96 29.25
N VAL X 68 34.69 70.06 29.31
CA VAL X 68 35.09 71.32 28.71
C VAL X 68 34.81 72.44 29.70
N TYR X 69 35.78 73.34 29.85
CA TYR X 69 35.64 74.51 30.69
C TYR X 69 35.87 75.78 29.87
N ILE X 70 35.00 76.77 30.07
CA ILE X 70 35.15 78.09 29.50
C ILE X 70 34.95 79.11 30.63
N GLY X 71 36.04 79.78 31.00
CA GLY X 71 36.00 80.77 32.05
C GLY X 71 37.38 81.31 32.42
N PRO X 72 37.46 82.22 33.42
CA PRO X 72 38.73 82.81 33.83
C PRO X 72 39.67 81.85 34.54
N LEU X 73 40.92 81.84 34.11
CA LEU X 73 41.98 81.10 34.77
C LEU X 73 42.92 82.10 35.45
N GLY X 74 42.81 82.20 36.77
CA GLY X 74 43.33 83.32 37.53
C GLY X 74 44.80 83.18 37.93
N ALA X 75 45.65 84.01 37.32
CA ALA X 75 47.00 84.33 37.79
C ALA X 75 48.01 83.18 37.65
N ASP X 76 47.55 81.98 37.29
CA ASP X 76 48.41 80.83 37.15
C ASP X 76 48.27 80.19 35.77
N THR X 77 47.03 80.07 35.28
CA THR X 77 46.70 79.60 33.94
C THR X 77 47.33 78.24 33.62
N ALA X 78 47.85 77.53 34.62
CA ALA X 78 48.45 76.22 34.43
C ALA X 78 48.01 75.26 35.52
N ALA X 79 47.74 75.78 36.73
CA ALA X 79 47.42 74.95 37.88
C ALA X 79 46.02 75.21 38.44
N THR X 80 45.39 76.32 38.02
CA THR X 80 44.01 76.58 38.38
C THR X 80 43.06 75.75 37.51
N ALA X 81 43.56 75.26 36.36
CA ALA X 81 42.85 74.29 35.54
C ALA X 81 43.03 72.88 36.09
N ARG X 82 43.59 72.74 37.30
CA ARG X 82 43.92 71.46 37.90
C ARG X 82 43.06 71.19 39.13
N GLU X 83 42.74 72.24 39.89
CA GLU X 83 41.88 72.14 41.06
C GLU X 83 40.39 72.06 40.69
N ILE X 84 40.08 72.38 39.42
CA ILE X 84 38.72 72.31 38.92
C ILE X 84 38.41 70.94 38.32
N LEU X 85 39.45 70.18 37.96
CA LEU X 85 39.27 68.80 37.50
C LEU X 85 38.65 67.92 38.60
N ALA X 86 38.78 68.36 39.86
CA ALA X 86 38.22 67.63 40.99
C ALA X 86 36.71 67.80 41.11
N ASN X 87 36.10 68.64 40.26
CA ASN X 87 34.68 68.92 40.33
C ASN X 87 33.87 68.05 39.35
N VAL X 88 34.53 67.51 38.32
CA VAL X 88 33.86 66.62 37.38
C VAL X 88 33.63 65.27 38.04
N PRO X 89 32.53 64.55 37.74
CA PRO X 89 32.32 63.21 38.29
C PRO X 89 33.43 62.26 37.85
N THR X 90 33.87 61.40 38.78
CA THR X 90 34.99 60.49 38.58
C THR X 90 36.18 61.28 38.07
N PRO X 91 36.82 62.13 38.91
CA PRO X 91 37.91 63.00 38.46
C PRO X 91 39.10 62.24 37.86
N GLU X 92 39.39 61.05 38.41
CA GLU X 92 40.37 60.15 37.82
C GLU X 92 39.69 59.49 36.62
N ASN X 93 40.49 59.16 35.60
CA ASN X 93 39.96 58.62 34.35
C ASN X 93 39.06 59.64 33.65
N ALA X 94 39.50 60.90 33.66
CA ALA X 94 38.77 61.99 33.02
C ALA X 94 39.77 62.99 32.44
N VAL X 95 39.39 63.58 31.31
CA VAL X 95 40.24 64.53 30.60
C VAL X 95 39.44 65.84 30.45
N LEU X 96 40.14 66.96 30.67
CA LEU X 96 39.52 68.26 30.68
C LEU X 96 40.30 69.21 29.78
N LEU X 97 39.55 69.96 28.97
CA LEU X 97 40.07 70.99 28.10
C LEU X 97 39.51 72.34 28.57
N ALA X 98 40.42 73.17 29.11
CA ALA X 98 40.06 74.49 29.62
C ALA X 98 40.61 75.56 28.69
N VAL X 99 39.74 76.49 28.26
CA VAL X 99 40.15 77.57 27.40
C VAL X 99 39.78 78.89 28.06
N SER X 100 40.63 79.90 27.87
CA SER X 100 40.40 81.22 28.41
C SER X 100 40.24 82.23 27.27
N PRO X 101 39.05 82.84 27.07
CA PRO X 101 38.88 83.83 26.01
C PRO X 101 39.56 85.18 26.27
N ASP X 102 39.59 85.60 27.54
CA ASP X 102 40.15 86.90 27.90
C ASP X 102 41.66 86.90 27.72
N GLN X 103 42.30 85.87 28.26
CA GLN X 103 43.74 85.67 28.06
C GLN X 103 43.93 84.39 27.27
N ARG X 104 44.55 84.49 26.08
CA ARG X 104 44.68 83.36 25.17
C ARG X 104 45.42 82.20 25.83
N ALA X 105 44.69 81.17 26.26
CA ALA X 105 45.27 80.06 26.99
C ALA X 105 44.43 78.80 26.78
N ILE X 106 45.14 77.72 26.42
CA ILE X 106 44.56 76.38 26.34
C ILE X 106 45.32 75.49 27.32
N GLU X 107 44.55 74.75 28.13
CA GLU X 107 45.12 73.79 29.06
C GLU X 107 44.41 72.46 28.94
N VAL X 108 45.21 71.39 28.99
CA VAL X 108 44.71 70.03 29.00
C VAL X 108 45.18 69.35 30.29
N VAL X 109 44.24 68.80 31.04
CA VAL X 109 44.56 68.14 32.29
C VAL X 109 43.81 66.81 32.36
N TYR X 110 44.55 65.74 32.65
CA TYR X 110 43.99 64.41 32.70
C TYR X 110 44.39 63.70 34.00
N GLY X 111 43.56 62.74 34.39
CA GLY X 111 43.74 61.99 35.63
C GLY X 111 44.86 60.95 35.51
N ALA X 112 45.07 60.24 36.62
CA ALA X 112 46.12 59.24 36.72
C ALA X 112 45.69 57.88 36.17
N ASP X 113 44.43 57.76 35.74
CA ASP X 113 43.95 56.50 35.17
C ASP X 113 44.03 56.49 33.65
N VAL X 114 44.37 57.65 33.05
CA VAL X 114 44.47 57.78 31.61
C VAL X 114 45.92 57.64 31.17
N LYS X 115 46.85 57.56 32.14
CA LYS X 115 48.28 57.45 31.86
C LYS X 115 48.57 56.23 30.99
N GLY X 116 49.40 56.44 29.95
CA GLY X 116 49.89 55.38 29.09
C GLY X 116 48.86 54.88 28.08
N ARG X 117 47.72 55.56 27.95
CA ARG X 117 46.66 55.11 27.05
C ARG X 117 46.65 55.90 25.74
N GLY X 118 47.66 56.75 25.54
CA GLY X 118 47.80 57.51 24.30
C GLY X 118 47.46 58.99 24.45
N ILE X 119 47.26 59.46 25.69
CA ILE X 119 46.89 60.85 25.93
C ILE X 119 48.11 61.76 25.77
N GLU X 120 49.31 61.24 26.07
CA GLU X 120 50.51 62.08 26.09
C GLU X 120 50.82 62.59 24.68
N SER X 121 50.59 61.74 23.67
CA SER X 121 50.85 62.07 22.28
C SER X 121 49.64 62.70 21.59
N ALA X 122 48.51 62.83 22.32
CA ALA X 122 47.26 63.34 21.75
C ALA X 122 46.97 64.77 22.23
N ALA X 123 47.28 65.08 23.50
CA ALA X 123 46.89 66.36 24.09
C ALA X 123 47.50 67.56 23.34
N PRO X 124 48.80 67.56 22.96
CA PRO X 124 49.33 68.58 22.06
C PRO X 124 48.56 68.75 20.75
N LEU X 125 48.06 67.64 20.18
CA LEU X 125 47.34 67.70 18.93
C LEU X 125 46.01 68.43 19.12
N GLY X 126 45.32 68.11 20.23
CA GLY X 126 44.07 68.78 20.56
C GLY X 126 44.26 70.27 20.82
N VAL X 127 45.38 70.60 21.49
CA VAL X 127 45.72 71.98 21.76
C VAL X 127 45.96 72.73 20.45
N SER X 128 46.68 72.07 19.52
CA SER X 128 47.00 72.67 18.24
C SER X 128 45.73 72.90 17.43
N ALA X 129 44.81 71.93 17.45
CA ALA X 129 43.57 72.04 16.71
C ALA X 129 42.73 73.21 17.22
N ALA X 130 42.66 73.34 18.56
CA ALA X 130 41.91 74.41 19.18
C ALA X 130 42.52 75.77 18.86
N ALA X 131 43.86 75.86 18.92
CA ALA X 131 44.55 77.12 18.66
C ALA X 131 44.39 77.53 17.20
N ALA X 132 44.47 76.55 16.29
CA ALA X 132 44.36 76.81 14.86
C ALA X 132 42.96 77.34 14.55
N SER X 133 41.94 76.75 15.16
CA SER X 133 40.56 77.15 14.90
C SER X 133 40.18 78.44 15.64
N PHE X 134 40.99 78.82 16.65
CA PHE X 134 40.72 80.06 17.39
C PHE X 134 41.19 81.31 16.65
N LYS X 135 41.69 81.15 15.43
CA LYS X 135 42.11 82.28 14.62
C LYS X 135 40.92 83.11 14.14
N GLU X 136 39.71 82.53 14.23
CA GLU X 136 38.47 83.22 13.92
C GLU X 136 37.62 83.27 15.18
N GLY X 137 36.34 83.66 15.02
CA GLY X 137 35.38 83.67 16.11
C GLY X 137 34.75 82.30 16.37
N ASN X 138 35.51 81.25 16.03
CA ASN X 138 35.03 79.88 16.15
C ASN X 138 35.44 79.31 17.51
N LEU X 139 34.80 79.82 18.57
CA LEU X 139 35.04 79.32 19.92
C LEU X 139 34.56 77.89 20.07
N ILE X 140 33.35 77.61 19.54
CA ILE X 140 32.74 76.31 19.72
C ILE X 140 33.18 75.33 18.62
N ASP X 141 33.57 75.85 17.45
CA ASP X 141 33.96 74.98 16.34
C ASP X 141 35.32 74.33 16.63
N GLY X 142 36.25 75.12 17.18
CA GLY X 142 37.55 74.62 17.59
C GLY X 142 37.47 73.66 18.78
N LEU X 143 36.49 73.90 19.68
CA LEU X 143 36.29 73.07 20.85
C LEU X 143 35.91 71.65 20.41
N ILE X 144 34.97 71.55 19.46
CA ILE X 144 34.51 70.26 18.96
C ILE X 144 35.65 69.53 18.27
N SER X 145 36.43 70.28 17.46
CA SER X 145 37.55 69.71 16.73
C SER X 145 38.58 69.13 17.69
N ALA X 146 38.91 69.89 18.75
CA ALA X 146 39.89 69.47 19.73
C ALA X 146 39.42 68.21 20.45
N VAL X 147 38.13 68.19 20.85
CA VAL X 147 37.57 67.06 21.56
C VAL X 147 37.61 65.82 20.67
N ARG X 148 37.26 66.00 19.39
CA ARG X 148 37.21 64.89 18.44
C ARG X 148 38.60 64.31 18.22
N VAL X 149 39.62 65.18 18.12
CA VAL X 149 40.97 64.72 17.89
C VAL X 149 41.51 64.00 19.12
N MET X 150 41.18 64.52 20.31
CA MET X 150 41.74 63.96 21.54
C MET X 150 41.10 62.60 21.85
N SER X 151 39.79 62.48 21.61
CA SER X 151 39.05 61.27 21.92
C SER X 151 39.43 60.11 21.00
N ALA X 152 40.05 60.41 19.85
CA ALA X 152 40.38 59.38 18.87
C ALA X 152 41.78 58.82 19.09
N GLY X 153 42.45 59.26 20.17
CA GLY X 153 43.82 58.83 20.47
C GLY X 153 43.91 58.00 21.75
N VAL X 154 42.86 58.09 22.59
CA VAL X 154 42.82 57.40 23.86
C VAL X 154 42.12 56.05 23.67
N SER X 155 42.80 54.98 24.09
CA SER X 155 42.34 53.61 23.95
C SER X 155 41.57 53.18 25.20
N PRO X 156 40.53 52.32 25.05
CA PRO X 156 39.72 51.87 26.19
C PRO X 156 40.53 51.18 27.29
N ALA X 157 41.64 50.52 26.91
CA ALA X 157 42.46 49.74 27.82
C ALA X 157 43.04 50.64 28.93
N CYS Y 24 -17.53 53.27 -1.62
CA CYS Y 24 -16.98 53.13 -2.93
C CYS Y 24 -18.09 52.74 -3.90
N SER Y 25 -19.02 51.90 -3.45
CA SER Y 25 -20.06 51.34 -4.31
C SER Y 25 -21.33 52.18 -4.29
N ALA Y 26 -21.33 53.30 -3.54
CA ALA Y 26 -22.48 54.16 -3.39
C ALA Y 26 -22.17 55.58 -3.87
N GLY Y 27 -21.34 55.68 -4.93
CA GLY Y 27 -20.94 56.95 -5.49
C GLY Y 27 -21.82 57.36 -6.67
N GLN Y 28 -21.22 58.15 -7.58
CA GLN Y 28 -21.87 58.63 -8.79
C GLN Y 28 -22.34 57.46 -9.65
N ILE Y 29 -21.46 56.47 -9.85
CA ILE Y 29 -21.80 55.30 -10.64
C ILE Y 29 -22.16 54.19 -9.68
N SER Y 30 -23.41 53.73 -9.76
CA SER Y 30 -23.92 52.67 -8.90
C SER Y 30 -24.40 51.50 -9.74
N GLN Y 31 -24.20 50.28 -9.24
CA GLN Y 31 -24.53 49.05 -9.94
C GLN Y 31 -26.03 48.75 -9.89
N THR Y 32 -26.77 49.46 -9.02
CA THR Y 32 -28.17 49.16 -8.78
C THR Y 32 -29.09 50.13 -9.52
N THR Y 33 -28.69 51.40 -9.63
CA THR Y 33 -29.55 52.44 -10.17
C THR Y 33 -29.60 52.42 -11.70
N THR Y 34 -28.61 51.77 -12.32
CA THR Y 34 -28.50 51.74 -13.77
C THR Y 34 -29.07 50.45 -14.37
N GLN Y 35 -29.62 49.57 -13.52
CA GLN Y 35 -30.15 48.28 -13.94
C GLN Y 35 -31.41 48.48 -14.80
N GLU Y 36 -31.47 47.71 -15.90
CA GLU Y 36 -32.61 47.64 -16.81
C GLU Y 36 -33.54 46.50 -16.38
N PRO Y 37 -34.86 46.56 -16.70
CA PRO Y 37 -35.79 45.51 -16.31
C PRO Y 37 -35.53 44.20 -17.05
N ALA Y 38 -35.63 43.09 -16.31
CA ALA Y 38 -35.36 41.77 -16.84
C ALA Y 38 -36.58 41.21 -17.56
N VAL Y 39 -36.83 41.77 -18.74
CA VAL Y 39 -37.98 41.44 -19.57
C VAL Y 39 -37.48 41.27 -21.00
N ASN Y 40 -38.34 40.72 -21.87
CA ASN Y 40 -37.95 40.40 -23.24
C ASN Y 40 -38.12 41.60 -24.17
N GLY Y 41 -38.85 42.63 -23.74
CA GLY Y 41 -39.08 43.82 -24.55
C GLY Y 41 -37.89 44.78 -24.54
N VAL Y 42 -38.07 45.90 -25.23
CA VAL Y 42 -37.05 46.93 -25.36
C VAL Y 42 -37.68 48.29 -25.06
N ASN Y 43 -36.82 49.24 -24.67
CA ASN Y 43 -37.23 50.59 -24.34
C ASN Y 43 -36.61 51.60 -25.31
N ALA Y 44 -37.37 52.66 -25.60
CA ALA Y 44 -36.95 53.70 -26.51
C ALA Y 44 -37.65 55.02 -26.16
N GLN Y 45 -37.00 56.14 -26.54
CA GLN Y 45 -37.53 57.47 -26.33
C GLN Y 45 -37.77 58.09 -27.69
N ALA Y 46 -39.00 57.98 -28.22
CA ALA Y 46 -39.32 58.43 -29.57
C ALA Y 46 -39.15 59.95 -29.69
N GLY Y 47 -40.03 60.68 -29.03
CA GLY Y 47 -39.91 62.13 -28.93
C GLY Y 47 -39.84 62.55 -27.46
N GLN Y 48 -40.95 63.12 -26.98
CA GLN Y 48 -41.16 63.35 -25.55
C GLN Y 48 -41.93 62.18 -24.93
N VAL Y 49 -42.15 61.10 -25.70
CA VAL Y 49 -42.90 59.94 -25.27
C VAL Y 49 -41.94 58.76 -25.13
N SER Y 50 -42.17 57.95 -24.08
CA SER Y 50 -41.33 56.81 -23.78
C SER Y 50 -42.05 55.51 -24.13
N LEU Y 51 -41.38 54.65 -24.89
CA LEU Y 51 -41.94 53.37 -25.30
C LEU Y 51 -41.32 52.25 -24.46
N ARG Y 52 -42.18 51.39 -23.91
CA ARG Y 52 -41.77 50.32 -23.02
C ARG Y 52 -42.37 48.99 -23.51
N ASN Y 53 -41.60 47.90 -23.32
CA ASN Y 53 -42.04 46.54 -23.54
C ASN Y 53 -42.52 46.37 -24.98
N VAL Y 54 -41.64 46.69 -25.93
CA VAL Y 54 -41.94 46.56 -27.34
C VAL Y 54 -41.45 45.20 -27.82
N HIS Y 55 -42.39 44.34 -28.23
CA HIS Y 55 -42.02 43.02 -28.74
C HIS Y 55 -43.00 42.54 -29.79
N LEU Y 56 -42.57 41.54 -30.56
CA LEU Y 56 -43.43 40.89 -31.54
C LEU Y 56 -43.92 39.55 -30.98
N ARG Y 57 -45.19 39.23 -31.26
CA ARG Y 57 -45.72 37.90 -30.97
C ARG Y 57 -45.87 37.13 -32.27
N ALA Y 58 -45.03 36.10 -32.45
CA ALA Y 58 -44.98 35.33 -33.69
C ALA Y 58 -44.57 33.90 -33.39
N PRO Y 59 -45.52 33.01 -33.07
CA PRO Y 59 -45.22 31.59 -32.83
C PRO Y 59 -44.56 30.92 -34.03
N GLN Y 60 -43.63 30.02 -33.74
CA GLN Y 60 -42.92 29.26 -34.77
C GLN Y 60 -43.30 27.79 -34.70
N GLN Y 61 -43.09 27.09 -35.83
CA GLN Y 61 -43.12 25.64 -35.88
C GLN Y 61 -41.82 25.09 -36.48
N THR Y 62 -41.20 25.86 -37.40
CA THR Y 62 -40.00 25.45 -38.11
C THR Y 62 -39.05 26.65 -38.22
N ASP Y 63 -38.15 26.60 -39.21
CA ASP Y 63 -37.08 27.54 -39.46
C ASP Y 63 -37.54 28.99 -39.32
N TYR Y 64 -38.59 29.35 -40.05
CA TYR Y 64 -39.05 30.72 -40.15
C TYR Y 64 -40.54 30.84 -39.87
N VAL Y 65 -41.00 32.09 -39.74
CA VAL Y 65 -42.40 32.43 -39.87
C VAL Y 65 -42.62 32.92 -41.29
N GLU Y 66 -43.32 32.10 -42.09
CA GLU Y 66 -43.40 32.29 -43.52
C GLU Y 66 -44.10 33.59 -43.88
N PRO Y 67 -43.68 34.29 -44.97
CA PRO Y 67 -44.35 35.52 -45.39
C PRO Y 67 -45.81 35.28 -45.76
N GLY Y 68 -46.64 36.31 -45.53
CA GLY Y 68 -48.07 36.23 -45.76
C GLY Y 68 -48.87 35.94 -44.49
N THR Y 69 -48.17 35.79 -43.35
CA THR Y 69 -48.80 35.58 -42.06
C THR Y 69 -48.91 36.92 -41.32
N THR Y 70 -49.98 37.08 -40.55
CA THR Y 70 -50.21 38.27 -39.75
C THR Y 70 -49.71 38.04 -38.33
N VAL Y 71 -48.92 38.96 -37.80
CA VAL Y 71 -48.41 38.86 -36.44
C VAL Y 71 -48.70 40.16 -35.71
N GLU Y 72 -48.44 40.16 -34.39
CA GLU Y 72 -48.93 41.18 -33.47
C GLU Y 72 -47.74 41.93 -32.85
N LEU Y 73 -47.95 43.25 -32.67
CA LEU Y 73 -46.97 44.10 -32.02
C LEU Y 73 -47.53 44.56 -30.67
N LEU Y 74 -46.67 44.48 -29.64
CA LEU Y 74 -47.05 44.81 -28.27
C LEU Y 74 -46.13 45.90 -27.74
N PHE Y 75 -46.72 46.96 -27.17
CA PHE Y 75 -45.94 48.00 -26.52
C PHE Y 75 -46.84 48.91 -25.69
N VAL Y 76 -46.19 49.78 -24.91
CA VAL Y 76 -46.86 50.81 -24.13
C VAL Y 76 -46.14 52.14 -24.39
N ALA Y 77 -46.93 53.18 -24.65
CA ALA Y 77 -46.42 54.53 -24.82
C ALA Y 77 -46.87 55.39 -23.65
N ALA Y 78 -45.88 56.04 -23.00
CA ALA Y 78 -46.13 56.86 -21.83
C ALA Y 78 -45.72 58.31 -22.12
N ASN Y 79 -46.64 59.23 -21.82
CA ASN Y 79 -46.42 60.64 -22.07
C ASN Y 79 -45.66 61.23 -20.88
N ASP Y 80 -44.55 61.91 -21.16
CA ASP Y 80 -43.77 62.57 -20.12
C ASP Y 80 -44.47 63.84 -19.62
N SER Y 81 -45.21 64.50 -20.52
CA SER Y 81 -45.91 65.74 -20.19
C SER Y 81 -47.06 65.46 -19.23
N THR Y 82 -47.36 66.44 -18.38
CA THR Y 82 -48.42 66.35 -17.39
C THR Y 82 -49.57 67.31 -17.77
N SER Y 85 -52.25 64.28 -25.59
CA SER Y 85 -51.57 65.47 -26.15
C SER Y 85 -50.51 65.06 -27.17
N ASN Y 86 -50.49 63.76 -27.53
CA ASN Y 86 -49.59 63.26 -28.54
C ASN Y 86 -50.31 62.22 -29.39
N LYS Y 87 -50.17 62.36 -30.73
CA LYS Y 87 -50.84 61.51 -31.68
C LYS Y 87 -49.81 60.64 -32.39
N LEU Y 88 -50.11 59.34 -32.45
CA LEU Y 88 -49.23 58.37 -33.08
C LEU Y 88 -49.72 58.10 -34.49
N LYS Y 89 -48.86 58.35 -35.48
CA LYS Y 89 -49.19 58.08 -36.87
C LYS Y 89 -48.99 56.59 -37.16
N SER Y 90 -49.08 56.23 -38.45
CA SER Y 90 -48.93 54.85 -38.88
C SER Y 90 -47.46 54.43 -38.73
N ILE Y 91 -47.25 53.29 -38.09
CA ILE Y 91 -45.91 52.74 -37.90
C ILE Y 91 -45.46 52.07 -39.20
N THR Y 92 -44.21 52.33 -39.58
CA THR Y 92 -43.68 51.81 -40.83
C THR Y 92 -42.48 50.91 -40.56
N SER Y 93 -42.41 49.80 -41.29
CA SER Y 93 -41.39 48.78 -41.05
C SER Y 93 -40.79 48.33 -42.39
N ASP Y 94 -39.92 47.31 -42.31
CA ASP Y 94 -39.23 46.78 -43.47
C ASP Y 94 -39.65 45.34 -43.78
N VAL Y 95 -40.38 44.70 -42.85
CA VAL Y 95 -40.69 43.29 -42.97
C VAL Y 95 -42.16 43.10 -43.32
N GLY Y 96 -42.90 44.20 -43.49
CA GLY Y 96 -44.31 44.09 -43.83
C GLY Y 96 -45.04 45.41 -43.66
N GLU Y 97 -46.37 45.33 -43.52
CA GLU Y 97 -47.21 46.51 -43.40
C GLU Y 97 -47.94 46.46 -42.06
N VAL Y 98 -47.91 47.58 -41.33
CA VAL Y 98 -48.44 47.65 -39.99
C VAL Y 98 -49.74 48.46 -40.02
N THR Y 99 -50.80 47.90 -39.45
CA THR Y 99 -52.10 48.54 -39.37
C THR Y 99 -52.47 48.71 -37.90
N LEU Y 100 -52.95 49.92 -37.56
CA LEU Y 100 -53.38 50.28 -36.23
C LEU Y 100 -54.90 50.28 -36.17
N THR Y 101 -55.45 50.82 -35.08
CA THR Y 101 -56.88 51.02 -34.92
C THR Y 101 -57.11 52.32 -34.15
N GLY Y 102 -58.37 52.56 -33.78
CA GLY Y 102 -58.81 53.85 -33.27
C GLY Y 102 -58.24 54.22 -31.90
N ASP Y 103 -58.27 55.53 -31.61
CA ASP Y 103 -57.93 56.09 -30.32
C ASP Y 103 -56.47 55.81 -29.98
N SER Y 104 -55.59 56.33 -30.86
CA SER Y 104 -54.15 56.21 -30.73
C SER Y 104 -53.51 57.51 -30.21
N THR Y 105 -54.18 58.18 -29.26
CA THR Y 105 -53.67 59.41 -28.68
C THR Y 105 -53.40 59.17 -27.20
N VAL Y 106 -52.20 59.50 -26.75
CA VAL Y 106 -51.82 59.23 -25.38
C VAL Y 106 -52.43 60.30 -24.46
N PRO Y 107 -53.21 59.91 -23.43
CA PRO Y 107 -53.77 60.89 -22.50
C PRO Y 107 -52.72 61.53 -21.61
N ALA Y 108 -53.10 62.60 -20.93
CA ALA Y 108 -52.20 63.39 -20.10
C ALA Y 108 -51.72 62.59 -18.90
N ASP Y 109 -52.65 62.18 -18.03
CA ASP Y 109 -52.34 61.42 -16.83
C ASP Y 109 -52.63 59.93 -17.09
N GLY Y 110 -52.02 59.42 -18.15
CA GLY Y 110 -52.26 58.05 -18.58
C GLY Y 110 -51.33 57.66 -19.72
N VAL Y 111 -51.51 56.42 -20.19
CA VAL Y 111 -50.64 55.82 -21.20
C VAL Y 111 -51.52 55.24 -22.30
N LEU Y 112 -50.86 54.81 -23.39
CA LEU Y 112 -51.52 54.14 -24.50
C LEU Y 112 -50.96 52.74 -24.62
N ILE Y 113 -51.84 51.74 -24.52
CA ILE Y 113 -51.45 50.34 -24.62
C ILE Y 113 -51.81 49.83 -26.02
N VAL Y 114 -50.83 49.26 -26.70
CA VAL Y 114 -51.05 48.61 -27.99
C VAL Y 114 -50.81 47.11 -27.80
N GLY Y 115 -51.89 46.34 -27.97
CA GLY Y 115 -51.86 44.91 -27.80
C GLY Y 115 -52.16 44.49 -26.37
N GLU Y 116 -52.59 43.22 -26.23
CA GLU Y 116 -52.75 42.59 -24.93
C GLU Y 116 -51.64 41.57 -24.73
N PRO Y 117 -50.76 41.73 -23.72
CA PRO Y 117 -49.62 40.82 -23.55
C PRO Y 117 -50.06 39.41 -23.13
N ASP Y 118 -49.07 38.58 -22.83
CA ASP Y 118 -49.24 37.15 -22.58
C ASP Y 118 -50.29 36.90 -21.49
N GLY Y 119 -50.00 37.31 -20.25
CA GLY Y 119 -50.93 37.17 -19.14
C GLY Y 119 -51.57 38.50 -18.78
N GLN Y 120 -52.81 38.72 -19.24
CA GLN Y 120 -53.49 40.00 -19.06
C GLN Y 120 -54.89 39.79 -18.49
N ILE Y 121 -54.99 38.89 -17.51
CA ILE Y 121 -56.23 38.57 -16.80
C ILE Y 121 -57.31 38.09 -17.80
N ASP Y 131 -62.17 50.22 -26.37
CA ASP Y 131 -61.56 50.01 -27.71
C ASP Y 131 -60.07 49.70 -27.55
N ALA Y 132 -59.75 48.40 -27.60
CA ALA Y 132 -58.38 47.93 -27.46
C ALA Y 132 -57.58 48.27 -28.72
N VAL Y 133 -56.53 49.08 -28.53
CA VAL Y 133 -55.67 49.45 -29.64
C VAL Y 133 -54.77 48.27 -29.98
N THR Y 134 -54.70 47.94 -31.28
CA THR Y 134 -53.99 46.77 -31.76
C THR Y 134 -53.16 47.15 -32.98
N ALA Y 135 -51.91 46.65 -33.02
CA ALA Y 135 -51.04 46.78 -34.17
C ALA Y 135 -50.79 45.40 -34.78
N GLU Y 136 -51.31 45.22 -36.01
CA GLU Y 136 -51.13 43.97 -36.74
C GLU Y 136 -50.24 44.23 -37.95
N VAL Y 137 -49.21 43.38 -38.12
CA VAL Y 137 -48.31 43.51 -39.25
C VAL Y 137 -48.44 42.29 -40.16
N GLU Y 138 -48.66 42.57 -41.45
CA GLU Y 138 -48.70 41.56 -42.50
C GLU Y 138 -47.27 41.41 -43.03
N LEU Y 139 -46.77 40.16 -42.98
CA LEU Y 139 -45.38 39.88 -43.31
C LEU Y 139 -45.17 39.86 -44.82
N THR Y 140 -44.03 40.40 -45.26
CA THR Y 140 -43.52 40.24 -46.62
C THR Y 140 -42.23 39.42 -46.61
N LYS Y 141 -41.43 39.56 -45.55
CA LYS Y 141 -40.12 38.93 -45.44
C LYS Y 141 -40.12 37.96 -44.27
N PRO Y 142 -39.38 36.83 -44.33
CA PRO Y 142 -39.35 35.87 -43.23
C PRO Y 142 -38.69 36.45 -41.97
N ILE Y 143 -39.17 36.00 -40.81
CA ILE Y 143 -38.64 36.39 -39.52
C ILE Y 143 -38.42 35.14 -38.68
N THR Y 144 -37.52 35.26 -37.70
CA THR Y 144 -37.18 34.14 -36.83
C THR Y 144 -36.85 34.66 -35.43
N ASN Y 145 -37.02 33.80 -34.43
CA ASN Y 145 -36.76 34.17 -33.05
C ASN Y 145 -35.26 34.17 -32.79
N GLY Y 146 -34.74 35.30 -32.26
CA GLY Y 146 -33.32 35.42 -31.97
C GLY Y 146 -32.68 36.61 -32.68
N LEU Y 147 -33.35 37.13 -33.70
CA LEU Y 147 -32.88 38.31 -34.43
C LEU Y 147 -33.70 39.54 -34.05
N LEU Y 148 -33.27 40.70 -34.55
CA LEU Y 148 -33.94 41.97 -34.28
C LEU Y 148 -34.32 42.63 -35.60
N TYR Y 149 -35.47 43.31 -35.60
CA TYR Y 149 -36.01 43.91 -36.82
C TYR Y 149 -36.36 45.36 -36.54
N ASP Y 150 -36.01 46.24 -37.49
CA ASP Y 150 -36.11 47.67 -37.29
C ASP Y 150 -37.53 48.15 -37.60
N PHE Y 151 -38.12 48.85 -36.63
CA PHE Y 151 -39.44 49.45 -36.76
C PHE Y 151 -39.34 50.94 -36.47
N THR Y 152 -40.08 51.74 -37.24
CA THR Y 152 -40.02 53.19 -37.15
C THR Y 152 -41.32 53.73 -36.59
N PHE Y 153 -41.22 54.48 -35.47
CA PHE Y 153 -42.35 55.12 -34.83
C PHE Y 153 -42.31 56.63 -35.09
N THR Y 154 -43.45 57.15 -35.54
CA THR Y 154 -43.61 58.57 -35.83
C THR Y 154 -44.77 59.14 -35.02
N PHE Y 155 -44.55 60.30 -34.39
CA PHE Y 155 -45.51 60.94 -33.52
C PHE Y 155 -45.87 62.34 -34.03
N GLU Y 156 -46.57 63.13 -33.19
CA GLU Y 156 -46.80 64.54 -33.46
C GLU Y 156 -45.48 65.25 -33.75
N ASP Y 157 -44.46 64.91 -32.95
CA ASP Y 157 -43.12 65.44 -33.14
C ASP Y 157 -42.12 64.32 -32.90
N GLY Y 158 -41.15 64.19 -33.80
CA GLY Y 158 -40.08 63.21 -33.64
C GLY Y 158 -40.39 61.90 -34.34
N GLU Y 159 -39.31 61.16 -34.62
CA GLU Y 159 -39.37 59.82 -35.18
C GLU Y 159 -38.19 59.01 -34.67
N THR Y 160 -38.45 57.75 -34.30
CA THR Y 160 -37.40 56.88 -33.79
C THR Y 160 -37.42 55.53 -34.50
N THR Y 161 -36.22 54.95 -34.67
CA THR Y 161 -36.09 53.61 -35.19
C THR Y 161 -35.57 52.71 -34.08
N VAL Y 162 -36.31 51.63 -33.80
CA VAL Y 162 -35.98 50.73 -32.72
C VAL Y 162 -35.90 49.29 -33.25
N ALA Y 163 -34.95 48.53 -32.73
CA ALA Y 163 -34.80 47.12 -33.07
C ALA Y 163 -35.67 46.31 -32.12
N VAL Y 164 -36.73 45.70 -32.66
CA VAL Y 164 -37.70 44.96 -31.88
C VAL Y 164 -37.34 43.48 -31.93
N PRO Y 165 -37.35 42.77 -30.77
CA PRO Y 165 -37.23 41.31 -30.77
C PRO Y 165 -38.57 40.60 -30.80
N ILE Y 166 -38.48 39.26 -30.88
CA ILE Y 166 -39.64 38.38 -30.84
C ILE Y 166 -39.67 37.71 -29.46
N SER Y 167 -40.86 37.69 -28.86
CA SER Y 167 -41.06 37.09 -27.56
C SER Y 167 -42.01 35.90 -27.62
N ALA Y 168 -41.85 34.98 -26.66
CA ALA Y 168 -42.64 33.77 -26.58
C ALA Y 168 -43.78 33.89 -25.56
N GLY Y 169 -43.59 34.71 -24.52
CA GLY Y 169 -44.59 34.89 -23.48
C GLY Y 169 -44.70 33.65 -22.59
N GLU Y 170 -45.94 33.19 -22.38
CA GLU Y 170 -46.23 32.11 -21.46
C GLU Y 170 -46.36 30.76 -22.16
N GLN Y 171 -45.98 30.69 -23.44
CA GLN Y 171 -46.09 29.45 -24.20
C GLN Y 171 -45.13 28.40 -23.65
N PRO Y 172 -45.60 27.15 -23.41
CA PRO Y 172 -44.74 26.11 -22.84
C PRO Y 172 -43.76 25.56 -23.87
N ARG Y 173 -42.84 24.72 -23.39
CA ARG Y 173 -41.89 24.04 -24.25
C ARG Y 173 -42.64 23.09 -25.19
N ARG Y 174 -42.28 23.15 -26.47
CA ARG Y 174 -42.86 22.26 -27.46
C ARG Y 174 -42.19 20.89 -27.36
N PRO Y 175 -42.93 19.78 -27.58
CA PRO Y 175 -42.35 18.44 -27.58
C PRO Y 175 -41.27 18.28 -28.65
N VAL Y 176 -40.22 17.54 -28.30
CA VAL Y 176 -39.14 17.20 -29.20
C VAL Y 176 -39.18 15.70 -29.46
N PRO Y 177 -39.16 15.26 -30.74
CA PRO Y 177 -39.25 13.83 -31.05
C PRO Y 177 -38.10 13.05 -30.41
N PRO Y 178 -38.37 11.83 -29.89
CA PRO Y 178 -37.33 11.04 -29.24
C PRO Y 178 -36.27 10.56 -30.23
N ALA Y 179 -35.06 10.35 -29.71
CA ALA Y 179 -33.92 9.96 -30.51
C ALA Y 179 -33.87 8.43 -30.66
N GLY Y 180 -32.77 7.94 -31.23
CA GLY Y 180 -32.55 6.52 -31.41
C GLY Y 180 -31.06 6.23 -31.57
N PRO Y 181 -30.52 5.20 -30.88
CA PRO Y 181 -29.10 4.86 -31.01
C PRO Y 181 -28.68 4.52 -32.44
N GLY Y 182 -27.54 5.08 -32.82
CA GLY Y 182 -26.97 4.91 -34.16
C GLY Y 182 -25.52 4.47 -34.10
N CYS Z 21 2.23 42.22 -20.66
CA CYS Z 21 2.18 42.28 -22.15
C CYS Z 21 0.91 41.62 -22.66
N SER Z 22 0.54 41.94 -23.89
CA SER Z 22 -0.69 41.48 -24.49
C SER Z 22 -0.41 40.30 -25.42
N PRO Z 23 -1.34 39.34 -25.56
CA PRO Z 23 -1.23 38.30 -26.59
C PRO Z 23 -1.26 38.91 -27.99
N PRO Z 24 -0.39 38.45 -28.91
CA PRO Z 24 -0.35 38.98 -30.27
C PRO Z 24 -1.67 38.95 -31.04
N GLY Z 25 -2.31 37.77 -31.12
CA GLY Z 25 -3.50 37.60 -31.93
C GLY Z 25 -4.81 37.76 -31.16
N GLU Z 26 -4.94 38.85 -30.38
CA GLU Z 26 -6.16 39.14 -29.64
C GLU Z 26 -6.58 40.60 -29.85
N THR Z 27 -6.69 41.00 -31.12
CA THR Z 27 -7.03 42.37 -31.48
C THR Z 27 -8.54 42.52 -31.61
N ALA Z 28 -9.04 43.73 -31.32
CA ALA Z 28 -10.42 44.11 -31.56
C ALA Z 28 -10.62 44.49 -33.02
N SER Z 29 -11.87 44.41 -33.49
CA SER Z 29 -12.21 44.69 -34.87
C SER Z 29 -13.36 45.71 -34.95
N SER Z 30 -13.46 46.35 -36.11
CA SER Z 30 -14.50 47.33 -36.39
C SER Z 30 -15.40 46.90 -37.56
N GLU Z 31 -15.06 45.79 -38.22
CA GLU Z 31 -15.83 45.34 -39.36
C GLU Z 31 -17.20 44.83 -38.92
N PRO Z 32 -18.29 45.20 -39.64
CA PRO Z 32 -19.61 44.63 -39.37
C PRO Z 32 -19.66 43.14 -39.65
N GLY Z 33 -20.52 42.45 -38.90
CA GLY Z 33 -20.83 41.05 -39.11
C GLY Z 33 -22.02 40.85 -40.04
N THR Z 34 -22.14 39.63 -40.57
CA THR Z 34 -23.30 39.24 -41.36
C THR Z 34 -24.07 38.13 -40.63
N THR Z 35 -25.38 38.04 -40.92
CA THR Z 35 -26.21 37.01 -40.33
C THR Z 35 -25.79 35.65 -40.87
N PRO Z 36 -25.55 34.65 -40.00
CA PRO Z 36 -25.12 33.32 -40.46
C PRO Z 36 -26.16 32.65 -41.35
N ALA Z 37 -25.69 31.86 -42.31
CA ALA Z 37 -26.55 31.10 -43.20
C ALA Z 37 -27.11 29.87 -42.49
N ILE Z 38 -28.22 29.35 -43.00
CA ILE Z 38 -28.88 28.20 -42.41
C ILE Z 38 -28.02 26.96 -42.66
N TRP Z 39 -27.89 26.12 -41.63
CA TRP Z 39 -27.12 24.89 -41.71
C TRP Z 39 -27.89 23.84 -42.51
N THR Z 40 -27.19 23.20 -43.46
CA THR Z 40 -27.76 22.13 -44.28
C THR Z 40 -27.16 20.78 -43.89
N GLY Z 41 -25.82 20.65 -44.02
CA GLY Z 41 -25.13 19.42 -43.67
C GLY Z 41 -25.10 18.40 -44.81
N SER Z 42 -23.91 17.83 -45.04
CA SER Z 42 -23.70 16.81 -46.06
C SER Z 42 -23.23 15.51 -45.42
N PRO Z 43 -23.86 14.35 -45.73
CA PRO Z 43 -23.46 13.07 -45.13
C PRO Z 43 -22.29 12.40 -45.86
N SER Z 44 -21.21 12.14 -45.11
CA SER Z 44 -20.08 11.38 -45.60
C SER Z 44 -20.32 9.86 -45.50
N PRO Z 45 -20.74 9.32 -44.33
CA PRO Z 45 -20.79 7.87 -44.15
C PRO Z 45 -21.67 7.18 -45.21
N UNK AA 1 14.06 45.56 51.91
CA UNK AA 1 12.84 46.07 52.60
C UNK AA 1 11.78 44.98 52.63
N UNK AA 2 10.57 45.32 52.16
CA UNK AA 2 9.42 44.44 52.06
C UNK AA 2 9.11 43.78 53.41
N UNK AA 3 8.64 44.61 54.35
CA UNK AA 3 8.24 44.19 55.69
C UNK AA 3 7.21 43.05 55.66
N UNK AA 4 6.55 42.86 54.50
CA UNK AA 4 5.61 41.79 54.24
C UNK AA 4 4.46 41.79 55.25
N UNK AA 5 3.67 42.87 55.23
CA UNK AA 5 2.40 42.89 55.95
C UNK AA 5 1.34 42.20 55.10
N UNK AA 6 1.21 40.89 55.36
CA UNK AA 6 0.28 39.98 54.68
C UNK AA 6 0.76 39.64 53.27
N UNK AA 7 1.81 40.35 52.80
CA UNK AA 7 2.59 40.03 51.61
C UNK AA 7 1.75 40.06 50.32
N UNK AA 8 0.44 40.25 50.47
CA UNK AA 8 -0.46 40.52 49.36
C UNK AA 8 -1.45 41.60 49.82
N UNK AA 9 -0.87 42.75 50.16
CA UNK AA 9 -1.49 43.79 50.97
C UNK AA 9 -2.75 44.35 50.31
N UNK AA 10 -3.63 44.91 51.14
CA UNK AA 10 -4.85 45.58 50.71
C UNK AA 10 -4.52 46.84 49.93
N UNK AA 11 -5.56 47.49 49.37
CA UNK AA 11 -5.39 48.68 48.56
C UNK AA 11 -4.97 49.86 49.43
N UNK AA 12 -4.94 51.05 48.82
CA UNK AA 12 -4.41 52.25 49.44
C UNK AA 12 -5.19 52.63 50.69
N UNK AA 13 -4.52 53.39 51.58
CA UNK AA 13 -5.05 53.86 52.84
C UNK AA 13 -5.50 52.67 53.70
N UNK AA 14 -4.50 51.88 54.12
CA UNK AA 14 -4.69 50.67 54.91
C UNK AA 14 -5.33 50.97 56.26
N UNK AA 15 -5.66 49.89 56.99
CA UNK AA 15 -6.50 49.92 58.19
C UNK AA 15 -7.86 50.54 57.85
N UNK AA 16 -8.57 49.87 56.93
CA UNK AA 16 -9.79 50.37 56.33
C UNK AA 16 -11.00 49.90 57.13
N UNK AA 17 -11.95 50.81 57.35
CA UNK AA 17 -13.09 50.57 58.24
C UNK AA 17 -14.43 50.73 57.52
N UNK AA 18 -14.43 50.82 56.19
CA UNK AA 18 -15.67 50.83 55.44
C UNK AA 18 -16.24 49.42 55.34
N UNK AA 19 -15.41 48.39 55.61
CA UNK AA 19 -15.83 46.99 55.58
C UNK AA 19 -15.46 46.26 56.87
N UNK AA 20 -14.81 46.97 57.82
CA UNK AA 20 -14.44 46.47 59.13
C UNK AA 20 -13.59 45.19 59.03
N UNK AA 21 -12.42 45.35 58.38
CA UNK AA 21 -11.46 44.26 58.23
C UNK AA 21 -10.31 44.43 59.21
N UNK AA 22 -9.73 43.28 59.62
CA UNK AA 22 -8.61 43.18 60.55
C UNK AA 22 -8.94 43.82 61.90
N UNK AA 23 -10.19 43.62 62.33
CA UNK AA 23 -10.69 44.05 63.63
C UNK AA 23 -11.84 43.14 64.06
N UNK BA 1 -7.86 26.86 59.06
CA UNK BA 1 -8.79 26.43 60.15
C UNK BA 1 -9.65 27.61 60.60
N UNK BA 2 -10.19 27.52 61.82
CA UNK BA 2 -10.80 28.65 62.50
C UNK BA 2 -9.69 29.63 62.88
N UNK BA 3 -9.83 30.87 62.39
CA UNK BA 3 -8.81 31.92 62.48
C UNK BA 3 -7.48 31.42 61.92
N UNK BA 4 -7.50 31.17 60.59
CA UNK BA 4 -6.37 30.67 59.82
C UNK BA 4 -5.12 31.52 60.05
N UNK BA 5 -3.95 30.93 59.79
CA UNK BA 5 -2.67 31.50 60.17
C UNK BA 5 -2.21 32.56 59.16
N UNK BA 6 -3.07 33.57 58.95
CA UNK BA 6 -2.77 34.66 58.02
C UNK BA 6 -3.35 35.99 58.50
N UNK BA 7 -4.10 35.99 59.61
CA UNK BA 7 -4.78 37.18 60.10
C UNK BA 7 -3.82 38.02 60.94
#